data_8AUW
#
_entry.id   8AUW
#
_cell.length_a   1.00
_cell.length_b   1.00
_cell.length_c   1.00
_cell.angle_alpha   90.00
_cell.angle_beta   90.00
_cell.angle_gamma   90.00
#
_symmetry.space_group_name_H-M   'P 1'
#
loop_
_entity.id
_entity.type
_entity.pdbx_description
1 polymer 'Baculoviral IAP repeat-containing protein 6'
2 polymer 'Diablo IAP-binding mitochondrial protein'
3 non-polymer 'ZINC ION'
#
loop_
_entity_poly.entity_id
_entity_poly.type
_entity_poly.pdbx_seq_one_letter_code
_entity_poly.pdbx_strand_id
1 'polypeptide(L)'
;MVTGGGAAPPGTVTEPLPSVIVLSAGRKMAAAAAAASGPGCSSAAGAGAAGVSEWLVLRDGCMHCDADGLHSLSYHPALN
AILAVTSRGTIKVIDGTSGATLQASALSAKPGGQVKCQYISAVDKVIFVDDYAVGCRKDLNGILLLDTALQTPVSKQDDV
VQLELPVTEAQQLLSACLEKVDISSTEGYDLFITQLKDGLKNTSHETAANHKVAKWATVTFHLPHHVLKSIASAIVNELK
KINQNVAALPVASSVMDRLSYLLPSARPELGVGPGRSVDRSLMYSEANRRETFTSWPHVGYRWAQPDPMAQAGFYHQPAS
SGDDRAMCFTCSVCLVCWEPTDEPWSEHERHSPNCPFVKGEHTQNVPLSVTLATSPAQFPCTDGTDRISCFGSGSCPHFL
AAATKRGKICIWDVSKLMKVHLKFEINAYDPAIVQQLILSGDPSSGVDSRRPTLAWLEDSSSCSDIPKLEGDSDDLLEDS
DSEEHSRSDSVTGHTSQKEAMEVSLDITALSILQQPEKLQWEIVANVLEDTVKDLEELGANPCLTNSKSEKTKEKHQEQH
NIPFPCLLAGGLLTYKSPATSPISSNSHRSLDGLSRTQGESISEQGSTDNESCTNSELNSPLVRRTLPVLLLYSIKESDE
KAGKIFSQMNNIMSKSLHDDGFTVPQIIEMELDSQEQLLLQDPPVTYIQQFADAAANLTSPDSEKWNSVFPKPGTLVQCL
RLPKFAEEENLCIDSITPCADGIHLLVGLRTCPVESLSAINQVEALNNLNKLNSALCNRRKGELESNLAVVNGANISVIQ
HESPADVQTPLIIQPEQRNVSGGYLVLYKMNYATRIVTLEEEPIKIQHIKDPQDTITSLILLPPDILDNREDDCEEPIED
MQLTSKNGFEREKTSDISTLGHLVITTQGGYVKILDLSNFEILAKVEPPKKEGTEEQDTFVSVIYCSGTDRLCACTKGGE
LHFLQIGGTCDDIDEADILVDGSLSKGIEPSSEGSKPLSNPSSPGISGVDLLVDQPFTLEILTSLVELTRFETLTPRFSA
TVPPCWVEVQQEQQQRRHPQHLHQQHHGDAAQHTRTWKLQTDSNSWDEHVFELVLPKACMVGHVDFKFVLNSNITNIPQI
QVTLLKNKAPGLGKVNALNIEVEQNGKPSLVDLNEEMQHMDVEESQCLRLCPFLEDHKEDILCGPVWLASGLDLSGHAGM
LTLTSPKLVKGMAGGKYRSFLIHVKAVNERGTEEICNGGMRPVVRLPSLKHQSNKGYSLASLLAKVAAGKEKSSNVKNEN
TSGTRKSENLRGCDLLQEVSVTIRRFKKTSISKERVQRCAMLQFSEFHEKLVNTLCRKTDDGQITEHAQSLVLDTLCWLA
GVHSNGPGSSKEGNENLLSKTRKFLSDIVRVCFFEAGRSIAHKCARFLALCISNGKCDPCQPAFGPVLLKALLDNMSFLP
AATTGGSVYWYFVLLNYVKDEDLAGCSTACASLLTAVSRQLQDRLTPMEALLQTRYGLYSSPFDPVLFDLEMSGSSCKNV
YNSSIGVQSDEIDLSDVLSGNGKVSSCTAAEGSFTSLTGLLEVEPLHFTCVSTSDGTRIERDDAMSSFGVTPAVGGLSSG
TVGEASTALSSAAQVALQSLSHAMASAEQQLQVLQEKQQQLLKLQQQKAKLEAKLHQTTAAAAAAASAVGPVHNSVPSNP
VAAPGFFIHPSDVIPPTPKTTPLFMTPPLTPPNEAVSVVINAELAQLFPGSVIDPPAVNLAAHNKNSNKSRMNPLGSGLA
LAISHASHFLQPPPHQSIIIERMHSGARRFVTLDFGRPILLTDVLIPTCGDLASLSIDIWTLGEEVDGRRLVVATDISTH
SLILHDLIPPPVCRFMKITVIGRYGSTNARAKIPLGFYYGHTYILPWESELKLMHDPLKGEGESANQPEIDQHLAMMVAL
QEDIQCRYNLACHRLETLLQSIDLPPLNSANNAQYFLRKPDKAVEEDSRVFSAYQDCIQLQLQLNLAHNAVQRLKVALGA
SRKMLSETSNPEDLIQTSSTEQLRTIIRYLLDTLLSLLHASNGHSVPAVLQSTFHAQACEELFKHLCISGTPKIRLHTGL
LLVQLCGGERWWGQFLSNVLQELYNSEQLLIFPQDRVFMLLSCIGQRSLSNSGVLESLLNLLDNLLSPLQPQLPMHRRTE
GVLDIPMISWVVMLVSRLLDYVATVEDEAAAAKKPLNGNQWSFINNNLHTQSLNRSSKGSSSLDRLYSRKIRKQLVHHKQ
QLNLLKAKQKALVEQMEKEKIQSNKGSSYKLLVEQAKLKQATSKHFKDLIRLRRTAEWSRSNLDTEVTTAKESPEIEPLP
FTLAHERCISVVQKLVLFLLSMDFTCHADLLLFVCKVLARIANATRPTIHLCEIVNEPQLERLLLLLVGTDFNRGDISWG
GAWAQYSLTCMLQDILAGELLAPVAAEAMEEGTVGDDVGATAGDSDDSLQQSSVQLLETIDEPLTHDITGAPPLSSLEKD
KEIDLELLQDLMEVDIDPLDIDLEKDPLAAKVFKPISSTWYDYWGADYGTYNYNPYIGGLGIPVAKPPANTEKNGSQTVS
VSVSQALDARLEVGLEQQAELMLKMMSTLEADSILQALTNTSPTLSQSPTGTDDSLLGGLQAANQTSQLIIQLSSVPMLN
VCFNKLFSMLQVHHVQLESLLQLWLTLSLNSSSTGNKENGADIFLYNANRIPVISLNQASITSFLTVLAWYPNTLLRTWC
LVLHSLTLMTNMQLNSGSSSAIGTQESTAHLLVSDPNLIHVLVKFLSGTSPHGTNQHSPQVGPTATQAMQEFLTRLQVHL
SSTCPQIFSEFLLKLIHILSTERGAFQTGQGPLDAQVKLLEFTLEQNFEVVSVSTISAVIESVTFLVHHYITCSDKVMSR
SGSDSSVGARACFGGLFANLIRPGDAKAVCGEMTRDQLMFDLLKLVNILVQLPLSGNREYSARVSVTTNTTDSVSDEEKV
SGGKDGNGSSTSVQGSPAYVADLVLANQQIMSQILSALGLCNSSAMAMIIGASGLHLTKHENFHGGLDAISVGDGLFTIL
TTLSKKASTVHMMLQPILTYMACGYMGRQGSLATCQLSEPLLWFILRVLDTSDALKAFHDMGGVQLICNNMVTSTRAIVN
TARSMVSTIMKFLDSGPNKAVDSTLKTRILASEPDNAEGIHNFAPLGTITSSSPTAQPAEVLLQATPPHRRARSAAWSYI
FLPEEAWCDLTIHLPAAVLLKEIHIQPHLASLATCPSSVSVEVSADGVNMLPLSTPVVTSGLTYIKIQLVKAEVASAVCL
RLHRPRDASTLGLSQIKLLGLTAFGTTSSATVNNPFLPSEDQVSKTSIGWLRLLHHCLTHISDLEGMMASAAAPTANLLQ
TCAALLMSPYCGMHSPNIEVVLVKIGLQSTRIGLKLIDILLRNCAASGSDPTDLNSPLLFGRLNGLSSDSTIDILYQLGT
TQDPGTKDRIQALLKWVSDSARVAAMKRSGRMNYMCPNSSTVEYGLLMPSPSHLHCVAAILWHSYELLVEYDLPALLDQE
LFELLFNWSMSLPCNMVLKKAVDSLLCSMCHVHPNYFSLLMGWMGITPPPVQCHHRLSMTDDSKKQDLSSSLTDDSKNAQ
APLALTESHLATLASSSQSPEAIKQLLDSGLPSLLVRSLASFCFSHISSSESIAQSIDISQDKLRRHHVPQQCNKMPITA
DLVAPILRFLTEVGNSHIMKDWLGGSEVNPLWTALLFLLCHSGSTSGSHNLGAQQTSARSASLSSAATTGLTTQQRTAIE
NATVAFFLQCISCHPNNQKLMAQVLCELFQTSPQRGNLPTSGNISGFIRRLFLQLMLEDEKVTMFLQSPCPLYKGRINAT
SHVIQHPMYGAGHKFRTLHLPVSTTLSDVLDRVSDTPSITAKLISEQKDDKEKKNHEEKEKVKAENGFQDNYSVVVASGL
KSQSKRAVSATPPRPPSRRGRTIPDKIGSTSGAEAANKIITVPVFHLFHKLLAGQPLPAEMTLAQLLTLLYDRKLPQGYR
SIDLTVKLGSRVITDPSLSKTDSYKRLHPEKDHGDLLASCPEDEALTPGDECMDGILDESLLETCPIQSPLQVFAGMGGL
ALIAERLPMLYPEVIQQVSAPVVTSTTQEKPKDSDQFEWVTIEQSGELVYEAPETVAAEPPPIKSAVQTMSPIPAHSLAA
FGLFLRLPGYAEVLLKERKHAQCLLRLVLGVTDDGEGSHILQSPSANVLPTLPFHVLRSLFSTTPLTTDDGVLLRRMALE
IGALHLILVCLSALSHHSPRVPNSSVNQTEPQVSSSHNPTSTEEQQLYWAKGTGFGTGSTASGWDVEQALTKQRLEEEHV
TCLLQVLASYINPVSSAVNGEAQSSHETRGQNSNALPSVLLELLSQSCLIPAMSSYLRNDSVLDMARHVPLYRALLELLR
AIASCAAMVPLLLPLSTENGEEEEEQSECQTSVGTLLAKMKTCVDTYTNRLRSKRENVKTGVKPDASDQEPEGLTLLVPD
IQKTAEIVYAATTSLRQANQEKKLGEYSKKAAMKPKPLSVLKSLEEKYVAVMKKLQFDTFEMVSEDEDGKLGFKVNYHYM
SQVKNANDANSAARARRLAQEAVTLSTSLPLSSSSSVFVRCDEERLDIMKVLITGPADTPYANGCFEFDVYFPQDYPSSP
PLVNLETTGGHSVRFNPNLYNDGKVCLSILNTWHGRPEEKWNPQTSSFLQVLVSVQSLILVAEPYFNEPGYERSRGTPSG
TQSSREYDGNIRQATVKWAMLEQIRNPSPCFKEVIHKHFYLKRVEIMAQCEEWIADIQQYSSDKRVGRTMSHHAAALKRH
TAQLREELLKLPCPEGLDPDTDDAPEVCRATTGAEETLMHDQVKPSSSKELPSDFQLSAWSHPQFEK
;
A,B
2 'polypeptide(L)'
;AVPIAQKSEPHSLSSEALMRRAVSLVTDSTSTFLSQTTYALIEAITEYTKAVYTLTSLYRQYTSLLGKMNSEEEDEVWQV
IIGARAEMTSKHQEYLKLETTWMTAVGLSEMAAEAAYQTGADQASITARNHIQLVKLQVEEVHQLSRKAETKLAEAQIEE
LRQKTQEEGEERAESEQEAYLRED
;
C,D
#
loop_
_chem_comp.id
_chem_comp.type
_chem_comp.name
_chem_comp.formula
ZN non-polymer 'ZINC ION' 'Zn 2'
#
# COMPACT_ATOMS: atom_id res chain seq x y z
N GLU A 54 25.59 -95.65 -62.42
CA GLU A 54 24.16 -95.77 -62.22
C GLU A 54 23.75 -95.25 -60.86
N TRP A 55 22.85 -94.26 -60.85
CA TRP A 55 22.28 -93.77 -59.60
C TRP A 55 21.14 -94.67 -59.15
N LEU A 56 21.02 -94.87 -57.83
CA LEU A 56 20.06 -95.80 -57.26
C LEU A 56 18.85 -95.05 -56.72
N VAL A 57 17.66 -95.48 -57.14
CA VAL A 57 16.39 -94.91 -56.69
C VAL A 57 15.58 -96.02 -56.02
N LEU A 58 15.05 -95.73 -54.83
CA LEU A 58 14.32 -96.69 -54.02
C LEU A 58 12.83 -96.40 -54.10
N ARG A 59 12.02 -97.44 -54.34
CA ARG A 59 10.58 -97.33 -54.35
C ARG A 59 10.02 -97.90 -53.05
N ASP A 60 8.99 -97.24 -52.50
CA ASP A 60 8.47 -97.65 -51.21
C ASP A 60 6.94 -97.66 -51.14
N GLY A 61 6.24 -97.58 -52.26
CA GLY A 61 4.80 -97.67 -52.28
C GLY A 61 4.17 -96.56 -53.07
N CYS A 62 2.88 -96.35 -52.83
CA CYS A 62 2.08 -95.34 -53.51
C CYS A 62 0.89 -94.97 -52.63
N MET A 63 0.31 -93.81 -52.90
CA MET A 63 -0.92 -93.42 -52.22
C MET A 63 -1.87 -92.88 -53.29
N HIS A 64 -3.16 -92.95 -53.01
CA HIS A 64 -4.18 -92.54 -53.96
C HIS A 64 -4.69 -91.14 -53.61
N CYS A 65 -4.49 -90.20 -54.53
CA CYS A 65 -4.88 -88.80 -54.34
C CYS A 65 -6.27 -88.49 -54.87
N ASP A 66 -6.49 -88.70 -56.17
CA ASP A 66 -7.77 -88.40 -56.79
C ASP A 66 -8.05 -89.43 -57.87
N ALA A 67 -9.34 -89.63 -58.15
CA ALA A 67 -9.76 -90.59 -59.17
C ALA A 67 -9.95 -89.96 -60.54
N ASP A 68 -9.91 -88.64 -60.66
CA ASP A 68 -10.08 -87.98 -61.95
C ASP A 68 -8.76 -87.77 -62.68
N GLY A 69 -7.64 -88.07 -62.04
CA GLY A 69 -6.34 -87.87 -62.66
C GLY A 69 -5.68 -86.59 -62.18
N LEU A 70 -4.35 -86.57 -62.27
CA LEU A 70 -3.55 -85.44 -61.85
C LEU A 70 -2.71 -84.94 -63.02
N HIS A 71 -2.64 -83.63 -63.18
CA HIS A 71 -1.88 -83.00 -64.24
C HIS A 71 -0.75 -82.11 -63.73
N SER A 72 -1.02 -81.25 -62.77
CA SER A 72 0.01 -80.38 -62.24
C SER A 72 0.07 -80.53 -60.73
N LEU A 73 1.23 -80.21 -60.16
CA LEU A 73 1.46 -80.38 -58.74
C LEU A 73 2.04 -79.09 -58.15
N SER A 74 2.00 -79.03 -56.82
CA SER A 74 2.61 -77.95 -56.06
C SER A 74 2.77 -78.41 -54.63
N TYR A 75 3.94 -78.16 -54.06
CA TYR A 75 4.23 -78.51 -52.68
C TYR A 75 4.43 -77.22 -51.89
N HIS A 76 3.82 -77.15 -50.71
CA HIS A 76 4.00 -75.97 -49.89
C HIS A 76 4.94 -76.34 -48.74
N PRO A 77 6.21 -75.92 -48.80
CA PRO A 77 7.16 -76.28 -47.72
C PRO A 77 6.80 -75.75 -46.35
N ALA A 78 6.10 -74.61 -46.28
CA ALA A 78 5.74 -74.04 -44.99
C ALA A 78 4.78 -74.95 -44.22
N LEU A 79 3.84 -75.58 -44.92
CA LEU A 79 2.81 -76.39 -44.29
C LEU A 79 3.00 -77.89 -44.50
N ASN A 80 4.02 -78.30 -45.27
CA ASN A 80 4.21 -79.71 -45.67
C ASN A 80 2.97 -80.25 -46.36
N ALA A 81 2.35 -79.41 -47.18
CA ALA A 81 1.09 -79.71 -47.83
C ALA A 81 1.28 -79.88 -49.33
N ILE A 82 0.86 -81.03 -49.84
CA ILE A 82 0.89 -81.32 -51.27
C ILE A 82 -0.38 -80.72 -51.85
N LEU A 83 -0.23 -79.64 -52.61
CA LEU A 83 -1.35 -78.99 -53.28
C LEU A 83 -1.57 -79.60 -54.66
N ALA A 84 -1.95 -80.88 -54.68
CA ALA A 84 -2.16 -81.59 -55.93
C ALA A 84 -3.31 -80.96 -56.72
N VAL A 85 -3.08 -80.75 -58.01
CA VAL A 85 -4.07 -80.13 -58.88
C VAL A 85 -4.66 -81.19 -59.81
N THR A 86 -5.96 -81.42 -59.66
CA THR A 86 -6.65 -82.37 -60.53
C THR A 86 -6.94 -81.73 -61.89
N SER A 87 -7.23 -82.58 -62.87
CA SER A 87 -7.55 -82.09 -64.21
C SER A 87 -8.91 -81.41 -64.29
N ARG A 88 -9.75 -81.55 -63.27
CA ARG A 88 -11.05 -80.90 -63.21
C ARG A 88 -11.00 -79.55 -62.51
N GLY A 89 -9.83 -79.14 -62.02
CA GLY A 89 -9.65 -77.85 -61.42
C GLY A 89 -9.62 -77.83 -59.90
N THR A 90 -10.10 -78.90 -59.25
CA THR A 90 -10.09 -78.96 -57.80
C THR A 90 -8.69 -79.25 -57.30
N ILE A 91 -8.32 -78.57 -56.21
CA ILE A 91 -7.01 -78.73 -55.57
C ILE A 91 -7.18 -79.54 -54.30
N LYS A 92 -6.48 -80.67 -54.24
CA LYS A 92 -6.47 -81.54 -53.07
C LYS A 92 -5.21 -81.24 -52.28
N VAL A 93 -5.39 -80.74 -51.06
CA VAL A 93 -4.30 -80.47 -50.13
C VAL A 93 -4.13 -81.69 -49.25
N ILE A 94 -2.92 -82.27 -49.27
CA ILE A 94 -2.61 -83.51 -48.58
C ILE A 94 -1.47 -83.29 -47.60
N ASP A 95 -1.64 -83.74 -46.36
CA ASP A 95 -0.58 -83.63 -45.37
C ASP A 95 0.62 -84.47 -45.79
N GLY A 96 1.82 -83.91 -45.62
CA GLY A 96 3.06 -84.56 -46.00
C GLY A 96 3.72 -85.41 -44.94
N THR A 97 3.07 -85.65 -43.81
CA THR A 97 3.64 -86.46 -42.75
C THR A 97 2.93 -87.79 -42.55
N SER A 98 1.69 -87.93 -43.05
CA SER A 98 0.94 -89.17 -42.90
C SER A 98 0.27 -89.64 -44.18
N GLY A 99 0.19 -88.80 -45.22
CA GLY A 99 -0.45 -89.22 -46.45
C GLY A 99 -1.95 -89.12 -46.44
N ALA A 100 -2.50 -88.13 -45.75
CA ALA A 100 -3.95 -87.94 -45.67
C ALA A 100 -4.29 -86.58 -46.26
N THR A 101 -5.32 -86.55 -47.10
CA THR A 101 -5.76 -85.31 -47.74
C THR A 101 -6.31 -84.34 -46.69
N LEU A 102 -5.70 -83.17 -46.61
CA LEU A 102 -6.12 -82.17 -45.63
C LEU A 102 -7.45 -81.53 -46.02
N GLN A 103 -7.61 -81.19 -47.30
CA GLN A 103 -8.80 -80.49 -47.74
C GLN A 103 -8.94 -80.61 -49.25
N ALA A 104 -10.12 -80.24 -49.75
CA ALA A 104 -10.42 -80.15 -51.18
C ALA A 104 -11.02 -78.79 -51.44
N SER A 105 -10.52 -78.09 -52.47
CA SER A 105 -10.98 -76.74 -52.75
C SER A 105 -11.23 -76.56 -54.24
N ALA A 106 -12.28 -75.80 -54.57
CA ALA A 106 -12.58 -75.49 -55.97
C ALA A 106 -12.11 -74.10 -56.39
N LEU A 107 -11.46 -73.35 -55.49
CA LEU A 107 -10.83 -72.05 -55.72
C LEU A 107 -11.78 -70.95 -56.15
N SER A 108 -13.11 -71.19 -56.13
CA SER A 108 -14.16 -70.26 -56.55
C SER A 108 -14.01 -69.79 -58.00
N ALA A 109 -13.18 -70.45 -58.80
CA ALA A 109 -12.91 -70.09 -60.18
C ALA A 109 -14.07 -70.49 -61.09
N LYS A 110 -14.01 -70.00 -62.32
CA LYS A 110 -15.06 -70.29 -63.29
C LYS A 110 -15.04 -71.77 -63.64
N PRO A 111 -16.21 -72.40 -63.83
CA PRO A 111 -16.24 -73.82 -64.17
C PRO A 111 -15.60 -74.09 -65.54
N GLY A 112 -14.91 -75.22 -65.65
CA GLY A 112 -14.29 -75.60 -66.90
C GLY A 112 -12.97 -74.91 -67.18
N GLY A 113 -12.49 -74.07 -66.26
CA GLY A 113 -11.26 -73.35 -66.50
C GLY A 113 -10.02 -74.21 -66.35
N GLN A 114 -8.97 -73.80 -67.04
CA GLN A 114 -7.68 -74.50 -66.98
C GLN A 114 -6.82 -73.80 -65.94
N VAL A 115 -6.78 -74.37 -64.74
CA VAL A 115 -6.03 -73.80 -63.63
C VAL A 115 -4.63 -74.39 -63.63
N LYS A 116 -3.66 -73.61 -63.15
CA LYS A 116 -2.27 -74.04 -63.03
C LYS A 116 -1.72 -73.41 -61.76
N CYS A 117 -1.34 -74.26 -60.81
CA CYS A 117 -0.89 -73.84 -59.50
C CYS A 117 0.62 -73.97 -59.39
N GLN A 118 1.27 -72.94 -58.86
CA GLN A 118 2.72 -72.93 -58.69
C GLN A 118 3.03 -72.37 -57.30
N TYR A 119 4.17 -72.78 -56.75
CA TYR A 119 4.63 -72.33 -55.45
C TYR A 119 5.99 -71.67 -55.57
N ILE A 120 6.20 -70.58 -54.83
CA ILE A 120 7.47 -69.88 -54.83
C ILE A 120 7.96 -69.80 -53.38
N SER A 121 9.04 -70.53 -53.09
CA SER A 121 9.60 -70.57 -51.75
C SER A 121 10.39 -69.31 -51.40
N ALA A 122 10.91 -68.59 -52.39
CA ALA A 122 11.65 -67.36 -52.10
C ALA A 122 10.74 -66.31 -51.50
N VAL A 123 9.51 -66.19 -52.03
CA VAL A 123 8.52 -65.28 -51.48
C VAL A 123 7.46 -66.03 -50.68
N ASP A 124 7.49 -67.37 -50.69
CA ASP A 124 6.56 -68.25 -49.98
C ASP A 124 5.11 -67.95 -50.33
N LYS A 125 4.84 -67.86 -51.63
CA LYS A 125 3.49 -67.55 -52.10
C LYS A 125 3.08 -68.52 -53.20
N VAL A 126 1.80 -68.87 -53.19
CA VAL A 126 1.21 -69.79 -54.16
C VAL A 126 0.44 -68.99 -55.19
N ILE A 127 0.74 -69.21 -56.46
CA ILE A 127 0.14 -68.49 -57.58
C ILE A 127 -0.77 -69.44 -58.35
N PHE A 128 -2.03 -69.06 -58.50
CA PHE A 128 -3.01 -69.82 -59.27
C PHE A 128 -3.35 -69.05 -60.54
N VAL A 129 -3.20 -69.69 -61.69
CA VAL A 129 -3.45 -69.06 -62.97
C VAL A 129 -4.56 -69.86 -63.65
N ASP A 130 -5.75 -69.26 -63.73
CA ASP A 130 -6.85 -69.85 -64.47
C ASP A 130 -6.80 -69.28 -65.89
N ASP A 131 -7.84 -69.51 -66.69
CA ASP A 131 -7.90 -68.97 -68.04
C ASP A 131 -8.27 -67.49 -68.06
N TYR A 132 -8.68 -66.92 -66.94
CA TYR A 132 -9.14 -65.53 -66.90
C TYR A 132 -8.28 -64.64 -66.02
N ALA A 133 -8.07 -65.01 -64.76
CA ALA A 133 -7.40 -64.15 -63.80
C ALA A 133 -6.34 -64.94 -63.03
N VAL A 134 -5.39 -64.20 -62.47
CA VAL A 134 -4.29 -64.78 -61.70
C VAL A 134 -4.43 -64.34 -60.25
N GLY A 135 -4.35 -65.31 -59.34
CA GLY A 135 -4.44 -64.99 -57.92
C GLY A 135 -3.21 -65.41 -57.15
N CYS A 136 -3.01 -64.79 -55.99
CA CYS A 136 -1.89 -65.07 -55.11
C CYS A 136 -2.43 -65.38 -53.71
N ARG A 137 -1.84 -66.39 -53.07
CA ARG A 137 -2.30 -66.85 -51.78
C ARG A 137 -1.12 -67.19 -50.89
N LYS A 138 -1.35 -67.04 -49.59
CA LYS A 138 -0.38 -67.41 -48.57
C LYS A 138 -1.13 -67.95 -47.37
N ASP A 139 -0.42 -68.72 -46.54
CA ASP A 139 -1.06 -69.37 -45.41
C ASP A 139 -1.49 -68.37 -44.33
N LEU A 140 -2.69 -68.59 -43.79
CA LEU A 140 -3.20 -67.83 -42.66
C LEU A 140 -3.51 -68.80 -41.53
N ASN A 141 -2.84 -68.61 -40.39
CA ASN A 141 -2.99 -69.46 -39.19
C ASN A 141 -2.70 -70.93 -39.50
N GLY A 142 -1.75 -71.18 -40.39
CA GLY A 142 -1.32 -72.52 -40.72
C GLY A 142 -2.09 -73.19 -41.83
N ILE A 143 -3.11 -72.55 -42.38
CA ILE A 143 -3.92 -73.13 -43.45
C ILE A 143 -3.96 -72.16 -44.62
N LEU A 144 -4.08 -72.72 -45.81
CA LEU A 144 -4.18 -71.95 -47.04
C LEU A 144 -5.66 -71.72 -47.34
N LEU A 145 -6.10 -70.47 -47.30
CA LEU A 145 -7.49 -70.11 -47.60
C LEU A 145 -7.69 -70.14 -49.10
N LEU A 146 -7.83 -71.36 -49.63
CA LEU A 146 -7.93 -71.57 -51.07
C LEU A 146 -9.35 -71.64 -51.57
N ASP A 147 -10.36 -71.50 -50.71
CA ASP A 147 -11.74 -71.53 -51.17
C ASP A 147 -12.06 -70.35 -52.09
N THR A 148 -11.49 -69.18 -51.80
CA THR A 148 -11.63 -68.00 -52.64
C THR A 148 -10.28 -67.57 -53.20
N ALA A 149 -9.47 -68.56 -53.62
CA ALA A 149 -8.13 -68.29 -54.13
C ALA A 149 -8.17 -67.50 -55.43
N LEU A 150 -9.08 -67.85 -56.34
CA LEU A 150 -9.17 -67.24 -57.66
C LEU A 150 -10.44 -66.43 -57.85
N GLN A 151 -11.05 -65.95 -56.77
CA GLN A 151 -12.30 -65.20 -56.89
C GLN A 151 -12.07 -63.85 -57.56
N THR A 152 -12.84 -63.59 -58.61
CA THR A 152 -12.76 -62.32 -59.31
C THR A 152 -13.37 -61.21 -58.46
N PRO A 153 -12.71 -60.04 -58.36
CA PRO A 153 -13.29 -58.92 -57.61
C PRO A 153 -14.64 -58.50 -58.19
N VAL A 154 -15.59 -58.23 -57.30
CA VAL A 154 -16.93 -57.81 -57.70
C VAL A 154 -16.93 -56.33 -58.05
N SER A 155 -17.99 -55.87 -58.73
CA SER A 155 -18.09 -54.48 -59.11
C SER A 155 -19.19 -53.74 -58.37
N LYS A 156 -20.10 -54.45 -57.71
CA LYS A 156 -21.23 -53.85 -57.01
C LYS A 156 -21.37 -54.45 -55.63
N GLN A 157 -22.02 -53.69 -54.74
CA GLN A 157 -22.23 -54.14 -53.36
C GLN A 157 -23.25 -55.27 -53.30
N ASP A 158 -24.15 -55.36 -54.27
CA ASP A 158 -25.16 -56.39 -54.28
C ASP A 158 -24.65 -57.72 -54.80
N ASP A 159 -23.48 -57.75 -55.45
CA ASP A 159 -22.96 -59.00 -55.99
C ASP A 159 -22.58 -59.96 -54.88
N VAL A 160 -22.94 -61.23 -55.05
CA VAL A 160 -22.70 -62.25 -54.04
C VAL A 160 -21.23 -62.60 -54.00
N VAL A 161 -20.65 -62.56 -52.81
CA VAL A 161 -19.25 -62.88 -52.58
C VAL A 161 -19.17 -64.11 -51.69
N GLN A 162 -18.31 -65.04 -52.07
CA GLN A 162 -18.01 -66.21 -51.25
C GLN A 162 -17.01 -65.78 -50.18
N LEU A 163 -17.29 -66.13 -48.93
CA LEU A 163 -16.48 -65.72 -47.80
C LEU A 163 -16.08 -66.95 -47.00
N GLU A 164 -14.80 -67.14 -46.80
CA GLU A 164 -14.28 -68.29 -46.04
C GLU A 164 -13.75 -67.84 -44.68
N LEU A 165 -14.05 -68.64 -43.66
CA LEU A 165 -13.63 -68.31 -42.31
C LEU A 165 -13.13 -69.56 -41.60
N PRO A 166 -12.19 -69.41 -40.67
CA PRO A 166 -11.75 -70.56 -39.86
C PRO A 166 -12.80 -70.96 -38.83
N VAL A 167 -12.56 -72.13 -38.22
CA VAL A 167 -13.51 -72.69 -37.26
C VAL A 167 -13.57 -71.86 -35.99
N THR A 168 -12.41 -71.49 -35.45
CA THR A 168 -12.35 -70.73 -34.20
C THR A 168 -12.98 -69.35 -34.35
N GLU A 169 -12.71 -68.69 -35.49
CA GLU A 169 -13.29 -67.38 -35.75
C GLU A 169 -14.81 -67.48 -35.86
N ALA A 170 -15.31 -68.53 -36.52
CA ALA A 170 -16.74 -68.77 -36.63
C ALA A 170 -17.38 -69.03 -35.28
N GLN A 171 -16.71 -69.83 -34.43
CA GLN A 171 -17.22 -70.11 -33.08
C GLN A 171 -17.29 -68.83 -32.25
N GLN A 172 -16.25 -67.99 -32.33
CA GLN A 172 -16.26 -66.73 -31.59
C GLN A 172 -17.36 -65.80 -32.09
N LEU A 173 -17.57 -65.76 -33.42
CA LEU A 173 -18.65 -64.95 -33.97
C LEU A 173 -20.02 -65.43 -33.51
N LEU A 174 -20.23 -66.75 -33.50
CA LEU A 174 -21.50 -67.31 -33.03
C LEU A 174 -21.72 -67.02 -31.55
N SER A 175 -20.67 -67.19 -30.73
CA SER A 175 -20.78 -66.94 -29.30
C SER A 175 -21.10 -65.48 -29.02
N ALA A 176 -20.44 -64.56 -29.73
CA ALA A 176 -20.73 -63.14 -29.56
C ALA A 176 -22.15 -62.81 -30.01
N CYS A 177 -22.57 -63.32 -31.17
CA CYS A 177 -23.87 -62.97 -31.72
C CYS A 177 -25.02 -63.60 -30.94
N LEU A 178 -24.75 -64.65 -30.18
CA LEU A 178 -25.80 -65.31 -29.40
C LEU A 178 -25.79 -64.92 -27.94
N GLU A 179 -24.67 -64.41 -27.42
CA GLU A 179 -24.57 -64.07 -26.01
C GLU A 179 -24.27 -62.59 -25.78
N LYS A 180 -23.30 -62.03 -26.51
CA LYS A 180 -22.79 -60.71 -26.19
C LYS A 180 -23.05 -59.64 -27.25
N VAL A 181 -23.59 -60.00 -28.41
CA VAL A 181 -23.86 -59.04 -29.48
C VAL A 181 -25.31 -59.21 -29.94
N ASP A 182 -26.04 -58.11 -30.03
CA ASP A 182 -27.43 -58.08 -30.48
C ASP A 182 -27.54 -57.22 -31.75
N ILE A 183 -27.38 -57.87 -32.90
CA ILE A 183 -27.43 -57.22 -34.20
C ILE A 183 -28.61 -57.75 -35.01
N SER A 184 -29.71 -58.10 -34.33
CA SER A 184 -30.89 -58.60 -35.02
C SER A 184 -31.50 -57.58 -35.98
N SER A 185 -31.22 -56.30 -35.80
CA SER A 185 -31.72 -55.27 -36.71
C SER A 185 -30.92 -55.17 -38.00
N THR A 186 -29.73 -55.77 -38.05
CA THR A 186 -28.89 -55.72 -39.24
C THR A 186 -29.47 -56.58 -40.36
N GLU A 187 -29.28 -56.10 -41.59
CA GLU A 187 -29.77 -56.81 -42.78
C GLU A 187 -29.05 -58.15 -42.94
N GLY A 188 -29.82 -59.18 -43.28
CA GLY A 188 -29.25 -60.51 -43.48
C GLY A 188 -28.76 -61.19 -42.23
N TYR A 189 -29.14 -60.70 -41.05
CA TYR A 189 -28.67 -61.27 -39.79
C TYR A 189 -29.13 -62.70 -39.60
N ASP A 190 -30.41 -62.98 -39.89
CA ASP A 190 -30.92 -64.33 -39.68
C ASP A 190 -30.29 -65.33 -40.63
N LEU A 191 -30.07 -64.91 -41.89
CA LEU A 191 -29.40 -65.78 -42.85
C LEU A 191 -27.96 -66.06 -42.44
N PHE A 192 -27.25 -65.03 -41.96
CA PHE A 192 -25.89 -65.21 -41.48
C PHE A 192 -25.85 -66.13 -40.26
N ILE A 193 -26.81 -65.98 -39.35
CA ILE A 193 -26.87 -66.84 -38.17
C ILE A 193 -27.13 -68.28 -38.57
N THR A 194 -28.06 -68.49 -39.50
CA THR A 194 -28.37 -69.85 -39.96
C THR A 194 -27.17 -70.49 -40.64
N GLN A 195 -26.48 -69.73 -41.49
CA GLN A 195 -25.30 -70.23 -42.18
C GLN A 195 -24.19 -70.54 -41.17
N LEU A 196 -23.99 -69.66 -40.20
CA LEU A 196 -22.96 -69.87 -39.18
C LEU A 196 -23.25 -71.11 -38.34
N LYS A 197 -24.51 -71.28 -37.92
CA LYS A 197 -24.89 -72.44 -37.12
C LYS A 197 -24.75 -73.74 -37.89
N ASP A 198 -25.21 -73.77 -39.16
CA ASP A 198 -25.11 -75.00 -39.93
C ASP A 198 -23.67 -75.34 -40.24
N GLY A 199 -22.86 -74.34 -40.58
CA GLY A 199 -21.44 -74.58 -40.81
C GLY A 199 -20.73 -75.08 -39.58
N LEU A 200 -21.02 -74.49 -38.41
CA LEU A 200 -20.38 -74.93 -37.18
C LEU A 200 -20.81 -76.34 -36.77
N LYS A 201 -22.10 -76.67 -36.90
CA LYS A 201 -22.53 -78.02 -36.54
C LYS A 201 -22.00 -79.06 -37.51
N ASN A 202 -21.80 -78.70 -38.79
CA ASN A 202 -21.18 -79.64 -39.72
C ASN A 202 -19.68 -79.77 -39.47
N THR A 203 -19.02 -78.67 -39.13
CA THR A 203 -17.57 -78.66 -38.96
C THR A 203 -17.15 -79.30 -37.65
N SER A 204 -18.01 -79.29 -36.63
CA SER A 204 -17.67 -79.88 -35.34
C SER A 204 -17.45 -81.38 -35.44
N HIS A 205 -18.21 -82.05 -36.33
CA HIS A 205 -18.06 -83.49 -36.52
C HIS A 205 -16.67 -83.83 -37.04
N GLU A 206 -16.15 -83.04 -37.99
CA GLU A 206 -14.81 -83.24 -38.49
C GLU A 206 -13.76 -82.73 -37.52
N THR A 207 -14.14 -81.80 -36.65
CA THR A 207 -13.21 -81.27 -35.65
C THR A 207 -12.90 -82.30 -34.58
N ALA A 208 -13.93 -83.02 -34.12
CA ALA A 208 -13.74 -84.04 -33.09
C ALA A 208 -12.90 -85.22 -33.57
N ALA A 209 -12.83 -85.45 -34.88
CA ALA A 209 -12.10 -86.61 -35.40
C ALA A 209 -10.61 -86.33 -35.55
N ASN A 210 -10.26 -85.30 -36.31
CA ASN A 210 -8.87 -84.99 -36.62
C ASN A 210 -8.61 -83.51 -36.42
N HIS A 211 -7.47 -83.20 -35.78
CA HIS A 211 -7.14 -81.82 -35.48
C HIS A 211 -6.69 -81.06 -36.73
N LYS A 212 -5.84 -81.69 -37.56
CA LYS A 212 -5.35 -81.02 -38.77
C LYS A 212 -6.49 -80.78 -39.76
N VAL A 213 -7.39 -81.76 -39.90
CA VAL A 213 -8.57 -81.59 -40.74
C VAL A 213 -9.46 -80.50 -40.17
N ALA A 214 -9.54 -80.41 -38.83
CA ALA A 214 -10.29 -79.34 -38.17
C ALA A 214 -9.74 -77.97 -38.52
N LYS A 215 -8.42 -77.80 -38.42
CA LYS A 215 -7.82 -76.51 -38.75
C LYS A 215 -7.98 -76.18 -40.23
N TRP A 216 -7.86 -77.18 -41.12
CA TRP A 216 -8.05 -76.91 -42.54
C TRP A 216 -9.51 -76.71 -42.93
N ALA A 217 -10.44 -77.21 -42.13
CA ALA A 217 -11.86 -77.03 -42.41
C ALA A 217 -12.24 -75.56 -42.30
N THR A 218 -13.05 -75.09 -43.25
CA THR A 218 -13.47 -73.70 -43.31
C THR A 218 -14.99 -73.64 -43.41
N VAL A 219 -15.53 -72.47 -43.08
CA VAL A 219 -16.96 -72.20 -43.19
C VAL A 219 -17.15 -71.18 -44.30
N THR A 220 -17.99 -71.52 -45.27
CA THR A 220 -18.22 -70.71 -46.45
C THR A 220 -19.59 -70.06 -46.40
N PHE A 221 -19.60 -68.74 -46.59
CA PHE A 221 -20.81 -67.94 -46.63
C PHE A 221 -20.91 -67.36 -48.04
N HIS A 222 -21.95 -67.73 -48.78
CA HIS A 222 -22.16 -67.20 -50.12
C HIS A 222 -23.20 -66.09 -49.98
N LEU A 223 -22.72 -64.91 -49.60
CA LEU A 223 -23.64 -63.84 -49.22
C LEU A 223 -23.35 -62.57 -50.00
N PRO A 224 -24.33 -61.69 -50.16
CA PRO A 224 -24.06 -60.43 -50.88
C PRO A 224 -23.04 -59.58 -50.15
N HIS A 225 -22.30 -58.79 -50.94
CA HIS A 225 -21.23 -57.96 -50.40
C HIS A 225 -21.74 -56.91 -49.42
N HIS A 226 -22.82 -56.21 -49.77
CA HIS A 226 -23.35 -55.15 -48.91
C HIS A 226 -23.88 -55.71 -47.61
N VAL A 227 -24.53 -56.88 -47.68
CA VAL A 227 -25.07 -57.54 -46.49
C VAL A 227 -23.94 -57.88 -45.53
N LEU A 228 -22.87 -58.44 -46.08
CA LEU A 228 -21.71 -58.81 -45.28
C LEU A 228 -21.04 -57.57 -44.69
N LYS A 229 -20.95 -56.47 -45.46
CA LYS A 229 -20.37 -55.23 -44.91
C LYS A 229 -21.19 -54.70 -43.75
N SER A 230 -22.52 -54.68 -43.89
CA SER A 230 -23.37 -54.18 -42.82
C SER A 230 -23.30 -55.08 -41.60
N ILE A 231 -23.27 -56.40 -41.79
CA ILE A 231 -23.17 -57.31 -40.64
C ILE A 231 -21.84 -57.16 -39.91
N ALA A 232 -20.74 -57.08 -40.67
CA ALA A 232 -19.42 -56.90 -40.05
C ALA A 232 -19.29 -55.55 -39.33
N SER A 233 -19.79 -54.48 -39.95
CA SER A 233 -19.76 -53.17 -39.33
C SER A 233 -20.61 -53.15 -38.06
N ALA A 234 -21.78 -53.80 -38.11
CA ALA A 234 -22.64 -53.89 -36.94
C ALA A 234 -21.97 -54.65 -35.80
N ILE A 235 -21.28 -55.75 -36.11
CA ILE A 235 -20.56 -56.49 -35.08
C ILE A 235 -19.48 -55.63 -34.46
N VAL A 236 -18.71 -54.91 -35.30
CA VAL A 236 -17.65 -54.05 -34.81
C VAL A 236 -18.21 -52.95 -33.89
N ASN A 237 -19.29 -52.30 -34.33
CA ASN A 237 -19.88 -51.22 -33.54
C ASN A 237 -20.47 -51.75 -32.23
N GLU A 238 -21.12 -52.92 -32.29
CA GLU A 238 -21.72 -53.50 -31.10
C GLU A 238 -20.67 -53.92 -30.09
N LEU A 239 -19.54 -54.46 -30.57
CA LEU A 239 -18.47 -54.83 -29.66
C LEU A 239 -17.77 -53.59 -29.12
N LYS A 240 -17.79 -52.49 -29.87
CA LYS A 240 -17.17 -51.27 -29.38
C LYS A 240 -18.02 -50.60 -28.30
N LYS A 241 -19.34 -50.55 -28.49
CA LYS A 241 -20.19 -49.90 -27.50
C LYS A 241 -20.27 -50.68 -26.20
N ILE A 242 -20.21 -52.02 -26.24
CA ILE A 242 -20.27 -52.78 -24.99
C ILE A 242 -18.92 -52.91 -24.31
N ASN A 243 -17.85 -52.45 -24.97
CA ASN A 243 -16.48 -52.43 -24.43
C ASN A 243 -16.03 -53.81 -23.96
N GLN A 244 -16.34 -54.83 -24.75
CA GLN A 244 -15.90 -56.20 -24.48
C GLN A 244 -14.80 -56.57 -25.47
N ASN A 245 -13.66 -57.00 -24.93
CA ASN A 245 -12.51 -57.38 -25.76
C ASN A 245 -12.54 -58.89 -26.00
N VAL A 246 -13.30 -59.28 -27.02
CA VAL A 246 -13.45 -60.67 -27.42
C VAL A 246 -12.84 -60.83 -28.81
N ALA A 247 -12.56 -62.09 -29.15
CA ALA A 247 -11.91 -62.42 -30.42
C ALA A 247 -12.79 -62.18 -31.64
N ALA A 248 -14.08 -61.91 -31.46
CA ALA A 248 -14.95 -61.66 -32.59
C ALA A 248 -14.68 -60.31 -33.26
N LEU A 249 -14.22 -59.33 -32.48
CA LEU A 249 -13.92 -58.01 -33.04
C LEU A 249 -12.82 -57.98 -34.09
N PRO A 250 -11.61 -58.56 -33.89
CA PRO A 250 -10.64 -58.56 -34.99
C PRO A 250 -11.11 -59.33 -36.20
N VAL A 251 -11.88 -60.41 -35.97
CA VAL A 251 -12.41 -61.19 -37.07
C VAL A 251 -13.40 -60.37 -37.90
N ALA A 252 -14.30 -59.65 -37.22
CA ALA A 252 -15.26 -58.80 -37.94
C ALA A 252 -14.56 -57.67 -38.68
N SER A 253 -13.55 -57.06 -38.06
CA SER A 253 -12.80 -55.99 -38.71
C SER A 253 -12.07 -56.51 -39.94
N SER A 254 -11.43 -57.68 -39.81
CA SER A 254 -10.74 -58.30 -40.94
C SER A 254 -11.70 -58.67 -42.06
N VAL A 255 -12.89 -59.18 -41.70
CA VAL A 255 -13.89 -59.54 -42.70
C VAL A 255 -14.36 -58.30 -43.46
N MET A 256 -14.65 -57.21 -42.73
CA MET A 256 -15.14 -55.99 -43.36
C MET A 256 -14.08 -55.37 -44.25
N ASP A 257 -12.82 -55.38 -43.80
CA ASP A 257 -11.75 -54.84 -44.60
C ASP A 257 -11.49 -55.68 -45.84
N ARG A 258 -11.58 -57.02 -45.70
CA ARG A 258 -11.42 -57.91 -46.84
C ARG A 258 -12.50 -57.68 -47.88
N LEU A 259 -13.75 -57.52 -47.43
CA LEU A 259 -14.85 -57.25 -48.36
C LEU A 259 -14.68 -55.90 -49.05
N SER A 260 -14.19 -54.90 -48.31
CA SER A 260 -13.90 -53.60 -48.92
C SER A 260 -12.81 -53.73 -49.98
N TYR A 261 -11.77 -54.53 -49.70
CA TYR A 261 -10.70 -54.75 -50.67
C TYR A 261 -11.22 -55.51 -51.88
N LEU A 262 -12.24 -56.37 -51.69
CA LEU A 262 -12.84 -57.12 -52.78
C LEU A 262 -13.64 -56.22 -53.72
N LEU A 263 -13.99 -55.00 -53.28
CA LEU A 263 -14.79 -54.07 -54.07
C LEU A 263 -13.99 -52.82 -54.41
N PRO A 264 -13.51 -52.70 -55.65
CA PRO A 264 -12.79 -51.47 -56.05
C PRO A 264 -13.62 -50.21 -55.97
N SER A 265 -14.96 -50.31 -56.02
CA SER A 265 -15.80 -49.13 -55.93
C SER A 265 -15.88 -48.57 -54.52
N ALA A 266 -15.51 -49.37 -53.52
CA ALA A 266 -15.54 -48.94 -52.12
C ALA A 266 -14.13 -48.61 -51.64
N ARG A 267 -13.54 -47.60 -52.27
CA ARG A 267 -12.18 -47.16 -51.97
C ARG A 267 -12.05 -45.64 -52.04
N PRO A 268 -12.53 -44.92 -51.01
CA PRO A 268 -12.25 -43.47 -50.95
C PRO A 268 -10.76 -43.19 -50.99
N GLU A 269 -10.39 -42.05 -51.58
CA GLU A 269 -8.97 -41.72 -51.73
C GLU A 269 -8.34 -41.47 -50.36
N LEU A 270 -7.06 -41.83 -50.25
CA LEU A 270 -6.32 -41.64 -49.01
C LEU A 270 -5.91 -40.17 -48.92
N GLY A 271 -6.55 -39.43 -48.03
CA GLY A 271 -6.26 -38.01 -47.88
C GLY A 271 -5.13 -37.72 -46.90
N VAL A 272 -3.90 -38.00 -47.31
CA VAL A 272 -2.74 -37.74 -46.47
C VAL A 272 -2.23 -36.34 -46.82
N GLY A 273 -2.53 -35.38 -45.95
CA GLY A 273 -2.10 -34.02 -46.15
C GLY A 273 -2.26 -33.22 -44.88
N PRO A 274 -1.53 -32.11 -44.77
CA PRO A 274 -1.65 -31.27 -43.58
C PRO A 274 -3.03 -30.64 -43.48
N GLY A 275 -3.51 -30.49 -42.24
CA GLY A 275 -4.79 -29.85 -42.02
C GLY A 275 -6.01 -30.65 -42.40
N ARG A 276 -5.86 -31.93 -42.77
CA ARG A 276 -6.99 -32.75 -43.18
C ARG A 276 -7.03 -34.02 -42.32
N SER A 277 -8.17 -34.25 -41.68
CA SER A 277 -8.37 -35.45 -40.88
C SER A 277 -8.61 -36.66 -41.78
N VAL A 278 -8.36 -37.84 -41.23
CA VAL A 278 -8.58 -39.10 -41.94
C VAL A 278 -9.72 -39.88 -41.28
N ASP A 279 -10.56 -40.51 -42.09
CA ASP A 279 -11.70 -41.27 -41.57
C ASP A 279 -11.17 -42.60 -40.98
N ARG A 280 -11.14 -42.64 -39.63
CA ARG A 280 -10.54 -43.75 -38.89
C ARG A 280 -11.26 -45.08 -39.09
N SER A 281 -12.59 -45.06 -39.22
CA SER A 281 -13.34 -46.30 -39.38
C SER A 281 -12.94 -47.09 -40.62
N LEU A 282 -12.74 -46.43 -41.76
CA LEU A 282 -12.19 -47.13 -42.92
C LEU A 282 -10.68 -47.37 -42.81
N MET A 283 -9.99 -46.53 -42.06
CA MET A 283 -8.53 -46.56 -41.94
C MET A 283 -8.02 -47.70 -41.05
N TYR A 284 -8.91 -48.46 -40.40
CA TYR A 284 -8.55 -49.57 -39.51
C TYR A 284 -7.65 -50.61 -40.16
N SER A 285 -7.56 -50.64 -41.49
CA SER A 285 -6.67 -51.55 -42.19
C SER A 285 -5.23 -51.11 -42.01
N GLU A 286 -4.34 -52.09 -41.84
CA GLU A 286 -2.92 -51.80 -41.67
C GLU A 286 -2.30 -51.23 -42.93
N ALA A 287 -2.80 -51.66 -44.11
CA ALA A 287 -2.29 -51.15 -45.37
C ALA A 287 -2.51 -49.64 -45.50
N ASN A 288 -3.66 -49.12 -45.06
CA ASN A 288 -3.89 -47.69 -45.07
C ASN A 288 -2.91 -46.96 -44.15
N ARG A 289 -2.64 -47.54 -42.98
CA ARG A 289 -1.70 -46.95 -42.02
C ARG A 289 -0.29 -46.84 -42.61
N ARG A 290 0.16 -47.90 -43.29
CA ARG A 290 1.49 -47.84 -43.90
C ARG A 290 1.49 -46.99 -45.17
N GLU A 291 0.37 -46.87 -45.86
CA GLU A 291 0.30 -46.02 -47.04
C GLU A 291 0.31 -44.56 -46.66
N THR A 292 -0.19 -44.22 -45.47
CA THR A 292 -0.18 -42.82 -45.03
C THR A 292 1.24 -42.26 -44.89
N PHE A 293 2.26 -43.12 -44.76
CA PHE A 293 3.63 -42.66 -44.50
C PHE A 293 4.44 -42.46 -45.77
N THR A 294 3.80 -42.11 -46.90
CA THR A 294 4.56 -41.84 -48.12
C THR A 294 5.45 -40.61 -47.97
N SER A 295 4.94 -39.57 -47.31
CA SER A 295 5.67 -38.32 -47.16
C SER A 295 6.45 -38.26 -45.86
N TRP A 296 6.91 -39.39 -45.35
CA TRP A 296 7.69 -39.42 -44.12
C TRP A 296 9.08 -38.85 -44.40
N PRO A 297 9.51 -37.81 -43.69
CA PRO A 297 10.85 -37.27 -43.92
C PRO A 297 11.98 -38.04 -43.26
N HIS A 298 11.66 -39.07 -42.47
CA HIS A 298 12.66 -39.82 -41.71
C HIS A 298 12.67 -41.29 -42.09
N VAL A 299 12.63 -41.57 -43.40
CA VAL A 299 12.69 -42.95 -43.89
C VAL A 299 14.05 -43.57 -43.58
N GLY A 300 15.11 -42.77 -43.55
CA GLY A 300 16.44 -43.30 -43.29
C GLY A 300 16.72 -43.64 -41.85
N TYR A 301 15.80 -43.32 -40.94
CA TYR A 301 15.95 -43.69 -39.53
C TYR A 301 15.85 -45.20 -39.39
N ARG A 302 16.46 -45.73 -38.32
CA ARG A 302 16.44 -47.17 -38.11
C ARG A 302 15.06 -47.66 -37.65
N TRP A 303 14.57 -47.16 -36.51
CA TRP A 303 13.27 -47.60 -36.00
C TRP A 303 12.11 -46.73 -36.46
N ALA A 304 12.37 -45.52 -36.95
CA ALA A 304 11.28 -44.68 -37.44
C ALA A 304 11.07 -44.86 -38.94
N GLN A 305 10.94 -46.12 -39.37
CA GLN A 305 10.62 -46.51 -40.73
C GLN A 305 9.11 -46.64 -40.86
N PRO A 306 8.55 -46.41 -42.07
CA PRO A 306 7.08 -46.41 -42.23
C PRO A 306 6.39 -47.68 -41.79
N ASP A 307 6.96 -48.84 -42.09
CA ASP A 307 6.28 -50.10 -41.80
C ASP A 307 6.25 -50.44 -40.31
N PRO A 308 7.37 -50.47 -39.56
CA PRO A 308 7.25 -50.81 -38.12
C PRO A 308 6.38 -49.86 -37.31
N MET A 309 6.43 -48.55 -37.58
CA MET A 309 5.57 -47.64 -36.82
C MET A 309 4.15 -47.62 -37.35
N ALA A 310 3.92 -48.11 -38.57
CA ALA A 310 2.56 -48.35 -38.97
C ALA A 310 2.02 -49.61 -38.33
N GLN A 311 2.91 -50.57 -38.05
CA GLN A 311 2.53 -51.82 -37.40
C GLN A 311 2.00 -51.55 -35.99
N ALA A 312 2.56 -50.55 -35.31
CA ALA A 312 2.11 -50.17 -33.98
C ALA A 312 0.74 -49.50 -34.00
N GLY A 313 0.24 -49.17 -35.18
CA GLY A 313 -1.06 -48.56 -35.33
C GLY A 313 -1.06 -47.05 -35.39
N PHE A 314 -0.18 -46.48 -36.21
CA PHE A 314 -0.07 -45.04 -36.35
C PHE A 314 -0.11 -44.68 -37.82
N TYR A 315 -0.55 -43.46 -38.08
CA TYR A 315 -0.65 -42.95 -39.44
C TYR A 315 -0.10 -41.53 -39.47
N HIS A 316 0.34 -41.12 -40.65
CA HIS A 316 0.95 -39.81 -40.83
C HIS A 316 -0.17 -38.77 -40.94
N GLN A 317 -0.27 -37.91 -39.94
CA GLN A 317 -1.17 -36.76 -39.96
C GLN A 317 -0.36 -35.55 -39.49
N PRO A 318 0.54 -35.04 -40.33
CA PRO A 318 1.38 -33.92 -39.89
C PRO A 318 0.65 -32.61 -40.02
N ALA A 319 0.88 -31.72 -39.05
CA ALA A 319 0.29 -30.38 -39.13
C ALA A 319 0.89 -29.55 -40.26
N SER A 320 2.09 -29.90 -40.73
CA SER A 320 2.70 -29.22 -41.86
C SER A 320 3.58 -30.22 -42.62
N SER A 321 3.85 -29.90 -43.88
CA SER A 321 4.68 -30.77 -44.71
C SER A 321 6.08 -30.86 -44.12
N GLY A 322 6.61 -32.08 -44.02
CA GLY A 322 7.90 -32.30 -43.41
C GLY A 322 7.86 -32.56 -41.92
N ASP A 323 6.70 -32.46 -41.30
CA ASP A 323 6.56 -32.74 -39.87
C ASP A 323 6.43 -34.25 -39.66
N ASP A 324 7.04 -34.73 -38.58
CA ASP A 324 7.03 -36.15 -38.23
C ASP A 324 5.91 -36.50 -37.27
N ARG A 325 4.80 -35.78 -37.34
CA ARG A 325 3.66 -36.05 -36.47
C ARG A 325 2.92 -37.30 -36.93
N ALA A 326 2.52 -38.12 -35.95
CA ALA A 326 1.83 -39.37 -36.22
C ALA A 326 0.68 -39.47 -35.22
N MET A 327 -0.39 -40.13 -35.63
CA MET A 327 -1.57 -40.22 -34.80
C MET A 327 -2.01 -41.68 -34.75
N CYS A 328 -2.48 -42.15 -33.60
CA CYS A 328 -2.85 -43.57 -33.46
C CYS A 328 -4.26 -43.84 -33.98
N PHE A 329 -4.47 -45.08 -34.46
CA PHE A 329 -5.77 -45.48 -35.01
C PHE A 329 -6.72 -46.07 -33.98
N THR A 330 -6.28 -46.30 -32.75
CA THR A 330 -7.13 -46.91 -31.72
C THR A 330 -7.37 -45.99 -30.54
N CYS A 331 -6.33 -45.39 -29.98
CA CYS A 331 -6.42 -44.52 -28.82
C CYS A 331 -6.24 -43.07 -29.19
N SER A 332 -5.70 -42.81 -30.40
CA SER A 332 -5.49 -41.46 -30.94
C SER A 332 -4.56 -40.61 -30.08
N VAL A 333 -3.56 -41.24 -29.44
CA VAL A 333 -2.44 -40.46 -28.90
C VAL A 333 -1.66 -39.82 -30.05
N CYS A 334 -1.32 -38.55 -29.89
CA CYS A 334 -0.61 -37.82 -30.92
C CYS A 334 0.82 -37.62 -30.45
N LEU A 335 1.77 -37.83 -31.35
CA LEU A 335 3.18 -37.67 -31.03
C LEU A 335 3.91 -36.88 -32.09
N VAL A 336 4.91 -36.12 -31.63
CA VAL A 336 5.75 -35.28 -32.46
C VAL A 336 7.19 -35.53 -32.05
N CYS A 337 8.12 -34.91 -32.80
CA CYS A 337 9.57 -34.94 -32.58
C CYS A 337 10.07 -36.37 -32.33
N TRP A 338 9.91 -37.22 -33.35
CA TRP A 338 10.38 -38.59 -33.25
C TRP A 338 11.90 -38.66 -33.41
N GLU A 339 12.44 -39.80 -32.99
CA GLU A 339 13.88 -40.06 -32.98
C GLU A 339 14.16 -41.37 -33.69
N PRO A 340 15.36 -41.54 -34.26
CA PRO A 340 15.67 -42.82 -34.94
C PRO A 340 15.65 -44.03 -34.03
N THR A 341 15.85 -43.84 -32.73
CA THR A 341 15.84 -44.92 -31.76
C THR A 341 14.47 -45.19 -31.17
N ASP A 342 13.44 -44.47 -31.63
CA ASP A 342 12.11 -44.60 -31.06
C ASP A 342 11.48 -45.89 -31.59
N GLU A 343 11.39 -46.91 -30.73
CA GLU A 343 10.74 -48.15 -31.12
C GLU A 343 9.23 -47.93 -31.19
N PRO A 344 8.56 -48.47 -32.21
CA PRO A 344 7.10 -48.27 -32.33
C PRO A 344 6.31 -48.84 -31.17
N TRP A 345 6.51 -50.12 -30.85
CA TRP A 345 5.79 -50.76 -29.75
C TRP A 345 6.10 -50.09 -28.42
N SER A 346 7.38 -49.80 -28.18
CA SER A 346 7.80 -49.19 -26.93
C SER A 346 7.23 -47.78 -26.76
N GLU A 347 7.29 -46.97 -27.83
CA GLU A 347 6.73 -45.61 -27.75
C GLU A 347 5.22 -45.65 -27.57
N HIS A 348 4.55 -46.56 -28.30
CA HIS A 348 3.10 -46.69 -28.16
C HIS A 348 2.73 -47.14 -26.75
N GLU A 349 3.55 -48.00 -26.15
CA GLU A 349 3.28 -48.48 -24.81
C GLU A 349 3.56 -47.41 -23.77
N ARG A 350 4.63 -46.63 -23.97
CA ARG A 350 4.99 -45.58 -23.02
C ARG A 350 3.99 -44.44 -23.06
N HIS A 351 3.65 -43.98 -24.28
CA HIS A 351 2.71 -42.88 -24.43
C HIS A 351 1.25 -43.33 -24.36
N SER A 352 0.98 -44.63 -24.37
CA SER A 352 -0.39 -45.12 -24.28
C SER A 352 -0.44 -46.55 -23.74
N PRO A 353 -0.20 -46.77 -22.44
CA PRO A 353 -0.39 -48.11 -21.88
C PRO A 353 -1.84 -48.58 -21.89
N ASN A 354 -2.80 -47.68 -22.00
CA ASN A 354 -4.21 -48.04 -22.01
C ASN A 354 -4.73 -48.40 -23.39
N CYS A 355 -3.89 -48.36 -24.41
CA CYS A 355 -4.32 -48.74 -25.74
C CYS A 355 -4.58 -50.24 -25.77
N PRO A 356 -5.76 -50.68 -26.23
CA PRO A 356 -6.01 -52.12 -26.37
C PRO A 356 -5.04 -52.78 -27.33
N PHE A 357 -4.54 -52.02 -28.32
CA PHE A 357 -3.50 -52.50 -29.20
C PHE A 357 -2.21 -52.80 -28.44
N VAL A 358 -1.83 -51.89 -27.54
CA VAL A 358 -0.63 -52.08 -26.72
C VAL A 358 -0.79 -53.26 -25.78
N LYS A 359 -1.96 -53.38 -25.14
CA LYS A 359 -2.24 -54.44 -24.19
C LYS A 359 -2.34 -55.82 -24.85
N GLY A 360 -2.40 -55.89 -26.17
CA GLY A 360 -2.60 -57.13 -26.88
C GLY A 360 -4.06 -57.49 -27.00
N GLU A 361 -4.94 -56.64 -26.49
CA GLU A 361 -6.38 -56.85 -26.52
C GLU A 361 -6.91 -56.70 -27.95
N HIS A 362 -8.09 -57.28 -28.16
CA HIS A 362 -8.72 -57.31 -29.47
C HIS A 362 -9.21 -55.92 -29.84
N THR A 363 -8.62 -55.33 -30.87
CA THR A 363 -9.05 -54.04 -31.38
C THR A 363 -9.68 -54.21 -32.76
N GLN A 364 -9.98 -53.08 -33.39
CA GLN A 364 -10.53 -53.04 -34.73
C GLN A 364 -9.47 -53.14 -35.81
N ASN A 365 -8.27 -53.62 -35.48
CA ASN A 365 -7.20 -53.75 -36.46
C ASN A 365 -7.54 -54.79 -37.51
N VAL A 366 -6.63 -54.97 -38.46
CA VAL A 366 -6.74 -55.84 -39.64
C VAL A 366 -5.31 -56.04 -40.14
N PRO A 367 -4.67 -57.17 -39.85
CA PRO A 367 -3.31 -57.39 -40.32
C PRO A 367 -3.27 -57.50 -41.84
N LEU A 368 -2.11 -57.14 -42.41
CA LEU A 368 -1.93 -57.22 -43.86
C LEU A 368 -2.00 -58.65 -44.36
N SER A 369 -1.59 -59.62 -43.52
CA SER A 369 -1.59 -61.02 -43.91
C SER A 369 -2.99 -61.54 -44.20
N VAL A 370 -4.00 -61.04 -43.48
CA VAL A 370 -5.38 -61.46 -43.72
C VAL A 370 -5.83 -61.03 -45.11
N THR A 371 -5.54 -59.78 -45.47
CA THR A 371 -5.88 -59.28 -46.80
C THR A 371 -5.12 -60.03 -47.88
N LEU A 372 -3.84 -60.33 -47.63
CA LEU A 372 -3.03 -61.08 -48.60
C LEU A 372 -3.59 -62.48 -48.80
N ALA A 373 -3.99 -63.14 -47.72
CA ALA A 373 -4.59 -64.47 -47.79
C ALA A 373 -6.02 -64.43 -48.32
N THR A 374 -6.62 -63.24 -48.44
CA THR A 374 -7.96 -63.09 -49.01
C THR A 374 -7.95 -62.14 -50.20
N SER A 375 -6.81 -61.95 -50.83
CA SER A 375 -6.71 -61.05 -51.97
C SER A 375 -7.37 -61.68 -53.19
N PRO A 376 -8.31 -60.99 -53.84
CA PRO A 376 -8.94 -61.54 -55.03
C PRO A 376 -7.97 -61.59 -56.21
N ALA A 377 -8.32 -62.40 -57.20
CA ALA A 377 -7.44 -62.63 -58.34
C ALA A 377 -7.46 -61.41 -59.26
N GLN A 378 -6.30 -60.79 -59.40
CA GLN A 378 -6.16 -59.62 -60.27
C GLN A 378 -6.00 -60.06 -61.72
N PHE A 379 -6.79 -59.45 -62.61
CA PHE A 379 -6.71 -59.77 -64.02
C PHE A 379 -5.41 -59.23 -64.62
N PRO A 380 -4.80 -59.95 -65.57
CA PRO A 380 -3.64 -59.40 -66.30
C PRO A 380 -3.97 -58.16 -67.12
N CYS A 381 -5.22 -57.99 -67.54
CA CYS A 381 -5.60 -56.85 -68.36
C CYS A 381 -6.78 -56.12 -67.71
N THR A 382 -6.89 -54.84 -68.04
CA THR A 382 -7.98 -54.01 -67.52
C THR A 382 -9.32 -54.54 -67.98
N ASP A 383 -9.40 -55.00 -69.25
CA ASP A 383 -10.64 -55.53 -69.79
C ASP A 383 -11.06 -56.80 -69.07
N GLY A 384 -10.09 -57.63 -68.69
CA GLY A 384 -10.37 -58.91 -68.06
C GLY A 384 -11.02 -59.91 -68.98
N THR A 385 -10.59 -59.95 -70.24
CA THR A 385 -11.13 -60.88 -71.24
C THR A 385 -10.07 -61.74 -71.90
N ASP A 386 -8.85 -61.24 -72.05
CA ASP A 386 -7.80 -61.97 -72.73
C ASP A 386 -7.33 -63.16 -71.89
N ARG A 387 -7.20 -64.31 -72.54
CA ARG A 387 -6.76 -65.51 -71.84
C ARG A 387 -5.26 -65.47 -71.59
N ILE A 388 -4.84 -66.07 -70.48
CA ILE A 388 -3.45 -66.08 -70.06
C ILE A 388 -2.73 -67.26 -70.69
N SER A 389 -1.77 -66.98 -71.56
CA SER A 389 -1.05 -68.06 -72.24
C SER A 389 -0.05 -68.75 -71.32
N CYS A 390 0.71 -67.99 -70.54
CA CYS A 390 1.77 -68.56 -69.71
C CYS A 390 2.09 -67.61 -68.57
N PHE A 391 2.87 -68.12 -67.62
CA PHE A 391 3.31 -67.34 -66.46
C PHE A 391 4.56 -68.03 -65.89
N GLY A 392 5.03 -67.51 -64.76
CA GLY A 392 6.14 -68.08 -64.04
C GLY A 392 7.01 -66.99 -63.46
N SER A 393 8.22 -67.39 -63.04
CA SER A 393 9.18 -66.47 -62.45
C SER A 393 10.57 -67.05 -62.57
N GLY A 394 11.56 -66.20 -62.36
CA GLY A 394 12.96 -66.58 -62.46
C GLY A 394 13.71 -66.21 -61.19
N SER A 395 14.89 -65.62 -61.36
CA SER A 395 15.72 -65.22 -60.23
C SER A 395 15.16 -64.05 -59.43
N CYS A 396 14.12 -63.39 -59.93
CA CYS A 396 13.46 -62.30 -59.20
C CYS A 396 11.97 -62.62 -59.11
N PRO A 397 11.59 -63.56 -58.24
CA PRO A 397 10.17 -63.94 -58.14
C PRO A 397 9.34 -62.98 -57.31
N HIS A 398 9.92 -61.84 -56.89
CA HIS A 398 9.17 -60.81 -56.19
C HIS A 398 8.09 -60.22 -57.08
N PHE A 399 8.27 -60.29 -58.38
CA PHE A 399 7.30 -59.84 -59.36
C PHE A 399 6.74 -61.06 -60.08
N LEU A 400 5.45 -61.04 -60.38
CA LEU A 400 4.78 -62.14 -61.07
C LEU A 400 4.29 -61.65 -62.43
N ALA A 401 4.60 -62.39 -63.49
CA ALA A 401 4.28 -61.95 -64.84
C ALA A 401 3.20 -62.85 -65.44
N ALA A 402 2.26 -62.22 -66.13
CA ALA A 402 1.18 -62.93 -66.82
C ALA A 402 1.02 -62.32 -68.21
N ALA A 403 1.18 -63.15 -69.23
CA ALA A 403 1.10 -62.75 -70.62
C ALA A 403 -0.18 -63.29 -71.24
N THR A 404 -0.79 -62.49 -72.09
CA THR A 404 -1.99 -62.88 -72.80
C THR A 404 -1.64 -63.32 -74.22
N LYS A 405 -2.65 -63.83 -74.93
CA LYS A 405 -2.46 -64.28 -76.30
C LYS A 405 -2.37 -63.11 -77.27
N ARG A 406 -2.80 -61.92 -76.86
CA ARG A 406 -2.73 -60.74 -77.71
C ARG A 406 -1.46 -59.92 -77.51
N GLY A 407 -0.55 -60.38 -76.66
CA GLY A 407 0.70 -59.67 -76.43
C GLY A 407 0.74 -58.78 -75.21
N LYS A 408 -0.37 -58.64 -74.47
CA LYS A 408 -0.41 -57.80 -73.29
C LYS A 408 0.13 -58.57 -72.09
N ILE A 409 1.15 -58.01 -71.44
CA ILE A 409 1.78 -58.63 -70.29
C ILE A 409 1.70 -57.68 -69.10
N CYS A 410 1.29 -58.24 -67.96
CA CYS A 410 1.23 -57.51 -66.70
C CYS A 410 2.18 -58.15 -65.71
N ILE A 411 3.03 -57.34 -65.10
CA ILE A 411 3.96 -57.76 -64.06
C ILE A 411 3.48 -57.14 -62.76
N TRP A 412 3.25 -57.98 -61.77
CA TRP A 412 2.73 -57.59 -60.47
C TRP A 412 3.85 -57.59 -59.44
N ASP A 413 3.66 -56.79 -58.38
CA ASP A 413 4.56 -56.80 -57.23
C ASP A 413 3.96 -57.68 -56.13
N VAL A 414 3.95 -58.99 -56.41
CA VAL A 414 3.31 -59.93 -55.50
C VAL A 414 4.08 -60.12 -54.21
N SER A 415 5.36 -59.72 -54.16
CA SER A 415 6.11 -59.75 -52.90
C SER A 415 5.46 -58.83 -51.87
N LYS A 416 5.06 -57.64 -52.29
CA LYS A 416 4.29 -56.72 -51.46
C LYS A 416 2.82 -57.08 -51.60
N LEU A 417 1.95 -56.17 -51.15
CA LEU A 417 0.51 -56.30 -51.36
C LEU A 417 0.19 -56.45 -52.86
N MET A 418 -0.86 -57.22 -53.14
CA MET A 418 -1.27 -57.57 -54.50
C MET A 418 -1.57 -56.29 -55.29
N LYS A 419 -0.73 -55.96 -56.27
CA LYS A 419 -0.82 -54.70 -56.97
C LYS A 419 -0.27 -54.84 -58.38
N VAL A 420 -0.66 -53.92 -59.24
CA VAL A 420 -0.18 -53.85 -60.62
C VAL A 420 1.05 -52.96 -60.65
N HIS A 421 2.18 -53.50 -61.12
CA HIS A 421 3.43 -52.74 -61.19
C HIS A 421 3.73 -52.29 -62.62
N LEU A 422 3.68 -53.20 -63.59
CA LEU A 422 3.87 -52.88 -65.00
C LEU A 422 2.74 -53.49 -65.81
N LYS A 423 2.15 -52.71 -66.70
CA LYS A 423 1.16 -53.21 -67.63
C LYS A 423 1.50 -52.67 -69.01
N PHE A 424 1.75 -53.57 -69.97
CA PHE A 424 2.19 -53.12 -71.28
C PHE A 424 1.81 -54.17 -72.30
N GLU A 425 2.18 -53.91 -73.55
CA GLU A 425 1.94 -54.83 -74.64
C GLU A 425 3.20 -54.98 -75.47
N ILE A 426 3.48 -56.21 -75.88
CA ILE A 426 4.64 -56.51 -76.72
C ILE A 426 4.21 -56.28 -78.16
N ASN A 427 5.02 -55.52 -78.90
CA ASN A 427 4.79 -55.28 -80.31
C ASN A 427 5.64 -56.27 -81.11
N ALA A 428 4.99 -57.05 -81.98
CA ALA A 428 5.70 -58.05 -82.77
C ALA A 428 6.47 -57.44 -83.93
N TYR A 429 6.25 -56.16 -84.24
CA TYR A 429 6.97 -55.47 -85.29
C TYR A 429 8.18 -54.72 -84.75
N ASP A 430 8.75 -55.22 -83.65
CA ASP A 430 9.89 -54.58 -83.01
C ASP A 430 11.09 -54.67 -83.94
N PRO A 431 11.88 -53.58 -84.08
CA PRO A 431 13.08 -53.65 -84.93
C PRO A 431 14.07 -54.74 -84.57
N ALA A 432 14.28 -55.02 -83.28
CA ALA A 432 15.13 -56.14 -82.88
C ALA A 432 14.55 -57.47 -83.36
N ILE A 433 13.24 -57.66 -83.15
CA ILE A 433 12.57 -58.87 -83.61
C ILE A 433 12.57 -58.94 -85.14
N VAL A 434 12.37 -57.78 -85.80
CA VAL A 434 12.35 -57.73 -87.26
C VAL A 434 13.70 -58.12 -87.84
N GLN A 435 14.79 -57.58 -87.28
CA GLN A 435 16.12 -57.90 -87.82
C GLN A 435 16.52 -59.33 -87.48
N GLN A 436 16.08 -59.86 -86.34
CA GLN A 436 16.33 -61.27 -86.04
C GLN A 436 15.62 -62.17 -87.03
N LEU A 437 14.37 -61.85 -87.38
CA LEU A 437 13.65 -62.63 -88.38
C LEU A 437 14.28 -62.49 -89.76
N ILE A 438 14.79 -61.30 -90.08
CA ILE A 438 15.47 -61.07 -91.37
C ILE A 438 16.74 -61.92 -91.46
N LEU A 439 17.53 -61.96 -90.38
CA LEU A 439 18.76 -62.76 -90.38
C LEU A 439 18.50 -64.26 -90.47
N SER A 440 17.28 -64.71 -90.19
CA SER A 440 16.96 -66.13 -90.32
C SER A 440 16.88 -66.58 -91.77
N GLY A 441 16.69 -65.66 -92.71
CA GLY A 441 16.61 -66.00 -94.11
C GLY A 441 17.15 -64.93 -95.04
N ALA A 500 5.20 -56.50 -98.09
CA ALA A 500 4.58 -56.44 -96.77
C ALA A 500 4.95 -57.67 -95.94
N MET A 501 5.24 -57.44 -94.66
CA MET A 501 5.62 -58.50 -93.74
C MET A 501 4.59 -58.62 -92.62
N GLU A 502 4.10 -59.84 -92.39
CA GLU A 502 3.14 -60.13 -91.34
C GLU A 502 3.85 -60.93 -90.26
N VAL A 503 3.85 -60.42 -89.03
CA VAL A 503 4.54 -61.04 -87.91
C VAL A 503 3.56 -61.18 -86.75
N SER A 504 3.49 -62.37 -86.16
CA SER A 504 2.66 -62.64 -85.00
C SER A 504 3.50 -63.32 -83.94
N LEU A 505 3.26 -62.98 -82.67
CA LEU A 505 4.06 -63.51 -81.57
C LEU A 505 3.16 -64.07 -80.48
N ASP A 506 3.58 -65.19 -79.89
CA ASP A 506 2.84 -65.80 -78.80
C ASP A 506 3.81 -66.22 -77.71
N ILE A 507 3.57 -65.75 -76.50
CA ILE A 507 4.46 -66.05 -75.37
C ILE A 507 4.08 -67.41 -74.80
N THR A 508 5.07 -68.29 -74.68
CA THR A 508 4.85 -69.64 -74.17
C THR A 508 5.47 -69.89 -72.81
N ALA A 509 6.39 -69.04 -72.35
CA ALA A 509 7.01 -69.20 -71.04
C ALA A 509 7.44 -67.82 -70.53
N LEU A 510 7.32 -67.62 -69.22
CA LEU A 510 7.64 -66.35 -68.60
C LEU A 510 8.64 -66.54 -67.46
N SER A 511 9.52 -65.55 -67.30
CA SER A 511 10.53 -65.56 -66.26
C SER A 511 11.03 -64.13 -66.05
N ILE A 512 11.29 -63.78 -64.80
CA ILE A 512 11.83 -62.47 -64.44
C ILE A 512 13.21 -62.69 -63.84
N LEU A 513 14.23 -62.11 -64.47
CA LEU A 513 15.61 -62.38 -64.13
C LEU A 513 16.24 -61.16 -63.46
N GLN A 514 17.09 -61.42 -62.47
CA GLN A 514 17.81 -60.36 -61.75
C GLN A 514 19.14 -60.91 -61.26
N GLN A 515 20.06 -60.00 -60.93
CA GLN A 515 21.37 -60.35 -60.42
C GLN A 515 21.30 -60.75 -58.95
N PRO A 563 22.15 -53.03 -61.70
CA PRO A 563 21.52 -54.27 -62.16
C PRO A 563 19.99 -54.24 -62.06
N PHE A 564 19.35 -53.52 -62.98
CA PHE A 564 17.90 -53.44 -62.99
C PHE A 564 17.27 -54.79 -63.30
N PRO A 565 16.13 -55.12 -62.67
CA PRO A 565 15.46 -56.38 -62.99
C PRO A 565 14.96 -56.40 -64.43
N CYS A 566 14.94 -57.59 -65.01
CA CYS A 566 14.52 -57.76 -66.40
C CYS A 566 13.52 -58.90 -66.51
N LEU A 567 12.60 -58.75 -67.46
CA LEU A 567 11.58 -59.74 -67.76
C LEU A 567 12.02 -60.52 -69.00
N LEU A 568 12.18 -61.83 -68.86
CA LEU A 568 12.56 -62.67 -69.99
C LEU A 568 11.37 -63.52 -70.40
N ALA A 569 10.81 -63.22 -71.56
CA ALA A 569 9.65 -63.92 -72.09
C ALA A 569 10.08 -64.79 -73.26
N GLY A 570 9.70 -66.07 -73.21
CA GLY A 570 9.97 -66.98 -74.29
C GLY A 570 8.87 -66.92 -75.33
N GLY A 571 9.10 -66.28 -76.46
CA GLY A 571 8.07 -66.05 -77.45
C GLY A 571 8.32 -66.84 -78.72
N LEU A 572 7.23 -67.16 -79.42
CA LEU A 572 7.27 -67.89 -80.68
C LEU A 572 6.72 -66.96 -81.75
N LEU A 573 7.54 -66.69 -82.77
CA LEU A 573 7.18 -65.82 -83.87
C LEU A 573 6.72 -66.65 -85.06
N THR A 574 5.56 -66.31 -85.61
CA THR A 574 5.02 -66.93 -86.81
C THR A 574 4.92 -65.84 -87.87
N TYR A 575 5.54 -66.09 -89.02
CA TYR A 575 5.57 -65.07 -90.06
C TYR A 575 5.46 -65.70 -91.44
N LYS A 576 4.92 -64.93 -92.39
CA LYS A 576 4.75 -65.41 -93.75
C LYS A 576 6.01 -65.07 -94.55
N SER A 577 6.63 -66.08 -95.13
CA SER A 577 7.84 -65.89 -95.92
C SER A 577 7.71 -66.62 -97.25
N PRO A 578 8.31 -66.08 -98.31
CA PRO A 578 8.28 -66.78 -99.60
C PRO A 578 9.03 -68.11 -99.53
N ALA A 579 8.55 -69.07 -100.31
CA ALA A 579 9.12 -70.42 -100.32
C ALA A 579 10.33 -70.47 -101.27
N THR A 580 11.48 -70.87 -100.74
CA THR A 580 12.70 -70.97 -101.53
C THR A 580 13.31 -72.36 -101.38
N PRO A 621 3.27 -68.98 -103.03
CA PRO A 621 2.45 -68.79 -101.83
C PRO A 621 3.29 -68.65 -100.57
N LEU A 622 2.87 -67.75 -99.67
CA LEU A 622 3.58 -67.54 -98.43
C LEU A 622 3.48 -68.76 -97.52
N VAL A 623 4.60 -69.10 -96.89
CA VAL A 623 4.71 -70.21 -95.95
C VAL A 623 4.89 -69.65 -94.55
N ARG A 624 4.10 -70.17 -93.61
CA ARG A 624 4.17 -69.72 -92.22
C ARG A 624 5.35 -70.39 -91.51
N ARG A 625 6.29 -69.59 -91.03
CA ARG A 625 7.49 -70.07 -90.37
C ARG A 625 7.42 -69.70 -88.89
N THR A 626 7.76 -70.67 -88.03
CA THR A 626 7.77 -70.50 -86.58
C THR A 626 9.21 -70.50 -86.06
N LEU A 627 9.54 -69.50 -85.25
CA LEU A 627 10.86 -69.34 -84.66
C LEU A 627 10.76 -68.89 -83.20
N PRO A 628 11.32 -69.64 -82.25
CA PRO A 628 11.30 -69.20 -80.85
C PRO A 628 12.51 -68.34 -80.49
N VAL A 629 12.24 -67.25 -79.79
CA VAL A 629 13.25 -66.30 -79.34
C VAL A 629 13.01 -65.94 -77.88
N LEU A 630 14.06 -65.44 -77.24
CA LEU A 630 13.99 -64.94 -75.88
C LEU A 630 13.99 -63.42 -75.91
N LEU A 631 12.97 -62.80 -75.30
CA LEU A 631 12.84 -61.36 -75.26
C LEU A 631 13.08 -60.85 -73.85
N LEU A 632 14.07 -60.00 -73.68
CA LEU A 632 14.46 -59.46 -72.39
C LEU A 632 14.10 -57.98 -72.36
N TYR A 633 13.22 -57.61 -71.41
CA TYR A 633 12.68 -56.26 -71.27
C TYR A 633 13.12 -55.68 -69.94
N SER A 634 13.22 -54.35 -69.90
CA SER A 634 13.50 -53.65 -68.65
C SER A 634 12.25 -53.60 -67.77
N ILE A 635 12.46 -53.59 -66.46
CA ILE A 635 11.36 -53.64 -65.51
C ILE A 635 11.35 -52.37 -64.66
N LYS A 636 12.49 -52.10 -64.01
CA LYS A 636 12.57 -50.98 -63.08
C LYS A 636 12.47 -49.64 -63.82
N GLU A 637 11.60 -48.76 -63.33
CA GLU A 637 11.39 -47.46 -63.93
C GLU A 637 12.56 -46.53 -63.60
N SER A 638 12.75 -45.53 -64.46
CA SER A 638 13.82 -44.56 -64.30
C SER A 638 13.63 -43.74 -63.03
N ASP A 639 14.74 -43.44 -62.35
CA ASP A 639 14.71 -42.69 -61.10
C ASP A 639 14.69 -41.19 -61.38
N VAL A 709 21.33 -43.54 -70.93
CA VAL A 709 20.10 -43.81 -71.66
C VAL A 709 19.60 -45.21 -71.30
N PHE A 710 19.07 -45.33 -70.09
CA PHE A 710 18.54 -46.62 -69.63
C PHE A 710 17.24 -46.94 -70.36
N PRO A 711 17.07 -48.17 -70.85
CA PRO A 711 15.84 -48.53 -71.56
C PRO A 711 14.58 -48.41 -70.70
N LYS A 712 13.50 -47.97 -71.33
CA LYS A 712 12.23 -47.79 -70.65
C LYS A 712 11.57 -49.14 -70.38
N PRO A 713 10.74 -49.24 -69.35
CA PRO A 713 9.95 -50.47 -69.15
C PRO A 713 9.02 -50.72 -70.32
N GLY A 714 8.85 -51.98 -70.66
CA GLY A 714 8.06 -52.37 -71.82
C GLY A 714 8.77 -52.27 -73.15
N THR A 715 10.03 -51.81 -73.15
CA THR A 715 10.84 -51.72 -74.34
C THR A 715 11.89 -52.81 -74.30
N LEU A 716 12.12 -53.46 -75.43
CA LEU A 716 13.04 -54.59 -75.48
C LEU A 716 14.46 -54.15 -75.19
N VAL A 717 15.16 -54.94 -74.36
CA VAL A 717 16.56 -54.71 -74.05
C VAL A 717 17.45 -55.66 -74.82
N GLN A 718 17.09 -56.95 -74.86
CA GLN A 718 17.87 -57.93 -75.60
C GLN A 718 16.94 -58.91 -76.29
N CYS A 719 17.29 -59.31 -77.51
CA CYS A 719 16.50 -60.29 -78.27
C CYS A 719 17.41 -61.47 -78.57
N LEU A 720 17.50 -62.41 -77.62
CA LEU A 720 18.31 -63.59 -77.86
C LEU A 720 17.63 -64.48 -78.89
N ARG A 721 18.44 -65.06 -79.76
CA ARG A 721 17.97 -65.94 -80.82
C ARG A 721 18.38 -67.38 -80.50
N LEU A 722 17.40 -68.27 -80.46
CA LEU A 722 17.70 -69.67 -80.26
C LEU A 722 18.38 -70.23 -81.51
N PRO A 723 19.24 -71.25 -81.36
CA PRO A 723 19.92 -71.82 -82.53
C PRO A 723 19.00 -72.47 -83.56
N LYS A 724 19.59 -72.95 -84.65
CA LYS A 724 18.84 -73.33 -85.84
C LYS A 724 17.94 -74.55 -85.63
N PHE A 725 18.32 -75.46 -84.70
CA PHE A 725 17.51 -76.66 -84.51
C PHE A 725 16.13 -76.35 -83.94
N ALA A 726 15.97 -75.18 -83.33
CA ALA A 726 14.67 -74.77 -82.84
C ALA A 726 13.74 -74.39 -83.99
N GLU A 727 14.26 -73.66 -84.98
CA GLU A 727 13.41 -73.26 -86.10
C GLU A 727 13.19 -74.38 -87.11
N GLU A 728 14.20 -75.24 -87.36
CA GLU A 728 14.03 -76.29 -88.37
C GLU A 728 12.97 -77.31 -87.94
N GLU A 729 12.92 -77.64 -86.65
CA GLU A 729 11.93 -78.58 -86.14
C GLU A 729 10.68 -77.89 -85.62
N ASN A 730 10.57 -76.57 -85.80
CA ASN A 730 9.43 -75.76 -85.35
C ASN A 730 9.17 -75.90 -83.85
N LEU A 731 10.24 -75.90 -83.07
CA LEU A 731 10.11 -76.00 -81.62
C LEU A 731 9.61 -74.70 -81.01
N CYS A 732 9.02 -74.84 -79.82
CA CYS A 732 8.55 -73.71 -79.03
C CYS A 732 9.13 -73.84 -77.63
N ILE A 733 9.40 -72.69 -77.00
CA ILE A 733 10.03 -72.68 -75.69
C ILE A 733 9.05 -73.24 -74.66
N ASP A 734 9.38 -74.41 -74.11
CA ASP A 734 8.52 -75.05 -73.12
C ASP A 734 8.71 -74.45 -71.74
N SER A 735 9.93 -74.51 -71.22
CA SER A 735 10.18 -74.01 -69.88
C SER A 735 11.49 -73.25 -69.83
N ILE A 736 11.53 -72.24 -68.96
CA ILE A 736 12.74 -71.46 -68.68
C ILE A 736 13.02 -71.60 -67.20
N THR A 737 14.22 -72.08 -66.85
CA THR A 737 14.56 -72.28 -65.45
C THR A 737 16.01 -71.88 -65.19
N PRO A 738 16.26 -70.84 -64.40
CA PRO A 738 17.65 -70.51 -64.04
C PRO A 738 18.25 -71.63 -63.20
N CYS A 739 19.55 -71.84 -63.37
CA CYS A 739 20.23 -72.84 -62.58
C CYS A 739 20.49 -72.32 -61.17
N ALA A 740 20.70 -73.26 -60.24
CA ALA A 740 20.98 -72.91 -58.86
C ALA A 740 22.32 -72.19 -58.68
N ASP A 741 23.23 -72.31 -59.66
CA ASP A 741 24.51 -71.62 -59.59
C ASP A 741 24.36 -70.11 -59.71
N GLY A 742 23.38 -69.66 -60.51
CA GLY A 742 23.21 -68.25 -60.79
C GLY A 742 24.00 -67.74 -61.98
N ILE A 743 24.84 -68.57 -62.57
CA ILE A 743 25.62 -68.19 -63.75
C ILE A 743 25.15 -68.93 -65.00
N HIS A 744 24.36 -69.98 -64.86
CA HIS A 744 23.88 -70.75 -65.99
C HIS A 744 22.36 -70.72 -66.06
N LEU A 745 21.83 -70.84 -67.27
CA LEU A 745 20.38 -70.85 -67.50
C LEU A 745 20.01 -72.10 -68.28
N LEU A 746 18.91 -72.75 -67.91
CA LEU A 746 18.44 -73.94 -68.63
C LEU A 746 17.13 -73.62 -69.34
N VAL A 747 17.04 -73.99 -70.60
CA VAL A 747 15.84 -73.81 -71.41
C VAL A 747 15.43 -75.17 -71.95
N GLY A 748 14.18 -75.56 -71.68
CA GLY A 748 13.63 -76.79 -72.21
C GLY A 748 12.71 -76.46 -73.37
N LEU A 749 12.92 -77.17 -74.48
CA LEU A 749 12.19 -76.99 -75.72
C LEU A 749 11.41 -78.25 -76.08
N ARG A 750 10.32 -78.06 -76.83
CA ARG A 750 9.44 -79.14 -77.23
C ARG A 750 8.84 -78.80 -78.60
N THR A 751 8.33 -79.82 -79.28
CA THR A 751 7.74 -79.64 -80.60
C THR A 751 6.40 -78.90 -80.53
N CYS A 752 6.34 -77.73 -81.14
CA CYS A 752 5.13 -76.92 -81.14
C CYS A 752 4.07 -77.52 -82.06
N PRO A 753 2.84 -77.74 -81.58
CA PRO A 753 1.79 -78.26 -82.47
C PRO A 753 1.45 -77.27 -83.57
N VAL A 754 1.05 -77.79 -84.72
CA VAL A 754 0.76 -77.01 -85.92
C VAL A 754 -0.74 -76.80 -86.04
N GLU A 755 -1.16 -75.54 -86.18
CA GLU A 755 -2.57 -75.23 -86.36
C GLU A 755 -3.07 -75.64 -87.74
N ARG A 818 8.79 -87.35 -90.65
CA ARG A 818 9.63 -86.51 -89.79
C ARG A 818 10.09 -87.25 -88.53
N ASN A 819 11.17 -86.77 -87.94
CA ASN A 819 11.71 -87.33 -86.70
C ASN A 819 11.30 -86.37 -85.58
N VAL A 820 10.31 -86.76 -84.80
CA VAL A 820 9.80 -85.91 -83.72
C VAL A 820 10.74 -86.06 -82.53
N SER A 821 11.46 -84.98 -82.22
CA SER A 821 12.37 -84.98 -81.08
C SER A 821 11.59 -84.87 -79.77
N GLY A 822 12.24 -85.28 -78.69
CA GLY A 822 11.66 -85.17 -77.38
C GLY A 822 11.89 -83.84 -76.70
N GLY A 823 12.47 -82.88 -77.41
CA GLY A 823 12.75 -81.58 -76.85
C GLY A 823 14.25 -81.32 -76.82
N TYR A 824 14.61 -80.13 -76.36
CA TYR A 824 16.00 -79.75 -76.26
C TYR A 824 16.30 -79.15 -74.89
N LEU A 825 17.52 -79.38 -74.41
CA LEU A 825 18.00 -78.81 -73.16
C LEU A 825 19.17 -77.89 -73.50
N VAL A 826 18.97 -76.58 -73.34
CA VAL A 826 19.96 -75.59 -73.72
C VAL A 826 20.47 -74.90 -72.45
N LEU A 827 21.78 -75.02 -72.21
CA LEU A 827 22.44 -74.37 -71.08
C LEU A 827 23.18 -73.13 -71.60
N TYR A 828 22.59 -71.97 -71.31
CA TYR A 828 23.08 -70.63 -71.62
C TYR A 828 23.90 -70.07 -70.44
N LYS A 829 24.47 -68.87 -70.63
CA LYS A 829 25.35 -68.22 -69.65
C LYS A 829 24.81 -66.86 -69.24
N MET A 830 24.76 -66.64 -67.92
CA MET A 830 24.36 -65.35 -67.38
C MET A 830 25.42 -64.31 -67.73
N ASN A 831 24.98 -63.15 -68.22
CA ASN A 831 25.88 -62.08 -68.66
C ASN A 831 25.84 -60.88 -67.71
N TYR A 832 26.96 -60.64 -67.01
CA TYR A 832 27.13 -59.47 -66.14
C TYR A 832 28.12 -58.47 -66.72
N ALA A 833 28.32 -58.46 -68.05
CA ALA A 833 29.32 -57.56 -68.64
C ALA A 833 28.95 -56.09 -68.45
N THR A 834 27.70 -55.73 -68.68
CA THR A 834 27.23 -54.37 -68.50
C THR A 834 26.41 -54.26 -67.22
N ARG A 835 25.87 -53.08 -66.97
CA ARG A 835 25.04 -52.84 -65.80
C ARG A 835 23.62 -53.35 -65.93
N ILE A 836 23.24 -53.86 -67.10
CA ILE A 836 21.90 -54.38 -67.33
C ILE A 836 22.01 -55.89 -67.51
N VAL A 837 21.10 -56.62 -66.87
CA VAL A 837 21.11 -58.09 -66.92
C VAL A 837 20.80 -58.50 -68.35
N THR A 838 21.81 -59.03 -69.05
CA THR A 838 21.66 -59.46 -70.44
C THR A 838 21.96 -60.97 -70.48
N LEU A 839 21.94 -61.56 -71.67
CA LEU A 839 22.22 -62.97 -71.87
C LEU A 839 23.26 -63.12 -72.98
N GLU A 840 23.96 -64.24 -72.98
CA GLU A 840 24.97 -64.54 -73.99
C GLU A 840 24.40 -65.41 -75.10
N GLU A 841 24.72 -65.06 -76.34
CA GLU A 841 24.19 -65.74 -77.51
C GLU A 841 24.66 -67.20 -77.60
N GLU A 842 25.93 -67.46 -77.31
CA GLU A 842 26.47 -68.81 -77.45
C GLU A 842 26.04 -69.72 -76.30
N PRO A 843 25.32 -70.81 -76.58
CA PRO A 843 24.97 -71.76 -75.52
C PRO A 843 26.12 -72.68 -75.13
N ILE A 844 26.28 -72.88 -73.82
CA ILE A 844 27.34 -73.78 -73.35
C ILE A 844 27.02 -75.21 -73.71
N LYS A 845 25.78 -75.63 -73.47
CA LYS A 845 25.44 -77.02 -73.69
C LYS A 845 24.15 -77.15 -74.51
N ILE A 846 24.17 -78.09 -75.44
CA ILE A 846 23.03 -78.42 -76.27
C ILE A 846 22.78 -79.91 -76.08
N GLN A 847 21.58 -80.27 -75.62
CA GLN A 847 21.19 -81.65 -75.39
C GLN A 847 19.96 -81.98 -76.21
N HIS A 848 19.99 -83.15 -76.85
CA HIS A 848 18.93 -83.64 -77.71
C HIS A 848 18.29 -84.87 -77.07
N ILE A 849 16.98 -84.88 -77.00
CA ILE A 849 16.19 -86.02 -76.52
C ILE A 849 15.77 -86.79 -77.75
N LYS A 850 16.51 -87.86 -78.08
CA LYS A 850 16.23 -88.64 -79.28
C LYS A 850 14.88 -89.34 -79.22
N ASP A 851 14.51 -89.85 -78.06
CA ASP A 851 13.26 -90.61 -77.94
C ASP A 851 12.07 -89.67 -77.98
N PRO A 852 11.14 -89.83 -78.94
CA PRO A 852 9.92 -89.01 -78.92
C PRO A 852 9.07 -89.22 -77.68
N GLN A 853 9.04 -90.43 -77.13
CA GLN A 853 8.27 -90.73 -75.93
C GLN A 853 8.82 -90.05 -74.68
N ASP A 854 10.04 -89.52 -74.75
CA ASP A 854 10.67 -88.84 -73.64
C ASP A 854 10.50 -87.31 -73.71
N THR A 855 9.38 -86.84 -74.23
CA THR A 855 9.12 -85.40 -74.30
C THR A 855 8.97 -84.82 -72.90
N ILE A 856 9.67 -83.72 -72.65
CA ILE A 856 9.74 -83.13 -71.32
C ILE A 856 8.45 -82.37 -71.02
N THR A 857 7.86 -82.66 -69.86
CA THR A 857 6.66 -81.98 -69.37
C THR A 857 6.91 -81.16 -68.12
N SER A 858 7.69 -81.66 -67.18
CA SER A 858 8.02 -80.93 -65.96
C SER A 858 9.42 -81.30 -65.48
N LEU A 859 10.05 -80.36 -64.79
CA LEU A 859 11.41 -80.52 -64.29
C LEU A 859 11.56 -79.87 -62.92
N ILE A 860 12.45 -80.44 -62.11
CA ILE A 860 12.82 -79.90 -60.81
C ILE A 860 14.31 -80.11 -60.56
N LEU A 861 14.97 -79.08 -60.01
CA LEU A 861 16.40 -79.15 -59.73
C LEU A 861 16.63 -79.50 -58.27
N LEU A 862 17.49 -80.49 -58.04
CA LEU A 862 17.85 -80.93 -56.71
C LEU A 862 19.16 -80.26 -56.30
N PRO A 863 19.21 -79.55 -55.17
CA PRO A 863 20.49 -79.00 -54.70
C PRO A 863 21.49 -80.11 -54.43
N PRO A 864 22.77 -79.89 -54.75
CA PRO A 864 23.78 -80.95 -54.55
C PRO A 864 24.01 -81.33 -53.10
N ASP A 865 23.70 -80.44 -52.14
CA ASP A 865 23.98 -80.71 -50.74
C ASP A 865 23.13 -81.86 -50.19
N ILE A 866 22.01 -82.16 -50.86
CA ILE A 866 21.17 -83.29 -50.48
C ILE A 866 21.97 -84.58 -50.62
N LEU A 867 22.81 -84.66 -51.66
CA LEU A 867 23.63 -85.84 -51.85
C LEU A 867 24.88 -85.83 -50.98
N ASP A 868 25.10 -84.77 -50.20
CA ASP A 868 26.27 -84.68 -49.33
C ASP A 868 26.04 -85.33 -47.97
N ASN A 869 24.83 -85.82 -47.70
CA ASN A 869 24.53 -86.48 -46.42
C ASN A 869 25.21 -87.83 -46.33
N ILE A 897 34.86 -79.00 -64.38
CA ILE A 897 33.53 -78.41 -64.34
C ILE A 897 32.87 -78.66 -62.98
N SER A 898 32.48 -77.59 -62.31
CA SER A 898 31.79 -77.71 -61.03
C SER A 898 30.41 -78.32 -61.26
N THR A 899 30.02 -79.21 -60.36
CA THR A 899 28.72 -79.87 -60.50
C THR A 899 27.60 -78.85 -60.37
N LEU A 900 26.63 -78.94 -61.27
CA LEU A 900 25.50 -78.01 -61.30
C LEU A 900 24.24 -78.61 -60.70
N GLY A 901 24.36 -79.63 -59.85
CA GLY A 901 23.19 -80.28 -59.31
C GLY A 901 22.63 -81.29 -60.29
N HIS A 902 21.49 -81.84 -59.92
CA HIS A 902 20.81 -82.85 -60.72
C HIS A 902 19.39 -82.40 -61.05
N LEU A 903 18.90 -82.82 -62.20
CA LEU A 903 17.59 -82.46 -62.69
C LEU A 903 16.72 -83.70 -62.82
N VAL A 904 15.50 -83.62 -62.31
CA VAL A 904 14.50 -84.67 -62.41
C VAL A 904 13.42 -84.20 -63.37
N ILE A 905 13.20 -84.97 -64.44
CA ILE A 905 12.26 -84.59 -65.49
C ILE A 905 11.28 -85.73 -65.71
N THR A 906 10.03 -85.35 -65.96
CA THR A 906 8.98 -86.32 -66.30
C THR A 906 8.82 -86.35 -67.81
N THR A 907 8.83 -87.55 -68.38
CA THR A 907 8.72 -87.73 -69.81
C THR A 907 7.26 -87.84 -70.24
N GLN A 908 7.05 -87.80 -71.56
CA GLN A 908 5.70 -87.98 -72.10
C GLN A 908 5.17 -89.38 -71.82
N GLY A 909 6.07 -90.38 -71.84
CA GLY A 909 5.72 -91.75 -71.57
C GLY A 909 5.69 -92.13 -70.10
N GLY A 910 5.87 -91.15 -69.22
CA GLY A 910 5.83 -91.39 -67.80
C GLY A 910 7.14 -91.74 -67.14
N TYR A 911 8.22 -91.91 -67.90
CA TYR A 911 9.51 -92.21 -67.31
C TYR A 911 10.03 -91.00 -66.54
N VAL A 912 10.66 -91.26 -65.41
CA VAL A 912 11.26 -90.23 -64.58
C VAL A 912 12.77 -90.33 -64.78
N LYS A 913 13.39 -89.24 -65.22
CA LYS A 913 14.81 -89.23 -65.51
C LYS A 913 15.51 -88.28 -64.57
N ILE A 914 16.59 -88.75 -63.94
CA ILE A 914 17.45 -87.91 -63.12
C ILE A 914 18.81 -87.84 -63.79
N LEU A 915 19.23 -86.63 -64.14
CA LEU A 915 20.42 -86.40 -64.94
C LEU A 915 21.27 -85.34 -64.29
N ASP A 916 22.60 -85.48 -64.37
CA ASP A 916 23.47 -84.42 -63.91
C ASP A 916 23.30 -83.21 -64.82
N LEU A 917 23.17 -82.03 -64.21
CA LEU A 917 22.93 -80.83 -65.01
C LEU A 917 24.16 -80.44 -65.83
N SER A 918 25.35 -80.88 -65.42
CA SER A 918 26.58 -80.52 -66.11
C SER A 918 26.62 -81.11 -67.52
N ASN A 919 26.20 -82.37 -67.68
CA ASN A 919 26.33 -83.04 -68.96
C ASN A 919 25.05 -83.68 -69.49
N PHE A 920 23.95 -83.64 -68.74
CA PHE A 920 22.65 -84.21 -69.13
C PHE A 920 22.76 -85.68 -69.51
N GLU A 921 23.50 -86.44 -68.71
CA GLU A 921 23.64 -87.87 -68.91
C GLU A 921 22.64 -88.60 -68.02
N ILE A 922 22.02 -89.64 -68.55
CA ILE A 922 20.97 -90.35 -67.83
C ILE A 922 21.61 -91.16 -66.71
N LEU A 923 21.54 -90.63 -65.49
CA LEU A 923 22.12 -91.31 -64.33
C LEU A 923 21.10 -92.21 -63.64
N ALA A 924 19.87 -91.75 -63.46
CA ALA A 924 18.84 -92.55 -62.82
C ALA A 924 17.62 -92.60 -63.72
N LYS A 925 17.04 -93.79 -63.83
CA LYS A 925 15.86 -94.04 -64.64
C LYS A 925 14.81 -94.73 -63.79
N VAL A 926 13.59 -94.21 -63.79
CA VAL A 926 12.48 -94.80 -63.08
C VAL A 926 11.34 -94.98 -64.05
N GLU A 927 10.97 -96.22 -64.33
CA GLU A 927 9.86 -96.47 -65.23
C GLU A 927 8.53 -96.16 -64.53
N PRO A 928 7.51 -95.71 -65.28
CA PRO A 928 6.22 -95.44 -64.65
C PRO A 928 5.60 -96.72 -64.12
N PRO A 929 4.82 -96.64 -63.06
CA PRO A 929 4.18 -97.84 -62.50
C PRO A 929 3.02 -98.31 -63.35
N LYS A 930 2.58 -99.53 -63.07
CA LYS A 930 1.44 -100.13 -63.76
C LYS A 930 0.16 -99.74 -63.03
N LYS A 931 -0.85 -99.33 -63.79
CA LYS A 931 -2.15 -99.03 -63.22
C LYS A 931 -2.73 -100.30 -62.60
N GLU A 932 -3.34 -100.16 -61.42
CA GLU A 932 -3.83 -101.33 -60.68
C GLU A 932 -4.90 -102.06 -61.49
N GLY A 933 -4.76 -103.38 -61.57
CA GLY A 933 -5.70 -104.21 -62.29
C GLY A 933 -5.45 -104.35 -63.79
N THR A 934 -4.37 -103.76 -64.31
CA THR A 934 -4.09 -103.82 -65.74
C THR A 934 -2.60 -103.60 -65.97
N GLU A 935 -2.18 -103.72 -67.22
CA GLU A 935 -0.80 -103.48 -67.63
C GLU A 935 -0.58 -102.08 -68.21
N GLU A 936 -1.60 -101.22 -68.20
CA GLU A 936 -1.46 -99.88 -68.75
C GLU A 936 -0.49 -99.04 -67.93
N GLN A 937 0.26 -98.18 -68.62
CA GLN A 937 1.23 -97.34 -67.94
C GLN A 937 0.51 -96.24 -67.17
N ASP A 938 0.80 -96.16 -65.87
CA ASP A 938 0.37 -95.02 -65.05
C ASP A 938 1.42 -93.93 -65.20
N THR A 939 1.35 -93.24 -66.35
CA THR A 939 2.41 -92.31 -66.74
C THR A 939 2.53 -91.14 -65.77
N PHE A 940 3.75 -90.90 -65.30
CA PHE A 940 4.01 -89.76 -64.45
C PHE A 940 3.87 -88.47 -65.26
N VAL A 941 3.19 -87.48 -64.68
CA VAL A 941 2.91 -86.26 -65.41
C VAL A 941 3.81 -85.13 -64.93
N SER A 942 3.73 -84.80 -63.63
CA SER A 942 4.53 -83.73 -63.04
C SER A 942 5.21 -84.24 -61.76
N VAL A 943 6.39 -83.69 -61.47
CA VAL A 943 7.21 -84.11 -60.35
C VAL A 943 7.56 -82.90 -59.48
N ILE A 944 7.46 -83.07 -58.17
CA ILE A 944 7.84 -82.08 -57.17
C ILE A 944 8.71 -82.78 -56.13
N TYR A 945 9.33 -82.00 -55.26
CA TYR A 945 10.17 -82.53 -54.20
C TYR A 945 9.51 -82.36 -52.85
N CYS A 946 9.38 -83.47 -52.10
CA CYS A 946 8.83 -83.44 -50.74
C CYS A 946 9.98 -83.55 -49.76
N SER A 947 10.27 -82.43 -49.08
CA SER A 947 11.34 -82.39 -48.08
C SER A 947 10.98 -83.16 -46.81
N GLY A 948 9.67 -83.24 -46.48
CA GLY A 948 9.26 -83.94 -45.28
C GLY A 948 9.56 -85.43 -45.34
N THR A 949 9.45 -86.02 -46.52
CA THR A 949 9.74 -87.42 -46.74
C THR A 949 11.11 -87.62 -47.38
N ASP A 950 11.79 -86.52 -47.75
CA ASP A 950 13.07 -86.52 -48.46
C ASP A 950 12.98 -87.27 -49.78
N ARG A 951 11.83 -87.18 -50.45
CA ARG A 951 11.59 -87.97 -51.65
C ARG A 951 11.09 -87.10 -52.79
N LEU A 952 11.13 -87.68 -53.99
CA LEU A 952 10.57 -87.06 -55.18
C LEU A 952 9.12 -87.54 -55.28
N CYS A 953 8.19 -86.60 -55.15
CA CYS A 953 6.76 -86.89 -55.21
C CYS A 953 6.28 -86.61 -56.63
N ALA A 954 5.83 -87.64 -57.33
CA ALA A 954 5.38 -87.49 -58.71
C ALA A 954 3.95 -88.00 -58.86
N CYS A 955 3.18 -87.30 -59.69
CA CYS A 955 1.78 -87.64 -59.92
C CYS A 955 1.63 -88.46 -61.19
N THR A 956 0.75 -89.44 -61.13
CA THR A 956 0.50 -90.34 -62.25
C THR A 956 -0.69 -89.85 -63.08
N LYS A 957 -0.88 -90.52 -64.22
CA LYS A 957 -2.04 -90.21 -65.07
C LYS A 957 -3.34 -90.56 -64.37
N GLY A 958 -3.35 -91.65 -63.61
CA GLY A 958 -4.54 -92.09 -62.91
C GLY A 958 -4.81 -91.41 -61.60
N GLY A 959 -4.10 -90.33 -61.30
CA GLY A 959 -4.30 -89.60 -60.05
C GLY A 959 -3.56 -90.15 -58.85
N GLU A 960 -2.71 -91.15 -59.02
CA GLU A 960 -1.95 -91.66 -57.88
C GLU A 960 -0.70 -90.80 -57.66
N LEU A 961 -0.21 -90.82 -56.42
CA LEU A 961 1.00 -90.09 -56.05
C LEU A 961 2.04 -91.09 -55.56
N HIS A 962 3.24 -91.01 -56.12
CA HIS A 962 4.32 -91.92 -55.79
C HIS A 962 5.51 -91.13 -55.28
N PHE A 963 6.30 -91.77 -54.42
CA PHE A 963 7.49 -91.16 -53.84
C PHE A 963 8.70 -91.99 -54.20
N LEU A 964 9.79 -91.32 -54.58
CA LEU A 964 11.04 -91.96 -54.94
C LEU A 964 12.13 -91.50 -53.98
N GLN A 965 12.82 -92.45 -53.36
CA GLN A 965 13.84 -92.16 -52.37
C GLN A 965 15.21 -92.17 -53.02
N ILE A 966 16.02 -91.15 -52.71
CA ILE A 966 17.36 -91.01 -53.26
C ILE A 966 18.36 -91.20 -52.12
N GLY A 967 19.32 -92.09 -52.33
CA GLY A 967 20.34 -92.37 -51.33
C GLY A 967 20.11 -93.72 -50.67
N GLY A 968 21.21 -94.45 -50.49
CA GLY A 968 21.14 -95.77 -49.86
C GLY A 968 22.35 -96.63 -50.16
N ILE A 1006 34.13 -97.18 -30.55
CA ILE A 1006 34.71 -96.26 -31.52
C ILE A 1006 36.22 -96.42 -31.52
N SER A 1007 36.81 -96.59 -32.71
CA SER A 1007 38.24 -96.76 -32.84
C SER A 1007 38.76 -95.94 -34.01
N GLY A 1008 40.07 -95.67 -33.98
CA GLY A 1008 40.73 -94.90 -35.01
C GLY A 1008 40.52 -93.41 -34.91
N VAL A 1009 40.28 -92.89 -33.71
CA VAL A 1009 40.08 -91.47 -33.48
C VAL A 1009 41.06 -90.99 -32.42
N ASP A 1010 41.44 -89.72 -32.51
CA ASP A 1010 42.36 -89.12 -31.56
C ASP A 1010 41.52 -88.49 -30.45
N LEU A 1011 41.52 -89.12 -29.28
CA LEU A 1011 40.71 -88.68 -28.17
C LEU A 1011 41.25 -87.39 -27.55
N LEU A 1012 40.45 -86.82 -26.64
CA LEU A 1012 40.81 -85.60 -25.93
C LEU A 1012 41.09 -85.88 -24.46
N VAL A 1013 41.57 -87.09 -24.15
CA VAL A 1013 41.80 -87.52 -22.77
C VAL A 1013 43.24 -87.94 -22.53
N ASP A 1014 43.85 -88.70 -23.44
CA ASP A 1014 45.16 -89.28 -23.18
C ASP A 1014 46.27 -88.24 -23.10
N GLN A 1015 46.11 -87.09 -23.78
CA GLN A 1015 47.14 -86.08 -23.78
C GLN A 1015 47.28 -85.41 -22.42
N PRO A 1016 48.49 -84.90 -22.07
CA PRO A 1016 48.65 -84.25 -20.76
C PRO A 1016 47.97 -82.90 -20.69
N PHE A 1017 48.03 -82.26 -19.51
CA PHE A 1017 47.28 -81.03 -19.26
C PHE A 1017 48.08 -79.78 -19.61
N THR A 1018 48.56 -79.72 -20.85
CA THR A 1018 49.22 -78.51 -21.33
C THR A 1018 48.19 -77.42 -21.57
N LEU A 1019 48.65 -76.17 -21.52
CA LEU A 1019 47.76 -75.01 -21.59
C LEU A 1019 47.01 -74.95 -22.92
N GLU A 1020 47.68 -75.26 -24.02
CA GLU A 1020 47.07 -75.15 -25.34
C GLU A 1020 45.91 -76.14 -25.52
N ILE A 1021 46.06 -77.38 -25.06
CA ILE A 1021 45.00 -78.37 -25.20
C ILE A 1021 43.82 -78.03 -24.30
N LEU A 1022 44.10 -77.52 -23.09
CA LEU A 1022 43.03 -77.07 -22.22
C LEU A 1022 42.29 -75.89 -22.85
N THR A 1023 43.02 -75.00 -23.52
CA THR A 1023 42.39 -73.88 -24.23
C THR A 1023 41.51 -74.39 -25.36
N SER A 1024 41.96 -75.43 -26.07
CA SER A 1024 41.15 -76.06 -27.11
C SER A 1024 39.88 -76.68 -26.53
N LEU A 1025 40.01 -77.34 -25.38
CA LEU A 1025 38.83 -77.90 -24.70
C LEU A 1025 37.83 -76.82 -24.32
N VAL A 1026 38.34 -75.70 -23.78
CA VAL A 1026 37.48 -74.59 -23.38
C VAL A 1026 36.79 -73.98 -24.61
N GLU A 1027 37.53 -73.84 -25.72
CA GLU A 1027 36.92 -73.36 -26.96
C GLU A 1027 35.86 -74.35 -27.48
N LEU A 1028 36.04 -75.64 -27.20
CA LEU A 1028 34.99 -76.61 -27.53
C LEU A 1028 33.79 -76.50 -26.59
N THR A 1029 34.01 -76.01 -25.36
CA THR A 1029 32.93 -75.87 -24.38
C THR A 1029 31.92 -74.78 -24.75
N ARG A 1030 32.32 -73.80 -25.57
CA ARG A 1030 31.51 -72.61 -25.83
C ARG A 1030 30.23 -72.93 -26.59
N PHE A 1031 29.27 -72.02 -26.48
CA PHE A 1031 27.97 -72.12 -27.12
C PHE A 1031 27.74 -70.91 -28.02
N GLU A 1032 26.88 -71.10 -29.02
CA GLU A 1032 26.53 -70.07 -29.98
C GLU A 1032 25.02 -70.01 -30.13
N THR A 1033 24.51 -68.80 -30.42
CA THR A 1033 23.07 -68.61 -30.60
C THR A 1033 22.64 -69.03 -32.00
N LEU A 1034 21.52 -69.76 -32.07
CA LEU A 1034 21.00 -70.20 -33.35
C LEU A 1034 20.36 -69.03 -34.09
N THR A 1035 20.70 -68.89 -35.38
CA THR A 1035 20.24 -67.82 -36.25
C THR A 1035 20.28 -68.38 -37.67
N PRO A 1036 19.25 -68.18 -38.51
CA PRO A 1036 17.96 -67.50 -38.28
C PRO A 1036 16.96 -68.27 -37.41
N ARG A 1037 15.69 -67.89 -37.52
CA ARG A 1037 14.62 -68.48 -36.74
C ARG A 1037 14.38 -69.94 -37.14
N PHE A 1038 13.58 -70.62 -36.32
CA PHE A 1038 13.26 -72.03 -36.48
C PHE A 1038 11.77 -72.24 -36.74
N SER A 1039 11.38 -73.50 -36.84
CA SER A 1039 10.00 -73.89 -37.07
C SER A 1039 9.50 -74.69 -35.87
N ALA A 1040 8.36 -74.28 -35.31
CA ALA A 1040 7.76 -75.00 -34.19
C ALA A 1040 6.28 -74.68 -34.10
N THR A 1041 5.46 -75.70 -33.87
CA THR A 1041 4.03 -75.47 -33.67
C THR A 1041 3.61 -75.95 -32.29
N VAL A 1042 2.56 -75.28 -31.79
CA VAL A 1042 2.08 -75.38 -30.42
C VAL A 1042 0.59 -75.68 -30.49
N PRO A 1043 0.01 -76.30 -29.45
CA PRO A 1043 -1.44 -76.42 -29.39
C PRO A 1043 -2.11 -75.05 -29.42
N PRO A 1044 -3.32 -74.97 -29.97
CA PRO A 1044 -3.96 -73.66 -30.20
C PRO A 1044 -4.23 -72.86 -28.94
N CYS A 1045 -4.19 -73.48 -27.76
CA CYS A 1045 -4.42 -72.75 -26.52
C CYS A 1045 -3.34 -71.70 -26.25
N TRP A 1046 -2.19 -71.79 -26.92
CA TRP A 1046 -1.15 -70.79 -26.78
C TRP A 1046 -1.17 -69.87 -28.00
N VAL A 1047 -0.98 -68.57 -27.74
CA VAL A 1047 -0.99 -67.54 -28.78
C VAL A 1047 0.33 -66.79 -28.70
N GLU A 1048 1.01 -66.68 -29.85
CA GLU A 1048 2.28 -65.96 -29.91
C GLU A 1048 2.10 -64.46 -29.70
N THR A 1074 13.97 -67.76 -31.07
CA THR A 1074 13.59 -66.80 -30.05
C THR A 1074 12.11 -66.47 -30.16
N ARG A 1075 11.23 -67.25 -29.53
CA ARG A 1075 9.81 -66.94 -29.64
C ARG A 1075 9.12 -67.08 -28.29
N THR A 1076 7.95 -66.46 -28.20
CA THR A 1076 7.13 -66.49 -27.01
C THR A 1076 5.68 -66.73 -27.40
N TRP A 1077 4.93 -67.33 -26.47
CA TRP A 1077 3.53 -67.63 -26.64
C TRP A 1077 2.80 -67.39 -25.31
N LYS A 1078 1.62 -66.79 -25.40
CA LYS A 1078 0.78 -66.54 -24.25
C LYS A 1078 -0.34 -67.58 -24.23
N LEU A 1079 -0.72 -68.02 -23.04
CA LEU A 1079 -1.65 -69.13 -22.89
C LEU A 1079 -3.06 -68.61 -22.66
N GLN A 1080 -4.02 -69.22 -23.36
CA GLN A 1080 -5.43 -68.95 -23.18
C GLN A 1080 -6.05 -70.05 -22.34
N THR A 1081 -7.10 -69.69 -21.59
CA THR A 1081 -7.76 -70.62 -20.66
C THR A 1081 -8.58 -71.63 -21.44
N ASP A 1082 -7.88 -72.65 -21.96
CA ASP A 1082 -8.51 -73.73 -22.71
C ASP A 1082 -8.27 -75.04 -21.99
N SER A 1083 -9.34 -75.80 -21.74
CA SER A 1083 -9.26 -77.10 -21.08
C SER A 1083 -9.47 -78.26 -22.04
N ASN A 1084 -9.43 -78.01 -23.36
CA ASN A 1084 -9.59 -79.07 -24.35
C ASN A 1084 -8.44 -80.07 -24.25
N SER A 1085 -7.22 -79.56 -24.08
CA SER A 1085 -6.02 -80.38 -23.93
C SER A 1085 -5.21 -79.89 -22.75
N TRP A 1086 -5.88 -79.63 -21.63
CA TRP A 1086 -5.19 -79.14 -20.44
C TRP A 1086 -4.26 -80.19 -19.84
N ASP A 1087 -4.57 -81.48 -20.02
CA ASP A 1087 -3.74 -82.53 -19.43
C ASP A 1087 -2.39 -82.64 -20.13
N GLU A 1088 -2.41 -82.97 -21.41
CA GLU A 1088 -1.21 -83.17 -22.21
C GLU A 1088 -0.94 -81.95 -23.10
N HIS A 1089 0.33 -81.63 -23.29
CA HIS A 1089 0.69 -80.53 -24.19
C HIS A 1089 1.98 -80.87 -24.91
N VAL A 1090 1.92 -80.89 -26.24
CA VAL A 1090 3.02 -81.31 -27.08
C VAL A 1090 3.42 -80.12 -27.96
N PHE A 1091 4.69 -79.73 -27.86
CA PHE A 1091 5.26 -78.64 -28.63
C PHE A 1091 6.25 -79.25 -29.61
N GLU A 1092 5.97 -79.19 -30.90
CA GLU A 1092 6.85 -79.85 -31.86
C GLU A 1092 7.77 -78.82 -32.50
N LEU A 1093 9.06 -79.17 -32.58
CA LEU A 1093 10.08 -78.28 -33.12
C LEU A 1093 10.91 -79.03 -34.14
N VAL A 1094 11.36 -78.32 -35.17
CA VAL A 1094 12.21 -78.86 -36.21
C VAL A 1094 13.43 -77.98 -36.36
N LEU A 1095 14.62 -78.58 -36.34
CA LEU A 1095 15.84 -77.81 -36.52
C LEU A 1095 15.90 -77.27 -37.96
N PRO A 1096 16.29 -76.01 -38.13
CA PRO A 1096 16.46 -75.49 -39.50
C PRO A 1096 17.52 -76.23 -40.31
N LYS A 1097 18.59 -76.68 -39.66
CA LYS A 1097 19.63 -77.46 -40.32
C LYS A 1097 20.19 -78.45 -39.33
N ALA A 1098 20.76 -79.54 -39.85
CA ALA A 1098 21.33 -80.57 -38.99
C ALA A 1098 22.72 -80.12 -38.58
N CYS A 1099 22.84 -79.63 -37.36
CA CYS A 1099 24.11 -79.17 -36.81
C CYS A 1099 24.14 -79.52 -35.33
N MET A 1100 25.31 -79.31 -34.73
CA MET A 1100 25.58 -79.70 -33.35
C MET A 1100 24.62 -79.03 -32.35
N VAL A 1101 23.80 -79.85 -31.71
CA VAL A 1101 22.76 -79.40 -30.77
C VAL A 1101 23.37 -79.10 -29.41
N GLY A 1102 23.41 -77.82 -29.03
CA GLY A 1102 23.93 -77.48 -27.73
C GLY A 1102 22.97 -77.75 -26.59
N HIS A 1103 21.87 -77.00 -26.52
CA HIS A 1103 20.87 -77.09 -25.45
C HIS A 1103 19.70 -76.21 -25.83
N VAL A 1104 18.65 -76.23 -25.00
CA VAL A 1104 17.49 -75.38 -25.23
C VAL A 1104 17.06 -74.72 -23.92
N ASP A 1105 16.72 -73.44 -23.99
CA ASP A 1105 16.29 -72.64 -22.85
C ASP A 1105 14.78 -72.51 -22.87
N PHE A 1106 14.16 -72.88 -21.75
CA PHE A 1106 12.73 -72.88 -21.52
C PHE A 1106 12.42 -71.90 -20.39
N LYS A 1107 11.74 -70.81 -20.73
CA LYS A 1107 11.39 -69.72 -19.82
C LYS A 1107 9.88 -69.72 -19.63
N PHE A 1108 9.42 -69.61 -18.39
CA PHE A 1108 7.99 -69.54 -18.13
C PHE A 1108 7.67 -68.46 -17.10
N VAL A 1109 6.43 -67.95 -17.20
CA VAL A 1109 5.84 -67.05 -16.20
C VAL A 1109 4.50 -67.64 -15.77
N LEU A 1110 4.26 -67.68 -14.46
CA LEU A 1110 3.08 -68.26 -13.85
C LEU A 1110 2.07 -67.17 -13.47
N ASN A 1111 0.97 -67.60 -12.85
CA ASN A 1111 -0.05 -66.69 -12.38
C ASN A 1111 0.47 -65.85 -11.22
N SER A 1112 0.01 -64.60 -11.15
CA SER A 1112 0.45 -63.68 -10.09
C SER A 1112 -0.14 -64.00 -8.72
N ASN A 1113 -1.25 -64.73 -8.65
CA ASN A 1113 -1.91 -65.02 -7.38
C ASN A 1113 -1.66 -66.46 -6.94
N ILE A 1114 -0.47 -66.98 -7.20
CA ILE A 1114 -0.13 -68.35 -6.85
C ILE A 1114 0.46 -68.37 -5.44
N THR A 1115 -0.13 -69.19 -4.57
CA THR A 1115 0.37 -69.38 -3.22
C THR A 1115 1.04 -70.72 -3.02
N ASN A 1116 0.67 -71.74 -3.79
CA ASN A 1116 1.26 -73.08 -3.70
C ASN A 1116 1.78 -73.47 -5.07
N ILE A 1117 2.96 -74.09 -5.09
CA ILE A 1117 3.64 -74.47 -6.31
C ILE A 1117 2.94 -75.66 -6.99
N PRO A 1118 2.53 -75.52 -8.25
CA PRO A 1118 1.89 -76.65 -8.94
C PRO A 1118 2.87 -77.78 -9.16
N GLN A 1119 2.34 -79.01 -9.20
CA GLN A 1119 3.13 -80.21 -9.45
C GLN A 1119 3.02 -80.56 -10.93
N ILE A 1120 3.80 -79.83 -11.74
CA ILE A 1120 3.79 -79.97 -13.18
C ILE A 1120 5.21 -80.25 -13.67
N GLN A 1121 5.33 -81.18 -14.62
CA GLN A 1121 6.61 -81.56 -15.18
C GLN A 1121 6.63 -81.30 -16.68
N VAL A 1122 7.83 -81.04 -17.18
CA VAL A 1122 8.12 -80.80 -18.60
C VAL A 1122 9.29 -81.68 -18.98
N THR A 1123 9.17 -82.39 -20.10
CA THR A 1123 10.19 -83.35 -20.50
C THR A 1123 10.49 -83.21 -21.99
N LEU A 1124 11.76 -83.02 -22.31
CA LEU A 1124 12.18 -83.07 -23.70
C LEU A 1124 12.14 -84.51 -24.19
N LEU A 1125 11.79 -84.68 -25.46
CA LEU A 1125 11.67 -85.99 -26.08
C LEU A 1125 12.20 -85.92 -27.50
N LYS A 1126 12.84 -87.01 -27.94
CA LYS A 1126 13.24 -87.10 -29.33
C LYS A 1126 12.00 -87.40 -30.16
N ASN A 1127 11.69 -86.51 -31.11
CA ASN A 1127 10.58 -86.74 -32.01
C ASN A 1127 10.90 -87.94 -32.89
N LYS A 1128 9.97 -88.88 -32.97
CA LYS A 1128 10.21 -90.13 -33.69
C LYS A 1128 10.11 -89.92 -35.19
N ALA A 1129 11.03 -90.54 -35.91
CA ALA A 1129 11.00 -90.52 -37.36
C ALA A 1129 9.86 -91.38 -37.88
N PRO A 1130 9.12 -90.92 -38.89
CA PRO A 1130 7.99 -91.70 -39.42
C PRO A 1130 8.48 -93.00 -40.06
N GLY A 1131 7.60 -94.00 -40.05
CA GLY A 1131 7.94 -95.26 -40.68
C GLY A 1131 7.87 -95.16 -42.19
N LEU A 1132 8.77 -95.88 -42.85
CA LEU A 1132 8.88 -95.83 -44.31
C LEU A 1132 8.21 -97.02 -44.96
N LEU A 1168 6.03 -93.66 -7.98
CA LEU A 1168 6.13 -92.54 -8.92
C LEU A 1168 6.38 -93.04 -10.33
N ARG A 1169 5.32 -93.04 -11.15
CA ARG A 1169 5.38 -93.53 -12.52
C ARG A 1169 5.00 -92.42 -13.48
N LEU A 1170 5.67 -92.39 -14.64
CA LEU A 1170 5.42 -91.36 -15.64
C LEU A 1170 4.04 -91.57 -16.27
N CYS A 1171 3.52 -90.49 -16.86
CA CYS A 1171 2.22 -90.51 -17.50
C CYS A 1171 2.24 -91.44 -18.72
N PRO A 1172 1.09 -92.00 -19.10
CA PRO A 1172 1.07 -92.95 -20.23
C PRO A 1172 1.58 -92.40 -21.56
N PHE A 1173 1.36 -91.10 -21.83
CA PHE A 1173 1.89 -90.51 -23.05
C PHE A 1173 3.42 -90.53 -23.06
N LEU A 1174 4.05 -90.19 -21.94
CA LEU A 1174 5.50 -90.25 -21.84
C LEU A 1174 5.99 -91.70 -21.85
N GLU A 1175 5.23 -92.60 -21.25
CA GLU A 1175 5.59 -94.02 -21.23
C GLU A 1175 5.57 -94.61 -22.63
N ASP A 1176 4.64 -94.16 -23.48
CA ASP A 1176 4.57 -94.65 -24.86
C ASP A 1176 5.84 -94.31 -25.63
N HIS A 1177 6.40 -93.13 -25.38
CA HIS A 1177 7.64 -92.67 -26.01
C HIS A 1177 8.84 -92.75 -25.07
N LYS A 1178 8.77 -93.62 -24.05
CA LYS A 1178 9.79 -93.68 -23.02
C LYS A 1178 11.16 -94.10 -23.57
N GLU A 1179 11.17 -95.01 -24.55
CA GLU A 1179 12.45 -95.50 -25.09
C GLU A 1179 13.24 -94.43 -25.82
N ASP A 1180 12.60 -93.33 -26.22
CA ASP A 1180 13.26 -92.26 -26.96
C ASP A 1180 13.34 -90.97 -26.15
N ILE A 1181 13.41 -91.07 -24.84
CA ILE A 1181 13.50 -89.88 -23.98
C ILE A 1181 14.93 -89.35 -24.07
N LEU A 1182 15.08 -88.02 -24.02
CA LEU A 1182 16.39 -87.41 -24.14
C LEU A 1182 16.69 -86.36 -23.07
N CYS A 1183 15.78 -86.11 -22.14
CA CYS A 1183 16.05 -85.19 -21.03
C CYS A 1183 15.10 -85.48 -19.88
N GLY A 1184 15.48 -84.98 -18.70
CA GLY A 1184 14.70 -85.13 -17.48
C GLY A 1184 14.54 -86.57 -17.03
N PRO A 1185 13.38 -86.93 -16.47
CA PRO A 1185 12.20 -86.10 -16.14
C PRO A 1185 12.44 -85.21 -14.91
N VAL A 1186 12.34 -83.89 -15.06
CA VAL A 1186 12.58 -82.98 -13.96
C VAL A 1186 11.29 -82.22 -13.66
N TRP A 1187 11.11 -81.89 -12.38
CA TRP A 1187 9.88 -81.26 -11.92
C TRP A 1187 9.99 -79.74 -12.04
N LEU A 1188 8.95 -79.05 -11.58
CA LEU A 1188 8.91 -77.59 -11.69
C LEU A 1188 9.83 -76.93 -10.68
N ALA A 1189 10.08 -77.58 -9.54
CA ALA A 1189 10.82 -77.00 -8.43
C ALA A 1189 12.31 -76.78 -8.73
N SER A 1190 12.84 -77.36 -9.80
CA SER A 1190 14.27 -77.26 -10.07
C SER A 1190 14.74 -75.86 -10.44
N GLY A 1191 13.84 -74.94 -10.81
CA GLY A 1191 14.31 -73.64 -11.23
C GLY A 1191 13.47 -72.43 -10.88
N LEU A 1192 12.58 -72.57 -9.89
CA LEU A 1192 11.73 -71.45 -9.47
C LEU A 1192 12.54 -70.30 -8.89
N ASP A 1193 12.13 -69.08 -9.21
CA ASP A 1193 12.77 -67.87 -8.70
C ASP A 1193 12.32 -67.62 -7.26
N LEU A 1194 12.81 -66.51 -6.67
CA LEU A 1194 12.41 -66.17 -5.31
C LEU A 1194 10.94 -65.79 -5.22
N SER A 1195 10.45 -65.07 -6.21
CA SER A 1195 9.05 -64.62 -6.20
C SER A 1195 8.08 -65.78 -6.41
N GLY A 1196 8.49 -66.80 -7.16
CA GLY A 1196 7.59 -67.88 -7.52
C GLY A 1196 6.80 -67.65 -8.78
N HIS A 1197 6.88 -66.46 -9.37
CA HIS A 1197 6.16 -66.15 -10.61
C HIS A 1197 7.01 -66.37 -11.85
N ALA A 1198 8.25 -66.82 -11.70
CA ALA A 1198 9.12 -67.03 -12.86
C ALA A 1198 9.93 -68.29 -12.65
N GLY A 1199 10.85 -68.55 -13.59
CA GLY A 1199 11.66 -69.74 -13.51
C GLY A 1199 12.60 -69.84 -14.70
N MET A 1200 13.15 -71.04 -14.90
CA MET A 1200 14.17 -71.32 -15.90
C MET A 1200 14.38 -72.83 -15.98
N LEU A 1201 14.59 -73.33 -17.21
CA LEU A 1201 15.08 -74.69 -17.40
C LEU A 1201 16.01 -74.74 -18.61
N THR A 1202 17.21 -75.29 -18.40
CA THR A 1202 18.11 -75.63 -19.49
C THR A 1202 17.98 -77.12 -19.77
N LEU A 1203 17.50 -77.47 -20.96
CA LEU A 1203 17.27 -78.86 -21.33
C LEU A 1203 18.40 -79.33 -22.24
N THR A 1204 19.10 -80.38 -21.80
CA THR A 1204 20.19 -81.07 -22.49
C THR A 1204 20.51 -82.32 -21.67
N SER A 1205 21.30 -83.22 -22.26
CA SER A 1205 21.67 -84.47 -21.59
C SER A 1205 22.87 -85.10 -22.29
N PRO A 1206 23.69 -85.88 -21.57
CA PRO A 1206 24.75 -86.64 -22.26
C PRO A 1206 24.19 -87.62 -23.27
N LYS A 1207 23.02 -88.19 -23.01
CA LYS A 1207 22.37 -89.06 -23.98
C LYS A 1207 22.01 -88.29 -25.24
N LEU A 1208 21.68 -87.00 -25.10
CA LEU A 1208 21.36 -86.16 -26.25
C LEU A 1208 22.54 -86.04 -27.21
N VAL A 1209 23.72 -85.68 -26.69
CA VAL A 1209 24.89 -85.55 -27.55
C VAL A 1209 25.34 -86.92 -28.05
N LYS A 1210 25.22 -87.95 -27.19
CA LYS A 1210 25.62 -89.29 -27.58
C LYS A 1210 24.75 -89.83 -28.72
N GLY A 1211 23.48 -89.44 -28.76
CA GLY A 1211 22.60 -89.86 -29.82
C GLY A 1211 22.65 -89.00 -31.06
N MET A 1212 22.98 -87.70 -30.93
CA MET A 1212 23.21 -86.90 -32.13
C MET A 1212 24.54 -87.25 -32.79
N ALA A 1213 25.46 -87.89 -32.06
CA ALA A 1213 26.72 -88.38 -32.64
C ALA A 1213 26.53 -89.21 -33.91
N GLY A 1214 25.35 -89.82 -34.11
CA GLY A 1214 25.05 -90.48 -35.37
C GLY A 1214 24.71 -89.51 -36.49
N GLY A 1215 24.38 -88.26 -36.17
CA GLY A 1215 24.08 -87.25 -37.16
C GLY A 1215 22.84 -87.51 -37.99
N LYS A 1216 21.74 -87.88 -37.35
CA LYS A 1216 20.52 -88.24 -38.05
C LYS A 1216 19.31 -87.47 -37.54
N TYR A 1217 19.34 -87.09 -36.27
CA TYR A 1217 18.18 -86.54 -35.59
C TYR A 1217 18.02 -85.06 -35.91
N ARG A 1218 16.80 -84.65 -36.27
CA ARG A 1218 16.56 -83.26 -36.65
C ARG A 1218 15.29 -82.64 -36.06
N SER A 1219 14.41 -83.39 -35.42
CA SER A 1219 13.19 -82.83 -34.87
C SER A 1219 13.00 -83.33 -33.44
N PHE A 1220 12.40 -82.48 -32.60
CA PHE A 1220 12.19 -82.82 -31.20
C PHE A 1220 10.77 -82.46 -30.77
N LEU A 1221 10.40 -83.02 -29.60
CA LEU A 1221 9.09 -82.86 -29.01
C LEU A 1221 9.23 -82.41 -27.57
N ILE A 1222 8.44 -81.42 -27.15
CA ILE A 1222 8.39 -80.99 -25.75
C ILE A 1222 7.07 -81.47 -25.17
N HIS A 1223 7.13 -82.28 -24.12
CA HIS A 1223 5.96 -82.95 -23.58
C HIS A 1223 5.70 -82.35 -22.19
N VAL A 1224 4.49 -81.88 -21.95
CA VAL A 1224 4.13 -81.18 -20.71
C VAL A 1224 2.91 -81.84 -20.07
N LYS A 1225 3.07 -82.28 -18.82
CA LYS A 1225 1.96 -82.85 -18.05
C LYS A 1225 1.94 -82.32 -16.64
N ALA A 1226 0.74 -82.25 -16.07
CA ALA A 1226 0.55 -81.94 -14.66
C ALA A 1226 0.30 -83.25 -13.93
N VAL A 1227 1.16 -83.56 -12.95
CA VAL A 1227 1.09 -84.82 -12.21
C VAL A 1227 0.49 -84.56 -10.83
N ASN A 1228 -0.48 -85.39 -10.46
CA ASN A 1228 -1.16 -85.27 -9.17
C ASN A 1228 -0.96 -86.56 -8.39
N GLU A 1229 -0.94 -86.43 -7.06
CA GLU A 1229 -0.75 -87.58 -6.18
C GLU A 1229 -2.02 -88.41 -6.10
N SER A 1287 -13.42 -68.30 -8.67
CA SER A 1287 -12.37 -67.86 -9.58
C SER A 1287 -12.02 -68.95 -10.58
N GLU A 1288 -10.97 -68.71 -11.36
CA GLU A 1288 -10.52 -69.67 -12.37
C GLU A 1288 -9.64 -70.70 -11.68
N ASN A 1289 -10.20 -71.89 -11.42
CA ASN A 1289 -9.46 -72.95 -10.75
C ASN A 1289 -8.62 -73.70 -11.79
N LEU A 1290 -7.61 -73.01 -12.29
CA LEU A 1290 -6.70 -73.59 -13.26
C LEU A 1290 -5.78 -74.58 -12.56
N ARG A 1291 -5.66 -75.78 -13.12
CA ARG A 1291 -4.86 -76.84 -12.52
C ARG A 1291 -3.71 -77.17 -13.44
N GLY A 1292 -2.48 -77.07 -12.91
CA GLY A 1292 -1.29 -77.48 -13.62
C GLY A 1292 -0.96 -76.69 -14.87
N CYS A 1293 -1.17 -77.31 -16.04
CA CYS A 1293 -0.80 -76.70 -17.32
C CYS A 1293 -1.57 -75.40 -17.57
N ASP A 1294 -2.86 -75.37 -17.22
CA ASP A 1294 -3.63 -74.14 -17.34
C ASP A 1294 -3.11 -73.03 -16.45
N LEU A 1295 -2.40 -73.38 -15.37
CA LEU A 1295 -1.90 -72.38 -14.43
C LEU A 1295 -0.77 -71.54 -15.00
N LEU A 1296 -0.11 -72.02 -16.06
CA LEU A 1296 0.96 -71.27 -16.71
C LEU A 1296 0.38 -70.05 -17.43
N GLN A 1297 1.08 -68.92 -17.33
CA GLN A 1297 0.65 -67.69 -17.98
C GLN A 1297 1.35 -67.47 -19.31
N GLU A 1298 2.67 -67.42 -19.32
CA GLU A 1298 3.43 -67.16 -20.54
C GLU A 1298 4.58 -68.15 -20.67
N VAL A 1299 4.97 -68.44 -21.90
CA VAL A 1299 6.06 -69.38 -22.17
C VAL A 1299 6.93 -68.80 -23.28
N SER A 1300 8.25 -68.95 -23.13
CA SER A 1300 9.21 -68.50 -24.12
C SER A 1300 10.26 -69.58 -24.33
N VAL A 1301 10.60 -69.81 -25.59
CA VAL A 1301 11.54 -70.87 -25.96
C VAL A 1301 12.62 -70.29 -26.85
N THR A 1302 13.86 -70.74 -26.62
CA THR A 1302 15.00 -70.38 -27.45
C THR A 1302 15.96 -71.55 -27.44
N ILE A 1303 16.66 -71.75 -28.56
CA ILE A 1303 17.53 -72.91 -28.75
C ILE A 1303 18.95 -72.43 -29.05
N ARG A 1304 19.94 -73.03 -28.38
CA ARG A 1304 21.34 -72.72 -28.64
C ARG A 1304 22.03 -73.92 -29.30
N ARG A 1305 23.26 -73.68 -29.73
CA ARG A 1305 24.06 -74.67 -30.45
C ARG A 1305 25.44 -74.71 -29.82
N PHE A 1306 26.16 -75.81 -30.00
CA PHE A 1306 27.55 -75.83 -29.59
C PHE A 1306 28.37 -75.00 -30.57
N LYS A 1307 29.42 -74.36 -30.05
CA LYS A 1307 30.24 -73.52 -30.90
C LYS A 1307 31.11 -74.38 -31.83
N LYS A 1308 31.11 -74.03 -33.12
CA LYS A 1308 31.87 -74.75 -34.13
C LYS A 1308 33.32 -74.28 -34.11
N THR A 1309 34.20 -75.11 -33.57
CA THR A 1309 35.61 -74.76 -33.45
C THR A 1309 36.37 -75.20 -34.70
N SER A 1310 37.69 -75.09 -34.66
CA SER A 1310 38.55 -75.44 -35.78
C SER A 1310 38.98 -76.89 -35.77
N ILE A 1311 38.56 -77.66 -34.76
CA ILE A 1311 38.92 -79.07 -34.65
C ILE A 1311 37.76 -79.89 -35.18
N SER A 1312 38.01 -80.65 -36.24
CA SER A 1312 36.98 -81.48 -36.84
C SER A 1312 36.67 -82.67 -35.95
N LYS A 1313 35.70 -83.48 -36.42
CA LYS A 1313 35.13 -84.65 -35.74
C LYS A 1313 34.96 -84.44 -34.23
N GLU A 1314 34.37 -83.30 -33.88
CA GLU A 1314 34.14 -82.97 -32.47
C GLU A 1314 33.12 -83.86 -31.79
N ARG A 1315 32.37 -84.67 -32.55
CA ARG A 1315 31.43 -85.61 -31.96
C ARG A 1315 32.15 -86.63 -31.09
N VAL A 1316 33.19 -87.28 -31.63
CA VAL A 1316 33.94 -88.27 -30.87
C VAL A 1316 34.70 -87.60 -29.72
N GLN A 1317 35.21 -86.39 -29.93
CA GLN A 1317 35.90 -85.66 -28.88
C GLN A 1317 34.97 -85.34 -27.71
N ARG A 1318 33.75 -84.94 -28.03
CA ARG A 1318 32.78 -84.61 -26.97
C ARG A 1318 32.27 -85.88 -26.29
N CYS A 1319 32.22 -87.00 -27.00
CA CYS A 1319 31.80 -88.27 -26.42
C CYS A 1319 32.92 -88.99 -25.67
N ALA A 1320 34.17 -88.57 -25.86
CA ALA A 1320 35.31 -89.21 -25.22
C ALA A 1320 35.21 -89.17 -23.69
N MET A 1321 35.12 -87.96 -23.13
CA MET A 1321 35.09 -87.81 -21.67
C MET A 1321 33.88 -88.51 -21.06
N LEU A 1322 32.75 -88.50 -21.78
CA LEU A 1322 31.56 -89.22 -21.34
C LEU A 1322 31.80 -90.73 -21.30
N GLN A 1323 32.48 -91.26 -22.32
CA GLN A 1323 32.71 -92.70 -22.38
C GLN A 1323 33.89 -93.16 -21.53
N PHE A 1324 34.89 -92.31 -21.33
CA PHE A 1324 36.09 -92.69 -20.57
C PHE A 1324 36.17 -91.78 -19.34
N SER A 1325 35.89 -92.34 -18.17
CA SER A 1325 35.77 -91.51 -16.97
C SER A 1325 37.06 -91.36 -16.18
N GLU A 1326 38.12 -92.08 -16.58
CA GLU A 1326 39.41 -91.98 -15.90
C GLU A 1326 40.02 -90.60 -16.05
N PHE A 1327 39.60 -89.85 -17.07
CA PHE A 1327 40.07 -88.48 -17.28
C PHE A 1327 39.76 -87.63 -16.07
N HIS A 1328 38.54 -87.78 -15.51
CA HIS A 1328 38.16 -86.97 -14.36
C HIS A 1328 39.08 -87.24 -13.18
N GLU A 1329 39.51 -88.50 -13.01
CA GLU A 1329 40.41 -88.82 -11.92
C GLU A 1329 41.73 -88.07 -12.07
N LYS A 1330 42.25 -88.00 -13.30
CA LYS A 1330 43.46 -87.20 -13.52
C LYS A 1330 43.20 -85.74 -13.19
N LEU A 1331 42.01 -85.26 -13.56
CA LEU A 1331 41.64 -83.87 -13.24
C LEU A 1331 41.61 -83.64 -11.74
N VAL A 1332 41.08 -84.59 -10.95
CA VAL A 1332 41.06 -84.32 -9.51
C VAL A 1332 42.49 -84.34 -8.99
N ASN A 1333 43.37 -85.12 -9.63
CA ASN A 1333 44.78 -85.10 -9.29
C ASN A 1333 45.37 -83.73 -9.58
N THR A 1334 44.99 -83.12 -10.71
CA THR A 1334 45.41 -81.76 -11.02
C THR A 1334 44.90 -80.80 -9.96
N LEU A 1335 43.69 -81.05 -9.48
CA LEU A 1335 43.13 -80.24 -8.40
C LEU A 1335 43.98 -80.35 -7.14
N CYS A 1336 44.43 -81.57 -6.80
CA CYS A 1336 45.21 -81.76 -5.59
C CYS A 1336 46.62 -81.20 -5.68
N ARG A 1337 47.11 -80.86 -6.87
CA ARG A 1337 48.49 -80.43 -7.13
C ARG A 1337 49.49 -81.51 -6.74
N LYS A 1338 49.04 -82.77 -6.68
CA LYS A 1338 49.93 -83.87 -6.38
C LYS A 1338 50.82 -84.19 -7.56
N THR A 1339 50.32 -83.93 -8.78
CA THR A 1339 51.05 -84.25 -10.00
C THR A 1339 52.37 -83.49 -10.05
N ASP A 1340 53.41 -84.15 -10.53
CA ASP A 1340 54.75 -83.59 -10.55
C ASP A 1340 55.08 -82.85 -11.83
N ASP A 1341 54.16 -82.82 -12.81
CA ASP A 1341 54.42 -82.15 -14.09
C ASP A 1341 54.32 -80.64 -13.90
N GLY A 1342 55.30 -80.10 -13.18
CA GLY A 1342 55.35 -78.68 -12.89
C GLY A 1342 54.34 -78.29 -11.82
N GLN A 1343 54.23 -76.99 -11.61
CA GLN A 1343 53.25 -76.43 -10.69
C GLN A 1343 52.10 -75.91 -11.54
N ILE A 1344 50.89 -76.19 -11.12
CA ILE A 1344 49.71 -75.85 -11.91
C ILE A 1344 49.33 -74.42 -11.59
N THR A 1345 49.24 -73.60 -12.63
CA THR A 1345 48.97 -72.18 -12.46
C THR A 1345 47.47 -71.96 -12.29
N GLU A 1346 47.13 -70.72 -11.95
CA GLU A 1346 45.73 -70.36 -11.73
C GLU A 1346 44.93 -70.41 -13.02
N HIS A 1347 45.56 -70.14 -14.17
CA HIS A 1347 44.86 -70.24 -15.44
C HIS A 1347 44.48 -71.67 -15.76
N ALA A 1348 45.42 -72.61 -15.58
CA ALA A 1348 45.14 -74.02 -15.84
C ALA A 1348 44.10 -74.57 -14.88
N GLN A 1349 44.18 -74.19 -13.61
CA GLN A 1349 43.17 -74.58 -12.63
C GLN A 1349 41.80 -74.01 -12.99
N SER A 1350 41.77 -72.77 -13.47
CA SER A 1350 40.50 -72.16 -13.89
C SER A 1350 39.87 -72.91 -15.04
N LEU A 1351 40.69 -73.31 -16.02
CA LEU A 1351 40.17 -74.10 -17.14
C LEU A 1351 39.72 -75.48 -16.68
N VAL A 1352 40.44 -76.06 -15.72
CA VAL A 1352 40.02 -77.34 -15.13
C VAL A 1352 38.64 -77.20 -14.51
N LEU A 1353 38.42 -76.11 -13.77
CA LEU A 1353 37.12 -75.88 -13.15
C LEU A 1353 36.05 -75.61 -14.20
N ASP A 1354 36.42 -74.96 -15.31
CA ASP A 1354 35.48 -74.77 -16.41
C ASP A 1354 35.04 -76.10 -17.00
N THR A 1355 35.98 -77.03 -17.19
CA THR A 1355 35.63 -78.35 -17.67
C THR A 1355 34.74 -79.09 -16.66
N LEU A 1356 35.06 -78.95 -15.37
CA LEU A 1356 34.26 -79.60 -14.33
C LEU A 1356 32.83 -79.05 -14.29
N CYS A 1357 32.67 -77.74 -14.42
CA CYS A 1357 31.34 -77.16 -14.46
C CYS A 1357 30.60 -77.59 -15.72
N TRP A 1358 31.32 -77.70 -16.85
CA TRP A 1358 30.74 -78.22 -18.08
C TRP A 1358 30.15 -79.61 -17.88
N LEU A 1359 30.95 -80.53 -17.30
CA LEU A 1359 30.48 -81.90 -17.15
C LEU A 1359 29.36 -82.00 -16.13
N ALA A 1360 29.43 -81.20 -15.05
CA ALA A 1360 28.34 -81.18 -14.08
C ALA A 1360 27.06 -80.64 -14.69
N GLY A 1361 27.16 -79.60 -15.51
CA GLY A 1361 25.99 -79.05 -16.17
C GLY A 1361 25.36 -80.00 -17.17
N VAL A 1362 26.18 -80.66 -17.99
CA VAL A 1362 25.62 -81.58 -18.98
C VAL A 1362 25.02 -82.80 -18.31
N HIS A 1363 25.63 -83.28 -17.23
CA HIS A 1363 25.15 -84.48 -16.56
C HIS A 1363 24.06 -84.17 -15.54
N SER A 1364 23.71 -82.89 -15.38
CA SER A 1364 22.69 -82.49 -14.42
C SER A 1364 21.30 -83.07 -14.73
N ASN A 1365 21.05 -83.48 -15.98
CA ASN A 1365 19.76 -84.04 -16.39
C ASN A 1365 20.05 -85.34 -17.15
N GLY A 1366 20.13 -86.44 -16.42
CA GLY A 1366 20.39 -87.73 -17.02
C GLY A 1366 19.18 -88.64 -17.00
N PRO A 1367 18.56 -88.85 -18.17
CA PRO A 1367 17.39 -89.74 -18.23
C PRO A 1367 17.73 -91.21 -18.25
N GLY A 1368 17.56 -91.88 -17.10
CA GLY A 1368 17.84 -93.30 -16.98
C GLY A 1368 19.26 -93.71 -17.28
N SER A 1369 20.21 -92.77 -17.26
CA SER A 1369 21.58 -93.09 -17.61
C SER A 1369 22.27 -93.86 -16.50
N SER A 1370 23.17 -94.76 -16.93
CA SER A 1370 24.00 -95.53 -16.00
C SER A 1370 24.93 -94.57 -15.26
N LYS A 1371 24.69 -94.40 -13.97
CA LYS A 1371 25.42 -93.44 -13.15
C LYS A 1371 26.79 -93.95 -12.69
N GLU A 1372 27.32 -95.00 -13.34
CA GLU A 1372 28.64 -95.54 -12.98
C GLU A 1372 29.74 -94.51 -13.19
N GLY A 1373 29.69 -93.79 -14.31
CA GLY A 1373 30.66 -92.71 -14.54
C GLY A 1373 30.49 -91.60 -13.53
N ASN A 1374 29.23 -91.23 -13.26
CA ASN A 1374 28.94 -90.22 -12.24
C ASN A 1374 29.40 -90.69 -10.88
N GLU A 1375 29.16 -91.97 -10.56
CA GLU A 1375 29.63 -92.52 -9.30
C GLU A 1375 31.14 -92.45 -9.19
N ASN A 1376 31.85 -92.75 -10.28
CA ASN A 1376 33.31 -92.70 -10.26
C ASN A 1376 33.83 -91.28 -10.06
N LEU A 1377 33.24 -90.30 -10.77
CA LEU A 1377 33.72 -88.93 -10.63
C LEU A 1377 33.37 -88.35 -9.26
N LEU A 1378 32.20 -88.70 -8.71
CA LEU A 1378 31.84 -88.26 -7.37
C LEU A 1378 32.70 -88.94 -6.31
N SER A 1379 33.07 -90.20 -6.53
CA SER A 1379 33.99 -90.88 -5.63
C SER A 1379 35.36 -90.23 -5.64
N LYS A 1380 35.85 -89.86 -6.83
CA LYS A 1380 37.12 -89.15 -6.92
C LYS A 1380 37.03 -87.78 -6.27
N THR A 1381 35.86 -87.13 -6.36
CA THR A 1381 35.62 -85.87 -5.66
C THR A 1381 35.74 -86.06 -4.15
N ARG A 1382 34.86 -86.89 -3.58
CA ARG A 1382 34.82 -87.10 -2.13
C ARG A 1382 36.12 -87.67 -1.57
N LYS A 1383 36.89 -88.39 -2.39
CA LYS A 1383 38.19 -88.89 -1.95
C LYS A 1383 39.17 -87.78 -1.72
N PHE A 1384 39.08 -86.70 -2.50
CA PHE A 1384 40.01 -85.58 -2.40
C PHE A 1384 39.27 -84.28 -2.08
N LEU A 1385 38.08 -84.38 -1.48
CA LEU A 1385 37.22 -83.22 -1.26
C LEU A 1385 37.87 -82.16 -0.39
N SER A 1386 38.51 -82.58 0.70
CA SER A 1386 39.20 -81.64 1.59
C SER A 1386 40.30 -80.91 0.84
N ASP A 1387 41.10 -81.64 0.07
CA ASP A 1387 42.22 -81.05 -0.65
C ASP A 1387 41.74 -80.06 -1.71
N ILE A 1388 40.69 -80.41 -2.45
CA ILE A 1388 40.21 -79.52 -3.50
C ILE A 1388 39.58 -78.26 -2.92
N VAL A 1389 38.81 -78.39 -1.82
CA VAL A 1389 38.24 -77.18 -1.24
C VAL A 1389 39.34 -76.32 -0.60
N ARG A 1390 40.40 -76.95 -0.07
CA ARG A 1390 41.52 -76.19 0.45
C ARG A 1390 42.22 -75.40 -0.65
N VAL A 1391 42.58 -76.07 -1.75
CA VAL A 1391 43.33 -75.40 -2.79
C VAL A 1391 42.47 -74.36 -3.51
N CYS A 1392 41.13 -74.51 -3.51
CA CYS A 1392 40.30 -73.54 -4.20
C CYS A 1392 39.91 -72.35 -3.32
N PHE A 1393 39.45 -72.61 -2.10
CA PHE A 1393 38.94 -71.55 -1.25
C PHE A 1393 39.97 -70.98 -0.28
N PHE A 1394 41.17 -71.55 -0.20
CA PHE A 1394 42.19 -71.04 0.71
C PHE A 1394 43.48 -70.68 -0.01
N GLU A 1395 43.87 -71.47 -1.01
CA GLU A 1395 45.12 -71.27 -1.72
C GLU A 1395 44.85 -70.86 -3.17
N ALA A 1396 43.84 -70.01 -3.37
CA ALA A 1396 43.48 -69.51 -4.69
C ALA A 1396 42.73 -68.20 -4.52
N GLY A 1397 42.66 -67.44 -5.60
CA GLY A 1397 42.02 -66.15 -5.57
C GLY A 1397 40.51 -66.23 -5.67
N ARG A 1398 39.90 -65.08 -5.92
CA ARG A 1398 38.45 -64.98 -5.98
C ARG A 1398 37.86 -65.79 -7.13
N SER A 1399 38.53 -65.77 -8.30
CA SER A 1399 37.96 -66.42 -9.48
C SER A 1399 37.88 -67.93 -9.31
N ILE A 1400 38.96 -68.56 -8.84
CA ILE A 1400 39.01 -70.01 -8.71
C ILE A 1400 38.01 -70.47 -7.65
N ALA A 1401 37.98 -69.77 -6.51
CA ALA A 1401 37.04 -70.10 -5.45
C ALA A 1401 35.60 -69.93 -5.93
N HIS A 1402 35.34 -68.88 -6.71
CA HIS A 1402 34.01 -68.65 -7.24
C HIS A 1402 33.58 -69.76 -8.18
N LYS A 1403 34.48 -70.19 -9.08
CA LYS A 1403 34.19 -71.29 -9.99
C LYS A 1403 33.95 -72.59 -9.23
N CYS A 1404 34.74 -72.83 -8.19
CA CYS A 1404 34.53 -74.02 -7.36
C CYS A 1404 33.16 -73.95 -6.68
N ALA A 1405 32.77 -72.76 -6.23
CA ALA A 1405 31.43 -72.55 -5.68
C ALA A 1405 30.37 -72.88 -6.71
N ARG A 1406 30.61 -72.51 -7.97
CA ARG A 1406 29.64 -72.82 -9.03
C ARG A 1406 29.52 -74.31 -9.24
N PHE A 1407 30.66 -75.01 -9.24
CA PHE A 1407 30.64 -76.46 -9.41
C PHE A 1407 29.91 -77.15 -8.27
N LEU A 1408 30.18 -76.70 -7.04
CA LEU A 1408 29.50 -77.28 -5.89
C LEU A 1408 27.99 -76.99 -5.92
N ALA A 1409 27.61 -75.79 -6.39
CA ALA A 1409 26.19 -75.47 -6.51
C ALA A 1409 25.52 -76.36 -7.55
N LEU A 1410 26.19 -76.59 -8.68
CA LEU A 1410 25.65 -77.49 -9.70
C LEU A 1410 25.51 -78.91 -9.16
N CYS A 1411 26.52 -79.36 -8.41
CA CYS A 1411 26.44 -80.69 -7.83
C CYS A 1411 25.32 -80.78 -6.78
N ILE A 1412 25.06 -79.69 -6.07
CA ILE A 1412 23.94 -79.68 -5.12
C ILE A 1412 22.62 -79.75 -5.87
N SER A 1413 22.52 -79.03 -6.99
CA SER A 1413 21.26 -78.96 -7.72
C SER A 1413 20.89 -80.32 -8.32
N ASN A 1414 21.87 -81.06 -8.85
CA ASN A 1414 21.62 -82.34 -9.49
C ASN A 1414 21.80 -83.53 -8.56
N GLY A 1415 21.55 -83.35 -7.26
CA GLY A 1415 21.77 -84.42 -6.31
C GLY A 1415 20.75 -85.55 -6.34
N LYS A 1416 20.55 -86.14 -7.51
CA LYS A 1416 19.74 -87.35 -7.66
C LYS A 1416 20.63 -88.59 -7.57
N CYS A 1417 21.31 -88.70 -6.44
CA CYS A 1417 22.28 -89.77 -6.23
C CYS A 1417 21.59 -91.12 -6.10
N ASP A 1418 22.33 -92.16 -6.51
CA ASP A 1418 21.84 -93.52 -6.40
C ASP A 1418 21.71 -93.93 -4.93
N PRO A 1419 20.84 -94.91 -4.63
CA PRO A 1419 20.68 -95.34 -3.22
C PRO A 1419 21.95 -95.86 -2.56
N CYS A 1420 22.88 -96.46 -3.31
CA CYS A 1420 24.15 -96.90 -2.74
C CYS A 1420 25.19 -95.78 -2.68
N GLN A 1421 24.95 -94.66 -3.34
CA GLN A 1421 25.90 -93.56 -3.36
C GLN A 1421 25.49 -92.53 -2.33
N PRO A 1422 26.36 -92.16 -1.39
CA PRO A 1422 25.97 -91.22 -0.33
C PRO A 1422 25.70 -89.81 -0.84
N ALA A 1423 24.91 -89.09 -0.06
CA ALA A 1423 24.53 -87.71 -0.35
C ALA A 1423 25.70 -86.76 -0.08
N PHE A 1424 25.63 -85.59 -0.72
CA PHE A 1424 26.69 -84.60 -0.63
C PHE A 1424 26.75 -83.90 0.72
N GLY A 1425 25.63 -83.90 1.46
CA GLY A 1425 25.53 -83.19 2.71
C GLY A 1425 26.61 -83.58 3.71
N PRO A 1426 26.59 -84.84 4.18
CA PRO A 1426 27.59 -85.24 5.17
C PRO A 1426 29.03 -85.17 4.70
N VAL A 1427 29.32 -85.52 3.44
CA VAL A 1427 30.72 -85.53 2.98
C VAL A 1427 31.26 -84.11 2.83
N LEU A 1428 30.48 -83.20 2.23
CA LEU A 1428 30.90 -81.80 2.18
C LEU A 1428 31.01 -81.22 3.58
N LEU A 1429 30.09 -81.57 4.47
CA LEU A 1429 30.12 -81.06 5.83
C LEU A 1429 31.38 -81.50 6.57
N LYS A 1430 31.72 -82.80 6.48
CA LYS A 1430 32.92 -83.26 7.18
C LYS A 1430 34.18 -82.69 6.55
N ALA A 1431 34.18 -82.48 5.22
CA ALA A 1431 35.32 -81.82 4.59
C ALA A 1431 35.50 -80.40 5.11
N LEU A 1432 34.41 -79.64 5.22
CA LEU A 1432 34.49 -78.28 5.78
C LEU A 1432 34.95 -78.31 7.23
N LEU A 1433 34.49 -79.31 8.00
CA LEU A 1433 34.94 -79.46 9.38
C LEU A 1433 36.43 -79.76 9.45
N ASP A 1434 36.94 -80.57 8.53
CA ASP A 1434 38.38 -80.79 8.52
C ASP A 1434 39.15 -79.53 8.11
N ASN A 1435 38.62 -78.75 7.18
CA ASN A 1435 39.30 -77.56 6.69
C ASN A 1435 39.02 -76.26 7.46
N MET A 1436 38.19 -76.29 8.51
CA MET A 1436 37.99 -75.10 9.35
C MET A 1436 39.30 -74.53 9.89
N SER A 1437 40.26 -75.40 10.23
CA SER A 1437 41.46 -74.99 10.95
C SER A 1437 42.33 -74.02 10.15
N PHE A 1438 42.32 -74.12 8.82
CA PHE A 1438 43.17 -73.29 7.99
C PHE A 1438 42.56 -71.93 7.69
N LEU A 1439 41.39 -71.64 8.25
CA LEU A 1439 40.71 -70.36 8.02
C LEU A 1439 41.51 -69.12 8.39
N PRO A 1440 42.15 -68.99 9.57
CA PRO A 1440 42.91 -67.75 9.84
C PRO A 1440 44.17 -67.59 8.99
N ALA A 1441 44.63 -68.64 8.32
CA ALA A 1441 45.78 -68.55 7.45
C ALA A 1441 45.39 -68.32 5.99
N ALA A 1442 44.12 -68.07 5.73
CA ALA A 1442 43.64 -67.88 4.36
C ALA A 1442 44.14 -66.56 3.81
N THR A 1443 43.84 -66.33 2.53
CA THR A 1443 44.37 -65.19 1.80
C THR A 1443 43.30 -64.24 1.31
N THR A 1444 42.08 -64.72 1.05
CA THR A 1444 41.05 -63.89 0.43
C THR A 1444 39.80 -63.91 1.30
N GLY A 1445 39.27 -62.71 1.59
CA GLY A 1445 38.06 -62.61 2.38
C GLY A 1445 36.83 -63.10 1.63
N GLY A 1446 36.74 -62.79 0.34
CA GLY A 1446 35.61 -63.28 -0.45
C GLY A 1446 35.59 -64.78 -0.54
N SER A 1447 36.78 -65.39 -0.61
CA SER A 1447 36.88 -66.85 -0.63
C SER A 1447 36.30 -67.47 0.64
N VAL A 1448 36.72 -66.96 1.80
CA VAL A 1448 36.20 -67.50 3.05
C VAL A 1448 34.73 -67.14 3.24
N TYR A 1449 34.29 -66.01 2.68
CA TYR A 1449 32.89 -65.64 2.73
C TYR A 1449 32.04 -66.63 1.94
N TRP A 1450 32.50 -67.00 0.74
CA TRP A 1450 31.82 -68.00 -0.08
C TRP A 1450 31.87 -69.36 0.58
N TYR A 1451 33.00 -69.66 1.22
CA TYR A 1451 33.14 -70.84 2.08
C TYR A 1451 32.07 -70.83 3.15
N PHE A 1452 31.86 -69.68 3.77
CA PHE A 1452 30.89 -69.53 4.84
C PHE A 1452 29.47 -69.69 4.32
N VAL A 1453 29.25 -69.26 3.07
CA VAL A 1453 27.96 -69.46 2.41
C VAL A 1453 27.69 -70.96 2.25
N LEU A 1454 28.69 -71.67 1.74
CA LEU A 1454 28.58 -73.12 1.55
C LEU A 1454 28.36 -73.81 2.89
N LEU A 1455 29.12 -73.41 3.91
CA LEU A 1455 29.00 -73.97 5.24
C LEU A 1455 27.62 -73.73 5.83
N ASN A 1456 27.10 -72.50 5.67
CA ASN A 1456 25.80 -72.16 6.20
C ASN A 1456 24.72 -72.99 5.52
N TYR A 1457 24.88 -73.26 4.23
CA TYR A 1457 23.91 -74.09 3.54
C TYR A 1457 23.96 -75.52 4.03
N VAL A 1458 25.17 -76.10 4.12
CA VAL A 1458 25.28 -77.52 4.43
C VAL A 1458 25.31 -77.81 5.92
N LYS A 1459 25.18 -76.80 6.79
CA LYS A 1459 25.13 -77.08 8.22
C LYS A 1459 23.81 -77.71 8.66
N ASP A 1460 22.81 -77.78 7.79
CA ASP A 1460 21.53 -78.39 8.15
C ASP A 1460 21.65 -79.88 8.45
N GLU A 1461 22.68 -80.55 7.95
CA GLU A 1461 22.81 -81.99 8.17
C GLU A 1461 23.25 -82.30 9.60
N ASP A 1462 24.25 -81.59 10.12
CA ASP A 1462 24.75 -81.79 11.46
C ASP A 1462 25.01 -80.43 12.09
N LEU A 1463 24.63 -80.29 13.37
CA LEU A 1463 24.70 -79.00 14.04
C LEU A 1463 25.72 -78.93 15.16
N ALA A 1464 25.98 -80.04 15.86
CA ALA A 1464 26.84 -80.00 17.04
C ALA A 1464 28.31 -79.81 16.69
N GLY A 1465 28.82 -80.57 15.71
CA GLY A 1465 30.24 -80.55 15.40
C GLY A 1465 30.74 -79.21 14.89
N CYS A 1466 30.00 -78.62 13.95
CA CYS A 1466 30.35 -77.30 13.45
C CYS A 1466 30.28 -76.26 14.56
N SER A 1467 29.28 -76.39 15.43
CA SER A 1467 29.11 -75.49 16.56
C SER A 1467 30.31 -75.52 17.50
N THR A 1468 30.75 -76.72 17.89
CA THR A 1468 31.85 -76.82 18.85
C THR A 1468 33.16 -76.40 18.19
N ALA A 1469 33.36 -76.73 16.91
CA ALA A 1469 34.56 -76.30 16.21
C ALA A 1469 34.62 -74.77 16.12
N CYS A 1470 33.48 -74.14 15.82
CA CYS A 1470 33.43 -72.69 15.78
C CYS A 1470 33.69 -72.09 17.17
N ALA A 1471 33.18 -72.74 18.22
CA ALA A 1471 33.44 -72.27 19.58
C ALA A 1471 34.93 -72.32 19.91
N SER A 1472 35.60 -73.40 19.49
CA SER A 1472 37.04 -73.50 19.67
C SER A 1472 37.76 -72.38 18.92
N LEU A 1473 37.28 -72.09 17.70
CA LEU A 1473 37.82 -70.97 16.93
C LEU A 1473 37.63 -69.65 17.65
N LEU A 1474 36.44 -69.44 18.25
CA LEU A 1474 36.18 -68.26 19.08
C LEU A 1474 37.23 -68.12 20.15
N THR A 1475 37.44 -69.19 20.93
CA THR A 1475 38.38 -69.14 22.05
C THR A 1475 39.78 -68.79 21.58
N ALA A 1476 40.28 -69.52 20.58
CA ALA A 1476 41.66 -69.34 20.13
C ALA A 1476 41.88 -67.98 19.50
N VAL A 1477 41.04 -67.59 18.53
CA VAL A 1477 41.26 -66.34 17.83
C VAL A 1477 41.00 -65.15 18.75
N SER A 1478 40.04 -65.25 19.68
CA SER A 1478 39.79 -64.16 20.62
C SER A 1478 40.96 -63.97 21.57
N ARG A 1479 41.50 -65.07 22.12
CA ARG A 1479 42.63 -64.95 23.01
C ARG A 1479 43.86 -64.46 22.27
N GLN A 1480 43.97 -64.73 20.97
CA GLN A 1480 45.10 -64.16 20.25
C GLN A 1480 44.84 -62.69 19.97
N LEU A 1481 43.59 -62.34 19.68
CA LEU A 1481 43.25 -60.98 19.27
C LEU A 1481 43.51 -60.00 20.40
N GLN A 1482 43.23 -60.44 21.64
CA GLN A 1482 43.45 -59.57 22.80
C GLN A 1482 44.92 -59.21 22.95
N ASP A 1483 45.82 -60.07 22.49
CA ASP A 1483 47.24 -59.82 22.58
C ASP A 1483 47.69 -58.81 21.54
N THR A 1486 48.69 -53.67 22.45
CA THR A 1486 49.57 -52.68 23.05
C THR A 1486 48.71 -51.51 23.57
N PRO A 1487 49.16 -50.85 24.64
CA PRO A 1487 48.38 -49.72 25.20
C PRO A 1487 48.15 -48.55 24.26
N MET A 1488 48.98 -48.36 23.23
CA MET A 1488 48.83 -47.17 22.39
C MET A 1488 47.54 -47.23 21.58
N GLU A 1489 47.18 -48.40 21.03
CA GLU A 1489 45.93 -48.52 20.29
C GLU A 1489 44.75 -48.18 21.20
N ALA A 1490 44.77 -48.69 22.44
CA ALA A 1490 43.75 -48.36 23.43
C ALA A 1490 43.73 -46.86 23.72
N LEU A 1491 44.89 -46.21 23.72
CA LEU A 1491 44.96 -44.77 23.95
C LEU A 1491 44.21 -44.03 22.85
N LEU A 1492 44.44 -44.43 21.59
CA LEU A 1492 43.70 -43.82 20.48
C LEU A 1492 42.22 -44.15 20.58
N GLN A 1493 41.89 -45.38 21.00
CA GLN A 1493 40.51 -45.79 21.15
C GLN A 1493 39.77 -44.91 22.16
N THR A 1494 40.42 -44.60 23.27
CA THR A 1494 39.79 -43.78 24.29
C THR A 1494 39.71 -42.32 23.86
N ARG A 1495 40.83 -41.75 23.46
CA ARG A 1495 40.87 -40.31 23.26
C ARG A 1495 40.18 -39.85 21.98
N TYR A 1496 40.15 -40.68 20.93
CA TYR A 1496 39.62 -40.17 19.67
C TYR A 1496 38.53 -41.02 19.04
N GLY A 1497 38.17 -42.15 19.65
CA GLY A 1497 37.27 -43.08 18.99
C GLY A 1497 37.86 -43.55 17.69
N LEU A 1498 39.14 -43.89 17.71
CA LEU A 1498 39.96 -44.05 16.52
C LEU A 1498 40.62 -45.40 16.68
N TYR A 1499 40.05 -46.43 16.06
CA TYR A 1499 40.35 -47.77 16.53
C TYR A 1499 41.40 -48.47 15.68
N SER A 1500 41.24 -48.42 14.35
CA SER A 1500 42.14 -49.14 13.44
C SER A 1500 43.57 -48.67 13.58
N SER A 1501 44.48 -49.65 13.65
CA SER A 1501 45.89 -49.38 13.94
C SER A 1501 46.58 -48.66 12.79
N PRO A 1502 47.16 -47.48 13.02
CA PRO A 1502 47.87 -46.78 11.94
C PRO A 1502 49.29 -47.27 11.72
N PHE A 1503 49.90 -47.93 12.70
CA PHE A 1503 51.26 -48.42 12.54
C PHE A 1503 51.30 -49.80 11.92
N ASP A 1504 50.27 -50.61 12.12
CA ASP A 1504 50.20 -51.90 11.46
C ASP A 1504 49.84 -51.66 9.99
N PRO A 1505 50.71 -52.02 9.05
CA PRO A 1505 50.44 -51.69 7.65
C PRO A 1505 49.50 -52.68 6.98
N VAL A 1506 49.49 -53.91 7.45
CA VAL A 1506 48.79 -54.99 6.77
C VAL A 1506 47.30 -54.98 7.14
N LEU A 1507 46.46 -54.99 6.10
CA LEU A 1507 45.02 -55.17 6.18
C LEU A 1507 44.67 -56.44 5.42
N PHE A 1508 43.45 -56.93 5.57
CA PHE A 1508 43.07 -58.13 4.84
C PHE A 1508 42.20 -57.80 3.63
N ASP A 1509 41.10 -57.07 3.83
CA ASP A 1509 40.13 -56.64 2.81
C ASP A 1509 39.43 -55.36 3.26
N LEU A 1510 38.76 -54.73 2.31
CA LEU A 1510 37.96 -53.54 2.53
C LEU A 1510 36.52 -53.83 2.15
N GLU A 1511 35.59 -53.43 2.99
CA GLU A 1511 34.16 -53.56 2.74
C GLU A 1511 33.54 -52.17 2.71
N MET A 1512 32.82 -51.86 1.63
CA MET A 1512 32.19 -50.55 1.49
C MET A 1512 30.87 -50.75 0.75
N SER A 1513 29.78 -50.28 1.35
CA SER A 1513 28.47 -50.33 0.72
C SER A 1513 27.72 -49.03 1.00
N GLY A 1514 26.87 -48.64 0.06
CA GLY A 1514 26.10 -47.42 0.16
C GLY A 1514 24.77 -47.52 0.88
N SER A 1515 24.42 -48.68 1.43
CA SER A 1515 23.15 -48.83 2.13
C SER A 1515 23.19 -48.22 3.52
N GLU A 1531 30.28 -43.88 14.16
CA GLU A 1531 29.63 -44.59 15.25
C GLU A 1531 28.19 -44.92 14.86
N ILE A 1532 27.56 -45.80 15.63
CA ILE A 1532 26.16 -46.19 15.43
C ILE A 1532 25.42 -45.93 16.73
N ASP A 1533 24.25 -45.30 16.63
CA ASP A 1533 23.41 -45.02 17.79
C ASP A 1533 22.66 -46.29 18.18
N LEU A 1534 22.86 -46.74 19.41
CA LEU A 1534 22.28 -47.99 19.89
C LEU A 1534 20.94 -47.77 20.57
N SER A 1535 20.44 -46.53 20.62
CA SER A 1535 19.17 -46.24 21.26
C SER A 1535 18.01 -46.93 20.54
N ASP A 1536 18.02 -46.88 19.20
CA ASP A 1536 17.02 -47.61 18.43
C ASP A 1536 17.15 -49.12 18.61
N VAL A 1537 18.39 -49.62 18.62
CA VAL A 1537 18.62 -51.03 18.84
C VAL A 1537 18.22 -51.44 20.26
N LEU A 1538 18.45 -50.56 21.24
CA LEU A 1538 18.05 -50.81 22.63
C LEU A 1538 16.54 -50.96 22.76
N GLU A 1551 22.74 -52.43 7.39
CA GLU A 1551 24.15 -52.72 7.57
C GLU A 1551 24.48 -54.18 7.29
N GLY A 1552 23.45 -55.04 7.35
CA GLY A 1552 23.63 -56.44 7.03
C GLY A 1552 24.01 -56.69 5.58
N SER A 1553 23.45 -55.89 4.66
CA SER A 1553 23.75 -56.03 3.24
C SER A 1553 25.15 -55.55 2.87
N PHE A 1554 25.87 -54.92 3.80
CA PHE A 1554 27.21 -54.41 3.53
C PHE A 1554 28.20 -55.51 3.22
N THR A 1555 27.88 -56.78 3.52
CA THR A 1555 28.72 -57.91 3.15
C THR A 1555 28.64 -58.24 1.66
N SER A 1556 27.93 -57.40 0.91
CA SER A 1556 27.82 -57.58 -0.53
C SER A 1556 29.16 -57.33 -1.23
N LEU A 1557 29.94 -56.38 -0.74
CA LEU A 1557 31.26 -56.06 -1.32
C LEU A 1557 32.36 -56.59 -0.41
N THR A 1558 33.06 -57.62 -0.89
CA THR A 1558 34.22 -58.18 -0.22
C THR A 1558 35.36 -58.29 -1.20
N GLY A 1559 36.58 -58.41 -0.67
CA GLY A 1559 37.77 -58.55 -1.49
C GLY A 1559 38.05 -57.37 -2.40
N LEU A 1560 37.72 -56.15 -1.96
CA LEU A 1560 37.97 -54.99 -2.81
C LEU A 1560 39.45 -54.63 -2.94
N LEU A 1561 40.33 -55.24 -2.15
CA LEU A 1561 41.76 -54.97 -2.31
C LEU A 1561 42.30 -55.48 -3.64
N GLU A 1562 41.81 -56.63 -4.10
CA GLU A 1562 42.35 -57.25 -5.31
C GLU A 1562 42.01 -56.48 -6.58
N VAL A 1563 41.10 -55.53 -6.51
CA VAL A 1563 40.67 -54.74 -7.65
C VAL A 1563 40.94 -53.28 -7.36
N GLU A 1564 41.73 -52.64 -8.24
CA GLU A 1564 42.14 -51.26 -8.02
C GLU A 1564 41.02 -50.28 -8.37
N PRO A 1565 40.95 -49.14 -7.69
CA PRO A 1565 39.97 -48.12 -8.07
C PRO A 1565 40.31 -47.52 -9.43
N LEU A 1566 39.26 -47.10 -10.12
CA LEU A 1566 39.39 -46.55 -11.47
C LEU A 1566 38.84 -45.13 -11.48
N HIS A 1567 39.46 -44.27 -12.29
CA HIS A 1567 39.06 -42.87 -12.32
C HIS A 1567 38.04 -42.66 -13.44
N PHE A 1568 37.25 -41.60 -13.30
CA PHE A 1568 36.11 -41.34 -14.16
C PHE A 1568 36.33 -40.08 -14.99
N THR A 1569 35.89 -40.12 -16.24
CA THR A 1569 35.86 -38.93 -17.11
C THR A 1569 34.51 -38.83 -17.81
N CYS A 1570 33.89 -37.66 -17.71
CA CYS A 1570 32.60 -37.39 -18.33
C CYS A 1570 32.83 -36.95 -19.77
N VAL A 1571 32.47 -37.80 -20.73
CA VAL A 1571 32.69 -37.51 -22.13
C VAL A 1571 31.40 -37.08 -22.84
N SER A 1572 30.26 -37.70 -22.50
CA SER A 1572 29.01 -37.32 -23.14
C SER A 1572 27.91 -37.25 -22.09
N THR A 1573 26.86 -36.49 -22.41
CA THR A 1573 25.75 -36.25 -21.50
C THR A 1573 24.49 -36.26 -22.37
N SER A 1574 23.32 -35.89 -21.83
CA SER A 1574 22.09 -35.83 -22.60
C SER A 1574 21.43 -34.47 -22.46
N ASP A 1575 20.20 -34.35 -22.98
CA ASP A 1575 19.42 -33.12 -22.83
C ASP A 1575 18.92 -32.99 -21.40
N GLY A 1576 19.27 -31.86 -20.77
CA GLY A 1576 18.91 -31.59 -19.39
C GLY A 1576 19.49 -32.60 -18.43
N THR A 1577 20.82 -32.64 -18.32
CA THR A 1577 21.52 -33.56 -17.46
C THR A 1577 22.91 -32.98 -17.21
N ARG A 1578 23.44 -33.13 -15.99
CA ARG A 1578 24.76 -32.58 -15.72
C ARG A 1578 25.47 -33.45 -14.69
N ILE A 1579 26.73 -33.73 -14.94
CA ILE A 1579 27.57 -34.48 -14.00
C ILE A 1579 28.43 -33.48 -13.24
N GLU A 1580 28.31 -33.47 -11.92
CA GLU A 1580 29.05 -32.57 -11.05
C GLU A 1580 29.78 -33.43 -10.02
N ARG A 1581 30.57 -32.79 -9.15
CA ARG A 1581 31.32 -33.47 -8.11
C ARG A 1581 30.69 -33.19 -6.76
N ASP A 1582 30.30 -34.25 -6.06
CA ASP A 1582 29.66 -34.12 -4.76
C ASP A 1582 30.63 -33.60 -3.72
N ASP A 1583 30.14 -32.73 -2.85
CA ASP A 1583 30.94 -32.17 -1.76
C ASP A 1583 30.29 -32.46 -0.41
N GLY A 1758 63.60 -38.31 -12.84
CA GLY A 1758 62.17 -38.17 -12.97
C GLY A 1758 61.40 -39.43 -12.60
N LEU A 1759 62.11 -40.39 -12.00
CA LEU A 1759 61.48 -41.64 -11.59
C LEU A 1759 60.43 -41.41 -10.51
N ALA A 1760 60.71 -40.47 -9.59
CA ALA A 1760 59.76 -40.16 -8.51
C ALA A 1760 58.46 -39.60 -9.07
N LEU A 1761 58.55 -38.80 -10.13
CA LEU A 1761 57.34 -38.25 -10.75
C LEU A 1761 56.49 -39.33 -11.37
N ALA A 1762 57.11 -40.29 -12.07
CA ALA A 1762 56.38 -41.40 -12.65
C ALA A 1762 55.77 -42.29 -11.56
N ILE A 1763 56.50 -42.49 -10.46
CA ILE A 1763 55.99 -43.26 -9.33
C ILE A 1763 54.77 -42.55 -8.72
N SER A 1764 54.84 -41.23 -8.57
CA SER A 1764 53.73 -40.46 -8.04
C SER A 1764 52.53 -40.52 -8.98
N HIS A 1765 52.77 -40.45 -10.29
CA HIS A 1765 51.70 -40.56 -11.28
C HIS A 1765 51.02 -41.93 -11.22
N ALA A 1766 51.84 -42.99 -11.09
CA ALA A 1766 51.29 -44.34 -10.98
C ALA A 1766 50.47 -44.50 -9.70
N SER A 1767 50.94 -43.87 -8.61
CA SER A 1767 50.15 -43.85 -7.38
C SER A 1767 48.84 -43.11 -7.58
N HIS A 1768 48.90 -41.98 -8.29
CA HIS A 1768 47.69 -41.23 -8.62
C HIS A 1768 46.72 -42.03 -9.47
N PHE A 1769 47.24 -42.98 -10.28
CA PHE A 1769 46.38 -43.88 -11.03
C PHE A 1769 45.58 -44.78 -10.09
N LEU A 1770 46.20 -45.22 -9.01
CA LEU A 1770 45.56 -46.06 -8.01
C LEU A 1770 44.95 -45.25 -6.86
N GLN A 1771 44.12 -44.27 -7.22
CA GLN A 1771 43.46 -43.49 -6.20
C GLN A 1771 41.95 -43.53 -6.42
N PRO A 1772 41.17 -43.46 -5.36
CA PRO A 1772 39.72 -43.37 -5.51
C PRO A 1772 39.31 -41.97 -5.94
N PRO A 1773 38.69 -41.84 -7.12
CA PRO A 1773 38.20 -40.53 -7.56
C PRO A 1773 37.14 -40.01 -6.61
N PRO A 1774 37.11 -38.70 -6.38
CA PRO A 1774 36.07 -38.11 -5.50
C PRO A 1774 34.66 -38.43 -5.98
N HIS A 1775 33.70 -38.30 -5.06
CA HIS A 1775 32.31 -38.61 -5.36
C HIS A 1775 31.75 -37.64 -6.40
N GLN A 1776 31.04 -38.18 -7.40
CA GLN A 1776 30.38 -37.36 -8.40
C GLN A 1776 28.93 -37.82 -8.51
N SER A 1777 28.10 -36.97 -9.11
CA SER A 1777 26.68 -37.25 -9.21
C SER A 1777 26.09 -36.59 -10.45
N ILE A 1778 24.94 -37.12 -10.86
CA ILE A 1778 24.12 -36.54 -11.92
C ILE A 1778 23.02 -35.72 -11.27
N ILE A 1779 22.86 -34.48 -11.76
CA ILE A 1779 21.75 -33.62 -11.40
C ILE A 1779 20.93 -33.44 -12.68
N ILE A 1780 19.61 -33.42 -12.54
CA ILE A 1780 18.70 -33.27 -13.66
C ILE A 1780 17.82 -32.05 -13.41
N GLU A 1781 17.70 -31.20 -14.43
CA GLU A 1781 16.90 -29.99 -14.33
C GLU A 1781 15.41 -30.29 -14.28
N ARG A 1782 14.91 -31.17 -15.13
CA ARG A 1782 13.48 -31.47 -15.21
C ARG A 1782 13.25 -32.96 -15.21
N MET A 1783 12.33 -33.41 -14.35
CA MET A 1783 11.95 -34.81 -14.23
C MET A 1783 10.46 -34.97 -14.47
N HIS A 1784 10.06 -36.18 -14.80
CA HIS A 1784 8.66 -36.52 -14.99
C HIS A 1784 8.52 -38.02 -14.80
N SER A 1785 7.28 -38.52 -14.91
CA SER A 1785 7.02 -39.94 -14.76
C SER A 1785 7.57 -40.69 -15.97
N GLY A 1786 8.79 -41.21 -15.86
CA GLY A 1786 9.42 -41.82 -17.00
C GLY A 1786 10.43 -40.88 -17.65
N ALA A 1787 11.17 -40.15 -16.83
CA ALA A 1787 12.17 -39.21 -17.33
C ALA A 1787 13.39 -40.01 -17.79
N ARG A 1788 13.63 -40.02 -19.10
CA ARG A 1788 14.62 -40.89 -19.72
C ARG A 1788 15.88 -40.05 -19.93
N ARG A 1789 16.99 -40.50 -19.33
CA ARG A 1789 18.27 -39.80 -19.33
C ARG A 1789 19.40 -40.74 -19.74
N PHE A 1790 20.39 -40.17 -20.42
CA PHE A 1790 21.49 -40.89 -21.05
C PHE A 1790 22.84 -40.26 -20.67
N VAL A 1791 23.76 -41.07 -20.15
CA VAL A 1791 25.10 -40.57 -19.86
C VAL A 1791 26.13 -41.58 -20.35
N THR A 1792 27.32 -41.07 -20.68
CA THR A 1792 28.46 -41.88 -21.11
C THR A 1792 29.66 -41.53 -20.22
N LEU A 1793 30.44 -42.54 -19.85
CA LEU A 1793 31.62 -42.35 -19.03
C LEU A 1793 32.80 -43.08 -19.65
N ASP A 1794 33.98 -42.50 -19.53
CA ASP A 1794 35.20 -43.08 -20.09
C ASP A 1794 36.30 -43.13 -19.03
N PHE A 1795 37.07 -44.21 -19.05
CA PHE A 1795 38.27 -44.35 -18.24
C PHE A 1795 39.53 -43.86 -18.95
N GLY A 1796 39.44 -43.51 -20.23
CA GLY A 1796 40.59 -43.09 -21.00
C GLY A 1796 41.34 -44.19 -21.71
N ARG A 1797 41.04 -45.45 -21.42
CA ARG A 1797 41.71 -46.60 -22.04
C ARG A 1797 40.92 -47.85 -21.65
N PRO A 1798 41.04 -48.93 -22.44
CA PRO A 1798 40.39 -50.20 -22.07
C PRO A 1798 40.87 -50.73 -20.73
N ILE A 1799 39.93 -50.89 -19.80
CA ILE A 1799 40.22 -51.34 -18.44
C ILE A 1799 39.21 -52.43 -18.09
N LEU A 1800 39.69 -53.49 -17.44
CA LEU A 1800 38.83 -54.55 -16.95
C LEU A 1800 37.86 -54.00 -15.89
N LEU A 1801 36.58 -54.35 -16.04
CA LEU A 1801 35.56 -54.04 -15.05
C LEU A 1801 35.18 -55.30 -14.26
N THR A 1802 35.23 -55.21 -12.93
CA THR A 1802 34.98 -56.39 -12.11
C THR A 1802 33.88 -56.17 -11.08
N ASP A 1803 33.73 -54.95 -10.57
CA ASP A 1803 32.71 -54.68 -9.57
C ASP A 1803 32.08 -53.32 -9.79
N VAL A 1804 30.76 -53.23 -9.60
CA VAL A 1804 30.03 -51.99 -9.79
C VAL A 1804 29.05 -51.79 -8.62
N LEU A 1805 28.94 -50.54 -8.16
CA LEU A 1805 28.02 -50.20 -7.08
C LEU A 1805 27.37 -48.86 -7.38
N ILE A 1806 26.05 -48.87 -7.49
CA ILE A 1806 25.20 -47.70 -7.65
C ILE A 1806 24.50 -47.45 -6.31
N PRO A 1807 24.76 -46.33 -5.63
CA PRO A 1807 24.07 -46.04 -4.37
C PRO A 1807 22.57 -45.88 -4.60
N THR A 1808 21.80 -46.17 -3.54
CA THR A 1808 20.34 -46.11 -3.62
C THR A 1808 19.88 -44.72 -4.01
N CYS A 1809 18.99 -44.66 -4.99
CA CYS A 1809 18.41 -43.41 -5.48
C CYS A 1809 16.90 -43.61 -5.43
N GLY A 1810 16.26 -43.09 -4.39
CA GLY A 1810 14.84 -43.35 -4.17
C GLY A 1810 13.91 -42.61 -5.10
N ASP A 1811 14.42 -41.70 -5.91
CA ASP A 1811 13.60 -40.92 -6.83
C ASP A 1811 13.70 -41.42 -8.27
N LEU A 1812 14.26 -42.61 -8.50
CA LEU A 1812 14.37 -43.18 -9.84
C LEU A 1812 13.61 -44.49 -9.92
N ALA A 1813 13.09 -44.79 -11.11
CA ALA A 1813 12.38 -46.06 -11.33
C ALA A 1813 13.34 -47.17 -11.70
N SER A 1814 14.13 -46.95 -12.75
CA SER A 1814 14.95 -48.03 -13.27
C SER A 1814 16.14 -47.46 -14.02
N LEU A 1815 17.07 -48.35 -14.33
CA LEU A 1815 18.22 -48.01 -15.16
C LEU A 1815 18.68 -49.27 -15.88
N SER A 1816 19.51 -49.05 -16.90
CA SER A 1816 20.20 -50.15 -17.54
C SER A 1816 21.62 -49.72 -17.89
N ILE A 1817 22.49 -50.72 -17.96
CA ILE A 1817 23.93 -50.52 -18.17
C ILE A 1817 24.44 -51.31 -19.38
N ASP A 1818 25.15 -50.61 -20.27
CA ASP A 1818 25.77 -51.20 -21.44
C ASP A 1818 27.23 -50.75 -21.48
N ILE A 1819 28.14 -51.65 -21.86
CA ILE A 1819 29.55 -51.33 -21.91
C ILE A 1819 30.10 -51.76 -23.27
N TRP A 1820 31.03 -50.97 -23.81
CA TRP A 1820 31.69 -51.33 -25.04
C TRP A 1820 33.06 -50.66 -25.11
N THR A 1821 33.99 -51.33 -25.75
CA THR A 1821 35.33 -50.77 -25.85
C THR A 1821 35.48 -49.88 -27.08
N LEU A 1822 34.88 -50.27 -28.20
CA LEU A 1822 35.07 -49.56 -29.47
C LEU A 1822 33.81 -48.89 -30.01
N GLY A 1823 32.72 -49.62 -30.15
CA GLY A 1823 31.51 -49.06 -30.72
C GLY A 1823 30.27 -49.54 -30.01
N GLU A 1824 29.25 -48.67 -30.00
CA GLU A 1824 28.00 -48.99 -29.31
C GLU A 1824 27.30 -50.19 -29.96
N GLU A 1825 27.21 -50.20 -31.29
CA GLU A 1825 26.64 -51.33 -32.01
C GLU A 1825 27.71 -52.29 -32.52
N VAL A 1826 28.99 -52.02 -32.24
CA VAL A 1826 30.06 -52.89 -32.70
C VAL A 1826 30.30 -54.02 -31.71
N ASP A 1827 30.47 -53.67 -30.43
CA ASP A 1827 30.68 -54.68 -29.40
C ASP A 1827 29.90 -54.36 -28.13
N GLY A 1828 28.85 -53.57 -28.24
CA GLY A 1828 28.05 -53.26 -27.06
C GLY A 1828 27.23 -54.46 -26.64
N ARG A 1829 27.13 -54.66 -25.32
CA ARG A 1829 26.35 -55.75 -24.76
C ARG A 1829 25.70 -55.32 -23.45
N ARG A 1830 24.42 -55.63 -23.31
CA ARG A 1830 23.68 -55.28 -22.10
C ARG A 1830 24.14 -56.13 -20.92
N LEU A 1831 24.23 -55.50 -19.75
CA LEU A 1831 24.64 -56.18 -18.53
C LEU A 1831 23.48 -56.43 -17.58
N VAL A 1832 22.73 -55.39 -17.24
CA VAL A 1832 21.57 -55.52 -16.35
C VAL A 1832 20.67 -54.31 -16.52
N VAL A 1833 19.36 -54.55 -16.40
CA VAL A 1833 18.32 -53.53 -16.40
C VAL A 1833 17.66 -53.66 -15.04
N ALA A 1834 18.11 -52.86 -14.08
CA ALA A 1834 17.62 -52.92 -12.71
C ALA A 1834 16.46 -51.95 -12.52
N THR A 1835 15.33 -52.48 -12.07
CA THR A 1835 14.09 -51.72 -11.92
C THR A 1835 13.75 -51.39 -10.47
N ASP A 1836 14.64 -51.62 -9.53
CA ASP A 1836 14.37 -51.39 -8.11
C ASP A 1836 15.48 -50.57 -7.46
N ILE A 1837 15.90 -49.51 -8.14
CA ILE A 1837 16.95 -48.63 -7.61
C ILE A 1837 16.44 -47.89 -6.38
N SER A 1838 15.15 -47.51 -6.39
CA SER A 1838 14.56 -46.83 -5.24
C SER A 1838 14.57 -47.70 -3.98
N THR A 1839 14.26 -48.99 -4.14
CA THR A 1839 14.15 -49.87 -2.98
C THR A 1839 15.51 -50.17 -2.37
N HIS A 1840 16.50 -50.53 -3.19
CA HIS A 1840 17.81 -50.91 -2.69
C HIS A 1840 18.87 -50.42 -3.67
N SER A 1841 20.12 -50.40 -3.19
CA SER A 1841 21.24 -50.03 -4.05
C SER A 1841 21.55 -51.15 -5.03
N LEU A 1842 22.16 -50.76 -6.14
CA LEU A 1842 22.61 -51.73 -7.15
C LEU A 1842 24.01 -52.20 -6.76
N ILE A 1843 24.14 -53.51 -6.54
CA ILE A 1843 25.42 -54.13 -6.26
C ILE A 1843 25.65 -55.25 -7.25
N LEU A 1844 26.79 -55.24 -7.94
CA LEU A 1844 27.13 -56.36 -8.79
C LEU A 1844 28.62 -56.63 -8.67
N HIS A 1845 28.95 -57.79 -8.10
CA HIS A 1845 30.25 -58.09 -7.54
C HIS A 1845 30.90 -59.25 -8.32
N ASP A 1846 32.16 -59.05 -8.72
CA ASP A 1846 33.03 -60.10 -9.28
C ASP A 1846 32.44 -60.71 -10.55
N LEU A 1847 32.37 -59.86 -11.57
CA LEU A 1847 32.00 -60.30 -12.91
C LEU A 1847 32.92 -61.42 -13.37
N ILE A 1848 32.34 -62.53 -13.81
CA ILE A 1848 33.11 -63.70 -14.24
C ILE A 1848 32.50 -64.21 -15.54
N PRO A 1849 33.23 -64.16 -16.66
CA PRO A 1849 34.58 -63.60 -16.85
C PRO A 1849 34.57 -62.08 -16.81
N PRO A 1850 35.65 -61.46 -16.33
CA PRO A 1850 35.68 -60.00 -16.17
C PRO A 1850 35.76 -59.31 -17.52
N PRO A 1851 34.72 -58.55 -17.89
CA PRO A 1851 34.77 -57.83 -19.16
C PRO A 1851 35.77 -56.70 -19.14
N VAL A 1852 36.29 -56.38 -20.32
CA VAL A 1852 37.19 -55.25 -20.50
C VAL A 1852 36.44 -54.23 -21.35
N CYS A 1853 36.63 -52.95 -21.02
CA CYS A 1853 35.84 -51.91 -21.67
C CYS A 1853 36.49 -50.55 -21.50
N ARG A 1854 35.99 -49.59 -22.28
CA ARG A 1854 36.47 -48.22 -22.20
C ARG A 1854 35.32 -47.21 -22.15
N PHE A 1855 34.20 -47.52 -22.80
CA PHE A 1855 33.05 -46.63 -22.88
C PHE A 1855 31.85 -47.26 -22.20
N MET A 1856 31.25 -46.53 -21.26
CA MET A 1856 30.18 -47.04 -20.42
C MET A 1856 28.94 -46.19 -20.61
N LYS A 1857 27.81 -46.83 -20.86
CA LYS A 1857 26.56 -46.15 -21.17
C LYS A 1857 25.55 -46.47 -20.08
N ILE A 1858 24.95 -45.44 -19.51
CA ILE A 1858 23.97 -45.59 -18.45
C ILE A 1858 22.70 -44.88 -18.92
N THR A 1859 21.57 -45.56 -18.81
CA THR A 1859 20.31 -44.88 -19.08
C THR A 1859 19.37 -45.11 -17.91
N VAL A 1860 18.75 -44.02 -17.44
CA VAL A 1860 17.89 -44.07 -16.27
C VAL A 1860 16.50 -43.53 -16.61
N ILE A 1861 15.50 -44.02 -15.89
CA ILE A 1861 14.12 -43.61 -16.04
C ILE A 1861 13.53 -43.33 -14.66
N GLY A 1862 12.92 -42.15 -14.53
CA GLY A 1862 12.37 -41.70 -13.27
C GLY A 1862 11.11 -42.44 -12.86
N ARG A 1863 10.80 -42.36 -11.56
CA ARG A 1863 9.65 -43.09 -11.04
C ARG A 1863 8.35 -42.41 -11.45
N TYR A 1864 7.29 -43.22 -11.53
CA TYR A 1864 5.98 -42.71 -11.91
C TYR A 1864 5.42 -41.81 -10.82
N GLY A 1865 4.76 -40.74 -11.23
CA GLY A 1865 4.26 -39.78 -10.27
C GLY A 1865 5.34 -38.98 -9.57
N SER A 1866 6.51 -38.84 -10.21
CA SER A 1866 7.62 -38.14 -9.58
C SER A 1866 7.34 -36.66 -9.44
N THR A 1867 7.68 -36.11 -8.27
CA THR A 1867 7.63 -34.67 -8.07
C THR A 1867 8.83 -34.03 -8.74
N ASN A 1868 8.58 -32.98 -9.53
CA ASN A 1868 9.65 -32.33 -10.28
C ASN A 1868 10.48 -31.48 -9.32
N ALA A 1869 11.36 -32.16 -8.58
CA ALA A 1869 12.26 -31.51 -7.63
C ALA A 1869 13.62 -32.16 -7.76
N ARG A 1870 14.67 -31.36 -7.61
CA ARG A 1870 16.04 -31.82 -7.85
C ARG A 1870 16.47 -32.90 -6.87
N ALA A 1871 17.37 -33.75 -7.36
CA ALA A 1871 17.89 -34.86 -6.59
C ALA A 1871 19.25 -35.23 -7.16
N LYS A 1872 19.95 -36.11 -6.44
CA LYS A 1872 21.29 -36.53 -6.81
C LYS A 1872 21.30 -37.99 -7.24
N ILE A 1873 22.09 -38.29 -8.27
CA ILE A 1873 22.26 -39.67 -8.75
C ILE A 1873 23.74 -39.99 -8.72
N PRO A 1874 24.28 -40.56 -7.64
CA PRO A 1874 25.72 -40.84 -7.57
C PRO A 1874 26.18 -41.80 -8.66
N LEU A 1875 27.41 -41.58 -9.15
CA LEU A 1875 27.96 -42.49 -10.15
C LEU A 1875 28.24 -43.86 -9.55
N GLY A 1876 28.56 -43.91 -8.27
CA GLY A 1876 28.90 -45.17 -7.65
C GLY A 1876 30.37 -45.46 -7.75
N PHE A 1877 30.73 -46.64 -7.24
CA PHE A 1877 32.13 -47.05 -7.23
C PHE A 1877 32.31 -48.20 -8.19
N TYR A 1878 33.32 -48.08 -9.05
CA TYR A 1878 33.61 -49.09 -10.07
C TYR A 1878 35.04 -49.54 -9.88
N TYR A 1879 35.25 -50.85 -9.78
CA TYR A 1879 36.55 -51.41 -9.50
C TYR A 1879 36.93 -52.44 -10.56
N GLY A 1880 38.22 -52.48 -10.86
CA GLY A 1880 38.72 -53.38 -11.86
C GLY A 1880 40.22 -53.32 -11.95
N HIS A 1881 40.76 -54.02 -12.93
CA HIS A 1881 42.20 -54.10 -13.15
C HIS A 1881 42.60 -53.17 -14.28
N THR A 1882 43.34 -52.10 -13.94
CA THR A 1882 43.86 -51.19 -14.94
C THR A 1882 44.85 -51.90 -15.86
N TYR A 1883 45.72 -52.74 -15.28
CA TYR A 1883 46.65 -53.53 -16.07
C TYR A 1883 46.02 -54.81 -16.57
N ILE A 1884 46.26 -55.11 -17.84
CA ILE A 1884 45.65 -56.25 -18.53
C ILE A 1884 46.74 -57.28 -18.77
N LEU A 1885 46.46 -58.53 -18.42
CA LEU A 1885 47.39 -59.62 -18.63
C LEU A 1885 47.24 -60.15 -20.06
N PRO A 1886 48.27 -60.83 -20.60
CA PRO A 1886 48.22 -61.23 -22.03
C PRO A 1886 47.04 -62.11 -22.41
N TRP A 1887 46.63 -63.06 -21.56
CA TRP A 1887 45.46 -63.86 -21.91
C TRP A 1887 44.19 -63.02 -21.84
N GLU A 1888 44.10 -62.10 -20.86
CA GLU A 1888 42.94 -61.22 -20.81
C GLU A 1888 42.96 -60.24 -21.99
N SER A 1889 44.15 -59.96 -22.52
CA SER A 1889 44.23 -59.15 -23.72
C SER A 1889 43.74 -59.95 -24.92
N GLU A 1890 44.06 -61.24 -24.97
CA GLU A 1890 43.68 -62.09 -26.09
C GLU A 1890 42.23 -62.57 -26.04
N LEU A 1891 41.51 -62.35 -24.93
CA LEU A 1891 40.08 -62.71 -24.91
C LEU A 1891 39.29 -61.90 -25.93
N LYS A 1892 39.44 -60.58 -25.88
CA LYS A 1892 38.73 -59.70 -26.78
C LYS A 1892 39.63 -58.52 -27.13
N ASN A 1906 49.43 -52.50 -27.71
CA ASN A 1906 50.30 -51.54 -27.05
C ASN A 1906 50.47 -51.87 -25.58
N GLN A 1907 50.15 -53.11 -25.21
CA GLN A 1907 50.27 -53.52 -23.82
C GLN A 1907 51.73 -53.62 -23.41
N PRO A 1908 52.14 -52.92 -22.35
CA PRO A 1908 53.52 -53.04 -21.88
C PRO A 1908 53.79 -54.42 -21.32
N GLU A 1909 55.05 -54.83 -21.39
CA GLU A 1909 55.44 -56.15 -20.93
C GLU A 1909 55.32 -56.22 -19.40
N ILE A 1910 55.11 -57.44 -18.89
CA ILE A 1910 54.79 -57.64 -17.49
C ILE A 1910 55.97 -57.29 -16.61
N ASP A 1911 57.19 -57.57 -17.07
CA ASP A 1911 58.38 -57.46 -16.23
C ASP A 1911 58.66 -56.02 -15.79
N GLN A 1912 58.70 -55.08 -16.74
CA GLN A 1912 59.01 -53.70 -16.37
C GLN A 1912 57.87 -53.06 -15.57
N HIS A 1913 56.62 -53.42 -15.89
CA HIS A 1913 55.49 -52.93 -15.11
C HIS A 1913 55.55 -53.45 -13.68
N LEU A 1914 55.92 -54.72 -13.51
CA LEU A 1914 56.12 -55.27 -12.17
C LEU A 1914 57.27 -54.58 -11.44
N ALA A 1915 58.35 -54.26 -12.17
CA ALA A 1915 59.48 -53.58 -11.55
C ALA A 1915 59.09 -52.18 -11.05
N MET A 1916 58.36 -51.43 -11.86
CA MET A 1916 57.95 -50.10 -11.44
C MET A 1916 56.87 -50.18 -10.38
N MET A 1917 56.07 -51.24 -10.39
CA MET A 1917 55.12 -51.50 -9.32
C MET A 1917 55.85 -51.75 -8.00
N VAL A 1918 56.95 -52.50 -8.05
CA VAL A 1918 57.79 -52.72 -6.86
C VAL A 1918 58.38 -51.41 -6.38
N ALA A 1919 58.83 -50.57 -7.31
CA ALA A 1919 59.36 -49.25 -6.95
C ALA A 1919 58.29 -48.40 -6.26
N LEU A 1920 57.06 -48.46 -6.77
CA LEU A 1920 55.94 -47.77 -6.15
C LEU A 1920 55.66 -48.32 -4.75
N GLN A 1921 55.78 -49.63 -4.58
CA GLN A 1921 55.60 -50.24 -3.26
C GLN A 1921 56.65 -49.73 -2.28
N GLU A 1922 57.90 -49.65 -2.73
CA GLU A 1922 58.97 -49.14 -1.86
C GLU A 1922 58.75 -47.67 -1.50
N ASP A 1923 58.36 -46.86 -2.49
CA ASP A 1923 58.11 -45.44 -2.23
C ASP A 1923 56.95 -45.25 -1.27
N ILE A 1924 55.86 -45.98 -1.47
CA ILE A 1924 54.71 -45.86 -0.57
C ILE A 1924 55.06 -46.42 0.80
N GLN A 1925 55.97 -47.40 0.88
CA GLN A 1925 56.43 -47.88 2.18
C GLN A 1925 57.19 -46.79 2.93
N CYS A 1926 58.09 -46.08 2.24
CA CYS A 1926 58.79 -44.96 2.87
C CYS A 1926 57.83 -43.85 3.30
N ARG A 1927 56.87 -43.51 2.43
CA ARG A 1927 55.89 -42.48 2.75
C ARG A 1927 55.03 -42.89 3.95
N TYR A 1928 54.59 -44.15 3.99
CA TYR A 1928 53.81 -44.64 5.12
C TYR A 1928 54.63 -44.63 6.40
N ASN A 1929 55.91 -45.02 6.31
CA ASN A 1929 56.76 -45.01 7.49
C ASN A 1929 56.96 -43.61 8.03
N LEU A 1930 57.18 -42.63 7.14
CA LEU A 1930 57.35 -41.26 7.61
C LEU A 1930 56.04 -40.68 8.15
N ALA A 1931 54.90 -41.07 7.56
CA ALA A 1931 53.61 -40.66 8.10
C ALA A 1931 53.40 -41.22 9.50
N CYS A 1932 53.77 -42.50 9.71
CA CYS A 1932 53.69 -43.10 11.03
C CYS A 1932 54.61 -42.37 12.02
N HIS A 1933 55.81 -42.01 11.55
CA HIS A 1933 56.75 -41.26 12.40
C HIS A 1933 56.19 -39.91 12.80
N ARG A 1934 55.62 -39.17 11.85
CA ARG A 1934 55.05 -37.86 12.16
C ARG A 1934 53.88 -37.99 13.11
N LEU A 1935 53.03 -39.00 12.89
CA LEU A 1935 51.88 -39.26 13.75
C LEU A 1935 52.34 -39.61 15.16
N GLU A 1936 53.37 -40.45 15.27
CA GLU A 1936 53.90 -40.83 16.57
C GLU A 1936 54.50 -39.63 17.31
N THR A 1937 55.25 -38.80 16.60
CA THR A 1937 55.86 -37.64 17.23
C THR A 1937 54.82 -36.64 17.71
N LEU A 1938 53.79 -36.40 16.89
CA LEU A 1938 52.75 -35.47 17.31
C LEU A 1938 51.82 -36.05 18.36
N LEU A 1939 51.69 -37.38 18.45
CA LEU A 1939 50.84 -37.93 19.50
C LEU A 1939 51.51 -37.86 20.86
N GLN A 1940 52.82 -38.10 20.93
CA GLN A 1940 53.53 -38.04 22.20
C GLN A 1940 53.67 -36.64 22.79
N SER A 1941 53.33 -35.59 22.04
CA SER A 1941 53.44 -34.23 22.57
C SER A 1941 52.24 -33.79 23.42
N ILE A 1942 51.43 -34.72 23.92
CA ILE A 1942 50.29 -34.40 24.78
C ILE A 1942 50.67 -34.65 26.24
N ASP A 1943 50.65 -33.60 27.04
CA ASP A 1943 50.95 -33.73 28.47
C ASP A 1943 49.91 -34.62 29.13
N LEU A 1944 50.40 -35.55 29.95
CA LEU A 1944 49.55 -36.58 30.55
C LEU A 1944 49.42 -36.38 32.06
N PRO A 1945 48.29 -35.87 32.54
CA PRO A 1945 48.05 -35.81 34.00
C PRO A 1945 47.80 -37.20 34.57
N PRO A 1946 47.57 -37.34 35.89
CA PRO A 1946 47.12 -38.65 36.42
C PRO A 1946 45.86 -39.13 35.75
N LEU A 1947 45.82 -40.44 35.49
CA LEU A 1947 44.79 -41.03 34.63
C LEU A 1947 43.43 -40.97 35.30
N ASN A 1948 42.60 -40.06 34.81
CA ASN A 1948 41.16 -40.02 35.10
C ASN A 1948 40.47 -40.10 33.74
N SER A 1949 39.90 -41.26 33.42
CA SER A 1949 39.26 -41.46 32.12
C SER A 1949 38.03 -40.57 31.92
N ALA A 1950 37.49 -39.99 33.00
CA ALA A 1950 36.44 -38.98 32.86
C ALA A 1950 36.95 -37.77 32.09
N ASN A 1951 38.18 -37.35 32.40
CA ASN A 1951 38.82 -36.28 31.64
C ASN A 1951 39.15 -36.71 30.22
N ASN A 1952 39.53 -37.98 30.03
CA ASN A 1952 39.80 -38.51 28.69
C ASN A 1952 38.55 -38.47 27.82
N ALA A 1953 37.39 -38.79 28.39
CA ALA A 1953 36.13 -38.61 27.69
C ALA A 1953 35.79 -37.14 27.49
N GLN A 1954 36.18 -36.29 28.46
CA GLN A 1954 35.87 -34.87 28.40
C GLN A 1954 36.52 -34.17 27.20
N TYR A 1955 37.66 -34.70 26.71
CA TYR A 1955 38.31 -34.14 25.53
C TYR A 1955 37.46 -34.17 24.28
N PHE A 1956 36.46 -35.07 24.20
CA PHE A 1956 35.55 -35.04 23.07
C PHE A 1956 34.65 -33.81 23.12
N LEU A 1957 34.07 -33.53 24.28
CA LEU A 1957 33.08 -32.47 24.42
C LEU A 1957 33.52 -31.42 25.42
N VAL A 1964 39.46 -27.64 19.52
CA VAL A 1964 40.86 -27.69 19.88
C VAL A 1964 41.70 -28.16 18.68
N GLU A 1965 42.83 -27.47 18.47
CA GLU A 1965 43.72 -27.78 17.35
C GLU A 1965 44.32 -29.18 17.44
N GLU A 1966 44.53 -29.67 18.67
CA GLU A 1966 45.17 -30.98 18.86
C GLU A 1966 44.35 -32.11 18.25
N ASP A 1967 43.04 -32.12 18.49
CA ASP A 1967 42.17 -33.16 17.96
C ASP A 1967 42.15 -33.12 16.43
N SER A 1968 42.07 -31.91 15.86
CA SER A 1968 42.08 -31.77 14.41
C SER A 1968 43.39 -32.24 13.79
N ARG A 1969 44.52 -31.91 14.42
CA ARG A 1969 45.80 -32.32 13.87
C ARG A 1969 45.99 -33.82 13.95
N VAL A 1970 45.54 -34.46 15.04
CA VAL A 1970 45.62 -35.90 15.15
C VAL A 1970 44.70 -36.57 14.13
N PHE A 1971 43.51 -36.00 13.91
CA PHE A 1971 42.59 -36.52 12.91
C PHE A 1971 43.17 -36.43 11.51
N SER A 1972 43.79 -35.29 11.18
CA SER A 1972 44.41 -35.13 9.86
C SER A 1972 45.57 -36.09 9.67
N ALA A 1973 46.42 -36.23 10.70
CA ALA A 1973 47.55 -37.15 10.63
C ALA A 1973 47.09 -38.58 10.45
N TYR A 1974 46.05 -38.97 11.19
CA TYR A 1974 45.49 -40.30 11.04
C TYR A 1974 44.88 -40.50 9.66
N GLN A 1975 44.23 -39.47 9.13
CA GLN A 1975 43.63 -39.55 7.80
C GLN A 1975 44.69 -39.83 6.75
N ASP A 1976 45.79 -39.06 6.79
CA ASP A 1976 46.89 -39.29 5.86
C ASP A 1976 47.51 -40.68 6.06
N CYS A 1977 47.74 -41.06 7.31
CA CYS A 1977 48.38 -42.34 7.61
C CYS A 1977 47.51 -43.51 7.14
N ILE A 1978 46.20 -43.43 7.40
CA ILE A 1978 45.31 -44.51 7.01
C ILE A 1978 45.18 -44.58 5.50
N GLN A 1979 45.16 -43.42 4.81
CA GLN A 1979 45.11 -43.41 3.35
C GLN A 1979 46.35 -44.07 2.77
N LEU A 1980 47.53 -43.68 3.27
CA LEU A 1980 48.78 -44.23 2.78
C LEU A 1980 48.89 -45.73 3.07
N GLN A 1981 48.37 -46.17 4.21
CA GLN A 1981 48.29 -47.60 4.48
C GLN A 1981 47.40 -48.30 3.46
N LEU A 1982 46.29 -47.66 3.07
CA LEU A 1982 45.41 -48.25 2.06
C LEU A 1982 46.11 -48.38 0.71
N GLN A 1983 46.81 -47.33 0.26
CA GLN A 1983 47.54 -47.46 -1.01
C GLN A 1983 48.64 -48.52 -0.90
N LEU A 1984 49.34 -48.57 0.23
CA LEU A 1984 50.38 -49.57 0.44
C LEU A 1984 49.80 -50.98 0.34
N ASN A 1985 48.63 -51.21 0.95
CA ASN A 1985 48.06 -52.54 0.98
C ASN A 1985 47.54 -52.96 -0.40
N LEU A 1986 46.87 -52.05 -1.10
CA LEU A 1986 46.40 -52.39 -2.44
C LEU A 1986 47.57 -52.57 -3.40
N ALA A 1987 48.63 -51.78 -3.23
CA ALA A 1987 49.82 -51.93 -4.05
C ALA A 1987 50.52 -53.27 -3.80
N HIS A 1988 50.60 -53.69 -2.54
CA HIS A 1988 51.20 -54.98 -2.23
C HIS A 1988 50.37 -56.11 -2.81
N ASN A 1989 49.05 -56.00 -2.72
CA ASN A 1989 48.19 -57.04 -3.29
C ASN A 1989 48.30 -57.06 -4.81
N ALA A 1990 48.40 -55.89 -5.44
CA ALA A 1990 48.55 -55.81 -6.89
C ALA A 1990 49.88 -56.41 -7.35
N VAL A 1991 50.98 -56.08 -6.66
CA VAL A 1991 52.28 -56.61 -7.07
C VAL A 1991 52.33 -58.11 -6.82
N GLN A 1992 51.67 -58.59 -5.75
CA GLN A 1992 51.54 -60.02 -5.53
C GLN A 1992 50.77 -60.69 -6.66
N ARG A 1993 49.69 -60.03 -7.13
CA ARG A 1993 48.93 -60.53 -8.27
C ARG A 1993 49.79 -60.64 -9.53
N LEU A 1994 50.57 -59.59 -9.82
CA LEU A 1994 51.46 -59.65 -10.99
C LEU A 1994 52.52 -60.73 -10.82
N LYS A 1995 53.00 -60.92 -9.59
CA LYS A 1995 54.04 -61.91 -9.35
C LYS A 1995 53.51 -63.33 -9.53
N VAL A 1996 52.31 -63.61 -9.02
CA VAL A 1996 51.74 -64.94 -9.21
C VAL A 1996 51.33 -65.14 -10.67
N ALA A 1997 50.86 -64.08 -11.33
CA ALA A 1997 50.56 -64.15 -12.75
C ALA A 1997 51.82 -64.39 -13.56
N LEU A 1998 52.96 -63.90 -13.07
CA LEU A 1998 54.25 -64.23 -13.66
C LEU A 1998 54.56 -65.71 -13.58
N GLY A 1999 53.92 -66.43 -12.65
CA GLY A 1999 54.17 -67.85 -12.47
C GLY A 1999 54.35 -68.26 -11.03
N ALA A 2000 54.48 -67.28 -10.14
CA ALA A 2000 54.65 -67.56 -8.72
C ALA A 2000 53.35 -68.02 -8.09
N SER A 2001 53.42 -68.34 -6.80
CA SER A 2001 52.30 -68.80 -6.01
C SER A 2001 52.25 -68.06 -4.68
N ARG A 2002 51.04 -67.92 -4.12
CA ARG A 2002 50.87 -67.32 -2.81
C ARG A 2002 51.41 -68.25 -1.72
N LYS A 2003 51.24 -67.83 -0.48
CA LYS A 2003 51.72 -68.61 0.66
C LYS A 2003 51.03 -69.97 0.65
N MET A 2004 51.80 -71.03 0.86
CA MET A 2004 51.28 -72.39 0.82
C MET A 2004 51.10 -72.93 2.22
N LEU A 2005 49.94 -73.53 2.45
CA LEU A 2005 49.57 -74.06 3.76
C LEU A 2005 50.21 -75.44 3.90
N SER A 2006 51.24 -75.55 4.72
CA SER A 2006 51.89 -76.83 4.88
C SER A 2006 51.01 -77.77 5.70
N GLU A 2007 51.14 -79.07 5.43
CA GLU A 2007 50.38 -80.07 6.18
C GLU A 2007 50.82 -80.16 7.64
N THR A 2008 52.03 -79.69 7.95
CA THR A 2008 52.56 -79.70 9.30
C THR A 2008 52.28 -78.41 10.04
N SER A 2009 51.51 -77.50 9.45
CA SER A 2009 51.23 -76.21 10.08
C SER A 2009 50.36 -76.37 11.31
N ASN A 2010 50.82 -75.79 12.40
CA ASN A 2010 50.09 -75.76 13.66
C ASN A 2010 49.04 -74.67 13.57
N PRO A 2011 47.77 -74.98 13.85
CA PRO A 2011 46.74 -73.93 13.77
C PRO A 2011 47.04 -72.68 14.59
N GLU A 2012 47.60 -72.83 15.80
CA GLU A 2012 47.84 -71.66 16.62
C GLU A 2012 49.06 -70.82 16.24
N ASP A 2013 50.07 -71.37 15.54
CA ASP A 2013 51.16 -70.48 15.16
C ASP A 2013 50.76 -69.59 13.99
N LEU A 2014 50.01 -70.16 13.03
CA LEU A 2014 49.47 -69.34 11.95
C LEU A 2014 48.34 -68.45 12.44
N ILE A 2015 47.71 -68.81 13.56
CA ILE A 2015 46.86 -67.86 14.26
C ILE A 2015 47.70 -66.70 14.77
N GLN A 2016 48.88 -67.01 15.31
CA GLN A 2016 49.77 -65.97 15.82
C GLN A 2016 50.35 -65.12 14.70
N THR A 2017 50.69 -65.74 13.58
CA THR A 2017 51.30 -65.00 12.48
C THR A 2017 50.27 -64.49 11.48
N SER A 2018 49.04 -64.31 11.91
CA SER A 2018 48.01 -63.69 11.09
C SER A 2018 47.84 -62.23 11.49
N SER A 2019 47.51 -61.40 10.51
CA SER A 2019 47.34 -59.98 10.76
C SER A 2019 46.12 -59.73 11.65
N THR A 2020 46.22 -58.69 12.48
CA THR A 2020 45.18 -58.39 13.47
C THR A 2020 43.85 -58.05 12.80
N GLU A 2021 43.91 -57.30 11.69
CA GLU A 2021 42.69 -56.96 10.95
C GLU A 2021 42.04 -58.21 10.38
N GLN A 2022 42.86 -59.16 9.90
CA GLN A 2022 42.32 -60.44 9.48
C GLN A 2022 41.61 -61.15 10.62
N LEU A 2023 42.18 -61.07 11.83
CA LEU A 2023 41.56 -61.68 13.00
C LEU A 2023 40.20 -61.03 13.29
N ARG A 2024 40.13 -59.71 13.20
CA ARG A 2024 38.87 -59.00 13.44
C ARG A 2024 37.81 -59.42 12.42
N THR A 2025 38.19 -59.44 11.14
CA THR A 2025 37.25 -59.78 10.09
C THR A 2025 36.78 -61.22 10.20
N ILE A 2026 37.69 -62.16 10.46
CA ILE A 2026 37.27 -63.56 10.54
C ILE A 2026 36.40 -63.77 11.76
N ILE A 2027 36.71 -63.09 12.88
CA ILE A 2027 35.89 -63.19 14.09
C ILE A 2027 34.48 -62.69 13.82
N ARG A 2028 34.36 -61.52 13.18
CA ARG A 2028 33.04 -60.97 12.90
C ARG A 2028 32.25 -61.87 11.97
N TYR A 2029 32.93 -62.44 10.97
CA TYR A 2029 32.27 -63.33 10.02
C TYR A 2029 31.75 -64.59 10.71
N LEU A 2030 32.59 -65.25 11.52
CA LEU A 2030 32.16 -66.51 12.09
C LEU A 2030 31.16 -66.31 13.21
N LEU A 2031 31.20 -65.19 13.92
CA LEU A 2031 30.12 -64.95 14.85
C LEU A 2031 28.84 -64.49 14.16
N ASP A 2032 28.93 -63.90 12.97
CA ASP A 2032 27.74 -63.73 12.15
C ASP A 2032 27.13 -65.09 11.81
N THR A 2033 27.98 -66.06 11.45
CA THR A 2033 27.50 -67.42 11.23
C THR A 2033 26.87 -67.99 12.50
N LEU A 2034 27.43 -67.66 13.66
CA LEU A 2034 26.85 -68.09 14.93
C LEU A 2034 25.48 -67.45 15.16
N LEU A 2035 25.33 -66.17 14.80
CA LEU A 2035 24.03 -65.52 14.89
C LEU A 2035 23.01 -66.23 14.00
N SER A 2036 23.41 -66.57 12.77
CA SER A 2036 22.54 -67.33 11.89
C SER A 2036 22.23 -68.70 12.50
N LEU A 2037 23.21 -69.30 13.16
CA LEU A 2037 23.02 -70.58 13.82
C LEU A 2037 21.98 -70.47 14.94
N LEU A 2038 22.08 -69.40 15.74
CA LEU A 2038 21.12 -69.17 16.80
C LEU A 2038 19.73 -68.95 16.25
N HIS A 2039 19.62 -68.21 15.16
CA HIS A 2039 18.30 -68.01 14.56
C HIS A 2039 17.79 -69.31 13.93
N ALA A 2040 18.71 -70.20 13.54
CA ALA A 2040 18.33 -71.46 12.91
C ALA A 2040 17.56 -72.35 13.88
N SER A 2041 17.72 -72.13 15.19
CA SER A 2041 16.97 -72.87 16.18
C SER A 2041 15.53 -72.39 16.25
N ASN A 2042 15.21 -71.28 15.56
CA ASN A 2042 13.89 -70.66 15.54
C ASN A 2042 13.40 -70.30 16.93
N GLY A 2043 14.33 -69.89 17.80
CA GLY A 2043 14.00 -69.55 19.16
C GLY A 2043 13.83 -70.72 20.10
N HIS A 2044 14.02 -71.96 19.62
CA HIS A 2044 13.87 -73.14 20.45
C HIS A 2044 15.11 -73.32 21.31
N SER A 2045 15.21 -74.49 21.93
CA SER A 2045 16.33 -74.77 22.83
C SER A 2045 17.62 -74.88 22.04
N VAL A 2046 18.63 -74.15 22.49
CA VAL A 2046 19.99 -74.22 21.94
C VAL A 2046 20.56 -75.57 22.35
N PRO A 2047 21.39 -76.20 21.52
CA PRO A 2047 22.08 -77.43 21.94
C PRO A 2047 22.88 -77.20 23.21
N ALA A 2048 22.86 -78.20 24.10
CA ALA A 2048 23.49 -78.06 25.40
C ALA A 2048 25.01 -78.04 25.31
N VAL A 2049 25.59 -78.44 24.18
CA VAL A 2049 27.03 -78.50 24.04
C VAL A 2049 27.65 -77.11 24.16
N LEU A 2050 27.09 -76.12 23.46
CA LEU A 2050 27.63 -74.77 23.53
C LEU A 2050 27.26 -74.08 24.83
N GLN A 2051 26.08 -74.41 25.37
CA GLN A 2051 25.68 -73.86 26.67
C GLN A 2051 26.62 -74.32 27.78
N SER A 2052 27.01 -75.60 27.74
CA SER A 2052 28.02 -76.08 28.67
C SER A 2052 29.39 -75.50 28.34
N THR A 2053 29.69 -75.33 27.06
CA THR A 2053 30.95 -74.72 26.65
C THR A 2053 31.05 -73.27 27.10
N PHE A 2054 29.96 -72.53 26.94
CA PHE A 2054 29.91 -71.13 27.34
C PHE A 2054 29.53 -71.00 28.82
N HIS A 2055 30.42 -71.50 29.65
CA HIS A 2055 30.31 -71.37 31.08
C HIS A 2055 30.79 -69.98 31.47
N ALA A 2056 30.88 -69.73 32.79
CA ALA A 2056 31.17 -68.39 33.30
C ALA A 2056 32.54 -67.91 32.85
N GLN A 2057 33.58 -68.72 33.04
CA GLN A 2057 34.94 -68.29 32.72
C GLN A 2057 35.13 -68.08 31.23
N ALA A 2058 34.57 -68.95 30.38
CA ALA A 2058 34.70 -68.76 28.94
C ALA A 2058 34.01 -67.48 28.49
N CYS A 2059 32.79 -67.24 28.99
CA CYS A 2059 32.06 -66.03 28.65
C CYS A 2059 32.79 -64.78 29.10
N GLU A 2060 33.29 -64.77 30.35
CA GLU A 2060 34.01 -63.60 30.84
C GLU A 2060 35.30 -63.37 30.05
N GLU A 2061 36.02 -64.44 29.73
CA GLU A 2061 37.27 -64.29 29.00
C GLU A 2061 37.05 -63.74 27.60
N LEU A 2062 36.03 -64.26 26.90
CA LEU A 2062 35.73 -63.73 25.57
C LEU A 2062 35.27 -62.28 25.66
N PHE A 2063 34.45 -61.96 26.67
CA PHE A 2063 33.99 -60.59 26.88
C PHE A 2063 35.16 -59.65 27.14
N LYS A 2064 36.09 -60.07 27.99
CA LYS A 2064 37.25 -59.28 28.35
C LYS A 2064 38.25 -59.19 27.22
N HIS A 2065 38.16 -60.10 26.26
CA HIS A 2065 39.09 -60.10 25.14
C HIS A 2065 38.57 -59.35 23.93
N LEU A 2066 37.26 -59.20 23.78
CA LEU A 2066 36.71 -58.54 22.62
C LEU A 2066 36.25 -57.10 22.87
N CYS A 2067 35.50 -56.88 23.94
CA CYS A 2067 34.88 -55.58 24.20
C CYS A 2067 35.89 -54.50 24.56
N ILE A 2068 36.97 -54.85 25.26
CA ILE A 2068 37.95 -53.83 25.65
C ILE A 2068 38.60 -53.21 24.41
N SER A 2069 38.90 -54.04 23.41
CA SER A 2069 39.65 -53.58 22.25
C SER A 2069 38.85 -53.47 20.95
N GLY A 2070 37.75 -54.21 20.80
CA GLY A 2070 37.08 -54.29 19.51
C GLY A 2070 36.32 -53.03 19.09
N THR A 2071 35.97 -53.04 17.80
CA THR A 2071 35.22 -51.96 17.17
C THR A 2071 33.80 -51.93 17.74
N PRO A 2072 33.10 -50.79 17.67
CA PRO A 2072 31.73 -50.73 18.23
C PRO A 2072 30.78 -51.73 17.62
N LYS A 2073 30.90 -51.97 16.31
CA LYS A 2073 30.03 -52.94 15.65
C LYS A 2073 30.26 -54.35 16.19
N ILE A 2074 31.53 -54.78 16.27
CA ILE A 2074 31.76 -56.14 16.77
C ILE A 2074 31.50 -56.24 18.27
N ARG A 2075 31.74 -55.15 19.00
CA ARG A 2075 31.41 -55.11 20.41
C ARG A 2075 29.92 -55.28 20.64
N LEU A 2076 29.09 -54.49 19.94
CA LEU A 2076 27.64 -54.65 20.04
C LEU A 2076 27.22 -56.03 19.59
N HIS A 2077 27.84 -56.55 18.52
CA HIS A 2077 27.43 -57.83 17.97
C HIS A 2077 27.70 -58.97 18.94
N THR A 2078 28.86 -58.95 19.61
CA THR A 2078 29.13 -59.98 20.60
C THR A 2078 28.25 -59.78 21.83
N GLY A 2079 27.90 -58.54 22.15
CA GLY A 2079 26.96 -58.30 23.23
C GLY A 2079 25.61 -58.93 22.95
N LEU A 2080 25.09 -58.72 21.74
CA LEU A 2080 23.82 -59.34 21.37
C LEU A 2080 23.92 -60.85 21.28
N LEU A 2081 25.06 -61.37 20.83
CA LEU A 2081 25.29 -62.80 20.85
C LEU A 2081 25.17 -63.35 22.26
N LEU A 2082 25.84 -62.68 23.21
CA LEU A 2082 25.81 -63.14 24.59
C LEU A 2082 24.40 -63.04 25.20
N VAL A 2083 23.67 -61.96 24.90
CA VAL A 2083 22.34 -61.86 25.50
C VAL A 2083 21.37 -62.88 24.88
N GLN A 2084 21.48 -63.15 23.58
CA GLN A 2084 20.63 -64.16 22.99
C GLN A 2084 21.05 -65.59 23.31
N LEU A 2085 22.26 -65.79 23.84
CA LEU A 2085 22.69 -67.15 24.19
C LEU A 2085 22.75 -67.43 25.68
N CYS A 2086 23.50 -66.66 26.45
CA CYS A 2086 23.68 -66.92 27.87
C CYS A 2086 22.85 -65.98 28.73
N GLY A 2087 21.89 -65.26 28.13
CA GLY A 2087 21.10 -64.30 28.86
C GLY A 2087 20.27 -64.90 29.97
N GLY A 2088 19.68 -66.07 29.71
CA GLY A 2088 18.84 -66.75 30.67
C GLY A 2088 19.57 -67.55 31.72
N GLU A 2089 20.90 -67.57 31.67
CA GLU A 2089 21.69 -68.33 32.62
C GLU A 2089 21.56 -67.75 34.03
N ARG A 2090 21.59 -68.65 35.01
CA ARG A 2090 21.46 -68.25 36.40
C ARG A 2090 22.71 -67.55 36.91
N TRP A 2091 23.85 -67.82 36.29
CA TRP A 2091 25.10 -67.18 36.67
C TRP A 2091 25.35 -65.91 35.88
N TRP A 2092 24.43 -65.56 34.97
CA TRP A 2092 24.60 -64.40 34.11
C TRP A 2092 24.61 -63.12 34.91
N GLY A 2093 23.70 -62.99 35.88
CA GLY A 2093 23.68 -61.82 36.72
C GLY A 2093 24.93 -61.69 37.57
N GLN A 2094 25.41 -62.81 38.10
CA GLN A 2094 26.64 -62.79 38.88
C GLN A 2094 27.84 -62.42 38.03
N PHE A 2095 27.89 -62.91 36.79
CA PHE A 2095 28.94 -62.53 35.86
C PHE A 2095 28.90 -61.04 35.56
N LEU A 2096 27.70 -60.51 35.32
CA LEU A 2096 27.55 -59.07 35.11
C LEU A 2096 28.01 -58.29 36.33
N SER A 2097 27.62 -58.77 37.51
CA SER A 2097 28.00 -58.14 38.76
C SER A 2097 29.51 -58.09 38.93
N ASN A 2098 30.19 -59.19 38.63
CA ASN A 2098 31.64 -59.24 38.75
C ASN A 2098 32.31 -58.32 37.74
N VAL A 2099 31.88 -58.39 36.48
CA VAL A 2099 32.55 -57.60 35.45
C VAL A 2099 32.36 -56.11 35.70
N LEU A 2100 31.19 -55.70 36.18
CA LEU A 2100 30.99 -54.32 36.62
C LEU A 2100 31.88 -53.99 37.81
N GLN A 2101 32.04 -54.94 38.74
CA GLN A 2101 32.79 -54.64 39.96
C GLN A 2101 34.26 -54.37 39.68
N GLU A 2102 34.93 -55.30 39.02
CA GLU A 2102 36.36 -55.07 38.79
C GLU A 2102 36.68 -54.33 37.48
N LEU A 2103 35.71 -54.13 36.59
CA LEU A 2103 36.05 -53.47 35.34
C LEU A 2103 36.27 -51.97 35.49
N TYR A 2104 35.43 -51.27 36.26
CA TYR A 2104 35.50 -49.81 36.27
C TYR A 2104 36.06 -49.26 37.57
N ASN A 2105 36.90 -50.04 38.25
CA ASN A 2105 37.43 -49.64 39.56
C ASN A 2105 38.26 -48.36 39.46
N SER A 2106 38.19 -47.57 40.54
CA SER A 2106 39.07 -46.41 40.67
C SER A 2106 40.53 -46.82 40.74
N GLU A 2107 40.81 -48.08 41.04
CA GLU A 2107 42.15 -48.63 40.99
C GLU A 2107 42.44 -49.29 39.66
N GLN A 2108 41.45 -49.38 38.77
CA GLN A 2108 41.61 -50.05 37.48
C GLN A 2108 42.40 -49.14 36.55
N LEU A 2109 43.59 -49.59 36.16
CA LEU A 2109 44.47 -48.86 35.25
C LEU A 2109 44.18 -49.12 33.78
N LEU A 2110 43.31 -50.08 33.46
CA LEU A 2110 43.04 -50.45 32.07
C LEU A 2110 42.43 -49.28 31.30
N ILE A 2111 42.92 -49.10 30.08
CA ILE A 2111 42.50 -48.02 29.19
C ILE A 2111 41.50 -48.59 28.19
N PHE A 2112 40.25 -48.12 28.27
CA PHE A 2112 39.18 -48.63 27.42
C PHE A 2112 38.15 -47.53 27.20
N PRO A 2113 37.43 -47.54 26.05
CA PRO A 2113 36.48 -46.46 25.75
C PRO A 2113 35.22 -46.48 26.62
N GLN A 2114 35.32 -45.87 27.80
CA GLN A 2114 34.26 -45.95 28.82
C GLN A 2114 32.87 -45.50 28.35
N ASP A 2115 32.77 -44.51 27.46
CA ASP A 2115 31.45 -44.01 27.06
C ASP A 2115 30.63 -45.08 26.35
N ARG A 2116 31.24 -45.70 25.35
CA ARG A 2116 30.55 -46.69 24.54
C ARG A 2116 30.28 -47.94 25.35
N VAL A 2117 31.23 -48.33 26.20
CA VAL A 2117 30.99 -49.52 27.02
C VAL A 2117 29.89 -49.28 28.06
N PHE A 2118 29.70 -48.05 28.57
CA PHE A 2118 28.54 -47.85 29.44
C PHE A 2118 27.23 -47.91 28.65
N MET A 2119 27.19 -47.34 27.45
CA MET A 2119 25.98 -47.45 26.64
C MET A 2119 25.64 -48.90 26.27
N LEU A 2120 26.64 -49.70 25.90
CA LEU A 2120 26.40 -51.11 25.62
C LEU A 2120 25.95 -51.85 26.87
N LEU A 2121 26.55 -51.52 28.01
CA LEU A 2121 26.15 -52.15 29.26
C LEU A 2121 24.69 -51.85 29.55
N SER A 2122 24.26 -50.62 29.30
CA SER A 2122 22.85 -50.28 29.47
C SER A 2122 21.99 -51.12 28.53
N CYS A 2123 22.44 -51.28 27.28
CA CYS A 2123 21.66 -52.06 26.32
C CYS A 2123 21.62 -53.55 26.69
N ILE A 2124 22.74 -54.12 27.11
CA ILE A 2124 22.75 -55.56 27.43
C ILE A 2124 21.99 -55.83 28.72
N GLY A 2125 22.09 -54.93 29.71
CA GLY A 2125 21.24 -55.03 30.88
C GLY A 2125 19.78 -54.89 30.51
N GLN A 2126 19.49 -54.07 29.50
CA GLN A 2126 18.13 -53.95 28.99
C GLN A 2126 17.63 -55.29 28.46
N ARG A 2127 18.47 -55.99 27.68
CA ARG A 2127 18.07 -57.30 27.19
C ARG A 2127 17.97 -58.33 28.31
N SER A 2128 18.88 -58.27 29.28
CA SER A 2128 18.91 -59.24 30.37
C SER A 2128 17.92 -58.92 31.48
N LEU A 2129 17.22 -57.77 31.38
CA LEU A 2129 16.17 -57.40 32.33
C LEU A 2129 15.12 -58.48 32.57
N SER A 2130 14.93 -59.39 31.59
CA SER A 2130 14.03 -60.51 31.78
C SER A 2130 14.45 -61.41 32.93
N ASN A 2131 15.76 -61.70 33.04
CA ASN A 2131 16.27 -62.42 34.19
C ASN A 2131 16.12 -61.56 35.45
N SER A 2132 15.72 -62.21 36.55
CA SER A 2132 15.44 -61.51 37.81
C SER A 2132 16.65 -61.38 38.72
N GLY A 2133 17.64 -62.26 38.57
CA GLY A 2133 18.76 -62.29 39.48
C GLY A 2133 19.72 -61.13 39.32
N VAL A 2134 19.66 -60.46 38.17
CA VAL A 2134 20.57 -59.35 37.88
C VAL A 2134 20.36 -58.20 38.88
N LEU A 2135 19.09 -57.86 39.16
CA LEU A 2135 18.81 -56.79 40.10
C LEU A 2135 19.23 -57.16 41.51
N GLU A 2136 19.00 -58.41 41.91
CA GLU A 2136 19.41 -58.90 43.23
C GLU A 2136 20.93 -58.79 43.39
N SER A 2137 21.67 -59.24 42.38
CA SER A 2137 23.13 -59.17 42.43
C SER A 2137 23.60 -57.72 42.46
N LEU A 2138 22.94 -56.87 41.67
CA LEU A 2138 23.33 -55.48 41.59
C LEU A 2138 23.05 -54.73 42.89
N LEU A 2139 21.93 -55.01 43.53
CA LEU A 2139 21.67 -54.40 44.83
C LEU A 2139 22.62 -54.94 45.88
N ASN A 2140 23.05 -56.21 45.74
CA ASN A 2140 24.08 -56.71 46.63
C ASN A 2140 25.38 -55.95 46.43
N LEU A 2141 25.67 -55.54 45.19
CA LEU A 2141 26.81 -54.66 44.94
C LEU A 2141 26.63 -53.33 45.64
N LEU A 2142 25.40 -52.79 45.60
CA LEU A 2142 25.12 -51.56 46.34
C LEU A 2142 25.36 -51.75 47.83
N ASP A 2143 24.96 -52.91 48.35
CA ASP A 2143 25.14 -53.21 49.76
C ASP A 2143 26.63 -53.26 50.11
N ASN A 2144 27.40 -54.01 49.34
CA ASN A 2144 28.83 -54.15 49.58
C ASN A 2144 29.59 -52.85 49.31
N LEU A 2145 29.04 -51.92 48.52
CA LEU A 2145 29.83 -50.80 48.04
C LEU A 2145 30.07 -49.76 49.12
N LEU A 2146 29.00 -49.17 49.68
CA LEU A 2146 29.18 -48.12 50.68
C LEU A 2146 29.27 -48.67 52.10
N SER A 2147 29.76 -49.90 52.24
CA SER A 2147 30.01 -50.46 53.57
C SER A 2147 30.93 -49.63 54.48
N PRO A 2148 31.95 -48.83 53.98
CA PRO A 2148 32.70 -47.96 54.91
C PRO A 2148 31.91 -46.91 55.68
N LEU A 2149 30.59 -46.84 55.50
CA LEU A 2149 29.72 -45.96 56.24
C LEU A 2149 28.76 -46.77 57.11
N GLN A 2150 29.29 -47.79 57.79
CA GLN A 2150 28.50 -48.66 58.64
C GLN A 2150 28.12 -47.97 59.93
N VAL A 2162 37.52 -45.03 53.93
CA VAL A 2162 36.73 -43.89 53.48
C VAL A 2162 35.91 -44.25 52.24
N LEU A 2163 34.87 -43.48 52.01
CA LEU A 2163 33.96 -43.70 50.89
C LEU A 2163 34.61 -43.36 49.55
N ASP A 2164 34.38 -44.21 48.56
CA ASP A 2164 34.91 -44.04 47.22
C ASP A 2164 33.71 -43.62 46.38
N ILE A 2165 33.55 -42.29 46.27
CA ILE A 2165 32.35 -41.73 45.63
C ILE A 2165 32.14 -42.09 44.17
N PRO A 2166 33.16 -42.14 43.27
CA PRO A 2166 32.86 -42.46 41.87
C PRO A 2166 32.15 -43.79 41.65
N MET A 2167 32.59 -44.83 42.38
CA MET A 2167 31.92 -46.12 42.35
C MET A 2167 30.44 -45.98 42.67
N ILE A 2168 30.14 -45.23 43.74
CA ILE A 2168 28.78 -45.02 44.18
C ILE A 2168 27.98 -44.32 43.09
N SER A 2169 28.57 -43.27 42.48
CA SER A 2169 27.89 -42.50 41.45
C SER A 2169 27.54 -43.36 40.25
N TRP A 2170 28.54 -44.12 39.75
CA TRP A 2170 28.30 -44.98 38.60
C TRP A 2170 27.20 -45.98 38.88
N VAL A 2171 27.26 -46.63 40.04
CA VAL A 2171 26.32 -47.70 40.29
C VAL A 2171 24.91 -47.14 40.47
N VAL A 2172 24.77 -45.99 41.14
CA VAL A 2172 23.44 -45.44 41.30
C VAL A 2172 22.88 -44.91 39.98
N MET A 2173 23.71 -44.33 39.10
CA MET A 2173 23.14 -43.90 37.82
C MET A 2173 22.70 -45.08 36.96
N LEU A 2174 23.50 -46.17 36.93
CA LEU A 2174 23.12 -47.35 36.17
C LEU A 2174 21.81 -47.95 36.71
N VAL A 2175 21.73 -48.14 38.04
CA VAL A 2175 20.52 -48.73 38.61
C VAL A 2175 19.34 -47.78 38.43
N SER A 2176 19.61 -46.47 38.39
CA SER A 2176 18.55 -45.49 38.15
C SER A 2176 17.95 -45.69 36.78
N ARG A 2177 18.80 -45.83 35.77
CA ARG A 2177 18.30 -46.05 34.42
C ARG A 2177 17.53 -47.37 34.33
N LEU A 2178 18.08 -48.43 34.94
CA LEU A 2178 17.39 -49.72 34.93
C LEU A 2178 16.03 -49.62 35.62
N LEU A 2179 15.97 -48.91 36.75
CA LEU A 2179 14.73 -48.80 37.50
C LEU A 2179 13.74 -47.91 36.78
N ASP A 2180 14.24 -46.91 36.06
CA ASP A 2180 13.36 -46.06 35.24
C ASP A 2180 12.76 -46.86 34.11
N TYR A 2181 13.54 -47.74 33.49
CA TYR A 2181 12.96 -48.59 32.45
C TYR A 2181 11.96 -49.59 33.03
N VAL A 2182 12.26 -50.12 34.21
CA VAL A 2182 11.33 -51.03 34.90
C VAL A 2182 10.02 -50.31 35.21
N ALA A 2183 10.12 -49.07 35.68
CA ALA A 2183 8.93 -48.27 35.98
C ALA A 2183 8.12 -47.99 34.71
N THR A 2184 8.79 -47.71 33.60
CA THR A 2184 8.07 -47.50 32.34
C THR A 2184 7.36 -48.77 31.88
N VAL A 2185 8.01 -49.92 32.04
CA VAL A 2185 7.37 -51.21 31.71
C VAL A 2185 6.15 -51.44 32.57
N GLU A 2186 6.25 -51.16 33.87
CA GLU A 2186 5.11 -51.30 34.77
C GLU A 2186 3.98 -50.36 34.38
N ASP A 2187 4.31 -49.11 34.02
CA ASP A 2187 3.29 -48.13 33.65
C ASP A 2187 2.58 -48.51 32.36
N GLU A 2188 3.32 -48.94 31.33
CA GLU A 2188 2.69 -49.27 30.06
C GLU A 2188 1.91 -50.57 30.10
N ALA A 2189 2.18 -51.43 31.09
CA ALA A 2189 1.45 -52.70 31.20
C ALA A 2189 0.35 -52.58 32.24
N ASN A 2199 5.59 -39.86 37.76
CA ASN A 2199 6.12 -39.03 36.69
C ASN A 2199 6.93 -37.88 37.26
N GLN A 2200 7.02 -37.83 38.59
CA GLN A 2200 7.77 -36.78 39.25
C GLN A 2200 9.27 -36.86 39.00
N TRP A 2201 9.77 -38.03 38.59
CA TRP A 2201 11.19 -38.22 38.36
C TRP A 2201 11.58 -38.03 36.91
N SER A 2202 10.67 -37.51 36.09
CA SER A 2202 10.93 -37.25 34.69
C SER A 2202 11.89 -36.09 34.48
N PHE A 2203 12.25 -35.38 35.55
CA PHE A 2203 13.12 -34.22 35.53
C PHE A 2203 14.59 -34.57 35.37
N ILE A 2204 14.91 -35.83 35.06
CA ILE A 2204 16.27 -36.25 34.80
C ILE A 2204 16.43 -36.73 33.36
N ASN A 2205 15.47 -37.51 32.87
CA ASN A 2205 15.51 -37.99 31.49
C ASN A 2205 14.94 -36.98 30.49
N ASN A 2206 14.57 -35.79 30.96
CA ASN A 2206 14.05 -34.69 30.12
C ASN A 2206 12.83 -35.07 29.29
N SER A 2228 -17.53 -22.02 -16.32
CA SER A 2228 -17.70 -21.08 -17.41
C SER A 2228 -17.87 -19.66 -16.89
N ARG A 2229 -18.67 -19.52 -15.84
CA ARG A 2229 -18.85 -18.25 -15.17
C ARG A 2229 -17.53 -17.69 -14.65
N LYS A 2230 -16.71 -18.55 -14.04
CA LYS A 2230 -15.43 -18.14 -13.46
C LYS A 2230 -14.47 -17.66 -14.53
N ILE A 2231 -14.33 -18.46 -15.60
CA ILE A 2231 -13.43 -18.10 -16.69
C ILE A 2231 -13.85 -16.77 -17.28
N ARG A 2232 -15.17 -16.59 -17.47
CA ARG A 2232 -15.76 -15.32 -17.93
C ARG A 2232 -15.37 -14.17 -17.01
N LYS A 2233 -15.37 -14.42 -15.69
CA LYS A 2233 -15.05 -13.37 -14.73
C LYS A 2233 -13.61 -12.92 -14.90
N GLN A 2234 -12.71 -13.86 -15.16
CA GLN A 2234 -11.31 -13.45 -15.31
C GLN A 2234 -11.07 -12.84 -16.70
N LEU A 2235 -11.85 -13.26 -17.70
CA LEU A 2235 -11.78 -12.58 -19.00
C LEU A 2235 -12.14 -11.12 -18.85
N VAL A 2236 -13.24 -10.85 -18.14
CA VAL A 2236 -13.68 -9.49 -17.87
C VAL A 2236 -12.61 -8.74 -17.07
N HIS A 2237 -11.99 -9.43 -16.11
CA HIS A 2237 -10.96 -8.79 -15.29
C HIS A 2237 -9.73 -8.39 -16.10
N HIS A 2238 -9.24 -9.28 -16.96
CA HIS A 2238 -8.11 -8.94 -17.83
C HIS A 2238 -8.45 -7.80 -18.78
N LYS A 2239 -9.65 -7.79 -19.34
CA LYS A 2239 -10.06 -6.65 -20.14
C LYS A 2239 -10.09 -5.37 -19.29
N GLN A 2240 -10.54 -5.49 -18.03
CA GLN A 2240 -10.60 -4.36 -17.12
C GLN A 2240 -9.21 -3.84 -16.71
N GLN A 2241 -8.18 -4.68 -16.80
CA GLN A 2241 -6.85 -4.28 -16.36
C GLN A 2241 -5.93 -3.90 -17.51
N LEU A 2242 -6.21 -4.42 -18.71
CA LEU A 2242 -5.34 -4.14 -19.85
C LEU A 2242 -5.49 -2.70 -20.31
N ASN A 2243 -6.72 -2.18 -20.34
CA ASN A 2243 -6.88 -0.76 -20.62
C ASN A 2243 -6.35 0.09 -19.46
N LEU A 2244 -6.45 -0.43 -18.22
CA LEU A 2244 -5.99 0.33 -17.07
C LEU A 2244 -4.47 0.44 -17.05
N LEU A 2245 -3.77 -0.51 -17.68
CA LEU A 2245 -2.34 -0.37 -17.91
C LEU A 2245 -2.03 0.33 -19.23
N LYS A 2246 -2.95 0.33 -20.18
CA LYS A 2246 -2.74 1.15 -21.37
C LYS A 2246 -2.75 2.63 -21.00
N ALA A 2247 -3.66 3.02 -20.11
CA ALA A 2247 -3.64 4.37 -19.55
C ALA A 2247 -2.35 4.62 -18.79
N LYS A 2248 -1.81 3.59 -18.14
CA LYS A 2248 -0.51 3.71 -17.49
C LYS A 2248 0.60 3.91 -18.51
N GLN A 2249 0.53 3.24 -19.65
CA GLN A 2249 1.47 3.51 -20.74
C GLN A 2249 1.36 4.94 -21.24
N LYS A 2250 0.12 5.44 -21.34
CA LYS A 2250 -0.09 6.83 -21.72
C LYS A 2250 0.58 7.79 -20.74
N ALA A 2251 0.36 7.58 -19.43
CA ALA A 2251 1.01 8.41 -18.42
C ALA A 2251 2.53 8.21 -18.43
N LEU A 2252 2.97 7.00 -18.77
CA LEU A 2252 4.39 6.71 -18.89
C LEU A 2252 5.03 7.52 -20.01
N VAL A 2253 4.35 7.59 -21.15
CA VAL A 2253 4.85 8.36 -22.30
C VAL A 2253 4.84 9.84 -21.95
N GLU A 2254 3.82 10.28 -21.20
CA GLU A 2254 3.71 11.68 -20.77
C GLU A 2254 4.91 12.04 -19.90
N GLN A 2255 5.24 11.15 -18.98
CA GLN A 2255 6.35 11.41 -18.08
C GLN A 2255 7.71 11.25 -18.75
N MET A 2256 7.82 10.39 -19.77
CA MET A 2256 9.00 10.41 -20.65
C MET A 2256 9.20 11.77 -21.30
N GLU A 2257 8.11 12.35 -21.81
CA GLU A 2257 8.18 13.66 -22.47
C GLU A 2257 8.51 14.74 -21.47
N LYS A 2258 7.93 14.67 -20.28
CA LYS A 2258 8.06 15.76 -19.32
C LYS A 2258 9.48 15.82 -18.76
N GLU A 2259 10.05 14.66 -18.40
CA GLU A 2259 11.43 14.71 -17.93
C GLU A 2259 12.44 14.73 -19.07
N LYS A 2260 12.01 14.56 -20.31
CA LYS A 2260 12.93 14.69 -21.44
C LYS A 2260 13.46 16.11 -21.63
N ILE A 2261 12.61 17.12 -21.46
CA ILE A 2261 13.04 18.50 -21.66
C ILE A 2261 14.07 18.96 -20.63
N GLN A 2262 13.88 18.58 -19.38
CA GLN A 2262 14.79 18.97 -18.31
C GLN A 2262 15.85 17.88 -18.13
N SER A 2263 17.11 18.23 -18.35
CA SER A 2263 18.20 17.23 -18.34
C SER A 2263 18.60 16.95 -16.89
N ASN A 2264 17.79 16.11 -16.26
CA ASN A 2264 18.07 15.54 -14.94
C ASN A 2264 18.55 14.10 -15.08
N LYS A 2265 19.67 13.92 -15.81
CA LYS A 2265 20.35 12.66 -16.12
C LYS A 2265 19.95 11.40 -15.34
N GLY A 2266 19.95 11.45 -14.00
CA GLY A 2266 19.61 10.26 -13.22
C GLY A 2266 18.14 9.91 -13.23
N SER A 2267 17.28 10.80 -13.73
CA SER A 2267 15.84 10.54 -13.78
C SER A 2267 15.49 9.55 -14.88
N SER A 2268 16.00 9.80 -16.10
CA SER A 2268 15.61 9.04 -17.28
C SER A 2268 15.98 7.57 -17.16
N TYR A 2269 17.07 7.23 -16.46
CA TYR A 2269 17.44 5.84 -16.28
C TYR A 2269 16.36 5.06 -15.53
N LYS A 2270 15.96 5.54 -14.36
CA LYS A 2270 14.90 4.89 -13.60
C LYS A 2270 13.55 5.00 -14.27
N LEU A 2271 13.37 6.01 -15.12
CA LEU A 2271 12.14 6.12 -15.88
C LEU A 2271 12.10 5.10 -17.02
N LEU A 2272 13.24 4.80 -17.61
CA LEU A 2272 13.27 3.76 -18.64
C LEU A 2272 13.06 2.41 -17.99
N VAL A 2273 13.59 2.22 -16.78
CA VAL A 2273 13.30 1.03 -15.99
C VAL A 2273 11.80 0.93 -15.70
N GLU A 2274 11.17 2.06 -15.36
CA GLU A 2274 9.71 2.13 -15.25
C GLU A 2274 9.01 1.66 -16.52
N GLN A 2275 9.50 2.14 -17.66
CA GLN A 2275 8.91 1.78 -18.93
C GLN A 2275 9.03 0.28 -19.18
N ALA A 2276 10.22 -0.27 -18.92
CA ALA A 2276 10.45 -1.70 -19.15
C ALA A 2276 9.63 -2.58 -18.22
N LYS A 2277 9.56 -2.23 -16.92
CA LYS A 2277 8.77 -3.04 -15.99
C LYS A 2277 7.30 -3.05 -16.40
N LEU A 2278 6.78 -1.88 -16.81
CA LEU A 2278 5.38 -1.84 -17.18
C LEU A 2278 5.17 -2.59 -18.49
N LYS A 2279 6.20 -2.62 -19.35
CA LYS A 2279 6.13 -3.41 -20.58
C LYS A 2279 6.00 -4.90 -20.25
N GLN A 2280 6.79 -5.37 -19.27
CA GLN A 2280 6.69 -6.79 -18.89
C GLN A 2280 5.31 -7.09 -18.30
N ALA A 2281 4.78 -6.19 -17.48
CA ALA A 2281 3.44 -6.39 -16.93
C ALA A 2281 2.39 -6.41 -18.03
N THR A 2282 2.58 -5.54 -19.03
CA THR A 2282 1.72 -5.48 -20.20
C THR A 2282 1.73 -6.78 -20.98
N SER A 2283 2.94 -7.26 -21.30
CA SER A 2283 3.08 -8.48 -22.07
C SER A 2283 2.55 -9.71 -21.32
N LYS A 2284 2.80 -9.78 -20.01
CA LYS A 2284 2.32 -10.95 -19.27
C LYS A 2284 0.81 -10.95 -19.20
N HIS A 2285 0.19 -9.78 -19.03
CA HIS A 2285 -1.27 -9.70 -19.08
C HIS A 2285 -1.81 -10.10 -20.45
N PHE A 2286 -1.14 -9.69 -21.54
CA PHE A 2286 -1.59 -10.18 -22.85
C PHE A 2286 -1.48 -11.69 -22.97
N LYS A 2287 -0.39 -12.28 -22.49
CA LYS A 2287 -0.25 -13.73 -22.56
C LYS A 2287 -1.33 -14.44 -21.75
N ASP A 2288 -1.64 -13.92 -20.56
CA ASP A 2288 -2.75 -14.46 -19.77
C ASP A 2288 -4.09 -14.23 -20.46
N LEU A 2289 -4.27 -13.06 -21.10
CA LEU A 2289 -5.45 -12.77 -21.92
C LEU A 2289 -5.64 -13.80 -23.02
N ILE A 2290 -4.54 -14.30 -23.58
CA ILE A 2290 -4.61 -15.29 -24.64
C ILE A 2290 -4.90 -16.68 -24.07
N ARG A 2291 -4.18 -17.02 -23.01
CA ARG A 2291 -4.23 -18.37 -22.43
C ARG A 2291 -5.61 -18.64 -21.81
N LEU A 2292 -6.22 -17.62 -21.21
CA LEU A 2292 -7.58 -17.77 -20.68
C LEU A 2292 -8.56 -18.13 -21.78
N ARG A 2293 -8.50 -17.43 -22.92
CA ARG A 2293 -9.37 -17.72 -24.05
C ARG A 2293 -9.08 -19.09 -24.65
N ARG A 2294 -7.83 -19.56 -24.51
CA ARG A 2294 -7.53 -20.96 -24.86
C ARG A 2294 -8.41 -21.89 -24.03
N THR A 2295 -8.52 -21.63 -22.74
CA THR A 2295 -9.28 -22.48 -21.83
C THR A 2295 -10.78 -22.23 -22.02
N PHE A 2321 10.18 -56.62 40.10
CA PHE A 2321 9.71 -57.91 40.57
C PHE A 2321 9.77 -57.94 42.10
N THR A 2322 9.44 -59.09 42.69
CA THR A 2322 9.56 -59.22 44.14
C THR A 2322 11.03 -59.26 44.57
N LEU A 2323 11.33 -58.59 45.68
CA LEU A 2323 12.67 -58.53 46.23
C LEU A 2323 12.59 -58.80 47.72
N ALA A 2324 13.65 -59.38 48.28
CA ALA A 2324 13.68 -59.68 49.70
C ALA A 2324 13.61 -58.39 50.51
N HIS A 2325 12.74 -58.41 51.51
CA HIS A 2325 12.38 -57.21 52.25
C HIS A 2325 13.53 -56.72 53.14
N GLU A 2326 14.23 -57.65 53.80
CA GLU A 2326 15.23 -57.29 54.81
C GLU A 2326 16.42 -56.57 54.19
N ARG A 2327 16.97 -57.13 53.11
CA ARG A 2327 18.12 -56.50 52.47
C ARG A 2327 17.72 -55.17 51.85
N CYS A 2328 16.47 -55.06 51.40
CA CYS A 2328 15.95 -53.78 50.93
C CYS A 2328 15.96 -52.76 52.05
N ILE A 2329 15.54 -53.17 53.25
CA ILE A 2329 15.60 -52.29 54.42
C ILE A 2329 17.04 -51.88 54.71
N SER A 2330 17.96 -52.84 54.62
CA SER A 2330 19.37 -52.58 54.90
C SER A 2330 19.95 -51.55 53.94
N VAL A 2331 19.72 -51.74 52.64
CA VAL A 2331 20.26 -50.79 51.67
C VAL A 2331 19.58 -49.44 51.82
N VAL A 2332 18.30 -49.41 52.23
CA VAL A 2332 17.60 -48.14 52.39
C VAL A 2332 18.20 -47.36 53.57
N GLN A 2333 18.42 -48.03 54.70
CA GLN A 2333 19.00 -47.31 55.84
C GLN A 2333 20.44 -46.91 55.58
N LYS A 2334 21.19 -47.72 54.82
CA LYS A 2334 22.55 -47.31 54.46
C LYS A 2334 22.51 -46.07 53.57
N LEU A 2335 21.56 -46.01 52.65
CA LEU A 2335 21.39 -44.80 51.85
C LEU A 2335 20.98 -43.62 52.72
N VAL A 2336 20.14 -43.86 53.73
CA VAL A 2336 19.76 -42.78 54.65
C VAL A 2336 20.99 -42.23 55.36
N LEU A 2337 21.87 -43.13 55.82
CA LEU A 2337 23.11 -42.69 56.45
C LEU A 2337 24.00 -41.95 55.46
N PHE A 2338 23.94 -42.33 54.18
CA PHE A 2338 24.65 -41.60 53.15
C PHE A 2338 24.10 -40.18 53.02
N LEU A 2339 22.78 -40.03 53.11
CA LEU A 2339 22.18 -38.70 53.12
C LEU A 2339 22.66 -37.91 54.33
N LEU A 2340 22.71 -38.56 55.49
CA LEU A 2340 23.11 -37.89 56.73
C LEU A 2340 24.60 -37.60 56.78
N SER A 2341 25.38 -38.14 55.86
CA SER A 2341 26.83 -37.94 55.92
C SER A 2341 27.34 -37.13 54.73
N MET A 2342 26.65 -36.05 54.38
CA MET A 2342 26.99 -35.24 53.22
C MET A 2342 27.75 -33.99 53.66
N ASP A 2343 29.03 -33.95 53.27
CA ASP A 2343 29.93 -32.83 53.50
C ASP A 2343 30.21 -32.08 52.20
N PHE A 2344 31.18 -31.14 52.28
CA PHE A 2344 31.65 -30.39 51.12
C PHE A 2344 32.20 -31.27 50.00
N THR A 2345 32.79 -32.43 50.34
CA THR A 2345 33.37 -33.31 49.35
C THR A 2345 32.35 -33.86 48.35
N CYS A 2346 31.07 -33.85 48.69
CA CYS A 2346 30.01 -34.25 47.77
C CYS A 2346 29.27 -33.03 47.25
N HIS A 2347 28.59 -33.23 46.14
CA HIS A 2347 27.92 -32.18 45.40
C HIS A 2347 26.42 -32.46 45.32
N ALA A 2348 25.67 -31.49 44.84
CA ALA A 2348 24.21 -31.56 44.90
C ALA A 2348 23.63 -32.60 43.95
N ASP A 2349 24.25 -32.78 42.78
CA ASP A 2349 23.69 -33.69 41.79
C ASP A 2349 23.67 -35.15 42.26
N LEU A 2350 24.75 -35.59 42.93
CA LEU A 2350 24.74 -36.94 43.51
C LEU A 2350 23.64 -37.08 44.56
N LEU A 2351 23.38 -36.02 45.34
CA LEU A 2351 22.24 -36.00 46.25
C LEU A 2351 20.95 -36.22 45.48
N LEU A 2352 20.80 -35.53 44.34
CA LEU A 2352 19.59 -35.67 43.53
C LEU A 2352 19.39 -37.10 43.06
N PHE A 2353 20.46 -37.73 42.58
CA PHE A 2353 20.28 -39.09 42.05
C PHE A 2353 20.08 -40.11 43.15
N VAL A 2354 20.75 -39.95 44.31
CA VAL A 2354 20.50 -40.88 45.40
C VAL A 2354 19.07 -40.71 45.94
N CYS A 2355 18.58 -39.47 45.94
CA CYS A 2355 17.21 -39.20 46.30
C CYS A 2355 16.24 -39.91 45.34
N LYS A 2356 16.53 -39.81 44.04
CA LYS A 2356 15.68 -40.44 43.03
C LYS A 2356 15.65 -41.95 43.18
N VAL A 2357 16.82 -42.57 43.33
CA VAL A 2357 16.88 -44.02 43.44
C VAL A 2357 16.28 -44.49 44.75
N LEU A 2358 16.44 -43.72 45.83
CA LEU A 2358 15.82 -44.07 47.10
C LEU A 2358 14.31 -44.11 46.97
N ALA A 2359 13.74 -43.07 46.33
CA ALA A 2359 12.30 -43.06 46.13
C ALA A 2359 11.86 -44.26 45.28
N ARG A 2360 12.62 -44.55 44.22
CA ARG A 2360 12.25 -45.65 43.34
C ARG A 2360 12.31 -47.00 44.05
N ILE A 2361 13.38 -47.26 44.81
CA ILE A 2361 13.47 -48.52 45.54
C ILE A 2361 12.38 -48.62 46.59
N ALA A 2362 12.12 -47.51 47.32
CA ALA A 2362 11.09 -47.52 48.35
C ALA A 2362 9.73 -47.83 47.76
N ASN A 2363 9.44 -47.26 46.58
CA ASN A 2363 8.16 -47.53 45.94
C ASN A 2363 8.13 -48.91 45.32
N ALA A 2364 9.28 -49.44 44.93
CA ALA A 2364 9.33 -50.69 44.20
C ALA A 2364 9.08 -51.91 45.08
N THR A 2365 9.60 -51.91 46.31
CA THR A 2365 9.53 -53.10 47.16
C THR A 2365 8.08 -53.40 47.55
N ARG A 2366 7.74 -54.69 47.56
CA ARG A 2366 6.42 -55.17 47.96
C ARG A 2366 6.52 -55.94 49.26
N PRO A 2367 5.91 -55.49 50.38
CA PRO A 2367 5.11 -54.27 50.57
C PRO A 2367 6.00 -53.04 50.69
N THR A 2368 5.44 -51.84 50.53
CA THR A 2368 6.24 -50.61 50.57
C THR A 2368 6.84 -50.41 51.96
N ILE A 2369 8.13 -50.06 51.97
CA ILE A 2369 8.88 -49.85 53.20
C ILE A 2369 8.36 -48.59 53.90
N HIS A 2370 8.39 -48.58 55.24
CA HIS A 2370 7.95 -47.40 55.97
C HIS A 2370 9.15 -46.77 56.67
N LEU A 2371 9.03 -45.47 56.93
CA LEU A 2371 10.11 -44.73 57.55
C LEU A 2371 10.27 -45.04 59.04
N CYS A 2372 9.20 -45.53 59.68
CA CYS A 2372 9.23 -45.81 61.11
C CYS A 2372 10.29 -46.84 61.46
N GLU A 2373 10.43 -47.84 60.61
CA GLU A 2373 11.44 -48.88 60.76
C GLU A 2373 12.75 -48.50 60.09
N ILE A 2374 12.80 -47.36 59.41
CA ILE A 2374 14.01 -46.89 58.74
C ILE A 2374 14.74 -45.83 59.55
N VAL A 2375 14.01 -44.85 60.07
CA VAL A 2375 14.62 -43.79 60.84
C VAL A 2375 13.91 -43.68 62.17
N ASN A 2376 14.62 -43.16 63.15
CA ASN A 2376 14.06 -42.81 64.43
C ASN A 2376 13.83 -41.31 64.49
N GLU A 2377 13.41 -40.85 65.66
CA GLU A 2377 13.16 -39.42 65.88
C GLU A 2377 14.38 -38.54 65.70
N PRO A 2378 15.58 -38.83 66.28
CA PRO A 2378 16.72 -37.91 66.07
C PRO A 2378 17.16 -37.77 64.62
N GLN A 2379 17.16 -38.86 63.85
CA GLN A 2379 17.58 -38.78 62.45
C GLN A 2379 16.58 -37.96 61.65
N LEU A 2380 15.29 -38.19 61.88
CA LEU A 2380 14.23 -37.44 61.22
C LEU A 2380 14.29 -35.97 61.58
N GLU A 2381 14.51 -35.67 62.85
CA GLU A 2381 14.66 -34.29 63.32
C GLU A 2381 15.86 -33.63 62.66
N ARG A 2382 16.98 -34.36 62.55
CA ARG A 2382 18.16 -33.83 61.91
C ARG A 2382 17.89 -33.49 60.45
N LEU A 2383 17.17 -34.38 59.76
CA LEU A 2383 16.82 -34.11 58.37
C LEU A 2383 15.94 -32.88 58.24
N LEU A 2384 14.91 -32.79 59.08
CA LEU A 2384 14.00 -31.65 59.01
C LEU A 2384 14.71 -30.35 59.34
N LEU A 2385 15.56 -30.36 60.37
CA LEU A 2385 16.32 -29.17 60.73
C LEU A 2385 17.29 -28.76 59.63
N LEU A 2386 17.95 -29.73 59.01
CA LEU A 2386 18.83 -29.45 57.88
C LEU A 2386 18.05 -28.85 56.72
N LEU A 2387 16.82 -29.32 56.51
CA LEU A 2387 16.00 -28.83 55.41
C LEU A 2387 15.36 -27.47 55.64
N VAL A 2388 14.99 -27.15 56.87
CA VAL A 2388 14.13 -25.99 57.09
C VAL A 2388 14.78 -24.95 57.98
N GLY A 2389 15.73 -25.34 58.83
CA GLY A 2389 16.26 -24.41 59.80
C GLY A 2389 17.07 -23.30 59.15
N THR A 2390 17.09 -22.16 59.82
CA THR A 2390 17.79 -20.99 59.30
C THR A 2390 19.25 -20.91 59.77
N ASP A 2391 19.92 -22.05 59.65
CA ASP A 2391 21.36 -22.11 59.73
C ASP A 2391 22.01 -22.70 58.49
N PHE A 2392 21.26 -23.42 57.66
CA PHE A 2392 21.76 -23.90 56.38
C PHE A 2392 20.94 -23.44 55.19
N ASN A 2393 19.76 -22.87 55.41
CA ASN A 2393 18.84 -22.53 54.33
C ASN A 2393 18.57 -21.03 54.30
N ARG A 2394 19.62 -20.22 54.39
CA ARG A 2394 19.51 -18.78 54.34
C ARG A 2394 19.97 -18.30 52.97
N GLY A 2395 19.09 -17.57 52.28
CA GLY A 2395 19.41 -17.05 50.99
C GLY A 2395 19.31 -18.09 49.89
N ASP A 2396 19.77 -17.68 48.70
CA ASP A 2396 19.69 -18.49 47.49
C ASP A 2396 20.54 -19.75 47.50
N ILE A 2397 21.43 -19.93 48.47
CA ILE A 2397 22.28 -21.12 48.47
C ILE A 2397 21.77 -22.09 49.54
N SER A 2398 20.46 -22.07 49.79
CA SER A 2398 19.80 -23.13 50.56
C SER A 2398 20.21 -24.51 50.06
N TRP A 2399 20.22 -25.49 50.98
CA TRP A 2399 20.90 -26.78 50.87
C TRP A 2399 20.70 -27.45 49.52
N GLY A 2400 21.77 -27.57 48.72
CA GLY A 2400 21.72 -28.25 47.44
C GLY A 2400 20.91 -27.55 46.38
N GLY A 2401 20.41 -26.36 46.66
CA GLY A 2401 19.57 -25.61 45.76
C GLY A 2401 18.12 -26.08 45.71
N ALA A 2402 17.37 -25.34 44.88
CA ALA A 2402 15.93 -25.53 44.75
C ALA A 2402 15.60 -26.90 44.18
N TRP A 2403 16.43 -27.39 43.26
CA TRP A 2403 16.20 -28.71 42.69
C TRP A 2403 16.30 -29.77 43.77
N ALA A 2404 17.26 -29.61 44.68
CA ALA A 2404 17.41 -30.55 45.78
C ALA A 2404 16.21 -30.54 46.71
N GLN A 2405 15.74 -29.34 47.10
CA GLN A 2405 14.55 -29.33 47.97
C GLN A 2405 13.33 -29.89 47.26
N TYR A 2406 13.15 -29.55 45.99
CA TYR A 2406 11.99 -30.04 45.24
C TYR A 2406 12.01 -31.56 45.12
N SER A 2407 13.17 -32.13 44.79
CA SER A 2407 13.26 -33.58 44.62
C SER A 2407 13.07 -34.32 45.93
N LEU A 2408 13.66 -33.81 47.02
CA LEU A 2408 13.47 -34.45 48.32
C LEU A 2408 12.01 -34.38 48.75
N THR A 2409 11.36 -33.23 48.57
CA THR A 2409 9.95 -33.15 48.91
C THR A 2409 9.15 -34.15 48.09
N CYS A 2410 9.50 -34.28 46.80
CA CYS A 2410 8.80 -35.25 45.95
C CYS A 2410 8.99 -36.68 46.47
N MET A 2411 10.22 -37.05 46.84
CA MET A 2411 10.45 -38.40 47.35
C MET A 2411 9.72 -38.64 48.66
N LEU A 2412 9.71 -37.64 49.55
CA LEU A 2412 8.95 -37.75 50.79
C LEU A 2412 7.48 -37.98 50.48
N GLN A 2413 6.97 -37.29 49.46
CA GLN A 2413 5.58 -37.48 49.09
C GLN A 2413 5.37 -38.90 48.58
N ASP A 2414 6.31 -39.42 47.78
CA ASP A 2414 6.17 -40.80 47.30
C ASP A 2414 6.25 -41.82 48.43
N ILE A 2415 7.16 -41.64 49.39
CA ILE A 2415 7.26 -42.60 50.48
C ILE A 2415 6.02 -42.56 51.37
N LEU A 2416 5.49 -41.36 51.68
CA LEU A 2416 4.26 -41.30 52.46
C LEU A 2416 3.10 -41.92 51.68
N ALA A 2417 3.01 -41.64 50.37
CA ALA A 2417 1.92 -42.18 49.57
C ALA A 2417 2.00 -43.70 49.53
N GLY A 2418 3.20 -44.25 49.38
CA GLY A 2418 3.38 -45.69 49.45
C GLY A 2418 3.01 -46.26 50.82
N GLU A 2419 3.33 -45.51 51.88
CA GLU A 2419 2.91 -45.87 53.22
C GLU A 2419 1.39 -45.85 53.37
N LEU A 2420 0.68 -45.08 52.55
CA LEU A 2420 -0.76 -44.87 52.74
C LEU A 2420 -1.59 -45.36 51.55
N LEU A 2421 -1.29 -46.57 51.07
CA LEU A 2421 -2.12 -47.18 50.02
C LEU A 2421 -3.04 -48.23 50.64
N SER A 2562 15.63 -55.99 2.00
CA SER A 2562 16.26 -57.01 1.16
C SER A 2562 17.39 -56.38 0.33
N VAL A 2563 17.56 -56.88 -0.89
CA VAL A 2563 18.56 -56.38 -1.82
C VAL A 2563 17.88 -56.18 -3.17
N SER A 2564 18.55 -55.45 -4.06
CA SER A 2564 18.01 -55.23 -5.40
C SER A 2564 17.93 -56.55 -6.15
N GLN A 2565 16.80 -56.75 -6.84
CA GLN A 2565 16.57 -57.95 -7.65
C GLN A 2565 17.17 -57.73 -9.05
N ALA A 2566 18.50 -57.80 -9.11
CA ALA A 2566 19.24 -57.53 -10.33
C ALA A 2566 20.24 -58.65 -10.56
N LEU A 2567 20.38 -59.06 -11.82
CA LEU A 2567 21.35 -60.10 -12.15
C LEU A 2567 21.89 -59.89 -13.56
N ASP A 2568 23.12 -60.37 -13.76
CA ASP A 2568 23.86 -60.18 -15.00
C ASP A 2568 23.16 -60.86 -16.17
N ALA A 2569 22.75 -60.08 -17.17
CA ALA A 2569 22.10 -60.67 -18.32
C ALA A 2569 23.11 -61.35 -19.25
N ARG A 2570 24.30 -60.77 -19.43
CA ARG A 2570 25.33 -61.39 -20.27
C ARG A 2570 25.84 -62.72 -19.73
N LEU A 2571 25.43 -63.13 -18.54
CA LEU A 2571 25.87 -64.37 -17.94
C LEU A 2571 24.91 -65.50 -18.26
N GLU A 2572 23.80 -65.18 -18.96
CA GLU A 2572 22.82 -66.19 -19.34
C GLU A 2572 23.39 -67.17 -20.36
N VAL A 2573 24.51 -66.83 -21.01
CA VAL A 2573 25.13 -67.70 -22.01
C VAL A 2573 25.62 -68.99 -21.34
N GLY A 2574 26.06 -68.90 -20.09
CA GLY A 2574 26.47 -70.08 -19.37
C GLY A 2574 25.28 -70.83 -18.83
N LEU A 2575 25.55 -72.01 -18.29
CA LEU A 2575 24.53 -72.86 -17.71
C LEU A 2575 24.49 -72.77 -16.19
N GLU A 2576 25.17 -71.79 -15.60
CA GLU A 2576 25.30 -71.66 -14.16
C GLU A 2576 24.44 -70.56 -13.55
N GLN A 2577 23.48 -70.01 -14.29
CA GLN A 2577 22.61 -68.94 -13.76
C GLN A 2577 21.86 -69.38 -12.49
N GLN A 2578 21.46 -70.65 -12.41
CA GLN A 2578 20.83 -71.18 -11.19
C GLN A 2578 21.74 -71.12 -9.98
N ALA A 2579 23.06 -71.24 -10.18
CA ALA A 2579 23.99 -71.08 -9.06
C ALA A 2579 23.91 -69.67 -8.48
N GLU A 2580 23.87 -68.66 -9.36
CA GLU A 2580 23.67 -67.28 -8.92
C GLU A 2580 22.33 -67.13 -8.21
N LEU A 2581 21.29 -67.75 -8.76
CA LEU A 2581 19.96 -67.70 -8.16
C LEU A 2581 19.97 -68.24 -6.73
N MET A 2582 20.66 -69.36 -6.53
CA MET A 2582 20.66 -70.04 -5.24
C MET A 2582 21.53 -69.30 -4.24
N LEU A 2583 22.65 -68.74 -4.71
CA LEU A 2583 23.49 -67.87 -3.89
C LEU A 2583 22.74 -66.63 -3.43
N LYS A 2584 22.05 -65.97 -4.37
CA LYS A 2584 21.31 -64.76 -4.06
C LYS A 2584 20.20 -65.03 -3.06
N MET A 2585 19.47 -66.13 -3.23
CA MET A 2585 18.36 -66.36 -2.31
C MET A 2585 18.87 -66.78 -0.95
N MET A 2586 20.00 -67.49 -0.89
CA MET A 2586 20.64 -67.72 0.40
C MET A 2586 21.05 -66.42 1.08
N SER A 2587 21.67 -65.52 0.31
CA SER A 2587 22.10 -64.24 0.89
C SER A 2587 20.91 -63.47 1.45
N THR A 2588 19.79 -63.45 0.72
CA THR A 2588 18.60 -62.76 1.22
C THR A 2588 18.04 -63.42 2.47
N LEU A 2589 17.94 -64.76 2.49
CA LEU A 2589 17.39 -65.43 3.68
C LEU A 2589 18.34 -65.30 4.87
N GLU A 2590 19.65 -65.32 4.63
CA GLU A 2590 20.63 -65.14 5.69
C GLU A 2590 20.53 -63.75 6.29
N ALA A 2591 20.40 -62.72 5.44
CA ALA A 2591 20.21 -61.37 5.95
C ALA A 2591 18.93 -61.26 6.75
N ASP A 2592 17.85 -61.88 6.24
CA ASP A 2592 16.58 -61.88 6.95
C ASP A 2592 16.72 -62.60 8.29
N SER A 2593 17.44 -63.72 8.32
CA SER A 2593 17.65 -64.47 9.55
C SER A 2593 18.43 -63.68 10.59
N ILE A 2594 19.49 -62.98 10.17
CA ILE A 2594 20.28 -62.25 11.14
C ILE A 2594 19.51 -61.03 11.66
N LEU A 2595 18.80 -60.31 10.78
CA LEU A 2595 17.95 -59.21 11.26
C LEU A 2595 16.84 -59.70 12.18
N GLN A 2596 16.25 -60.87 11.89
CA GLN A 2596 15.25 -61.43 12.78
C GLN A 2596 15.84 -61.76 14.15
N ALA A 2597 17.03 -62.38 14.16
CA ALA A 2597 17.68 -62.72 15.41
C ALA A 2597 18.01 -61.48 16.22
N LEU A 2598 18.42 -60.41 15.52
CA LEU A 2598 18.71 -59.15 16.18
C LEU A 2598 17.43 -58.53 16.77
N THR A 2599 16.35 -58.50 15.99
CA THR A 2599 15.11 -57.87 16.45
C THR A 2599 14.44 -58.67 17.56
N ASN A 2600 14.41 -60.00 17.41
CA ASN A 2600 13.73 -60.84 18.39
C ASN A 2600 14.50 -60.86 19.72
N THR A 2601 13.76 -60.73 20.81
CA THR A 2601 14.33 -60.81 22.14
C THR A 2601 14.48 -62.28 22.54
N SER A 2602 14.79 -62.51 23.82
CA SER A 2602 14.95 -63.87 24.32
C SER A 2602 13.72 -64.28 25.10
N PRO A 2603 12.89 -65.21 24.61
CA PRO A 2603 11.69 -65.64 25.33
C PRO A 2603 12.01 -66.62 26.46
N LEU A 2633 2.27 -49.90 62.54
CA LEU A 2633 3.57 -49.24 62.48
C LEU A 2633 3.48 -47.86 61.82
N SER A 2634 2.60 -47.01 62.36
CA SER A 2634 2.47 -45.66 61.82
C SER A 2634 3.36 -44.72 62.61
N SER A 2635 4.10 -43.89 61.88
CA SER A 2635 5.04 -42.94 62.45
C SER A 2635 4.40 -41.61 62.80
N VAL A 2636 3.09 -41.47 62.61
CA VAL A 2636 2.41 -40.19 62.80
C VAL A 2636 2.60 -39.58 64.20
N PRO A 2637 2.45 -40.32 65.32
CA PRO A 2637 2.70 -39.68 66.63
C PRO A 2637 4.10 -39.12 66.80
N MET A 2638 5.13 -39.85 66.38
CA MET A 2638 6.48 -39.34 66.52
C MET A 2638 6.74 -38.22 65.53
N LEU A 2639 6.12 -38.27 64.35
CA LEU A 2639 6.19 -37.16 63.42
C LEU A 2639 5.61 -35.90 64.05
N ASN A 2640 4.47 -36.03 64.73
CA ASN A 2640 3.84 -34.90 65.41
C ASN A 2640 4.74 -34.37 66.51
N VAL A 2641 5.36 -35.28 67.26
CA VAL A 2641 6.28 -34.88 68.33
C VAL A 2641 7.44 -34.07 67.74
N CYS A 2642 8.01 -34.56 66.64
CA CYS A 2642 9.14 -33.87 66.02
C CYS A 2642 8.72 -32.50 65.51
N PHE A 2643 7.52 -32.40 64.91
CA PHE A 2643 7.09 -31.10 64.42
C PHE A 2643 6.83 -30.13 65.56
N ASN A 2644 6.24 -30.61 66.66
CA ASN A 2644 6.02 -29.76 67.82
C ASN A 2644 7.34 -29.27 68.40
N LYS A 2645 8.35 -30.13 68.42
CA LYS A 2645 9.68 -29.72 68.82
C LYS A 2645 10.21 -28.63 67.90
N LEU A 2646 9.97 -28.80 66.60
CA LEU A 2646 10.40 -27.82 65.61
C LEU A 2646 9.71 -26.47 65.81
N PHE A 2647 8.40 -26.49 66.09
CA PHE A 2647 7.68 -25.24 66.36
C PHE A 2647 8.22 -24.58 67.61
N SER A 2648 8.59 -25.37 68.61
CA SER A 2648 9.16 -24.78 69.81
C SER A 2648 10.50 -24.13 69.52
N MET A 2649 11.31 -24.69 68.62
CA MET A 2649 12.62 -24.10 68.41
C MET A 2649 12.64 -22.99 67.37
N LEU A 2650 11.56 -22.78 66.60
CA LEU A 2650 11.59 -21.65 65.67
C LEU A 2650 11.39 -20.31 66.37
N GLN A 2651 10.99 -20.30 67.64
CA GLN A 2651 10.87 -19.06 68.38
C GLN A 2651 12.22 -18.39 68.56
N VAL A 2652 13.25 -19.18 68.86
CA VAL A 2652 14.60 -18.67 69.10
C VAL A 2652 15.36 -18.47 67.79
N HIS A 2653 14.62 -18.54 66.67
CA HIS A 2653 15.12 -18.29 65.31
C HIS A 2653 16.19 -19.28 64.88
N HIS A 2654 15.95 -20.56 65.14
CA HIS A 2654 16.74 -21.60 64.51
C HIS A 2654 16.03 -22.25 63.34
N VAL A 2655 14.81 -21.82 63.01
CA VAL A 2655 14.05 -22.42 61.91
C VAL A 2655 13.37 -21.32 61.10
N GLN A 2656 13.41 -21.46 59.78
CA GLN A 2656 12.74 -20.54 58.87
C GLN A 2656 11.24 -20.82 58.84
N LEU A 2657 10.43 -19.76 58.95
CA LEU A 2657 8.99 -19.93 59.04
C LEU A 2657 8.37 -20.29 57.70
N GLU A 2658 8.81 -19.62 56.62
CA GLU A 2658 8.29 -19.87 55.27
C GLU A 2658 8.44 -21.33 54.86
N SER A 2659 9.66 -21.86 54.99
CA SER A 2659 9.93 -23.22 54.55
C SER A 2659 9.11 -24.21 55.36
N LEU A 2660 9.00 -23.99 56.67
CA LEU A 2660 8.23 -24.86 57.52
C LEU A 2660 6.76 -24.85 57.12
N LEU A 2661 6.18 -23.66 56.91
CA LEU A 2661 4.76 -23.60 56.58
C LEU A 2661 4.48 -24.27 55.24
N GLN A 2662 5.30 -23.97 54.22
CA GLN A 2662 5.06 -24.57 52.91
C GLN A 2662 5.24 -26.09 52.97
N LEU A 2663 6.28 -26.56 53.65
CA LEU A 2663 6.52 -27.99 53.77
C LEU A 2663 5.41 -28.67 54.54
N TRP A 2664 4.96 -28.06 55.63
CA TRP A 2664 3.89 -28.61 56.44
C TRP A 2664 2.61 -28.74 55.64
N LEU A 2665 2.26 -27.71 54.87
CA LEU A 2665 1.02 -27.78 54.13
C LEU A 2665 1.11 -28.74 52.96
N THR A 2666 2.29 -28.86 52.34
CA THR A 2666 2.45 -29.82 51.27
C THR A 2666 2.34 -31.24 51.79
N LEU A 2667 2.92 -31.50 52.96
CA LEU A 2667 2.81 -32.83 53.54
C LEU A 2667 1.39 -33.10 54.02
N SER A 2668 0.70 -32.07 54.48
CA SER A 2668 -0.64 -32.25 55.00
C SER A 2668 -1.67 -32.42 53.89
N LEU A 2669 -1.41 -31.89 52.70
CA LEU A 2669 -2.44 -31.87 51.65
C LEU A 2669 -2.57 -33.18 50.90
N ASN A 2670 -1.64 -34.10 51.05
CA ASN A 2670 -1.60 -35.29 50.21
C ASN A 2670 -2.81 -36.21 50.38
N SER A 2671 -3.53 -36.09 51.50
CA SER A 2671 -4.70 -36.92 51.77
C SER A 2671 -5.84 -36.62 50.79
N LEU A 2685 -3.52 -30.35 44.33
CA LEU A 2685 -4.63 -29.40 44.20
C LEU A 2685 -5.16 -29.00 45.56
N TYR A 2686 -5.44 -27.71 45.72
CA TYR A 2686 -5.93 -27.16 46.98
C TYR A 2686 -7.44 -27.32 47.06
N ASN A 2687 -7.92 -27.67 48.25
CA ASN A 2687 -9.36 -27.72 48.52
C ASN A 2687 -9.59 -27.51 50.00
N ALA A 2688 -10.67 -26.80 50.33
CA ALA A 2688 -11.02 -26.57 51.73
C ALA A 2688 -11.62 -27.79 52.38
N ASN A 2689 -12.01 -28.79 51.61
CA ASN A 2689 -12.59 -30.02 52.11
C ASN A 2689 -11.56 -31.11 52.35
N ARG A 2690 -10.27 -30.79 52.19
CA ARG A 2690 -9.21 -31.76 52.39
C ARG A 2690 -8.82 -31.79 53.86
N ILE A 2691 -8.81 -32.99 54.42
CA ILE A 2691 -8.41 -33.20 55.82
C ILE A 2691 -6.90 -33.38 55.87
N PRO A 2692 -6.16 -32.52 56.59
CA PRO A 2692 -4.72 -32.73 56.73
C PRO A 2692 -4.37 -33.92 57.61
N VAL A 2693 -3.37 -34.68 57.17
CA VAL A 2693 -2.89 -35.82 57.95
C VAL A 2693 -2.15 -35.40 59.22
N ILE A 2694 -1.39 -34.31 59.17
CA ILE A 2694 -0.66 -33.89 60.37
C ILE A 2694 -1.60 -33.16 61.33
N SER A 2695 -1.62 -33.61 62.58
CA SER A 2695 -2.41 -33.02 63.65
C SER A 2695 -1.49 -32.16 64.51
N LEU A 2696 -1.80 -30.87 64.59
CA LEU A 2696 -0.96 -29.89 65.26
C LEU A 2696 -1.35 -29.75 66.73
N ASN A 2697 -0.65 -28.85 67.43
CA ASN A 2697 -0.78 -28.68 68.87
C ASN A 2697 -1.25 -27.25 69.16
N GLN A 2698 -1.93 -27.07 70.29
CA GLN A 2698 -2.39 -25.75 70.71
C GLN A 2698 -1.22 -24.79 70.93
N ALA A 2699 -0.18 -25.27 71.62
CA ALA A 2699 1.02 -24.46 71.84
C ALA A 2699 1.66 -24.06 70.52
N SER A 2700 1.61 -24.99 69.57
CA SER A 2700 2.10 -24.74 68.22
C SER A 2700 1.34 -23.60 67.55
N ILE A 2701 0.01 -23.60 67.70
CA ILE A 2701 -0.83 -22.57 67.10
C ILE A 2701 -0.53 -21.21 67.71
N THR A 2702 -0.34 -21.19 69.03
CA THR A 2702 0.00 -19.95 69.72
C THR A 2702 1.33 -19.41 69.25
N SER A 2703 2.30 -20.30 69.06
CA SER A 2703 3.61 -19.87 68.55
C SER A 2703 3.50 -19.25 67.17
N PHE A 2704 2.74 -19.87 66.25
CA PHE A 2704 2.59 -19.27 64.92
C PHE A 2704 1.91 -17.91 64.97
N LEU A 2705 0.82 -17.81 65.74
CA LEU A 2705 0.09 -16.56 65.75
C LEU A 2705 0.92 -15.44 66.37
N THR A 2706 1.64 -15.73 67.45
CA THR A 2706 2.43 -14.67 68.07
C THR A 2706 3.61 -14.26 67.19
N VAL A 2707 4.26 -15.22 66.52
CA VAL A 2707 5.37 -14.81 65.65
C VAL A 2707 4.87 -14.07 64.42
N LEU A 2708 3.71 -14.44 63.87
CA LEU A 2708 3.17 -13.70 62.74
C LEU A 2708 2.75 -12.29 63.14
N ALA A 2709 2.06 -12.16 64.27
CA ALA A 2709 1.63 -10.85 64.72
C ALA A 2709 2.83 -9.97 65.04
N TRP A 2710 3.86 -10.54 65.65
CA TRP A 2710 5.04 -9.74 65.98
C TRP A 2710 5.82 -9.34 64.73
N TYR A 2711 5.93 -10.23 63.76
CA TYR A 2711 6.80 -9.99 62.60
C TYR A 2711 6.16 -8.98 61.66
N PRO A 2712 6.81 -7.85 61.38
CA PRO A 2712 6.26 -6.90 60.41
C PRO A 2712 6.78 -7.18 58.99
N ASN A 2713 6.13 -6.52 58.03
CA ASN A 2713 6.44 -6.62 56.60
C ASN A 2713 6.41 -8.07 56.11
N THR A 2714 5.24 -8.68 56.25
CA THR A 2714 4.99 -10.04 55.77
C THR A 2714 4.45 -9.93 54.35
N LEU A 2715 5.16 -10.53 53.38
CA LEU A 2715 4.80 -10.39 51.97
C LEU A 2715 3.41 -10.96 51.66
N LEU A 2716 2.85 -10.47 50.55
CA LEU A 2716 1.53 -10.91 50.11
C LEU A 2716 1.51 -12.37 49.67
N ARG A 2717 2.56 -12.82 48.98
CA ARG A 2717 2.62 -14.24 48.64
C ARG A 2717 2.67 -15.09 49.90
N THR A 2718 3.50 -14.68 50.87
CA THR A 2718 3.51 -15.32 52.17
C THR A 2718 2.16 -15.17 52.84
N TRP A 2719 1.45 -14.08 52.57
CA TRP A 2719 0.14 -13.86 53.18
C TRP A 2719 -0.86 -14.90 52.69
N CYS A 2720 -0.83 -15.18 51.38
CA CYS A 2720 -1.71 -16.21 50.83
C CYS A 2720 -1.32 -17.61 51.30
N LEU A 2721 -0.01 -17.87 51.39
CA LEU A 2721 0.46 -19.13 51.96
C LEU A 2721 -0.04 -19.30 53.39
N VAL A 2722 0.07 -18.23 54.18
CA VAL A 2722 -0.39 -18.26 55.57
C VAL A 2722 -1.88 -18.53 55.62
N LEU A 2723 -2.64 -17.85 54.77
CA LEU A 2723 -4.10 -18.00 54.77
C LEU A 2723 -4.48 -19.43 54.40
N HIS A 2724 -3.78 -20.00 53.42
CA HIS A 2724 -4.04 -21.37 53.01
C HIS A 2724 -3.77 -22.34 54.15
N SER A 2725 -2.64 -22.14 54.83
CA SER A 2725 -2.30 -22.99 55.96
C SER A 2725 -3.27 -22.81 57.12
N LEU A 2726 -3.81 -21.62 57.29
CA LEU A 2726 -4.76 -21.41 58.38
C LEU A 2726 -6.08 -22.12 58.11
N THR A 2727 -6.54 -22.10 56.87
CA THR A 2727 -7.68 -22.93 56.50
C THR A 2727 -7.39 -24.41 56.78
N LEU A 2728 -6.21 -24.85 56.39
CA LEU A 2728 -5.86 -26.25 56.56
C LEU A 2728 -5.82 -26.64 58.04
N MET A 2729 -5.19 -25.80 58.88
CA MET A 2729 -5.12 -26.09 60.31
C MET A 2729 -6.48 -25.99 61.00
N THR A 2730 -7.30 -24.99 60.63
CA THR A 2730 -8.64 -24.89 61.22
C THR A 2730 -9.47 -26.13 60.91
N ASN A 2731 -9.21 -26.80 59.78
CA ASN A 2731 -9.92 -28.06 59.53
C ASN A 2731 -9.61 -29.09 60.63
N MET A 2732 -8.42 -29.04 61.22
CA MET A 2732 -8.06 -29.87 62.39
C MET A 2732 -8.80 -29.54 63.67
N GLN A 2733 -8.98 -30.60 64.46
CA GLN A 2733 -9.48 -30.64 65.82
C GLN A 2733 -8.32 -30.84 66.77
N LEU A 2734 -8.54 -30.55 68.04
CA LEU A 2734 -7.49 -30.64 69.05
C LEU A 2734 -7.90 -31.57 70.18
N ASN A 2735 -6.90 -32.24 70.73
CA ASN A 2735 -7.10 -33.18 71.84
C ASN A 2735 -6.17 -32.82 72.99
N GLN A 2745 -12.65 -29.67 75.63
CA GLN A 2745 -12.72 -29.99 74.21
C GLN A 2745 -13.29 -28.83 73.40
N GLU A 2746 -12.87 -27.63 73.76
CA GLU A 2746 -13.34 -26.43 73.08
C GLU A 2746 -12.82 -26.41 71.65
N SER A 2747 -13.62 -25.85 70.75
CA SER A 2747 -13.28 -25.89 69.34
C SER A 2747 -12.07 -25.01 69.03
N THR A 2748 -11.40 -25.33 67.93
CA THR A 2748 -10.22 -24.58 67.57
C THR A 2748 -10.59 -23.20 67.04
N ALA A 2749 -11.78 -23.08 66.45
CA ALA A 2749 -12.23 -21.79 65.96
C ALA A 2749 -12.42 -20.81 67.10
N HIS A 2750 -12.98 -21.28 68.21
CA HIS A 2750 -13.16 -20.43 69.39
C HIS A 2750 -11.81 -20.00 69.96
N LEU A 2751 -10.85 -20.93 70.00
CA LEU A 2751 -9.51 -20.58 70.48
C LEU A 2751 -8.83 -19.56 69.58
N LEU A 2752 -8.90 -19.76 68.26
CA LEU A 2752 -8.25 -18.84 67.33
C LEU A 2752 -8.92 -17.47 67.36
N VAL A 2753 -10.23 -17.43 67.52
CA VAL A 2753 -10.90 -16.14 67.54
C VAL A 2753 -10.64 -15.40 68.84
N SER A 2754 -10.48 -16.13 69.96
CA SER A 2754 -10.48 -15.50 71.29
C SER A 2754 -9.34 -14.51 71.47
N ASP A 2755 -8.14 -14.86 71.05
CA ASP A 2755 -6.98 -14.02 71.29
C ASP A 2755 -6.96 -12.82 70.33
N PRO A 2756 -6.41 -11.68 70.79
CA PRO A 2756 -6.40 -10.47 69.94
C PRO A 2756 -5.34 -10.47 68.85
N ASN A 2757 -4.39 -11.40 68.86
CA ASN A 2757 -3.39 -11.43 67.80
C ASN A 2757 -4.01 -11.69 66.43
N LEU A 2758 -5.18 -12.36 66.41
CA LEU A 2758 -5.91 -12.51 65.16
C LEU A 2758 -6.37 -11.15 64.64
N ILE A 2759 -6.79 -10.25 65.53
CA ILE A 2759 -7.08 -8.88 65.13
C ILE A 2759 -5.87 -8.24 64.48
N HIS A 2760 -4.70 -8.39 65.11
CA HIS A 2760 -3.49 -7.73 64.61
C HIS A 2760 -3.08 -8.27 63.24
N VAL A 2761 -3.15 -9.58 63.04
CA VAL A 2761 -2.77 -10.14 61.76
C VAL A 2761 -3.77 -9.71 60.68
N LEU A 2762 -5.06 -9.72 60.99
CA LEU A 2762 -6.05 -9.29 60.01
C LEU A 2762 -5.90 -7.81 59.68
N VAL A 2763 -5.53 -6.99 60.67
CA VAL A 2763 -5.30 -5.57 60.41
C VAL A 2763 -4.11 -5.38 59.48
N LYS A 2764 -3.05 -6.14 59.71
CA LYS A 2764 -1.89 -6.08 58.82
C LYS A 2764 -2.27 -6.54 57.42
N PHE A 2765 -3.05 -7.62 57.33
CA PHE A 2765 -3.43 -8.19 56.06
C PHE A 2765 -4.29 -7.24 55.26
N LEU A 2766 -5.27 -6.64 55.91
CA LEU A 2766 -6.23 -5.79 55.22
C LEU A 2766 -5.75 -4.37 55.08
N SER A 2767 -4.65 -4.00 55.74
CA SER A 2767 -4.17 -2.65 55.55
C SER A 2767 -3.32 -2.51 54.30
N GLY A 2768 -2.67 -3.59 53.87
CA GLY A 2768 -1.95 -3.64 52.60
C GLY A 2768 -0.92 -2.54 52.47
N THR A 2769 -0.16 -2.29 53.54
CA THR A 2769 0.79 -1.18 53.56
C THR A 2769 1.90 -1.33 52.52
N SER A 2770 2.54 -2.52 52.48
CA SER A 2770 3.67 -2.84 51.62
C SER A 2770 4.77 -1.78 51.71
N PRO A 2771 5.49 -1.69 52.83
CA PRO A 2771 6.44 -0.56 53.01
C PRO A 2771 7.66 -0.61 52.10
N HIS A 2772 7.85 -1.68 51.34
CA HIS A 2772 8.94 -1.77 50.38
C HIS A 2772 8.43 -1.65 48.96
N GLY A 2773 7.19 -1.21 48.80
CA GLY A 2773 6.54 -1.28 47.51
C GLY A 2773 6.89 -0.09 46.65
N THR A 2774 7.82 -0.31 45.73
CA THR A 2774 8.12 0.66 44.69
C THR A 2774 7.00 0.78 43.67
N ASN A 2775 6.03 -0.10 43.70
CA ASN A 2775 4.95 -0.18 42.72
C ASN A 2775 3.61 -0.23 43.44
N GLN A 2776 3.40 0.68 44.38
CA GLN A 2776 2.14 0.78 45.10
C GLN A 2776 1.04 1.41 44.24
N HIS A 2777 0.74 0.78 43.11
CA HIS A 2777 -0.27 1.28 42.18
C HIS A 2777 -1.66 0.73 42.53
N SER A 2778 -1.77 -0.57 42.68
CA SER A 2778 -3.04 -1.24 42.96
C SER A 2778 -2.85 -2.19 44.14
N PRO A 2779 -3.37 -1.86 45.32
CA PRO A 2779 -3.13 -2.70 46.51
C PRO A 2779 -3.90 -4.00 46.49
N GLN A 2780 -4.59 -4.28 45.39
CA GLN A 2780 -5.40 -5.49 45.25
C GLN A 2780 -4.54 -6.74 45.42
N VAL A 2781 -5.08 -7.70 46.17
CA VAL A 2781 -4.38 -8.95 46.42
C VAL A 2781 -4.62 -10.02 45.37
N GLY A 2782 -5.52 -9.80 44.42
CA GLY A 2782 -5.74 -10.77 43.39
C GLY A 2782 -6.87 -11.70 43.78
N PRO A 2783 -7.56 -12.24 42.77
CA PRO A 2783 -8.74 -13.09 43.04
C PRO A 2783 -8.45 -14.32 43.88
N THR A 2784 -7.25 -14.88 43.76
CA THR A 2784 -6.88 -16.05 44.54
C THR A 2784 -6.93 -15.77 46.04
N ALA A 2785 -6.39 -14.63 46.46
CA ALA A 2785 -6.39 -14.31 47.87
C ALA A 2785 -7.80 -14.03 48.37
N THR A 2786 -8.61 -13.35 47.55
CA THR A 2786 -9.99 -13.07 47.93
C THR A 2786 -10.81 -14.35 48.08
N GLN A 2787 -10.64 -15.30 47.15
CA GLN A 2787 -11.37 -16.55 47.30
C GLN A 2787 -10.87 -17.33 48.51
N ALA A 2788 -9.56 -17.29 48.77
CA ALA A 2788 -9.04 -17.99 49.94
C ALA A 2788 -9.59 -17.41 51.24
N MET A 2789 -9.61 -16.08 51.35
CA MET A 2789 -10.16 -15.47 52.56
C MET A 2789 -11.65 -15.75 52.69
N GLN A 2790 -12.39 -15.72 51.57
CA GLN A 2790 -13.83 -15.98 51.65
C GLN A 2790 -14.11 -17.41 52.12
N GLU A 2791 -13.40 -18.41 51.59
CA GLU A 2791 -13.64 -19.76 52.07
C GLU A 2791 -13.22 -19.89 53.52
N PHE A 2792 -12.11 -19.25 53.90
CA PHE A 2792 -11.67 -19.29 55.29
C PHE A 2792 -12.75 -18.73 56.22
N LEU A 2793 -13.29 -17.55 55.90
CA LEU A 2793 -14.30 -16.96 56.76
C LEU A 2793 -15.57 -17.81 56.77
N THR A 2794 -15.87 -18.45 55.65
CA THR A 2794 -17.01 -19.36 55.62
C THR A 2794 -16.78 -20.53 56.56
N ARG A 2795 -15.55 -21.05 56.58
CA ARG A 2795 -15.21 -22.10 57.54
C ARG A 2795 -15.31 -21.60 58.97
N LEU A 2796 -14.89 -20.36 59.20
CA LEU A 2796 -14.99 -19.76 60.53
C LEU A 2796 -16.44 -19.66 60.98
N GLN A 2797 -17.30 -19.17 60.11
CA GLN A 2797 -18.69 -19.01 60.49
C GLN A 2797 -19.41 -20.34 60.60
N VAL A 2798 -18.97 -21.35 59.86
CA VAL A 2798 -19.66 -22.63 59.97
C VAL A 2798 -19.11 -23.42 61.15
N HIS A 2799 -17.95 -23.02 61.66
CA HIS A 2799 -17.45 -23.65 62.87
C HIS A 2799 -17.97 -22.98 64.11
N LEU A 2800 -18.16 -21.66 64.09
CA LEU A 2800 -18.64 -20.96 65.27
C LEU A 2800 -20.15 -20.76 65.29
N SER A 2801 -20.87 -21.12 64.21
CA SER A 2801 -22.32 -20.99 64.22
C SER A 2801 -22.94 -21.94 65.22
N SER A 2802 -22.37 -23.14 65.34
CA SER A 2802 -22.92 -24.15 66.24
C SER A 2802 -22.82 -23.70 67.69
N THR A 2803 -21.70 -23.08 68.06
CA THR A 2803 -21.49 -22.75 69.46
C THR A 2803 -21.95 -21.33 69.79
N CYS A 2804 -21.32 -20.32 69.18
CA CYS A 2804 -21.64 -18.94 69.51
C CYS A 2804 -21.26 -18.04 68.34
N PRO A 2805 -22.13 -17.90 67.34
CA PRO A 2805 -21.86 -16.94 66.26
C PRO A 2805 -21.87 -15.50 66.72
N GLN A 2806 -22.51 -15.19 67.86
CA GLN A 2806 -22.55 -13.82 68.36
C GLN A 2806 -21.16 -13.31 68.71
N ILE A 2807 -20.32 -14.17 69.30
CA ILE A 2807 -18.96 -13.78 69.64
C ILE A 2807 -18.18 -13.48 68.36
N PHE A 2808 -18.34 -14.31 67.34
CA PHE A 2808 -17.65 -14.11 66.07
C PHE A 2808 -18.12 -12.80 65.44
N SER A 2809 -19.43 -12.54 65.50
CA SER A 2809 -19.99 -11.32 64.93
C SER A 2809 -19.44 -10.08 65.64
N GLU A 2810 -19.35 -10.16 66.97
CA GLU A 2810 -18.80 -9.05 67.74
C GLU A 2810 -17.31 -8.87 67.45
N PHE A 2811 -16.60 -9.98 67.28
CA PHE A 2811 -15.18 -9.94 66.93
C PHE A 2811 -14.95 -9.25 65.59
N LEU A 2812 -15.73 -9.63 64.58
CA LEU A 2812 -15.57 -9.05 63.26
C LEU A 2812 -15.96 -7.57 63.25
N LEU A 2813 -17.03 -7.19 63.95
CA LEU A 2813 -17.40 -5.78 63.96
C LEU A 2813 -16.34 -4.95 64.69
N LYS A 2814 -15.76 -5.50 65.76
CA LYS A 2814 -14.68 -4.81 66.44
C LYS A 2814 -13.50 -4.63 65.51
N LEU A 2815 -13.20 -5.66 64.71
CA LEU A 2815 -12.14 -5.56 63.72
C LEU A 2815 -12.44 -4.45 62.72
N ILE A 2816 -13.69 -4.36 62.27
CA ILE A 2816 -14.09 -3.31 61.35
C ILE A 2816 -13.91 -1.94 61.99
N HIS A 2817 -14.28 -1.83 63.28
CA HIS A 2817 -14.16 -0.56 63.99
C HIS A 2817 -12.72 -0.11 64.09
N ILE A 2818 -11.82 -1.04 64.42
CA ILE A 2818 -10.40 -0.70 64.51
C ILE A 2818 -9.86 -0.37 63.13
N LEU A 2819 -10.38 -1.01 62.09
CA LEU A 2819 -10.00 -0.62 60.75
C LEU A 2819 -10.58 0.74 60.37
N SER A 2820 -11.73 1.10 60.95
CA SER A 2820 -12.45 2.33 60.59
C SER A 2820 -12.26 3.43 61.60
N THR A 2821 -11.33 3.25 62.55
CA THR A 2821 -11.13 4.24 63.61
C THR A 2821 -10.35 5.41 63.00
N GLU A 2822 -9.90 6.33 63.86
CA GLU A 2822 -9.13 7.48 63.38
C GLU A 2822 -7.85 7.01 62.71
N ARG A 2823 -7.62 7.54 61.51
CA ARG A 2823 -6.48 7.18 60.65
C ARG A 2823 -6.42 5.67 60.36
N GLY A 2824 -7.59 5.01 60.27
CA GLY A 2824 -7.62 3.60 59.93
C GLY A 2824 -7.53 3.37 58.44
N ALA A 2825 -7.51 2.09 58.04
CA ALA A 2825 -7.40 1.74 56.63
C ALA A 2825 -8.58 2.22 55.80
N PHE A 2826 -9.81 2.08 56.32
CA PHE A 2826 -10.94 2.58 55.55
C PHE A 2826 -10.88 4.09 55.45
N GLN A 2827 -10.56 4.76 56.56
CA GLN A 2827 -10.46 6.21 56.53
C GLN A 2827 -9.34 6.63 55.59
N THR A 2828 -8.14 6.08 55.78
CA THR A 2828 -7.01 6.47 54.96
C THR A 2828 -7.18 6.01 53.52
N GLY A 2829 -8.10 5.07 53.28
CA GLY A 2829 -8.40 4.60 51.95
C GLY A 2829 -7.48 3.55 51.39
N GLN A 2830 -6.45 3.14 52.13
CA GLN A 2830 -5.52 2.14 51.62
C GLN A 2830 -6.05 0.72 51.79
N GLY A 2831 -5.29 -0.23 51.24
CA GLY A 2831 -5.59 -1.64 51.32
C GLY A 2831 -6.39 -2.17 50.14
N PRO A 2832 -6.38 -3.50 49.98
CA PRO A 2832 -7.12 -4.12 48.86
C PRO A 2832 -8.62 -3.92 48.94
N LEU A 2833 -9.17 -3.16 47.99
CA LEU A 2833 -10.59 -2.84 48.02
C LEU A 2833 -11.46 -4.07 47.80
N ASP A 2834 -11.06 -4.98 46.91
CA ASP A 2834 -11.87 -6.15 46.60
C ASP A 2834 -12.05 -7.05 47.82
N ALA A 2835 -10.97 -7.28 48.57
CA ALA A 2835 -11.04 -8.09 49.76
C ALA A 2835 -11.94 -7.43 50.80
N GLN A 2836 -11.81 -6.12 50.96
CA GLN A 2836 -12.60 -5.39 51.96
C GLN A 2836 -14.08 -5.42 51.62
N VAL A 2837 -14.43 -5.17 50.34
CA VAL A 2837 -15.84 -5.15 49.97
C VAL A 2837 -16.42 -6.55 50.06
N LYS A 2838 -15.64 -7.58 49.73
CA LYS A 2838 -16.16 -8.94 49.84
C LYS A 2838 -16.36 -9.32 51.30
N LEU A 2839 -15.42 -8.93 52.15
CA LEU A 2839 -15.58 -9.17 53.58
C LEU A 2839 -16.81 -8.49 54.15
N LEU A 2840 -17.02 -7.24 53.78
CA LEU A 2840 -18.19 -6.54 54.29
C LEU A 2840 -19.48 -7.17 53.78
N GLU A 2841 -19.55 -7.50 52.48
CA GLU A 2841 -20.78 -8.08 51.97
C GLU A 2841 -21.03 -9.47 52.53
N PHE A 2842 -19.98 -10.16 52.99
CA PHE A 2842 -20.22 -11.40 53.74
C PHE A 2842 -20.73 -11.09 55.13
N THR A 2843 -20.26 -9.98 55.70
CA THR A 2843 -20.75 -9.57 57.01
C THR A 2843 -22.24 -9.28 56.96
N LEU A 2844 -22.71 -8.79 55.81
CA LEU A 2844 -24.13 -8.47 55.64
C LEU A 2844 -25.03 -9.67 55.92
N GLU A 2845 -24.60 -10.87 55.54
CA GLU A 2845 -25.43 -12.05 55.77
C GLU A 2845 -25.49 -12.47 57.23
N GLN A 2846 -24.59 -11.98 58.07
CA GLN A 2846 -24.58 -12.38 59.47
C GLN A 2846 -25.79 -11.80 60.21
N ASN A 2847 -26.13 -12.45 61.32
CA ASN A 2847 -27.17 -11.98 62.22
C ASN A 2847 -26.52 -11.46 63.49
N PHE A 2848 -27.03 -10.34 64.00
CA PHE A 2848 -26.36 -9.67 65.10
C PHE A 2848 -27.32 -9.52 66.28
N GLU A 2849 -28.00 -10.61 66.62
CA GLU A 2849 -29.13 -10.56 67.56
C GLU A 2849 -28.74 -10.12 68.98
N VAL A 2850 -27.70 -10.73 69.54
CA VAL A 2850 -27.45 -10.56 70.98
C VAL A 2850 -26.08 -9.92 71.14
N VAL A 2851 -25.71 -9.06 70.19
CA VAL A 2851 -24.47 -8.32 70.32
C VAL A 2851 -24.65 -7.18 71.31
N SER A 2852 -23.60 -6.91 72.09
CA SER A 2852 -23.65 -5.87 73.10
C SER A 2852 -23.90 -4.51 72.45
N VAL A 2853 -24.71 -3.69 73.13
CA VAL A 2853 -25.14 -2.41 72.57
C VAL A 2853 -23.97 -1.43 72.47
N SER A 2854 -23.05 -1.47 73.42
CA SER A 2854 -21.97 -0.49 73.48
C SER A 2854 -21.07 -0.55 72.26
N THR A 2855 -20.67 -1.75 71.86
CA THR A 2855 -19.81 -1.89 70.69
C THR A 2855 -20.56 -1.53 69.42
N ILE A 2856 -21.87 -1.77 69.39
CA ILE A 2856 -22.71 -1.37 68.27
C ILE A 2856 -22.71 0.15 68.16
N SER A 2857 -22.84 0.83 69.29
CA SER A 2857 -22.79 2.29 69.30
C SER A 2857 -21.44 2.80 68.81
N ALA A 2858 -20.36 2.15 69.25
CA ALA A 2858 -19.02 2.56 68.83
C ALA A 2858 -18.85 2.43 67.32
N VAL A 2859 -19.29 1.30 66.76
CA VAL A 2859 -19.08 1.09 65.33
C VAL A 2859 -19.95 2.03 64.50
N ILE A 2860 -21.21 2.25 64.92
CA ILE A 2860 -22.07 3.15 64.15
C ILE A 2860 -21.52 4.57 64.21
N GLU A 2861 -21.05 5.01 65.38
CA GLU A 2861 -20.48 6.35 65.49
C GLU A 2861 -19.28 6.51 64.56
N SER A 2862 -18.41 5.50 64.55
CA SER A 2862 -17.21 5.57 63.73
C SER A 2862 -17.56 5.65 62.24
N VAL A 2863 -18.48 4.78 61.80
CA VAL A 2863 -18.79 4.74 60.38
C VAL A 2863 -19.53 6.00 59.94
N THR A 2864 -20.44 6.52 60.79
CA THR A 2864 -21.15 7.74 60.43
C THR A 2864 -20.24 8.94 60.35
N PHE A 2865 -19.33 9.10 61.31
CA PHE A 2865 -18.38 10.21 61.22
C PHE A 2865 -17.53 10.09 59.97
N LEU A 2866 -17.04 8.87 59.67
CA LEU A 2866 -16.17 8.69 58.51
C LEU A 2866 -16.91 9.00 57.22
N VAL A 2867 -18.14 8.51 57.08
CA VAL A 2867 -18.85 8.74 55.82
C VAL A 2867 -19.28 10.19 55.70
N HIS A 2868 -19.61 10.85 56.81
CA HIS A 2868 -19.91 12.27 56.76
C HIS A 2868 -18.70 13.07 56.33
N HIS A 2869 -17.52 12.71 56.84
CA HIS A 2869 -16.33 13.41 56.41
C HIS A 2869 -16.03 13.14 54.95
N TYR A 2870 -16.32 11.92 54.48
CA TYR A 2870 -16.14 11.64 53.07
C TYR A 2870 -17.09 12.43 52.17
N ILE A 2871 -18.37 12.53 52.56
CA ILE A 2871 -19.32 13.22 51.69
C ILE A 2871 -19.06 14.71 51.68
N THR A 2872 -18.83 15.30 52.85
CA THR A 2872 -18.66 16.75 52.91
C THR A 2872 -17.37 17.17 52.22
N CYS A 2873 -16.32 16.38 52.37
CA CYS A 2873 -14.99 16.72 51.87
C CYS A 2873 -14.67 15.88 50.64
N SER A 2874 -15.65 15.69 49.76
CA SER A 2874 -15.50 14.89 48.55
C SER A 2874 -14.52 15.53 47.57
N ASP A 2875 -14.13 14.75 46.56
CA ASP A 2875 -13.15 15.16 45.58
C ASP A 2875 -13.69 16.26 44.68
N LYS A 2876 -12.76 17.03 44.11
CA LYS A 2876 -13.05 18.15 43.23
C LYS A 2876 -13.12 17.77 41.74
N VAL A 2877 -12.69 16.57 41.35
CA VAL A 2877 -12.80 16.18 39.95
C VAL A 2877 -13.38 14.77 39.85
N MET A 2878 -13.75 14.41 38.62
CA MET A 2878 -14.19 13.07 38.30
C MET A 2878 -13.94 12.85 36.81
N SER A 2879 -13.34 11.72 36.49
CA SER A 2879 -12.97 11.37 35.12
C SER A 2879 -13.84 10.22 34.64
N ARG A 2880 -14.32 10.31 33.40
CA ARG A 2880 -15.10 9.24 32.81
C ARG A 2880 -14.25 8.54 31.76
N SER A 2881 -14.47 7.23 31.62
CA SER A 2881 -13.74 6.42 30.65
C SER A 2881 -14.19 6.73 29.22
N GLU A 2912 -16.58 -1.15 36.55
CA GLU A 2912 -15.58 -1.56 37.53
C GLU A 2912 -16.09 -1.35 38.95
N MET A 2913 -15.34 -1.86 39.92
CA MET A 2913 -15.66 -1.75 41.33
C MET A 2913 -14.73 -0.76 42.03
N THR A 2914 -15.31 0.10 42.87
CA THR A 2914 -14.57 1.11 43.59
C THR A 2914 -15.16 1.21 44.99
N ARG A 2915 -14.56 2.08 45.80
CA ARG A 2915 -14.98 2.23 47.19
C ARG A 2915 -16.37 2.85 47.32
N ASP A 2916 -16.92 3.43 46.26
CA ASP A 2916 -18.31 3.89 46.30
C ASP A 2916 -19.25 2.74 46.62
N GLN A 2917 -19.01 1.58 45.99
CA GLN A 2917 -19.77 0.39 46.36
C GLN A 2917 -19.50 0.00 47.79
N LEU A 2918 -18.26 0.21 48.28
CA LEU A 2918 -17.94 -0.08 49.67
C LEU A 2918 -18.81 0.72 50.62
N MET A 2919 -18.98 2.02 50.35
CA MET A 2919 -19.89 2.80 51.16
C MET A 2919 -21.32 2.30 51.03
N PHE A 2920 -21.73 1.87 49.84
CA PHE A 2920 -23.11 1.39 49.68
C PHE A 2920 -23.38 0.17 50.56
N ASP A 2921 -22.48 -0.81 50.56
CA ASP A 2921 -22.74 -1.94 51.46
C ASP A 2921 -22.54 -1.52 52.92
N LEU A 2922 -21.66 -0.55 53.21
CA LEU A 2922 -21.56 -0.05 54.59
C LEU A 2922 -22.88 0.48 55.10
N LEU A 2923 -23.56 1.29 54.27
CA LEU A 2923 -24.84 1.83 54.68
C LEU A 2923 -25.89 0.72 54.76
N LYS A 2924 -25.80 -0.26 53.86
CA LYS A 2924 -26.71 -1.40 53.96
C LYS A 2924 -26.49 -2.18 55.24
N LEU A 2925 -25.23 -2.37 55.63
CA LEU A 2925 -24.92 -3.08 56.87
C LEU A 2925 -25.44 -2.33 58.09
N VAL A 2926 -25.25 -1.01 58.12
CA VAL A 2926 -25.74 -0.26 59.28
C VAL A 2926 -27.26 -0.27 59.26
N ASN A 2927 -27.85 -0.32 58.07
CA ASN A 2927 -29.30 -0.44 57.95
C ASN A 2927 -29.78 -1.75 58.55
N ILE A 2928 -29.10 -2.83 58.24
CA ILE A 2928 -29.46 -4.13 58.79
C ILE A 2928 -29.31 -4.13 60.30
N LEU A 2929 -28.20 -3.57 60.78
CA LEU A 2929 -27.92 -3.55 62.21
C LEU A 2929 -28.93 -2.72 63.00
N VAL A 2930 -29.31 -1.55 62.48
CA VAL A 2930 -30.25 -0.71 63.22
C VAL A 2930 -31.66 -1.29 63.21
N GLN A 2931 -31.95 -2.22 62.30
CA GLN A 2931 -33.26 -2.86 62.23
C GLN A 2931 -33.47 -3.92 63.30
N LEU A 2932 -32.58 -4.01 64.28
CA LEU A 2932 -32.67 -5.04 65.30
C LEU A 2932 -33.32 -4.48 66.56
N PRO A 2933 -34.24 -5.26 67.15
CA PRO A 2933 -34.82 -4.88 68.43
C PRO A 2933 -33.77 -4.79 69.51
N LEU A 2934 -33.97 -3.86 70.45
CA LEU A 2934 -32.99 -3.62 71.50
C LEU A 2934 -33.07 -4.66 72.61
N SER A 2935 -31.92 -5.25 72.94
CA SER A 2935 -31.83 -6.20 74.03
C SER A 2935 -32.03 -5.50 75.37
N GLY A 2936 -32.77 -6.13 76.27
CA GLY A 2936 -33.04 -5.57 77.58
C GLY A 2936 -31.82 -5.39 78.45
N PRO A 2977 -41.76 -3.78 71.66
CA PRO A 2977 -40.57 -4.13 70.88
C PRO A 2977 -39.69 -2.92 70.58
N ALA A 2978 -38.91 -2.49 71.55
CA ALA A 2978 -38.02 -1.34 71.35
C ALA A 2978 -36.87 -1.74 70.44
N TYR A 2979 -36.33 -0.75 69.73
CA TYR A 2979 -35.23 -0.97 68.81
C TYR A 2979 -34.05 -0.08 69.20
N VAL A 2980 -32.88 -0.46 68.67
CA VAL A 2980 -31.68 0.35 68.82
C VAL A 2980 -31.75 1.65 68.03
N ALA A 2981 -32.75 1.77 67.16
CA ALA A 2981 -33.04 3.03 66.49
C ALA A 2981 -33.31 4.14 67.50
N ASP A 2982 -33.97 3.80 68.61
CA ASP A 2982 -34.13 4.77 69.69
C ASP A 2982 -32.79 5.18 70.27
N LEU A 2983 -31.87 4.22 70.42
CA LEU A 2983 -30.56 4.52 70.97
C LEU A 2983 -29.78 5.47 70.07
N VAL A 2984 -29.79 5.21 68.76
CA VAL A 2984 -29.06 6.10 67.85
C VAL A 2984 -29.77 7.44 67.75
N LEU A 2985 -31.09 7.46 67.89
CA LEU A 2985 -31.84 8.71 67.93
C LEU A 2985 -31.43 9.54 69.12
N ALA A 2986 -31.21 8.88 70.26
CA ALA A 2986 -30.78 9.56 71.47
C ALA A 2986 -29.44 10.25 71.28
N ASN A 2987 -28.54 9.63 70.52
CA ASN A 2987 -27.24 10.24 70.26
C ASN A 2987 -27.43 11.39 69.28
N GLN A 2988 -27.19 12.61 69.76
CA GLN A 2988 -27.37 13.79 68.94
C GLN A 2988 -26.27 13.93 67.90
N GLN A 2989 -25.05 13.47 68.21
CA GLN A 2989 -23.91 13.66 67.31
C GLN A 2989 -24.13 12.99 65.98
N ILE A 2990 -24.57 11.72 66.01
CA ILE A 2990 -24.80 10.97 64.77
C ILE A 2990 -25.90 11.64 63.97
N MET A 2991 -26.94 12.11 64.67
CA MET A 2991 -28.04 12.79 64.01
C MET A 2991 -27.56 14.06 63.33
N SER A 2992 -26.67 14.80 64.00
CA SER A 2992 -26.07 15.99 63.40
C SER A 2992 -25.29 15.62 62.15
N GLN A 2993 -24.52 14.53 62.21
CA GLN A 2993 -23.73 14.10 61.07
C GLN A 2993 -24.62 13.78 59.87
N ILE A 2994 -25.67 13.00 60.08
CA ILE A 2994 -26.50 12.55 58.97
C ILE A 2994 -27.32 13.70 58.40
N LEU A 2995 -27.87 14.56 59.25
CA LEU A 2995 -28.60 15.72 58.76
C LEU A 2995 -27.68 16.67 57.99
N SER A 2996 -26.44 16.86 58.47
CA SER A 2996 -25.50 17.67 57.71
C SER A 2996 -25.21 17.05 56.34
N ALA A 2997 -25.11 15.71 56.32
CA ALA A 2997 -24.90 15.00 55.05
C ALA A 2997 -26.08 15.23 54.11
N LEU A 2998 -27.31 15.22 54.64
CA LEU A 2998 -28.48 15.53 53.83
C LEU A 2998 -28.48 16.97 53.37
N GLY A 2999 -27.96 17.87 54.19
CA GLY A 2999 -27.91 19.25 53.77
C GLY A 2999 -26.81 19.55 52.78
N LEU A 3000 -25.91 18.60 52.58
CA LEU A 3000 -24.79 18.76 51.66
C LEU A 3000 -24.82 17.79 50.49
N CYS A 3001 -25.90 17.03 50.31
CA CYS A 3001 -25.99 16.11 49.18
C CYS A 3001 -26.78 16.71 48.02
N ASN A 3002 -26.65 16.06 46.87
CA ASN A 3002 -27.20 16.50 45.60
C ASN A 3002 -28.54 15.83 45.32
N SER A 3003 -29.17 16.27 44.24
CA SER A 3003 -30.44 15.72 43.80
C SER A 3003 -30.21 14.57 42.83
N SER A 3004 -31.30 14.05 42.29
CA SER A 3004 -31.25 12.94 41.34
C SER A 3004 -30.89 13.43 39.95
N ILE A 3030 -29.36 4.17 44.65
CA ILE A 3030 -28.24 4.02 43.73
C ILE A 3030 -27.16 5.02 44.10
N SER A 3031 -27.47 5.92 45.02
CA SER A 3031 -26.55 6.96 45.45
C SER A 3031 -26.43 6.92 46.96
N VAL A 3032 -25.35 7.52 47.45
CA VAL A 3032 -25.14 7.60 48.89
C VAL A 3032 -26.25 8.43 49.55
N GLY A 3033 -26.67 9.49 48.88
CA GLY A 3033 -27.83 10.23 49.33
C GLY A 3033 -29.08 9.38 49.36
N ASP A 3034 -29.25 8.54 48.33
CA ASP A 3034 -30.37 7.60 48.28
C ASP A 3034 -30.29 6.64 49.46
N GLY A 3035 -29.09 6.15 49.76
CA GLY A 3035 -28.92 5.22 50.88
C GLY A 3035 -29.27 5.87 52.21
N LEU A 3036 -28.75 7.08 52.43
CA LEU A 3036 -29.06 7.80 53.67
C LEU A 3036 -30.54 8.12 53.77
N PHE A 3037 -31.15 8.50 52.65
CA PHE A 3037 -32.58 8.78 52.62
C PHE A 3037 -33.38 7.53 53.00
N THR A 3038 -32.99 6.37 52.46
CA THR A 3038 -33.70 5.14 52.76
C THR A 3038 -33.52 4.73 54.22
N ILE A 3039 -32.30 4.83 54.75
CA ILE A 3039 -32.09 4.44 56.13
C ILE A 3039 -32.83 5.39 57.07
N LEU A 3040 -32.88 6.67 56.73
CA LEU A 3040 -33.62 7.59 57.56
C LEU A 3040 -35.11 7.31 57.46
N THR A 3041 -35.57 6.89 56.29
CA THR A 3041 -36.96 6.49 56.11
C THR A 3041 -37.30 5.30 56.98
N THR A 3042 -36.43 4.30 57.01
CA THR A 3042 -36.65 3.15 57.88
C THR A 3042 -36.56 3.53 59.34
N LEU A 3043 -35.73 4.53 59.65
CA LEU A 3043 -35.63 5.03 61.02
C LEU A 3043 -36.95 5.64 61.44
N SER A 3044 -37.56 6.41 60.55
CA SER A 3044 -38.88 6.97 60.81
C SER A 3044 -39.93 5.86 60.92
N LYS A 3045 -39.80 4.83 60.08
CA LYS A 3045 -40.75 3.73 60.09
C LYS A 3045 -40.71 2.98 61.42
N LYS A 3046 -39.52 2.73 61.95
CA LYS A 3046 -39.43 1.95 63.18
C LYS A 3046 -39.42 2.83 64.42
N ALA A 3047 -39.54 4.14 64.28
CA ALA A 3047 -39.60 4.99 65.46
C ALA A 3047 -40.96 4.85 66.16
N SER A 3048 -40.98 5.18 67.44
CA SER A 3048 -42.20 5.05 68.25
C SER A 3048 -43.09 6.29 68.17
N THR A 3049 -42.57 7.43 68.60
CA THR A 3049 -43.31 8.69 68.63
C THR A 3049 -42.58 9.76 67.85
N VAL A 3050 -43.36 10.71 67.34
CA VAL A 3050 -42.79 11.79 66.56
C VAL A 3050 -41.89 12.74 67.35
N HIS A 3051 -42.01 12.82 68.68
CA HIS A 3051 -41.23 13.80 69.43
C HIS A 3051 -39.72 13.58 69.33
N MET A 3052 -39.25 12.35 69.59
CA MET A 3052 -37.81 12.11 69.44
C MET A 3052 -37.33 12.11 68.01
N MET A 3053 -38.21 12.11 67.01
CA MET A 3053 -37.66 12.20 65.66
C MET A 3053 -37.57 13.66 65.23
N LEU A 3054 -38.53 14.51 65.62
CA LEU A 3054 -38.45 15.92 65.29
C LEU A 3054 -37.46 16.68 66.14
N GLN A 3055 -37.12 16.16 67.32
CA GLN A 3055 -36.14 16.86 68.17
C GLN A 3055 -34.77 17.03 67.51
N PRO A 3056 -34.09 15.99 66.97
CA PRO A 3056 -32.81 16.24 66.27
C PRO A 3056 -32.98 17.15 65.08
N ILE A 3057 -34.13 17.05 64.41
CA ILE A 3057 -34.42 17.86 63.23
C ILE A 3057 -34.41 19.34 63.59
N LEU A 3058 -35.11 19.69 64.67
CA LEU A 3058 -35.19 21.11 65.01
C LEU A 3058 -33.91 21.62 65.65
N THR A 3059 -33.17 20.75 66.33
CA THR A 3059 -31.84 21.15 66.79
C THR A 3059 -30.92 21.41 65.61
N TYR A 3060 -31.03 20.61 64.56
CA TYR A 3060 -30.25 20.84 63.36
C TYR A 3060 -30.63 22.14 62.66
N MET A 3061 -31.92 22.45 62.51
CA MET A 3061 -32.26 23.73 61.87
C MET A 3061 -31.76 24.91 62.70
N ALA A 3062 -31.88 24.83 64.04
CA ALA A 3062 -31.44 25.95 64.86
C ALA A 3062 -29.93 26.08 64.87
N CYS A 3063 -29.21 24.95 65.00
CA CYS A 3063 -27.75 24.97 65.05
C CYS A 3063 -27.16 25.41 63.72
N GLY A 3064 -27.74 24.94 62.61
CA GLY A 3064 -27.25 25.24 61.28
C GLY A 3064 -27.33 26.71 60.93
N THR A 3074 -27.90 29.86 57.01
CA THR A 3074 -28.47 29.22 58.19
C THR A 3074 -28.50 27.70 58.00
N CYS A 3075 -29.68 27.12 58.19
CA CYS A 3075 -29.84 25.68 58.04
C CYS A 3075 -29.64 25.24 56.59
N GLN A 3076 -28.91 24.15 56.41
CA GLN A 3076 -28.59 23.62 55.10
C GLN A 3076 -29.73 22.67 54.70
N LEU A 3077 -30.45 23.02 53.64
CA LEU A 3077 -31.60 22.20 53.21
C LEU A 3077 -31.48 21.84 51.72
N SER A 3078 -31.54 20.55 51.44
CA SER A 3078 -31.51 20.05 50.08
C SER A 3078 -32.85 19.40 49.77
N GLU A 3079 -33.08 19.09 48.49
CA GLU A 3079 -34.36 18.48 48.10
C GLU A 3079 -34.64 17.12 48.75
N PRO A 3080 -33.69 16.16 48.90
CA PRO A 3080 -34.05 14.95 49.67
C PRO A 3080 -34.51 15.27 51.07
N LEU A 3081 -33.89 16.27 51.69
CA LEU A 3081 -34.30 16.68 53.04
C LEU A 3081 -35.70 17.25 53.01
N LEU A 3082 -36.02 18.03 51.98
CA LEU A 3082 -37.38 18.52 51.80
C LEU A 3082 -38.36 17.39 51.64
N TRP A 3083 -37.99 16.39 50.85
CA TRP A 3083 -38.85 15.23 50.61
C TRP A 3083 -39.08 14.47 51.91
N PHE A 3084 -38.04 14.33 52.73
CA PHE A 3084 -38.20 13.67 54.01
C PHE A 3084 -39.09 14.47 54.94
N ILE A 3085 -38.94 15.80 54.95
CA ILE A 3085 -39.79 16.60 55.82
C ILE A 3085 -41.24 16.47 55.39
N LEU A 3086 -41.46 16.37 54.08
CA LEU A 3086 -42.80 16.10 53.57
C LEU A 3086 -43.29 14.74 54.03
N ARG A 3087 -42.42 13.73 53.97
CA ARG A 3087 -42.78 12.37 54.34
C ARG A 3087 -43.09 12.22 55.83
N VAL A 3088 -42.26 12.84 56.67
CA VAL A 3088 -42.46 12.76 58.10
C VAL A 3088 -43.67 13.59 58.55
N LEU A 3089 -44.18 14.48 57.70
CA LEU A 3089 -45.39 15.22 58.00
C LEU A 3089 -46.60 14.67 57.26
N ASP A 3090 -46.66 13.36 57.05
CA ASP A 3090 -47.83 12.81 56.39
C ASP A 3090 -49.02 12.74 57.34
N THR A 3091 -48.79 12.34 58.59
CA THR A 3091 -49.90 12.14 59.50
C THR A 3091 -50.39 13.46 60.09
N SER A 3092 -51.64 13.45 60.55
CA SER A 3092 -52.23 14.61 61.19
C SER A 3092 -51.50 14.92 62.50
N ASP A 3093 -51.16 13.88 63.25
CA ASP A 3093 -50.43 14.05 64.50
C ASP A 3093 -49.07 14.69 64.27
N ALA A 3094 -48.44 14.42 63.12
CA ALA A 3094 -47.17 15.07 62.79
C ALA A 3094 -47.34 16.58 62.72
N LEU A 3095 -48.36 17.04 62.01
CA LEU A 3095 -48.64 18.47 61.92
C LEU A 3095 -48.98 19.03 63.29
N LYS A 3096 -49.76 18.27 64.07
CA LYS A 3096 -50.17 18.72 65.39
C LYS A 3096 -48.98 18.87 66.32
N ALA A 3097 -48.03 17.93 66.26
CA ALA A 3097 -46.83 18.03 67.06
C ALA A 3097 -45.93 19.16 66.58
N PHE A 3098 -45.89 19.39 65.27
CA PHE A 3098 -45.12 20.50 64.73
C PHE A 3098 -45.63 21.82 65.26
N HIS A 3099 -46.95 21.97 65.31
CA HIS A 3099 -47.53 23.17 65.86
C HIS A 3099 -47.31 23.24 67.37
N ASP A 3100 -47.37 22.09 68.05
CA ASP A 3100 -47.24 22.04 69.50
C ASP A 3100 -45.87 22.51 69.97
N MET A 3101 -44.80 22.08 69.31
CA MET A 3101 -43.46 22.46 69.73
C MET A 3101 -42.91 23.65 68.96
N GLY A 3102 -43.79 24.49 68.41
CA GLY A 3102 -43.38 25.78 67.88
C GLY A 3102 -42.48 25.73 66.66
N GLY A 3103 -42.78 24.86 65.70
CA GLY A 3103 -42.00 24.83 64.48
C GLY A 3103 -42.38 25.92 63.50
N VAL A 3104 -43.65 26.33 63.52
CA VAL A 3104 -44.15 27.28 62.53
C VAL A 3104 -43.52 28.66 62.75
N GLN A 3105 -43.34 29.08 64.01
CA GLN A 3105 -42.69 30.35 64.26
C GLN A 3105 -41.26 30.34 63.75
N LEU A 3106 -40.54 29.24 63.97
CA LEU A 3106 -39.17 29.13 63.50
C LEU A 3106 -39.08 29.14 61.98
N ILE A 3107 -39.98 28.42 61.28
CA ILE A 3107 -39.96 28.45 59.82
C ILE A 3107 -40.28 29.85 59.31
N CYS A 3108 -41.24 30.55 59.95
CA CYS A 3108 -41.53 31.92 59.53
C CYS A 3108 -40.29 32.81 59.71
N ASN A 3109 -39.55 32.59 60.80
CA ASN A 3109 -38.30 33.31 61.00
C ASN A 3109 -37.32 32.98 59.88
N ASN A 3110 -37.31 31.72 59.47
CA ASN A 3110 -36.48 31.29 58.34
C ASN A 3110 -36.89 32.01 57.06
N MET A 3111 -38.20 32.21 56.87
CA MET A 3111 -38.68 33.03 55.76
C MET A 3111 -38.10 34.42 55.82
N VAL A 3112 -38.17 35.06 56.98
CA VAL A 3112 -37.68 36.43 57.09
C VAL A 3112 -36.19 36.49 56.74
N THR A 3113 -35.41 35.59 57.35
CA THR A 3113 -33.96 35.58 57.12
C THR A 3113 -33.59 35.24 55.69
N SER A 3114 -34.22 34.21 55.12
CA SER A 3114 -33.90 33.80 53.76
C SER A 3114 -34.32 34.83 52.72
N THR A 3115 -35.52 35.39 52.85
CA THR A 3115 -35.97 36.41 51.92
C THR A 3115 -35.12 37.67 52.01
N ARG A 3116 -34.74 38.06 53.24
CA ARG A 3116 -33.89 39.22 53.42
C ARG A 3116 -32.47 38.96 53.00
N ALA A 3117 -32.04 37.70 52.94
CA ALA A 3117 -30.63 37.39 52.76
C ALA A 3117 -30.21 37.32 51.29
N ILE A 3118 -30.79 36.42 50.53
CA ILE A 3118 -30.31 36.14 49.18
C ILE A 3118 -30.91 37.12 48.17
N VAL A 3119 -30.06 37.63 47.27
CA VAL A 3119 -30.43 38.56 46.20
C VAL A 3119 -30.75 37.73 44.96
N ASN A 3120 -31.68 38.24 44.13
CA ASN A 3120 -32.08 37.51 42.93
C ASN A 3120 -30.90 37.41 41.97
N THR A 3121 -30.75 36.23 41.35
CA THR A 3121 -29.70 35.97 40.38
C THR A 3121 -30.27 35.68 38.99
N ALA A 3122 -31.58 35.69 38.82
CA ALA A 3122 -32.20 35.40 37.53
C ALA A 3122 -31.87 36.46 36.49
N ARG A 3123 -31.79 36.02 35.23
CA ARG A 3123 -31.47 36.89 34.10
C ARG A 3123 -32.56 37.95 33.97
N SER A 3124 -32.22 39.19 34.28
CA SER A 3124 -33.18 40.28 34.29
C SER A 3124 -33.21 40.97 32.92
N MET A 3125 -33.85 42.14 32.90
CA MET A 3125 -33.95 42.96 31.70
C MET A 3125 -32.57 43.38 31.21
N VAL A 3126 -31.63 43.57 32.15
CA VAL A 3126 -30.29 44.05 31.83
C VAL A 3126 -29.59 43.05 30.91
N SER A 3127 -29.70 41.76 31.23
CA SER A 3127 -29.11 40.74 30.39
C SER A 3127 -29.75 40.71 29.01
N THR A 3128 -31.07 40.93 28.96
CA THR A 3128 -31.76 40.94 27.67
C THR A 3128 -31.25 42.10 26.81
N ILE A 3129 -31.10 43.28 27.42
CA ILE A 3129 -30.67 44.44 26.65
C ILE A 3129 -29.20 44.31 26.31
N MET A 3130 -28.42 43.57 27.09
CA MET A 3130 -27.01 43.37 26.80
C MET A 3130 -26.78 42.23 25.80
N LYS A 3131 -27.80 41.40 25.57
CA LYS A 3131 -27.65 40.24 24.70
C LYS A 3131 -27.37 40.63 23.26
N PHE A 3132 -28.07 41.64 22.74
CA PHE A 3132 -27.97 42.00 21.35
C PHE A 3132 -26.92 43.08 21.08
N LEU A 3133 -26.24 43.56 22.11
CA LEU A 3133 -25.26 44.63 21.90
C LEU A 3133 -24.02 44.18 21.15
N ASP A 3134 -23.83 42.89 20.93
CA ASP A 3134 -22.70 42.40 20.15
C ASP A 3134 -23.17 41.58 18.96
N GLY A 3159 -25.47 23.99 24.09
CA GLY A 3159 -24.99 25.36 23.92
C GLY A 3159 -23.71 25.62 24.69
N ILE A 3160 -22.74 24.72 24.55
CA ILE A 3160 -21.46 24.83 25.23
C ILE A 3160 -20.47 25.28 24.17
N HIS A 3161 -19.83 26.42 24.35
CA HIS A 3161 -19.02 27.02 23.30
C HIS A 3161 -17.54 26.71 23.43
N ASN A 3162 -16.93 26.29 22.32
CA ASN A 3162 -15.49 26.10 22.24
C ASN A 3162 -14.82 27.46 22.23
N PHE A 3163 -13.66 27.55 22.91
CA PHE A 3163 -12.87 28.77 22.96
C PHE A 3163 -11.42 28.56 22.60
N ALA A 3164 -11.04 27.40 22.07
CA ALA A 3164 -9.63 27.13 21.76
C ALA A 3164 -8.99 28.08 20.74
N PRO A 3165 -9.58 28.37 19.57
CA PRO A 3165 -8.86 29.25 18.62
C PRO A 3165 -8.57 30.65 19.15
N LEU A 3166 -9.41 31.18 20.04
CA LEU A 3166 -9.27 32.56 20.51
C LEU A 3166 -8.01 32.79 21.35
N GLY A 3167 -7.46 31.76 21.99
CA GLY A 3167 -6.34 31.97 22.87
C GLY A 3167 -4.98 31.88 22.18
N THR A 3168 -3.94 32.27 22.92
CA THR A 3168 -2.56 32.18 22.45
C THR A 3168 -1.73 31.27 23.36
N ILE A 3169 -0.88 30.45 22.76
CA ILE A 3169 -0.15 29.43 23.51
C ILE A 3169 1.33 29.82 23.59
N THR A 3170 1.99 29.27 24.61
CA THR A 3170 3.42 29.48 24.81
C THR A 3170 3.91 28.36 25.72
N SER A 3171 5.24 28.29 25.86
CA SER A 3171 5.86 27.29 26.70
C SER A 3171 7.13 27.87 27.30
N SER A 3172 7.57 27.26 28.40
CA SER A 3172 8.76 27.73 29.08
C SER A 3172 10.04 27.33 28.39
N SER A 3173 9.95 26.48 27.36
CA SER A 3173 11.10 26.06 26.60
C SER A 3173 10.84 26.34 25.13
N PRO A 3174 11.86 26.74 24.37
CA PRO A 3174 11.67 27.01 22.94
C PRO A 3174 11.42 25.71 22.20
N THR A 3175 10.25 25.61 21.59
CA THR A 3175 9.91 24.41 20.83
C THR A 3175 10.14 24.68 19.35
N ALA A 3176 10.49 23.61 18.63
CA ALA A 3176 10.76 23.73 17.20
C ALA A 3176 9.49 24.08 16.42
N GLN A 3177 8.32 23.72 16.94
CA GLN A 3177 7.08 24.08 16.29
C GLN A 3177 6.12 24.65 17.32
N PRO A 3178 5.31 25.63 16.95
CA PRO A 3178 4.31 26.15 17.87
C PRO A 3178 3.06 25.27 17.90
N ALA A 3179 2.41 25.28 19.05
CA ALA A 3179 1.29 24.39 19.31
C ALA A 3179 -0.07 24.97 18.92
N GLU A 3180 -0.08 26.06 18.15
CA GLU A 3180 -1.34 26.66 17.70
C GLU A 3180 -2.14 25.72 16.82
N VAL A 3181 -1.49 24.72 16.21
CA VAL A 3181 -2.22 23.75 15.39
C VAL A 3181 -3.18 22.95 16.26
N LEU A 3182 -2.86 22.79 17.55
CA LEU A 3182 -3.78 22.12 18.44
C LEU A 3182 -4.97 22.99 18.75
N LEU A 3183 -4.79 24.32 18.67
CA LEU A 3183 -5.83 25.24 19.10
C LEU A 3183 -6.89 25.46 18.04
N GLN A 3184 -6.67 24.97 16.83
CA GLN A 3184 -7.65 25.11 15.75
C GLN A 3184 -8.94 24.40 16.11
N ALA A 3185 -10.06 24.95 15.62
CA ALA A 3185 -11.38 24.43 15.94
C ALA A 3185 -11.54 22.97 15.54
N THR A 3186 -11.09 22.61 14.34
CA THR A 3186 -11.07 21.21 13.94
C THR A 3186 -10.00 20.98 12.89
N PRO A 3187 -8.77 20.66 13.29
CA PRO A 3187 -7.76 20.24 12.33
C PRO A 3187 -8.12 18.87 11.77
N PRO A 3188 -7.63 18.52 10.57
CA PRO A 3188 -7.97 17.21 9.98
C PRO A 3188 -7.51 16.03 10.83
N HIS A 3189 -8.47 15.26 11.36
CA HIS A 3189 -8.19 14.05 12.12
C HIS A 3189 -8.87 12.87 11.43
N ARG A 3190 -8.20 12.31 10.44
CA ARG A 3190 -8.74 11.11 9.81
C ARG A 3190 -7.71 9.98 9.74
N ARG A 3191 -6.44 10.30 9.54
CA ARG A 3191 -5.38 9.31 9.46
C ARG A 3191 -4.39 9.37 10.61
N ALA A 3192 -4.00 10.58 11.04
CA ALA A 3192 -3.08 10.82 12.15
C ALA A 3192 -1.75 10.09 11.94
N ARG A 3193 -1.04 10.55 10.91
CA ARG A 3193 0.21 9.92 10.48
C ARG A 3193 1.26 9.89 11.58
N SER A 3194 1.75 11.06 12.01
CA SER A 3194 2.71 11.11 13.10
C SER A 3194 2.16 11.82 14.33
N ALA A 3195 1.76 13.09 14.20
CA ALA A 3195 1.14 13.89 15.27
C ALA A 3195 0.78 15.26 14.72
N ALA A 3196 -0.22 15.90 15.32
CA ALA A 3196 -0.46 17.30 14.98
C ALA A 3196 0.59 18.18 15.62
N TRP A 3197 0.91 17.94 16.89
CA TRP A 3197 1.97 18.68 17.56
C TRP A 3197 2.77 17.70 18.40
N SER A 3198 4.05 18.03 18.60
CA SER A 3198 4.93 17.15 19.36
C SER A 3198 5.90 17.96 20.21
N TYR A 3199 6.36 17.32 21.29
CA TYR A 3199 7.34 17.88 22.21
C TYR A 3199 8.39 16.82 22.47
N ILE A 3200 9.63 17.24 22.66
CA ILE A 3200 10.74 16.33 22.92
C ILE A 3200 11.24 16.58 24.34
N PHE A 3201 11.30 15.52 25.13
CA PHE A 3201 11.66 15.64 26.53
C PHE A 3201 13.17 15.44 26.68
N LEU A 3202 13.81 16.38 27.35
CA LEU A 3202 15.16 16.18 27.81
C LEU A 3202 15.15 15.16 28.95
N PRO A 3203 16.21 14.34 29.08
CA PRO A 3203 16.22 13.32 30.15
C PRO A 3203 16.11 13.89 31.54
N GLU A 3204 16.66 15.09 31.77
CA GLU A 3204 16.67 15.69 33.10
C GLU A 3204 15.30 16.25 33.46
N GLU A 3205 14.42 16.45 32.48
CA GLU A 3205 13.12 17.05 32.69
C GLU A 3205 12.03 15.99 32.59
N ALA A 3206 10.96 16.21 33.33
CA ALA A 3206 9.87 15.24 33.40
C ALA A 3206 8.51 15.84 33.09
N TRP A 3207 8.43 17.14 32.81
CA TRP A 3207 7.18 17.77 32.43
C TRP A 3207 7.46 18.96 31.51
N CYS A 3208 6.41 19.39 30.81
CA CYS A 3208 6.46 20.58 29.98
C CYS A 3208 5.22 21.42 30.25
N ASP A 3209 5.40 22.72 30.47
CA ASP A 3209 4.28 23.60 30.81
C ASP A 3209 3.86 24.39 29.58
N LEU A 3210 2.59 24.26 29.21
CA LEU A 3210 2.00 24.94 28.06
C LEU A 3210 0.98 25.96 28.56
N THR A 3211 1.35 27.23 28.54
CA THR A 3211 0.51 28.30 29.05
C THR A 3211 -0.36 28.91 27.94
N ILE A 3212 -1.66 28.74 28.06
CA ILE A 3212 -2.64 29.31 27.14
C ILE A 3212 -3.21 30.57 27.78
N HIS A 3213 -3.02 31.70 27.09
CA HIS A 3213 -3.52 32.99 27.53
C HIS A 3213 -4.76 33.29 26.71
N LEU A 3214 -5.89 33.34 27.36
CA LEU A 3214 -7.09 33.69 26.62
C LEU A 3214 -7.26 35.21 26.68
N PRO A 3215 -7.77 35.85 25.62
CA PRO A 3215 -8.02 37.30 25.67
C PRO A 3215 -8.87 37.76 26.84
N ALA A 3216 -9.82 36.94 27.29
CA ALA A 3216 -10.65 37.33 28.42
C ALA A 3216 -10.99 36.09 29.22
N ALA A 3217 -11.29 36.30 30.51
CA ALA A 3217 -11.70 35.22 31.39
C ALA A 3217 -13.05 34.65 30.99
N VAL A 3218 -13.16 33.32 30.96
CA VAL A 3218 -14.42 32.67 30.61
C VAL A 3218 -14.77 31.65 31.68
N LEU A 3219 -16.06 31.36 31.78
CA LEU A 3219 -16.59 30.35 32.69
C LEU A 3219 -16.38 28.96 32.07
N LEU A 3220 -15.17 28.43 32.28
CA LEU A 3220 -14.79 27.12 31.79
C LEU A 3220 -15.67 26.02 32.39
N LYS A 3221 -16.07 25.07 31.53
CA LYS A 3221 -17.03 24.03 31.89
C LYS A 3221 -16.43 22.63 31.92
N GLU A 3222 -15.45 22.36 31.05
CA GLU A 3222 -14.96 21.03 30.80
C GLU A 3222 -13.70 21.13 29.97
N ILE A 3223 -12.67 20.34 30.29
CA ILE A 3223 -11.50 20.36 29.42
C ILE A 3223 -11.33 18.97 28.78
N HIS A 3224 -11.15 18.98 27.46
CA HIS A 3224 -10.93 17.78 26.66
C HIS A 3224 -9.57 17.87 26.00
N ILE A 3225 -8.78 16.83 26.14
CA ILE A 3225 -7.46 16.74 25.53
C ILE A 3225 -7.39 15.49 24.69
N GLN A 3226 -6.95 15.65 23.44
CA GLN A 3226 -6.86 14.54 22.50
C GLN A 3226 -5.41 14.13 22.31
N PRO A 3227 -5.00 12.98 22.81
CA PRO A 3227 -3.69 12.44 22.48
C PRO A 3227 -3.65 11.92 21.05
N HIS A 3228 -2.43 11.70 20.57
CA HIS A 3228 -2.26 11.12 19.25
C HIS A 3228 -2.82 9.70 19.29
N LEU A 3229 -4.00 9.50 18.70
CA LEU A 3229 -4.70 8.22 18.82
C LEU A 3229 -3.95 7.07 18.17
N ALA A 3230 -3.31 7.33 17.02
CA ALA A 3230 -2.61 6.27 16.29
C ALA A 3230 -1.46 5.69 17.10
N SER A 3231 -0.68 6.54 17.77
CA SER A 3231 0.44 6.08 18.60
C SER A 3231 0.36 6.85 19.90
N LEU A 3232 -0.36 6.27 20.87
CA LEU A 3232 -0.53 6.90 22.17
C LEU A 3232 0.50 6.43 23.18
N ALA A 3233 1.53 5.69 22.73
CA ALA A 3233 2.67 5.40 23.60
C ALA A 3233 3.38 6.67 24.06
N THR A 3234 3.21 7.77 23.33
CA THR A 3234 3.78 9.06 23.68
C THR A 3234 2.86 9.88 24.54
N CYS A 3235 1.68 9.36 24.90
CA CYS A 3235 0.76 10.10 25.72
C CYS A 3235 1.36 10.39 27.10
N PRO A 3236 1.18 11.60 27.62
CA PRO A 3236 1.75 11.96 28.92
C PRO A 3236 1.19 11.11 30.04
N SER A 3237 2.04 10.80 31.01
CA SER A 3237 1.60 10.02 32.15
C SER A 3237 0.57 10.77 32.98
N SER A 3238 0.86 12.03 33.33
CA SER A 3238 -0.05 12.83 34.14
C SER A 3238 -0.02 14.30 33.75
N VAL A 3239 -1.17 14.95 33.83
CA VAL A 3239 -1.31 16.36 33.51
C VAL A 3239 -1.75 17.12 34.75
N SER A 3240 -1.09 18.25 35.02
CA SER A 3240 -1.44 19.11 36.16
C SER A 3240 -1.88 20.46 35.59
N VAL A 3241 -3.17 20.75 35.72
CA VAL A 3241 -3.77 21.97 35.20
C VAL A 3241 -3.74 23.07 36.27
N GLU A 3242 -3.31 24.27 35.85
CA GLU A 3242 -3.31 25.44 36.72
C GLU A 3242 -4.10 26.56 36.05
N VAL A 3243 -4.92 27.28 36.81
CA VAL A 3243 -5.72 28.36 36.25
C VAL A 3243 -5.35 29.70 36.89
N SER A 3244 -5.84 30.77 36.25
CA SER A 3244 -5.62 32.14 36.68
C SER A 3244 -6.82 32.95 36.25
N ALA A 3245 -7.62 33.38 37.23
CA ALA A 3245 -8.73 34.27 36.93
C ALA A 3245 -8.21 35.63 36.47
N ASP A 3246 -7.19 36.15 37.16
CA ASP A 3246 -6.60 37.43 36.83
C ASP A 3246 -5.48 37.33 35.81
N GLY A 3247 -5.08 36.12 35.43
CA GLY A 3247 -4.11 35.94 34.38
C GLY A 3247 -2.67 35.97 34.85
N VAL A 3248 -2.42 36.27 36.14
CA VAL A 3248 -1.07 36.33 36.68
C VAL A 3248 -0.88 35.35 37.84
N ASN A 3249 -1.82 35.32 38.78
CA ASN A 3249 -1.74 34.38 39.91
C ASN A 3249 -2.09 33.00 39.39
N MET A 3250 -1.08 32.20 39.11
CA MET A 3250 -1.29 30.90 38.50
C MET A 3250 -1.26 29.87 39.63
N LEU A 3251 -2.31 29.05 39.74
CA LEU A 3251 -2.37 28.15 40.87
C LEU A 3251 -2.93 26.77 40.50
N PRO A 3252 -2.44 25.71 41.14
CA PRO A 3252 -2.86 24.35 40.79
C PRO A 3252 -4.29 24.06 41.20
N LEU A 3253 -4.91 23.13 40.49
CA LEU A 3253 -6.28 22.73 40.78
C LEU A 3253 -6.41 21.45 41.61
N SER A 3254 -5.55 20.46 41.38
CA SER A 3254 -5.60 19.17 42.07
C SER A 3254 -4.31 18.41 41.72
N THR A 3255 -4.18 17.22 42.31
CA THR A 3255 -3.06 16.35 42.00
C THR A 3255 -3.12 15.94 40.54
N PRO A 3256 -1.97 15.78 39.87
CA PRO A 3256 -1.96 15.41 38.45
C PRO A 3256 -2.70 14.10 38.22
N VAL A 3257 -3.72 14.15 37.38
CA VAL A 3257 -4.49 12.96 37.06
C VAL A 3257 -3.71 12.12 36.06
N VAL A 3258 -3.62 10.81 36.33
CA VAL A 3258 -2.90 9.91 35.44
C VAL A 3258 -3.63 9.83 34.11
N THR A 3259 -2.87 9.77 33.02
CA THR A 3259 -3.46 9.78 31.69
C THR A 3259 -2.83 8.78 30.73
N SER A 3260 -1.83 8.02 31.14
CA SER A 3260 -1.23 7.02 30.26
C SER A 3260 -2.24 5.96 29.86
N GLY A 3261 -2.26 5.62 28.58
CA GLY A 3261 -3.21 4.64 28.08
C GLY A 3261 -4.62 5.14 27.90
N LEU A 3262 -4.83 6.44 27.82
CA LEU A 3262 -6.15 7.03 27.64
C LEU A 3262 -6.28 7.60 26.24
N THR A 3263 -7.31 7.16 25.51
CA THR A 3263 -7.55 7.68 24.16
C THR A 3263 -8.30 9.00 24.15
N TYR A 3264 -9.10 9.26 25.18
CA TYR A 3264 -9.89 10.48 25.27
C TYR A 3264 -9.68 11.06 26.64
N ILE A 3265 -9.13 12.26 26.71
CA ILE A 3265 -8.83 12.87 28.00
C ILE A 3265 -9.97 13.81 28.36
N LYS A 3266 -10.72 13.45 29.39
CA LYS A 3266 -11.84 14.24 29.90
C LYS A 3266 -11.57 14.64 31.34
N ILE A 3267 -11.55 15.94 31.61
CA ILE A 3267 -11.47 16.44 32.98
C ILE A 3267 -12.74 17.24 33.24
N GLN A 3268 -13.67 16.61 33.96
CA GLN A 3268 -14.89 17.26 34.38
C GLN A 3268 -14.61 18.19 35.53
N LEU A 3269 -15.09 19.42 35.42
CA LEU A 3269 -14.97 20.44 36.45
C LEU A 3269 -16.32 20.53 37.14
N VAL A 3270 -16.37 20.16 38.42
CA VAL A 3270 -17.64 20.22 39.16
C VAL A 3270 -18.11 21.66 39.35
N LYS A 3271 -17.20 22.57 39.71
CA LYS A 3271 -17.53 23.98 39.85
C LYS A 3271 -16.91 24.72 38.69
N ALA A 3272 -17.77 25.25 37.81
CA ALA A 3272 -17.33 26.00 36.63
C ALA A 3272 -16.48 27.20 37.01
N GLU A 3273 -15.34 27.36 36.33
CA GLU A 3273 -14.36 28.34 36.79
C GLU A 3273 -14.10 29.48 35.81
N VAL A 3274 -14.16 30.71 36.31
CA VAL A 3274 -13.82 31.90 35.55
C VAL A 3274 -12.28 31.95 35.45
N ALA A 3275 -11.75 31.60 34.29
CA ALA A 3275 -10.30 31.52 34.09
C ALA A 3275 -9.87 32.36 32.89
N SER A 3276 -8.80 33.16 33.08
CA SER A 3276 -8.21 33.87 31.95
C SER A 3276 -6.89 33.27 31.45
N ALA A 3277 -6.17 32.51 32.28
CA ALA A 3277 -4.93 31.88 31.82
C ALA A 3277 -4.81 30.48 32.39
N VAL A 3278 -4.40 29.51 31.58
CA VAL A 3278 -4.25 28.13 32.03
C VAL A 3278 -2.85 27.60 31.69
N CYS A 3279 -2.18 27.00 32.67
CA CYS A 3279 -0.88 26.38 32.46
C CYS A 3279 -1.07 24.88 32.55
N LEU A 3280 -0.70 24.17 31.50
CA LEU A 3280 -0.83 22.72 31.42
C LEU A 3280 0.53 22.09 31.57
N ARG A 3281 0.83 21.57 32.76
CA ARG A 3281 2.09 20.90 33.03
C ARG A 3281 1.92 19.41 32.72
N LEU A 3282 2.37 19.01 31.54
CA LEU A 3282 2.20 17.65 31.06
C LEU A 3282 3.42 16.84 31.47
N HIS A 3283 3.21 15.79 32.25
CA HIS A 3283 4.36 15.05 32.74
C HIS A 3283 4.84 14.05 31.69
N ARG A 3284 6.07 13.59 31.89
CA ARG A 3284 6.73 12.75 30.91
C ARG A 3284 6.00 11.42 30.76
N PRO A 3285 5.87 10.90 29.54
CA PRO A 3285 5.26 9.57 29.37
C PRO A 3285 6.08 8.49 30.04
N ARG A 3286 5.40 7.39 30.37
CA ARG A 3286 6.00 6.29 31.11
C ARG A 3286 7.19 5.71 30.38
N ASP A 3287 7.17 5.75 29.05
CA ASP A 3287 8.14 5.03 28.25
C ASP A 3287 8.66 5.79 27.03
N ALA A 3288 8.30 7.05 26.85
CA ALA A 3288 8.77 7.82 25.71
C ALA A 3288 9.24 9.20 26.13
N SER A 3289 10.14 9.77 25.32
CA SER A 3289 10.68 11.10 25.50
C SER A 3289 9.99 12.11 24.60
N THR A 3290 8.95 11.70 23.90
CA THR A 3290 8.25 12.55 22.94
C THR A 3290 6.77 12.57 23.29
N LEU A 3291 6.11 13.61 22.84
CA LEU A 3291 4.68 13.78 23.00
C LEU A 3291 3.98 13.70 21.64
N GLY A 3292 2.82 13.05 21.61
CA GLY A 3292 1.97 13.12 20.43
C GLY A 3292 0.62 13.72 20.76
N LEU A 3293 0.32 14.92 20.26
CA LEU A 3293 -0.93 15.59 20.57
C LEU A 3293 -1.69 15.92 19.30
N SER A 3294 -2.99 15.70 19.33
CA SER A 3294 -3.83 15.92 18.16
C SER A 3294 -4.62 17.22 18.18
N GLN A 3295 -5.31 17.54 19.28
CA GLN A 3295 -6.14 18.75 19.28
C GLN A 3295 -6.54 19.11 20.69
N ILE A 3296 -6.51 20.41 21.00
CA ILE A 3296 -7.01 20.95 22.26
C ILE A 3296 -8.24 21.81 21.98
N LYS A 3297 -9.32 21.52 22.69
CA LYS A 3297 -10.56 22.28 22.66
C LYS A 3297 -10.88 22.87 24.03
N LEU A 3298 -11.44 24.09 24.05
CA LEU A 3298 -11.74 24.82 25.29
C LEU A 3298 -13.23 25.07 25.46
N LEU A 3299 -13.94 24.13 26.09
CA LEU A 3299 -15.39 24.24 26.23
C LEU A 3299 -15.78 25.13 27.41
N GLY A 3300 -16.59 26.14 27.14
CA GLY A 3300 -17.01 27.00 28.23
C GLY A 3300 -18.12 27.93 27.83
N LEU A 3301 -18.48 28.81 28.76
CA LEU A 3301 -19.48 29.85 28.59
C LEU A 3301 -18.89 31.22 28.85
N THR A 3302 -19.54 32.22 28.27
CA THR A 3302 -19.21 33.59 28.59
C THR A 3302 -20.11 34.04 29.74
N ALA A 3303 -19.99 35.31 30.12
CA ALA A 3303 -20.79 35.84 31.22
C ALA A 3303 -22.27 35.88 30.89
N PHE A 3304 -22.62 36.02 29.61
CA PHE A 3304 -24.01 36.15 29.17
C PHE A 3304 -24.31 35.23 28.02
N GLY A 3305 -23.91 33.97 28.12
CA GLY A 3305 -24.17 33.01 27.06
C GLY A 3305 -24.90 31.77 27.54
N GLU A 3320 -33.88 24.48 38.83
CA GLU A 3320 -34.32 23.38 39.70
C GLU A 3320 -33.55 23.41 41.02
N ASP A 3321 -32.27 23.02 40.99
CA ASP A 3321 -31.47 23.10 42.20
C ASP A 3321 -31.12 24.54 42.54
N GLN A 3322 -31.02 25.39 41.52
CA GLN A 3322 -30.70 26.80 41.73
C GLN A 3322 -31.85 27.56 42.38
N VAL A 3323 -33.05 27.00 42.43
CA VAL A 3323 -34.17 27.64 43.08
C VAL A 3323 -34.63 26.90 44.33
N SER A 3324 -34.44 25.57 44.41
CA SER A 3324 -35.03 24.77 45.48
C SER A 3324 -34.45 25.13 46.84
N LYS A 3325 -33.13 25.36 46.91
CA LYS A 3325 -32.48 25.64 48.18
C LYS A 3325 -32.96 26.96 48.77
N THR A 3326 -33.57 27.81 47.97
CA THR A 3326 -34.07 29.11 48.39
C THR A 3326 -35.35 28.89 49.19
N SER A 3327 -36.08 29.98 49.47
CA SER A 3327 -37.24 29.93 50.34
C SER A 3327 -38.36 29.02 49.83
N ILE A 3328 -38.38 28.69 48.55
CA ILE A 3328 -39.48 27.91 47.99
C ILE A 3328 -39.55 26.49 48.54
N GLY A 3329 -38.46 25.94 49.07
CA GLY A 3329 -38.58 24.66 49.73
C GLY A 3329 -39.46 24.72 50.97
N TRP A 3330 -39.22 25.71 51.83
CA TRP A 3330 -40.14 25.89 52.95
C TRP A 3330 -41.50 26.38 52.48
N LEU A 3331 -41.57 27.10 51.35
CA LEU A 3331 -42.88 27.48 50.82
C LEU A 3331 -43.72 26.26 50.44
N ARG A 3332 -43.11 25.27 49.80
CA ARG A 3332 -43.84 24.03 49.54
C ARG A 3332 -44.19 23.32 50.83
N LEU A 3333 -43.28 23.39 51.82
CA LEU A 3333 -43.61 22.85 53.15
C LEU A 3333 -44.84 23.54 53.74
N LEU A 3334 -44.90 24.87 53.61
CA LEU A 3334 -46.04 25.63 54.09
C LEU A 3334 -47.29 25.22 53.34
N HIS A 3335 -47.15 24.97 52.04
CA HIS A 3335 -48.26 24.54 51.22
C HIS A 3335 -48.78 23.20 51.71
N HIS A 3336 -47.88 22.29 52.06
CA HIS A 3336 -48.30 21.02 52.64
C HIS A 3336 -48.97 21.25 53.98
N CYS A 3337 -48.43 22.16 54.79
CA CYS A 3337 -49.01 22.46 56.10
C CYS A 3337 -50.45 22.93 55.97
N LEU A 3338 -50.68 23.89 55.07
CA LEU A 3338 -51.97 24.52 54.94
C LEU A 3338 -52.92 23.76 54.02
N THR A 3339 -52.45 22.76 53.27
CA THR A 3339 -53.30 22.12 52.26
C THR A 3339 -53.40 20.61 52.35
N HIS A 3340 -52.49 19.91 53.05
CA HIS A 3340 -52.59 18.45 53.11
C HIS A 3340 -53.85 18.04 53.84
N ILE A 3341 -54.19 18.77 54.90
CA ILE A 3341 -55.44 18.58 55.62
C ILE A 3341 -56.06 19.96 55.79
N SER A 3342 -57.29 20.12 55.30
CA SER A 3342 -57.98 21.39 55.33
C SER A 3342 -58.71 21.64 56.64
N ASP A 3343 -58.62 20.73 57.61
CA ASP A 3343 -59.31 20.89 58.86
C ASP A 3343 -58.42 21.38 60.00
N LEU A 3344 -57.14 21.04 59.98
CA LEU A 3344 -56.24 21.50 61.02
C LEU A 3344 -55.46 22.74 60.63
N GLU A 3345 -55.71 23.28 59.44
CA GLU A 3345 -54.91 24.39 58.93
C GLU A 3345 -55.26 25.71 59.59
N GLY A 3346 -56.46 25.82 60.16
CA GLY A 3346 -56.97 27.09 60.66
C GLY A 3346 -56.21 27.69 61.81
N MET A 3347 -56.23 27.03 62.96
CA MET A 3347 -55.60 27.59 64.16
C MET A 3347 -54.08 27.65 64.02
N MET A 3348 -53.47 26.75 63.25
CA MET A 3348 -52.02 26.83 63.07
C MET A 3348 -51.65 27.93 62.09
N ALA A 3349 -52.50 28.18 61.08
CA ALA A 3349 -52.32 29.36 60.24
C ALA A 3349 -52.50 30.64 61.06
N SER A 3350 -53.44 30.60 62.03
CA SER A 3350 -53.59 31.73 62.96
C SER A 3350 -52.32 31.92 63.75
N ALA A 3351 -51.71 30.83 64.21
CA ALA A 3351 -50.44 30.91 64.92
C ALA A 3351 -49.33 31.37 63.99
N ALA A 3352 -49.39 30.96 62.72
CA ALA A 3352 -48.40 31.36 61.73
C ALA A 3352 -48.70 32.71 61.10
N ALA A 3353 -49.79 33.35 61.50
CA ALA A 3353 -50.19 34.64 60.95
C ALA A 3353 -49.40 35.85 61.49
N PRO A 3354 -49.22 36.06 62.79
CA PRO A 3354 -48.71 37.36 63.24
C PRO A 3354 -47.22 37.57 63.01
N THR A 3355 -46.52 36.62 62.40
CA THR A 3355 -45.10 36.77 62.13
C THR A 3355 -44.84 37.96 61.22
N ALA A 3356 -43.77 38.69 61.52
CA ALA A 3356 -43.48 39.95 60.87
C ALA A 3356 -43.12 39.76 59.40
N ASN A 3357 -43.68 40.63 58.56
CA ASN A 3357 -43.33 40.77 57.14
C ASN A 3357 -43.64 39.53 56.32
N LEU A 3358 -44.52 38.65 56.81
CA LEU A 3358 -44.86 37.44 56.06
C LEU A 3358 -45.54 37.80 54.75
N LEU A 3359 -46.52 38.71 54.81
CA LEU A 3359 -47.27 39.09 53.62
C LEU A 3359 -46.40 39.82 52.62
N GLN A 3360 -45.53 40.71 53.11
CA GLN A 3360 -44.67 41.49 52.23
C GLN A 3360 -43.71 40.60 51.45
N THR A 3361 -43.00 39.72 52.15
CA THR A 3361 -42.08 38.81 51.48
C THR A 3361 -42.80 37.83 50.56
N CYS A 3362 -43.97 37.33 51.01
CA CYS A 3362 -44.74 36.39 50.18
C CYS A 3362 -45.18 37.04 48.88
N ALA A 3363 -45.68 38.28 48.96
CA ALA A 3363 -46.08 39.01 47.77
C ALA A 3363 -44.88 39.29 46.88
N ALA A 3364 -43.75 39.67 47.47
CA ALA A 3364 -42.56 39.99 46.69
C ALA A 3364 -42.05 38.77 45.93
N LEU A 3365 -42.05 37.59 46.56
CA LEU A 3365 -41.62 36.40 45.83
C LEU A 3365 -42.67 35.91 44.85
N LEU A 3366 -43.95 36.19 45.10
CA LEU A 3366 -44.96 35.91 44.07
C LEU A 3366 -44.75 36.80 42.85
N MET A 3367 -44.39 38.07 43.05
CA MET A 3367 -44.06 38.95 41.92
C MET A 3367 -42.78 38.50 41.20
N SER A 3368 -41.95 37.70 41.85
CA SER A 3368 -40.70 37.26 41.26
C SER A 3368 -40.98 36.22 40.17
N PRO A 3369 -40.12 36.12 39.16
CA PRO A 3369 -40.35 35.12 38.10
C PRO A 3369 -40.13 33.69 38.54
N TYR A 3370 -39.47 33.46 39.69
CA TYR A 3370 -39.22 32.12 40.19
C TYR A 3370 -40.47 31.34 40.57
N CYS A 3371 -41.63 32.01 40.66
CA CYS A 3371 -42.86 31.35 41.05
C CYS A 3371 -43.57 30.66 39.89
N GLY A 3372 -43.03 30.75 38.67
CA GLY A 3372 -43.74 30.25 37.49
C GLY A 3372 -44.08 28.78 37.56
N MET A 3373 -43.19 27.97 38.14
CA MET A 3373 -43.47 26.55 38.26
C MET A 3373 -44.44 26.25 39.41
N HIS A 3374 -44.37 27.01 40.51
CA HIS A 3374 -45.15 26.68 41.70
C HIS A 3374 -46.03 27.84 42.21
N SER A 3375 -46.44 28.75 41.32
CA SER A 3375 -47.36 29.82 41.74
C SER A 3375 -48.69 29.34 42.34
N PRO A 3376 -49.40 28.29 41.79
CA PRO A 3376 -50.67 27.85 42.42
C PRO A 3376 -50.67 27.70 43.93
N ASN A 3377 -49.64 27.03 44.48
CA ASN A 3377 -49.52 26.91 45.92
C ASN A 3377 -49.45 28.27 46.58
N ILE A 3378 -48.78 29.24 45.93
CA ILE A 3378 -48.62 30.58 46.50
C ILE A 3378 -49.98 31.26 46.62
N GLU A 3379 -50.76 31.28 45.53
CA GLU A 3379 -52.03 31.97 45.68
C GLU A 3379 -53.01 31.18 46.53
N VAL A 3380 -52.89 29.85 46.62
CA VAL A 3380 -53.80 29.10 47.49
C VAL A 3380 -53.52 29.41 48.96
N VAL A 3381 -52.24 29.43 49.36
CA VAL A 3381 -51.93 29.75 50.74
C VAL A 3381 -52.26 31.21 51.05
N LEU A 3382 -52.04 32.11 50.08
CA LEU A 3382 -52.43 33.51 50.26
C LEU A 3382 -53.93 33.64 50.48
N VAL A 3383 -54.71 32.90 49.69
CA VAL A 3383 -56.16 32.93 49.82
C VAL A 3383 -56.57 32.44 51.21
N LYS A 3384 -55.96 31.34 51.65
CA LYS A 3384 -56.32 30.76 52.94
C LYS A 3384 -56.01 31.71 54.10
N ILE A 3385 -54.80 32.31 54.10
CA ILE A 3385 -54.45 33.24 55.16
C ILE A 3385 -55.35 34.47 55.13
N GLY A 3386 -55.68 34.96 53.92
CA GLY A 3386 -56.56 36.11 53.82
C GLY A 3386 -57.95 35.82 54.34
N LEU A 3387 -58.48 34.62 54.06
CA LEU A 3387 -59.81 34.28 54.54
C LEU A 3387 -59.79 34.01 56.04
N GLN A 3388 -58.64 33.62 56.59
CA GLN A 3388 -58.56 33.23 58.00
C GLN A 3388 -58.92 34.40 58.92
N SER A 3389 -58.41 35.60 58.63
CA SER A 3389 -58.71 36.75 59.46
C SER A 3389 -59.04 37.94 58.58
N THR A 3390 -59.89 38.83 59.10
CA THR A 3390 -60.38 39.95 58.32
C THR A 3390 -59.34 41.06 58.19
N ARG A 3391 -58.72 41.46 59.31
CA ARG A 3391 -57.83 42.62 59.31
C ARG A 3391 -56.60 42.39 58.44
N ILE A 3392 -56.00 41.20 58.56
CA ILE A 3392 -54.85 40.86 57.72
C ILE A 3392 -55.29 40.74 56.27
N GLY A 3393 -56.52 40.26 56.03
CA GLY A 3393 -57.03 40.23 54.66
C GLY A 3393 -57.12 41.61 54.04
N LEU A 3394 -57.67 42.58 54.77
CA LEU A 3394 -57.72 43.95 54.28
C LEU A 3394 -56.32 44.53 54.08
N LYS A 3395 -55.41 44.23 55.02
CA LYS A 3395 -54.04 44.74 54.91
C LYS A 3395 -53.35 44.19 53.67
N LEU A 3396 -53.55 42.91 53.38
CA LEU A 3396 -52.90 42.32 52.21
C LEU A 3396 -53.56 42.79 50.93
N ILE A 3397 -54.87 43.07 50.96
CA ILE A 3397 -55.54 43.71 49.82
C ILE A 3397 -54.89 45.06 49.53
N ASP A 3398 -54.65 45.84 50.59
CA ASP A 3398 -54.01 47.15 50.43
C ASP A 3398 -52.61 47.00 49.85
N ILE A 3399 -51.81 46.07 50.36
CA ILE A 3399 -50.45 45.96 49.86
C ILE A 3399 -50.42 45.40 48.44
N LEU A 3400 -51.44 44.63 48.03
CA LEU A 3400 -51.47 44.14 46.66
C LEU A 3400 -52.08 45.15 45.70
N LEU A 3401 -52.72 46.20 46.21
CA LEU A 3401 -53.25 47.26 45.34
C LEU A 3401 -52.49 48.56 45.44
N ARG A 3402 -51.89 48.87 46.58
CA ARG A 3402 -51.18 50.12 46.77
C ARG A 3402 -49.67 49.95 46.73
N ASN A 3403 -49.15 48.96 47.45
CA ASN A 3403 -47.70 48.75 47.51
C ASN A 3403 -47.30 47.59 46.61
N SER A 3428 -50.42 41.66 37.64
CA SER A 3428 -50.21 40.34 37.05
C SER A 3428 -51.49 39.52 37.12
N ASP A 3429 -51.49 38.39 36.39
CA ASP A 3429 -52.67 37.53 36.30
C ASP A 3429 -53.01 36.96 37.68
N SER A 3430 -51.98 36.61 38.45
CA SER A 3430 -52.20 36.04 39.77
C SER A 3430 -52.92 37.00 40.70
N THR A 3431 -52.62 38.30 40.60
CA THR A 3431 -53.36 39.30 41.37
C THR A 3431 -54.82 39.33 40.98
N ILE A 3432 -55.11 39.22 39.67
CA ILE A 3432 -56.49 39.18 39.19
C ILE A 3432 -57.22 37.99 39.80
N ASP A 3433 -56.56 36.82 39.80
CA ASP A 3433 -57.19 35.63 40.34
C ASP A 3433 -57.38 35.74 41.86
N ILE A 3434 -56.42 36.38 42.54
CA ILE A 3434 -56.56 36.65 43.98
C ILE A 3434 -57.80 37.48 44.25
N LEU A 3435 -57.98 38.56 43.49
CA LEU A 3435 -59.17 39.39 43.65
C LEU A 3435 -60.43 38.61 43.33
N TYR A 3436 -60.38 37.74 42.31
CA TYR A 3436 -61.53 36.93 41.94
C TYR A 3436 -61.98 36.04 43.09
N GLN A 3437 -61.05 35.28 43.67
CA GLN A 3437 -61.39 34.46 44.83
C GLN A 3437 -61.81 35.31 46.02
N LEU A 3438 -61.13 36.42 46.26
CA LEU A 3438 -61.45 37.26 47.42
C LEU A 3438 -62.88 37.77 47.33
N GLY A 3439 -63.29 38.20 46.14
CA GLY A 3439 -64.66 38.64 45.95
C GLY A 3439 -65.65 37.48 46.02
N THR A 3440 -65.27 36.33 45.46
CA THR A 3440 -66.27 35.30 45.19
C THR A 3440 -66.59 34.43 46.41
N THR A 3441 -65.57 34.05 47.18
CA THR A 3441 -65.81 33.22 48.37
C THR A 3441 -66.69 33.93 49.39
N GLN A 3442 -67.61 33.17 49.97
CA GLN A 3442 -68.65 33.70 50.84
C GLN A 3442 -68.23 33.53 52.29
N ASP A 3443 -68.17 34.64 53.01
CA ASP A 3443 -67.80 34.64 54.42
C ASP A 3443 -68.29 35.95 55.03
N PRO A 3444 -68.33 36.06 56.36
CA PRO A 3444 -68.77 37.33 56.97
C PRO A 3444 -67.92 38.54 56.58
N GLY A 3445 -66.65 38.34 56.24
CA GLY A 3445 -65.81 39.43 55.80
C GLY A 3445 -65.96 39.82 54.36
N THR A 3446 -66.80 39.12 53.58
CA THR A 3446 -66.97 39.44 52.16
C THR A 3446 -67.55 40.84 51.98
N LYS A 3447 -68.51 41.22 52.81
CA LYS A 3447 -69.06 42.57 52.76
C LYS A 3447 -68.00 43.62 53.04
N ASP A 3448 -67.15 43.38 54.05
CA ASP A 3448 -66.07 44.31 54.35
C ASP A 3448 -65.08 44.38 53.19
N ARG A 3449 -64.79 43.23 52.57
CA ARG A 3449 -63.85 43.22 51.45
C ARG A 3449 -64.39 43.99 50.25
N ILE A 3450 -65.66 43.80 49.91
CA ILE A 3450 -66.22 44.55 48.78
C ILE A 3450 -66.37 46.02 49.13
N GLN A 3451 -66.63 46.35 50.40
CA GLN A 3451 -66.64 47.75 50.81
C GLN A 3451 -65.27 48.40 50.62
N ALA A 3452 -64.20 47.68 51.01
CA ALA A 3452 -62.84 48.16 50.81
C ALA A 3452 -62.54 48.31 49.33
N LEU A 3453 -62.98 47.33 48.53
CA LEU A 3453 -62.79 47.38 47.08
C LEU A 3453 -63.49 48.57 46.45
N LEU A 3454 -64.72 48.85 46.88
CA LEU A 3454 -65.44 50.00 46.36
C LEU A 3454 -64.76 51.30 46.76
N LYS A 3455 -64.23 51.35 47.99
CA LYS A 3455 -63.46 52.52 48.40
C LYS A 3455 -62.20 52.69 47.55
N TRP A 3456 -61.50 51.58 47.26
CA TRP A 3456 -60.30 51.62 46.44
C TRP A 3456 -60.59 52.11 45.03
N VAL A 3457 -61.64 51.55 44.41
CA VAL A 3457 -61.94 51.91 43.03
C VAL A 3457 -62.45 53.35 42.96
N SER A 3458 -63.22 53.79 43.97
CA SER A 3458 -63.67 55.17 44.01
C SER A 3458 -62.51 56.13 44.14
N ASP A 3459 -61.54 55.80 45.00
CA ASP A 3459 -60.36 56.65 45.14
C ASP A 3459 -59.53 56.70 43.87
N SER A 3460 -59.29 55.54 43.25
CA SER A 3460 -58.48 55.49 42.03
C SER A 3460 -59.14 56.24 40.88
N ALA A 3461 -60.43 56.04 40.68
CA ALA A 3461 -61.15 56.72 39.63
C ALA A 3461 -61.24 58.22 39.90
N ARG A 3462 -61.43 58.61 41.17
CA ARG A 3462 -61.45 60.04 41.51
C ARG A 3462 -60.11 60.68 41.19
N VAL A 3463 -59.01 59.99 41.51
CA VAL A 3463 -57.66 60.49 41.20
C VAL A 3463 -57.47 60.60 39.69
N ALA A 3464 -58.00 59.63 38.94
CA ALA A 3464 -57.87 59.69 37.49
C ALA A 3464 -58.73 60.80 36.89
N ALA A 3465 -59.92 61.04 37.47
CA ALA A 3465 -60.83 62.05 36.94
C ALA A 3465 -60.35 63.46 37.25
N MET A 3466 -59.77 63.68 38.43
CA MET A 3466 -59.25 65.01 38.78
C MET A 3466 -58.05 65.40 37.92
N LYS A 3467 -57.40 64.45 37.25
CA LYS A 3467 -56.31 64.76 36.34
C LYS A 3467 -56.30 63.73 35.21
N THR A 3481 -46.64 57.86 46.26
CA THR A 3481 -46.26 56.69 47.02
C THR A 3481 -47.44 55.74 47.18
N VAL A 3482 -48.26 55.98 48.21
CA VAL A 3482 -49.45 55.17 48.44
C VAL A 3482 -50.46 55.36 47.32
N GLU A 3483 -50.57 56.57 46.78
CA GLU A 3483 -51.55 56.84 45.74
C GLU A 3483 -51.19 56.23 44.39
N TYR A 3484 -49.99 55.66 44.24
CA TYR A 3484 -49.53 55.18 42.94
C TYR A 3484 -50.45 54.11 42.38
N GLY A 3485 -50.85 53.15 43.23
CA GLY A 3485 -51.79 52.11 42.81
C GLY A 3485 -53.11 52.67 42.35
N LEU A 3486 -53.47 53.86 42.85
CA LEU A 3486 -54.70 54.52 42.44
C LEU A 3486 -54.55 55.25 41.10
N LEU A 3487 -53.33 55.60 40.70
CA LEU A 3487 -53.15 56.30 39.42
C LEU A 3487 -53.62 55.45 38.23
N MET A 3488 -53.18 54.19 38.15
CA MET A 3488 -53.57 53.33 37.05
C MET A 3488 -54.11 52.01 37.60
N PRO A 3489 -55.39 51.94 37.94
CA PRO A 3489 -55.99 50.65 38.29
C PRO A 3489 -56.07 49.78 37.03
N SER A 3490 -55.62 48.54 37.15
CA SER A 3490 -55.56 47.65 35.99
C SER A 3490 -56.96 47.34 35.48
N PRO A 3491 -57.21 47.51 34.17
CA PRO A 3491 -58.56 47.25 33.61
C PRO A 3491 -59.01 45.82 33.78
N SER A 3492 -58.07 44.87 33.79
CA SER A 3492 -58.42 43.48 34.03
C SER A 3492 -59.02 43.31 35.42
N HIS A 3493 -58.48 44.03 36.41
CA HIS A 3493 -59.04 43.98 37.75
C HIS A 3493 -60.45 44.56 37.78
N LEU A 3494 -60.69 45.63 37.02
CA LEU A 3494 -62.04 46.19 36.93
C LEU A 3494 -63.01 45.20 36.31
N HIS A 3495 -62.58 44.52 35.25
CA HIS A 3495 -63.42 43.48 34.65
C HIS A 3495 -63.66 42.35 35.62
N CYS A 3496 -62.66 42.04 36.46
CA CYS A 3496 -62.82 41.04 37.50
C CYS A 3496 -63.88 41.47 38.50
N VAL A 3497 -63.88 42.75 38.89
CA VAL A 3497 -64.89 43.27 39.81
C VAL A 3497 -66.28 43.18 39.19
N ALA A 3498 -66.37 43.49 37.89
CA ALA A 3498 -67.63 43.36 37.16
C ALA A 3498 -68.12 41.92 37.15
N ALA A 3499 -67.22 40.98 36.90
CA ALA A 3499 -67.59 39.56 36.89
C ALA A 3499 -68.04 39.09 38.26
N ILE A 3500 -67.36 39.53 39.32
CA ILE A 3500 -67.75 39.16 40.68
C ILE A 3500 -69.14 39.72 41.01
N LEU A 3501 -69.38 40.98 40.65
CA LEU A 3501 -70.70 41.58 40.90
C LEU A 3501 -71.79 40.85 40.13
N TRP A 3502 -71.55 40.55 38.85
CA TRP A 3502 -72.53 39.84 38.04
C TRP A 3502 -72.84 38.47 38.63
N HIS A 3503 -71.79 37.70 38.94
CA HIS A 3503 -71.99 36.34 39.44
C HIS A 3503 -72.58 36.33 40.83
N SER A 3504 -72.27 37.35 41.65
CA SER A 3504 -72.92 37.49 42.95
C SER A 3504 -74.40 37.76 42.76
N TYR A 3505 -74.76 38.56 41.76
CA TYR A 3505 -76.18 38.73 41.45
C TYR A 3505 -76.83 37.43 40.99
N GLU A 3506 -76.13 36.65 40.15
CA GLU A 3506 -76.68 35.38 39.67
C GLU A 3506 -76.84 34.37 40.80
N LEU A 3507 -75.77 34.17 41.59
CA LEU A 3507 -75.84 33.22 42.68
C LEU A 3507 -76.70 33.76 43.83
N LEU A 3508 -77.33 32.85 44.55
CA LEU A 3508 -78.14 33.19 45.71
C LEU A 3508 -77.21 33.52 46.87
N VAL A 3509 -76.92 34.81 47.03
CA VAL A 3509 -75.99 35.24 48.06
C VAL A 3509 -76.69 35.39 49.40
N GLU A 3510 -75.92 35.28 50.47
CA GLU A 3510 -76.47 35.45 51.82
C GLU A 3510 -76.76 36.92 52.11
N TYR A 3511 -75.91 37.82 51.65
CA TYR A 3511 -76.10 39.23 51.93
C TYR A 3511 -77.12 39.81 50.96
N ASP A 3512 -77.44 41.09 51.14
CA ASP A 3512 -78.26 41.82 50.19
C ASP A 3512 -77.34 42.70 49.34
N LEU A 3513 -76.87 42.13 48.23
CA LEU A 3513 -76.00 42.87 47.32
C LEU A 3513 -76.60 44.18 46.77
N PRO A 3514 -77.89 44.25 46.35
CA PRO A 3514 -78.42 45.55 45.87
C PRO A 3514 -78.33 46.69 46.89
N ALA A 3515 -78.30 46.38 48.18
CA ALA A 3515 -78.21 47.41 49.21
C ALA A 3515 -76.91 48.19 49.10
N LEU A 3516 -75.84 47.55 48.63
CA LEU A 3516 -74.55 48.24 48.53
C LEU A 3516 -74.40 49.08 47.27
N LEU A 3517 -75.38 49.08 46.37
CA LEU A 3517 -75.31 49.83 45.12
C LEU A 3517 -76.30 50.98 45.16
N ASP A 3518 -75.82 52.18 45.49
CA ASP A 3518 -76.67 53.35 45.55
C ASP A 3518 -76.64 54.14 44.24
N GLN A 3519 -77.62 55.04 44.09
CA GLN A 3519 -77.72 55.86 42.89
C GLN A 3519 -76.54 56.81 42.75
N GLU A 3520 -75.92 57.20 43.87
CA GLU A 3520 -74.74 58.06 43.85
C GLU A 3520 -73.61 57.36 43.09
N LEU A 3521 -73.48 56.06 43.27
CA LEU A 3521 -72.49 55.28 42.53
C LEU A 3521 -72.78 55.32 41.04
N PHE A 3522 -74.06 55.29 40.64
CA PHE A 3522 -74.41 55.40 39.23
C PHE A 3522 -74.00 56.75 38.67
N GLU A 3523 -74.31 57.84 39.38
CA GLU A 3523 -73.94 59.17 38.91
C GLU A 3523 -72.43 59.33 38.83
N LEU A 3524 -71.73 58.80 39.83
CA LEU A 3524 -70.28 58.86 39.86
C LEU A 3524 -69.70 58.09 38.68
N LEU A 3525 -70.24 56.90 38.39
CA LEU A 3525 -69.78 56.09 37.27
C LEU A 3525 -70.06 56.77 35.95
N PHE A 3526 -71.20 57.46 35.85
CA PHE A 3526 -71.53 58.23 34.64
C PHE A 3526 -70.53 59.34 34.41
N ASN A 3527 -70.20 60.10 35.47
CA ASN A 3527 -69.21 61.17 35.34
C ASN A 3527 -67.84 60.60 34.97
N TRP A 3528 -67.48 59.47 35.56
CA TRP A 3528 -66.24 58.78 35.24
C TRP A 3528 -66.19 58.38 33.76
N SER A 3529 -67.28 57.79 33.26
CA SER A 3529 -67.34 57.37 31.86
C SER A 3529 -67.29 58.57 30.92
N MET A 3530 -67.98 59.65 31.27
CA MET A 3530 -68.02 60.82 30.41
C MET A 3530 -66.73 61.64 30.48
N SER A 3531 -65.87 61.36 31.46
CA SER A 3531 -64.64 62.12 31.63
C SER A 3531 -63.53 61.73 30.66
N LEU A 3532 -63.64 60.59 29.98
CA LEU A 3532 -62.57 60.15 29.10
C LEU A 3532 -63.11 59.77 27.73
N PRO A 3533 -62.29 59.92 26.65
CA PRO A 3533 -62.76 59.54 25.30
C PRO A 3533 -62.91 58.04 25.11
N CYS A 3534 -63.26 57.63 23.88
CA CYS A 3534 -63.59 56.24 23.59
C CYS A 3534 -62.44 55.40 23.05
N ASN A 3535 -61.22 55.95 22.94
CA ASN A 3535 -60.15 55.16 22.33
C ASN A 3535 -59.62 54.09 23.29
N MET A 3536 -59.44 54.41 24.57
CA MET A 3536 -58.82 53.42 25.44
C MET A 3536 -59.88 52.45 25.98
N VAL A 3537 -59.39 51.39 26.63
CA VAL A 3537 -60.25 50.31 27.10
C VAL A 3537 -60.80 50.51 28.51
N LEU A 3538 -60.27 51.48 29.27
CA LEU A 3538 -60.79 51.70 30.62
C LEU A 3538 -62.24 52.15 30.58
N LYS A 3539 -62.61 52.96 29.58
CA LYS A 3539 -64.01 53.31 29.38
C LYS A 3539 -64.84 52.06 29.10
N LYS A 3540 -64.31 51.15 28.29
CA LYS A 3540 -64.99 49.89 28.03
C LYS A 3540 -65.21 49.12 29.33
N ALA A 3541 -64.21 49.12 30.21
CA ALA A 3541 -64.33 48.44 31.50
C ALA A 3541 -65.40 49.09 32.37
N VAL A 3542 -65.41 50.43 32.45
CA VAL A 3542 -66.39 51.08 33.33
C VAL A 3542 -67.81 50.89 32.80
N ASP A 3543 -67.98 50.86 31.47
CA ASP A 3543 -69.31 50.57 30.95
C ASP A 3543 -69.68 49.10 31.09
N SER A 3544 -68.69 48.20 31.14
CA SER A 3544 -69.01 46.81 31.51
C SER A 3544 -69.52 46.75 32.96
N LEU A 3545 -68.90 47.52 33.85
CA LEU A 3545 -69.42 47.66 35.21
C LEU A 3545 -70.84 48.21 35.19
N LEU A 3546 -71.08 49.20 34.33
CA LEU A 3546 -72.42 49.78 34.16
C LEU A 3546 -73.42 48.72 33.72
N CYS A 3547 -73.00 47.86 32.79
CA CYS A 3547 -73.87 46.80 32.29
C CYS A 3547 -74.21 45.80 33.39
N SER A 3548 -73.21 45.41 34.17
CA SER A 3548 -73.45 44.46 35.25
C SER A 3548 -74.38 45.04 36.31
N MET A 3549 -74.11 46.27 36.76
CA MET A 3549 -74.96 46.87 37.79
C MET A 3549 -76.38 47.15 37.29
N CYS A 3550 -76.53 47.62 36.04
CA CYS A 3550 -77.89 47.84 35.52
C CYS A 3550 -78.60 46.51 35.35
N HIS A 3551 -77.86 45.44 35.06
CA HIS A 3551 -78.46 44.12 35.08
C HIS A 3551 -78.95 43.79 36.49
N VAL A 3552 -78.17 44.17 37.51
CA VAL A 3552 -78.63 44.05 38.89
C VAL A 3552 -79.81 44.98 39.15
N HIS A 3553 -79.79 46.17 38.56
CA HIS A 3553 -80.78 47.22 38.81
C HIS A 3553 -81.39 47.74 37.52
N PRO A 3554 -82.47 47.11 37.04
CA PRO A 3554 -83.16 47.65 35.86
C PRO A 3554 -83.68 49.05 36.04
N ASN A 3555 -84.12 49.40 37.25
CA ASN A 3555 -84.55 50.76 37.54
C ASN A 3555 -83.41 51.77 37.41
N TYR A 3556 -82.18 51.34 37.69
CA TYR A 3556 -81.02 52.22 37.48
C TYR A 3556 -80.80 52.47 35.99
N PHE A 3557 -81.03 51.44 35.17
CA PHE A 3557 -80.99 51.63 33.72
C PHE A 3557 -82.10 52.58 33.25
N SER A 3558 -83.28 52.45 33.86
CA SER A 3558 -84.38 53.36 33.55
C SER A 3558 -84.00 54.79 33.88
N LEU A 3559 -83.32 54.98 35.02
CA LEU A 3559 -82.79 56.29 35.37
C LEU A 3559 -81.76 56.76 34.36
N LEU A 3560 -80.91 55.84 33.87
CA LEU A 3560 -79.93 56.17 32.83
C LEU A 3560 -80.60 56.68 31.57
N MET A 3561 -81.75 56.11 31.20
CA MET A 3561 -82.48 56.65 30.06
C MET A 3561 -82.98 58.05 30.32
N GLY A 3562 -83.29 58.37 31.58
CA GLY A 3562 -83.79 59.68 31.93
C GLY A 3562 -82.79 60.81 31.88
N TRP A 3563 -81.51 60.53 31.61
CA TRP A 3563 -80.53 61.60 31.52
C TRP A 3563 -80.38 62.15 30.11
N MET A 3564 -80.24 61.28 29.12
CA MET A 3564 -79.97 61.73 27.76
C MET A 3564 -81.25 61.91 26.94
N GLY A 3565 -82.22 62.65 27.49
CA GLY A 3565 -83.43 63.03 26.76
C GLY A 3565 -84.26 61.87 26.24
N ILE A 3566 -84.19 60.72 26.90
CA ILE A 3566 -84.89 59.51 26.47
C ILE A 3566 -85.97 59.17 27.48
N THR A 3567 -87.20 59.01 26.99
CA THR A 3567 -88.32 58.66 27.87
C THR A 3567 -88.99 57.38 27.37
N PRO A 3602 -84.54 68.09 19.31
CA PRO A 3602 -84.53 66.65 19.08
C PRO A 3602 -83.61 65.89 20.04
N LEU A 3603 -82.90 64.89 19.54
CA LEU A 3603 -81.98 64.10 20.34
C LEU A 3603 -80.60 64.14 19.70
N ALA A 3604 -79.58 64.48 20.50
CA ALA A 3604 -78.20 64.52 20.04
C ALA A 3604 -77.34 63.78 21.05
N LEU A 3605 -76.72 62.68 20.62
CA LEU A 3605 -75.94 61.81 21.48
C LEU A 3605 -74.51 61.71 20.95
N THR A 3606 -73.55 62.04 21.80
CA THR A 3606 -72.14 61.91 21.47
C THR A 3606 -71.76 60.42 21.44
N GLU A 3607 -70.58 60.16 20.87
CA GLU A 3607 -70.12 58.77 20.67
C GLU A 3607 -69.99 58.03 21.99
N SER A 3608 -69.55 58.72 23.04
CA SER A 3608 -69.44 58.11 24.35
C SER A 3608 -70.81 57.62 24.86
N HIS A 3609 -71.87 58.38 24.56
CA HIS A 3609 -73.22 57.93 24.90
C HIS A 3609 -73.57 56.63 24.18
N LEU A 3610 -73.23 56.54 22.88
CA LEU A 3610 -73.49 55.31 22.11
C LEU A 3610 -72.71 54.14 22.69
N ALA A 3611 -71.44 54.38 23.05
CA ALA A 3611 -70.61 53.32 23.61
C ALA A 3611 -71.19 52.83 24.94
N THR A 3612 -71.57 53.75 25.82
CA THR A 3612 -72.15 53.37 27.11
C THR A 3612 -73.45 52.61 26.94
N LEU A 3613 -74.33 53.08 26.04
CA LEU A 3613 -75.60 52.40 25.82
C LEU A 3613 -75.40 51.01 25.23
N ALA A 3614 -74.51 50.88 24.23
CA ALA A 3614 -74.25 49.58 23.63
C ALA A 3614 -73.66 48.60 24.63
N SER A 3615 -72.69 49.06 25.44
CA SER A 3615 -72.08 48.18 26.43
C SER A 3615 -73.08 47.81 27.52
N SER A 3616 -73.91 48.75 27.95
CA SER A 3616 -74.82 48.49 29.06
C SER A 3616 -76.08 47.76 28.63
N SER A 3617 -76.39 47.72 27.35
CA SER A 3617 -77.62 47.10 26.89
C SER A 3617 -77.49 45.60 26.69
N GLN A 3618 -76.28 45.03 26.81
CA GLN A 3618 -76.08 43.61 26.51
C GLN A 3618 -76.83 42.72 27.49
N SER A 3619 -77.09 43.21 28.70
CA SER A 3619 -77.81 42.43 29.68
C SER A 3619 -79.30 42.34 29.29
N PRO A 3620 -80.00 41.28 29.73
CA PRO A 3620 -81.40 41.09 29.28
C PRO A 3620 -82.36 42.21 29.67
N GLU A 3621 -82.34 42.65 30.92
CA GLU A 3621 -83.25 43.70 31.38
C GLU A 3621 -83.00 45.00 30.65
N ALA A 3622 -81.73 45.37 30.47
CA ALA A 3622 -81.39 46.61 29.78
C ALA A 3622 -81.83 46.58 28.33
N ILE A 3623 -81.64 45.45 27.64
CA ILE A 3623 -82.08 45.35 26.25
C ILE A 3623 -83.61 45.39 26.20
N LYS A 3624 -84.29 44.85 27.23
CA LYS A 3624 -85.75 44.93 27.26
C LYS A 3624 -86.23 46.36 27.40
N GLN A 3625 -85.62 47.14 28.28
CA GLN A 3625 -86.01 48.56 28.40
C GLN A 3625 -85.57 49.38 27.19
N LEU A 3626 -84.46 49.02 26.56
CA LEU A 3626 -84.05 49.66 25.32
C LEU A 3626 -85.09 49.43 24.23
N LEU A 3627 -85.60 48.19 24.13
CA LEU A 3627 -86.65 47.88 23.16
C LEU A 3627 -87.92 48.65 23.49
N ASP A 3628 -88.26 48.72 24.79
CA ASP A 3628 -89.45 49.44 25.23
C ASP A 3628 -89.38 50.93 24.88
N SER A 3629 -88.22 51.54 25.07
CA SER A 3629 -88.02 52.93 24.66
C SER A 3629 -88.06 53.08 23.15
N GLY A 3630 -88.57 54.22 22.70
CA GLY A 3630 -88.68 54.51 21.29
C GLY A 3630 -87.44 55.08 20.65
N LEU A 3631 -86.32 55.10 21.38
CA LEU A 3631 -85.07 55.63 20.83
C LEU A 3631 -84.57 54.86 19.60
N PRO A 3632 -84.47 53.51 19.59
CA PRO A 3632 -84.02 52.83 18.35
C PRO A 3632 -84.91 53.10 17.15
N SER A 3633 -86.24 53.12 17.34
CA SER A 3633 -87.15 53.38 16.24
C SER A 3633 -86.91 54.76 15.63
N LEU A 3634 -86.78 55.78 16.48
CA LEU A 3634 -86.59 57.14 15.97
C LEU A 3634 -85.25 57.29 15.27
N LEU A 3635 -84.18 56.68 15.82
CA LEU A 3635 -82.90 56.85 15.16
C LEU A 3635 -82.82 56.05 13.86
N VAL A 3636 -83.51 54.90 13.80
CA VAL A 3636 -83.60 54.14 12.53
C VAL A 3636 -84.34 54.95 11.48
N ARG A 3637 -85.48 55.54 11.85
CA ARG A 3637 -86.23 56.35 10.89
C ARG A 3637 -85.44 57.57 10.43
N SER A 3638 -84.75 58.25 11.35
CA SER A 3638 -83.97 59.43 10.98
C SER A 3638 -82.80 59.07 10.09
N LEU A 3639 -82.11 57.97 10.39
CA LEU A 3639 -81.00 57.51 9.57
C LEU A 3639 -81.47 57.08 8.19
N ALA A 3640 -82.60 56.38 8.12
CA ALA A 3640 -83.16 55.98 6.83
C ALA A 3640 -83.54 57.20 6.00
N SER A 3641 -84.12 58.22 6.65
CA SER A 3641 -84.45 59.45 5.95
C SER A 3641 -83.20 60.14 5.43
N PHE A 3642 -82.13 60.16 6.22
CA PHE A 3642 -80.86 60.72 5.76
C PHE A 3642 -80.30 59.95 4.57
N CYS A 3643 -80.36 58.62 4.61
CA CYS A 3643 -79.90 57.81 3.49
C CYS A 3643 -80.71 58.08 2.25
N PHE A 3644 -82.03 58.19 2.38
CA PHE A 3644 -82.90 58.50 1.26
C PHE A 3644 -82.57 59.87 0.68
N SER A 3645 -82.33 60.85 1.56
CA SER A 3645 -81.96 62.19 1.12
C SER A 3645 -80.64 62.18 0.36
N HIS A 3646 -79.67 61.40 0.86
CA HIS A 3646 -78.38 61.31 0.17
C HIS A 3646 -78.51 60.64 -1.19
N ILE A 3647 -79.34 59.60 -1.29
CA ILE A 3647 -79.60 58.96 -2.58
C ILE A 3647 -80.24 59.94 -3.54
N SER A 3648 -81.23 60.71 -3.05
CA SER A 3648 -81.91 61.69 -3.89
C SER A 3648 -80.95 62.79 -4.35
N SER A 3649 -80.08 63.25 -3.45
CA SER A 3649 -79.08 64.26 -3.81
C SER A 3649 -78.10 63.73 -4.84
N SER A 3650 -77.66 62.48 -4.67
CA SER A 3650 -76.74 61.87 -5.62
C SER A 3650 -77.37 61.68 -6.99
N GLU A 3651 -78.64 61.29 -7.03
CA GLU A 3651 -79.32 61.03 -8.29
C GLU A 3651 -79.78 62.30 -8.98
N SER A 3652 -79.78 63.44 -8.29
CA SER A 3652 -80.23 64.70 -8.86
C SER A 3652 -79.08 65.54 -9.40
N ILE A 3653 -77.85 65.02 -9.34
CA ILE A 3653 -76.68 65.74 -9.83
C ILE A 3653 -76.51 65.48 -11.32
N ASN A 3674 -91.55 65.35 13.67
CA ASN A 3674 -90.24 65.37 14.31
C ASN A 3674 -89.20 64.63 13.47
N LYS A 3675 -88.40 65.40 12.72
CA LYS A 3675 -87.34 64.85 11.89
C LYS A 3675 -86.02 65.48 12.29
N MET A 3676 -85.01 64.65 12.53
CA MET A 3676 -83.68 65.12 12.84
C MET A 3676 -82.66 64.43 11.94
N PRO A 3677 -81.59 65.13 11.55
CA PRO A 3677 -80.63 64.54 10.61
C PRO A 3677 -79.45 63.89 11.33
N ILE A 3678 -78.81 62.97 10.60
CA ILE A 3678 -77.57 62.35 11.04
C ILE A 3678 -76.50 62.62 10.00
N THR A 3679 -75.36 63.16 10.44
CA THR A 3679 -74.26 63.41 9.54
C THR A 3679 -73.55 62.12 9.14
N ALA A 3680 -72.74 62.21 8.08
CA ALA A 3680 -71.99 61.07 7.56
C ALA A 3680 -70.85 60.64 8.48
N ASP A 3681 -70.49 61.44 9.48
CA ASP A 3681 -69.42 61.05 10.38
C ASP A 3681 -69.90 59.95 11.31
N LEU A 3682 -71.07 60.12 11.90
CA LEU A 3682 -71.55 59.29 13.00
C LEU A 3682 -72.29 58.04 12.50
N VAL A 3683 -72.49 57.90 11.19
CA VAL A 3683 -73.28 56.78 10.67
C VAL A 3683 -72.56 55.44 10.91
N ALA A 3684 -71.25 55.38 10.67
CA ALA A 3684 -70.51 54.15 10.97
C ALA A 3684 -70.49 53.84 12.47
N PRO A 3685 -70.20 54.80 13.39
CA PRO A 3685 -70.33 54.45 14.83
C PRO A 3685 -71.72 54.02 15.26
N ILE A 3686 -72.79 54.64 14.75
CA ILE A 3686 -74.13 54.23 15.17
C ILE A 3686 -74.47 52.85 14.60
N LEU A 3687 -74.03 52.54 13.38
CA LEU A 3687 -74.20 51.19 12.85
C LEU A 3687 -73.43 50.19 13.69
N ARG A 3688 -72.24 50.57 14.15
CA ARG A 3688 -71.47 49.73 15.06
C ARG A 3688 -72.22 49.52 16.37
N PHE A 3689 -72.86 50.57 16.87
CA PHE A 3689 -73.72 50.48 18.05
C PHE A 3689 -74.82 49.45 17.84
N LEU A 3690 -75.43 49.47 16.65
CA LEU A 3690 -76.41 48.44 16.30
C LEU A 3690 -75.78 47.05 16.33
N THR A 3691 -74.53 46.93 15.85
CA THR A 3691 -73.86 45.63 15.88
C THR A 3691 -73.70 45.11 17.31
N GLU A 3692 -73.25 45.95 18.25
CA GLU A 3692 -73.11 45.43 19.62
C GLU A 3692 -74.48 45.13 20.23
N VAL A 3693 -75.48 45.98 20.02
CA VAL A 3693 -76.77 45.69 20.65
C VAL A 3693 -77.48 44.50 19.99
N GLY A 3694 -77.12 44.15 18.76
CA GLY A 3694 -77.69 43.00 18.09
C GLY A 3694 -77.22 41.63 18.58
N ASN A 3695 -76.53 41.59 19.71
CA ASN A 3695 -76.05 40.33 20.25
C ASN A 3695 -77.16 39.52 20.91
N SER A 3696 -78.18 40.18 21.45
CA SER A 3696 -79.30 39.47 22.04
C SER A 3696 -80.13 38.76 20.98
N HIS A 3697 -80.58 37.56 21.32
CA HIS A 3697 -81.38 36.76 20.40
C HIS A 3697 -82.74 37.40 20.11
N ILE A 3698 -83.38 37.96 21.14
CA ILE A 3698 -84.63 38.68 20.91
C ILE A 3698 -84.38 39.94 20.07
N MET A 3699 -83.21 40.56 20.23
CA MET A 3699 -82.85 41.69 19.38
C MET A 3699 -82.67 41.25 17.94
N LYS A 3700 -82.08 40.07 17.72
CA LYS A 3700 -81.95 39.53 16.37
C LYS A 3700 -83.30 39.22 15.76
N ASP A 3701 -84.22 38.67 16.56
CA ASP A 3701 -85.57 38.41 16.06
C ASP A 3701 -86.28 39.70 15.69
N TRP A 3702 -86.13 40.74 16.52
CA TRP A 3702 -86.69 42.04 16.21
C TRP A 3702 -86.05 42.64 14.96
N LEU A 3703 -84.77 42.36 14.74
CA LEU A 3703 -84.06 42.88 13.57
C LEU A 3703 -84.57 42.23 12.28
N GLY A 3704 -85.03 40.99 12.37
CA GLY A 3704 -85.55 40.35 11.18
C GLY A 3704 -86.98 40.70 10.86
N GLY A 3705 -87.61 41.57 11.64
CA GLY A 3705 -88.97 42.00 11.35
C GLY A 3705 -89.01 43.07 10.28
N SER A 3706 -90.24 43.45 9.92
CA SER A 3706 -90.48 44.48 8.91
C SER A 3706 -90.09 45.88 9.35
N GLU A 3707 -89.80 46.09 10.63
CA GLU A 3707 -89.46 47.40 11.17
C GLU A 3707 -88.01 47.78 10.90
N VAL A 3708 -87.19 46.85 10.41
CA VAL A 3708 -85.78 47.09 10.20
C VAL A 3708 -85.36 46.91 8.75
N ASN A 3709 -86.12 46.16 7.95
CA ASN A 3709 -85.86 46.01 6.51
C ASN A 3709 -85.74 47.31 5.72
N PRO A 3710 -86.54 48.38 5.94
CA PRO A 3710 -86.27 49.64 5.22
C PRO A 3710 -84.87 50.20 5.42
N LEU A 3711 -84.29 50.03 6.62
CA LEU A 3711 -82.92 50.48 6.84
C LEU A 3711 -81.96 49.68 5.98
N TRP A 3712 -82.14 48.37 5.92
CA TRP A 3712 -81.29 47.51 5.09
C TRP A 3712 -81.37 47.90 3.63
N THR A 3713 -82.58 48.06 3.10
CA THR A 3713 -82.75 48.43 1.70
C THR A 3713 -82.15 49.79 1.40
N ALA A 3714 -82.38 50.76 2.30
CA ALA A 3714 -81.86 52.12 2.10
C ALA A 3714 -80.34 52.14 2.13
N LEU A 3715 -79.73 51.43 3.08
CA LEU A 3715 -78.27 51.39 3.17
C LEU A 3715 -77.65 50.70 1.96
N LEU A 3716 -78.25 49.60 1.50
CA LEU A 3716 -77.72 48.91 0.32
C LEU A 3716 -77.81 49.81 -0.90
N PHE A 3717 -78.96 50.47 -1.10
CA PHE A 3717 -79.13 51.39 -2.22
C PHE A 3717 -78.15 52.55 -2.14
N LEU A 3718 -77.97 53.10 -0.93
CA LEU A 3718 -77.06 54.22 -0.73
C LEU A 3718 -75.62 53.83 -1.03
N LEU A 3719 -75.17 52.66 -0.59
CA LEU A 3719 -73.75 52.42 -0.73
C LEU A 3719 -73.42 51.68 -2.03
N CYS A 3720 -74.42 51.27 -2.82
CA CYS A 3720 -74.11 50.71 -4.14
C CYS A 3720 -74.49 51.67 -5.26
N HIS A 3721 -75.75 52.11 -5.31
CA HIS A 3721 -76.23 52.93 -6.43
C HIS A 3721 -75.63 54.34 -6.36
N SER A 3722 -75.55 54.92 -5.17
CA SER A 3722 -75.05 56.29 -5.02
C SER A 3722 -73.53 56.28 -5.16
N GLY A 3723 -73.08 56.39 -6.40
CA GLY A 3723 -71.65 56.47 -6.66
C GLY A 3723 -71.11 57.86 -6.39
N SER A 3724 -69.78 57.93 -6.29
CA SER A 3724 -69.12 59.20 -6.03
C SER A 3724 -68.67 59.84 -7.34
N THR A 3749 -73.55 67.14 0.47
CA THR A 3749 -73.82 65.72 0.68
C THR A 3749 -72.97 64.84 -0.23
N GLY A 3750 -71.70 64.68 0.14
CA GLY A 3750 -70.81 63.86 -0.65
C GLY A 3750 -70.03 62.88 0.21
N LEU A 3751 -70.06 61.61 -0.17
CA LEU A 3751 -69.39 60.57 0.58
C LEU A 3751 -67.86 60.66 0.45
N THR A 3752 -67.19 60.94 1.57
CA THR A 3752 -65.73 60.84 1.61
C THR A 3752 -65.30 59.37 1.62
N THR A 3753 -64.13 59.10 1.02
CA THR A 3753 -63.66 57.72 0.86
C THR A 3753 -63.38 57.04 2.20
N GLN A 3754 -62.77 57.76 3.14
CA GLN A 3754 -62.49 57.17 4.46
C GLN A 3754 -63.78 56.82 5.19
N GLN A 3755 -64.75 57.74 5.17
CA GLN A 3755 -66.04 57.43 5.78
C GLN A 3755 -66.75 56.32 5.04
N ARG A 3756 -66.56 56.23 3.72
CA ARG A 3756 -67.11 55.12 2.95
C ARG A 3756 -66.54 53.80 3.42
N THR A 3757 -65.22 53.75 3.64
CA THR A 3757 -64.60 52.54 4.16
C THR A 3757 -65.11 52.21 5.56
N ALA A 3758 -65.25 53.23 6.41
CA ALA A 3758 -65.75 53.01 7.77
C ALA A 3758 -67.18 52.45 7.76
N ILE A 3759 -68.06 53.05 6.96
CA ILE A 3759 -69.44 52.59 6.93
C ILE A 3759 -69.55 51.24 6.24
N GLU A 3760 -68.71 50.96 5.23
CA GLU A 3760 -68.74 49.66 4.58
C GLU A 3760 -68.28 48.57 5.53
N ASN A 3761 -67.29 48.85 6.38
CA ASN A 3761 -66.90 47.88 7.39
C ASN A 3761 -67.98 47.72 8.45
N ALA A 3762 -68.69 48.81 8.76
CA ALA A 3762 -69.82 48.71 9.69
C ALA A 3762 -70.92 47.83 9.13
N THR A 3763 -71.23 47.97 7.84
CA THR A 3763 -72.19 47.09 7.18
C THR A 3763 -71.70 45.65 7.15
N VAL A 3764 -70.39 45.45 6.93
CA VAL A 3764 -69.80 44.12 6.96
C VAL A 3764 -70.06 43.45 8.30
N ALA A 3765 -69.75 44.17 9.39
CA ALA A 3765 -69.96 43.63 10.73
C ALA A 3765 -71.43 43.42 11.02
N PHE A 3766 -72.28 44.37 10.58
CA PHE A 3766 -73.71 44.28 10.84
C PHE A 3766 -74.32 43.07 10.14
N PHE A 3767 -73.93 42.83 8.88
CA PHE A 3767 -74.49 41.71 8.14
C PHE A 3767 -73.91 40.39 8.62
N LEU A 3768 -72.66 40.40 9.10
CA LEU A 3768 -72.13 39.23 9.77
C LEU A 3768 -72.91 38.90 11.02
N GLN A 3769 -73.31 39.94 11.77
CA GLN A 3769 -74.06 39.74 13.01
C GLN A 3769 -75.48 39.26 12.74
N CYS A 3770 -76.10 39.80 11.68
CA CYS A 3770 -77.48 39.47 11.36
C CYS A 3770 -77.63 38.01 10.94
N ILE A 3771 -76.75 37.54 10.04
CA ILE A 3771 -76.87 36.17 9.53
C ILE A 3771 -76.31 35.12 10.46
N SER A 3772 -75.77 35.53 11.61
CA SER A 3772 -75.13 34.60 12.53
C SER A 3772 -76.19 33.82 13.32
N CYS A 3773 -76.29 32.52 13.02
CA CYS A 3773 -77.10 31.56 13.77
C CYS A 3773 -78.58 31.93 13.84
N HIS A 3774 -79.11 32.62 12.82
CA HIS A 3774 -80.52 32.98 12.78
C HIS A 3774 -81.11 32.52 11.45
N PRO A 3775 -81.67 31.29 11.42
CA PRO A 3775 -82.20 30.75 10.15
C PRO A 3775 -83.28 31.59 9.49
N ASN A 3776 -84.18 32.19 10.27
CA ASN A 3776 -85.19 33.08 9.69
C ASN A 3776 -84.54 34.29 9.03
N ASN A 3777 -83.59 34.90 9.72
CA ASN A 3777 -82.84 35.99 9.12
C ASN A 3777 -81.99 35.51 7.95
N GLN A 3778 -81.46 34.28 8.02
CA GLN A 3778 -80.67 33.74 6.91
C GLN A 3778 -81.51 33.64 5.64
N LYS A 3779 -82.69 33.01 5.73
CA LYS A 3779 -83.53 32.89 4.55
C LYS A 3779 -84.07 34.24 4.09
N LEU A 3780 -84.36 35.15 5.04
CA LEU A 3780 -84.85 36.47 4.67
C LEU A 3780 -83.78 37.26 3.91
N MET A 3781 -82.54 37.23 4.39
CA MET A 3781 -81.46 37.90 3.66
C MET A 3781 -81.13 37.18 2.36
N ALA A 3782 -81.32 35.86 2.29
CA ALA A 3782 -81.18 35.17 1.01
C ALA A 3782 -82.19 35.72 0.00
N GLN A 3783 -83.44 35.92 0.45
CA GLN A 3783 -84.45 36.54 -0.41
C GLN A 3783 -84.05 37.95 -0.80
N VAL A 3784 -83.51 38.71 0.15
CA VAL A 3784 -83.10 40.10 -0.11
C VAL A 3784 -81.97 40.13 -1.14
N LEU A 3785 -80.97 39.25 -1.00
CA LEU A 3785 -79.87 39.21 -1.95
C LEU A 3785 -80.32 38.78 -3.34
N CYS A 3786 -81.22 37.79 -3.42
CA CYS A 3786 -81.77 37.42 -4.72
C CYS A 3786 -82.56 38.57 -5.33
N GLU A 3787 -83.29 39.32 -4.49
CA GLU A 3787 -84.05 40.47 -4.98
C GLU A 3787 -83.12 41.55 -5.54
N LEU A 3788 -82.03 41.85 -4.84
CA LEU A 3788 -81.14 42.92 -5.30
C LEU A 3788 -80.28 42.47 -6.47
N PHE A 3789 -79.98 41.17 -6.56
CA PHE A 3789 -79.22 40.66 -7.70
C PHE A 3789 -80.09 40.54 -8.94
N GLN A 3790 -81.37 40.23 -8.77
CA GLN A 3790 -82.26 40.19 -9.91
C GLN A 3790 -82.44 41.58 -10.51
N THR A 3791 -82.41 42.61 -9.66
CA THR A 3791 -82.58 44.00 -10.08
C THR A 3791 -81.23 44.69 -10.30
N SER A 3792 -80.16 43.91 -10.45
CA SER A 3792 -78.85 44.46 -10.74
C SER A 3792 -78.85 45.11 -12.12
N PRO A 3793 -78.19 46.25 -12.29
CA PRO A 3793 -78.21 46.94 -13.58
C PRO A 3793 -77.60 46.08 -14.69
N GLN A 3794 -78.19 46.19 -15.88
CA GLN A 3794 -77.72 45.43 -17.04
C GLN A 3794 -76.93 46.31 -18.00
N GLY A 3802 -74.02 46.45 -15.94
CA GLY A 3802 -73.58 45.08 -15.76
C GLY A 3802 -72.27 44.97 -15.01
N ASN A 3803 -71.67 46.12 -14.71
CA ASN A 3803 -70.40 46.15 -14.00
C ASN A 3803 -70.65 45.99 -12.50
N ILE A 3804 -69.88 45.11 -11.86
CA ILE A 3804 -70.08 44.85 -10.44
C ILE A 3804 -69.49 45.99 -9.64
N SER A 3805 -70.29 46.56 -8.74
CA SER A 3805 -69.82 47.61 -7.85
C SER A 3805 -68.85 47.02 -6.82
N GLY A 3806 -68.06 47.91 -6.22
CA GLY A 3806 -67.06 47.46 -5.26
C GLY A 3806 -67.68 46.80 -4.04
N PHE A 3807 -68.77 47.39 -3.53
CA PHE A 3807 -69.44 46.82 -2.36
C PHE A 3807 -69.99 45.43 -2.67
N ILE A 3808 -70.64 45.26 -3.82
CA ILE A 3808 -71.20 43.96 -4.17
C ILE A 3808 -70.09 42.93 -4.34
N ARG A 3809 -69.00 43.33 -4.99
CA ARG A 3809 -67.83 42.46 -5.15
C ARG A 3809 -67.29 42.03 -3.80
N ARG A 3810 -67.03 42.99 -2.91
CA ARG A 3810 -66.44 42.67 -1.61
C ARG A 3810 -67.40 41.88 -0.74
N LEU A 3811 -68.71 42.17 -0.84
CA LEU A 3811 -69.72 41.42 -0.10
C LEU A 3811 -69.75 39.97 -0.58
N PHE A 3812 -69.64 39.77 -1.90
CA PHE A 3812 -69.53 38.41 -2.43
C PHE A 3812 -68.27 37.73 -1.93
N LEU A 3813 -67.16 38.45 -1.89
CA LEU A 3813 -65.91 37.89 -1.40
C LEU A 3813 -66.00 37.52 0.09
N GLN A 3814 -66.82 38.25 0.85
CA GLN A 3814 -66.77 38.21 2.31
C GLN A 3814 -67.96 37.52 2.97
N LEU A 3815 -69.19 37.92 2.63
CA LEU A 3815 -70.35 37.57 3.45
C LEU A 3815 -70.66 36.08 3.42
N MET A 3816 -70.76 35.50 2.22
CA MET A 3816 -71.17 34.10 2.07
C MET A 3816 -70.00 33.18 1.76
N LEU A 3817 -68.76 33.67 1.82
CA LEU A 3817 -67.60 32.80 1.72
C LEU A 3817 -66.98 32.49 3.08
N GLU A 3818 -67.29 33.26 4.10
CA GLU A 3818 -66.80 32.94 5.43
C GLU A 3818 -67.55 31.77 6.06
N ASP A 3819 -66.81 30.92 6.76
CA ASP A 3819 -67.39 29.82 7.53
C ASP A 3819 -68.10 30.35 8.77
N GLU A 3820 -69.29 29.80 9.04
CA GLU A 3820 -70.10 30.24 10.18
C GLU A 3820 -69.33 30.09 11.49
N LYS A 3821 -69.25 31.19 12.23
CA LYS A 3821 -68.50 31.28 13.48
C LYS A 3821 -69.47 31.46 14.64
N VAL A 3822 -69.28 30.69 15.72
CA VAL A 3822 -70.13 30.79 16.90
C VAL A 3822 -69.26 30.98 18.13
N THR A 3823 -69.79 31.66 19.15
CA THR A 3823 -69.07 31.87 20.39
C THR A 3823 -69.29 30.73 21.37
N MET A 3824 -68.20 30.14 21.84
CA MET A 3824 -68.22 29.12 22.89
C MET A 3824 -67.73 29.71 24.21
N PHE A 3825 -68.42 29.33 25.28
CA PHE A 3825 -68.15 29.68 26.66
C PHE A 3825 -67.93 28.39 27.43
N LEU A 3826 -66.86 28.34 28.22
CA LEU A 3826 -66.51 27.14 28.93
C LEU A 3826 -66.32 27.48 30.40
N GLN A 3827 -66.76 26.55 31.24
CA GLN A 3827 -66.64 26.65 32.68
C GLN A 3827 -66.08 25.33 33.19
N SER A 3828 -65.26 25.39 34.24
CA SER A 3828 -64.67 24.20 34.84
C SER A 3828 -64.04 24.52 36.18
N PRO A 3829 -64.21 23.66 37.19
CA PRO A 3829 -63.50 23.84 38.46
C PRO A 3829 -61.98 23.80 38.33
N CYS A 3830 -61.44 23.15 37.26
CA CYS A 3830 -60.02 22.99 36.96
C CYS A 3830 -59.51 24.17 36.14
N PRO A 3831 -58.20 24.48 36.25
CA PRO A 3831 -57.63 25.57 35.44
C PRO A 3831 -57.66 25.24 33.95
N LEU A 3832 -57.80 26.29 33.14
CA LEU A 3832 -57.92 26.17 31.69
C LEU A 3832 -56.90 27.07 31.01
N TYR A 3833 -55.81 26.48 30.53
CA TYR A 3833 -54.83 27.18 29.69
C TYR A 3833 -53.98 26.16 28.93
N VAL A 3843 -57.67 40.56 28.47
CA VAL A 3843 -58.87 40.60 27.63
C VAL A 3843 -60.04 41.09 28.48
N ILE A 3844 -60.90 41.91 27.89
CA ILE A 3844 -62.09 42.45 28.55
C ILE A 3844 -63.31 41.87 27.85
N GLN A 3845 -64.20 41.25 28.64
CA GLN A 3845 -65.41 40.65 28.09
C GLN A 3845 -66.65 41.00 28.90
N HIS A 3846 -67.79 40.42 28.55
CA HIS A 3846 -69.02 40.72 29.26
C HIS A 3846 -68.97 40.03 30.61
N PRO A 3847 -69.50 40.66 31.67
CA PRO A 3847 -69.35 40.08 33.02
C PRO A 3847 -70.02 38.72 33.22
N MET A 3848 -71.00 38.33 32.39
CA MET A 3848 -71.58 36.99 32.51
C MET A 3848 -70.55 35.89 32.24
N TYR A 3849 -69.51 36.21 31.46
CA TYR A 3849 -68.46 35.25 31.14
C TYR A 3849 -67.47 35.05 32.28
N GLY A 3850 -67.59 35.83 33.34
CA GLY A 3850 -66.70 35.67 34.47
C GLY A 3850 -65.33 36.22 34.18
N ALA A 3851 -64.36 35.76 34.96
CA ALA A 3851 -62.98 36.21 34.82
C ALA A 3851 -62.08 35.01 35.10
N GLY A 3852 -60.78 35.28 35.25
CA GLY A 3852 -59.81 34.24 35.51
C GLY A 3852 -59.63 33.30 34.32
N HIS A 3853 -58.68 32.38 34.48
CA HIS A 3853 -58.51 31.33 33.48
C HIS A 3853 -59.42 30.14 33.73
N LYS A 3854 -60.13 30.14 34.86
CA LYS A 3854 -61.11 29.09 35.15
C LYS A 3854 -62.36 29.23 34.31
N PHE A 3855 -62.65 30.43 33.80
CA PHE A 3855 -63.73 30.68 32.86
C PHE A 3855 -63.13 31.11 31.53
N ARG A 3856 -63.47 30.38 30.46
CA ARG A 3856 -62.88 30.62 29.16
C ARG A 3856 -63.95 31.06 28.17
N THR A 3857 -63.58 31.92 27.23
CA THR A 3857 -64.53 32.36 26.21
C THR A 3857 -63.79 32.64 24.92
N LEU A 3858 -64.25 32.01 23.83
CA LEU A 3858 -63.66 32.17 22.52
C LEU A 3858 -64.78 32.22 21.49
N HIS A 3859 -64.48 32.80 20.33
CA HIS A 3859 -65.40 32.79 19.21
C HIS A 3859 -64.71 32.04 18.06
N LEU A 3860 -65.23 30.88 17.67
CA LEU A 3860 -64.55 29.96 16.76
C LEU A 3860 -65.53 29.45 15.72
N PRO A 3861 -65.04 29.13 14.50
CA PRO A 3861 -65.92 28.52 13.49
C PRO A 3861 -66.45 27.16 13.90
N VAL A 3862 -67.65 26.85 13.39
CA VAL A 3862 -68.34 25.62 13.74
C VAL A 3862 -67.72 24.38 13.11
N SER A 3863 -66.82 24.55 12.12
CA SER A 3863 -66.24 23.40 11.44
C SER A 3863 -65.35 22.59 12.36
N THR A 3864 -64.70 23.24 13.32
CA THR A 3864 -63.85 22.53 14.27
C THR A 3864 -64.69 21.67 15.19
N THR A 3865 -64.04 20.66 15.77
CA THR A 3865 -64.70 19.71 16.64
C THR A 3865 -64.25 19.91 18.08
N LEU A 3866 -64.92 19.20 18.98
CA LEU A 3866 -64.62 19.30 20.41
C LEU A 3866 -63.22 18.78 20.73
N SER A 3867 -62.72 17.82 19.94
CA SER A 3867 -61.36 17.33 20.15
C SER A 3867 -60.33 18.46 20.00
N ASP A 3868 -60.54 19.35 19.02
CA ASP A 3868 -59.64 20.48 18.83
C ASP A 3868 -59.67 21.43 20.03
N VAL A 3869 -60.88 21.78 20.49
CA VAL A 3869 -61.00 22.75 21.58
C VAL A 3869 -60.51 22.14 22.90
N LEU A 3870 -60.60 20.82 23.04
CA LEU A 3870 -59.99 20.19 24.21
C LEU A 3870 -58.48 20.09 24.08
N ASP A 3871 -57.98 19.91 22.85
CA ASP A 3871 -56.53 19.88 22.64
C ASP A 3871 -55.86 21.21 22.97
N ARG A 3872 -56.48 22.33 22.57
CA ARG A 3872 -55.86 23.63 22.87
C ARG A 3872 -55.82 23.90 24.38
N VAL A 3873 -56.75 23.34 25.14
CA VAL A 3873 -56.78 23.52 26.58
C VAL A 3873 -55.83 22.51 27.22
N ILE A 3960 -56.37 0.59 33.37
CA ILE A 3960 -55.76 1.74 34.01
C ILE A 3960 -56.75 2.89 34.08
N THR A 3961 -57.08 3.33 35.30
CA THR A 3961 -58.02 4.43 35.49
C THR A 3961 -57.31 5.76 35.28
N VAL A 3962 -57.76 6.52 34.29
CA VAL A 3962 -57.16 7.81 33.95
C VAL A 3962 -58.27 8.85 33.85
N PRO A 3963 -58.14 9.98 34.56
CA PRO A 3963 -59.09 11.08 34.37
C PRO A 3963 -59.06 11.62 32.96
N VAL A 3964 -60.24 11.90 32.42
CA VAL A 3964 -60.41 12.39 31.05
C VAL A 3964 -61.35 13.58 31.08
N PHE A 3965 -60.97 14.66 30.39
CA PHE A 3965 -61.84 15.81 30.27
C PHE A 3965 -63.10 15.45 29.48
N HIS A 3966 -64.25 15.80 30.01
CA HIS A 3966 -65.53 15.52 29.39
C HIS A 3966 -66.36 16.80 29.32
N LEU A 3967 -66.92 17.07 28.16
CA LEU A 3967 -67.77 18.24 28.00
C LEU A 3967 -69.21 17.89 28.34
N PHE A 3968 -69.89 18.83 28.97
CA PHE A 3968 -71.26 18.67 29.43
C PHE A 3968 -71.97 19.98 29.13
N HIS A 3969 -73.29 19.92 29.09
CA HIS A 3969 -74.11 21.10 28.88
C HIS A 3969 -75.17 21.17 29.95
N LYS A 3970 -75.58 22.39 30.28
CA LYS A 3970 -76.56 22.59 31.34
C LYS A 3970 -77.92 22.04 30.93
N LEU A 3971 -78.21 22.04 29.63
CA LEU A 3971 -79.44 21.46 29.12
C LEU A 3971 -79.38 19.93 29.06
N LEU A 3972 -78.19 19.35 29.14
CA LEU A 3972 -77.97 17.94 28.84
C LEU A 3972 -77.70 17.20 30.15
N ALA A 3973 -78.56 16.24 30.47
CA ALA A 3973 -78.63 15.66 31.81
C ALA A 3973 -77.85 14.35 31.84
N GLY A 3974 -76.53 14.47 31.90
CA GLY A 3974 -75.71 13.31 32.16
C GLY A 3974 -75.32 12.54 30.92
N GLN A 3975 -74.93 13.23 29.86
CA GLN A 3975 -74.28 12.59 28.71
C GLN A 3975 -73.05 13.40 28.33
N PRO A 3976 -71.85 12.81 28.34
CA PRO A 3976 -70.66 13.52 27.88
C PRO A 3976 -70.75 13.89 26.41
N LEU A 3977 -69.84 14.75 25.98
CA LEU A 3977 -69.89 15.12 24.58
C LEU A 3977 -68.72 14.49 23.81
N PRO A 3978 -68.98 13.94 22.63
CA PRO A 3978 -67.91 13.29 21.85
C PRO A 3978 -66.86 14.29 21.40
N ALA A 3979 -65.62 13.81 21.28
CA ALA A 3979 -64.54 14.71 20.89
C ALA A 3979 -64.62 15.12 19.42
N GLU A 3980 -65.02 14.20 18.54
CA GLU A 3980 -65.15 14.50 17.12
C GLU A 3980 -66.53 15.04 16.75
N MET A 3981 -67.29 15.53 17.72
CA MET A 3981 -68.65 15.98 17.49
C MET A 3981 -68.55 17.47 17.14
N THR A 3982 -68.87 17.83 15.89
CA THR A 3982 -68.69 19.20 15.41
C THR A 3982 -69.77 20.15 15.93
N LEU A 3983 -69.49 21.45 15.79
CA LEU A 3983 -70.27 22.50 16.44
C LEU A 3983 -71.51 22.93 15.67
N ALA A 3984 -71.54 22.78 14.33
CA ALA A 3984 -72.75 23.11 13.60
C ALA A 3984 -73.88 22.14 13.95
N GLN A 3985 -73.56 20.85 14.01
CA GLN A 3985 -74.50 19.84 14.46
C GLN A 3985 -74.98 20.14 15.88
N LEU A 3986 -74.05 20.54 16.75
CA LEU A 3986 -74.37 20.88 18.13
C LEU A 3986 -75.33 22.06 18.19
N LEU A 3987 -75.09 23.07 17.36
CA LEU A 3987 -75.97 24.23 17.30
C LEU A 3987 -77.37 23.84 16.85
N THR A 3988 -77.46 22.94 15.87
CA THR A 3988 -78.76 22.40 15.48
C THR A 3988 -79.41 21.66 16.62
N LEU A 3989 -78.62 20.92 17.42
CA LEU A 3989 -79.18 20.20 18.55
C LEU A 3989 -79.77 21.15 19.58
N LEU A 3990 -79.07 22.24 19.88
CA LEU A 3990 -79.63 23.25 20.77
C LEU A 3990 -80.90 23.88 20.19
N TYR A 3991 -80.88 24.20 18.89
CA TYR A 3991 -82.09 24.75 18.25
C TYR A 3991 -83.24 23.76 18.29
N ASP A 3992 -82.94 22.46 18.25
CA ASP A 3992 -83.93 21.41 18.41
C ASP A 3992 -84.32 21.18 19.86
N ARG A 3993 -83.60 21.78 20.82
CA ARG A 3993 -83.92 21.59 22.23
C ARG A 3993 -84.30 22.91 22.89
N LYS A 3994 -85.14 23.70 22.21
CA LYS A 3994 -85.73 24.94 22.72
C LYS A 3994 -84.63 25.94 23.11
N LEU A 3995 -83.95 26.43 22.07
CA LEU A 3995 -83.04 27.54 22.24
C LEU A 3995 -83.45 28.69 21.33
N PRO A 3996 -83.53 29.93 21.84
CA PRO A 3996 -83.94 31.06 21.00
C PRO A 3996 -82.98 31.27 19.83
N GLN A 3997 -83.55 31.68 18.70
CA GLN A 3997 -82.74 31.86 17.49
C GLN A 3997 -81.77 33.02 17.63
N GLY A 3998 -80.51 32.75 17.33
CA GLY A 3998 -79.46 33.75 17.41
C GLY A 3998 -78.72 33.84 18.73
N TYR A 3999 -78.90 32.89 19.63
CA TYR A 3999 -78.17 32.87 20.90
C TYR A 3999 -76.70 32.58 20.59
N ARG A 4000 -75.85 33.60 20.74
CA ARG A 4000 -74.48 33.56 20.25
C ARG A 4000 -73.51 32.72 21.09
N SER A 4001 -73.65 32.70 22.41
CA SER A 4001 -72.68 32.03 23.28
C SER A 4001 -73.26 30.73 23.82
N ILE A 4002 -72.55 29.63 23.60
CA ILE A 4002 -72.96 28.32 24.08
C ILE A 4002 -72.08 27.90 25.28
N ASP A 4003 -72.73 27.69 26.42
CA ASP A 4003 -72.05 27.33 27.67
C ASP A 4003 -71.77 25.83 27.75
N LEU A 4004 -70.55 25.47 28.13
CA LEU A 4004 -70.09 24.08 28.22
C LEU A 4004 -69.23 23.91 29.45
N THR A 4005 -69.64 23.02 30.34
CA THR A 4005 -68.88 22.75 31.56
C THR A 4005 -68.03 21.49 31.39
N VAL A 4006 -66.81 21.55 31.91
CA VAL A 4006 -65.82 20.48 31.75
C VAL A 4006 -65.70 19.73 33.07
N LYS A 4007 -65.81 18.42 33.00
CA LYS A 4007 -65.68 17.55 34.15
C LYS A 4007 -64.57 16.53 33.92
N LEU A 4008 -64.24 15.79 34.98
CA LEU A 4008 -63.19 14.77 34.94
C LEU A 4008 -63.83 13.40 35.09
N GLY A 4009 -64.05 12.73 33.96
CA GLY A 4009 -64.55 11.37 33.98
C GLY A 4009 -63.42 10.38 34.15
N SER A 4010 -63.80 9.11 34.28
CA SER A 4010 -62.84 8.02 34.47
C SER A 4010 -62.84 7.13 33.24
N ARG A 4011 -61.66 6.87 32.69
CA ARG A 4011 -61.53 6.00 31.52
C ARG A 4011 -60.54 4.88 31.84
N VAL A 4012 -60.91 3.66 31.50
CA VAL A 4012 -60.08 2.49 31.76
C VAL A 4012 -59.39 2.10 30.46
N ILE A 4013 -58.06 2.08 30.48
CA ILE A 4013 -57.29 1.70 29.31
C ILE A 4013 -56.77 0.27 29.47
N SER A 4060 -76.42 8.93 17.55
CA SER A 4060 -77.50 9.85 17.84
C SER A 4060 -77.07 11.30 17.67
N LEU A 4061 -76.07 11.71 18.46
CA LEU A 4061 -75.60 13.09 18.42
C LEU A 4061 -74.87 13.39 17.11
N LEU A 4062 -74.02 12.48 16.65
CA LEU A 4062 -73.27 12.70 15.42
C LEU A 4062 -74.15 12.62 14.17
N GLU A 4063 -75.31 12.00 14.26
CA GLU A 4063 -76.15 11.73 13.09
C GLU A 4063 -77.20 12.81 12.85
N THR A 4064 -77.22 13.86 13.65
CA THR A 4064 -78.17 14.95 13.47
C THR A 4064 -77.77 15.79 12.25
N CYS A 4065 -78.73 16.54 11.74
CA CYS A 4065 -78.43 17.31 10.54
C CYS A 4065 -77.68 18.59 10.93
N PRO A 4066 -76.64 18.95 10.18
CA PRO A 4066 -75.93 20.21 10.45
C PRO A 4066 -76.75 21.40 9.99
N ILE A 4067 -76.26 22.59 10.35
CA ILE A 4067 -76.93 23.82 9.95
C ILE A 4067 -76.84 23.99 8.43
N GLN A 4068 -77.87 24.60 7.85
CA GLN A 4068 -77.91 24.73 6.40
C GLN A 4068 -76.97 25.81 5.88
N SER A 4069 -76.59 26.79 6.72
CA SER A 4069 -75.70 27.92 6.44
C SER A 4069 -76.29 28.91 5.43
N PRO A 4070 -75.99 30.21 5.55
CA PRO A 4070 -76.54 31.20 4.61
C PRO A 4070 -76.14 30.96 3.17
N LEU A 4071 -74.94 30.43 2.92
CA LEU A 4071 -74.48 30.19 1.55
C LEU A 4071 -75.37 29.17 0.84
N GLN A 4072 -75.58 28.02 1.48
CA GLN A 4072 -76.43 26.99 0.88
C GLN A 4072 -77.88 27.43 0.84
N VAL A 4073 -78.33 28.18 1.85
CA VAL A 4073 -79.70 28.70 1.85
C VAL A 4073 -79.92 29.62 0.66
N PHE A 4074 -78.96 30.51 0.40
CA PHE A 4074 -79.03 31.41 -0.74
C PHE A 4074 -78.94 30.63 -2.06
N ALA A 4075 -78.03 29.66 -2.13
CA ALA A 4075 -77.83 28.87 -3.33
C ALA A 4075 -78.96 27.88 -3.62
N GLY A 4076 -79.84 27.62 -2.65
CA GLY A 4076 -80.95 26.72 -2.88
C GLY A 4076 -81.87 27.16 -4.01
N MET A 4077 -82.18 28.46 -4.04
CA MET A 4077 -83.02 29.06 -5.07
C MET A 4077 -82.22 29.72 -6.19
N GLY A 4078 -81.00 29.23 -6.44
CA GLY A 4078 -80.21 29.60 -7.60
C GLY A 4078 -79.73 31.03 -7.69
N GLY A 4079 -79.21 31.58 -6.60
CA GLY A 4079 -78.53 32.87 -6.68
C GLY A 4079 -77.20 32.82 -7.39
N LEU A 4080 -76.58 31.63 -7.44
CA LEU A 4080 -75.31 31.45 -8.14
C LEU A 4080 -75.44 31.75 -9.62
N ALA A 4081 -76.56 31.34 -10.23
CA ALA A 4081 -76.79 31.66 -11.64
C ALA A 4081 -76.89 33.16 -11.85
N LEU A 4082 -77.57 33.85 -10.93
CA LEU A 4082 -77.72 35.31 -11.02
C LEU A 4082 -76.36 36.01 -10.92
N ILE A 4083 -75.55 35.60 -9.94
CA ILE A 4083 -74.25 36.25 -9.78
C ILE A 4083 -73.28 35.90 -10.91
N ALA A 4084 -73.36 34.69 -11.47
CA ALA A 4084 -72.55 34.35 -12.62
C ALA A 4084 -72.94 35.16 -13.84
N GLU A 4085 -74.25 35.37 -14.03
CA GLU A 4085 -74.70 36.28 -15.09
C GLU A 4085 -74.20 37.70 -14.84
N ARG A 4086 -74.18 38.12 -13.57
CA ARG A 4086 -73.66 39.44 -13.25
C ARG A 4086 -72.14 39.49 -13.25
N LEU A 4087 -71.47 38.36 -13.38
CA LEU A 4087 -70.02 38.31 -13.42
C LEU A 4087 -69.52 38.56 -14.84
N ILE A 4153 -52.67 23.73 -12.64
CA ILE A 4153 -54.12 23.88 -12.77
C ILE A 4153 -54.45 24.55 -14.10
N PRO A 4154 -54.91 23.75 -15.07
CA PRO A 4154 -55.32 24.31 -16.37
C PRO A 4154 -56.47 25.29 -16.23
N ALA A 4155 -56.43 26.35 -17.04
CA ALA A 4155 -57.40 27.43 -16.96
C ALA A 4155 -58.75 27.08 -17.57
N HIS A 4156 -58.80 26.13 -18.51
CA HIS A 4156 -60.06 25.83 -19.19
C HIS A 4156 -61.09 25.22 -18.23
N SER A 4157 -60.64 24.38 -17.29
CA SER A 4157 -61.56 23.80 -16.32
C SER A 4157 -62.15 24.87 -15.41
N LEU A 4158 -61.31 25.81 -14.96
CA LEU A 4158 -61.78 26.91 -14.13
C LEU A 4158 -62.74 27.81 -14.90
N ALA A 4159 -62.44 28.09 -16.17
CA ALA A 4159 -63.34 28.90 -16.99
C ALA A 4159 -64.68 28.20 -17.21
N ALA A 4160 -64.64 26.89 -17.45
CA ALA A 4160 -65.87 26.12 -17.64
C ALA A 4160 -66.68 26.02 -16.35
N PHE A 4161 -66.01 26.10 -15.19
CA PHE A 4161 -66.69 26.02 -13.90
C PHE A 4161 -67.66 27.18 -13.70
N GLY A 4162 -67.29 28.38 -14.13
CA GLY A 4162 -68.17 29.53 -14.01
C GLY A 4162 -69.48 29.36 -14.76
N LEU A 4163 -69.41 28.79 -15.95
CA LEU A 4163 -70.62 28.44 -16.68
C LEU A 4163 -71.36 27.27 -16.03
N PHE A 4164 -70.60 26.29 -15.53
CA PHE A 4164 -71.19 25.09 -14.96
C PHE A 4164 -72.04 25.40 -13.73
N LEU A 4165 -71.59 26.35 -12.91
CA LEU A 4165 -72.34 26.71 -11.72
C LEU A 4165 -73.63 27.45 -12.01
N ARG A 4166 -73.86 27.87 -13.27
CA ARG A 4166 -75.10 28.54 -13.63
C ARG A 4166 -76.29 27.59 -13.59
N LEU A 4167 -76.07 26.29 -13.80
CA LEU A 4167 -77.16 25.32 -13.87
C LEU A 4167 -77.82 25.15 -12.50
N PRO A 4168 -79.15 25.25 -12.42
CA PRO A 4168 -79.84 24.95 -11.15
C PRO A 4168 -79.51 23.54 -10.67
N GLY A 4169 -79.32 23.42 -9.36
CA GLY A 4169 -78.95 22.15 -8.77
C GLY A 4169 -77.47 21.82 -8.83
N TYR A 4170 -76.66 22.66 -9.45
CA TYR A 4170 -75.22 22.42 -9.47
C TYR A 4170 -74.62 22.73 -8.11
N ALA A 4171 -75.08 23.81 -7.47
CA ALA A 4171 -74.57 24.20 -6.17
C ALA A 4171 -74.92 23.17 -5.10
N GLU A 4172 -76.08 22.52 -5.23
CA GLU A 4172 -76.53 21.55 -4.23
C GLU A 4172 -75.58 20.36 -4.12
N VAL A 4173 -75.10 19.87 -5.26
CA VAL A 4173 -74.10 18.79 -5.22
C VAL A 4173 -72.69 19.35 -5.04
N LEU A 4174 -72.47 20.62 -5.40
CA LEU A 4174 -71.16 21.24 -5.19
C LEU A 4174 -70.84 21.41 -3.71
N LEU A 4175 -71.85 21.78 -2.90
CA LEU A 4175 -71.61 22.05 -1.49
C LEU A 4175 -71.37 20.79 -0.65
N LYS A 4176 -71.30 19.61 -1.26
CA LYS A 4176 -71.06 18.38 -0.50
C LYS A 4176 -69.68 18.39 0.14
N GLU A 4177 -68.67 18.83 -0.60
CA GLU A 4177 -67.31 19.00 -0.09
C GLU A 4177 -67.05 20.50 0.04
N ARG A 4178 -67.05 21.00 1.28
CA ARG A 4178 -67.01 22.44 1.50
C ARG A 4178 -65.62 23.03 1.23
N LYS A 4179 -64.57 22.33 1.67
CA LYS A 4179 -63.21 22.85 1.57
C LYS A 4179 -62.77 23.02 0.12
N HIS A 4180 -62.94 21.97 -0.70
CA HIS A 4180 -62.49 22.05 -2.09
C HIS A 4180 -63.34 23.03 -2.88
N ALA A 4181 -64.64 23.10 -2.59
CA ALA A 4181 -65.50 24.09 -3.25
C ALA A 4181 -65.06 25.51 -2.90
N GLN A 4182 -64.71 25.75 -1.63
CA GLN A 4182 -64.22 27.06 -1.21
C GLN A 4182 -62.90 27.39 -1.90
N CYS A 4183 -62.00 26.41 -2.00
CA CYS A 4183 -60.71 26.64 -2.67
C CYS A 4183 -60.92 26.94 -4.15
N LEU A 4184 -61.83 26.21 -4.81
CA LEU A 4184 -62.14 26.47 -6.21
C LEU A 4184 -62.72 27.87 -6.40
N LEU A 4185 -63.65 28.27 -5.52
CA LEU A 4185 -64.25 29.59 -5.63
C LEU A 4185 -63.21 30.69 -5.38
N ARG A 4186 -62.28 30.43 -4.45
CA ARG A 4186 -61.19 31.36 -4.20
C ARG A 4186 -60.29 31.50 -5.43
N LEU A 4187 -60.03 30.38 -6.10
CA LEU A 4187 -59.24 30.43 -7.33
C LEU A 4187 -60.01 31.10 -8.46
N VAL A 4188 -61.35 31.01 -8.44
CA VAL A 4188 -62.16 31.64 -9.47
C VAL A 4188 -62.14 33.16 -9.31
N LEU A 4189 -62.33 33.64 -8.07
CA LEU A 4189 -62.34 35.08 -7.84
C LEU A 4189 -60.96 35.69 -8.06
N GLY A 4190 -59.90 34.95 -7.73
CA GLY A 4190 -58.54 35.42 -7.92
C GLY A 4190 -57.74 35.43 -6.64
N VAL A 4208 -55.80 17.68 -7.80
CA VAL A 4208 -57.16 17.29 -7.45
C VAL A 4208 -58.13 18.39 -7.84
N LEU A 4209 -57.69 19.64 -7.68
CA LEU A 4209 -58.54 20.80 -7.99
C LEU A 4209 -59.02 20.89 -9.44
N PRO A 4210 -58.20 20.68 -10.49
CA PRO A 4210 -58.76 20.74 -11.86
C PRO A 4210 -59.78 19.64 -12.18
N THR A 4211 -59.79 18.54 -11.43
CA THR A 4211 -60.75 17.46 -11.71
C THR A 4211 -62.16 17.86 -11.26
N LEU A 4212 -62.26 18.61 -10.15
CA LEU A 4212 -63.55 18.97 -9.57
C LEU A 4212 -64.53 19.72 -10.48
N PRO A 4213 -64.14 20.72 -11.32
CA PRO A 4213 -65.15 21.39 -12.16
C PRO A 4213 -65.93 20.45 -13.07
N PHE A 4214 -65.31 19.35 -13.50
CA PHE A 4214 -66.02 18.32 -14.24
C PHE A 4214 -66.53 17.21 -13.32
N HIS A 4215 -65.86 16.95 -12.20
CA HIS A 4215 -66.30 15.90 -11.28
C HIS A 4215 -67.66 16.23 -10.66
N VAL A 4216 -67.88 17.50 -10.32
CA VAL A 4216 -69.17 17.94 -9.80
C VAL A 4216 -70.26 17.77 -10.85
N LEU A 4217 -69.94 18.12 -12.11
CA LEU A 4217 -70.88 17.90 -13.21
C LEU A 4217 -71.18 16.43 -13.41
N ARG A 4218 -70.18 15.58 -13.29
CA ARG A 4218 -70.37 14.13 -13.40
C ARG A 4218 -71.30 13.62 -12.30
N SER A 4219 -71.10 14.10 -11.07
CA SER A 4219 -71.97 13.71 -9.97
C SER A 4219 -73.40 14.20 -10.20
N LEU A 4220 -73.55 15.43 -10.70
CA LEU A 4220 -74.88 15.96 -10.99
C LEU A 4220 -75.57 15.18 -12.09
N PHE A 4221 -74.84 14.81 -13.14
CA PHE A 4221 -75.40 13.99 -14.21
C PHE A 4221 -75.82 12.61 -13.70
N SER A 4222 -74.98 11.99 -12.87
CA SER A 4222 -75.29 10.67 -12.33
C SER A 4222 -76.51 10.71 -11.41
N THR A 4223 -76.60 11.75 -10.58
CA THR A 4223 -77.72 11.85 -9.63
C THR A 4223 -79.03 12.23 -10.32
N THR A 4224 -78.97 12.83 -11.50
CA THR A 4224 -80.19 13.24 -12.20
C THR A 4224 -80.41 12.30 -13.37
N PRO A 4225 -81.38 11.40 -13.30
CA PRO A 4225 -81.60 10.45 -14.38
C PRO A 4225 -82.44 11.04 -15.50
N LEU A 4226 -82.45 10.33 -16.62
CA LEU A 4226 -83.30 10.68 -17.75
C LEU A 4226 -84.74 10.24 -17.54
N THR A 4227 -84.99 9.45 -16.49
CA THR A 4227 -86.34 8.98 -16.18
C THR A 4227 -87.16 10.05 -15.48
N THR A 4228 -86.54 11.17 -15.11
CA THR A 4228 -87.19 12.27 -14.45
C THR A 4228 -86.98 13.54 -15.26
N ASP A 4229 -87.89 14.50 -15.06
CA ASP A 4229 -87.86 15.73 -15.86
C ASP A 4229 -86.63 16.58 -15.58
N ASP A 4230 -86.07 16.50 -14.36
CA ASP A 4230 -84.92 17.32 -14.03
C ASP A 4230 -83.70 16.98 -14.87
N GLY A 4231 -83.44 15.68 -15.07
CA GLY A 4231 -82.29 15.26 -15.85
C GLY A 4231 -82.38 15.68 -17.30
N VAL A 4232 -83.54 15.47 -17.92
CA VAL A 4232 -83.70 15.83 -19.34
C VAL A 4232 -83.69 17.35 -19.50
N LEU A 4233 -84.27 18.10 -18.55
CA LEU A 4233 -84.19 19.56 -18.60
C LEU A 4233 -82.76 20.04 -18.47
N LEU A 4234 -82.00 19.45 -17.55
CA LEU A 4234 -80.59 19.78 -17.38
C LEU A 4234 -79.81 19.50 -18.65
N ARG A 4235 -80.07 18.35 -19.29
CA ARG A 4235 -79.37 17.99 -20.51
C ARG A 4235 -79.72 18.94 -21.66
N ARG A 4236 -80.98 19.34 -21.79
CA ARG A 4236 -81.35 20.23 -22.88
C ARG A 4236 -80.85 21.66 -22.63
N MET A 4237 -80.78 22.10 -21.37
CA MET A 4237 -80.08 23.34 -21.05
C MET A 4237 -78.60 23.24 -21.39
N ALA A 4238 -77.98 22.08 -21.15
CA ALA A 4238 -76.58 21.89 -21.52
C ALA A 4238 -76.41 22.05 -23.03
N LEU A 4239 -77.34 21.49 -23.81
CA LEU A 4239 -77.31 21.70 -25.26
C LEU A 4239 -77.52 23.16 -25.60
N GLU A 4240 -78.46 23.82 -24.91
CA GLU A 4240 -78.82 25.21 -25.21
C GLU A 4240 -77.66 26.17 -24.95
N ILE A 4241 -76.96 26.00 -23.84
CA ILE A 4241 -75.91 26.94 -23.47
C ILE A 4241 -74.57 26.58 -24.09
N GLY A 4242 -74.38 25.32 -24.51
CA GLY A 4242 -73.18 24.95 -25.21
C GLY A 4242 -72.09 24.40 -24.33
N ALA A 4243 -72.44 23.78 -23.20
CA ALA A 4243 -71.43 23.17 -22.36
C ALA A 4243 -70.80 21.96 -23.04
N LEU A 4244 -71.59 21.22 -23.83
CA LEU A 4244 -71.05 20.07 -24.53
C LEU A 4244 -70.03 20.49 -25.60
N HIS A 4245 -70.28 21.59 -26.30
CA HIS A 4245 -69.27 22.08 -27.25
C HIS A 4245 -67.99 22.46 -26.53
N LEU A 4246 -68.11 23.07 -25.35
CA LEU A 4246 -66.94 23.44 -24.55
C LEU A 4246 -66.15 22.21 -24.10
N ILE A 4247 -66.85 21.18 -23.62
CA ILE A 4247 -66.12 19.99 -23.16
C ILE A 4247 -65.52 19.23 -24.36
N LEU A 4248 -66.19 19.23 -25.51
CA LEU A 4248 -65.64 18.60 -26.70
C LEU A 4248 -64.38 19.31 -27.20
N VAL A 4249 -64.40 20.65 -27.24
CA VAL A 4249 -63.20 21.36 -27.69
C VAL A 4249 -62.09 21.25 -26.64
N CYS A 4250 -62.44 21.16 -25.35
CA CYS A 4250 -61.42 20.90 -24.33
C CYS A 4250 -60.78 19.54 -24.54
N LEU A 4251 -61.58 18.53 -24.84
CA LEU A 4251 -61.06 17.20 -25.15
C LEU A 4251 -60.19 17.25 -26.40
N SER A 4252 -60.61 18.04 -27.40
CA SER A 4252 -59.85 18.20 -28.63
C SER A 4252 -58.47 18.81 -28.35
N ALA A 4253 -58.43 19.82 -27.49
CA ALA A 4253 -57.16 20.45 -27.14
C ALA A 4253 -56.27 19.52 -26.32
N LEU A 4254 -56.88 18.72 -25.45
CA LEU A 4254 -56.10 17.83 -24.59
C LEU A 4254 -55.55 16.63 -25.35
N SER A 4255 -56.32 16.09 -26.30
CA SER A 4255 -55.93 14.87 -26.99
C SER A 4255 -55.21 15.12 -28.33
N HIS A 4256 -55.01 16.39 -28.72
CA HIS A 4256 -54.38 16.78 -29.98
C HIS A 4256 -55.12 16.16 -31.18
N HIS A 4257 -56.45 16.11 -31.08
CA HIS A 4257 -57.31 15.51 -32.10
C HIS A 4257 -58.33 16.54 -32.57
N SER A 4258 -58.42 16.73 -33.91
CA SER A 4258 -59.34 17.67 -34.51
C SER A 4258 -60.71 17.03 -34.75
N PRO A 4259 -61.78 17.82 -34.71
CA PRO A 4259 -63.12 17.26 -34.97
C PRO A 4259 -63.31 16.88 -36.43
N ARG A 4260 -64.33 16.03 -36.66
CA ARG A 4260 -64.67 15.59 -38.00
C ARG A 4260 -65.41 16.73 -38.67
N VAL A 4261 -64.66 17.61 -39.32
CA VAL A 4261 -65.25 18.78 -40.00
C VAL A 4261 -66.02 18.29 -41.22
N PRO A 4262 -67.33 18.56 -41.32
CA PRO A 4262 -68.19 18.14 -42.44
C PRO A 4262 -67.73 18.69 -43.79
N ARG A 4314 -49.10 14.33 -17.64
CA ARG A 4314 -49.93 13.26 -17.09
C ARG A 4314 -51.29 13.84 -16.69
N LEU A 4315 -51.31 15.14 -16.39
CA LEU A 4315 -52.56 15.81 -16.03
C LEU A 4315 -53.56 15.78 -17.17
N GLU A 4316 -53.08 15.79 -18.40
CA GLU A 4316 -53.97 15.71 -19.56
C GLU A 4316 -54.69 14.37 -19.61
N GLU A 4317 -54.00 13.29 -19.21
CA GLU A 4317 -54.61 11.96 -19.18
C GLU A 4317 -55.77 11.92 -18.19
N GLU A 4318 -55.55 12.45 -16.97
CA GLU A 4318 -56.59 12.48 -15.96
C GLU A 4318 -57.73 13.41 -16.39
N HIS A 4319 -57.39 14.51 -17.06
CA HIS A 4319 -58.39 15.40 -17.61
C HIS A 4319 -59.25 14.68 -18.65
N VAL A 4320 -58.63 13.92 -19.55
CA VAL A 4320 -59.37 13.19 -20.58
C VAL A 4320 -60.27 12.15 -19.92
N THR A 4321 -59.76 11.48 -18.89
CA THR A 4321 -60.56 10.50 -18.16
C THR A 4321 -61.78 11.15 -17.51
N CYS A 4322 -61.60 12.31 -16.86
CA CYS A 4322 -62.74 13.00 -16.24
C CYS A 4322 -63.75 13.50 -17.27
N LEU A 4323 -63.27 14.02 -18.41
CA LEU A 4323 -64.18 14.45 -19.48
C LEU A 4323 -64.97 13.28 -20.06
N LEU A 4324 -64.31 12.13 -20.27
CA LEU A 4324 -65.00 10.94 -20.77
C LEU A 4324 -66.03 10.46 -19.76
N GLN A 4325 -65.68 10.53 -18.47
CA GLN A 4325 -66.62 10.18 -17.42
C GLN A 4325 -67.83 11.12 -17.40
N VAL A 4326 -67.61 12.42 -17.64
CA VAL A 4326 -68.72 13.37 -17.70
C VAL A 4326 -69.63 13.03 -18.87
N LEU A 4327 -69.05 12.71 -20.03
CA LEU A 4327 -69.87 12.33 -21.18
C LEU A 4327 -70.66 11.07 -20.91
N ALA A 4328 -70.02 10.07 -20.27
CA ALA A 4328 -70.71 8.82 -19.94
C ALA A 4328 -71.86 9.06 -18.98
N SER A 4329 -71.66 9.93 -17.98
CA SER A 4329 -72.73 10.26 -17.06
C SER A 4329 -73.85 11.06 -17.73
N TYR A 4330 -73.49 11.91 -18.70
CA TYR A 4330 -74.51 12.66 -19.45
C TYR A 4330 -75.40 11.72 -20.27
N ILE A 4331 -74.80 10.75 -20.96
CA ILE A 4331 -75.59 9.85 -21.79
C ILE A 4331 -76.42 8.91 -20.93
N ASN A 4332 -75.74 8.09 -20.13
CA ASN A 4332 -76.41 7.13 -19.24
C ASN A 4332 -76.04 7.49 -17.82
N PRO A 4333 -76.90 8.21 -17.09
CA PRO A 4333 -76.64 8.49 -15.67
C PRO A 4333 -76.55 7.24 -14.81
N VAL A 4334 -77.30 6.19 -15.16
CA VAL A 4334 -77.33 4.99 -14.33
C VAL A 4334 -76.02 4.21 -14.45
N SER A 4335 -75.23 4.46 -15.52
CA SER A 4335 -73.96 3.77 -15.69
C SER A 4335 -72.94 4.19 -14.63
N SER A 4336 -73.01 5.43 -14.17
CA SER A 4336 -72.09 5.91 -13.14
C SER A 4336 -72.47 5.38 -11.78
N GLN A 4351 -88.93 4.92 -22.24
CA GLN A 4351 -88.95 5.98 -23.24
C GLN A 4351 -87.65 6.80 -23.22
N ASN A 4352 -86.54 6.10 -22.97
CA ASN A 4352 -85.25 6.77 -22.94
C ASN A 4352 -84.65 6.97 -24.33
N SER A 4353 -85.25 6.40 -25.37
CA SER A 4353 -84.76 6.61 -26.73
C SER A 4353 -84.98 8.05 -27.17
N ASN A 4354 -86.20 8.56 -26.98
CA ASN A 4354 -86.52 9.92 -27.36
C ASN A 4354 -86.28 10.91 -26.23
N ALA A 4355 -85.81 10.44 -25.06
CA ALA A 4355 -85.49 11.35 -23.96
C ALA A 4355 -84.33 12.28 -24.33
N LEU A 4356 -83.47 11.86 -25.26
CA LEU A 4356 -82.41 12.73 -25.74
C LEU A 4356 -82.70 13.11 -27.19
N PRO A 4357 -82.83 14.40 -27.49
CA PRO A 4357 -83.15 14.81 -28.86
C PRO A 4357 -82.02 14.50 -29.82
N SER A 4358 -82.38 14.33 -31.10
CA SER A 4358 -81.41 14.03 -32.14
C SER A 4358 -80.50 15.21 -32.47
N VAL A 4359 -80.76 16.39 -31.91
CA VAL A 4359 -79.82 17.50 -32.02
C VAL A 4359 -78.47 17.13 -31.40
N LEU A 4360 -78.51 16.44 -30.26
CA LEU A 4360 -77.29 15.91 -29.66
C LEU A 4360 -76.60 14.93 -30.61
N LEU A 4361 -77.39 14.10 -31.29
CA LEU A 4361 -76.84 13.15 -32.26
C LEU A 4361 -76.12 13.86 -33.39
N GLU A 4362 -76.76 14.86 -34.01
CA GLU A 4362 -76.14 15.54 -35.15
C GLU A 4362 -74.94 16.39 -34.71
N LEU A 4363 -74.97 16.96 -33.51
CA LEU A 4363 -73.81 17.71 -33.03
C LEU A 4363 -72.65 16.78 -32.69
N LEU A 4364 -72.94 15.65 -32.05
CA LEU A 4364 -71.93 14.65 -31.73
C LEU A 4364 -71.43 13.91 -32.96
N SER A 4365 -72.09 14.07 -34.12
CA SER A 4365 -71.59 13.58 -35.40
C SER A 4365 -70.55 14.50 -36.04
N GLN A 4366 -70.26 15.64 -35.42
CA GLN A 4366 -69.32 16.61 -35.96
C GLN A 4366 -68.13 16.87 -35.05
N SER A 4367 -68.14 16.37 -33.82
CA SER A 4367 -67.12 16.67 -32.83
C SER A 4367 -65.87 15.82 -33.04
N CYS A 4368 -65.01 15.76 -32.03
CA CYS A 4368 -63.76 15.02 -32.12
C CYS A 4368 -63.81 13.67 -31.41
N LEU A 4369 -64.99 13.22 -30.97
CA LEU A 4369 -65.07 12.02 -30.16
C LEU A 4369 -64.64 10.77 -30.92
N ILE A 4370 -65.14 10.58 -32.14
CA ILE A 4370 -64.86 9.36 -32.91
C ILE A 4370 -63.39 9.20 -33.33
N PRO A 4371 -62.70 10.18 -33.95
CA PRO A 4371 -61.28 9.95 -34.27
C PRO A 4371 -60.41 9.78 -33.05
N ALA A 4372 -60.67 10.53 -31.98
CA ALA A 4372 -59.88 10.39 -30.76
C ALA A 4372 -60.10 9.03 -30.10
N MET A 4373 -61.35 8.56 -30.03
CA MET A 4373 -61.59 7.23 -29.45
C MET A 4373 -60.97 6.15 -30.32
N SER A 4374 -61.05 6.30 -31.65
CA SER A 4374 -60.44 5.33 -32.56
C SER A 4374 -58.93 5.28 -32.37
N SER A 4375 -58.29 6.44 -32.23
CA SER A 4375 -56.83 6.47 -32.01
C SER A 4375 -56.48 5.84 -30.67
N TYR A 4376 -57.26 6.13 -29.63
CA TYR A 4376 -57.02 5.53 -28.31
C TYR A 4376 -57.27 4.03 -28.29
N LEU A 4377 -58.22 3.54 -29.10
CA LEU A 4377 -58.47 2.09 -29.18
C LEU A 4377 -57.25 1.37 -29.73
N ARG A 4378 -56.56 1.98 -30.71
CA ARG A 4378 -55.39 1.36 -31.33
C ARG A 4378 -54.19 1.26 -30.39
N ASN A 4379 -54.24 1.92 -29.23
CA ASN A 4379 -53.16 1.86 -28.24
C ASN A 4379 -53.02 0.46 -27.67
N PRO A 4390 -58.19 2.54 -15.12
CA PRO A 4390 -58.76 3.85 -14.84
C PRO A 4390 -59.41 4.47 -16.06
N LEU A 4391 -58.56 4.94 -16.98
CA LEU A 4391 -59.04 5.49 -18.24
C LEU A 4391 -59.74 4.43 -19.08
N TYR A 4392 -59.20 3.21 -19.09
CA TYR A 4392 -59.82 2.12 -19.83
C TYR A 4392 -61.20 1.78 -19.29
N ARG A 4393 -61.35 1.71 -17.96
CA ARG A 4393 -62.65 1.44 -17.36
C ARG A 4393 -63.64 2.56 -17.66
N ALA A 4394 -63.17 3.81 -17.61
CA ALA A 4394 -64.02 4.95 -17.94
C ALA A 4394 -64.47 4.89 -19.40
N LEU A 4395 -63.57 4.48 -20.29
CA LEU A 4395 -63.93 4.34 -21.70
C LEU A 4395 -64.95 3.22 -21.91
N LEU A 4396 -64.80 2.10 -21.19
CA LEU A 4396 -65.79 1.02 -21.29
C LEU A 4396 -67.14 1.46 -20.76
N GLU A 4397 -67.13 2.23 -19.67
CA GLU A 4397 -68.37 2.80 -19.15
C GLU A 4397 -69.00 3.74 -20.16
N LEU A 4398 -68.16 4.53 -20.85
CA LEU A 4398 -68.65 5.40 -21.92
C LEU A 4398 -69.28 4.59 -23.05
N LEU A 4399 -68.69 3.43 -23.37
CA LEU A 4399 -69.25 2.59 -24.44
C LEU A 4399 -70.61 2.01 -24.04
N ARG A 4400 -70.72 1.48 -22.82
CA ARG A 4400 -72.03 0.95 -22.42
C ARG A 4400 -73.05 2.07 -22.28
N ALA A 4401 -72.60 3.27 -21.89
CA ALA A 4401 -73.50 4.43 -21.84
C ALA A 4401 -73.98 4.83 -23.23
N ILE A 4402 -73.06 4.94 -24.19
CA ILE A 4402 -73.40 5.35 -25.54
C ILE A 4402 -74.25 4.31 -26.25
N ALA A 4403 -74.17 3.04 -25.82
CA ALA A 4403 -75.04 2.01 -26.36
C ALA A 4403 -76.35 1.86 -25.60
N SER A 4404 -76.45 2.38 -24.37
CA SER A 4404 -77.67 2.22 -23.57
C SER A 4404 -78.86 2.95 -24.19
N CYS A 4405 -78.66 4.17 -24.67
CA CYS A 4405 -79.75 4.94 -25.26
C CYS A 4405 -79.83 4.60 -26.74
N ALA A 4406 -81.05 4.36 -27.24
CA ALA A 4406 -81.21 3.89 -28.61
C ALA A 4406 -80.85 4.97 -29.63
N ALA A 4407 -81.26 6.22 -29.37
CA ALA A 4407 -81.04 7.32 -30.31
C ALA A 4407 -79.57 7.59 -30.54
N MET A 4408 -78.71 7.14 -29.64
CA MET A 4408 -77.29 7.42 -29.66
C MET A 4408 -76.50 6.23 -30.21
N VAL A 4409 -77.19 5.10 -30.46
CA VAL A 4409 -76.54 3.94 -31.08
C VAL A 4409 -75.94 4.22 -32.46
N PRO A 4410 -76.59 4.94 -33.40
CA PRO A 4410 -76.02 5.03 -34.77
C PRO A 4410 -74.62 5.62 -34.88
N LEU A 4411 -74.14 6.38 -33.90
CA LEU A 4411 -72.79 6.92 -33.99
C LEU A 4411 -71.72 5.87 -33.70
N LEU A 4412 -72.10 4.66 -33.30
CA LEU A 4412 -71.14 3.58 -33.15
C LEU A 4412 -70.68 3.02 -34.49
N LEU A 4413 -71.37 3.37 -35.58
CA LEU A 4413 -71.02 2.86 -36.90
C LEU A 4413 -69.89 3.72 -37.48
N PRO A 4414 -68.80 3.11 -37.93
CA PRO A 4414 -67.72 3.89 -38.55
C PRO A 4414 -68.15 4.56 -39.85
N LEU A 4415 -67.55 5.72 -40.11
CA LEU A 4415 -67.87 6.50 -41.30
C LEU A 4415 -67.29 5.85 -42.56
N GLN A 4430 -62.79 0.08 -42.99
CA GLN A 4430 -64.12 -0.14 -42.42
C GLN A 4430 -64.12 -1.25 -41.38
N THR A 4431 -63.48 -0.99 -40.25
CA THR A 4431 -63.38 -1.96 -39.16
C THR A 4431 -64.36 -1.56 -38.06
N SER A 4432 -65.24 -2.50 -37.69
CA SER A 4432 -66.24 -2.22 -36.67
C SER A 4432 -65.59 -2.12 -35.30
N VAL A 4433 -66.22 -1.33 -34.42
CA VAL A 4433 -65.68 -1.11 -33.08
C VAL A 4433 -65.72 -2.39 -32.25
N GLY A 4434 -66.76 -3.21 -32.43
CA GLY A 4434 -66.87 -4.46 -31.68
C GLY A 4434 -65.76 -5.44 -32.00
N THR A 4435 -65.44 -5.60 -33.30
CA THR A 4435 -64.35 -6.50 -33.68
C THR A 4435 -62.99 -6.01 -33.18
N LEU A 4436 -62.74 -4.70 -33.28
CA LEU A 4436 -61.48 -4.14 -32.77
C LEU A 4436 -61.36 -4.35 -31.27
N LEU A 4437 -62.46 -4.12 -30.55
CA LEU A 4437 -62.49 -4.33 -29.11
C LEU A 4437 -62.26 -5.80 -28.76
N ALA A 4438 -62.82 -6.70 -29.57
CA ALA A 4438 -62.62 -8.13 -29.34
C ALA A 4438 -61.16 -8.54 -29.51
N LYS A 4439 -60.50 -8.07 -30.59
CA LYS A 4439 -59.11 -8.43 -30.77
C LYS A 4439 -58.19 -7.82 -29.72
N MET A 4440 -58.39 -6.55 -29.33
CA MET A 4440 -57.56 -6.01 -28.26
C MET A 4440 -57.83 -6.72 -26.93
N LYS A 4441 -59.09 -7.06 -26.66
CA LYS A 4441 -59.42 -7.80 -25.44
C LYS A 4441 -58.71 -9.15 -25.41
N THR A 4442 -58.71 -9.87 -26.54
CA THR A 4442 -58.00 -11.14 -26.61
C THR A 4442 -56.49 -10.95 -26.44
N CYS A 4443 -55.95 -9.89 -27.04
CA CYS A 4443 -54.52 -9.59 -26.89
C CYS A 4443 -54.13 -9.26 -25.45
N VAL A 4444 -54.96 -8.49 -24.74
CA VAL A 4444 -54.68 -8.14 -23.36
C VAL A 4444 -54.72 -9.37 -22.45
N ASP A 4445 -55.74 -10.21 -22.61
CA ASP A 4445 -55.87 -11.43 -21.82
C ASP A 4445 -54.76 -12.43 -22.09
N LEU A 4477 -60.35 -6.92 -13.72
CA LEU A 4477 -60.16 -6.19 -14.96
C LEU A 4477 -60.66 -6.98 -16.16
N VAL A 4478 -60.22 -8.25 -16.23
CA VAL A 4478 -60.61 -9.11 -17.36
C VAL A 4478 -62.13 -9.33 -17.46
N PRO A 4479 -62.87 -9.73 -16.39
CA PRO A 4479 -64.32 -9.91 -16.56
C PRO A 4479 -65.08 -8.65 -16.98
N ASP A 4480 -64.71 -7.48 -16.44
CA ASP A 4480 -65.37 -6.24 -16.83
C ASP A 4480 -65.11 -5.93 -18.31
N ILE A 4481 -63.86 -6.08 -18.76
CA ILE A 4481 -63.52 -5.84 -20.16
C ILE A 4481 -64.29 -6.79 -21.07
N GLN A 4482 -64.34 -8.07 -20.69
CA GLN A 4482 -65.04 -9.07 -21.49
C GLN A 4482 -66.54 -8.76 -21.57
N LYS A 4483 -67.15 -8.40 -20.43
CA LYS A 4483 -68.58 -8.10 -20.41
C LYS A 4483 -68.90 -6.86 -21.24
N THR A 4484 -68.09 -5.80 -21.11
CA THR A 4484 -68.33 -4.60 -21.90
C THR A 4484 -68.10 -4.86 -23.39
N ALA A 4485 -67.09 -5.67 -23.74
CA ALA A 4485 -66.86 -6.04 -25.13
C ALA A 4485 -68.04 -6.80 -25.70
N GLU A 4486 -68.57 -7.75 -24.94
CA GLU A 4486 -69.74 -8.51 -25.39
C GLU A 4486 -70.95 -7.61 -25.56
N ILE A 4487 -71.16 -6.68 -24.62
CA ILE A 4487 -72.29 -5.75 -24.72
C ILE A 4487 -72.16 -4.85 -25.93
N VAL A 4488 -70.94 -4.34 -26.19
CA VAL A 4488 -70.70 -3.47 -27.35
C VAL A 4488 -70.92 -4.25 -28.64
N TYR A 4489 -70.43 -5.49 -28.70
CA TYR A 4489 -70.65 -6.33 -29.87
C TYR A 4489 -72.14 -6.60 -30.09
N ALA A 4490 -72.87 -6.88 -29.01
CA ALA A 4490 -74.30 -7.11 -29.11
C ALA A 4490 -75.03 -5.87 -29.62
N ALA A 4491 -74.66 -4.69 -29.12
CA ALA A 4491 -75.28 -3.44 -29.58
C ALA A 4491 -74.99 -3.18 -31.05
N THR A 4492 -73.74 -3.40 -31.48
CA THR A 4492 -73.38 -3.19 -32.88
C THR A 4492 -74.13 -4.16 -33.80
N THR A 4493 -74.25 -5.43 -33.38
CA THR A 4493 -74.99 -6.40 -34.16
C THR A 4493 -76.48 -6.04 -34.24
N SER A 4494 -77.05 -5.57 -33.12
CA SER A 4494 -78.45 -5.18 -33.11
C SER A 4494 -78.69 -3.99 -34.02
N LEU A 4495 -77.77 -3.02 -34.03
CA LEU A 4495 -77.89 -1.87 -34.92
C LEU A 4495 -77.78 -2.30 -36.38
N ARG A 4496 -76.87 -3.20 -36.69
CA ARG A 4496 -76.67 -3.66 -38.06
C ARG A 4496 -77.78 -4.61 -38.50
N GLU B 54 -19.74 80.05 -76.01
CA GLU B 54 -18.33 80.18 -75.66
C GLU B 54 -18.08 79.89 -74.19
N TRP B 55 -17.23 78.92 -73.91
CA TRP B 55 -16.81 78.65 -72.55
C TRP B 55 -15.70 79.62 -72.15
N LEU B 56 -15.74 80.05 -70.90
CA LEU B 56 -14.81 81.07 -70.40
C LEU B 56 -13.71 80.40 -69.59
N VAL B 57 -12.46 80.71 -69.94
CA VAL B 57 -11.29 80.24 -69.22
C VAL B 57 -10.50 81.45 -68.74
N LEU B 58 -10.14 81.46 -67.47
CA LEU B 58 -9.46 82.59 -66.85
C LEU B 58 -7.99 82.26 -66.67
N ARG B 59 -7.12 83.19 -67.07
CA ARG B 59 -5.69 83.05 -66.87
C ARG B 59 -5.28 83.91 -65.69
N ASP B 60 -4.35 83.40 -64.87
CA ASP B 60 -4.01 84.09 -63.64
C ASP B 60 -2.52 84.16 -63.36
N GLY B 61 -1.66 83.87 -64.33
CA GLY B 61 -0.24 84.03 -64.13
C GLY B 61 0.52 82.80 -64.57
N CYS B 62 1.75 82.70 -64.08
CA CYS B 62 2.63 81.60 -64.43
C CYS B 62 3.67 81.45 -63.32
N MET B 63 4.27 80.26 -63.27
CA MET B 63 5.39 80.01 -62.36
C MET B 63 6.49 79.30 -63.13
N HIS B 64 7.72 79.49 -62.67
CA HIS B 64 8.90 78.91 -63.31
C HIS B 64 9.36 77.68 -62.55
N CYS B 65 9.33 76.53 -63.21
CA CYS B 65 9.73 75.26 -62.59
C CYS B 65 11.21 74.98 -62.84
N ASP B 66 11.60 74.87 -64.10
CA ASP B 66 12.97 74.57 -64.46
C ASP B 66 13.31 75.30 -65.75
N ALA B 67 14.60 75.55 -65.94
CA ALA B 67 15.07 76.24 -67.13
C ALA B 67 15.40 75.31 -68.28
N ASP B 68 15.41 73.99 -68.05
CA ASP B 68 15.73 73.03 -69.09
C ASP B 68 14.52 72.58 -69.89
N GLY B 69 13.31 72.99 -69.51
CA GLY B 69 12.12 72.59 -70.22
C GLY B 69 11.37 71.44 -69.55
N LEU B 70 10.08 71.37 -69.86
CA LEU B 70 9.20 70.35 -69.31
C LEU B 70 8.57 69.57 -70.46
N HIS B 71 8.47 68.26 -70.28
CA HIS B 71 7.91 67.38 -71.31
C HIS B 71 6.65 66.66 -70.83
N SER B 72 6.67 66.05 -69.65
CA SER B 72 5.52 65.34 -69.12
C SER B 72 5.19 65.83 -67.72
N LEU B 73 3.94 65.64 -67.32
CA LEU B 73 3.46 66.10 -66.02
C LEU B 73 2.76 64.96 -65.30
N SER B 74 2.56 65.17 -63.99
CA SER B 74 1.80 64.26 -63.14
C SER B 74 1.41 65.01 -61.88
N TYR B 75 0.16 64.88 -61.48
CA TYR B 75 -0.34 65.51 -60.27
C TYR B 75 -0.70 64.43 -59.27
N HIS B 76 -0.30 64.62 -58.02
CA HIS B 76 -0.64 63.66 -56.98
C HIS B 76 -1.71 64.30 -56.11
N PRO B 77 -2.98 63.88 -56.23
CA PRO B 77 -4.04 64.49 -55.42
C PRO B 77 -3.89 64.30 -53.92
N ALA B 78 -3.24 63.21 -53.49
CA ALA B 78 -3.06 62.97 -52.06
C ALA B 78 -2.19 64.03 -51.40
N LEU B 79 -1.13 64.47 -52.08
CA LEU B 79 -0.18 65.41 -51.51
C LEU B 79 -0.27 66.81 -52.09
N ASN B 80 -1.14 67.02 -53.09
CA ASN B 80 -1.26 68.30 -53.83
C ASN B 80 0.10 68.74 -54.37
N ALA B 81 0.87 67.79 -54.87
CA ALA B 81 2.23 68.03 -55.32
C ALA B 81 2.32 67.87 -56.83
N ILE B 82 2.81 68.91 -57.51
CA ILE B 82 3.02 68.85 -58.94
C ILE B 82 4.36 68.18 -59.20
N LEU B 83 4.32 66.96 -59.71
CA LEU B 83 5.50 66.17 -60.06
C LEU B 83 5.93 66.46 -61.50
N ALA B 84 6.36 67.70 -61.73
CA ALA B 84 6.76 68.10 -63.08
C ALA B 84 7.96 67.29 -63.56
N VAL B 85 7.88 66.76 -64.77
CA VAL B 85 8.94 65.94 -65.34
C VAL B 85 9.63 66.74 -66.45
N THR B 86 10.91 67.01 -66.26
CA THR B 86 11.68 67.70 -67.27
C THR B 86 12.03 66.76 -68.42
N SER B 87 12.41 67.34 -69.55
CA SER B 87 12.78 66.54 -70.71
C SER B 87 14.10 65.80 -70.54
N ARG B 88 14.89 66.16 -69.52
CA ARG B 88 16.14 65.48 -69.23
C ARG B 88 15.98 64.34 -68.23
N GLY B 89 14.77 64.11 -67.74
CA GLY B 89 14.48 63.00 -66.86
C GLY B 89 14.34 63.36 -65.39
N THR B 90 14.80 64.54 -64.98
CA THR B 90 14.68 64.92 -63.58
C THR B 90 13.26 65.34 -63.25
N ILE B 91 12.78 64.92 -62.08
CA ILE B 91 11.44 65.21 -61.61
C ILE B 91 11.50 66.26 -60.51
N LYS B 92 10.85 67.40 -60.75
CA LYS B 92 10.76 68.48 -59.79
C LYS B 92 9.40 68.40 -59.10
N VAL B 93 9.42 68.16 -57.80
CA VAL B 93 8.22 68.13 -56.99
C VAL B 93 8.01 69.51 -56.38
N ILE B 94 6.87 70.12 -56.69
CA ILE B 94 6.54 71.49 -56.26
C ILE B 94 5.24 71.45 -55.47
N ASP B 95 5.24 72.09 -54.30
CA ASP B 95 4.03 72.18 -53.50
C ASP B 95 2.96 73.00 -54.24
N GLY B 96 1.73 72.51 -54.20
CA GLY B 96 0.62 73.14 -54.88
C GLY B 96 -0.17 74.14 -54.07
N THR B 97 0.30 74.50 -52.87
CA THR B 97 -0.42 75.44 -52.02
C THR B 97 0.29 76.77 -51.84
N SER B 98 1.60 76.84 -52.12
CA SER B 98 2.35 78.08 -51.97
C SER B 98 3.25 78.39 -53.16
N GLY B 99 3.48 77.44 -54.06
CA GLY B 99 4.32 77.70 -55.21
C GLY B 99 5.81 77.57 -54.97
N ALA B 100 6.22 76.65 -54.09
CA ALA B 100 7.63 76.43 -53.79
C ALA B 100 7.98 74.99 -54.14
N THR B 101 9.11 74.83 -54.85
CA THR B 101 9.57 73.50 -55.23
C THR B 101 9.98 72.70 -54.01
N LEU B 102 9.32 71.56 -53.79
CA LEU B 102 9.61 70.76 -52.62
C LEU B 102 10.95 70.04 -52.75
N GLN B 103 11.22 69.45 -53.92
CA GLN B 103 12.44 68.67 -54.09
C GLN B 103 12.72 68.47 -55.58
N ALA B 104 13.94 67.99 -55.87
CA ALA B 104 14.36 67.58 -57.20
C ALA B 104 14.97 66.18 -57.12
N SER B 105 14.54 65.28 -58.00
CA SER B 105 15.00 63.90 -57.94
C SER B 105 15.39 63.40 -59.33
N ALA B 106 16.45 62.60 -59.40
CA ALA B 106 16.89 61.99 -60.65
C ALA B 106 16.45 60.53 -60.80
N LEU B 107 15.72 59.98 -59.83
CA LEU B 107 15.09 58.66 -59.83
C LEU B 107 16.09 57.49 -59.91
N SER B 108 17.39 57.76 -59.81
CA SER B 108 18.48 56.78 -59.91
C SER B 108 18.49 56.01 -61.23
N ALA B 109 17.75 56.49 -62.24
CA ALA B 109 17.62 55.86 -63.53
C ALA B 109 18.87 56.09 -64.37
N LYS B 110 18.95 55.37 -65.49
CA LYS B 110 20.10 55.48 -66.37
C LYS B 110 20.12 56.88 -67.00
N PRO B 111 21.30 57.49 -67.13
CA PRO B 111 21.37 58.83 -67.75
C PRO B 111 20.95 58.79 -69.21
N GLY B 112 20.28 59.87 -69.65
CA GLY B 112 19.88 59.97 -71.04
C GLY B 112 18.65 59.18 -71.41
N GLY B 113 18.03 58.49 -70.46
CA GLY B 113 16.87 57.69 -70.78
C GLY B 113 15.62 58.52 -71.00
N GLN B 114 14.69 57.96 -71.77
CA GLN B 114 13.42 58.62 -72.04
C GLN B 114 12.41 58.10 -71.03
N VAL B 115 12.19 58.87 -69.99
CA VAL B 115 11.28 58.51 -68.91
C VAL B 115 9.91 59.09 -69.23
N LYS B 116 8.87 58.41 -68.75
CA LYS B 116 7.48 58.83 -68.92
C LYS B 116 6.80 58.52 -67.59
N CYS B 117 6.32 59.57 -66.94
CA CYS B 117 5.74 59.48 -65.61
C CYS B 117 4.22 59.55 -65.71
N GLN B 118 3.55 58.66 -65.00
CA GLN B 118 2.10 58.61 -64.96
C GLN B 118 1.67 58.40 -63.52
N TYR B 119 0.48 58.87 -63.20
CA TYR B 119 -0.08 58.71 -61.87
C TYR B 119 -1.42 58.00 -61.99
N ILE B 120 -1.68 57.07 -61.07
CA ILE B 120 -2.93 56.34 -61.06
C ILE B 120 -3.55 56.56 -59.68
N SER B 121 -4.65 57.31 -59.63
CA SER B 121 -5.32 57.60 -58.38
C SER B 121 -6.12 56.42 -57.86
N ALA B 122 -6.53 55.51 -58.74
CA ALA B 122 -7.26 54.32 -58.31
C ALA B 122 -6.39 53.43 -57.44
N VAL B 123 -5.11 53.28 -57.80
CA VAL B 123 -4.17 52.54 -56.99
C VAL B 123 -3.25 53.49 -56.22
N ASP B 124 -3.34 54.80 -56.50
CA ASP B 124 -2.54 55.84 -55.86
C ASP B 124 -1.05 55.56 -55.98
N LYS B 125 -0.62 55.22 -57.20
CA LYS B 125 0.76 54.88 -57.44
C LYS B 125 1.27 55.61 -58.67
N VAL B 126 2.54 56.02 -58.61
CA VAL B 126 3.21 56.72 -59.69
C VAL B 126 4.12 55.75 -60.43
N ILE B 127 3.96 55.69 -61.75
CA ILE B 127 4.68 54.76 -62.61
C ILE B 127 5.68 55.57 -63.44
N PHE B 128 6.95 55.20 -63.34
CA PHE B 128 8.04 55.81 -64.11
C PHE B 128 8.54 54.80 -65.12
N VAL B 129 8.56 55.17 -66.39
CA VAL B 129 8.99 54.26 -67.45
C VAL B 129 10.21 54.87 -68.11
N ASP B 130 11.37 54.27 -67.89
CA ASP B 130 12.59 54.69 -68.57
C ASP B 130 12.73 53.82 -69.82
N ASP B 131 13.86 53.90 -70.50
CA ASP B 131 14.11 53.07 -71.68
C ASP B 131 14.46 51.63 -71.31
N TYR B 132 14.73 51.36 -70.04
CA TYR B 132 15.19 50.04 -69.62
C TYR B 132 14.23 49.38 -68.64
N ALA B 133 13.88 50.06 -67.56
CA ALA B 133 13.09 49.47 -66.48
C ALA B 133 11.97 50.40 -66.07
N VAL B 134 10.95 49.82 -65.44
CA VAL B 134 9.77 50.55 -64.98
C VAL B 134 9.74 50.48 -63.46
N GLY B 135 9.58 51.64 -62.82
CA GLY B 135 9.51 51.68 -61.37
C GLY B 135 8.19 52.26 -60.90
N CYS B 136 7.80 51.93 -59.68
CA CYS B 136 6.58 52.43 -59.09
C CYS B 136 6.86 52.98 -57.70
N ARG B 137 6.21 54.10 -57.38
CA ARG B 137 6.45 54.75 -56.10
C ARG B 137 5.13 55.22 -55.51
N LYS B 138 5.11 55.28 -54.18
CA LYS B 138 3.97 55.76 -53.42
C LYS B 138 4.51 56.51 -52.22
N ASP B 139 3.67 57.38 -51.65
CA ASP B 139 4.11 58.22 -50.55
C ASP B 139 4.37 57.41 -49.29
N LEU B 140 5.47 57.75 -48.62
CA LEU B 140 5.79 57.20 -47.31
C LEU B 140 5.93 58.38 -46.35
N ASN B 141 5.08 58.39 -45.33
CA ASN B 141 5.01 59.48 -44.33
C ASN B 141 4.77 60.84 -45.00
N GLY B 142 3.98 60.84 -46.07
CA GLY B 142 3.61 62.06 -46.75
C GLY B 142 4.55 62.52 -47.85
N ILE B 143 5.67 61.83 -48.07
CA ILE B 143 6.64 62.23 -49.08
C ILE B 143 6.89 61.06 -50.01
N LEU B 144 7.21 61.39 -51.26
CA LEU B 144 7.51 60.39 -52.28
C LEU B 144 9.01 60.12 -52.30
N LEU B 145 9.40 58.88 -51.97
CA LEU B 145 10.81 58.48 -51.96
C LEU B 145 11.24 58.22 -53.40
N LEU B 146 11.50 59.31 -54.12
CA LEU B 146 11.84 59.22 -55.53
C LEU B 146 13.34 59.17 -55.83
N ASP B 147 14.20 59.18 -54.81
CA ASP B 147 15.64 59.08 -55.07
C ASP B 147 16.03 57.75 -55.69
N THR B 148 15.38 56.66 -55.27
CA THR B 148 15.62 55.34 -55.84
C THR B 148 14.37 54.79 -56.52
N ALA B 149 13.65 55.66 -57.24
CA ALA B 149 12.40 55.26 -57.88
C ALA B 149 12.64 54.25 -58.99
N LEU B 150 13.67 54.46 -59.82
CA LEU B 150 13.95 53.61 -60.97
C LEU B 150 15.24 52.82 -60.82
N GLN B 151 15.68 52.58 -59.59
CA GLN B 151 16.94 51.86 -59.36
C GLN B 151 16.83 50.40 -59.78
N THR B 152 17.77 49.96 -60.60
CA THR B 152 17.82 48.57 -61.03
C THR B 152 18.29 47.68 -59.88
N PRO B 153 17.62 46.54 -59.66
CA PRO B 153 18.07 45.60 -58.62
C PRO B 153 19.49 45.11 -58.86
N VAL B 154 20.27 45.05 -57.80
CA VAL B 154 21.64 44.57 -57.90
C VAL B 154 21.67 43.05 -57.89
N SER B 155 22.80 42.49 -58.30
CA SER B 155 22.96 41.04 -58.35
C SER B 155 23.94 40.49 -57.32
N LYS B 156 24.78 41.34 -56.73
CA LYS B 156 25.80 40.90 -55.79
C LYS B 156 25.79 41.79 -54.56
N GLN B 157 26.32 41.25 -53.46
CA GLN B 157 26.35 41.99 -52.20
C GLN B 157 27.36 43.14 -52.23
N ASP B 158 28.39 43.05 -53.08
CA ASP B 158 29.38 44.12 -53.12
C ASP B 158 28.93 45.31 -53.99
N ASP B 159 27.89 45.14 -54.79
CA ASP B 159 27.43 46.23 -55.66
C ASP B 159 26.87 47.38 -54.84
N VAL B 160 27.23 48.60 -55.24
CA VAL B 160 26.83 49.79 -54.52
C VAL B 160 25.35 50.08 -54.78
N VAL B 161 24.59 50.28 -53.69
CA VAL B 161 23.18 50.56 -53.75
C VAL B 161 22.96 51.96 -53.17
N GLN B 162 22.14 52.74 -53.87
CA GLN B 162 21.70 54.02 -53.35
C GLN B 162 20.56 53.78 -52.37
N LEU B 163 20.66 54.35 -51.18
CA LEU B 163 19.69 54.14 -50.11
C LEU B 163 19.20 55.51 -49.68
N GLU B 164 17.88 55.70 -49.69
CA GLU B 164 17.27 56.96 -49.30
C GLU B 164 16.57 56.82 -47.96
N LEU B 165 16.73 57.83 -47.11
CA LEU B 165 16.15 57.81 -45.78
C LEU B 165 15.55 59.16 -45.45
N PRO B 166 14.50 59.18 -44.64
CA PRO B 166 13.95 60.46 -44.17
C PRO B 166 14.87 61.10 -43.15
N VAL B 167 14.57 62.36 -42.85
CA VAL B 167 15.41 63.13 -41.94
C VAL B 167 15.32 62.57 -40.52
N THR B 168 14.09 62.28 -40.07
CA THR B 168 13.88 61.81 -38.71
C THR B 168 14.51 60.44 -38.49
N GLU B 169 14.38 59.54 -39.47
CA GLU B 169 15.00 58.22 -39.38
C GLU B 169 16.51 58.33 -39.33
N ALA B 170 17.07 59.23 -40.16
CA ALA B 170 18.51 59.46 -40.17
C ALA B 170 19.00 60.02 -38.84
N GLN B 171 18.23 60.97 -38.26
CA GLN B 171 18.58 61.53 -36.96
C GLN B 171 18.54 60.48 -35.86
N GLN B 172 17.51 59.62 -35.87
CA GLN B 172 17.42 58.57 -34.85
C GLN B 172 18.57 57.59 -34.99
N LEU B 173 18.93 57.22 -36.23
CA LEU B 173 20.06 56.32 -36.44
C LEU B 173 21.37 56.93 -35.97
N LEU B 174 21.60 58.21 -36.29
CA LEU B 174 22.82 58.89 -35.84
C LEU B 174 22.87 59.01 -34.32
N SER B 175 21.75 59.37 -33.70
CA SER B 175 21.70 59.50 -32.24
C SER B 175 21.99 58.16 -31.56
N ALA B 176 21.41 57.08 -32.08
CA ALA B 176 21.68 55.76 -31.52
C ALA B 176 23.14 55.38 -31.70
N CYS B 177 23.69 55.62 -32.90
CA CYS B 177 25.07 55.20 -33.19
C CYS B 177 26.09 56.06 -32.45
N LEU B 178 25.70 57.24 -31.99
CA LEU B 178 26.62 58.12 -31.29
C LEU B 178 26.44 58.08 -29.78
N GLU B 179 25.28 57.65 -29.28
CA GLU B 179 25.01 57.66 -27.84
C GLU B 179 24.75 56.27 -27.27
N LYS B 180 23.89 55.48 -27.91
CA LYS B 180 23.40 54.24 -27.31
C LYS B 180 23.83 52.97 -28.02
N VAL B 181 24.50 53.05 -29.17
CA VAL B 181 24.92 51.88 -29.92
C VAL B 181 26.40 52.03 -30.24
N ASP B 182 27.18 50.99 -29.96
CA ASP B 182 28.62 50.97 -30.22
C ASP B 182 28.93 49.84 -31.22
N ILE B 183 28.89 50.15 -32.50
CA ILE B 183 29.16 49.20 -33.57
C ILE B 183 30.37 49.59 -34.40
N SER B 184 31.38 50.19 -33.76
CA SER B 184 32.58 50.61 -34.46
C SER B 184 33.34 49.47 -35.12
N SER B 185 33.12 48.23 -34.68
CA SER B 185 33.76 47.08 -35.30
C SER B 185 33.10 46.65 -36.60
N THR B 186 31.89 47.15 -36.87
CA THR B 186 31.18 46.77 -38.10
C THR B 186 31.84 47.38 -39.32
N GLU B 187 31.82 46.63 -40.42
CA GLU B 187 32.41 47.09 -41.67
C GLU B 187 31.68 48.32 -42.22
N GLY B 188 32.45 49.29 -42.70
CA GLY B 188 31.87 50.50 -43.26
C GLY B 188 31.17 51.40 -42.28
N TYR B 189 31.38 51.18 -40.97
CA TYR B 189 30.69 51.98 -39.96
C TYR B 189 31.11 53.44 -40.01
N ASP B 190 32.41 53.72 -40.15
CA ASP B 190 32.88 55.10 -40.17
C ASP B 190 32.39 55.82 -41.42
N LEU B 191 32.37 55.12 -42.55
CA LEU B 191 31.85 55.70 -43.79
C LEU B 191 30.38 56.05 -43.66
N PHE B 192 29.59 55.13 -43.07
CA PHE B 192 28.18 55.40 -42.82
C PHE B 192 28.00 56.58 -41.86
N ILE B 193 28.83 56.66 -40.82
CA ILE B 193 28.75 57.77 -39.87
C ILE B 193 29.04 59.09 -40.56
N THR B 194 30.09 59.11 -41.39
CA THR B 194 30.45 60.34 -42.10
C THR B 194 29.35 60.77 -43.07
N GLN B 195 28.82 59.82 -43.85
CA GLN B 195 27.75 60.15 -44.79
C GLN B 195 26.49 60.61 -44.07
N LEU B 196 26.13 59.92 -42.97
CA LEU B 196 24.97 60.30 -42.19
C LEU B 196 25.12 61.67 -41.59
N LYS B 197 26.31 61.96 -41.04
CA LYS B 197 26.58 63.25 -40.43
C LYS B 197 26.54 64.38 -41.46
N ASP B 198 27.16 64.17 -42.62
CA ASP B 198 27.17 65.22 -43.63
C ASP B 198 25.77 65.47 -44.20
N GLY B 199 25.01 64.40 -44.44
CA GLY B 199 23.65 64.56 -44.93
C GLY B 199 22.75 65.26 -43.93
N LEU B 200 22.88 64.91 -42.65
CA LEU B 200 22.07 65.56 -41.61
C LEU B 200 22.47 67.01 -41.44
N LYS B 201 23.77 67.32 -41.49
CA LYS B 201 24.22 68.70 -41.34
C LYS B 201 23.79 69.55 -42.53
N ASN B 202 23.68 68.95 -43.72
CA ASN B 202 23.17 69.70 -44.87
C ASN B 202 21.67 69.89 -44.77
N THR B 203 20.95 68.88 -44.26
CA THR B 203 19.50 68.95 -44.21
C THR B 203 19.02 69.86 -43.09
N SER B 204 19.82 70.02 -42.02
CA SER B 204 19.42 70.86 -40.89
C SER B 204 19.29 72.32 -41.29
N HIS B 205 20.13 72.79 -42.21
CA HIS B 205 20.07 74.18 -42.67
C HIS B 205 18.74 74.47 -43.34
N GLU B 206 18.28 73.54 -44.18
CA GLU B 206 16.97 73.68 -44.83
C GLU B 206 15.84 73.39 -43.86
N THR B 207 16.11 72.62 -42.81
CA THR B 207 15.08 72.31 -41.82
C THR B 207 14.72 73.52 -40.98
N ALA B 208 15.74 74.30 -40.58
CA ALA B 208 15.48 75.48 -39.77
C ALA B 208 14.72 76.55 -40.53
N ALA B 209 14.79 76.56 -41.87
CA ALA B 209 14.12 77.55 -42.68
C ALA B 209 12.67 77.19 -42.99
N ASN B 210 12.46 76.03 -43.61
CA ASN B 210 11.14 75.60 -44.06
C ASN B 210 10.89 74.15 -43.66
N HIS B 211 9.70 73.90 -43.14
CA HIS B 211 9.33 72.57 -42.66
C HIS B 211 9.04 71.59 -43.81
N LYS B 212 8.28 72.02 -44.82
CA LYS B 212 7.87 71.12 -45.90
C LYS B 212 9.05 70.64 -46.74
N VAL B 213 9.99 71.53 -47.06
CA VAL B 213 11.18 71.15 -47.81
C VAL B 213 12.03 70.19 -46.98
N ALA B 214 12.06 70.41 -45.66
CA ALA B 214 12.75 69.51 -44.75
C ALA B 214 12.16 68.11 -44.79
N LYS B 215 10.82 68.02 -44.72
CA LYS B 215 10.16 66.72 -44.78
C LYS B 215 10.41 66.04 -46.12
N TRP B 216 10.38 66.80 -47.21
CA TRP B 216 10.66 66.20 -48.51
C TRP B 216 12.15 65.90 -48.71
N ALA B 217 13.02 66.59 -47.97
CA ALA B 217 14.45 66.32 -48.06
C ALA B 217 14.79 64.93 -47.53
N THR B 218 15.66 64.23 -48.25
CA THR B 218 16.07 62.88 -47.92
C THR B 218 17.58 62.82 -47.85
N VAL B 219 18.09 61.79 -47.19
CA VAL B 219 19.53 61.54 -47.10
C VAL B 219 19.85 60.30 -47.91
N THR B 220 20.76 60.43 -48.87
CA THR B 220 21.13 59.37 -49.80
C THR B 220 22.51 58.82 -49.47
N PHE B 221 22.61 57.50 -49.32
CA PHE B 221 23.86 56.80 -49.08
C PHE B 221 24.13 55.90 -50.27
N HIS B 222 25.22 56.15 -50.98
CA HIS B 222 25.60 55.31 -52.11
C HIS B 222 26.66 54.35 -51.56
N LEU B 223 26.18 53.29 -50.93
CA LEU B 223 27.05 52.41 -50.18
C LEU B 223 26.86 50.97 -50.64
N PRO B 224 27.87 50.11 -50.45
CA PRO B 224 27.72 48.71 -50.88
C PRO B 224 26.62 48.00 -50.10
N HIS B 225 26.01 47.02 -50.77
CA HIS B 225 24.89 46.27 -50.19
C HIS B 225 25.31 45.50 -48.95
N HIS B 226 26.45 44.80 -49.01
CA HIS B 226 26.90 43.99 -47.88
C HIS B 226 27.28 44.85 -46.69
N VAL B 227 27.91 46.00 -46.93
CA VAL B 227 28.30 46.92 -45.86
C VAL B 227 27.07 47.45 -45.14
N LEU B 228 26.08 47.90 -45.92
CA LEU B 228 24.84 48.42 -45.34
C LEU B 228 24.07 47.33 -44.60
N LYS B 229 24.05 46.11 -45.16
CA LYS B 229 23.38 44.99 -44.52
C LYS B 229 24.02 44.65 -43.18
N SER B 230 25.35 44.61 -43.14
CA SER B 230 26.05 44.32 -41.89
C SER B 230 25.84 45.42 -40.86
N ILE B 231 25.84 46.68 -41.30
CA ILE B 231 25.62 47.80 -40.39
C ILE B 231 24.21 47.75 -39.80
N ALA B 232 23.21 47.48 -40.65
CA ALA B 232 21.83 47.38 -40.18
C ALA B 232 21.64 46.21 -39.21
N SER B 233 22.25 45.06 -39.53
CA SER B 233 22.18 43.90 -38.64
C SER B 233 22.83 44.21 -37.29
N ALA B 234 23.98 44.90 -37.32
CA ALA B 234 24.66 45.27 -36.10
C ALA B 234 23.82 46.23 -35.25
N ILE B 235 23.17 47.20 -35.89
CA ILE B 235 22.30 48.13 -35.18
C ILE B 235 21.13 47.38 -34.53
N VAL B 236 20.51 46.47 -35.29
CA VAL B 236 19.37 45.71 -34.79
C VAL B 236 19.78 44.86 -33.59
N ASN B 237 20.92 44.17 -33.70
CA ASN B 237 21.37 43.31 -32.61
C ASN B 237 21.74 44.14 -31.37
N GLU B 238 22.41 45.28 -31.58
CA GLU B 238 22.82 46.13 -30.46
C GLU B 238 21.61 46.74 -29.77
N LEU B 239 20.59 47.15 -30.52
CA LEU B 239 19.39 47.70 -29.90
C LEU B 239 18.57 46.61 -29.23
N LYS B 240 18.66 45.37 -29.72
CA LYS B 240 17.92 44.28 -29.09
C LYS B 240 18.56 43.84 -27.77
N LYS B 241 19.91 43.78 -27.73
CA LYS B 241 20.58 43.32 -26.52
C LYS B 241 20.46 44.32 -25.36
N ILE B 242 20.42 45.62 -25.66
CA ILE B 242 20.30 46.62 -24.60
C ILE B 242 18.86 46.84 -24.16
N ASN B 243 17.89 46.26 -24.87
CA ASN B 243 16.46 46.34 -24.54
C ASN B 243 15.97 47.78 -24.43
N GLN B 244 16.41 48.63 -25.36
CA GLN B 244 15.97 50.01 -25.43
C GLN B 244 15.02 50.15 -26.60
N ASN B 245 13.83 50.69 -26.33
CA ASN B 245 12.81 50.87 -27.35
C ASN B 245 12.92 52.28 -27.91
N VAL B 246 13.82 52.43 -28.88
CA VAL B 246 14.06 53.69 -29.55
C VAL B 246 13.65 53.53 -31.02
N ALA B 247 13.44 54.67 -31.67
CA ALA B 247 12.99 54.68 -33.06
C ALA B 247 14.04 54.20 -34.05
N ALA B 248 15.30 54.03 -33.63
CA ALA B 248 16.33 53.58 -34.56
C ALA B 248 16.18 52.10 -34.90
N LEU B 249 15.66 51.29 -33.98
CA LEU B 249 15.50 49.87 -34.24
C LEU B 249 14.53 49.54 -35.39
N PRO B 250 13.30 50.08 -35.46
CA PRO B 250 12.48 49.80 -36.65
C PRO B 250 13.09 50.34 -37.93
N VAL B 251 13.79 51.47 -37.86
CA VAL B 251 14.45 52.03 -39.04
C VAL B 251 15.54 51.09 -39.54
N ALA B 252 16.36 50.57 -38.62
CA ALA B 252 17.41 49.63 -39.00
C ALA B 252 16.83 48.34 -39.57
N SER B 253 15.75 47.84 -38.97
CA SER B 253 15.10 46.64 -39.47
C SER B 253 14.54 46.87 -40.87
N SER B 254 13.90 48.04 -41.08
CA SER B 254 13.37 48.39 -42.39
C SER B 254 14.48 48.52 -43.42
N VAL B 255 15.62 49.11 -43.01
CA VAL B 255 16.76 49.25 -43.92
C VAL B 255 17.28 47.87 -44.32
N MET B 256 17.42 46.97 -43.35
CA MET B 256 17.94 45.64 -43.65
C MET B 256 17.00 44.85 -44.55
N ASP B 257 15.69 44.97 -44.31
CA ASP B 257 14.72 44.29 -45.17
C ASP B 257 14.69 44.90 -46.56
N ARG B 258 14.82 46.22 -46.66
CA ARG B 258 14.88 46.88 -47.96
C ARG B 258 16.10 46.43 -48.75
N LEU B 259 17.25 46.32 -48.07
CA LEU B 259 18.47 45.85 -48.73
C LEU B 259 18.31 44.40 -49.18
N SER B 260 17.63 43.58 -48.36
CA SER B 260 17.33 42.21 -48.78
C SER B 260 16.44 42.18 -50.01
N TYR B 261 15.44 43.07 -50.06
CA TYR B 261 14.57 43.16 -51.24
C TYR B 261 15.32 43.67 -52.46
N LEU B 262 16.33 44.52 -52.27
CA LEU B 262 17.12 45.03 -53.39
C LEU B 262 17.99 43.96 -54.03
N LEU B 263 18.22 42.85 -53.33
CA LEU B 263 19.06 41.76 -53.83
C LEU B 263 18.22 40.52 -54.00
N PRO B 264 17.83 40.14 -55.22
CA PRO B 264 17.05 38.91 -55.41
C PRO B 264 17.78 37.65 -54.98
N SER B 265 19.12 37.68 -54.93
CA SER B 265 19.88 36.52 -54.50
C SER B 265 19.83 36.30 -52.99
N ALA B 266 19.39 37.31 -52.24
CA ALA B 266 19.35 37.25 -50.78
C ALA B 266 17.93 37.04 -50.26
N ARG B 267 17.12 36.25 -50.94
CA ARG B 267 15.74 35.99 -50.53
C ARG B 267 15.48 34.48 -50.50
N PRO B 268 15.96 33.78 -49.46
CA PRO B 268 15.61 32.36 -49.29
C PRO B 268 14.11 32.13 -49.26
N GLU B 269 13.70 30.95 -49.74
CA GLU B 269 12.28 30.62 -49.85
C GLU B 269 11.64 30.54 -48.46
N LEU B 270 10.36 30.92 -48.40
CA LEU B 270 9.59 30.89 -47.17
C LEU B 270 9.15 29.45 -46.90
N GLY B 271 9.74 28.83 -45.89
CA GLY B 271 9.45 27.45 -45.57
C GLY B 271 8.25 27.29 -44.64
N VAL B 272 7.06 27.50 -45.20
CA VAL B 272 5.82 27.35 -44.45
C VAL B 272 5.36 25.91 -44.63
N GLY B 273 5.57 25.10 -43.60
CA GLY B 273 5.17 23.71 -43.63
C GLY B 273 5.20 23.11 -42.25
N PRO B 274 4.47 22.01 -42.05
CA PRO B 274 4.48 21.35 -40.74
C PRO B 274 5.84 20.78 -40.41
N GLY B 275 6.19 20.83 -39.12
CA GLY B 275 7.45 20.27 -38.67
C GLY B 275 8.69 21.06 -39.05
N ARG B 276 8.54 22.25 -39.63
CA ARG B 276 9.68 23.07 -40.04
C ARG B 276 9.57 24.44 -39.41
N SER B 277 10.61 24.85 -38.69
CA SER B 277 10.65 26.15 -38.08
C SER B 277 10.93 27.24 -39.11
N VAL B 278 10.56 28.47 -38.76
CA VAL B 278 10.80 29.65 -39.58
C VAL B 278 11.80 30.55 -38.85
N ASP B 279 12.71 31.15 -39.62
CA ASP B 279 13.76 32.01 -39.07
C ASP B 279 13.11 33.33 -38.69
N ARG B 280 12.93 33.54 -37.38
CA ARG B 280 12.21 34.72 -36.89
C ARG B 280 12.94 36.01 -37.22
N SER B 281 14.28 35.99 -37.19
CA SER B 281 15.06 37.18 -37.52
C SER B 281 14.81 37.64 -38.95
N LEU B 282 14.73 36.70 -39.89
CA LEU B 282 14.31 37.04 -41.25
C LEU B 282 12.81 37.30 -41.35
N MET B 283 12.02 36.73 -40.44
CA MET B 283 10.57 36.79 -40.46
C MET B 283 10.03 38.16 -40.04
N TYR B 284 10.90 39.06 -39.57
CA TYR B 284 10.50 40.39 -39.11
C TYR B 284 9.73 41.21 -40.15
N SER B 285 9.82 40.86 -41.43
CA SER B 285 9.09 41.56 -42.48
C SER B 285 7.61 41.21 -42.43
N GLU B 286 6.76 42.22 -42.66
CA GLU B 286 5.32 42.01 -42.70
C GLU B 286 4.91 41.19 -43.91
N ALA B 287 5.63 41.35 -45.02
CA ALA B 287 5.36 40.61 -46.24
C ALA B 287 5.51 39.12 -46.01
N ASN B 288 6.53 38.72 -45.24
CA ASN B 288 6.69 37.31 -44.89
C ASN B 288 5.51 36.80 -44.07
N ARG B 289 5.02 37.62 -43.12
CA ARG B 289 3.90 37.23 -42.29
C ARG B 289 2.64 36.98 -43.11
N ARG B 290 2.36 37.85 -44.08
CA ARG B 290 1.20 37.63 -44.92
C ARG B 290 1.42 36.52 -45.94
N GLU B 291 2.68 36.29 -46.33
CA GLU B 291 2.95 35.20 -47.26
C GLU B 291 2.85 33.84 -46.57
N THR B 292 3.10 33.78 -45.25
CA THR B 292 2.98 32.52 -44.53
C THR B 292 1.56 31.95 -44.53
N PHE B 293 0.54 32.76 -44.78
CA PHE B 293 -0.83 32.31 -44.67
C PHE B 293 -1.40 31.78 -45.99
N THR B 294 -0.55 31.21 -46.85
CA THR B 294 -1.03 30.62 -48.10
C THR B 294 -1.94 29.42 -47.83
N SER B 295 -1.57 28.59 -46.85
CA SER B 295 -2.33 27.38 -46.55
C SER B 295 -3.35 27.61 -45.44
N TRP B 296 -3.88 28.81 -45.33
CA TRP B 296 -4.88 29.13 -44.33
C TRP B 296 -6.20 28.46 -44.69
N PRO B 297 -6.76 27.60 -43.82
CA PRO B 297 -8.04 26.96 -44.12
C PRO B 297 -9.25 27.83 -43.84
N HIS B 298 -9.06 29.02 -43.29
CA HIS B 298 -10.17 29.87 -42.89
C HIS B 298 -10.14 31.21 -43.61
N VAL B 299 -9.89 31.18 -44.92
CA VAL B 299 -9.89 32.41 -45.72
C VAL B 299 -11.29 33.02 -45.77
N GLY B 300 -12.34 32.19 -45.75
CA GLY B 300 -13.69 32.71 -45.83
C GLY B 300 -14.21 33.33 -44.55
N TYR B 301 -13.47 33.24 -43.47
CA TYR B 301 -13.84 33.86 -42.21
C TYR B 301 -13.77 35.38 -42.34
N ARG B 302 -14.54 36.07 -41.49
CA ARG B 302 -14.58 37.53 -41.53
C ARG B 302 -13.29 38.13 -40.97
N TRP B 303 -13.00 37.85 -39.70
CA TRP B 303 -11.81 38.41 -39.07
C TRP B 303 -10.59 37.51 -39.19
N ALA B 304 -10.77 36.23 -39.52
CA ALA B 304 -9.62 35.34 -39.68
C ALA B 304 -9.14 35.29 -41.13
N GLN B 305 -8.92 36.43 -41.68
CA GLN B 305 -8.36 36.57 -43.00
C GLN B 305 -6.83 36.69 -42.90
N PRO B 306 -6.09 36.26 -43.93
CA PRO B 306 -4.62 36.24 -43.83
C PRO B 306 -3.98 37.59 -43.54
N ASP B 307 -4.49 38.66 -44.16
CA ASP B 307 -3.84 39.97 -44.03
C ASP B 307 -4.02 40.60 -42.65
N PRO B 308 -5.24 40.76 -42.09
CA PRO B 308 -5.33 41.38 -40.76
C PRO B 308 -4.56 40.65 -39.67
N MET B 309 -4.55 39.32 -39.68
CA MET B 309 -3.77 38.61 -38.66
C MET B 309 -2.29 38.56 -38.98
N ALA B 310 -1.89 38.82 -40.22
CA ALA B 310 -0.49 39.06 -40.44
C ALA B 310 -0.09 40.45 -39.97
N GLN B 311 -1.04 41.39 -40.04
CA GLN B 311 -0.81 42.76 -39.59
C GLN B 311 -0.54 42.79 -38.09
N ALA B 312 -1.19 41.91 -37.33
CA ALA B 312 -0.97 41.82 -35.89
C ALA B 312 0.40 41.23 -35.57
N GLY B 313 1.11 40.70 -36.57
CA GLY B 313 2.43 40.16 -36.38
C GLY B 313 2.44 38.67 -36.12
N PHE B 314 1.68 37.92 -36.92
CA PHE B 314 1.58 36.47 -36.77
C PHE B 314 1.84 35.76 -38.08
N TYR B 315 2.28 34.52 -37.97
CA TYR B 315 2.55 33.69 -39.12
C TYR B 315 1.99 32.29 -38.92
N HIS B 316 1.70 31.64 -40.05
CA HIS B 316 1.13 30.29 -40.08
C HIS B 316 2.26 29.29 -39.93
N GLN B 317 2.27 28.60 -38.80
CA GLN B 317 3.18 27.48 -38.55
C GLN B 317 2.36 26.33 -37.99
N PRO B 318 1.55 25.67 -38.83
CA PRO B 318 0.68 24.63 -38.31
C PRO B 318 1.42 23.31 -38.10
N ALA B 319 1.05 22.61 -37.03
CA ALA B 319 1.62 21.30 -36.77
C ALA B 319 1.17 20.25 -37.78
N SER B 320 0.08 20.49 -38.50
CA SER B 320 -0.39 19.59 -39.54
C SER B 320 -1.11 20.42 -40.60
N SER B 321 -1.19 19.86 -41.81
CA SER B 321 -1.87 20.54 -42.91
C SER B 321 -3.35 20.74 -42.57
N GLY B 322 -3.84 21.95 -42.77
CA GLY B 322 -5.21 22.28 -42.42
C GLY B 322 -5.38 22.80 -41.01
N ASP B 323 -4.33 22.82 -40.21
CA ASP B 323 -4.41 23.39 -38.87
C ASP B 323 -4.24 24.90 -38.93
N ASP B 324 -5.00 25.60 -38.09
CA ASP B 324 -4.99 27.05 -38.02
C ASP B 324 -4.03 27.58 -36.96
N ARG B 325 -2.97 26.83 -36.65
CA ARG B 325 -2.02 27.26 -35.64
C ARG B 325 -1.12 28.38 -36.15
N ALA B 326 -0.94 29.40 -35.33
CA ALA B 326 -0.13 30.55 -35.70
C ALA B 326 0.67 31.02 -34.51
N MET B 327 1.85 31.57 -34.80
CA MET B 327 2.74 32.11 -33.78
C MET B 327 3.20 33.50 -34.16
N CYS B 328 3.39 34.33 -33.14
CA CYS B 328 3.77 35.71 -33.35
C CYS B 328 5.26 35.83 -33.65
N PHE B 329 5.61 36.88 -34.37
CA PHE B 329 6.99 37.13 -34.79
C PHE B 329 7.77 37.89 -33.74
N THR B 330 7.13 38.32 -32.66
CA THR B 330 7.77 39.08 -31.60
C THR B 330 7.74 38.32 -30.27
N CYS B 331 6.59 37.81 -29.86
CA CYS B 331 6.46 37.10 -28.60
C CYS B 331 6.27 35.60 -28.76
N SER B 332 5.88 35.14 -29.95
CA SER B 332 5.70 33.71 -30.27
C SER B 332 4.69 33.01 -29.36
N VAL B 333 3.66 33.74 -28.92
CA VAL B 333 2.51 33.08 -28.31
C VAL B 333 1.82 32.22 -29.37
N CYS B 334 1.44 31.00 -28.99
CA CYS B 334 0.85 30.06 -29.93
C CYS B 334 -0.63 29.92 -29.64
N LEU B 335 -1.43 29.95 -30.71
CA LEU B 335 -2.87 29.82 -30.61
C LEU B 335 -3.40 28.85 -31.66
N VAL B 336 -4.47 28.15 -31.31
CA VAL B 336 -5.12 27.17 -32.19
C VAL B 336 -6.62 27.43 -32.11
N CYS B 337 -7.37 26.68 -32.94
CA CYS B 337 -8.84 26.73 -33.01
C CYS B 337 -9.35 28.17 -33.06
N TRP B 338 -8.98 28.85 -34.14
CA TRP B 338 -9.40 30.23 -34.33
C TRP B 338 -10.86 30.31 -34.74
N GLU B 339 -11.43 31.51 -34.61
CA GLU B 339 -12.84 31.77 -34.86
C GLU B 339 -13.00 32.93 -35.84
N PRO B 340 -14.12 32.96 -36.59
CA PRO B 340 -14.33 34.05 -37.55
C PRO B 340 -14.45 35.42 -36.91
N THR B 341 -14.81 35.50 -35.63
CA THR B 341 -14.95 36.75 -34.91
C THR B 341 -13.69 37.19 -34.18
N ASP B 342 -12.58 36.46 -34.31
CA ASP B 342 -11.36 36.77 -33.57
C ASP B 342 -10.66 37.96 -34.20
N GLU B 343 -10.71 39.12 -33.52
CA GLU B 343 -10.00 40.28 -34.01
C GLU B 343 -8.50 40.11 -33.78
N PRO B 344 -7.67 40.48 -34.77
CA PRO B 344 -6.21 40.30 -34.61
C PRO B 344 -5.62 41.10 -33.45
N TRP B 345 -5.85 42.42 -33.41
CA TRP B 345 -5.31 43.24 -32.33
C TRP B 345 -5.84 42.81 -30.99
N SER B 346 -7.14 42.52 -30.91
CA SER B 346 -7.76 42.15 -29.64
C SER B 346 -7.23 40.80 -29.14
N GLU B 347 -7.11 39.81 -30.04
CA GLU B 347 -6.58 38.51 -29.62
C GLU B 347 -5.11 38.62 -29.22
N HIS B 348 -4.32 39.38 -29.97
CA HIS B 348 -2.91 39.57 -29.63
C HIS B 348 -2.76 40.28 -28.30
N GLU B 349 -3.63 41.24 -28.01
CA GLU B 349 -3.57 41.98 -26.76
C GLU B 349 -4.04 41.13 -25.58
N ARG B 350 -5.08 40.33 -25.81
CA ARG B 350 -5.63 39.50 -24.74
C ARG B 350 -4.69 38.35 -24.39
N HIS B 351 -4.17 37.66 -25.39
CA HIS B 351 -3.26 36.54 -25.16
C HIS B 351 -1.82 36.97 -24.95
N SER B 352 -1.49 38.24 -25.21
CA SER B 352 -0.15 38.74 -25.00
C SER B 352 -0.18 40.25 -24.80
N PRO B 353 -0.64 40.73 -23.64
CA PRO B 353 -0.55 42.18 -23.36
C PRO B 353 0.88 42.68 -23.23
N ASN B 354 1.83 41.78 -22.99
CA ASN B 354 3.23 42.14 -22.85
C ASN B 354 3.98 42.20 -24.17
N CYS B 355 3.30 41.96 -25.28
CA CYS B 355 3.96 42.04 -26.58
C CYS B 355 4.30 43.49 -26.88
N PRO B 356 5.56 43.80 -27.22
CA PRO B 356 5.91 45.16 -27.64
C PRO B 356 5.14 45.61 -28.87
N PHE B 357 4.77 44.67 -29.74
CA PHE B 357 3.90 44.96 -30.86
C PHE B 357 2.54 45.44 -30.37
N VAL B 358 2.00 44.75 -29.36
CA VAL B 358 0.72 45.15 -28.78
C VAL B 358 0.87 46.50 -28.08
N LYS B 359 1.97 46.67 -27.34
CA LYS B 359 2.22 47.90 -26.59
C LYS B 359 2.49 49.11 -27.49
N GLY B 360 2.72 48.90 -28.78
CA GLY B 360 3.08 50.00 -29.65
C GLY B 360 4.55 50.34 -29.62
N GLU B 361 5.35 49.60 -28.86
CA GLU B 361 6.77 49.84 -28.73
C GLU B 361 7.49 49.50 -30.02
N HIS B 362 8.68 50.08 -30.17
CA HIS B 362 9.46 49.92 -31.39
C HIS B 362 10.03 48.51 -31.43
N THR B 363 9.56 47.72 -32.40
CA THR B 363 10.08 46.39 -32.62
C THR B 363 10.81 46.37 -33.96
N GLN B 364 11.23 45.18 -34.37
CA GLN B 364 11.89 44.97 -35.64
C GLN B 364 10.92 44.81 -36.80
N ASN B 365 9.67 45.23 -36.64
CA ASN B 365 8.67 45.11 -37.68
C ASN B 365 9.03 45.96 -38.89
N VAL B 366 8.85 45.39 -40.07
CA VAL B 366 9.09 46.10 -41.33
C VAL B 366 7.77 46.17 -42.09
N PRO B 367 7.10 47.33 -42.07
CA PRO B 367 5.84 47.46 -42.78
C PRO B 367 6.02 47.32 -44.29
N LEU B 368 4.94 46.88 -44.95
CA LEU B 368 4.98 46.71 -46.40
C LEU B 368 5.19 48.02 -47.14
N SER B 369 4.73 49.15 -46.55
CA SER B 369 4.87 50.45 -47.20
C SER B 369 6.33 50.84 -47.39
N VAL B 370 7.20 50.41 -46.47
CA VAL B 370 8.64 50.70 -46.59
C VAL B 370 9.21 50.00 -47.81
N THR B 371 8.86 48.72 -48.00
CA THR B 371 9.31 47.98 -49.17
C THR B 371 8.72 48.55 -50.46
N LEU B 372 7.44 48.94 -50.43
CA LEU B 372 6.79 49.51 -51.60
C LEU B 372 7.43 50.83 -52.03
N ALA B 373 7.74 51.69 -51.05
CA ALA B 373 8.38 52.97 -51.34
C ALA B 373 9.86 52.84 -51.69
N THR B 374 10.45 51.65 -51.49
CA THR B 374 11.85 51.41 -51.83
C THR B 374 12.00 50.22 -52.77
N SER B 375 10.95 49.89 -53.53
CA SER B 375 10.99 48.74 -54.42
C SER B 375 11.90 48.97 -55.62
N PRO B 376 12.89 48.12 -55.84
CA PRO B 376 13.77 48.26 -57.03
C PRO B 376 13.02 47.91 -58.29
N ALA B 377 12.89 48.90 -59.19
CA ALA B 377 12.24 48.83 -60.50
C ALA B 377 12.40 47.48 -61.21
N GLN B 378 11.28 46.82 -61.48
CA GLN B 378 11.28 45.53 -62.17
C GLN B 378 11.36 45.72 -63.68
N PHE B 379 12.27 44.99 -64.31
CA PHE B 379 12.38 45.04 -65.76
C PHE B 379 11.16 44.39 -66.40
N PRO B 380 10.69 44.89 -67.53
CA PRO B 380 9.59 44.20 -68.25
C PRO B 380 9.96 42.81 -68.73
N CYS B 381 11.23 42.54 -68.97
CA CYS B 381 11.70 41.24 -69.44
C CYS B 381 12.81 40.75 -68.52
N THR B 382 12.99 39.43 -68.49
CA THR B 382 14.01 38.84 -67.64
C THR B 382 15.41 39.28 -68.04
N ASP B 383 15.68 39.38 -69.35
CA ASP B 383 17.00 39.83 -69.80
C ASP B 383 17.26 41.28 -69.40
N GLY B 384 16.23 42.11 -69.40
CA GLY B 384 16.37 43.52 -69.08
C GLY B 384 17.12 44.35 -70.11
N THR B 385 16.89 44.10 -71.39
CA THR B 385 17.55 44.83 -72.47
C THR B 385 16.58 45.46 -73.46
N ASP B 386 15.42 44.87 -73.67
CA ASP B 386 14.46 45.38 -74.64
C ASP B 386 13.85 46.69 -74.16
N ARG B 387 13.76 47.67 -75.04
CA ARG B 387 13.19 48.96 -74.70
C ARG B 387 11.68 48.88 -74.66
N ILE B 388 11.09 49.70 -73.79
CA ILE B 388 9.65 49.72 -73.57
C ILE B 388 9.01 50.68 -74.57
N SER B 389 8.17 50.14 -75.45
CA SER B 389 7.52 50.97 -76.45
C SER B 389 6.40 51.81 -75.86
N CYS B 390 5.57 51.22 -74.99
CA CYS B 390 4.41 51.92 -74.46
C CYS B 390 3.98 51.25 -73.16
N PHE B 391 3.10 51.94 -72.43
CA PHE B 391 2.56 51.45 -71.16
C PHE B 391 1.25 52.20 -70.90
N GLY B 392 0.66 51.93 -69.73
CA GLY B 392 -0.53 52.62 -69.31
C GLY B 392 -1.49 51.68 -68.62
N SER B 393 -2.73 52.14 -68.47
CA SER B 393 -3.79 51.38 -67.83
C SER B 393 -5.13 51.93 -68.30
N GLY B 394 -6.18 51.15 -68.06
CA GLY B 394 -7.53 51.51 -68.48
C GLY B 394 -8.48 51.45 -67.30
N SER B 395 -9.66 50.87 -67.54
CA SER B 395 -10.69 50.76 -66.51
C SER B 395 -10.33 49.80 -65.39
N CYS B 396 -9.29 48.98 -65.55
CA CYS B 396 -8.80 48.08 -64.51
C CYS B 396 -7.32 48.35 -64.29
N PRO B 397 -6.99 49.46 -63.60
CA PRO B 397 -5.58 49.82 -63.41
C PRO B 397 -4.88 49.04 -62.31
N HIS B 398 -5.52 48.00 -61.75
CA HIS B 398 -4.86 47.15 -60.76
C HIS B 398 -3.65 46.44 -61.33
N PHE B 399 -3.62 46.25 -62.64
CA PHE B 399 -2.50 45.64 -63.34
C PHE B 399 -1.84 46.68 -64.23
N LEU B 400 -0.52 46.65 -64.31
CA LEU B 400 0.23 47.59 -65.15
C LEU B 400 0.91 46.82 -66.27
N ALA B 401 0.76 47.27 -67.50
CA ALA B 401 1.28 46.55 -68.65
C ALA B 401 2.43 47.31 -69.28
N ALA B 402 3.48 46.58 -69.65
CA ALA B 402 4.64 47.16 -70.32
C ALA B 402 5.01 46.26 -71.49
N ALA B 403 4.98 46.82 -72.69
CA ALA B 403 5.26 46.11 -73.93
C ALA B 403 6.61 46.54 -74.48
N THR B 404 7.35 45.58 -75.03
CA THR B 404 8.64 45.86 -75.65
C THR B 404 8.48 45.94 -77.16
N LYS B 405 9.57 46.33 -77.83
CA LYS B 405 9.55 46.44 -79.28
C LYS B 405 9.61 45.08 -79.97
N ARG B 406 10.00 44.03 -79.25
CA ARG B 406 10.07 42.69 -79.82
C ARG B 406 8.79 41.89 -79.62
N GLY B 407 7.75 42.48 -79.04
CA GLY B 407 6.48 41.80 -78.85
C GLY B 407 6.25 41.20 -77.48
N LYS B 408 7.23 41.27 -76.58
CA LYS B 408 7.08 40.71 -75.24
C LYS B 408 6.37 41.72 -74.34
N ILE B 409 5.27 41.30 -73.73
CA ILE B 409 4.47 42.16 -72.85
C ILE B 409 4.41 41.51 -71.48
N CYS B 410 4.69 42.31 -70.45
CA CYS B 410 4.58 41.88 -69.07
C CYS B 410 3.56 42.76 -68.36
N ILE B 411 2.59 42.13 -67.71
CA ILE B 411 1.58 42.80 -66.91
C ILE B 411 1.83 42.44 -65.46
N TRP B 412 1.97 43.46 -64.62
CA TRP B 412 2.26 43.31 -63.20
C TRP B 412 0.99 43.52 -62.39
N ASP B 413 0.99 42.95 -61.19
CA ASP B 413 -0.06 43.19 -60.20
C ASP B 413 0.38 44.29 -59.24
N VAL B 414 0.43 45.51 -59.79
CA VAL B 414 0.98 46.64 -59.05
C VAL B 414 0.07 47.08 -57.91
N SER B 415 -1.20 46.69 -57.93
CA SER B 415 -2.08 46.94 -56.79
C SER B 415 -1.62 46.17 -55.56
N LYS B 416 -1.24 44.91 -55.74
CA LYS B 416 -0.70 44.09 -54.67
C LYS B 416 0.82 44.29 -54.60
N LEU B 417 1.49 43.41 -53.87
CA LEU B 417 2.96 43.36 -53.86
C LEU B 417 3.53 43.15 -55.26
N MET B 418 4.66 43.79 -55.52
CA MET B 418 5.29 43.76 -56.84
C MET B 418 5.66 42.35 -57.27
N LYS B 419 4.97 41.86 -58.28
CA LYS B 419 5.10 40.48 -58.74
C LYS B 419 4.77 40.45 -60.22
N VAL B 420 5.21 39.39 -60.87
CA VAL B 420 4.90 39.18 -62.27
C VAL B 420 3.58 38.44 -62.34
N HIS B 421 2.61 39.02 -63.03
CA HIS B 421 1.28 38.43 -63.14
C HIS B 421 1.09 37.75 -64.49
N LEU B 422 1.40 38.45 -65.57
CA LEU B 422 1.36 37.88 -66.91
C LEU B 422 2.66 38.22 -67.61
N LYS B 423 3.30 37.23 -68.22
CA LYS B 423 4.46 37.47 -69.06
C LYS B 423 4.27 36.65 -70.32
N PHE B 424 4.22 37.31 -71.46
CA PHE B 424 3.92 36.60 -72.69
C PHE B 424 4.49 37.37 -73.86
N GLU B 425 4.26 36.83 -75.05
CA GLU B 425 4.66 37.47 -76.29
C GLU B 425 3.49 37.39 -77.25
N ILE B 426 3.29 38.47 -78.01
CA ILE B 426 2.22 38.48 -78.99
C ILE B 426 2.76 37.84 -80.26
N ASN B 427 2.02 36.87 -80.80
CA ASN B 427 2.39 36.21 -82.04
C ASN B 427 1.65 36.89 -83.17
N ALA B 428 2.39 37.38 -84.16
CA ALA B 428 1.80 38.10 -85.28
C ALA B 428 1.17 37.17 -86.32
N TYR B 429 1.38 35.86 -86.20
CA TYR B 429 0.77 34.91 -87.13
C TYR B 429 -0.54 34.35 -86.61
N ASP B 430 -1.25 35.10 -85.77
CA ASP B 430 -2.52 34.66 -85.21
C ASP B 430 -3.55 34.57 -86.33
N PRO B 431 -4.37 33.52 -86.38
CA PRO B 431 -5.43 33.44 -87.43
C PRO B 431 -6.39 34.62 -87.45
N ALA B 432 -6.77 35.17 -86.30
CA ALA B 432 -7.60 36.37 -86.27
C ALA B 432 -6.88 37.55 -86.92
N ILE B 433 -5.62 37.77 -86.55
CA ILE B 433 -4.84 38.84 -87.16
C ILE B 433 -4.61 38.57 -88.65
N VAL B 434 -4.41 37.30 -89.02
CA VAL B 434 -4.20 36.93 -90.42
C VAL B 434 -5.44 37.25 -91.25
N GLN B 435 -6.63 36.90 -90.76
CA GLN B 435 -7.83 37.18 -91.53
C GLN B 435 -8.15 38.68 -91.55
N GLN B 436 -7.82 39.40 -90.47
CA GLN B 436 -7.99 40.85 -90.49
C GLN B 436 -7.10 41.50 -91.54
N LEU B 437 -5.84 41.05 -91.64
CA LEU B 437 -4.94 41.58 -92.67
C LEU B 437 -5.38 41.14 -94.07
N ILE B 438 -5.93 39.93 -94.21
CA ILE B 438 -6.43 39.46 -95.50
C ILE B 438 -7.59 40.33 -95.97
N LEU B 439 -8.51 40.67 -95.06
CA LEU B 439 -9.64 41.53 -95.40
C LEU B 439 -9.21 42.96 -95.74
N SER B 440 -7.99 43.36 -95.39
CA SER B 440 -7.50 44.68 -95.74
C SER B 440 -7.17 44.81 -97.22
N GLY B 441 -6.96 43.70 -97.92
CA GLY B 441 -6.65 43.75 -99.33
C GLY B 441 -7.18 42.56 -100.10
N ALA B 500 4.47 33.53 -99.47
CA ALA B 500 4.92 33.84 -98.11
C ALA B 500 4.45 35.23 -97.68
N MET B 501 4.00 35.33 -96.42
CA MET B 501 3.50 36.57 -95.86
C MET B 501 4.39 36.99 -94.69
N GLU B 502 4.83 38.24 -94.72
CA GLU B 502 5.68 38.81 -93.67
C GLU B 502 4.85 39.83 -92.89
N VAL B 503 4.71 39.61 -91.59
CA VAL B 503 3.91 40.46 -90.72
C VAL B 503 4.75 40.86 -89.51
N SER B 504 4.75 42.15 -89.20
CA SER B 504 5.45 42.67 -88.02
C SER B 504 4.48 43.55 -87.24
N LEU B 505 4.56 43.50 -85.92
CA LEU B 505 3.64 44.25 -85.07
C LEU B 505 4.41 45.05 -84.04
N ASP B 506 3.93 46.27 -83.78
CA ASP B 506 4.54 47.14 -82.77
C ASP B 506 3.44 47.77 -81.94
N ILE B 507 3.53 47.60 -80.63
CA ILE B 507 2.51 48.11 -79.72
C ILE B 507 2.81 49.58 -79.41
N THR B 508 1.82 50.45 -79.64
CA THR B 508 1.97 51.87 -79.39
C THR B 508 1.13 52.39 -78.24
N ALA B 509 0.13 51.63 -77.79
CA ALA B 509 -0.71 52.04 -76.68
C ALA B 509 -1.23 50.81 -75.95
N LEU B 510 -1.36 50.92 -74.63
CA LEU B 510 -1.79 49.83 -73.78
C LEU B 510 -2.97 50.26 -72.92
N SER B 511 -3.88 49.33 -72.66
CA SER B 511 -5.05 49.60 -71.83
C SER B 511 -5.62 48.29 -71.33
N ILE B 512 -6.07 48.28 -70.08
CA ILE B 512 -6.70 47.10 -69.48
C ILE B 512 -8.15 47.46 -69.15
N LEU B 513 -9.09 46.71 -69.74
CA LEU B 513 -10.51 47.00 -69.61
C LEU B 513 -11.21 45.93 -68.78
N GLN B 514 -12.17 46.37 -67.97
CA GLN B 514 -12.97 45.47 -67.15
C GLN B 514 -14.35 46.08 -66.96
N GLN B 515 -15.30 45.24 -66.58
CA GLN B 515 -16.67 45.69 -66.36
C GLN B 515 -16.80 46.37 -65.00
N PRO B 563 -17.18 38.61 -65.51
CA PRO B 563 -16.48 39.69 -66.22
C PRO B 563 -14.98 39.69 -65.96
N PHE B 564 -14.27 38.77 -66.62
CA PHE B 564 -12.82 38.68 -66.46
C PHE B 564 -12.15 39.92 -67.05
N PRO B 565 -11.07 40.40 -66.43
CA PRO B 565 -10.34 41.55 -66.99
C PRO B 565 -9.69 41.21 -68.32
N CYS B 566 -9.62 42.21 -69.19
CA CYS B 566 -9.04 42.05 -70.52
C CYS B 566 -8.05 43.17 -70.80
N LEU B 567 -7.01 42.85 -71.56
CA LEU B 567 -5.98 43.79 -71.96
C LEU B 567 -6.26 44.25 -73.39
N LEU B 568 -6.43 45.56 -73.58
CA LEU B 568 -6.65 46.13 -74.90
C LEU B 568 -5.39 46.88 -75.30
N ALA B 569 -4.65 46.34 -76.27
CA ALA B 569 -3.41 46.92 -76.74
C ALA B 569 -3.60 47.50 -78.13
N GLY B 570 -3.18 48.74 -78.31
CA GLY B 570 -3.22 49.38 -79.61
C GLY B 570 -1.97 49.06 -80.40
N GLY B 571 -2.07 48.15 -81.38
CA GLY B 571 -0.91 47.69 -82.12
C GLY B 571 -0.97 48.15 -83.56
N LEU B 572 0.21 48.28 -84.16
CA LEU B 572 0.35 48.67 -85.56
C LEU B 572 0.99 47.53 -86.31
N LEU B 573 0.29 47.01 -87.32
CA LEU B 573 0.74 45.91 -88.15
C LEU B 573 1.36 46.46 -89.42
N THR B 574 2.56 45.98 -89.75
CA THR B 574 3.27 46.35 -90.95
C THR B 574 3.43 45.09 -91.78
N TYR B 575 2.97 45.13 -93.03
CA TYR B 575 3.01 43.94 -93.88
C TYR B 575 3.27 44.31 -95.33
N LYS B 576 3.87 43.37 -96.05
CA LYS B 576 4.18 43.52 -97.46
C LYS B 576 2.99 43.02 -98.27
N SER B 577 2.46 43.87 -99.16
CA SER B 577 1.31 43.47 -99.95
C SER B 577 1.58 43.76 -101.42
N PRO B 578 1.04 42.94 -102.33
CA PRO B 578 1.21 43.20 -103.76
C PRO B 578 0.52 44.50 -104.18
N ALA B 579 1.12 45.16 -105.17
CA ALA B 579 0.61 46.44 -105.66
C ALA B 579 -0.48 46.16 -106.70
N THR B 580 -1.67 46.70 -106.47
CA THR B 580 -2.79 46.52 -107.38
C THR B 580 -3.39 47.87 -107.78
N PRO B 621 6.59 44.82 -107.40
CA PRO B 621 7.27 44.98 -106.10
C PRO B 621 6.29 45.13 -104.94
N LEU B 622 6.62 44.51 -103.80
CA LEU B 622 5.78 44.60 -102.61
C LEU B 622 5.77 46.01 -102.05
N VAL B 623 4.59 46.46 -101.63
CA VAL B 623 4.41 47.77 -101.02
C VAL B 623 4.10 47.58 -99.54
N ARG B 624 4.77 48.34 -98.69
CA ARG B 624 4.62 48.25 -97.25
C ARG B 624 3.37 48.96 -96.78
N ARG B 625 2.44 48.22 -96.20
CA ARG B 625 1.18 48.76 -95.69
C ARG B 625 1.13 48.66 -94.17
N THR B 626 0.71 49.76 -93.54
CA THR B 626 0.56 49.86 -92.09
C THR B 626 -0.92 49.96 -91.73
N LEU B 627 -1.33 49.15 -90.75
CA LEU B 627 -2.71 49.11 -90.28
C LEU B 627 -2.77 49.05 -88.76
N PRO B 628 -3.41 50.01 -88.09
CA PRO B 628 -3.55 49.91 -86.63
C PRO B 628 -4.82 49.16 -86.24
N VAL B 629 -4.66 48.26 -85.28
CA VAL B 629 -5.77 47.45 -84.77
C VAL B 629 -5.72 47.44 -83.25
N LEU B 630 -6.85 47.11 -82.65
CA LEU B 630 -6.96 46.93 -81.21
C LEU B 630 -7.01 45.44 -80.91
N LEU B 631 -6.10 44.96 -80.06
CA LEU B 631 -6.04 43.55 -79.71
C LEU B 631 -6.47 43.39 -78.26
N LEU B 632 -7.50 42.60 -78.03
CA LEU B 632 -8.08 42.36 -76.72
C LEU B 632 -7.76 40.93 -76.31
N TYR B 633 -7.02 40.79 -75.22
CA TYR B 633 -6.53 39.52 -74.71
C TYR B 633 -7.13 39.25 -73.33
N SER B 634 -7.26 37.98 -73.00
CA SER B 634 -7.69 37.60 -71.66
C SER B 634 -6.55 37.78 -70.67
N ILE B 635 -6.91 38.08 -69.42
CA ILE B 635 -5.96 38.37 -68.36
C ILE B 635 -6.07 37.36 -67.23
N LYS B 636 -7.28 37.20 -66.67
CA LYS B 636 -7.49 36.33 -65.52
C LYS B 636 -7.26 34.88 -65.91
N GLU B 637 -6.46 34.17 -65.13
CA GLU B 637 -6.18 32.77 -65.41
C GLU B 637 -7.40 31.92 -65.06
N SER B 638 -7.46 30.75 -65.69
CA SER B 638 -8.57 29.83 -65.48
C SER B 638 -8.58 29.31 -64.05
N ASP B 639 -9.78 29.18 -63.48
CA ASP B 639 -9.95 28.73 -62.12
C ASP B 639 -9.94 27.20 -62.03
N VAL B 709 -15.34 27.29 -72.38
CA VAL B 709 -14.01 27.27 -72.98
C VAL B 709 -13.44 28.68 -72.91
N PHE B 710 -13.02 29.09 -71.72
CA PHE B 710 -12.45 30.41 -71.55
C PHE B 710 -11.06 30.47 -72.18
N PRO B 711 -10.75 31.50 -72.97
CA PRO B 711 -9.43 31.61 -73.60
C PRO B 711 -8.30 31.73 -72.57
N LYS B 712 -7.17 31.12 -72.90
CA LYS B 712 -6.01 31.16 -72.03
C LYS B 712 -5.37 32.54 -72.06
N PRO B 713 -4.66 32.93 -71.00
CA PRO B 713 -3.91 34.20 -71.04
C PRO B 713 -2.86 34.19 -72.13
N GLY B 714 -2.66 35.36 -72.74
CA GLY B 714 -1.78 35.49 -73.87
C GLY B 714 -2.38 35.09 -75.20
N THR B 715 -3.63 34.65 -75.21
CA THR B 715 -4.33 34.28 -76.43
C THR B 715 -5.37 35.36 -76.72
N LEU B 716 -5.47 35.74 -78.00
CA LEU B 716 -6.35 36.82 -78.41
C LEU B 716 -7.82 36.45 -78.20
N VAL B 717 -8.58 37.41 -77.67
CA VAL B 717 -10.01 37.25 -77.48
C VAL B 717 -10.78 37.99 -78.56
N GLN B 718 -10.39 39.23 -78.85
CA GLN B 718 -11.05 40.02 -79.89
C GLN B 718 -10.02 40.83 -80.65
N CYS B 719 -10.18 40.94 -81.96
CA CYS B 719 -9.27 41.73 -82.78
C CYS B 719 -10.07 42.82 -83.48
N LEU B 720 -10.28 43.94 -82.80
CA LEU B 720 -11.01 45.04 -83.40
C LEU B 720 -10.17 45.70 -84.48
N ARG B 721 -10.82 46.08 -85.57
CA ARG B 721 -10.18 46.73 -86.70
C ARG B 721 -10.62 48.18 -86.76
N LEU B 722 -9.66 49.10 -86.75
CA LEU B 722 -9.98 50.51 -86.87
C LEU B 722 -10.50 50.80 -88.28
N PRO B 723 -11.34 51.85 -88.43
CA PRO B 723 -11.91 52.17 -89.75
C PRO B 723 -10.88 52.55 -90.83
N LYS B 724 -11.38 52.79 -92.04
CA LYS B 724 -10.51 52.87 -93.22
C LYS B 724 -9.55 54.05 -93.19
N PHE B 725 -9.94 55.16 -92.54
CA PHE B 725 -9.06 56.33 -92.53
C PHE B 725 -7.80 56.10 -91.73
N ALA B 726 -7.79 55.11 -90.83
CA ALA B 726 -6.58 54.79 -90.09
C ALA B 726 -5.54 54.12 -90.97
N GLU B 727 -5.95 53.17 -91.80
CA GLU B 727 -5.01 52.51 -92.70
C GLU B 727 -4.68 53.36 -93.91
N GLU B 728 -5.65 54.15 -94.40
CA GLU B 728 -5.43 54.97 -95.59
C GLU B 728 -4.38 56.04 -95.37
N GLU B 729 -4.39 56.67 -94.19
CA GLU B 729 -3.45 57.72 -93.86
C GLU B 729 -2.24 57.21 -93.10
N ASN B 730 -2.13 55.89 -92.94
CA ASN B 730 -1.03 55.22 -92.21
C ASN B 730 -0.91 55.74 -90.77
N LEU B 731 -2.04 55.93 -90.12
CA LEU B 731 -2.07 56.39 -88.74
C LEU B 731 -1.64 55.29 -87.78
N CYS B 732 -1.21 55.71 -86.59
CA CYS B 732 -0.85 54.82 -85.51
C CYS B 732 -1.62 55.24 -84.27
N ILE B 733 -1.98 54.24 -83.46
CA ILE B 733 -2.81 54.48 -82.28
C ILE B 733 -1.99 55.27 -81.26
N ASP B 734 -2.40 56.51 -81.02
CA ASP B 734 -1.68 57.37 -80.08
C ASP B 734 -2.07 57.07 -78.64
N SER B 735 -3.35 57.23 -78.30
CA SER B 735 -3.77 57.05 -76.92
C SER B 735 -5.10 56.30 -76.83
N ILE B 736 -5.26 55.53 -75.75
CA ILE B 736 -6.50 54.85 -75.42
C ILE B 736 -6.94 55.37 -74.05
N THR B 737 -8.16 55.91 -73.98
CA THR B 737 -8.66 56.48 -72.72
C THR B 737 -10.13 56.16 -72.50
N PRO B 738 -10.47 55.40 -71.46
CA PRO B 738 -11.89 55.16 -71.18
C PRO B 738 -12.57 56.46 -70.78
N CYS B 739 -13.85 56.56 -71.14
CA CYS B 739 -14.64 57.71 -70.78
C CYS B 739 -15.09 57.63 -69.33
N ALA B 740 -15.43 58.79 -68.76
CA ALA B 740 -15.89 58.85 -67.38
C ALA B 740 -17.24 58.16 -67.18
N ASP B 741 -18.01 57.96 -68.25
CA ASP B 741 -19.28 57.25 -68.13
C ASP B 741 -19.09 55.78 -67.80
N GLY B 742 -18.01 55.17 -68.33
CA GLY B 742 -17.77 53.76 -68.17
C GLY B 742 -18.40 52.88 -69.24
N ILE B 743 -19.17 53.46 -70.14
CA ILE B 743 -19.79 52.71 -71.23
C ILE B 743 -19.17 53.04 -72.59
N HIS B 744 -18.41 54.13 -72.70
CA HIS B 744 -17.79 54.55 -73.94
C HIS B 744 -16.27 54.59 -73.79
N LEU B 745 -15.57 54.39 -74.90
CA LEU B 745 -14.12 54.42 -74.94
C LEU B 745 -13.67 55.42 -75.99
N LEU B 746 -12.62 56.19 -75.68
CA LEU B 746 -12.09 57.18 -76.61
C LEU B 746 -10.71 56.74 -77.08
N VAL B 747 -10.49 56.78 -78.38
CA VAL B 747 -9.21 56.43 -78.97
C VAL B 747 -8.73 57.63 -79.78
N GLY B 748 -7.52 58.09 -79.46
CA GLY B 748 -6.90 59.19 -80.19
C GLY B 748 -5.85 58.62 -81.13
N LEU B 749 -5.92 59.05 -82.39
CA LEU B 749 -5.04 58.61 -83.45
C LEU B 749 -4.21 59.77 -83.95
N ARG B 750 -3.04 59.44 -84.51
CA ARG B 750 -2.09 60.45 -84.98
C ARG B 750 -1.34 59.89 -86.18
N THR B 751 -0.75 60.80 -86.95
CA THR B 751 0.03 60.42 -88.11
C THR B 751 1.34 59.77 -87.68
N CYS B 752 1.53 58.51 -88.06
CA CYS B 752 2.73 57.79 -87.68
C CYS B 752 3.94 58.34 -88.42
N PRO B 753 5.02 58.70 -87.73
CA PRO B 753 6.21 59.21 -88.42
C PRO B 753 6.84 58.17 -89.33
N VAL B 754 7.47 58.65 -90.40
CA VAL B 754 8.02 57.79 -91.44
C VAL B 754 9.51 57.59 -91.18
N GLU B 755 9.94 56.34 -91.15
CA GLU B 755 11.34 55.99 -90.95
C GLU B 755 12.17 56.31 -92.19
N ARG B 818 -0.53 65.39 -99.98
CA ARG B 818 -1.47 64.81 -99.03
C ARG B 818 -1.87 65.80 -97.94
N ASN B 819 -3.00 65.52 -97.31
CA ASN B 819 -3.52 66.34 -96.22
C ASN B 819 -3.23 65.63 -94.90
N VAL B 820 -2.24 66.13 -94.17
CA VAL B 820 -1.84 65.52 -92.90
C VAL B 820 -2.83 65.98 -91.84
N SER B 821 -3.63 65.03 -91.34
CA SER B 821 -4.60 65.31 -90.30
C SER B 821 -3.91 65.48 -88.94
N GLY B 822 -4.61 66.12 -88.03
CA GLY B 822 -4.15 66.32 -86.67
C GLY B 822 -4.47 65.15 -85.75
N GLY B 823 -4.98 64.07 -86.30
CA GLY B 823 -5.36 62.90 -85.52
C GLY B 823 -6.84 62.65 -85.64
N TYR B 824 -7.28 61.58 -85.01
CA TYR B 824 -8.69 61.21 -85.04
C TYR B 824 -9.17 60.89 -83.64
N LEU B 825 -10.43 61.20 -83.36
CA LEU B 825 -11.05 60.88 -82.08
C LEU B 825 -12.20 59.92 -82.33
N VAL B 826 -12.05 58.67 -81.89
CA VAL B 826 -13.02 57.61 -82.15
C VAL B 826 -13.64 57.19 -80.81
N LEU B 827 -14.95 57.33 -80.70
CA LEU B 827 -15.72 56.92 -79.53
C LEU B 827 -16.35 55.57 -79.82
N TYR B 828 -15.75 54.52 -79.27
CA TYR B 828 -16.20 53.14 -79.35
C TYR B 828 -17.08 52.79 -78.15
N LYS B 829 -17.64 51.58 -78.18
CA LYS B 829 -18.51 51.06 -77.13
C LYS B 829 -18.02 49.70 -76.65
N MET B 830 -17.85 49.54 -75.34
CA MET B 830 -17.52 48.23 -74.78
C MET B 830 -18.69 47.28 -74.89
N ASN B 831 -18.40 46.04 -75.28
CA ASN B 831 -19.40 45.00 -75.50
C ASN B 831 -19.33 44.02 -74.34
N TYR B 832 -20.39 43.99 -73.52
CA TYR B 832 -20.48 43.10 -72.36
C TYR B 832 -21.45 41.94 -72.60
N ALA B 833 -21.67 41.57 -73.87
CA ALA B 833 -22.60 40.50 -74.20
C ALA B 833 -22.19 39.16 -73.61
N THR B 834 -20.90 38.83 -73.67
CA THR B 834 -20.39 37.58 -73.14
C THR B 834 -19.73 37.81 -71.78
N ARG B 835 -19.11 36.75 -71.24
CA ARG B 835 -18.44 36.81 -69.95
C ARG B 835 -17.11 37.54 -70.00
N ILE B 836 -16.64 37.90 -71.19
CA ILE B 836 -15.38 38.60 -71.38
C ILE B 836 -15.69 40.01 -71.89
N VAL B 837 -15.02 41.00 -71.31
CA VAL B 837 -15.22 42.40 -71.71
C VAL B 837 -14.73 42.55 -73.14
N THR B 838 -15.64 42.73 -74.08
CA THR B 838 -15.34 42.88 -75.49
C THR B 838 -15.71 44.28 -75.96
N LEU B 839 -15.57 44.49 -77.27
CA LEU B 839 -15.87 45.78 -77.88
C LEU B 839 -16.81 45.57 -79.07
N GLU B 840 -17.51 46.64 -79.43
CA GLU B 840 -18.45 46.63 -80.55
C GLU B 840 -17.77 47.17 -81.79
N GLU B 841 -18.01 46.49 -82.92
CA GLU B 841 -17.35 46.83 -84.18
C GLU B 841 -17.72 48.23 -84.66
N GLU B 842 -18.99 48.59 -84.53
CA GLU B 842 -19.45 49.89 -85.02
C GLU B 842 -19.02 51.00 -84.08
N PRO B 843 -18.24 51.99 -84.54
CA PRO B 843 -17.88 53.11 -83.67
C PRO B 843 -19.05 54.07 -83.51
N ILE B 844 -19.27 54.51 -82.26
CA ILE B 844 -20.37 55.42 -81.97
C ILE B 844 -20.11 56.79 -82.57
N LYS B 845 -18.91 57.34 -82.38
CA LYS B 845 -18.61 58.67 -82.88
C LYS B 845 -17.26 58.69 -83.57
N ILE B 846 -17.18 59.38 -84.71
CA ILE B 846 -15.93 59.58 -85.43
C ILE B 846 -15.74 61.08 -85.63
N GLN B 847 -14.63 61.62 -85.10
CA GLN B 847 -14.28 63.02 -85.22
C GLN B 847 -12.92 63.17 -85.87
N HIS B 848 -12.81 64.12 -86.79
CA HIS B 848 -11.57 64.36 -87.53
C HIS B 848 -11.01 65.73 -87.17
N ILE B 849 -9.71 65.78 -86.87
CA ILE B 849 -9.00 67.02 -86.58
C ILE B 849 -8.37 67.46 -87.89
N LYS B 850 -9.04 68.38 -88.58
CA LYS B 850 -8.58 68.85 -89.89
C LYS B 850 -7.26 69.61 -89.79
N ASP B 851 -7.10 70.42 -88.76
CA ASP B 851 -5.92 71.27 -88.62
C ASP B 851 -4.70 70.46 -88.23
N PRO B 852 -3.62 70.46 -89.04
CA PRO B 852 -2.38 69.77 -88.62
C PRO B 852 -1.77 70.35 -87.36
N GLN B 853 -1.89 71.66 -87.14
CA GLN B 853 -1.33 72.30 -85.94
C GLN B 853 -2.07 71.90 -84.67
N ASP B 854 -3.25 71.28 -84.79
CA ASP B 854 -4.03 70.82 -83.65
C ASP B 854 -3.80 69.35 -83.34
N THR B 855 -2.57 68.86 -83.58
CA THR B 855 -2.23 67.47 -83.31
C THR B 855 -2.27 67.20 -81.81
N ILE B 856 -2.94 66.14 -81.41
CA ILE B 856 -3.16 65.84 -80.00
C ILE B 856 -1.88 65.26 -79.39
N THR B 857 -1.46 65.82 -78.26
CA THR B 857 -0.30 65.35 -77.50
C THR B 857 -0.65 64.79 -76.14
N SER B 858 -1.57 65.44 -75.42
CA SER B 858 -2.01 64.97 -74.11
C SER B 858 -3.47 65.35 -73.92
N LEU B 859 -4.17 64.56 -73.11
CA LEU B 859 -5.59 64.75 -72.86
C LEU B 859 -5.92 64.43 -71.41
N ILE B 860 -6.92 65.12 -70.87
CA ILE B 860 -7.46 64.87 -69.54
C ILE B 860 -8.97 65.08 -69.56
N LEU B 861 -9.69 64.19 -68.88
CA LEU B 861 -11.14 64.28 -68.80
C LEU B 861 -11.55 64.95 -67.49
N LEU B 862 -12.42 65.95 -67.59
CA LEU B 862 -12.91 66.69 -66.43
C LEU B 862 -14.24 66.12 -65.97
N PRO B 863 -14.38 65.72 -64.71
CA PRO B 863 -15.69 65.27 -64.20
C PRO B 863 -16.72 66.38 -64.30
N PRO B 864 -17.97 66.05 -64.63
CA PRO B 864 -19.00 67.10 -64.79
C PRO B 864 -19.33 67.86 -63.51
N ASP B 865 -19.09 67.26 -62.32
CA ASP B 865 -19.47 67.90 -61.07
C ASP B 865 -18.69 69.19 -60.80
N ILE B 866 -17.53 69.36 -61.46
CA ILE B 866 -16.74 70.58 -61.35
C ILE B 866 -17.56 71.75 -61.88
N LEU B 867 -18.33 71.52 -62.93
CA LEU B 867 -19.16 72.57 -63.51
C LEU B 867 -20.48 72.76 -62.76
N ASP B 868 -20.75 71.97 -61.72
CA ASP B 868 -21.99 72.10 -60.98
C ASP B 868 -21.94 73.16 -59.89
N ASN B 869 -20.79 73.79 -59.67
CA ASN B 869 -20.65 74.83 -58.66
C ASN B 869 -21.38 76.10 -59.09
N ILE B 897 -29.44 63.95 -75.25
CA ILE B 897 -28.21 63.23 -75.02
C ILE B 897 -27.51 63.74 -73.76
N SER B 898 -27.27 62.84 -72.81
CA SER B 898 -26.58 63.21 -71.59
C SER B 898 -25.13 63.56 -71.89
N THR B 899 -24.64 64.62 -71.25
CA THR B 899 -23.27 65.06 -71.44
C THR B 899 -22.28 64.02 -70.92
N LEU B 900 -21.22 63.78 -71.69
CA LEU B 900 -20.20 62.80 -71.34
C LEU B 900 -18.97 63.45 -70.72
N GLY B 901 -19.12 64.64 -70.16
CA GLY B 901 -18.00 65.36 -69.62
C GLY B 901 -17.26 66.14 -70.69
N HIS B 902 -16.15 66.74 -70.29
CA HIS B 902 -15.33 67.58 -71.17
C HIS B 902 -13.91 67.06 -71.20
N LEU B 903 -13.26 67.24 -72.35
CA LEU B 903 -11.89 66.80 -72.58
C LEU B 903 -11.01 68.01 -72.86
N VAL B 904 -9.88 68.07 -72.18
CA VAL B 904 -8.87 69.12 -72.37
C VAL B 904 -7.68 68.48 -73.06
N ILE B 905 -7.30 69.01 -74.21
CA ILE B 905 -6.25 68.45 -75.04
C ILE B 905 -5.23 69.55 -75.36
N THR B 906 -3.96 69.17 -75.35
CA THR B 906 -2.87 70.05 -75.75
C THR B 906 -2.50 69.77 -77.20
N THR B 907 -2.41 70.83 -78.01
CA THR B 907 -2.10 70.68 -79.42
C THR B 907 -0.59 70.72 -79.65
N GLN B 908 -0.20 70.41 -80.89
CA GLN B 908 1.20 70.49 -81.29
C GLN B 908 1.71 71.92 -81.22
N GLY B 909 0.85 72.88 -81.55
CA GLY B 909 1.17 74.29 -81.50
C GLY B 909 1.00 74.93 -80.15
N GLY B 910 0.69 74.15 -79.11
CA GLY B 910 0.54 74.67 -77.77
C GLY B 910 -0.84 75.13 -77.38
N TYR B 911 -1.79 75.14 -78.32
CA TYR B 911 -3.15 75.56 -78.01
C TYR B 911 -3.81 74.55 -77.08
N VAL B 912 -4.60 75.05 -76.14
CA VAL B 912 -5.34 74.21 -75.20
C VAL B 912 -6.80 74.22 -75.63
N LYS B 913 -7.35 73.05 -75.92
CA LYS B 913 -8.72 72.93 -76.38
C LYS B 913 -9.54 72.18 -75.36
N ILE B 914 -10.69 72.74 -74.99
CA ILE B 914 -11.66 72.06 -74.13
C ILE B 914 -12.91 71.83 -74.94
N LEU B 915 -13.30 70.55 -75.08
CA LEU B 915 -14.38 70.14 -75.96
C LEU B 915 -15.32 69.22 -75.21
N ASP B 916 -16.62 69.33 -75.49
CA ASP B 916 -17.58 68.39 -74.94
C ASP B 916 -17.31 67.01 -75.54
N LEU B 917 -17.29 65.99 -74.68
CA LEU B 917 -16.99 64.64 -75.16
C LEU B 917 -18.11 64.06 -76.01
N SER B 918 -19.33 64.58 -75.87
CA SER B 918 -20.48 64.06 -76.61
C SER B 918 -20.34 64.33 -78.11
N ASN B 919 -19.89 65.52 -78.50
CA ASN B 919 -19.85 65.89 -79.90
C ASN B 919 -18.51 66.40 -80.39
N PHE B 920 -17.51 66.53 -79.51
CA PHE B 920 -16.16 66.99 -79.83
C PHE B 920 -16.17 68.36 -80.53
N GLU B 921 -16.98 69.27 -80.00
CA GLU B 921 -17.06 70.64 -80.50
C GLU B 921 -16.16 71.54 -79.66
N ILE B 922 -15.46 72.45 -80.34
CA ILE B 922 -14.51 73.32 -79.66
C ILE B 922 -15.27 74.35 -78.84
N LEU B 923 -15.38 74.11 -77.53
CA LEU B 923 -16.09 75.03 -76.65
C LEU B 923 -15.16 76.09 -76.04
N ALA B 924 -13.97 75.69 -75.60
CA ALA B 924 -13.04 76.63 -74.99
C ALA B 924 -11.68 76.53 -75.68
N LYS B 925 -11.09 77.69 -75.93
CA LYS B 925 -9.80 77.80 -76.59
C LYS B 925 -8.89 78.65 -75.73
N VAL B 926 -7.67 78.17 -75.47
CA VAL B 926 -6.67 78.89 -74.69
C VAL B 926 -5.40 78.97 -75.53
N GLU B 927 -5.00 80.19 -75.88
CA GLU B 927 -3.79 80.37 -76.66
C GLU B 927 -2.56 80.11 -75.80
N PRO B 928 -1.48 79.59 -76.38
CA PRO B 928 -0.26 79.39 -75.61
C PRO B 928 0.36 80.71 -75.20
N PRO B 929 1.04 80.76 -74.06
CA PRO B 929 1.67 82.01 -73.63
C PRO B 929 2.91 82.32 -74.46
N LYS B 930 3.39 83.56 -74.31
CA LYS B 930 4.58 84.01 -75.00
C LYS B 930 5.81 83.68 -74.16
N LYS B 931 6.83 83.12 -74.80
CA LYS B 931 8.11 82.86 -74.13
C LYS B 931 8.74 84.18 -73.68
N GLU B 932 9.29 84.18 -72.47
CA GLU B 932 9.88 85.39 -71.90
C GLU B 932 11.05 85.88 -72.75
N GLY B 933 11.06 87.17 -73.04
CA GLY B 933 12.12 87.80 -73.80
C GLY B 933 11.98 87.72 -75.31
N THR B 934 10.89 87.16 -75.82
CA THR B 934 10.70 87.00 -77.26
C THR B 934 9.20 86.86 -77.54
N GLU B 935 8.84 86.80 -78.82
CA GLU B 935 7.47 86.61 -79.23
C GLU B 935 7.15 85.16 -79.55
N GLU B 936 8.09 84.24 -79.32
CA GLU B 936 7.87 82.82 -79.60
C GLU B 936 6.82 82.25 -78.67
N GLN B 937 6.04 81.31 -79.20
CA GLN B 937 5.00 80.66 -78.41
C GLN B 937 5.62 79.71 -77.40
N ASP B 938 5.24 79.88 -76.12
CA ASP B 938 5.59 78.92 -75.08
C ASP B 938 4.57 77.78 -75.14
N THR B 939 4.77 76.90 -76.11
CA THR B 939 3.78 75.90 -76.46
C THR B 939 3.53 74.94 -75.30
N PHE B 940 2.25 74.78 -74.95
CA PHE B 940 1.89 73.81 -73.92
C PHE B 940 2.10 72.39 -74.46
N VAL B 941 2.68 71.55 -73.62
CA VAL B 941 3.03 70.19 -74.03
C VAL B 941 2.01 69.22 -73.44
N SER B 942 1.93 69.19 -72.12
CA SER B 942 1.00 68.32 -71.41
C SER B 942 0.19 69.11 -70.39
N VAL B 943 -1.05 68.64 -70.17
CA VAL B 943 -1.99 69.28 -69.26
C VAL B 943 -2.49 68.25 -68.27
N ILE B 944 -2.57 68.65 -67.00
CA ILE B 944 -3.11 67.84 -65.92
C ILE B 944 -4.10 68.72 -65.15
N TYR B 945 -4.88 68.10 -64.26
CA TYR B 945 -5.85 68.82 -63.46
C TYR B 945 -5.43 68.86 -62.00
N CYS B 946 -5.38 70.07 -61.42
CA CYS B 946 -5.09 70.27 -60.01
C CYS B 946 -6.40 70.55 -59.29
N SER B 947 -6.85 69.56 -58.49
CA SER B 947 -8.08 69.70 -57.73
C SER B 947 -7.94 70.67 -56.57
N GLY B 948 -6.73 70.80 -56.02
CA GLY B 948 -6.52 71.70 -54.89
C GLY B 948 -6.75 73.16 -55.27
N THR B 949 -6.37 73.53 -56.48
CA THR B 949 -6.55 74.87 -57.00
C THR B 949 -7.75 74.96 -57.93
N ASP B 950 -8.41 73.82 -58.21
CA ASP B 950 -9.53 73.73 -59.14
C ASP B 950 -9.17 74.23 -60.54
N ARG B 951 -7.91 74.01 -60.95
CA ARG B 951 -7.41 74.58 -62.19
C ARG B 951 -6.78 73.53 -63.07
N LEU B 952 -6.59 73.89 -64.34
CA LEU B 952 -5.86 73.08 -65.30
C LEU B 952 -4.41 73.52 -65.26
N CYS B 953 -3.52 72.65 -64.81
CA CYS B 953 -2.10 72.93 -64.73
C CYS B 953 -1.43 72.36 -65.97
N ALA B 954 -0.87 73.22 -66.80
CA ALA B 954 -0.25 72.79 -68.04
C ALA B 954 1.20 73.26 -68.11
N CYS B 955 2.06 72.40 -68.66
CA CYS B 955 3.48 72.70 -68.77
C CYS B 955 3.81 73.21 -70.17
N THR B 956 4.70 74.18 -70.23
CA THR B 956 5.12 74.74 -71.50
C THR B 956 6.39 74.06 -71.96
N LYS B 957 6.79 74.35 -73.20
CA LYS B 957 8.05 73.83 -73.73
C LYS B 957 9.23 74.41 -72.97
N GLY B 958 9.14 75.67 -72.56
CA GLY B 958 10.21 76.36 -71.87
C GLY B 958 10.30 76.09 -70.38
N GLY B 959 9.58 75.09 -69.88
CA GLY B 959 9.61 74.75 -68.48
C GLY B 959 8.70 75.55 -67.58
N GLU B 960 7.84 76.39 -68.14
CA GLU B 960 6.91 77.15 -67.31
C GLU B 960 5.69 76.31 -66.98
N LEU B 961 5.06 76.64 -65.85
CA LEU B 961 3.83 75.97 -65.41
C LEU B 961 2.73 77.01 -65.31
N HIS B 962 1.59 76.74 -65.95
CA HIS B 962 0.48 77.68 -65.98
C HIS B 962 -0.78 77.02 -65.44
N PHE B 963 -1.66 77.84 -64.88
CA PHE B 963 -2.93 77.38 -64.33
C PHE B 963 -4.06 78.10 -65.04
N LEU B 964 -5.09 77.35 -65.39
CA LEU B 964 -6.27 77.87 -66.06
C LEU B 964 -7.48 77.62 -65.17
N GLN B 965 -8.23 78.68 -64.86
CA GLN B 965 -9.37 78.58 -63.98
C GLN B 965 -10.65 78.46 -64.80
N ILE B 966 -11.52 77.53 -64.41
CA ILE B 966 -12.79 77.30 -65.10
C ILE B 966 -13.90 77.71 -64.15
N GLY B 967 -14.79 78.56 -64.63
CA GLY B 967 -15.91 79.03 -63.83
C GLY B 967 -15.67 80.46 -63.37
N GLY B 968 -16.72 81.29 -63.45
CA GLY B 968 -16.61 82.67 -63.05
C GLY B 968 -17.70 83.55 -63.64
N ILE B 1006 -31.63 89.52 -46.99
CA ILE B 1006 -32.40 88.49 -47.67
C ILE B 1006 -33.88 88.83 -47.58
N SER B 1007 -34.57 88.81 -48.72
CA SER B 1007 -35.99 89.12 -48.77
C SER B 1007 -36.70 88.12 -49.69
N GLY B 1008 -38.02 88.03 -49.53
CA GLY B 1008 -38.79 87.11 -50.33
C GLY B 1008 -38.69 85.66 -49.92
N VAL B 1009 -38.54 85.39 -48.62
CA VAL B 1009 -38.42 84.03 -48.12
C VAL B 1009 -39.49 83.79 -47.07
N ASP B 1010 -39.88 82.52 -46.94
CA ASP B 1010 -40.89 82.11 -45.96
C ASP B 1010 -40.16 81.64 -44.71
N LEU B 1011 -40.22 82.45 -43.65
CA LEU B 1011 -39.47 82.13 -42.44
C LEU B 1011 -40.13 80.99 -41.67
N LEU B 1012 -39.44 80.53 -40.64
CA LEU B 1012 -39.92 79.46 -39.78
C LEU B 1012 -40.18 79.94 -38.36
N VAL B 1013 -40.47 81.23 -38.19
CA VAL B 1013 -40.65 81.84 -36.88
C VAL B 1013 -42.01 82.52 -36.73
N ASP B 1014 -42.45 83.28 -37.74
CA ASP B 1014 -43.64 84.11 -37.60
C ASP B 1014 -44.92 83.30 -37.42
N GLN B 1015 -44.94 82.08 -37.96
CA GLN B 1015 -46.12 81.24 -37.87
C GLN B 1015 -46.35 80.80 -36.42
N PRO B 1016 -47.61 80.50 -36.03
CA PRO B 1016 -47.85 80.07 -34.64
C PRO B 1016 -47.28 78.70 -34.32
N PHE B 1017 -47.48 78.29 -33.08
CA PHE B 1017 -46.83 77.09 -32.53
C PHE B 1017 -47.66 75.83 -32.70
N THR B 1018 -48.07 75.54 -33.93
CA THR B 1018 -48.76 74.29 -34.21
C THR B 1018 -47.75 73.15 -34.15
N LEU B 1019 -48.24 71.95 -33.84
CA LEU B 1019 -47.37 70.79 -33.61
C LEU B 1019 -46.59 70.42 -34.88
N GLU B 1020 -47.23 70.51 -36.04
CA GLU B 1020 -46.60 70.09 -37.29
C GLU B 1020 -45.40 70.98 -37.64
N ILE B 1021 -45.52 72.30 -37.44
CA ILE B 1021 -44.41 73.19 -37.76
C ILE B 1021 -43.26 72.97 -36.79
N LEU B 1022 -43.60 72.74 -35.52
CA LEU B 1022 -42.58 72.41 -34.53
C LEU B 1022 -41.90 71.08 -34.89
N THR B 1023 -42.66 70.14 -35.43
CA THR B 1023 -42.09 68.88 -35.91
C THR B 1023 -41.14 69.13 -37.07
N SER B 1024 -41.50 70.05 -37.96
CA SER B 1024 -40.61 70.43 -39.04
C SER B 1024 -39.32 71.03 -38.49
N LEU B 1025 -39.44 71.88 -37.47
CA LEU B 1025 -38.28 72.48 -36.83
C LEU B 1025 -37.39 71.43 -36.20
N VAL B 1026 -37.98 70.48 -35.46
CA VAL B 1026 -37.17 69.46 -34.79
C VAL B 1026 -36.55 68.52 -35.82
N GLU B 1027 -37.21 68.35 -36.97
CA GLU B 1027 -36.56 67.61 -38.04
C GLU B 1027 -35.41 68.39 -38.64
N LEU B 1028 -35.49 69.71 -38.63
CA LEU B 1028 -34.35 70.53 -39.00
C LEU B 1028 -33.23 70.48 -37.98
N THR B 1029 -33.53 70.15 -36.71
CA THR B 1029 -32.50 70.14 -35.68
C THR B 1029 -31.54 68.96 -35.77
N ARG B 1030 -31.96 67.83 -36.33
CA ARG B 1030 -31.14 66.62 -36.24
C ARG B 1030 -29.86 66.71 -37.08
N PHE B 1031 -28.90 65.88 -36.68
CA PHE B 1031 -27.58 65.78 -37.27
C PHE B 1031 -27.35 64.39 -37.87
N GLU B 1032 -26.39 64.34 -38.79
CA GLU B 1032 -25.99 63.16 -39.51
C GLU B 1032 -24.46 63.06 -39.45
N THR B 1033 -23.95 61.84 -39.52
CA THR B 1033 -22.51 61.63 -39.48
C THR B 1033 -21.93 61.84 -40.86
N LEU B 1034 -20.79 62.54 -40.92
CA LEU B 1034 -20.16 62.81 -42.21
C LEU B 1034 -19.58 61.51 -42.76
N THR B 1035 -19.86 61.26 -44.04
CA THR B 1035 -19.44 60.05 -44.74
C THR B 1035 -19.35 60.42 -46.20
N PRO B 1036 -18.29 60.01 -46.93
CA PRO B 1036 -17.10 59.25 -46.49
C PRO B 1036 -16.10 60.07 -45.69
N ARG B 1037 -14.86 59.56 -45.59
CA ARG B 1037 -13.83 60.24 -44.83
C ARG B 1037 -13.43 61.56 -45.48
N PHE B 1038 -12.69 62.34 -44.74
CA PHE B 1038 -12.25 63.68 -45.14
C PHE B 1038 -10.74 63.72 -45.29
N SER B 1039 -10.23 64.91 -45.59
CA SER B 1039 -8.80 65.16 -45.76
C SER B 1039 -8.33 66.14 -44.68
N ALA B 1040 -7.23 65.79 -44.02
CA ALA B 1040 -6.67 66.62 -42.96
C ALA B 1040 -5.15 66.56 -42.98
N THR B 1041 -4.52 67.71 -42.74
CA THR B 1041 -3.07 67.82 -42.62
C THR B 1041 -2.74 68.28 -41.22
N VAL B 1042 -1.67 67.71 -40.68
CA VAL B 1042 -1.27 67.84 -39.29
C VAL B 1042 0.22 68.19 -39.22
N PRO B 1043 0.69 68.90 -38.20
CA PRO B 1043 2.12 69.06 -38.02
C PRO B 1043 2.79 67.71 -37.83
N PRO B 1044 4.05 67.57 -38.27
CA PRO B 1044 4.71 66.25 -38.25
C PRO B 1044 4.91 65.66 -36.87
N CYS B 1045 4.81 66.47 -35.82
CA CYS B 1045 4.96 65.97 -34.45
C CYS B 1045 3.86 65.00 -34.05
N TRP B 1046 2.76 64.94 -34.78
CA TRP B 1046 1.68 63.99 -34.52
C TRP B 1046 1.77 62.82 -35.48
N VAL B 1047 1.58 61.62 -34.94
CA VAL B 1047 1.57 60.39 -35.71
C VAL B 1047 0.21 59.73 -35.53
N GLU B 1048 -0.32 59.18 -36.63
CA GLU B 1048 -1.64 58.55 -36.57
C GLU B 1048 -1.58 57.15 -35.97
N THR B 1074 -13.48 61.22 -38.28
CA THR B 1074 -13.30 60.03 -37.46
C THR B 1074 -11.86 59.54 -37.53
N ARG B 1075 -10.92 60.33 -37.01
CA ARG B 1075 -9.52 59.92 -37.04
C ARG B 1075 -8.84 60.27 -35.74
N THR B 1076 -7.70 59.61 -35.50
CA THR B 1076 -6.92 59.81 -34.28
C THR B 1076 -5.44 59.99 -34.62
N TRP B 1077 -4.75 60.74 -33.77
CA TRP B 1077 -3.32 61.01 -33.90
C TRP B 1077 -2.66 61.00 -32.53
N LYS B 1078 -1.46 60.43 -32.47
CA LYS B 1078 -0.68 60.40 -31.24
C LYS B 1078 0.47 61.39 -31.39
N LEU B 1079 0.74 62.11 -30.30
CA LEU B 1079 1.70 63.21 -30.33
C LEU B 1079 3.07 62.74 -29.88
N GLN B 1080 4.09 63.17 -30.62
CA GLN B 1080 5.49 62.96 -30.23
C GLN B 1080 6.02 64.24 -29.59
N THR B 1081 6.95 64.07 -28.65
CA THR B 1081 7.51 65.19 -27.89
C THR B 1081 8.47 65.97 -28.77
N ASP B 1082 7.92 66.85 -29.59
CA ASP B 1082 8.71 67.69 -30.49
C ASP B 1082 8.46 69.15 -30.14
N SER B 1083 9.55 69.89 -29.91
CA SER B 1083 9.49 71.30 -29.57
C SER B 1083 9.87 72.21 -30.74
N ASN B 1084 9.99 71.68 -31.95
CA ASN B 1084 10.34 72.48 -33.11
C ASN B 1084 9.27 73.53 -33.40
N SER B 1085 8.00 73.12 -33.33
CA SER B 1085 6.86 73.99 -33.54
C SER B 1085 5.83 73.76 -32.46
N TRP B 1086 6.29 73.66 -31.21
CA TRP B 1086 5.40 73.40 -30.08
C TRP B 1086 4.51 74.58 -29.74
N ASP B 1087 4.90 75.80 -30.10
CA ASP B 1087 4.14 76.99 -29.69
C ASP B 1087 2.77 77.01 -30.34
N GLU B 1088 2.73 76.99 -31.66
CA GLU B 1088 1.48 77.03 -32.41
C GLU B 1088 1.32 75.73 -33.18
N HIS B 1089 0.07 75.31 -33.38
CA HIS B 1089 -0.18 74.11 -34.16
C HIS B 1089 -1.43 74.30 -34.99
N VAL B 1090 -1.31 74.01 -36.29
CA VAL B 1090 -2.36 74.26 -37.26
C VAL B 1090 -2.80 72.94 -37.86
N PHE B 1091 -4.11 72.68 -37.83
CA PHE B 1091 -4.70 71.48 -38.39
C PHE B 1091 -5.55 71.93 -39.57
N GLU B 1092 -5.12 71.64 -40.78
CA GLU B 1092 -5.85 72.08 -41.98
C GLU B 1092 -6.77 70.96 -42.45
N LEU B 1093 -8.08 71.21 -42.44
CA LEU B 1093 -9.06 70.22 -42.85
C LEU B 1093 -9.87 70.73 -44.03
N VAL B 1094 -10.07 69.86 -45.02
CA VAL B 1094 -10.80 70.21 -46.23
C VAL B 1094 -12.11 69.43 -46.25
N LEU B 1095 -13.21 70.14 -46.45
CA LEU B 1095 -14.51 69.50 -46.54
C LEU B 1095 -14.59 68.64 -47.81
N PRO B 1096 -14.95 67.36 -47.69
CA PRO B 1096 -15.06 66.51 -48.89
C PRO B 1096 -16.10 67.00 -49.89
N LYS B 1097 -17.20 67.57 -49.42
CA LYS B 1097 -18.24 68.07 -50.31
C LYS B 1097 -18.89 69.31 -49.69
N ALA B 1098 -19.47 70.13 -50.55
CA ALA B 1098 -20.17 71.33 -50.13
C ALA B 1098 -21.57 70.95 -49.64
N CYS B 1099 -21.82 71.12 -48.35
CA CYS B 1099 -23.12 70.79 -47.77
C CYS B 1099 -23.27 71.57 -46.46
N MET B 1100 -24.35 71.27 -45.73
CA MET B 1100 -24.70 71.95 -44.49
C MET B 1100 -23.85 71.44 -43.31
N VAL B 1101 -23.03 72.34 -42.77
CA VAL B 1101 -22.13 72.01 -41.67
C VAL B 1101 -22.86 71.89 -40.34
N GLY B 1102 -22.81 70.70 -39.75
CA GLY B 1102 -23.44 70.47 -38.46
C GLY B 1102 -22.67 70.91 -37.24
N HIS B 1103 -21.54 70.25 -36.97
CA HIS B 1103 -20.71 70.54 -35.79
C HIS B 1103 -19.40 69.77 -35.87
N VAL B 1104 -18.55 70.00 -34.86
CA VAL B 1104 -17.24 69.36 -34.78
C VAL B 1104 -17.09 68.74 -33.38
N ASP B 1105 -16.59 67.51 -33.34
CA ASP B 1105 -16.35 66.77 -32.10
C ASP B 1105 -14.85 66.58 -31.92
N PHE B 1106 -14.36 66.90 -30.72
CA PHE B 1106 -12.95 66.90 -30.39
C PHE B 1106 -12.68 66.11 -29.12
N LYS B 1107 -12.08 64.94 -29.25
CA LYS B 1107 -11.72 64.10 -28.12
C LYS B 1107 -10.22 64.22 -27.89
N PHE B 1108 -9.82 64.30 -26.62
CA PHE B 1108 -8.40 64.32 -26.32
C PHE B 1108 -8.11 63.46 -25.10
N VAL B 1109 -6.87 62.95 -25.05
CA VAL B 1109 -6.32 62.27 -23.88
C VAL B 1109 -5.01 62.94 -23.51
N LEU B 1110 -4.84 63.24 -22.23
CA LEU B 1110 -3.64 63.93 -21.74
C LEU B 1110 -2.69 62.95 -21.07
N ASN B 1111 -1.59 63.48 -20.57
CA ASN B 1111 -0.59 62.68 -19.88
C ASN B 1111 -1.14 62.17 -18.55
N SER B 1112 -0.76 60.94 -18.19
CA SER B 1112 -1.22 60.35 -16.94
C SER B 1112 -0.56 60.98 -15.71
N ASN B 1113 0.58 61.64 -15.88
CA ASN B 1113 1.33 62.23 -14.78
C ASN B 1113 1.18 63.75 -14.71
N ILE B 1114 0.00 64.25 -15.03
CA ILE B 1114 -0.25 65.69 -15.00
C ILE B 1114 -0.71 66.06 -13.61
N THR B 1115 -0.04 67.05 -13.00
CA THR B 1115 -0.43 67.54 -11.70
C THR B 1115 -0.99 68.94 -11.71
N ASN B 1116 -0.72 69.73 -12.74
CA ASN B 1116 -1.25 71.08 -12.86
C ASN B 1116 -1.95 71.16 -14.20
N ILE B 1117 -3.14 71.76 -14.21
CA ILE B 1117 -3.94 71.87 -15.43
C ILE B 1117 -3.31 72.88 -16.37
N PRO B 1118 -2.93 72.49 -17.59
CA PRO B 1118 -2.33 73.45 -18.52
C PRO B 1118 -3.35 74.49 -18.98
N GLN B 1119 -2.85 75.70 -19.22
CA GLN B 1119 -3.65 76.80 -19.74
C GLN B 1119 -3.41 76.91 -21.25
N ILE B 1120 -4.05 76.00 -21.98
CA ILE B 1120 -3.90 75.90 -23.43
C ILE B 1120 -5.27 76.02 -24.08
N GLN B 1121 -5.35 76.81 -25.15
CA GLN B 1121 -6.61 77.04 -25.84
C GLN B 1121 -6.54 76.52 -27.27
N VAL B 1122 -7.71 76.14 -27.78
CA VAL B 1122 -7.89 75.66 -29.13
C VAL B 1122 -9.00 76.49 -29.78
N THR B 1123 -8.74 77.01 -30.98
CA THR B 1123 -9.68 77.89 -31.66
C THR B 1123 -9.85 77.45 -33.11
N LEU B 1124 -11.10 77.28 -33.51
CA LEU B 1124 -11.41 76.99 -34.91
C LEU B 1124 -11.38 78.30 -35.69
N LEU B 1125 -10.93 78.20 -36.94
CA LEU B 1125 -10.74 79.36 -37.79
C LEU B 1125 -11.18 79.02 -39.19
N LYS B 1126 -11.67 80.03 -39.90
CA LYS B 1126 -12.04 79.88 -41.30
C LYS B 1126 -10.79 79.95 -42.16
N ASN B 1127 -10.55 78.89 -42.93
CA ASN B 1127 -9.41 78.89 -43.84
C ASN B 1127 -9.59 79.93 -44.92
N LYS B 1128 -8.55 80.74 -45.13
CA LYS B 1128 -8.63 81.86 -46.04
C LYS B 1128 -8.53 81.37 -47.48
N ALA B 1129 -9.36 81.94 -48.34
CA ALA B 1129 -9.29 81.62 -49.75
C ALA B 1129 -8.05 82.27 -50.37
N PRO B 1130 -7.31 81.54 -51.21
CA PRO B 1130 -6.09 82.09 -51.80
C PRO B 1130 -6.39 83.27 -52.71
N GLY B 1131 -5.43 84.18 -52.81
CA GLY B 1131 -5.58 85.32 -53.69
C GLY B 1131 -5.40 84.94 -55.15
N LEU B 1132 -6.15 85.65 -56.00
CA LEU B 1132 -6.14 85.37 -57.43
C LEU B 1132 -5.32 86.40 -58.20
N LEU B 1168 -5.68 89.97 -20.84
CA LEU B 1168 -6.00 88.81 -21.67
C LEU B 1168 -6.03 89.20 -23.14
N ARG B 1169 -4.91 89.00 -23.83
CA ARG B 1169 -4.78 89.34 -25.24
C ARG B 1169 -4.44 88.11 -26.05
N LEU B 1170 -5.04 88.01 -27.24
CA LEU B 1170 -4.84 86.88 -28.12
C LEU B 1170 -3.41 86.85 -28.63
N CYS B 1171 -2.93 85.64 -28.92
CA CYS B 1171 -1.59 85.47 -29.44
C CYS B 1171 -1.51 86.07 -30.85
N PRO B 1172 -0.34 86.60 -31.24
CA PRO B 1172 -0.22 87.28 -32.54
C PRO B 1172 -0.54 86.40 -33.74
N PHE B 1173 -0.24 85.11 -33.67
CA PHE B 1173 -0.52 84.21 -34.79
C PHE B 1173 -2.02 84.08 -35.02
N LEU B 1174 -2.81 83.97 -33.96
CA LEU B 1174 -4.26 83.99 -34.10
C LEU B 1174 -4.78 85.39 -34.39
N GLU B 1175 -4.05 86.42 -33.91
CA GLU B 1175 -4.43 87.81 -34.17
C GLU B 1175 -4.34 88.15 -35.65
N ASP B 1176 -3.38 87.54 -36.35
CA ASP B 1176 -3.23 87.79 -37.78
C ASP B 1176 -4.47 87.36 -38.56
N HIS B 1177 -5.08 86.25 -38.14
CA HIS B 1177 -6.30 85.74 -38.74
C HIS B 1177 -7.53 85.98 -37.87
N LYS B 1178 -7.45 86.95 -36.95
CA LYS B 1178 -8.51 87.16 -35.96
C LYS B 1178 -9.83 87.55 -36.62
N GLU B 1179 -9.77 88.30 -37.71
CA GLU B 1179 -10.98 88.77 -38.40
C GLU B 1179 -11.81 87.63 -39.00
N ASP B 1180 -11.22 86.45 -39.20
CA ASP B 1180 -11.91 85.32 -39.81
C ASP B 1180 -12.16 84.18 -38.82
N ILE B 1181 -12.31 84.51 -37.55
CA ILE B 1181 -12.57 83.50 -36.52
C ILE B 1181 -14.01 83.03 -36.63
N LEU B 1182 -14.24 81.74 -36.37
CA LEU B 1182 -15.57 81.17 -36.49
C LEU B 1182 -15.99 80.29 -35.32
N CYS B 1183 -15.14 80.10 -34.30
CA CYS B 1183 -15.50 79.37 -33.10
C CYS B 1183 -14.55 79.76 -31.98
N GLY B 1184 -14.95 79.46 -30.75
CA GLY B 1184 -14.14 79.76 -29.59
C GLY B 1184 -13.96 81.24 -29.38
N PRO B 1185 -12.79 81.67 -28.88
CA PRO B 1185 -11.63 80.89 -28.41
C PRO B 1185 -11.90 80.26 -27.05
N VAL B 1186 -11.70 78.96 -26.91
CA VAL B 1186 -11.97 78.28 -25.66
C VAL B 1186 -10.71 77.58 -25.18
N TRP B 1187 -10.53 77.56 -23.87
CA TRP B 1187 -9.34 76.97 -23.26
C TRP B 1187 -9.56 75.49 -23.04
N LEU B 1188 -8.57 74.83 -22.45
CA LEU B 1188 -8.68 73.40 -22.21
C LEU B 1188 -9.62 73.09 -21.06
N ALA B 1189 -9.69 73.99 -20.07
CA ALA B 1189 -10.46 73.75 -18.85
C ALA B 1189 -11.96 73.65 -19.13
N SER B 1190 -12.39 74.13 -20.30
CA SER B 1190 -13.79 74.07 -20.67
C SER B 1190 -14.25 72.65 -20.96
N GLY B 1191 -13.34 71.70 -21.18
CA GLY B 1191 -13.80 70.39 -21.56
C GLY B 1191 -13.13 69.15 -21.00
N LEU B 1192 -12.53 69.26 -19.82
CA LEU B 1192 -11.87 68.12 -19.18
C LEU B 1192 -12.88 67.05 -18.78
N ASP B 1193 -12.44 65.79 -18.83
CA ASP B 1193 -13.32 64.67 -18.47
C ASP B 1193 -13.35 64.53 -16.95
N LEU B 1194 -13.97 63.45 -16.47
CA LEU B 1194 -14.06 63.20 -15.03
C LEU B 1194 -12.68 62.91 -14.44
N SER B 1195 -11.87 62.11 -15.13
CA SER B 1195 -10.56 61.75 -14.61
C SER B 1195 -9.58 62.91 -14.69
N GLY B 1196 -9.75 63.80 -15.66
CA GLY B 1196 -8.81 64.85 -15.95
C GLY B 1196 -7.73 64.47 -16.94
N HIS B 1197 -7.65 63.20 -17.32
CA HIS B 1197 -6.70 62.73 -18.32
C HIS B 1197 -7.30 62.65 -19.73
N ALA B 1198 -8.58 62.95 -19.89
CA ALA B 1198 -9.23 62.92 -21.19
C ALA B 1198 -10.18 64.12 -21.28
N GLY B 1199 -10.97 64.17 -22.34
CA GLY B 1199 -11.91 65.28 -22.46
C GLY B 1199 -12.71 65.27 -23.74
N MET B 1200 -13.28 66.45 -24.04
CA MET B 1200 -14.25 66.65 -25.10
C MET B 1200 -14.48 68.13 -25.35
N LEU B 1201 -14.61 68.50 -26.64
CA LEU B 1201 -15.06 69.81 -27.08
C LEU B 1201 -16.02 69.69 -28.26
N THR B 1202 -17.14 70.41 -28.17
CA THR B 1202 -18.07 70.60 -29.28
C THR B 1202 -17.87 71.98 -29.89
N LEU B 1203 -17.52 72.02 -31.18
CA LEU B 1203 -17.16 73.26 -31.86
C LEU B 1203 -18.25 73.62 -32.86
N THR B 1204 -18.83 74.83 -32.70
CA THR B 1204 -19.88 75.42 -33.53
C THR B 1204 -20.04 76.86 -33.03
N SER B 1205 -20.72 77.70 -33.83
CA SER B 1205 -21.02 79.09 -33.51
C SER B 1205 -22.19 79.53 -34.37
N PRO B 1206 -23.00 80.49 -33.93
CA PRO B 1206 -24.03 81.05 -34.82
C PRO B 1206 -23.45 81.74 -36.04
N LYS B 1207 -22.29 82.39 -35.88
CA LYS B 1207 -21.64 83.02 -37.02
C LYS B 1207 -21.15 81.98 -38.03
N LEU B 1208 -20.83 80.76 -37.55
CA LEU B 1208 -20.41 79.69 -38.46
C LEU B 1208 -21.51 79.33 -39.45
N VAL B 1209 -22.71 79.06 -38.95
CA VAL B 1209 -23.83 78.75 -39.85
C VAL B 1209 -24.25 79.99 -40.63
N LYS B 1210 -24.13 81.17 -40.01
CA LYS B 1210 -24.46 82.42 -40.69
C LYS B 1210 -23.57 82.64 -41.92
N GLY B 1211 -22.27 82.36 -41.79
CA GLY B 1211 -21.39 82.44 -42.93
C GLY B 1211 -21.52 81.31 -43.92
N MET B 1212 -21.86 80.11 -43.42
CA MET B 1212 -22.15 78.98 -44.30
C MET B 1212 -23.41 79.22 -45.15
N ALA B 1213 -24.33 80.10 -44.67
CA ALA B 1213 -25.49 80.49 -45.47
C ALA B 1213 -25.09 81.13 -46.79
N GLY B 1214 -23.88 81.69 -46.88
CA GLY B 1214 -23.38 82.22 -48.13
C GLY B 1214 -22.97 81.13 -49.11
N GLY B 1215 -22.79 79.90 -48.63
CA GLY B 1215 -22.45 78.78 -49.49
C GLY B 1215 -21.11 78.89 -50.18
N LYS B 1216 -20.08 79.25 -49.42
CA LYS B 1216 -18.75 79.49 -50.00
C LYS B 1216 -17.65 78.70 -49.30
N TYR B 1217 -17.81 78.43 -48.01
CA TYR B 1217 -16.69 77.94 -47.22
C TYR B 1217 -16.49 76.45 -47.44
N ARG B 1218 -15.25 76.07 -47.76
CA ARG B 1218 -14.89 74.69 -48.11
C ARG B 1218 -13.76 74.10 -47.28
N SER B 1219 -13.07 74.90 -46.48
CA SER B 1219 -11.93 74.40 -45.72
C SER B 1219 -11.83 75.17 -44.41
N PHE B 1220 -11.11 74.61 -43.45
CA PHE B 1220 -11.01 75.22 -42.14
C PHE B 1220 -9.65 74.93 -41.52
N LEU B 1221 -9.26 75.77 -40.57
CA LEU B 1221 -8.00 75.63 -39.85
C LEU B 1221 -8.31 75.51 -38.37
N ILE B 1222 -7.52 74.71 -37.66
CA ILE B 1222 -7.66 74.58 -36.21
C ILE B 1222 -6.35 75.01 -35.58
N HIS B 1223 -6.41 75.97 -34.66
CA HIS B 1223 -5.20 76.52 -34.06
C HIS B 1223 -5.14 76.12 -32.59
N VAL B 1224 -4.03 75.52 -32.21
CA VAL B 1224 -3.76 75.07 -30.86
C VAL B 1224 -2.60 75.90 -30.33
N LYS B 1225 -2.89 76.74 -29.34
CA LYS B 1225 -1.88 77.63 -28.78
C LYS B 1225 -1.96 77.61 -27.26
N ALA B 1226 -0.81 77.53 -26.61
CA ALA B 1226 -0.72 77.54 -25.15
C ALA B 1226 -0.36 78.94 -24.67
N VAL B 1227 -1.10 79.43 -23.68
CA VAL B 1227 -0.88 80.75 -23.10
C VAL B 1227 -0.33 80.57 -21.69
N ASN B 1228 0.73 81.32 -21.39
CA ASN B 1228 1.39 81.26 -20.09
C ASN B 1228 1.35 82.61 -19.41
N GLU B 1229 1.30 82.60 -18.08
CA GLU B 1229 1.27 83.82 -17.29
C GLU B 1229 2.64 84.49 -17.25
N SER B 1287 12.66 64.33 -16.21
CA SER B 1287 11.57 63.82 -17.04
C SER B 1287 11.33 64.73 -18.24
N GLU B 1288 10.26 64.47 -18.97
CA GLU B 1288 9.90 65.27 -20.14
C GLU B 1288 9.11 66.48 -19.67
N ASN B 1289 9.77 67.63 -19.60
CA ASN B 1289 9.10 68.86 -19.16
C ASN B 1289 8.36 69.47 -20.35
N LEU B 1290 7.32 68.76 -20.77
CA LEU B 1290 6.49 69.20 -21.87
C LEU B 1290 5.64 70.39 -21.42
N ARG B 1291 5.65 71.45 -22.21
CA ARG B 1291 4.96 72.68 -21.84
C ARG B 1291 3.84 72.90 -22.86
N GLY B 1292 2.61 72.99 -22.36
CA GLY B 1292 1.46 73.33 -23.18
C GLY B 1292 1.09 72.30 -24.22
N CYS B 1293 1.33 72.63 -25.49
CA CYS B 1293 0.94 71.77 -26.61
C CYS B 1293 1.64 70.42 -26.56
N ASP B 1294 2.91 70.40 -26.17
CA ASP B 1294 3.65 69.15 -26.04
C ASP B 1294 3.05 68.22 -24.99
N LEU B 1295 2.27 68.76 -24.04
CA LEU B 1295 1.71 67.96 -22.95
C LEU B 1295 0.62 67.00 -23.40
N LEU B 1296 0.00 67.23 -24.56
CA LEU B 1296 -1.06 66.36 -25.07
C LEU B 1296 -0.53 65.00 -25.49
N GLN B 1297 -1.26 63.95 -25.15
CA GLN B 1297 -0.89 62.59 -25.52
C GLN B 1297 -1.58 62.12 -26.80
N GLU B 1298 -2.91 62.10 -26.80
CA GLU B 1298 -3.68 61.60 -27.94
C GLU B 1298 -4.78 62.58 -28.32
N VAL B 1299 -5.09 62.63 -29.61
CA VAL B 1299 -6.11 63.52 -30.14
C VAL B 1299 -6.97 62.74 -31.13
N SER B 1300 -8.28 62.98 -31.09
CA SER B 1300 -9.22 62.34 -32.00
C SER B 1300 -10.25 63.37 -32.43
N VAL B 1301 -10.57 63.38 -33.72
CA VAL B 1301 -11.51 64.36 -34.26
C VAL B 1301 -12.59 63.60 -35.02
N THR B 1302 -13.78 64.19 -35.08
CA THR B 1302 -14.89 63.62 -35.86
C THR B 1302 -15.84 64.76 -36.22
N ILE B 1303 -16.20 64.86 -37.48
CA ILE B 1303 -16.98 65.97 -38.00
C ILE B 1303 -18.39 65.47 -38.34
N ARG B 1304 -19.40 66.23 -37.94
CA ARG B 1304 -20.78 65.85 -38.26
C ARG B 1304 -21.47 66.99 -39.00
N ARG B 1305 -22.60 66.65 -39.63
CA ARG B 1305 -23.30 67.52 -40.53
C ARG B 1305 -24.74 67.63 -40.09
N PHE B 1306 -25.41 68.70 -40.50
CA PHE B 1306 -26.85 68.75 -40.27
C PHE B 1306 -27.54 67.82 -41.24
N LYS B 1307 -28.65 67.23 -40.80
CA LYS B 1307 -29.38 66.33 -41.66
C LYS B 1307 -30.16 67.12 -42.72
N LYS B 1308 -30.06 66.68 -43.98
CA LYS B 1308 -30.73 67.32 -45.09
C LYS B 1308 -32.19 66.87 -45.13
N THR B 1309 -33.10 67.75 -44.73
CA THR B 1309 -34.51 67.42 -44.67
C THR B 1309 -35.20 67.73 -45.99
N SER B 1310 -36.53 67.65 -45.99
CA SER B 1310 -37.32 67.87 -47.20
C SER B 1310 -37.75 69.33 -47.37
N ILE B 1311 -37.35 70.21 -46.47
CA ILE B 1311 -37.71 71.62 -46.56
C ILE B 1311 -36.52 72.37 -47.14
N SER B 1312 -36.72 72.97 -48.32
CA SER B 1312 -35.66 73.70 -48.98
C SER B 1312 -35.40 75.03 -48.27
N LYS B 1313 -34.44 75.77 -48.84
CA LYS B 1313 -33.91 77.07 -48.35
C LYS B 1313 -33.79 77.12 -46.83
N GLU B 1314 -33.23 76.05 -46.27
CA GLU B 1314 -33.05 75.91 -44.83
C GLU B 1314 -31.98 76.84 -44.26
N ARG B 1315 -31.14 77.44 -45.11
CA ARG B 1315 -30.12 78.37 -44.64
C ARG B 1315 -30.74 79.59 -43.98
N VAL B 1316 -31.71 80.22 -44.67
CA VAL B 1316 -32.35 81.42 -44.12
C VAL B 1316 -33.19 81.04 -42.90
N GLN B 1317 -33.82 79.86 -42.92
CA GLN B 1317 -34.59 79.41 -41.76
C GLN B 1317 -33.70 79.24 -40.54
N ARG B 1318 -32.50 78.69 -40.75
CA ARG B 1318 -31.58 78.48 -39.64
C ARG B 1318 -30.98 79.80 -39.16
N CYS B 1319 -30.85 80.77 -40.05
CA CYS B 1319 -30.37 82.08 -39.65
C CYS B 1319 -31.47 82.99 -39.08
N ALA B 1320 -32.74 82.62 -39.25
CA ALA B 1320 -33.86 83.46 -38.83
C ALA B 1320 -33.88 83.70 -37.32
N MET B 1321 -34.01 82.62 -36.53
CA MET B 1321 -34.09 82.78 -35.07
C MET B 1321 -32.82 83.41 -34.49
N LEU B 1322 -31.66 83.13 -35.11
CA LEU B 1322 -30.43 83.81 -34.69
C LEU B 1322 -30.54 85.30 -34.92
N GLN B 1323 -31.08 85.70 -36.08
CA GLN B 1323 -31.27 87.11 -36.36
C GLN B 1323 -32.44 87.69 -35.57
N PHE B 1324 -33.56 86.96 -35.49
CA PHE B 1324 -34.78 87.45 -34.86
C PHE B 1324 -34.91 86.79 -33.48
N SER B 1325 -34.68 87.57 -32.42
CA SER B 1325 -34.66 86.97 -31.09
C SER B 1325 -36.00 86.99 -30.37
N GLU B 1326 -37.02 87.65 -30.95
CA GLU B 1326 -38.36 87.65 -30.36
C GLU B 1326 -38.98 86.27 -30.35
N PHE B 1327 -38.47 85.38 -31.22
CA PHE B 1327 -38.89 84.00 -31.28
C PHE B 1327 -38.73 83.34 -29.92
N HIS B 1328 -37.60 83.61 -29.25
CA HIS B 1328 -37.36 83.03 -27.93
C HIS B 1328 -38.40 83.49 -26.94
N GLU B 1329 -38.79 84.78 -27.02
CA GLU B 1329 -39.84 85.27 -26.16
C GLU B 1329 -41.14 84.53 -26.40
N LYS B 1330 -41.48 84.31 -27.68
CA LYS B 1330 -42.69 83.54 -27.97
C LYS B 1330 -42.57 82.15 -27.39
N LEU B 1331 -41.36 81.57 -27.48
CA LEU B 1331 -41.14 80.24 -26.94
C LEU B 1331 -41.33 80.23 -25.44
N VAL B 1332 -40.80 81.24 -24.73
CA VAL B 1332 -40.99 81.22 -23.29
C VAL B 1332 -42.44 81.46 -22.95
N ASN B 1333 -43.17 82.19 -23.81
CA ASN B 1333 -44.61 82.36 -23.61
C ASN B 1333 -45.31 81.02 -23.69
N THR B 1334 -44.92 80.18 -24.67
CA THR B 1334 -45.43 78.82 -24.72
C THR B 1334 -45.02 78.07 -23.48
N LEU B 1335 -43.77 78.28 -23.04
CA LEU B 1335 -43.31 77.69 -21.80
C LEU B 1335 -44.10 78.22 -20.62
N CYS B 1336 -44.41 79.52 -20.62
CA CYS B 1336 -45.10 80.07 -19.47
C CYS B 1336 -46.55 79.62 -19.37
N ARG B 1337 -47.11 79.01 -20.42
CA ARG B 1337 -48.51 78.60 -20.51
C ARG B 1337 -49.43 79.84 -20.31
N LYS B 1338 -48.87 81.03 -20.57
CA LYS B 1338 -49.62 82.26 -20.46
C LYS B 1338 -50.60 82.39 -21.63
N THR B 1339 -50.23 81.81 -22.77
CA THR B 1339 -51.07 81.86 -23.96
C THR B 1339 -52.41 81.17 -23.68
N ASP B 1340 -53.48 81.79 -24.16
CA ASP B 1340 -54.82 81.29 -23.92
C ASP B 1340 -55.32 80.33 -24.99
N ASP B 1341 -54.52 80.09 -26.04
CA ASP B 1341 -54.92 79.19 -27.13
C ASP B 1341 -54.79 77.74 -26.67
N GLY B 1342 -55.68 77.35 -25.76
CA GLY B 1342 -55.63 76.03 -25.19
C GLY B 1342 -54.53 75.87 -24.17
N GLN B 1343 -54.29 74.62 -23.79
CA GLN B 1343 -53.24 74.26 -22.86
C GLN B 1343 -52.13 73.57 -23.64
N ILE B 1344 -50.90 74.03 -23.45
CA ILE B 1344 -49.78 73.50 -24.21
C ILE B 1344 -49.41 72.13 -23.65
N THR B 1345 -49.28 71.15 -24.54
CA THR B 1345 -49.07 69.78 -24.10
C THR B 1345 -47.59 69.49 -23.94
N GLU B 1346 -47.32 68.31 -23.39
CA GLU B 1346 -45.96 67.88 -23.10
C GLU B 1346 -45.14 67.62 -24.37
N HIS B 1347 -45.79 67.17 -25.45
CA HIS B 1347 -45.08 67.03 -26.72
C HIS B 1347 -44.64 68.39 -27.25
N ALA B 1348 -45.54 69.37 -27.24
CA ALA B 1348 -45.21 70.71 -27.70
C ALA B 1348 -44.11 71.33 -26.85
N GLN B 1349 -44.20 71.13 -25.53
CA GLN B 1349 -43.18 71.61 -24.61
C GLN B 1349 -41.85 70.94 -24.90
N SER B 1350 -41.89 69.63 -25.21
CA SER B 1350 -40.69 68.90 -25.56
C SER B 1350 -40.03 69.48 -26.80
N LEU B 1351 -40.83 69.85 -27.79
CA LEU B 1351 -40.24 70.45 -28.99
C LEU B 1351 -39.68 71.85 -28.70
N VAL B 1352 -40.37 72.63 -27.87
CA VAL B 1352 -39.83 73.93 -27.43
C VAL B 1352 -38.47 73.76 -26.75
N LEU B 1353 -38.37 72.80 -25.84
CA LEU B 1353 -37.10 72.62 -25.14
C LEU B 1353 -36.02 72.09 -26.08
N ASP B 1354 -36.39 71.28 -27.08
CA ASP B 1354 -35.41 70.86 -28.07
C ASP B 1354 -34.86 72.06 -28.82
N THR B 1355 -35.73 72.99 -29.20
CA THR B 1355 -35.26 74.21 -29.86
C THR B 1355 -34.37 75.03 -28.93
N LEU B 1356 -34.75 75.11 -27.66
CA LEU B 1356 -33.98 75.88 -26.69
C LEU B 1356 -32.60 75.27 -26.46
N CYS B 1357 -32.51 73.94 -26.34
CA CYS B 1357 -31.20 73.33 -26.16
C CYS B 1357 -30.36 73.48 -27.43
N TRP B 1358 -30.98 73.37 -28.61
CA TRP B 1358 -30.26 73.60 -29.85
C TRP B 1358 -29.63 75.00 -29.88
N LEU B 1359 -30.45 76.02 -29.59
CA LEU B 1359 -29.96 77.40 -29.67
C LEU B 1359 -28.90 77.68 -28.61
N ALA B 1360 -29.08 77.11 -27.40
CA ALA B 1360 -28.06 77.26 -26.37
C ALA B 1360 -26.76 76.58 -26.78
N GLY B 1361 -26.85 75.41 -27.40
CA GLY B 1361 -25.64 74.72 -27.84
C GLY B 1361 -24.90 75.46 -28.93
N VAL B 1362 -25.62 76.00 -29.91
CA VAL B 1362 -24.95 76.72 -30.98
C VAL B 1362 -24.38 78.04 -30.46
N HIS B 1363 -25.09 78.71 -29.54
CA HIS B 1363 -24.65 79.99 -29.01
C HIS B 1363 -23.66 79.86 -27.87
N SER B 1364 -23.31 78.64 -27.46
CA SER B 1364 -22.37 78.43 -26.38
C SER B 1364 -20.95 78.88 -26.70
N ASN B 1365 -20.59 78.98 -27.98
CA ASN B 1365 -19.24 79.40 -28.40
C ASN B 1365 -19.38 80.52 -29.43
N GLY B 1366 -19.45 81.76 -28.97
CA GLY B 1366 -19.58 82.89 -29.84
C GLY B 1366 -18.33 83.74 -29.91
N PRO B 1367 -17.59 83.66 -31.03
CA PRO B 1367 -16.38 84.48 -31.17
C PRO B 1367 -16.69 85.92 -31.57
N GLY B 1368 -16.61 86.82 -30.60
CA GLY B 1368 -16.87 88.24 -30.81
C GLY B 1368 -18.26 88.57 -31.32
N SER B 1369 -19.20 87.63 -31.19
CA SER B 1369 -20.54 87.83 -31.71
C SER B 1369 -21.32 88.81 -30.85
N SER B 1370 -22.21 89.56 -31.52
CA SER B 1370 -23.09 90.49 -30.84
C SER B 1370 -24.07 89.69 -29.97
N LYS B 1371 -23.90 89.79 -28.65
CA LYS B 1371 -24.67 89.02 -27.68
C LYS B 1371 -26.05 89.61 -27.40
N GLU B 1372 -26.57 90.44 -28.31
CA GLU B 1372 -27.90 91.02 -28.15
C GLU B 1372 -28.98 89.96 -28.10
N GLY B 1373 -28.88 88.93 -28.96
CA GLY B 1373 -29.82 87.83 -28.90
C GLY B 1373 -29.71 87.05 -27.60
N ASN B 1374 -28.47 86.77 -27.16
CA ASN B 1374 -28.25 86.11 -25.89
C ASN B 1374 -28.75 86.96 -24.74
N GLU B 1375 -28.48 88.27 -24.79
CA GLU B 1375 -28.98 89.20 -23.78
C GLU B 1375 -30.50 89.16 -23.69
N ASN B 1376 -31.17 89.17 -24.85
CA ASN B 1376 -32.63 89.17 -24.86
C ASN B 1376 -33.19 87.88 -24.30
N LEU B 1377 -32.59 86.74 -24.67
CA LEU B 1377 -33.13 85.46 -24.20
C LEU B 1377 -32.88 85.28 -22.71
N LEU B 1378 -31.73 85.76 -22.21
CA LEU B 1378 -31.46 85.69 -20.78
C LEU B 1378 -32.36 86.64 -20.00
N SER B 1379 -32.64 87.82 -20.55
CA SER B 1379 -33.56 88.76 -19.89
C SER B 1379 -34.96 88.17 -19.80
N LYS B 1380 -35.42 87.57 -20.90
CA LYS B 1380 -36.74 86.94 -20.88
C LYS B 1380 -36.76 85.72 -19.97
N THR B 1381 -35.62 85.03 -19.86
CA THR B 1381 -35.49 83.93 -18.91
C THR B 1381 -35.67 84.43 -17.48
N ARG B 1382 -34.80 85.36 -17.06
CA ARG B 1382 -34.85 85.87 -15.69
C ARG B 1382 -36.16 86.58 -15.37
N LYS B 1383 -36.86 87.10 -16.37
CA LYS B 1383 -38.15 87.72 -16.13
C LYS B 1383 -39.22 86.71 -15.78
N PHE B 1384 -39.14 85.50 -16.34
CA PHE B 1384 -40.15 84.47 -16.11
C PHE B 1384 -39.56 83.17 -15.56
N LEU B 1385 -38.39 83.23 -14.92
CA LEU B 1385 -37.67 82.03 -14.53
C LEU B 1385 -38.43 81.19 -13.50
N SER B 1386 -39.05 81.84 -12.52
CA SER B 1386 -39.80 81.12 -11.48
C SER B 1386 -40.95 80.32 -12.08
N ASP B 1387 -41.70 80.94 -12.99
CA ASP B 1387 -42.85 80.26 -13.58
C ASP B 1387 -42.42 79.06 -14.43
N ILE B 1388 -41.36 79.23 -15.23
CA ILE B 1388 -40.93 78.13 -16.09
C ILE B 1388 -40.33 76.99 -15.26
N VAL B 1389 -39.58 77.30 -14.20
CA VAL B 1389 -39.05 76.20 -13.40
C VAL B 1389 -40.19 75.51 -12.65
N ARG B 1390 -41.22 76.27 -12.26
CA ARG B 1390 -42.37 75.65 -11.61
C ARG B 1390 -43.09 74.70 -12.56
N VAL B 1391 -43.35 75.15 -13.79
CA VAL B 1391 -44.11 74.32 -14.71
C VAL B 1391 -43.27 73.14 -15.20
N CYS B 1392 -41.94 73.26 -15.14
CA CYS B 1392 -41.08 72.18 -15.63
C CYS B 1392 -40.77 71.15 -14.56
N PHE B 1393 -40.45 71.59 -13.36
CA PHE B 1393 -40.03 70.65 -12.34
C PHE B 1393 -41.16 70.19 -11.42
N PHE B 1394 -42.34 70.81 -11.51
CA PHE B 1394 -43.48 70.46 -10.65
C PHE B 1394 -44.75 70.13 -11.41
N GLU B 1395 -44.93 70.65 -12.62
CA GLU B 1395 -46.09 70.34 -13.43
C GLU B 1395 -45.68 69.72 -14.75
N ALA B 1396 -44.69 68.85 -14.71
CA ALA B 1396 -44.18 68.16 -15.88
C ALA B 1396 -43.52 66.88 -15.42
N GLY B 1397 -43.32 65.96 -16.36
CA GLY B 1397 -42.74 64.68 -16.01
C GLY B 1397 -41.23 64.73 -15.85
N ARG B 1398 -40.65 63.54 -15.75
CA ARG B 1398 -39.23 63.38 -15.52
C ARG B 1398 -38.41 63.90 -16.68
N SER B 1399 -38.85 63.60 -17.90
CA SER B 1399 -38.09 63.97 -19.09
C SER B 1399 -37.98 65.47 -19.22
N ILE B 1400 -39.11 66.17 -19.07
CA ILE B 1400 -39.14 67.62 -19.26
C ILE B 1400 -38.30 68.30 -18.19
N ALA B 1401 -38.42 67.84 -16.95
CA ALA B 1401 -37.63 68.41 -15.86
C ALA B 1401 -36.15 68.17 -16.08
N HIS B 1402 -35.78 66.97 -16.52
CA HIS B 1402 -34.38 66.67 -16.78
C HIS B 1402 -33.81 67.50 -17.93
N LYS B 1403 -34.59 67.68 -19.00
CA LYS B 1403 -34.16 68.52 -20.10
C LYS B 1403 -33.99 69.97 -19.66
N CYS B 1404 -34.91 70.45 -18.85
CA CYS B 1404 -34.83 71.82 -18.33
C CYS B 1404 -33.60 71.98 -17.47
N ALA B 1405 -33.30 70.96 -16.65
CA ALA B 1405 -32.10 70.99 -15.83
C ALA B 1405 -30.85 71.04 -16.70
N ARG B 1406 -30.83 70.26 -17.78
CA ARG B 1406 -29.71 70.28 -18.71
C ARG B 1406 -29.55 71.63 -19.36
N PHE B 1407 -30.66 72.24 -19.79
CA PHE B 1407 -30.59 73.54 -20.46
C PHE B 1407 -30.10 74.63 -19.53
N LEU B 1408 -30.57 74.65 -18.28
CA LEU B 1408 -30.07 75.63 -17.32
C LEU B 1408 -28.60 75.39 -17.00
N ALA B 1409 -28.19 74.11 -16.95
CA ALA B 1409 -26.77 73.80 -16.75
C ALA B 1409 -25.93 74.33 -17.90
N LEU B 1410 -26.43 74.18 -19.13
CA LEU B 1410 -25.74 74.74 -20.29
C LEU B 1410 -25.65 76.26 -20.20
N CYS B 1411 -26.74 76.91 -19.76
CA CYS B 1411 -26.70 78.35 -19.59
C CYS B 1411 -25.72 78.77 -18.51
N ILE B 1412 -25.50 77.92 -17.52
CA ILE B 1412 -24.45 78.17 -16.54
C ILE B 1412 -23.08 78.01 -17.17
N SER B 1413 -22.93 77.02 -18.04
CA SER B 1413 -21.62 76.69 -18.60
C SER B 1413 -21.09 77.80 -19.50
N ASN B 1414 -21.96 78.48 -20.24
CA ASN B 1414 -21.55 79.51 -21.18
C ASN B 1414 -21.59 80.90 -20.56
N GLY B 1415 -21.35 81.02 -19.25
CA GLY B 1415 -21.42 82.28 -18.56
C GLY B 1415 -20.28 83.25 -18.79
N LYS B 1416 -20.00 83.55 -20.06
CA LYS B 1416 -19.07 84.64 -20.41
C LYS B 1416 -19.89 85.92 -20.61
N CYS B 1417 -20.58 86.30 -19.54
CA CYS B 1417 -21.51 87.40 -19.58
C CYS B 1417 -20.81 88.75 -19.75
N ASP B 1418 -21.52 89.67 -20.40
CA ASP B 1418 -21.05 91.03 -20.58
C ASP B 1418 -21.00 91.76 -19.24
N PRO B 1419 -20.18 92.83 -19.14
CA PRO B 1419 -20.15 93.60 -17.88
C PRO B 1419 -21.50 94.16 -17.46
N CYS B 1420 -22.36 94.48 -18.43
CA CYS B 1420 -23.72 94.89 -18.13
C CYS B 1420 -24.66 93.72 -17.95
N GLN B 1421 -24.19 92.49 -18.15
CA GLN B 1421 -25.02 91.31 -18.03
C GLN B 1421 -24.77 90.64 -16.68
N PRO B 1422 -25.77 90.55 -15.80
CA PRO B 1422 -25.57 89.90 -14.51
C PRO B 1422 -25.32 88.41 -14.67
N ALA B 1423 -24.68 87.82 -13.68
CA ALA B 1423 -24.41 86.40 -13.75
C ALA B 1423 -25.70 85.59 -13.57
N PHE B 1424 -25.69 84.39 -14.12
CA PHE B 1424 -26.87 83.53 -14.11
C PHE B 1424 -27.14 82.93 -12.73
N GLY B 1425 -26.10 82.83 -11.90
CA GLY B 1425 -26.17 82.20 -10.60
C GLY B 1425 -27.16 82.79 -9.62
N PRO B 1426 -26.94 84.05 -9.20
CA PRO B 1426 -27.86 84.65 -8.20
C PRO B 1426 -29.30 84.74 -8.66
N VAL B 1427 -29.54 85.04 -9.94
CA VAL B 1427 -30.91 85.17 -10.41
C VAL B 1427 -31.61 83.81 -10.44
N LEU B 1428 -30.91 82.76 -10.89
CA LEU B 1428 -31.53 81.44 -10.79
C LEU B 1428 -31.75 81.07 -9.34
N LEU B 1429 -30.80 81.43 -8.46
CA LEU B 1429 -30.91 81.10 -7.04
C LEU B 1429 -32.14 81.73 -6.41
N LYS B 1430 -32.40 83.01 -6.70
CA LYS B 1430 -33.60 83.61 -6.13
C LYS B 1430 -34.84 83.01 -6.76
N ALA B 1431 -34.74 82.54 -8.01
CA ALA B 1431 -35.87 81.80 -8.59
C ALA B 1431 -36.17 80.52 -7.81
N LEU B 1432 -35.14 79.73 -7.49
CA LEU B 1432 -35.37 78.52 -6.68
C LEU B 1432 -35.90 78.88 -5.31
N LEU B 1433 -35.41 79.97 -4.73
CA LEU B 1433 -35.91 80.44 -3.44
C LEU B 1433 -37.38 80.80 -3.54
N ASP B 1434 -37.76 81.45 -4.64
CA ASP B 1434 -39.15 81.78 -4.90
C ASP B 1434 -39.99 80.52 -5.03
N ASN B 1435 -39.44 79.49 -5.66
CA ASN B 1435 -40.16 78.24 -5.91
C ASN B 1435 -40.07 77.26 -4.74
N MET B 1436 -39.38 77.65 -3.68
CA MET B 1436 -39.27 76.85 -2.46
C MET B 1436 -40.63 76.46 -1.88
N SER B 1437 -41.60 77.36 -1.92
CA SER B 1437 -42.86 77.15 -1.21
C SER B 1437 -43.70 76.00 -1.74
N PHE B 1438 -43.49 75.59 -2.99
CA PHE B 1438 -44.33 74.59 -3.61
C PHE B 1438 -43.71 73.19 -3.61
N LEU B 1439 -42.61 73.02 -2.89
CA LEU B 1439 -41.98 71.70 -2.82
C LEU B 1439 -42.88 70.58 -2.28
N PRO B 1440 -43.60 70.74 -1.15
CA PRO B 1440 -44.46 69.62 -0.72
C PRO B 1440 -45.65 69.36 -1.63
N ALA B 1441 -45.95 70.26 -2.55
CA ALA B 1441 -47.02 70.09 -3.50
C ALA B 1441 -46.54 69.48 -4.80
N ALA B 1442 -45.29 69.07 -4.87
CA ALA B 1442 -44.73 68.53 -6.09
C ALA B 1442 -45.31 67.15 -6.41
N THR B 1443 -44.97 66.65 -7.59
CA THR B 1443 -45.55 65.41 -8.11
C THR B 1443 -44.56 64.30 -8.40
N THR B 1444 -43.32 64.61 -8.78
CA THR B 1444 -42.41 63.58 -9.26
C THR B 1444 -41.13 63.58 -8.43
N GLY B 1445 -40.72 62.40 -7.98
CA GLY B 1445 -39.50 62.28 -7.21
C GLY B 1445 -38.24 62.59 -8.00
N GLY B 1446 -38.15 62.08 -9.23
CA GLY B 1446 -36.99 62.38 -10.05
C GLY B 1446 -36.87 63.84 -10.43
N SER B 1447 -38.01 64.50 -10.68
CA SER B 1447 -38.00 65.91 -11.02
C SER B 1447 -37.45 66.76 -9.87
N VAL B 1448 -37.97 66.54 -8.66
CA VAL B 1448 -37.49 67.28 -7.50
C VAL B 1448 -36.08 66.85 -7.16
N TYR B 1449 -35.71 65.61 -7.51
CA TYR B 1449 -34.34 65.15 -7.32
C TYR B 1449 -33.37 65.97 -8.15
N TRP B 1450 -33.69 66.17 -9.43
CA TRP B 1450 -32.86 67.01 -10.28
C TRP B 1450 -32.90 68.47 -9.83
N TYR B 1451 -34.07 68.93 -9.37
CA TYR B 1451 -34.20 70.26 -8.78
C TYR B 1451 -33.20 70.42 -7.62
N PHE B 1452 -33.16 69.42 -6.76
CA PHE B 1452 -32.28 69.43 -5.60
C PHE B 1452 -30.82 69.32 -6.02
N VAL B 1453 -30.57 68.65 -7.14
CA VAL B 1453 -29.22 68.60 -7.70
C VAL B 1453 -28.77 69.99 -8.09
N LEU B 1454 -29.62 70.72 -8.81
CA LEU B 1454 -29.28 72.09 -9.18
C LEU B 1454 -29.12 72.97 -7.96
N LEU B 1455 -30.02 72.84 -6.97
CA LEU B 1455 -29.91 73.61 -5.74
C LEU B 1455 -28.61 73.31 -5.01
N ASN B 1456 -28.24 72.04 -4.95
CA ASN B 1456 -27.03 71.63 -4.26
C ASN B 1456 -25.81 72.19 -4.95
N TYR B 1457 -25.84 72.26 -6.27
CA TYR B 1457 -24.70 72.83 -6.99
C TYR B 1457 -24.62 74.34 -6.78
N VAL B 1458 -25.76 75.03 -6.89
CA VAL B 1458 -25.75 76.49 -6.94
C VAL B 1458 -25.94 77.14 -5.58
N LYS B 1459 -25.98 76.37 -4.50
CA LYS B 1459 -26.13 76.99 -3.19
C LYS B 1459 -24.87 77.73 -2.71
N ASP B 1460 -23.76 77.63 -3.44
CA ASP B 1460 -22.53 78.30 -3.04
C ASP B 1460 -22.63 79.82 -3.12
N GLU B 1461 -23.58 80.34 -3.90
CA GLU B 1461 -23.67 81.78 -4.07
C GLU B 1461 -24.25 82.47 -2.83
N ASP B 1462 -25.29 81.89 -2.24
CA ASP B 1462 -25.91 82.47 -1.05
C ASP B 1462 -26.32 81.35 -0.12
N LEU B 1463 -26.06 81.56 1.16
CA LEU B 1463 -26.31 80.57 2.19
C LEU B 1463 -27.38 80.97 3.19
N ALA B 1464 -27.57 82.27 3.45
CA ALA B 1464 -28.49 82.70 4.49
C ALA B 1464 -29.95 82.43 4.12
N GLY B 1465 -30.35 82.84 2.91
CA GLY B 1465 -31.74 82.74 2.52
C GLY B 1465 -32.24 81.30 2.43
N CYS B 1466 -31.45 80.43 1.80
CA CYS B 1466 -31.81 79.03 1.72
C CYS B 1466 -31.87 78.38 3.09
N SER B 1467 -30.95 78.75 3.98
CA SER B 1467 -30.94 78.19 5.32
C SER B 1467 -32.20 78.58 6.09
N THR B 1468 -32.57 79.86 6.06
CA THR B 1468 -33.76 80.25 6.82
C THR B 1468 -35.03 79.66 6.20
N ALA B 1469 -35.09 79.60 4.86
CA ALA B 1469 -36.26 79.03 4.21
C ALA B 1469 -36.41 77.55 4.51
N CYS B 1470 -35.31 76.80 4.43
CA CYS B 1470 -35.36 75.38 4.76
C CYS B 1470 -35.67 75.18 6.24
N ALA B 1471 -35.19 76.08 7.10
CA ALA B 1471 -35.52 75.99 8.53
C ALA B 1471 -37.01 76.12 8.75
N SER B 1472 -37.64 77.05 8.03
CA SER B 1472 -39.10 77.19 8.10
C SER B 1472 -39.75 75.89 7.63
N LEU B 1473 -39.21 75.30 6.57
CA LEU B 1473 -39.70 74.02 6.08
C LEU B 1473 -39.55 72.93 7.12
N LEU B 1474 -38.41 72.90 7.81
CA LEU B 1474 -38.16 71.97 8.91
C LEU B 1474 -39.26 72.06 9.95
N THR B 1475 -39.54 73.28 10.40
CA THR B 1475 -40.55 73.50 11.42
C THR B 1475 -41.90 72.98 10.96
N ALA B 1476 -42.28 73.36 9.74
CA ALA B 1476 -43.60 73.00 9.21
C ALA B 1476 -43.74 71.49 9.06
N VAL B 1477 -42.78 70.85 8.40
CA VAL B 1477 -42.93 69.43 8.13
C VAL B 1477 -42.69 68.61 9.38
N SER B 1478 -42.01 69.16 10.38
CA SER B 1478 -41.84 68.44 11.62
C SER B 1478 -43.12 68.45 12.44
N ARG B 1479 -43.80 69.59 12.51
CA ARG B 1479 -45.09 69.61 13.17
C ARG B 1479 -46.16 68.86 12.39
N GLN B 1480 -46.01 68.77 11.06
CA GLN B 1480 -46.97 68.02 10.25
C GLN B 1480 -46.76 66.50 10.27
N LEU B 1481 -45.51 66.04 10.36
CA LEU B 1481 -45.21 64.62 10.20
C LEU B 1481 -45.84 63.78 11.29
N GLN B 1482 -45.86 64.29 12.52
CA GLN B 1482 -46.39 63.56 13.66
C GLN B 1482 -47.89 63.28 13.52
N ASP B 1483 -48.58 64.05 12.68
CA ASP B 1483 -49.99 63.88 12.46
C ASP B 1483 -50.26 62.70 11.52
N THR B 1486 -50.71 56.23 13.91
CA THR B 1486 -51.50 55.32 14.72
C THR B 1486 -50.57 54.34 15.44
N PRO B 1487 -50.98 53.87 16.62
CA PRO B 1487 -50.13 52.93 17.39
C PRO B 1487 -49.80 51.63 16.69
N MET B 1488 -50.60 51.19 15.71
CA MET B 1488 -50.36 49.89 15.08
C MET B 1488 -49.03 49.85 14.32
N GLU B 1489 -48.76 50.88 13.52
CA GLU B 1489 -47.50 50.94 12.78
C GLU B 1489 -46.30 50.97 13.73
N ALA B 1490 -46.38 51.77 14.79
CA ALA B 1490 -45.32 51.80 15.80
C ALA B 1490 -45.16 50.45 16.47
N LEU B 1491 -46.27 49.74 16.68
CA LEU B 1491 -46.22 48.40 17.26
C LEU B 1491 -45.45 47.46 16.34
N LEU B 1492 -45.73 47.54 15.04
CA LEU B 1492 -45.01 46.70 14.07
C LEU B 1492 -43.53 47.06 14.03
N GLN B 1493 -43.22 48.36 14.08
CA GLN B 1493 -41.84 48.82 14.08
C GLN B 1493 -41.08 48.30 15.30
N THR B 1494 -41.72 48.35 16.47
CA THR B 1494 -41.04 47.92 17.69
C THR B 1494 -40.91 46.41 17.75
N ARG B 1495 -42.02 45.70 17.56
CA ARG B 1495 -42.04 44.26 17.80
C ARG B 1495 -41.32 43.50 16.69
N TYR B 1496 -41.34 44.01 15.45
CA TYR B 1496 -40.80 43.24 14.34
C TYR B 1496 -39.71 43.95 13.56
N GLY B 1497 -39.34 45.16 13.92
CA GLY B 1497 -38.40 45.96 13.14
C GLY B 1497 -38.87 46.25 11.73
N LEU B 1498 -40.15 46.56 11.57
CA LEU B 1498 -40.81 46.62 10.27
C LEU B 1498 -41.48 47.97 10.15
N TYR B 1499 -40.91 48.83 9.29
CA TYR B 1499 -41.07 50.28 9.38
C TYR B 1499 -42.15 50.83 8.45
N SER B 1500 -42.14 50.41 7.19
CA SER B 1500 -43.06 50.94 6.19
C SER B 1500 -44.53 50.66 6.51
N SER B 1501 -45.36 51.68 6.37
CA SER B 1501 -46.77 51.57 6.73
C SER B 1501 -47.48 50.65 5.73
N PRO B 1502 -48.14 49.59 6.19
CA PRO B 1502 -48.83 48.70 5.24
C PRO B 1502 -50.20 49.18 4.82
N PHE B 1503 -50.87 50.03 5.60
CA PHE B 1503 -52.21 50.48 5.28
C PHE B 1503 -52.22 51.69 4.36
N ASP B 1504 -51.22 52.54 4.43
CA ASP B 1504 -51.16 53.67 3.51
C ASP B 1504 -50.77 53.15 2.14
N PRO B 1505 -51.60 53.33 1.12
CA PRO B 1505 -51.32 52.70 -0.18
C PRO B 1505 -50.35 53.44 -1.06
N VAL B 1506 -50.24 54.76 -0.93
CA VAL B 1506 -49.50 55.58 -1.88
C VAL B 1506 -48.00 55.58 -1.56
N LEU B 1507 -47.19 55.28 -2.58
CA LEU B 1507 -45.74 55.41 -2.54
C LEU B 1507 -45.29 56.44 -3.57
N PHE B 1508 -44.08 56.97 -3.42
CA PHE B 1508 -43.55 57.94 -4.37
C PHE B 1508 -42.43 57.42 -5.25
N ASP B 1509 -41.38 56.81 -4.68
CA ASP B 1509 -40.25 56.32 -5.48
C ASP B 1509 -39.54 55.19 -4.75
N LEU B 1510 -38.72 54.48 -5.51
CA LEU B 1510 -37.91 53.35 -5.03
C LEU B 1510 -36.43 53.62 -5.25
N GLU B 1511 -35.63 53.22 -4.24
CA GLU B 1511 -34.18 53.31 -4.30
C GLU B 1511 -33.65 51.87 -4.29
N MET B 1512 -32.77 51.54 -5.24
CA MET B 1512 -32.29 50.16 -5.32
C MET B 1512 -30.85 50.10 -5.82
N SER B 1513 -29.97 49.52 -5.01
CA SER B 1513 -28.60 49.26 -5.40
C SER B 1513 -28.16 47.89 -4.89
N GLY B 1514 -27.28 47.24 -5.63
CA GLY B 1514 -26.82 45.92 -5.27
C GLY B 1514 -25.63 45.85 -4.33
N SER B 1515 -25.11 46.97 -3.87
CA SER B 1515 -23.97 46.95 -2.97
C SER B 1515 -24.39 46.57 -1.55
N GLU B 1531 -31.77 46.45 9.58
CA GLU B 1531 -30.99 47.30 10.47
C GLU B 1531 -29.58 47.51 9.93
N ILE B 1532 -28.85 48.45 10.52
CA ILE B 1532 -27.47 48.71 10.15
C ILE B 1532 -26.62 48.61 11.41
N ASP B 1533 -25.50 47.90 11.31
CA ASP B 1533 -24.56 47.82 12.42
C ASP B 1533 -23.72 49.10 12.46
N LEU B 1534 -23.84 49.85 13.55
CA LEU B 1534 -23.15 51.13 13.65
C LEU B 1534 -21.77 51.03 14.28
N SER B 1535 -21.30 49.81 14.57
CA SER B 1535 -19.96 49.65 15.14
C SER B 1535 -18.90 50.17 14.18
N ASP B 1536 -19.04 49.84 12.89
CA ASP B 1536 -18.18 50.41 11.87
C ASP B 1536 -18.39 51.92 11.76
N VAL B 1537 -19.64 52.36 11.89
CA VAL B 1537 -19.96 53.78 11.86
C VAL B 1537 -19.34 54.50 13.05
N LEU B 1538 -19.28 53.86 14.21
CA LEU B 1538 -18.64 54.43 15.39
C LEU B 1538 -17.16 54.74 15.18
N GLU B 1551 -23.55 52.78 1.52
CA GLU B 1551 -24.99 52.92 1.50
C GLU B 1551 -25.41 54.28 0.96
N GLY B 1552 -24.49 55.24 1.00
CA GLY B 1552 -24.76 56.55 0.43
C GLY B 1552 -24.93 56.51 -1.07
N SER B 1553 -24.19 55.64 -1.76
CA SER B 1553 -24.29 55.50 -3.20
C SER B 1553 -25.58 54.84 -3.67
N PHE B 1554 -26.40 54.32 -2.74
CA PHE B 1554 -27.65 53.64 -3.08
C PHE B 1554 -28.66 54.58 -3.73
N THR B 1555 -28.45 55.89 -3.67
CA THR B 1555 -29.23 56.91 -4.34
C THR B 1555 -28.95 56.97 -5.85
N SER B 1556 -28.17 56.02 -6.37
CA SER B 1556 -27.88 55.97 -7.80
C SER B 1556 -29.12 55.68 -8.63
N LEU B 1557 -29.98 54.77 -8.16
CA LEU B 1557 -31.23 54.43 -8.87
C LEU B 1557 -32.39 55.12 -8.18
N THR B 1558 -33.00 56.08 -8.87
CA THR B 1558 -34.18 56.78 -8.37
C THR B 1558 -35.29 56.71 -9.41
N GLY B 1559 -36.50 56.97 -8.94
CA GLY B 1559 -37.66 56.92 -9.82
C GLY B 1559 -37.94 55.54 -10.38
N LEU B 1560 -37.69 54.51 -9.59
CA LEU B 1560 -37.97 53.17 -10.05
C LEU B 1560 -39.46 52.81 -10.12
N LEU B 1561 -40.35 53.61 -9.54
CA LEU B 1561 -41.79 53.29 -9.61
C LEU B 1561 -42.35 53.41 -11.02
N GLU B 1562 -41.94 54.43 -11.77
CA GLU B 1562 -42.54 54.72 -13.06
C GLU B 1562 -42.12 53.77 -14.18
N VAL B 1563 -41.15 52.91 -13.94
CA VAL B 1563 -40.67 51.97 -14.96
C VAL B 1563 -40.88 50.56 -14.42
N GLU B 1564 -41.61 49.75 -15.19
CA GLU B 1564 -42.01 48.43 -14.77
C GLU B 1564 -40.89 47.40 -14.96
N PRO B 1565 -40.85 46.38 -14.11
CA PRO B 1565 -39.87 45.30 -14.29
C PRO B 1565 -40.18 44.51 -15.56
N LEU B 1566 -39.13 43.94 -16.14
CA LEU B 1566 -39.23 43.22 -17.40
C LEU B 1566 -38.74 41.80 -17.22
N HIS B 1567 -39.38 40.85 -17.91
CA HIS B 1567 -38.98 39.45 -17.76
C HIS B 1567 -37.91 39.10 -18.77
N PHE B 1568 -37.14 38.07 -18.45
CA PHE B 1568 -35.95 37.70 -19.21
C PHE B 1568 -36.10 36.31 -19.82
N THR B 1569 -35.57 36.14 -21.04
CA THR B 1569 -35.49 34.81 -21.64
C THR B 1569 -34.09 34.62 -22.22
N CYS B 1570 -33.49 33.48 -21.89
CA CYS B 1570 -32.15 33.13 -22.34
C CYS B 1570 -32.25 32.46 -23.71
N VAL B 1571 -31.68 33.10 -24.73
CA VAL B 1571 -31.74 32.58 -26.09
C VAL B 1571 -30.37 32.08 -26.57
N SER B 1572 -29.29 32.77 -26.23
CA SER B 1572 -27.97 32.31 -26.63
C SER B 1572 -27.00 32.51 -25.48
N THR B 1573 -25.94 31.71 -25.51
CA THR B 1573 -24.91 31.71 -24.48
C THR B 1573 -23.59 31.51 -25.23
N SER B 1574 -22.47 31.27 -24.54
CA SER B 1574 -21.20 31.05 -25.23
C SER B 1574 -20.56 29.75 -24.81
N ASP B 1575 -19.34 29.51 -25.28
CA ASP B 1575 -18.60 28.32 -24.90
C ASP B 1575 -18.16 28.42 -23.44
N GLY B 1576 -18.44 27.37 -22.68
CA GLY B 1576 -18.13 27.30 -21.25
C GLY B 1576 -18.79 28.43 -20.49
N THR B 1577 -20.11 28.53 -20.57
CA THR B 1577 -20.86 29.60 -19.94
C THR B 1577 -22.30 29.11 -19.83
N ARG B 1578 -22.96 29.44 -18.73
CA ARG B 1578 -24.36 29.05 -18.60
C ARG B 1578 -25.09 30.08 -17.75
N ILE B 1579 -26.41 30.08 -17.89
CA ILE B 1579 -27.29 30.99 -17.18
C ILE B 1579 -28.22 30.15 -16.32
N GLU B 1580 -28.30 30.47 -15.03
CA GLU B 1580 -29.18 29.75 -14.12
C GLU B 1580 -29.98 30.78 -13.34
N ARG B 1581 -30.88 30.30 -12.49
CA ARG B 1581 -31.71 31.14 -11.66
C ARG B 1581 -31.22 30.98 -10.23
N ASP B 1582 -30.84 32.10 -9.60
CA ASP B 1582 -30.30 32.05 -8.25
C ASP B 1582 -31.42 31.69 -7.26
N ASP B 1583 -31.08 30.89 -6.26
CA ASP B 1583 -32.04 30.51 -5.23
C ASP B 1583 -31.53 30.89 -3.84
N GLY B 1758 -63.26 35.33 -19.12
CA GLY B 1758 -61.82 35.22 -19.21
C GLY B 1758 -61.11 36.47 -18.79
N LEU B 1759 -61.86 37.39 -18.17
CA LEU B 1759 -61.28 38.64 -17.69
C LEU B 1759 -60.25 38.39 -16.60
N ALA B 1760 -60.53 37.43 -15.70
CA ALA B 1760 -59.60 37.12 -14.61
C ALA B 1760 -58.29 36.56 -15.15
N LEU B 1761 -58.36 35.77 -16.22
CA LEU B 1761 -57.14 35.21 -16.82
C LEU B 1761 -56.27 36.30 -17.43
N ALA B 1762 -56.88 37.24 -18.16
CA ALA B 1762 -56.12 38.34 -18.73
C ALA B 1762 -55.54 39.24 -17.64
N ILE B 1763 -56.31 39.47 -16.57
CA ILE B 1763 -55.83 40.26 -15.43
C ILE B 1763 -54.63 39.58 -14.77
N SER B 1764 -54.71 38.26 -14.57
CA SER B 1764 -53.61 37.51 -13.97
C SER B 1764 -52.37 37.53 -14.85
N HIS B 1765 -52.56 37.37 -16.17
CA HIS B 1765 -51.41 37.42 -17.09
C HIS B 1765 -50.76 38.80 -17.10
N ALA B 1766 -51.56 39.86 -17.11
CA ALA B 1766 -51.02 41.22 -17.06
C ALA B 1766 -50.29 41.48 -15.75
N SER B 1767 -50.84 40.98 -14.64
CA SER B 1767 -50.15 41.10 -13.36
C SER B 1767 -48.82 40.36 -13.36
N HIS B 1768 -48.81 39.14 -13.90
CA HIS B 1768 -47.56 38.37 -13.99
C HIS B 1768 -46.57 39.02 -14.92
N PHE B 1769 -47.03 39.79 -15.92
CA PHE B 1769 -46.13 40.53 -16.77
C PHE B 1769 -45.40 41.61 -15.98
N LEU B 1770 -46.09 42.22 -15.01
CA LEU B 1770 -45.48 43.25 -14.19
C LEU B 1770 -44.88 42.69 -12.88
N GLN B 1771 -44.10 41.63 -13.02
CA GLN B 1771 -43.49 41.08 -11.82
C GLN B 1771 -41.98 41.01 -11.97
N PRO B 1772 -41.25 41.17 -10.87
CA PRO B 1772 -39.81 41.01 -10.93
C PRO B 1772 -39.42 39.55 -10.98
N PRO B 1773 -38.73 39.13 -12.04
CA PRO B 1773 -38.24 37.75 -12.09
C PRO B 1773 -37.26 37.49 -10.96
N PRO B 1774 -37.25 36.28 -10.39
CA PRO B 1774 -36.28 35.95 -9.33
C PRO B 1774 -34.83 36.14 -9.79
N HIS B 1775 -33.92 36.21 -8.82
CA HIS B 1775 -32.51 36.48 -9.10
C HIS B 1775 -31.91 35.37 -9.97
N GLN B 1776 -31.16 35.77 -10.99
CA GLN B 1776 -30.52 34.82 -11.89
C GLN B 1776 -29.07 35.24 -12.08
N SER B 1777 -28.23 34.30 -12.55
CA SER B 1777 -26.80 34.58 -12.68
C SER B 1777 -26.16 33.78 -13.80
N ILE B 1778 -24.98 34.27 -14.24
CA ILE B 1778 -24.11 33.54 -15.15
C ILE B 1778 -23.06 32.78 -14.34
N ILE B 1779 -22.88 31.50 -14.67
CA ILE B 1779 -21.82 30.69 -14.10
C ILE B 1779 -20.92 30.29 -15.27
N ILE B 1780 -19.63 30.58 -15.15
CA ILE B 1780 -18.66 30.26 -16.20
C ILE B 1780 -17.89 29.01 -15.77
N GLU B 1781 -17.75 28.07 -16.70
CA GLU B 1781 -17.02 26.82 -16.46
C GLU B 1781 -15.50 26.97 -16.51
N ARG B 1782 -14.96 27.80 -17.40
CA ARG B 1782 -13.52 27.91 -17.57
C ARG B 1782 -13.17 29.38 -17.64
N MET B 1783 -12.38 29.85 -16.69
CA MET B 1783 -11.94 31.24 -16.63
C MET B 1783 -10.45 31.31 -16.87
N HIS B 1784 -10.03 32.32 -17.63
CA HIS B 1784 -8.63 32.56 -17.89
C HIS B 1784 -8.42 34.06 -18.00
N SER B 1785 -7.16 34.46 -18.11
CA SER B 1785 -6.82 35.87 -18.24
C SER B 1785 -7.31 36.36 -19.59
N GLY B 1786 -8.47 37.01 -19.62
CA GLY B 1786 -9.03 37.38 -20.90
C GLY B 1786 -10.10 36.41 -21.36
N ALA B 1787 -10.93 35.92 -20.44
CA ALA B 1787 -11.96 34.96 -20.81
C ALA B 1787 -13.09 35.69 -21.52
N ARG B 1788 -13.22 35.45 -22.81
CA ARG B 1788 -14.10 36.19 -23.70
C ARG B 1788 -15.37 35.38 -23.91
N ARG B 1789 -16.51 35.91 -23.44
CA ARG B 1789 -17.79 35.22 -23.48
C ARG B 1789 -18.86 36.14 -24.07
N PHE B 1790 -19.85 35.52 -24.72
CA PHE B 1790 -20.91 36.22 -25.45
C PHE B 1790 -22.26 35.62 -25.12
N VAL B 1791 -23.22 36.48 -24.76
CA VAL B 1791 -24.57 36.01 -24.46
C VAL B 1791 -25.58 36.91 -25.17
N THR B 1792 -26.74 36.33 -25.50
CA THR B 1792 -27.86 37.05 -26.11
C THR B 1792 -29.08 36.80 -25.25
N LEU B 1793 -29.87 37.84 -25.02
CA LEU B 1793 -31.08 37.72 -24.21
C LEU B 1793 -32.25 38.35 -24.95
N ASP B 1794 -33.43 37.77 -24.78
CA ASP B 1794 -34.64 38.23 -25.43
C ASP B 1794 -35.75 38.48 -24.42
N PHE B 1795 -36.47 39.59 -24.59
CA PHE B 1795 -37.67 39.89 -23.81
C PHE B 1795 -38.95 39.36 -24.45
N GLY B 1796 -38.88 38.87 -25.68
CA GLY B 1796 -40.06 38.43 -26.39
C GLY B 1796 -40.82 39.48 -27.16
N ARG B 1797 -40.43 40.77 -27.06
CA ARG B 1797 -41.12 41.86 -27.72
C ARG B 1797 -40.26 43.13 -27.66
N PRO B 1798 -40.29 43.99 -28.69
CA PRO B 1798 -39.65 45.31 -28.60
C PRO B 1798 -40.19 46.10 -27.41
N ILE B 1799 -39.30 46.39 -26.46
CA ILE B 1799 -39.66 47.03 -25.20
C ILE B 1799 -38.69 48.16 -24.92
N LEU B 1800 -39.21 49.28 -24.43
CA LEU B 1800 -38.38 50.41 -24.02
C LEU B 1800 -37.48 50.02 -22.87
N LEU B 1801 -36.19 50.34 -22.99
CA LEU B 1801 -35.22 50.20 -21.90
C LEU B 1801 -34.89 51.56 -21.33
N THR B 1802 -35.14 51.74 -20.05
CA THR B 1802 -34.98 53.04 -19.41
C THR B 1802 -33.94 53.09 -18.30
N ASP B 1803 -33.69 52.00 -17.60
CA ASP B 1803 -32.71 51.96 -16.52
C ASP B 1803 -32.02 50.62 -16.49
N VAL B 1804 -30.71 50.62 -16.20
CA VAL B 1804 -29.97 49.36 -16.12
C VAL B 1804 -29.21 49.35 -14.79
N LEU B 1805 -28.81 48.15 -14.37
CA LEU B 1805 -28.02 47.96 -13.16
C LEU B 1805 -27.34 46.60 -13.27
N ILE B 1806 -26.02 46.60 -13.25
CA ILE B 1806 -25.23 45.38 -13.22
C ILE B 1806 -24.59 45.28 -11.83
N PRO B 1807 -24.89 44.24 -11.04
CA PRO B 1807 -24.27 44.10 -9.73
C PRO B 1807 -22.76 43.90 -9.84
N THR B 1808 -22.06 44.27 -8.75
CA THR B 1808 -20.61 44.19 -8.73
C THR B 1808 -20.13 42.77 -8.96
N CYS B 1809 -19.18 42.61 -9.89
CA CYS B 1809 -18.54 41.33 -10.17
C CYS B 1809 -17.04 41.60 -10.07
N GLY B 1810 -16.48 41.32 -8.90
CA GLY B 1810 -15.10 41.69 -8.64
C GLY B 1810 -14.07 40.85 -9.34
N ASP B 1811 -14.48 39.75 -9.96
CA ASP B 1811 -13.55 38.86 -10.64
C ASP B 1811 -13.55 39.03 -12.16
N LEU B 1812 -14.15 40.09 -12.71
CA LEU B 1812 -14.15 40.31 -14.15
C LEU B 1812 -13.48 41.64 -14.49
N ALA B 1813 -12.82 41.67 -15.65
CA ALA B 1813 -12.15 42.88 -16.10
C ALA B 1813 -13.11 43.86 -16.74
N SER B 1814 -13.81 43.43 -17.78
CA SER B 1814 -14.64 44.41 -18.49
C SER B 1814 -15.79 43.71 -19.19
N LEU B 1815 -16.79 44.51 -19.54
CA LEU B 1815 -17.93 44.05 -20.31
C LEU B 1815 -18.31 45.11 -21.33
N SER B 1816 -19.05 44.67 -22.34
CA SER B 1816 -19.67 45.55 -23.30
C SER B 1816 -21.09 45.07 -23.53
N ILE B 1817 -21.96 46.04 -23.78
CA ILE B 1817 -23.39 45.83 -23.96
C ILE B 1817 -23.84 46.56 -25.22
N ASP B 1818 -24.51 45.80 -26.10
CA ASP B 1818 -25.09 46.28 -27.34
C ASP B 1818 -26.51 45.73 -27.45
N ILE B 1819 -27.42 46.50 -28.02
CA ILE B 1819 -28.81 46.06 -28.15
C ILE B 1819 -29.30 46.28 -29.58
N TRP B 1820 -30.32 45.50 -29.96
CA TRP B 1820 -30.95 45.68 -31.26
C TRP B 1820 -32.35 45.12 -31.19
N THR B 1821 -33.14 45.46 -32.20
CA THR B 1821 -34.51 44.98 -32.26
C THR B 1821 -34.69 43.84 -33.24
N LEU B 1822 -34.09 43.95 -34.43
CA LEU B 1822 -34.30 42.97 -35.50
C LEU B 1822 -33.07 42.14 -35.83
N GLY B 1823 -31.92 42.77 -36.07
CA GLY B 1823 -30.73 42.04 -36.44
C GLY B 1823 -29.51 42.61 -35.76
N GLU B 1824 -28.52 41.74 -35.53
CA GLU B 1824 -27.29 42.16 -34.89
C GLU B 1824 -26.55 43.20 -35.73
N GLU B 1825 -26.45 42.96 -37.03
CA GLU B 1825 -25.86 43.94 -37.93
C GLU B 1825 -26.90 44.80 -38.64
N VAL B 1826 -28.18 44.59 -38.34
CA VAL B 1826 -29.24 45.38 -38.97
C VAL B 1826 -29.48 46.68 -38.21
N ASP B 1827 -29.66 46.59 -36.90
CA ASP B 1827 -29.84 47.79 -36.09
C ASP B 1827 -29.05 47.70 -34.79
N GLY B 1828 -28.02 46.86 -34.75
CA GLY B 1828 -27.22 46.76 -33.54
C GLY B 1828 -26.34 47.99 -33.37
N ARG B 1829 -26.29 48.48 -32.14
CA ARG B 1829 -25.48 49.64 -31.79
C ARG B 1829 -24.85 49.42 -30.43
N ARG B 1830 -23.63 49.91 -30.27
CA ARG B 1830 -22.91 49.78 -29.01
C ARG B 1830 -23.53 50.69 -27.95
N LEU B 1831 -23.66 50.16 -26.74
CA LEU B 1831 -24.18 50.96 -25.65
C LEU B 1831 -23.09 51.31 -24.63
N VAL B 1832 -22.43 50.31 -24.05
CA VAL B 1832 -21.39 50.61 -23.04
C VAL B 1832 -20.24 49.62 -23.19
N VAL B 1833 -19.02 50.14 -23.03
CA VAL B 1833 -17.84 49.31 -22.85
C VAL B 1833 -17.27 49.69 -21.48
N ALA B 1834 -17.70 48.98 -20.45
CA ALA B 1834 -17.38 49.31 -19.06
C ALA B 1834 -16.26 48.43 -18.55
N THR B 1835 -15.15 49.06 -18.16
CA THR B 1835 -13.98 48.40 -17.61
C THR B 1835 -13.88 48.55 -16.10
N ASP B 1836 -14.94 48.98 -15.44
CA ASP B 1836 -14.91 49.27 -14.01
C ASP B 1836 -15.91 48.36 -13.30
N ILE B 1837 -15.88 47.07 -13.65
CA ILE B 1837 -16.82 46.11 -13.11
C ILE B 1837 -16.31 45.53 -11.80
N SER B 1838 -14.99 45.33 -11.72
CA SER B 1838 -14.38 44.69 -10.55
C SER B 1838 -14.56 45.52 -9.28
N THR B 1839 -14.39 46.83 -9.38
CA THR B 1839 -14.39 47.67 -8.19
C THR B 1839 -15.78 48.16 -7.78
N HIS B 1840 -16.62 48.54 -8.74
CA HIS B 1840 -17.95 49.04 -8.43
C HIS B 1840 -18.95 48.41 -9.37
N SER B 1841 -20.21 48.45 -8.97
CA SER B 1841 -21.28 47.97 -9.83
C SER B 1841 -21.50 48.95 -10.97
N LEU B 1842 -22.17 48.48 -12.02
CA LEU B 1842 -22.50 49.32 -13.15
C LEU B 1842 -23.86 49.94 -12.93
N ILE B 1843 -23.92 51.27 -12.98
CA ILE B 1843 -25.15 52.01 -12.85
C ILE B 1843 -25.29 52.94 -14.04
N LEU B 1844 -26.43 52.85 -14.73
CA LEU B 1844 -26.78 53.82 -15.76
C LEU B 1844 -28.28 54.04 -15.66
N HIS B 1845 -28.64 55.27 -15.27
CA HIS B 1845 -29.96 55.62 -14.77
C HIS B 1845 -30.63 56.58 -15.73
N ASP B 1846 -31.90 56.34 -16.03
CA ASP B 1846 -32.78 57.24 -16.79
C ASP B 1846 -32.23 57.46 -18.21
N LEU B 1847 -32.25 56.37 -18.96
CA LEU B 1847 -31.87 56.37 -20.36
C LEU B 1847 -32.69 57.40 -21.14
N ILE B 1848 -31.98 58.37 -21.74
CA ILE B 1848 -32.60 59.47 -22.44
C ILE B 1848 -31.87 59.68 -23.76
N PRO B 1849 -32.53 59.52 -24.93
CA PRO B 1849 -33.91 59.05 -25.15
C PRO B 1849 -34.02 57.54 -24.96
N PRO B 1850 -35.15 57.02 -24.50
CA PRO B 1850 -35.27 55.58 -24.20
C PRO B 1850 -35.29 54.74 -25.46
N PRO B 1851 -34.25 53.93 -25.68
CA PRO B 1851 -34.23 53.05 -26.86
C PRO B 1851 -35.20 51.88 -26.72
N VAL B 1852 -35.57 51.34 -27.87
CA VAL B 1852 -36.43 50.17 -27.95
C VAL B 1852 -35.64 49.06 -28.62
N CYS B 1853 -35.78 47.85 -28.10
CA CYS B 1853 -35.06 46.70 -28.63
C CYS B 1853 -35.74 45.43 -28.16
N ARG B 1854 -35.36 44.30 -28.74
CA ARG B 1854 -35.91 43.04 -28.28
C ARG B 1854 -34.79 42.04 -28.01
N PHE B 1855 -33.67 42.20 -28.70
CA PHE B 1855 -32.51 41.34 -28.53
C PHE B 1855 -31.35 42.11 -27.91
N MET B 1856 -30.54 41.39 -27.12
CA MET B 1856 -29.47 42.01 -26.36
C MET B 1856 -28.21 41.16 -26.47
N LYS B 1857 -27.09 41.86 -26.67
CA LYS B 1857 -25.77 41.29 -26.93
C LYS B 1857 -24.83 41.69 -25.82
N ILE B 1858 -24.13 40.70 -25.25
CA ILE B 1858 -23.21 40.91 -24.14
C ILE B 1858 -21.88 40.29 -24.52
N THR B 1859 -20.80 41.06 -24.35
CA THR B 1859 -19.45 40.57 -24.55
C THR B 1859 -18.65 40.86 -23.29
N VAL B 1860 -18.11 39.85 -22.65
CA VAL B 1860 -17.38 40.04 -21.41
C VAL B 1860 -15.97 39.47 -21.52
N ILE B 1861 -15.01 40.09 -20.81
CA ILE B 1861 -13.61 39.67 -20.83
C ILE B 1861 -13.08 39.61 -19.40
N GLY B 1862 -12.50 38.45 -19.06
CA GLY B 1862 -11.98 38.19 -17.73
C GLY B 1862 -10.73 38.96 -17.38
N ARG B 1863 -10.49 39.08 -16.08
CA ARG B 1863 -9.33 39.81 -15.61
C ARG B 1863 -8.07 38.99 -15.77
N TYR B 1864 -6.95 39.67 -15.96
CA TYR B 1864 -5.67 39.00 -16.08
C TYR B 1864 -5.25 38.38 -14.75
N GLY B 1865 -4.61 37.22 -14.83
CA GLY B 1865 -4.27 36.48 -13.64
C GLY B 1865 -5.47 35.93 -12.89
N SER B 1866 -6.55 35.62 -13.59
CA SER B 1866 -7.77 35.15 -12.94
C SER B 1866 -7.58 33.73 -12.43
N THR B 1867 -8.03 33.51 -11.19
CA THR B 1867 -8.07 32.16 -10.64
C THR B 1867 -9.23 31.39 -11.25
N ASN B 1868 -8.95 30.18 -11.74
CA ASN B 1868 -9.96 29.36 -12.40
C ASN B 1868 -10.85 28.70 -11.34
N ALA B 1869 -11.79 29.47 -10.80
CA ALA B 1869 -12.73 28.94 -9.82
C ALA B 1869 -14.09 29.55 -10.12
N ARG B 1870 -15.14 28.74 -9.99
CA ARG B 1870 -16.48 29.17 -10.36
C ARG B 1870 -17.01 30.27 -9.46
N ALA B 1871 -17.82 31.15 -10.05
CA ALA B 1871 -18.42 32.28 -9.34
C ALA B 1871 -19.67 32.70 -10.09
N LYS B 1872 -20.50 33.48 -9.40
CA LYS B 1872 -21.78 33.91 -9.93
C LYS B 1872 -21.69 35.34 -10.44
N ILE B 1873 -22.37 35.61 -11.54
CA ILE B 1873 -22.45 36.96 -12.10
C ILE B 1873 -23.90 37.34 -12.26
N PRO B 1874 -24.55 37.96 -11.28
CA PRO B 1874 -25.97 38.30 -11.43
C PRO B 1874 -26.17 39.32 -12.55
N LEU B 1875 -27.26 39.15 -13.28
CA LEU B 1875 -27.66 40.08 -14.33
C LEU B 1875 -28.25 41.37 -13.81
N GLY B 1876 -28.80 41.38 -12.62
CA GLY B 1876 -29.48 42.55 -12.11
C GLY B 1876 -30.91 42.60 -12.64
N PHE B 1877 -31.58 43.71 -12.37
CA PHE B 1877 -32.96 43.92 -12.75
C PHE B 1877 -33.08 45.02 -13.79
N TYR B 1878 -33.90 44.79 -14.82
CA TYR B 1878 -34.02 45.69 -15.95
C TYR B 1878 -35.44 46.21 -16.04
N TYR B 1879 -35.59 47.52 -16.19
CA TYR B 1879 -36.89 48.19 -16.13
C TYR B 1879 -37.18 49.00 -17.39
N GLY B 1880 -38.45 49.03 -17.75
CA GLY B 1880 -38.87 49.80 -18.90
C GLY B 1880 -40.37 49.71 -19.09
N HIS B 1881 -40.84 50.30 -20.19
CA HIS B 1881 -42.25 50.29 -20.56
C HIS B 1881 -42.46 49.26 -21.66
N THR B 1882 -43.14 48.15 -21.31
CA THR B 1882 -43.50 47.14 -22.31
C THR B 1882 -44.47 47.67 -23.35
N TYR B 1883 -45.49 48.41 -22.92
CA TYR B 1883 -46.44 49.02 -23.83
C TYR B 1883 -45.84 50.31 -24.37
N ILE B 1884 -45.89 50.48 -25.68
CA ILE B 1884 -45.27 51.63 -26.35
C ILE B 1884 -46.35 52.62 -26.74
N LEU B 1885 -46.03 53.91 -26.61
CA LEU B 1885 -46.87 55.05 -26.93
C LEU B 1885 -46.53 55.55 -28.34
N PRO B 1886 -47.45 56.25 -29.03
CA PRO B 1886 -47.20 56.62 -30.45
C PRO B 1886 -45.93 57.43 -30.66
N TRP B 1887 -45.63 58.35 -29.75
CA TRP B 1887 -44.42 59.15 -29.90
C TRP B 1887 -43.17 58.33 -29.59
N GLU B 1888 -43.28 57.35 -28.70
CA GLU B 1888 -42.16 56.46 -28.46
C GLU B 1888 -41.99 55.47 -29.61
N SER B 1889 -43.04 55.27 -30.40
CA SER B 1889 -42.98 54.39 -31.56
C SER B 1889 -42.23 55.02 -32.73
N GLU B 1890 -42.30 56.35 -32.85
CA GLU B 1890 -41.77 57.03 -34.03
C GLU B 1890 -40.26 57.17 -34.07
N LEU B 1891 -39.55 56.88 -32.97
CA LEU B 1891 -38.09 56.94 -33.03
C LEU B 1891 -37.48 55.88 -33.93
N LYS B 1892 -37.65 54.61 -33.55
CA LYS B 1892 -37.09 53.50 -34.31
C LYS B 1892 -38.07 52.33 -34.38
N ASN B 1906 -48.78 47.49 -35.24
CA ASN B 1906 -49.65 46.48 -34.67
C ASN B 1906 -49.94 46.70 -33.19
N GLN B 1907 -49.68 47.92 -32.73
CA GLN B 1907 -49.92 48.26 -31.33
C GLN B 1907 -51.42 48.32 -31.04
N PRO B 1908 -51.90 47.60 -30.03
CA PRO B 1908 -53.32 47.69 -29.65
C PRO B 1908 -53.63 49.10 -29.15
N GLU B 1909 -54.88 49.50 -29.31
CA GLU B 1909 -55.27 50.86 -28.95
C GLU B 1909 -55.17 51.07 -27.45
N ILE B 1910 -54.93 52.33 -27.07
CA ILE B 1910 -54.62 52.70 -25.70
C ILE B 1910 -55.82 52.54 -24.79
N ASP B 1911 -57.02 52.77 -25.33
CA ASP B 1911 -58.22 52.80 -24.51
C ASP B 1911 -58.51 51.44 -23.87
N GLN B 1912 -58.52 50.37 -24.67
CA GLN B 1912 -58.82 49.04 -24.14
C GLN B 1912 -57.73 48.53 -23.22
N HIS B 1913 -56.47 48.83 -23.55
CA HIS B 1913 -55.36 48.46 -22.69
C HIS B 1913 -55.44 49.18 -21.35
N LEU B 1914 -55.80 50.48 -21.41
CA LEU B 1914 -56.01 51.26 -20.20
C LEU B 1914 -57.18 50.71 -19.39
N ALA B 1915 -58.25 50.28 -20.06
CA ALA B 1915 -59.40 49.71 -19.38
C ALA B 1915 -59.04 48.42 -18.65
N MET B 1916 -58.28 47.55 -19.29
CA MET B 1916 -57.95 46.28 -18.65
C MET B 1916 -56.92 46.44 -17.55
N MET B 1917 -55.97 47.38 -17.68
CA MET B 1917 -55.10 47.67 -16.54
C MET B 1917 -55.89 48.30 -15.40
N VAL B 1918 -56.89 49.14 -15.70
CA VAL B 1918 -57.76 49.69 -14.67
C VAL B 1918 -58.50 48.57 -13.95
N ALA B 1919 -58.96 47.58 -14.72
CA ALA B 1919 -59.60 46.41 -14.11
C ALA B 1919 -58.63 45.68 -13.19
N LEU B 1920 -57.38 45.57 -13.61
CA LEU B 1920 -56.33 44.99 -12.77
C LEU B 1920 -56.13 45.82 -11.50
N GLN B 1921 -56.18 47.15 -11.63
CA GLN B 1921 -56.05 48.03 -10.47
C GLN B 1921 -57.19 47.85 -9.48
N GLU B 1922 -58.41 47.72 -9.99
CA GLU B 1922 -59.56 47.50 -9.11
C GLU B 1922 -59.45 46.14 -8.42
N ASP B 1923 -59.06 45.11 -9.17
CA ASP B 1923 -58.91 43.79 -8.59
C ASP B 1923 -57.83 43.77 -7.52
N ILE B 1924 -56.68 44.41 -7.81
CA ILE B 1924 -55.60 44.48 -6.84
C ILE B 1924 -56.01 45.33 -5.65
N GLN B 1925 -56.91 46.30 -5.85
CA GLN B 1925 -57.42 47.07 -4.72
C GLN B 1925 -58.25 46.20 -3.79
N CYS B 1926 -59.13 45.37 -4.35
CA CYS B 1926 -59.89 44.44 -3.52
C CYS B 1926 -58.98 43.45 -2.81
N ARG B 1927 -58.01 42.90 -3.54
CA ARG B 1927 -57.05 41.96 -2.95
C ARG B 1927 -56.22 42.62 -1.87
N TYR B 1928 -55.75 43.85 -2.11
CA TYR B 1928 -54.96 44.58 -1.14
C TYR B 1928 -55.76 44.87 0.12
N ASN B 1929 -57.04 45.24 -0.05
CA ASN B 1929 -57.88 45.52 1.08
C ASN B 1929 -58.13 44.27 1.91
N LEU B 1930 -58.42 43.15 1.26
CA LEU B 1930 -58.67 41.92 2.00
C LEU B 1930 -57.41 41.35 2.65
N ALA B 1931 -56.27 41.42 1.96
CA ALA B 1931 -55.02 40.93 2.55
C ALA B 1931 -54.57 41.78 3.72
N CYS B 1932 -54.60 43.10 3.56
CA CYS B 1932 -54.23 43.98 4.67
C CYS B 1932 -55.22 43.83 5.82
N HIS B 1933 -56.51 43.65 5.49
CA HIS B 1933 -57.52 43.41 6.52
C HIS B 1933 -57.25 42.13 7.29
N ARG B 1934 -56.88 41.04 6.59
CA ARG B 1934 -56.54 39.79 7.28
C ARG B 1934 -55.31 40.01 8.15
N LEU B 1935 -54.38 40.85 7.69
CA LEU B 1935 -53.21 41.20 8.49
C LEU B 1935 -53.64 41.95 9.75
N GLU B 1936 -54.63 42.82 9.61
CA GLU B 1936 -55.16 43.55 10.76
C GLU B 1936 -55.80 42.58 11.77
N THR B 1937 -56.56 41.62 11.27
CA THR B 1937 -57.16 40.62 12.16
C THR B 1937 -56.09 39.75 12.79
N LEU B 1938 -55.00 39.49 12.05
CA LEU B 1938 -53.88 38.72 12.56
C LEU B 1938 -53.21 39.45 13.72
N LEU B 1939 -52.96 40.75 13.55
CA LEU B 1939 -52.31 41.51 14.60
C LEU B 1939 -53.25 41.73 15.78
N GLN B 1940 -54.56 41.78 15.51
CA GLN B 1940 -55.53 41.84 16.58
C GLN B 1940 -55.67 40.52 17.31
N SER B 1941 -55.18 39.42 16.72
CA SER B 1941 -55.19 38.12 17.37
C SER B 1941 -53.98 37.91 18.26
N ILE B 1942 -53.28 38.97 18.64
CA ILE B 1942 -52.10 38.90 19.49
C ILE B 1942 -52.49 39.31 20.91
N ASP B 1943 -52.36 38.37 21.85
CA ASP B 1943 -52.64 38.66 23.25
C ASP B 1943 -51.60 39.66 23.79
N LEU B 1944 -52.08 40.69 24.49
CA LEU B 1944 -51.22 41.78 24.95
C LEU B 1944 -51.12 41.74 26.47
N PRO B 1945 -49.99 41.31 27.03
CA PRO B 1945 -49.77 41.40 28.49
C PRO B 1945 -49.56 42.85 28.91
N PRO B 1946 -49.33 43.13 30.20
CA PRO B 1946 -48.90 44.49 30.59
C PRO B 1946 -47.63 44.89 29.85
N LEU B 1947 -47.59 46.16 29.42
CA LEU B 1947 -46.58 46.59 28.46
C LEU B 1947 -45.20 46.59 29.11
N ASN B 1948 -44.41 45.60 28.74
CA ASN B 1948 -42.97 45.52 29.02
C ASN B 1948 -42.23 45.27 27.71
N SER B 1949 -41.83 46.35 27.05
CA SER B 1949 -41.21 46.27 25.73
C SER B 1949 -39.89 45.51 25.74
N ALA B 1950 -39.29 45.31 26.92
CA ALA B 1950 -38.16 44.41 27.05
C ALA B 1950 -38.52 43.00 26.62
N ASN B 1951 -39.70 42.53 27.02
CA ASN B 1951 -40.19 41.24 26.54
C ASN B 1951 -40.48 41.28 25.04
N ASN B 1952 -40.93 42.42 24.54
CA ASN B 1952 -41.19 42.58 23.11
C ASN B 1952 -39.90 42.41 22.31
N ALA B 1953 -38.79 42.96 22.82
CA ALA B 1953 -37.49 42.71 22.22
C ALA B 1953 -36.99 41.29 22.48
N GLN B 1954 -37.38 40.70 23.62
CA GLN B 1954 -36.98 39.34 23.95
C GLN B 1954 -37.59 38.31 22.99
N TYR B 1955 -38.75 38.62 22.42
CA TYR B 1955 -39.38 37.74 21.42
C TYR B 1955 -38.50 37.49 20.20
N PHE B 1956 -37.54 38.37 19.89
CA PHE B 1956 -36.60 38.11 18.81
C PHE B 1956 -35.74 36.88 19.10
N LEU B 1957 -35.22 36.78 20.32
CA LEU B 1957 -34.32 35.69 20.67
C LEU B 1957 -34.90 34.85 21.82
N VAL B 1964 -40.76 31.11 16.81
CA VAL B 1964 -42.21 31.14 16.99
C VAL B 1964 -42.90 31.32 15.62
N GLU B 1965 -43.93 30.51 15.41
CA GLU B 1965 -44.68 30.52 14.16
C GLU B 1965 -45.40 31.84 13.93
N GLU B 1966 -45.74 32.56 15.01
CA GLU B 1966 -46.47 33.83 14.89
C GLU B 1966 -45.66 34.85 14.10
N ASP B 1967 -44.36 34.92 14.37
CA ASP B 1967 -43.50 35.87 13.66
C ASP B 1967 -43.47 35.58 12.17
N SER B 1968 -43.36 34.31 11.80
CA SER B 1968 -43.36 33.93 10.39
C SER B 1968 -44.69 34.25 9.72
N ARG B 1969 -45.82 33.96 10.39
CA ARG B 1969 -47.11 34.21 9.76
C ARG B 1969 -47.38 35.71 9.61
N VAL B 1970 -47.00 36.52 10.59
CA VAL B 1970 -47.14 37.96 10.46
C VAL B 1970 -46.19 38.48 9.38
N PHE B 1971 -45.01 37.88 9.28
CA PHE B 1971 -44.07 38.23 8.21
C PHE B 1971 -44.64 37.95 6.84
N SER B 1972 -45.26 36.79 6.67
CA SER B 1972 -45.88 36.45 5.39
C SER B 1972 -47.04 37.37 5.06
N ALA B 1973 -47.89 37.65 6.05
CA ALA B 1973 -49.02 38.53 5.83
C ALA B 1973 -48.58 39.94 5.47
N TYR B 1974 -47.55 40.46 6.16
CA TYR B 1974 -47.01 41.76 5.80
C TYR B 1974 -46.41 41.71 4.41
N GLN B 1975 -45.75 40.60 4.06
CA GLN B 1975 -45.17 40.46 2.73
C GLN B 1975 -46.24 40.59 1.66
N ASP B 1976 -47.37 39.90 1.86
CA ASP B 1976 -48.47 40.01 0.91
C ASP B 1976 -49.04 41.42 0.86
N CYS B 1977 -49.28 42.02 2.04
CA CYS B 1977 -49.88 43.36 2.09
C CYS B 1977 -48.98 44.40 1.43
N ILE B 1978 -47.67 44.36 1.72
CA ILE B 1978 -46.74 45.35 1.18
C ILE B 1978 -46.51 45.11 -0.32
N GLN B 1979 -46.41 43.84 -0.75
CA GLN B 1979 -46.27 43.55 -2.16
C GLN B 1979 -47.47 44.03 -2.95
N LEU B 1980 -48.67 43.76 -2.42
CA LEU B 1980 -49.89 44.16 -3.10
C LEU B 1980 -49.99 45.68 -3.16
N GLN B 1981 -49.49 46.35 -2.12
CA GLN B 1981 -49.37 47.81 -2.17
C GLN B 1981 -48.44 48.23 -3.30
N LEU B 1982 -47.34 47.50 -3.49
CA LEU B 1982 -46.39 47.80 -4.56
C LEU B 1982 -47.04 47.67 -5.94
N GLN B 1983 -47.78 46.57 -6.19
CA GLN B 1983 -48.48 46.47 -7.47
C GLN B 1983 -49.52 47.57 -7.62
N LEU B 1984 -50.28 47.85 -6.55
CA LEU B 1984 -51.28 48.91 -6.60
C LEU B 1984 -50.63 50.25 -6.95
N ASN B 1985 -49.46 50.52 -6.38
CA ASN B 1985 -48.80 51.81 -6.60
C ASN B 1985 -48.29 51.93 -8.02
N LEU B 1986 -47.68 50.87 -8.55
CA LEU B 1986 -47.21 50.93 -9.93
C LEU B 1986 -48.37 51.03 -10.90
N ALA B 1987 -49.47 50.33 -10.61
CA ALA B 1987 -50.65 50.41 -11.46
C ALA B 1987 -51.25 51.81 -11.44
N HIS B 1988 -51.31 52.44 -10.27
CA HIS B 1988 -51.83 53.79 -10.18
C HIS B 1988 -50.94 54.76 -10.93
N ASN B 1989 -49.62 54.60 -10.81
CA ASN B 1989 -48.71 55.46 -11.53
C ASN B 1989 -48.84 55.25 -13.04
N ALA B 1990 -49.03 54.00 -13.46
CA ALA B 1990 -49.22 53.69 -14.86
C ALA B 1990 -50.50 54.30 -15.39
N VAL B 1991 -51.61 54.21 -14.64
CA VAL B 1991 -52.87 54.76 -15.14
C VAL B 1991 -52.82 56.28 -15.15
N GLN B 1992 -52.12 56.89 -14.18
CA GLN B 1992 -51.95 58.34 -14.22
C GLN B 1992 -51.13 58.76 -15.44
N ARG B 1993 -50.05 58.03 -15.74
CA ARG B 1993 -49.26 58.30 -16.93
C ARG B 1993 -50.08 58.16 -18.20
N LEU B 1994 -50.87 57.07 -18.28
CA LEU B 1994 -51.70 56.83 -19.45
C LEU B 1994 -52.76 57.91 -19.62
N LYS B 1995 -53.38 58.32 -18.52
CA LYS B 1995 -54.41 59.36 -18.58
C LYS B 1995 -53.82 60.69 -19.00
N VAL B 1996 -52.61 61.01 -18.52
CA VAL B 1996 -51.93 62.22 -18.96
C VAL B 1996 -51.58 62.14 -20.44
N ALA B 1997 -51.08 60.98 -20.88
CA ALA B 1997 -50.76 60.77 -22.29
C ALA B 1997 -52.00 60.85 -23.18
N LEU B 1998 -53.16 60.46 -22.64
CA LEU B 1998 -54.42 60.58 -23.37
C LEU B 1998 -54.78 62.02 -23.70
N GLY B 1999 -54.26 62.99 -22.96
CA GLY B 1999 -54.58 64.38 -23.21
C GLY B 1999 -54.98 65.11 -21.95
N ALA B 2000 -55.23 64.36 -20.89
CA ALA B 2000 -55.57 64.94 -19.60
C ALA B 2000 -54.34 65.55 -18.94
N SER B 2001 -54.57 66.20 -17.81
CA SER B 2001 -53.51 66.85 -17.05
C SER B 2001 -53.59 66.44 -15.60
N ARG B 2002 -52.43 66.42 -14.94
CA ARG B 2002 -52.33 66.11 -13.52
C ARG B 2002 -52.92 67.24 -12.68
N LYS B 2003 -52.86 67.05 -11.37
CA LYS B 2003 -53.40 68.04 -10.45
C LYS B 2003 -52.65 69.36 -10.58
N MET B 2004 -53.38 70.46 -10.68
CA MET B 2004 -52.77 71.78 -10.82
C MET B 2004 -52.71 72.53 -9.50
N LEU B 2005 -51.57 73.18 -9.27
CA LEU B 2005 -51.32 73.94 -8.06
C LEU B 2005 -51.93 75.32 -8.20
N SER B 2006 -53.05 75.56 -7.52
CA SER B 2006 -53.71 76.86 -7.64
C SER B 2006 -52.87 77.93 -6.96
N GLU B 2007 -52.98 79.15 -7.48
CA GLU B 2007 -52.26 80.29 -6.91
C GLU B 2007 -52.78 80.67 -5.53
N THR B 2008 -54.00 80.28 -5.19
CA THR B 2008 -54.60 80.57 -3.89
C THR B 2008 -54.33 79.48 -2.87
N SER B 2009 -53.54 78.48 -3.23
CA SER B 2009 -53.27 77.36 -2.34
C SER B 2009 -52.41 77.79 -1.16
N ASN B 2010 -52.89 77.52 0.03
CA ASN B 2010 -52.13 77.79 1.24
C ASN B 2010 -51.01 76.76 1.34
N PRO B 2011 -49.77 77.17 1.52
CA PRO B 2011 -48.70 76.17 1.68
C PRO B 2011 -48.94 75.20 2.82
N GLU B 2012 -49.54 75.66 3.92
CA GLU B 2012 -49.74 74.80 5.08
C GLU B 2012 -50.77 73.70 4.85
N ASP B 2013 -51.87 73.98 4.13
CA ASP B 2013 -52.86 72.92 3.97
C ASP B 2013 -52.36 71.85 2.99
N LEU B 2014 -51.64 72.27 1.95
CA LEU B 2014 -51.08 71.28 1.03
C LEU B 2014 -49.94 70.51 1.68
N ILE B 2015 -49.26 71.10 2.67
CA ILE B 2015 -48.41 70.28 3.53
C ILE B 2015 -49.26 69.28 4.28
N GLN B 2016 -50.41 69.72 4.79
CA GLN B 2016 -51.29 68.83 5.54
C GLN B 2016 -51.93 67.80 4.63
N THR B 2017 -52.31 68.20 3.42
CA THR B 2017 -52.97 67.26 2.51
C THR B 2017 -51.96 66.54 1.62
N SER B 2018 -50.72 66.43 2.05
CA SER B 2018 -49.71 65.65 1.35
C SER B 2018 -49.53 64.33 2.08
N SER B 2019 -49.25 63.28 1.32
CA SER B 2019 -49.08 61.96 1.91
C SER B 2019 -47.86 61.92 2.83
N THR B 2020 -47.99 61.13 3.90
CA THR B 2020 -46.91 61.00 4.88
C THR B 2020 -45.65 60.44 4.23
N GLU B 2021 -45.82 59.53 3.28
CA GLU B 2021 -44.67 59.00 2.55
C GLU B 2021 -43.97 60.09 1.76
N GLN B 2022 -44.75 61.00 1.17
CA GLN B 2022 -44.16 62.17 0.52
C GLN B 2022 -43.40 62.99 1.53
N LEU B 2023 -43.97 63.15 2.73
CA LEU B 2023 -43.36 63.93 3.78
C LEU B 2023 -42.01 63.34 4.20
N ARG B 2024 -41.98 62.03 4.46
CA ARG B 2024 -40.72 61.40 4.89
C ARG B 2024 -39.66 61.48 3.80
N THR B 2025 -40.06 61.26 2.54
CA THR B 2025 -39.09 61.32 1.46
C THR B 2025 -38.49 62.71 1.31
N ILE B 2026 -39.35 63.74 1.30
CA ILE B 2026 -38.84 65.10 1.11
C ILE B 2026 -38.01 65.53 2.30
N ILE B 2027 -38.36 65.08 3.52
CA ILE B 2027 -37.51 65.34 4.68
C ILE B 2027 -36.13 64.75 4.46
N ARG B 2028 -36.08 63.52 3.94
CA ARG B 2028 -34.78 62.89 3.74
C ARG B 2028 -33.97 63.67 2.73
N TYR B 2029 -34.63 64.16 1.68
CA TYR B 2029 -33.92 64.97 0.69
C TYR B 2029 -33.42 66.28 1.30
N LEU B 2030 -34.26 66.96 2.06
CA LEU B 2030 -33.82 68.26 2.56
C LEU B 2030 -32.85 68.16 3.72
N LEU B 2031 -32.83 67.05 4.45
CA LEU B 2031 -31.70 66.82 5.35
C LEU B 2031 -30.42 66.57 4.58
N ASP B 2032 -30.51 65.85 3.45
CA ASP B 2032 -29.34 65.74 2.57
C ASP B 2032 -28.86 67.13 2.15
N THR B 2033 -29.79 68.00 1.78
CA THR B 2033 -29.42 69.35 1.39
C THR B 2033 -28.78 70.11 2.54
N LEU B 2034 -29.33 69.96 3.74
CA LEU B 2034 -28.77 70.68 4.87
C LEU B 2034 -27.39 70.17 5.26
N LEU B 2035 -27.18 68.86 5.14
CA LEU B 2035 -25.84 68.32 5.33
C LEU B 2035 -24.88 68.85 4.27
N SER B 2036 -25.36 69.00 3.02
CA SER B 2036 -24.52 69.59 1.98
C SER B 2036 -24.14 71.02 2.33
N LEU B 2037 -25.08 71.81 2.84
CA LEU B 2037 -24.74 73.18 3.28
C LEU B 2037 -23.74 73.16 4.43
N LEU B 2038 -23.93 72.25 5.40
CA LEU B 2038 -23.00 72.17 6.52
C LEU B 2038 -21.60 71.82 6.05
N HIS B 2039 -21.49 70.88 5.10
CA HIS B 2039 -20.16 70.58 4.60
C HIS B 2039 -19.69 71.72 3.71
N ALA B 2040 -20.62 72.47 3.12
CA ALA B 2040 -20.29 73.56 2.22
C ALA B 2040 -19.64 74.69 2.99
N SER B 2041 -19.87 74.73 4.31
CA SER B 2041 -19.15 75.71 5.11
C SER B 2041 -17.69 75.32 5.28
N ASN B 2042 -17.32 74.10 4.85
CA ASN B 2042 -15.98 73.53 4.95
C ASN B 2042 -15.46 73.50 6.37
N GLY B 2043 -16.37 73.23 7.31
CA GLY B 2043 -16.00 73.21 8.71
C GLY B 2043 -15.90 74.56 9.36
N HIS B 2044 -16.20 75.64 8.63
CA HIS B 2044 -16.11 76.98 9.20
C HIS B 2044 -17.35 77.25 10.03
N SER B 2045 -17.54 78.51 10.40
CA SER B 2045 -18.64 78.89 11.27
C SER B 2045 -19.97 78.66 10.56
N VAL B 2046 -20.83 77.90 11.19
CA VAL B 2046 -22.20 77.71 10.73
C VAL B 2046 -22.86 79.08 10.92
N PRO B 2047 -23.77 79.49 10.04
CA PRO B 2047 -24.49 80.76 10.25
C PRO B 2047 -25.19 80.79 11.59
N ALA B 2048 -25.12 81.94 12.24
CA ALA B 2048 -25.69 82.07 13.58
C ALA B 2048 -27.21 82.10 13.55
N VAL B 2049 -27.81 82.31 12.38
CA VAL B 2049 -29.26 82.36 12.29
C VAL B 2049 -29.86 80.99 12.64
N LEU B 2050 -29.31 79.92 12.07
CA LEU B 2050 -29.78 78.57 12.36
C LEU B 2050 -29.31 78.10 13.72
N GLN B 2051 -28.16 78.58 14.16
CA GLN B 2051 -27.67 78.26 15.49
C GLN B 2051 -28.61 78.80 16.55
N SER B 2052 -29.09 80.04 16.36
CA SER B 2052 -30.12 80.59 17.21
C SER B 2052 -31.45 79.90 17.00
N THR B 2053 -31.74 79.51 15.75
CA THR B 2053 -32.97 78.79 15.42
C THR B 2053 -33.03 77.45 16.13
N PHE B 2054 -31.91 76.75 16.22
CA PHE B 2054 -31.90 75.45 16.90
C PHE B 2054 -31.75 75.63 18.41
N HIS B 2055 -32.74 76.31 18.97
CA HIS B 2055 -32.84 76.49 20.41
C HIS B 2055 -33.43 75.22 21.02
N ALA B 2056 -33.65 75.27 22.33
CA ALA B 2056 -34.04 74.08 23.08
C ALA B 2056 -35.39 73.52 22.62
N GLN B 2057 -36.40 74.38 22.54
CA GLN B 2057 -37.76 73.91 22.23
C GLN B 2057 -37.86 73.38 20.81
N ALA B 2058 -37.25 74.06 19.83
CA ALA B 2058 -37.29 73.59 18.45
C ALA B 2058 -36.59 72.26 18.29
N CYS B 2059 -35.40 72.12 18.89
CA CYS B 2059 -34.65 70.88 18.84
C CYS B 2059 -35.44 69.76 19.51
N GLU B 2060 -36.02 70.04 20.66
CA GLU B 2060 -36.81 69.06 21.40
C GLU B 2060 -38.00 68.61 20.58
N GLU B 2061 -38.69 69.55 19.94
CA GLU B 2061 -39.86 69.21 19.14
C GLU B 2061 -39.49 68.37 17.93
N LEU B 2062 -38.37 68.69 17.27
CA LEU B 2062 -37.99 67.90 16.10
C LEU B 2062 -37.63 66.47 16.48
N PHE B 2063 -36.84 66.26 17.54
CA PHE B 2063 -36.59 64.89 18.01
C PHE B 2063 -37.86 64.21 18.48
N LYS B 2064 -38.72 64.94 19.19
CA LYS B 2064 -39.92 64.35 19.76
C LYS B 2064 -40.85 63.87 18.64
N HIS B 2065 -40.83 64.57 17.51
CA HIS B 2065 -41.65 64.15 16.39
C HIS B 2065 -40.98 63.11 15.51
N LEU B 2066 -39.66 63.04 15.46
CA LEU B 2066 -39.04 62.13 14.49
C LEU B 2066 -38.58 60.82 15.09
N CYS B 2067 -38.01 60.83 16.30
CA CYS B 2067 -37.37 59.61 16.79
C CYS B 2067 -38.41 58.57 17.15
N ILE B 2068 -39.59 59.02 17.56
CA ILE B 2068 -40.64 58.06 17.88
C ILE B 2068 -41.15 57.39 16.60
N SER B 2069 -41.28 58.16 15.51
CA SER B 2069 -41.94 57.68 14.29
C SER B 2069 -41.06 57.53 13.06
N GLY B 2070 -39.96 58.28 12.96
CA GLY B 2070 -39.16 58.31 11.74
C GLY B 2070 -38.38 57.04 11.47
N THR B 2071 -37.87 56.94 10.25
CA THR B 2071 -37.04 55.80 9.91
C THR B 2071 -35.72 55.90 10.68
N PRO B 2072 -35.04 54.77 10.93
CA PRO B 2072 -33.77 54.84 11.67
C PRO B 2072 -32.72 55.69 10.97
N LYS B 2073 -32.73 55.65 9.64
CA LYS B 2073 -31.78 56.38 8.81
C LYS B 2073 -31.92 57.88 8.98
N ILE B 2074 -33.16 58.39 8.97
CA ILE B 2074 -33.30 59.83 9.16
C ILE B 2074 -33.01 60.22 10.60
N ARG B 2075 -33.25 59.32 11.55
CA ARG B 2075 -32.85 59.56 12.93
C ARG B 2075 -31.35 59.77 13.05
N LEU B 2076 -30.57 58.83 12.49
CA LEU B 2076 -29.12 58.95 12.53
C LEU B 2076 -28.65 60.20 11.81
N HIS B 2077 -29.29 60.51 10.68
CA HIS B 2077 -28.86 61.67 9.92
C HIS B 2077 -29.11 62.97 10.67
N THR B 2078 -30.28 63.12 11.28
CA THR B 2078 -30.52 64.35 12.03
C THR B 2078 -29.64 64.41 13.27
N GLY B 2079 -29.35 63.26 13.88
CA GLY B 2079 -28.42 63.23 14.99
C GLY B 2079 -27.04 63.72 14.60
N LEU B 2080 -26.54 63.26 13.44
CA LEU B 2080 -25.20 63.68 13.04
C LEU B 2080 -25.17 65.16 12.65
N LEU B 2081 -26.21 65.66 11.97
CA LEU B 2081 -26.27 67.10 11.70
C LEU B 2081 -26.29 67.92 12.97
N LEU B 2082 -27.16 67.56 13.92
CA LEU B 2082 -27.23 68.33 15.15
C LEU B 2082 -25.97 68.21 15.99
N VAL B 2083 -25.31 67.05 16.00
CA VAL B 2083 -24.10 66.98 16.81
C VAL B 2083 -23.01 67.83 16.15
N GLN B 2084 -22.97 67.88 14.82
CA GLN B 2084 -21.99 68.77 14.19
C GLN B 2084 -22.38 70.23 14.24
N LEU B 2085 -23.60 70.58 14.63
CA LEU B 2085 -23.98 71.99 14.71
C LEU B 2085 -24.13 72.47 16.16
N CYS B 2086 -24.97 71.81 16.94
CA CYS B 2086 -25.27 72.19 18.31
C CYS B 2086 -24.53 71.34 19.34
N GLY B 2087 -23.53 70.57 18.91
CA GLY B 2087 -22.80 69.71 19.83
C GLY B 2087 -22.08 70.51 20.91
N GLY B 2088 -21.51 71.65 20.54
CA GLY B 2088 -20.78 72.54 21.40
C GLY B 2088 -21.62 73.46 22.25
N GLU B 2089 -22.95 73.34 22.18
CA GLU B 2089 -23.84 74.22 22.92
C GLU B 2089 -23.67 74.06 24.42
N ARG B 2090 -23.82 75.19 25.13
CA ARG B 2090 -23.66 75.17 26.57
C ARG B 2090 -24.84 74.51 27.26
N TRP B 2091 -26.00 74.51 26.62
CA TRP B 2091 -27.20 73.89 27.13
C TRP B 2091 -27.35 72.46 26.64
N TRP B 2092 -26.38 71.97 25.89
CA TRP B 2092 -26.45 70.65 25.26
C TRP B 2092 -26.55 69.55 26.29
N GLY B 2093 -25.74 69.63 27.35
CA GLY B 2093 -25.80 68.62 28.40
C GLY B 2093 -27.13 68.64 29.13
N GLN B 2094 -27.60 69.84 29.48
CA GLN B 2094 -28.90 69.97 30.14
C GLN B 2094 -30.03 69.52 29.22
N PHE B 2095 -29.94 69.86 27.93
CA PHE B 2095 -30.93 69.41 26.96
C PHE B 2095 -30.96 67.89 26.87
N LEU B 2096 -29.79 67.28 26.81
CA LEU B 2096 -29.69 65.83 26.77
C LEU B 2096 -30.28 65.21 28.02
N SER B 2097 -29.96 65.78 29.19
CA SER B 2097 -30.50 65.28 30.45
C SER B 2097 -32.02 65.36 30.46
N ASN B 2098 -32.56 66.48 29.98
CA ASN B 2098 -34.00 66.65 29.91
C ASN B 2098 -34.65 65.60 29.01
N VAL B 2099 -34.15 65.46 27.78
CA VAL B 2099 -34.81 64.57 26.84
C VAL B 2099 -34.69 63.12 27.28
N LEU B 2100 -33.53 62.73 27.82
CA LEU B 2100 -33.42 61.41 28.42
C LEU B 2100 -34.40 61.21 29.57
N GLN B 2101 -34.64 62.25 30.37
CA GLN B 2101 -35.55 62.07 31.49
C GLN B 2101 -36.98 61.85 30.98
N GLU B 2102 -37.42 62.68 30.04
CA GLU B 2102 -38.82 62.62 29.63
C GLU B 2102 -39.13 61.65 28.49
N LEU B 2103 -38.13 60.98 27.90
CA LEU B 2103 -38.49 59.97 26.90
C LEU B 2103 -38.69 58.58 27.49
N TYR B 2104 -37.89 58.20 28.48
CA TYR B 2104 -37.81 56.83 28.92
C TYR B 2104 -38.56 56.54 30.20
N ASN B 2105 -39.18 57.57 30.81
CA ASN B 2105 -39.94 57.47 32.07
C ASN B 2105 -40.82 56.22 32.13
N SER B 2106 -40.91 55.63 33.33
CA SER B 2106 -41.85 54.53 33.54
C SER B 2106 -43.30 54.96 33.40
N GLU B 2107 -43.58 56.26 33.49
CA GLU B 2107 -44.91 56.77 33.27
C GLU B 2107 -45.12 57.15 31.81
N GLN B 2108 -44.06 57.12 31.00
CA GLN B 2108 -44.16 57.45 29.59
C GLN B 2108 -44.81 56.27 28.89
N LEU B 2109 -46.02 56.46 28.38
CA LEU B 2109 -46.76 55.40 27.72
C LEU B 2109 -46.44 55.28 26.24
N LEU B 2110 -45.72 56.24 25.68
CA LEU B 2110 -45.43 56.24 24.25
C LEU B 2110 -44.55 55.05 23.89
N ILE B 2111 -44.90 54.39 22.79
CA ILE B 2111 -44.20 53.21 22.30
C ILE B 2111 -43.24 53.63 21.18
N PHE B 2112 -41.95 53.45 21.42
CA PHE B 2112 -40.91 53.86 20.48
C PHE B 2112 -39.76 52.86 20.59
N PRO B 2113 -38.96 52.70 19.53
CA PRO B 2113 -37.87 51.70 19.59
C PRO B 2113 -36.75 52.12 20.52
N GLN B 2114 -36.91 51.87 21.83
CA GLN B 2114 -35.98 52.36 22.84
C GLN B 2114 -34.55 51.90 22.56
N ASP B 2115 -34.40 50.68 22.04
CA ASP B 2115 -33.08 50.13 21.79
C ASP B 2115 -32.33 50.86 20.66
N ARG B 2116 -32.96 51.02 19.50
CA ARG B 2116 -32.28 51.67 18.39
C ARG B 2116 -32.04 53.14 18.67
N VAL B 2117 -33.07 53.85 19.16
CA VAL B 2117 -32.89 55.26 19.41
C VAL B 2117 -31.93 55.46 20.58
N PHE B 2118 -31.89 54.51 21.51
CA PHE B 2118 -30.99 54.62 22.64
C PHE B 2118 -29.54 54.37 22.24
N MET B 2119 -29.29 53.38 21.38
CA MET B 2119 -27.94 53.19 20.86
C MET B 2119 -27.52 54.38 20.02
N LEU B 2120 -28.45 54.95 19.27
CA LEU B 2120 -28.16 56.18 18.54
C LEU B 2120 -27.78 57.30 19.50
N LEU B 2121 -28.49 57.38 20.63
CA LEU B 2121 -28.15 58.33 21.68
C LEU B 2121 -26.75 58.08 22.19
N SER B 2122 -26.39 56.80 22.32
CA SER B 2122 -25.04 56.43 22.71
C SER B 2122 -24.03 56.92 21.69
N CYS B 2123 -24.36 56.79 20.41
CA CYS B 2123 -23.43 57.18 19.36
C CYS B 2123 -23.24 58.69 19.33
N ILE B 2124 -24.33 59.44 19.51
CA ILE B 2124 -24.21 60.90 19.50
C ILE B 2124 -23.48 61.39 20.74
N GLY B 2125 -23.70 60.73 21.88
CA GLY B 2125 -22.90 61.05 23.06
C GLY B 2125 -21.43 60.75 22.85
N GLN B 2126 -21.14 59.68 22.10
CA GLN B 2126 -19.76 59.38 21.74
C GLN B 2126 -19.16 60.50 20.91
N ARG B 2127 -19.91 61.03 19.94
CA ARG B 2127 -19.42 62.17 19.19
C ARG B 2127 -19.28 63.41 20.07
N SER B 2128 -20.20 63.58 21.02
CA SER B 2128 -20.26 64.76 21.89
C SER B 2128 -19.33 64.72 23.10
N LEU B 2129 -18.60 63.61 23.33
CA LEU B 2129 -17.65 63.53 24.45
C LEU B 2129 -16.69 64.73 24.55
N SER B 2130 -16.42 65.39 23.43
CA SER B 2130 -15.58 66.59 23.44
C SER B 2130 -16.16 67.66 24.35
N ASN B 2131 -17.48 67.83 24.32
CA ASN B 2131 -18.13 68.70 25.29
C ASN B 2131 -17.98 68.08 26.67
N SER B 2132 -17.68 68.93 27.66
CA SER B 2132 -17.44 68.47 29.02
C SER B 2132 -18.70 68.44 29.87
N GLY B 2133 -19.70 69.24 29.52
CA GLY B 2133 -20.89 69.40 30.33
C GLY B 2133 -21.81 68.19 30.33
N VAL B 2134 -21.66 67.32 29.33
CA VAL B 2134 -22.55 66.16 29.21
C VAL B 2134 -22.38 65.23 30.40
N LEU B 2135 -21.13 64.95 30.78
CA LEU B 2135 -20.88 64.04 31.89
C LEU B 2135 -21.35 64.63 33.21
N GLU B 2136 -21.08 65.92 33.42
CA GLU B 2136 -21.55 66.61 34.61
C GLU B 2136 -23.07 66.60 34.71
N SER B 2137 -23.75 66.91 33.60
CA SER B 2137 -25.21 66.91 33.59
C SER B 2137 -25.77 65.53 33.87
N LEU B 2138 -25.15 64.48 33.32
CA LEU B 2138 -25.71 63.15 33.53
C LEU B 2138 -25.52 62.69 34.97
N LEU B 2139 -24.34 62.92 35.55
CA LEU B 2139 -24.17 62.56 36.95
C LEU B 2139 -25.02 63.43 37.86
N ASN B 2140 -25.32 64.67 37.44
CA ASN B 2140 -26.27 65.49 38.20
C ASN B 2140 -27.66 64.88 38.13
N LEU B 2141 -28.04 64.35 36.98
CA LEU B 2141 -29.31 63.66 36.87
C LEU B 2141 -29.32 62.43 37.76
N LEU B 2142 -28.20 61.72 37.83
CA LEU B 2142 -28.08 60.59 38.74
C LEU B 2142 -28.24 61.02 40.19
N ASP B 2143 -27.64 62.16 40.55
CA ASP B 2143 -27.74 62.70 41.89
C ASP B 2143 -29.18 62.99 42.24
N ASN B 2144 -29.88 63.68 41.34
CA ASN B 2144 -31.30 63.95 41.56
C ASN B 2144 -32.13 62.67 41.44
N LEU B 2145 -31.57 61.65 40.79
CA LEU B 2145 -32.30 60.44 40.47
C LEU B 2145 -32.46 59.55 41.68
N LEU B 2146 -31.36 59.18 42.33
CA LEU B 2146 -31.52 58.30 43.49
C LEU B 2146 -31.69 59.08 44.78
N SER B 2147 -32.25 60.29 44.69
CA SER B 2147 -32.62 61.04 45.89
C SER B 2147 -33.62 60.31 46.81
N PRO B 2148 -34.64 59.52 46.30
CA PRO B 2148 -35.50 58.76 47.24
C PRO B 2148 -34.78 57.70 48.08
N LEU B 2149 -33.47 57.57 47.90
CA LEU B 2149 -32.61 56.67 48.67
C LEU B 2149 -31.64 57.49 49.51
N GLN B 2150 -32.16 58.57 50.08
CA GLN B 2150 -31.38 59.49 50.89
C GLN B 2150 -30.94 58.86 52.21
N LEU B 2163 -38.12 52.81 44.21
CA LEU B 2163 -36.97 52.77 43.31
C LEU B 2163 -37.40 52.28 41.92
N ASP B 2164 -36.90 52.95 40.89
CA ASP B 2164 -37.24 52.63 39.51
C ASP B 2164 -36.00 52.04 38.85
N ILE B 2165 -35.87 50.71 38.93
CA ILE B 2165 -34.66 50.03 38.44
C ILE B 2165 -34.35 50.28 36.97
N PRO B 2166 -35.32 50.26 36.03
CA PRO B 2166 -34.97 50.46 34.61
C PRO B 2166 -34.22 51.75 34.27
N MET B 2167 -34.65 52.87 34.87
CA MET B 2167 -33.97 54.15 34.66
C MET B 2167 -32.48 54.02 34.92
N ILE B 2168 -32.15 53.47 36.08
CA ILE B 2168 -30.78 53.24 36.49
C ILE B 2168 -30.07 52.29 35.53
N SER B 2169 -30.74 51.20 35.14
CA SER B 2169 -30.08 50.20 34.30
C SER B 2169 -29.60 50.77 32.98
N TRP B 2170 -30.50 51.42 32.23
CA TRP B 2170 -30.07 52.00 30.96
C TRP B 2170 -29.02 53.07 31.16
N VAL B 2171 -29.20 53.95 32.15
CA VAL B 2171 -28.27 55.07 32.22
C VAL B 2171 -26.88 54.58 32.63
N VAL B 2172 -26.80 53.61 33.54
CA VAL B 2172 -25.49 53.12 33.95
C VAL B 2172 -24.81 52.34 32.83
N MET B 2173 -25.57 51.56 32.05
CA MET B 2173 -24.92 50.88 30.93
C MET B 2173 -24.46 51.89 29.90
N LEU B 2174 -25.25 52.93 29.67
CA LEU B 2174 -24.89 53.97 28.72
C LEU B 2174 -23.59 54.66 29.14
N VAL B 2175 -23.50 55.05 30.40
CA VAL B 2175 -22.29 55.71 30.87
C VAL B 2175 -21.14 54.74 30.89
N SER B 2176 -21.43 53.44 31.06
CA SER B 2176 -20.38 52.44 31.00
C SER B 2176 -19.79 52.40 29.60
N ARG B 2177 -20.66 52.47 28.59
CA ARG B 2177 -20.19 52.54 27.21
C ARG B 2177 -19.34 53.78 26.99
N LEU B 2178 -19.80 54.90 27.54
CA LEU B 2178 -19.06 56.15 27.41
C LEU B 2178 -17.68 56.04 28.05
N LEU B 2179 -17.61 55.44 29.24
CA LEU B 2179 -16.35 55.27 29.93
C LEU B 2179 -15.46 54.26 29.24
N ASP B 2180 -16.05 53.23 28.63
CA ASP B 2180 -15.27 52.27 27.86
C ASP B 2180 -14.62 52.92 26.67
N TYR B 2181 -15.35 53.78 25.96
CA TYR B 2181 -14.72 54.46 24.83
C TYR B 2181 -13.67 55.45 25.31
N VAL B 2182 -13.90 56.10 26.45
CA VAL B 2182 -12.89 56.98 27.03
C VAL B 2182 -11.63 56.19 27.38
N ALA B 2183 -11.82 55.02 28.00
CA ALA B 2183 -10.70 54.17 28.39
C ALA B 2183 -9.92 53.64 27.19
N THR B 2184 -10.61 53.22 26.13
CA THR B 2184 -9.90 52.76 24.95
C THR B 2184 -9.12 53.91 24.30
N VAL B 2185 -9.69 55.11 24.27
CA VAL B 2185 -8.96 56.27 23.74
C VAL B 2185 -7.72 56.55 24.57
N GLU B 2186 -7.85 56.48 25.89
CA GLU B 2186 -6.68 56.68 26.77
C GLU B 2186 -5.63 55.59 26.55
N ASP B 2187 -6.07 54.34 26.40
CA ASP B 2187 -5.14 53.23 26.20
C ASP B 2187 -4.37 53.34 24.88
N GLU B 2188 -5.06 53.67 23.79
CA GLU B 2188 -4.39 53.75 22.50
C GLU B 2188 -3.50 54.98 22.39
N ALA B 2189 -3.70 55.99 23.24
CA ALA B 2189 -2.88 57.19 23.21
C ALA B 2189 -1.77 57.11 24.27
N ASN B 2199 -7.40 46.17 31.08
CA ASN B 2199 -7.74 44.84 30.56
C ASN B 2199 -8.56 44.07 31.58
N GLN B 2200 -8.71 44.66 32.77
CA GLN B 2200 -9.49 44.02 33.83
C GLN B 2200 -10.97 43.93 33.47
N TRP B 2201 -11.44 44.84 32.62
CA TRP B 2201 -12.80 44.96 32.13
C TRP B 2201 -13.07 44.21 30.84
N SER B 2202 -12.08 43.47 30.33
CA SER B 2202 -12.15 42.82 29.01
C SER B 2202 -13.20 41.73 28.93
N PHE B 2203 -13.75 41.29 30.06
CA PHE B 2203 -14.76 40.24 30.10
C PHE B 2203 -16.14 40.73 29.67
N ILE B 2204 -16.28 41.99 29.30
CA ILE B 2204 -17.55 42.56 28.90
C ILE B 2204 -17.61 42.86 27.41
N ASN B 2205 -16.53 43.38 26.84
CA ASN B 2205 -16.47 43.78 25.44
C ASN B 2205 -16.20 42.64 24.45
N ASN B 2206 -16.26 41.38 24.90
CA ASN B 2206 -16.04 40.19 24.06
C ASN B 2206 -14.69 40.20 23.34
N PHE B 2321 -11.61 63.07 32.69
CA PHE B 2321 -11.05 64.39 32.92
C PHE B 2321 -11.12 64.74 34.40
N THR B 2322 -11.30 66.01 34.71
CA THR B 2322 -11.42 66.47 36.09
C THR B 2322 -12.89 66.67 36.44
N LEU B 2323 -13.26 66.24 37.64
CA LEU B 2323 -14.64 66.31 38.11
C LEU B 2323 -14.65 66.91 39.49
N ALA B 2324 -15.75 67.59 39.83
CA ALA B 2324 -15.89 68.17 41.16
C ALA B 2324 -15.90 67.04 42.19
N HIS B 2325 -15.12 67.24 43.24
CA HIS B 2325 -14.86 66.16 44.19
C HIS B 2325 -16.06 65.85 45.07
N GLU B 2326 -16.74 66.90 45.57
CA GLU B 2326 -17.79 66.72 46.56
C GLU B 2326 -19.01 66.01 45.98
N ARG B 2327 -19.49 66.47 44.84
CA ARG B 2327 -20.66 65.84 44.22
C ARG B 2327 -20.34 64.42 43.77
N CYS B 2328 -19.11 64.18 43.35
CA CYS B 2328 -18.69 62.81 43.04
C CYS B 2328 -18.76 61.94 44.28
N ILE B 2329 -18.32 62.48 45.42
CA ILE B 2329 -18.41 61.76 46.69
C ILE B 2329 -19.86 61.46 47.03
N SER B 2330 -20.73 62.45 46.83
CA SER B 2330 -22.15 62.29 47.14
C SER B 2330 -22.78 61.17 46.30
N VAL B 2331 -22.54 61.21 44.99
CA VAL B 2331 -23.17 60.20 44.14
C VAL B 2331 -22.58 58.81 44.42
N VAL B 2332 -21.29 58.71 44.73
CA VAL B 2332 -20.74 57.38 45.02
C VAL B 2332 -21.29 56.83 46.33
N GLN B 2333 -21.39 57.66 47.38
CA GLN B 2333 -21.93 57.11 48.63
C GLN B 2333 -23.39 56.76 48.49
N LYS B 2334 -24.14 57.49 47.66
CA LYS B 2334 -25.52 57.11 47.40
C LYS B 2334 -25.56 55.78 46.66
N LEU B 2335 -24.60 55.57 45.76
CA LEU B 2335 -24.48 54.30 45.07
C LEU B 2335 -24.18 53.17 46.05
N VAL B 2336 -23.33 53.43 47.04
CA VAL B 2336 -23.02 52.43 48.06
C VAL B 2336 -24.24 52.09 48.89
N LEU B 2337 -25.02 53.11 49.24
CA LEU B 2337 -26.28 52.89 49.94
C LEU B 2337 -27.22 52.05 49.10
N PHE B 2338 -27.23 52.27 47.79
CA PHE B 2338 -28.01 51.42 46.91
C PHE B 2338 -27.49 49.99 46.89
N LEU B 2339 -26.16 49.83 46.93
CA LEU B 2339 -25.58 48.49 46.95
C LEU B 2339 -25.99 47.70 48.17
N LEU B 2340 -26.00 48.33 49.34
CA LEU B 2340 -26.24 47.57 50.56
C LEU B 2340 -27.70 47.15 50.76
N SER B 2341 -28.62 47.62 49.91
CA SER B 2341 -30.04 47.31 50.12
C SER B 2341 -30.65 46.47 49.00
N MET B 2342 -29.96 45.42 48.57
CA MET B 2342 -30.36 44.61 47.42
C MET B 2342 -31.08 43.32 47.80
N ASP B 2343 -32.37 43.28 47.49
CA ASP B 2343 -33.25 42.15 47.67
C ASP B 2343 -33.54 41.49 46.32
N PHE B 2344 -34.52 40.57 46.30
CA PHE B 2344 -34.98 39.92 45.08
C PHE B 2344 -35.47 40.89 44.01
N THR B 2345 -35.99 42.06 44.39
CA THR B 2345 -36.49 42.99 43.37
C THR B 2345 -35.41 43.49 42.43
N CYS B 2346 -34.14 43.37 42.82
CA CYS B 2346 -33.00 43.68 41.99
C CYS B 2346 -32.20 42.41 41.72
N HIS B 2347 -31.39 42.45 40.67
CA HIS B 2347 -30.65 41.29 40.21
C HIS B 2347 -29.16 41.57 40.24
N ALA B 2348 -28.38 40.52 39.97
CA ALA B 2348 -26.93 40.57 40.11
C ALA B 2348 -26.21 41.29 38.98
N ASP B 2349 -26.70 41.19 37.75
CA ASP B 2349 -26.03 41.78 36.60
C ASP B 2349 -25.93 43.29 36.70
N LEU B 2350 -27.06 43.94 37.04
CA LEU B 2350 -27.04 45.37 37.29
C LEU B 2350 -26.10 45.73 38.43
N LEU B 2351 -26.03 44.89 39.46
CA LEU B 2351 -25.11 45.12 40.57
C LEU B 2351 -23.65 45.10 40.11
N LEU B 2352 -23.26 44.05 39.40
CA LEU B 2352 -21.87 43.96 38.94
C LEU B 2352 -21.56 45.11 38.00
N PHE B 2353 -22.55 45.53 37.21
CA PHE B 2353 -22.34 46.60 36.25
C PHE B 2353 -22.19 47.94 36.95
N VAL B 2354 -22.99 48.19 37.98
CA VAL B 2354 -22.86 49.42 38.74
C VAL B 2354 -21.54 49.41 39.52
N CYS B 2355 -21.11 48.25 40.00
CA CYS B 2355 -19.79 48.17 40.63
C CYS B 2355 -18.69 48.54 39.65
N LYS B 2356 -18.79 48.04 38.41
CA LYS B 2356 -17.76 48.34 37.43
C LYS B 2356 -17.74 49.82 37.08
N VAL B 2357 -18.92 50.43 36.89
CA VAL B 2357 -18.94 51.86 36.61
C VAL B 2357 -18.45 52.65 37.82
N LEU B 2358 -18.74 52.15 39.03
CA LEU B 2358 -18.23 52.77 40.25
C LEU B 2358 -16.72 52.80 40.24
N ALA B 2359 -16.10 51.67 39.91
CA ALA B 2359 -14.65 51.59 39.85
C ALA B 2359 -14.11 52.57 38.82
N ARG B 2360 -14.78 52.64 37.67
CA ARG B 2360 -14.32 53.52 36.61
C ARG B 2360 -14.42 54.99 36.99
N ILE B 2361 -15.54 55.41 37.59
CA ILE B 2361 -15.68 56.80 38.02
C ILE B 2361 -14.71 57.11 39.13
N ALA B 2362 -14.51 56.17 40.07
CA ALA B 2362 -13.58 56.38 41.17
C ALA B 2362 -12.18 56.62 40.64
N ASN B 2363 -11.80 55.88 39.60
CA ASN B 2363 -10.50 56.09 38.99
C ASN B 2363 -10.51 57.40 38.21
N ALA B 2364 -11.69 57.80 37.73
CA ALA B 2364 -11.78 58.98 36.89
C ALA B 2364 -11.60 60.26 37.69
N THR B 2365 -12.17 60.32 38.89
CA THR B 2365 -12.15 61.56 39.66
C THR B 2365 -10.73 61.89 40.09
N ARG B 2366 -10.38 63.17 39.99
CA ARG B 2366 -9.07 63.65 40.39
C ARG B 2366 -9.21 64.57 41.60
N PRO B 2367 -8.63 64.24 42.76
CA PRO B 2367 -7.82 63.06 43.09
C PRO B 2367 -8.66 61.83 43.35
N THR B 2368 -8.05 60.66 43.33
CA THR B 2368 -8.76 59.41 43.52
C THR B 2368 -9.33 59.37 44.94
N ILE B 2369 -10.58 58.92 45.04
CA ILE B 2369 -11.29 58.87 46.32
C ILE B 2369 -10.67 57.80 47.22
N HIS B 2370 -10.68 58.04 48.52
CA HIS B 2370 -10.18 57.05 49.46
C HIS B 2370 -11.33 56.46 50.26
N LEU B 2371 -11.09 55.28 50.83
CA LEU B 2371 -12.13 54.56 51.54
C LEU B 2371 -12.52 55.19 52.88
N CYS B 2372 -11.65 56.00 53.48
CA CYS B 2372 -11.92 56.62 54.77
C CYS B 2372 -13.14 57.51 54.70
N GLU B 2373 -13.26 58.26 53.61
CA GLU B 2373 -14.40 59.14 53.38
C GLU B 2373 -15.55 58.42 52.70
N ILE B 2374 -15.40 57.14 52.38
CA ILE B 2374 -16.44 56.38 51.71
C ILE B 2374 -17.26 55.55 52.67
N VAL B 2375 -16.59 54.77 53.53
CA VAL B 2375 -17.32 53.92 54.45
C VAL B 2375 -16.75 54.09 55.84
N ASN B 2376 -17.60 53.82 56.81
CA ASN B 2376 -17.21 53.72 58.20
C ASN B 2376 -17.06 52.25 58.55
N GLU B 2377 -16.80 52.00 59.82
CA GLU B 2377 -16.64 50.63 60.32
C GLU B 2377 -17.89 49.76 60.13
N PRO B 2378 -19.13 50.17 60.50
CA PRO B 2378 -20.27 49.26 60.28
C PRO B 2378 -20.51 48.92 58.81
N GLN B 2379 -20.33 49.87 57.91
CA GLN B 2379 -20.57 49.61 56.50
C GLN B 2379 -19.52 48.65 55.94
N LEU B 2380 -18.26 48.86 56.31
CA LEU B 2380 -17.19 47.96 55.90
C LEU B 2380 -17.40 46.58 56.49
N GLU B 2381 -17.83 46.52 57.75
CA GLU B 2381 -18.12 45.25 58.41
C GLU B 2381 -19.25 44.51 57.69
N ARG B 2382 -20.30 45.23 57.31
CA ARG B 2382 -21.40 44.63 56.59
C ARG B 2382 -20.93 44.10 55.25
N LEU B 2383 -20.07 44.88 54.58
CA LEU B 2383 -19.53 44.46 53.29
C LEU B 2383 -18.71 43.19 53.42
N LEU B 2384 -17.81 43.14 54.40
CA LEU B 2384 -16.98 41.94 54.54
C LEU B 2384 -17.81 40.72 54.92
N LEU B 2385 -18.78 40.87 55.83
CA LEU B 2385 -19.60 39.72 56.21
C LEU B 2385 -20.44 39.21 55.04
N LEU B 2386 -21.04 40.11 54.26
CA LEU B 2386 -21.74 39.66 53.06
C LEU B 2386 -20.79 39.02 52.07
N LEU B 2387 -19.56 39.51 51.99
CA LEU B 2387 -18.61 39.03 51.00
C LEU B 2387 -18.01 37.66 51.35
N VAL B 2388 -17.76 37.40 52.63
CA VAL B 2388 -16.93 36.25 52.99
C VAL B 2388 -17.60 35.26 53.92
N GLY B 2389 -18.60 35.63 54.72
CA GLY B 2389 -19.12 34.69 55.71
C GLY B 2389 -19.89 33.53 55.11
N THR B 2390 -19.85 32.38 55.78
CA THR B 2390 -20.59 31.20 55.33
C THR B 2390 -21.97 31.10 55.98
N ASP B 2391 -22.65 32.23 55.98
CA ASP B 2391 -24.08 32.32 56.25
C ASP B 2391 -24.81 32.95 55.09
N PHE B 2392 -24.08 33.63 54.20
CA PHE B 2392 -24.62 34.18 52.97
C PHE B 2392 -23.91 33.65 51.74
N ASN B 2393 -22.79 32.94 51.92
CA ASN B 2393 -21.94 32.49 50.83
C ASN B 2393 -21.85 30.97 50.87
N ARG B 2394 -22.99 30.31 50.99
CA ARG B 2394 -23.05 28.86 51.08
C ARG B 2394 -23.51 28.27 49.75
N GLY B 2395 -22.71 27.38 49.19
CA GLY B 2395 -23.05 26.69 47.97
C GLY B 2395 -22.86 27.51 46.71
N ASP B 2396 -23.40 26.96 45.63
CA ASP B 2396 -23.29 27.49 44.27
C ASP B 2396 -24.04 28.82 44.07
N ILE B 2397 -24.84 29.27 45.03
CA ILE B 2397 -25.57 30.52 44.82
C ILE B 2397 -24.86 31.58 45.68
N SER B 2398 -23.55 31.41 45.84
CA SER B 2398 -22.71 32.49 46.33
C SER B 2398 -23.00 33.76 45.54
N TRP B 2399 -22.89 34.90 46.22
CA TRP B 2399 -23.46 36.19 45.81
C TRP B 2399 -23.24 36.55 44.35
N GLY B 2400 -24.30 36.55 43.56
CA GLY B 2400 -24.20 36.92 42.16
C GLY B 2400 -23.40 35.98 41.29
N GLY B 2401 -22.97 34.86 41.84
CA GLY B 2401 -22.09 33.94 41.13
C GLY B 2401 -20.65 34.43 41.11
N ALA B 2402 -19.82 33.59 40.49
CA ALA B 2402 -18.38 33.80 40.43
C ALA B 2402 -18.02 35.09 39.70
N TRP B 2403 -18.81 35.43 38.68
CA TRP B 2403 -18.56 36.64 37.92
C TRP B 2403 -18.69 37.85 38.84
N ALA B 2404 -19.70 37.82 39.70
CA ALA B 2404 -19.93 38.90 40.65
C ALA B 2404 -18.83 38.98 41.70
N GLN B 2405 -18.41 37.85 42.28
CA GLN B 2405 -17.33 37.95 43.27
C GLN B 2405 -16.05 38.45 42.62
N TYR B 2406 -15.76 37.97 41.41
CA TYR B 2406 -14.56 38.42 40.70
C TYR B 2406 -14.61 39.92 40.46
N SER B 2407 -15.77 40.44 40.04
CA SER B 2407 -15.88 41.87 39.81
C SER B 2407 -15.73 42.66 41.10
N LEU B 2408 -16.30 42.15 42.19
CA LEU B 2408 -16.17 42.81 43.48
C LEU B 2408 -14.72 42.91 43.89
N THR B 2409 -13.98 41.81 43.74
CA THR B 2409 -12.54 41.84 44.00
C THR B 2409 -11.84 42.82 43.07
N CYS B 2410 -12.26 42.88 41.80
CA CYS B 2410 -11.67 43.78 40.84
C CYS B 2410 -11.81 45.23 41.27
N MET B 2411 -13.03 45.62 41.65
CA MET B 2411 -13.25 46.99 42.08
C MET B 2411 -12.47 47.30 43.35
N LEU B 2412 -12.43 46.34 44.30
CA LEU B 2412 -11.68 46.57 45.53
C LEU B 2412 -10.19 46.79 45.24
N GLN B 2413 -9.61 45.98 44.36
CA GLN B 2413 -8.18 46.15 44.07
C GLN B 2413 -7.94 47.48 43.35
N ASP B 2414 -8.81 47.85 42.41
CA ASP B 2414 -8.57 49.13 41.74
C ASP B 2414 -8.71 50.31 42.69
N ILE B 2415 -9.71 50.29 43.59
CA ILE B 2415 -9.87 51.43 44.50
C ILE B 2415 -8.71 51.53 45.47
N LEU B 2416 -8.23 50.39 46.02
CA LEU B 2416 -7.07 50.47 46.90
C LEU B 2416 -5.84 50.94 46.13
N ALA B 2417 -5.65 50.45 44.89
CA ALA B 2417 -4.50 50.86 44.10
C ALA B 2417 -4.54 52.35 43.82
N GLY B 2418 -5.72 52.89 43.52
CA GLY B 2418 -5.88 54.33 43.36
C GLY B 2418 -5.58 55.07 44.65
N GLU B 2419 -5.96 54.50 45.79
CA GLU B 2419 -5.60 55.10 47.07
C GLU B 2419 -4.10 55.07 47.33
N LEU B 2420 -3.37 54.19 46.64
CA LEU B 2420 -1.95 54.03 46.95
C LEU B 2420 -1.04 54.32 45.77
N LEU B 2421 -1.28 55.44 45.08
CA LEU B 2421 -0.37 55.88 44.02
C LEU B 2421 0.47 57.04 44.52
N SER B 2562 -16.92 54.39 -4.39
CA SER B 2562 -17.46 55.29 -5.41
C SER B 2562 -18.40 54.55 -6.34
N VAL B 2563 -18.33 54.87 -7.64
CA VAL B 2563 -19.16 54.26 -8.66
C VAL B 2563 -18.24 53.92 -9.84
N SER B 2564 -18.72 53.00 -10.68
CA SER B 2564 -17.97 52.65 -11.88
C SER B 2564 -17.91 53.83 -12.83
N GLN B 2565 -16.74 54.04 -13.43
CA GLN B 2565 -16.58 55.12 -14.40
C GLN B 2565 -17.04 54.60 -15.75
N ALA B 2566 -18.36 54.48 -15.89
CA ALA B 2566 -18.97 53.98 -17.10
C ALA B 2566 -20.09 54.91 -17.54
N LEU B 2567 -20.28 54.99 -18.86
CA LEU B 2567 -21.31 55.84 -19.43
C LEU B 2567 -21.72 55.30 -20.79
N ASP B 2568 -22.99 55.50 -21.11
CA ASP B 2568 -23.60 55.06 -22.37
C ASP B 2568 -22.86 55.67 -23.56
N ALA B 2569 -22.31 54.81 -24.41
CA ALA B 2569 -21.55 55.26 -25.56
C ALA B 2569 -22.44 55.77 -26.68
N ARG B 2570 -23.67 55.25 -26.81
CA ARG B 2570 -24.59 55.64 -27.88
C ARG B 2570 -25.07 57.08 -27.77
N LEU B 2571 -24.87 57.76 -26.64
CA LEU B 2571 -25.26 59.16 -26.53
C LEU B 2571 -24.26 60.14 -27.11
N GLU B 2572 -23.10 59.69 -27.61
CA GLU B 2572 -22.09 60.59 -28.15
C GLU B 2572 -22.61 61.43 -29.32
N VAL B 2573 -23.70 61.00 -29.95
CA VAL B 2573 -24.28 61.70 -31.09
C VAL B 2573 -24.72 63.10 -30.69
N GLY B 2574 -25.39 63.24 -29.53
CA GLY B 2574 -25.81 64.55 -29.12
C GLY B 2574 -24.67 65.36 -28.56
N LEU B 2575 -24.94 66.65 -28.36
CA LEU B 2575 -23.93 67.56 -27.85
C LEU B 2575 -24.07 67.84 -26.37
N GLU B 2576 -24.83 67.02 -25.64
CA GLU B 2576 -25.16 67.32 -24.25
C GLU B 2576 -24.50 66.37 -23.26
N GLN B 2577 -23.43 65.68 -23.68
CA GLN B 2577 -22.68 64.76 -22.81
C GLN B 2577 -22.06 65.48 -21.61
N GLN B 2578 -21.61 66.71 -21.82
CA GLN B 2578 -21.01 67.50 -20.75
C GLN B 2578 -21.98 67.75 -19.60
N ALA B 2579 -23.28 67.92 -19.90
CA ALA B 2579 -24.29 68.07 -18.85
C ALA B 2579 -24.33 66.86 -17.92
N GLU B 2580 -24.36 65.65 -18.50
CA GLU B 2580 -24.43 64.47 -17.63
C GLU B 2580 -23.14 64.27 -16.86
N LEU B 2581 -21.98 64.49 -17.50
CA LEU B 2581 -20.75 64.29 -16.73
C LEU B 2581 -20.59 65.32 -15.62
N MET B 2582 -21.07 66.55 -15.82
CA MET B 2582 -20.95 67.53 -14.74
C MET B 2582 -21.94 67.20 -13.62
N LEU B 2583 -23.13 66.71 -13.97
CA LEU B 2583 -24.06 66.24 -12.95
C LEU B 2583 -23.47 65.07 -12.17
N LYS B 2584 -22.81 64.16 -12.87
CA LYS B 2584 -22.19 63.01 -12.20
C LYS B 2584 -21.07 63.44 -11.28
N MET B 2585 -20.24 64.40 -11.71
CA MET B 2585 -19.12 64.77 -10.84
C MET B 2585 -19.55 65.62 -9.66
N MET B 2586 -20.53 66.52 -9.83
CA MET B 2586 -21.11 67.18 -8.65
C MET B 2586 -21.71 66.15 -7.69
N SER B 2587 -22.48 65.20 -8.22
CA SER B 2587 -23.13 64.22 -7.35
C SER B 2587 -22.11 63.39 -6.59
N THR B 2588 -21.03 62.96 -7.25
CA THR B 2588 -20.05 62.13 -6.56
C THR B 2588 -19.25 62.94 -5.55
N LEU B 2589 -18.92 64.21 -5.86
CA LEU B 2589 -18.24 65.02 -4.85
C LEU B 2589 -19.15 65.27 -3.67
N GLU B 2590 -20.45 65.45 -3.92
CA GLU B 2590 -21.40 65.57 -2.82
C GLU B 2590 -21.45 64.30 -1.98
N ALA B 2591 -21.46 63.13 -2.63
CA ALA B 2591 -21.46 61.87 -1.90
C ALA B 2591 -20.21 61.78 -1.02
N ASP B 2592 -19.07 62.21 -1.57
CA ASP B 2592 -17.84 62.25 -0.79
C ASP B 2592 -17.98 63.20 0.38
N SER B 2593 -18.63 64.35 0.15
CA SER B 2593 -18.87 65.31 1.22
C SER B 2593 -19.73 64.73 2.32
N ILE B 2594 -20.73 63.92 1.95
CA ILE B 2594 -21.64 63.33 2.93
C ILE B 2594 -20.92 62.28 3.76
N LEU B 2595 -20.13 61.42 3.11
CA LEU B 2595 -19.34 60.45 3.86
C LEU B 2595 -18.30 61.13 4.76
N GLN B 2596 -17.69 62.21 4.28
CA GLN B 2596 -16.74 62.95 5.11
C GLN B 2596 -17.43 63.55 6.33
N ALA B 2597 -18.61 64.15 6.13
CA ALA B 2597 -19.35 64.74 7.24
C ALA B 2597 -19.76 63.68 8.24
N LEU B 2598 -20.19 62.52 7.76
CA LEU B 2598 -20.56 61.42 8.65
C LEU B 2598 -19.36 60.89 9.42
N THR B 2599 -18.23 60.69 8.74
CA THR B 2599 -17.05 60.12 9.40
C THR B 2599 -16.43 61.10 10.38
N ASN B 2600 -16.34 62.38 10.02
CA ASN B 2600 -15.70 63.35 10.88
C ASN B 2600 -16.53 63.60 12.14
N THR B 2601 -15.84 63.69 13.27
CA THR B 2601 -16.48 63.98 14.55
C THR B 2601 -16.66 65.49 14.69
N SER B 2602 -17.05 65.94 15.89
CA SER B 2602 -17.28 67.35 16.15
C SER B 2602 -16.08 67.92 16.89
N PRO B 2603 -15.27 68.78 16.26
CA PRO B 2603 -14.10 69.39 16.92
C PRO B 2603 -14.49 70.52 17.87
N LEU B 2633 -4.91 60.21 55.70
CA LEU B 2633 -6.26 59.69 55.54
C LEU B 2633 -6.25 58.31 54.87
N SER B 2634 -5.40 57.43 55.38
CA SER B 2634 -5.31 56.07 54.88
C SER B 2634 -6.28 55.20 55.65
N SER B 2635 -7.01 54.36 54.92
CA SER B 2635 -8.02 53.50 55.51
C SER B 2635 -7.43 52.20 56.04
N VAL B 2636 -6.12 52.06 55.95
CA VAL B 2636 -5.45 50.82 56.38
C VAL B 2636 -5.68 50.45 57.84
N PRO B 2637 -5.57 51.36 58.85
CA PRO B 2637 -5.83 50.92 60.24
C PRO B 2637 -7.22 50.35 60.50
N MET B 2638 -8.25 51.00 59.96
CA MET B 2638 -9.60 50.47 60.15
C MET B 2638 -9.80 49.21 59.34
N LEU B 2639 -9.17 49.13 58.16
CA LEU B 2639 -9.22 47.91 57.37
C LEU B 2639 -8.62 46.72 58.12
N ASN B 2640 -7.48 46.94 58.77
CA ASN B 2640 -6.85 45.90 59.58
C ASN B 2640 -7.75 45.50 60.75
N VAL B 2641 -8.39 46.49 61.39
CA VAL B 2641 -9.32 46.22 62.48
C VAL B 2641 -10.45 45.33 61.97
N CYS B 2642 -10.97 45.66 60.79
CA CYS B 2642 -12.05 44.88 60.20
C CYS B 2642 -11.59 43.45 59.90
N PHE B 2643 -10.36 43.27 59.42
CA PHE B 2643 -9.91 41.91 59.17
C PHE B 2643 -9.77 41.13 60.46
N ASN B 2644 -9.27 41.79 61.51
CA ASN B 2644 -9.14 41.15 62.82
C ASN B 2644 -10.50 40.73 63.35
N LYS B 2645 -11.51 41.58 63.15
CA LYS B 2645 -12.86 41.21 63.52
C LYS B 2645 -13.31 39.98 62.74
N LEU B 2646 -12.97 39.95 61.46
CA LEU B 2646 -13.35 38.82 60.61
C LEU B 2646 -12.68 37.52 61.05
N PHE B 2647 -11.38 37.58 61.40
CA PHE B 2647 -10.71 36.39 61.91
C PHE B 2647 -11.32 35.95 63.23
N SER B 2648 -11.73 36.90 64.06
CA SER B 2648 -12.39 36.50 65.31
C SER B 2648 -13.74 35.87 65.03
N MET B 2649 -14.36 36.19 63.89
CA MET B 2649 -15.67 35.63 63.59
C MET B 2649 -15.60 34.35 62.76
N LEU B 2650 -14.45 34.00 62.20
CA LEU B 2650 -14.37 32.70 61.53
C LEU B 2650 -14.21 31.55 62.52
N GLN B 2651 -13.93 31.84 63.79
CA GLN B 2651 -13.81 30.79 64.80
C GLN B 2651 -15.12 30.05 65.02
N VAL B 2652 -16.25 30.76 64.95
CA VAL B 2652 -17.57 30.19 65.21
C VAL B 2652 -18.11 29.50 63.96
N HIS B 2653 -17.22 29.30 62.97
CA HIS B 2653 -17.45 28.67 61.66
C HIS B 2653 -18.57 29.40 60.93
N HIS B 2654 -18.52 30.72 61.01
CA HIS B 2654 -19.41 31.59 60.27
C HIS B 2654 -18.77 32.17 59.02
N VAL B 2655 -17.54 31.78 58.68
CA VAL B 2655 -16.84 32.31 57.51
C VAL B 2655 -16.03 31.17 56.88
N GLN B 2656 -16.07 31.06 55.54
CA GLN B 2656 -15.21 30.10 54.88
C GLN B 2656 -13.79 30.67 54.78
N LEU B 2657 -12.83 29.85 55.17
CA LEU B 2657 -11.43 30.30 55.26
C LEU B 2657 -10.84 30.56 53.89
N GLU B 2658 -11.12 29.67 52.94
CA GLU B 2658 -10.48 29.69 51.62
C GLU B 2658 -10.77 30.98 50.86
N SER B 2659 -12.01 31.45 50.86
CA SER B 2659 -12.35 32.68 50.16
C SER B 2659 -11.63 33.85 50.79
N LEU B 2660 -11.58 33.88 52.13
CA LEU B 2660 -10.91 34.95 52.85
C LEU B 2660 -9.43 35.00 52.51
N LEU B 2661 -8.77 33.86 52.54
CA LEU B 2661 -7.34 33.83 52.29
C LEU B 2661 -7.02 34.20 50.84
N GLN B 2662 -7.78 33.65 49.89
CA GLN B 2662 -7.52 33.97 48.49
C GLN B 2662 -7.74 35.45 48.21
N LEU B 2663 -8.84 36.02 48.72
CA LEU B 2663 -9.08 37.43 48.50
C LEU B 2663 -8.02 38.28 49.16
N TRP B 2664 -7.61 37.91 50.37
CA TRP B 2664 -6.59 38.66 51.09
C TRP B 2664 -5.28 38.66 50.32
N LEU B 2665 -4.87 37.50 49.81
CA LEU B 2665 -3.59 37.42 49.11
C LEU B 2665 -3.65 38.16 47.79
N THR B 2666 -4.80 38.15 47.12
CA THR B 2666 -4.93 38.94 45.90
C THR B 2666 -4.85 40.43 46.21
N LEU B 2667 -5.45 40.85 47.32
CA LEU B 2667 -5.42 42.27 47.66
C LEU B 2667 -4.03 42.69 48.11
N SER B 2668 -3.29 41.78 48.72
CA SER B 2668 -1.95 42.08 49.16
C SER B 2668 -0.90 41.94 48.07
N LEU B 2669 -1.20 41.19 47.01
CA LEU B 2669 -0.20 40.82 46.02
C LEU B 2669 -0.05 41.82 44.88
N ASN B 2670 -1.07 42.64 44.65
CA ASN B 2670 -1.07 43.50 43.47
C ASN B 2670 -0.02 44.61 43.53
N SER B 2671 0.54 44.87 44.70
CA SER B 2671 1.56 45.90 44.87
C SER B 2671 2.86 45.56 44.15
N LEU B 2685 1.74 39.65 39.44
CA LEU B 2685 2.75 38.60 39.41
C LEU B 2685 3.19 38.24 40.82
N TYR B 2686 3.32 36.95 41.09
CA TYR B 2686 3.73 36.50 42.42
C TYR B 2686 5.24 36.55 42.52
N ASN B 2687 5.72 37.03 43.68
CA ASN B 2687 7.15 37.04 43.98
C ASN B 2687 7.31 37.02 45.48
N ALA B 2688 8.35 36.31 45.95
CA ALA B 2688 8.61 36.25 47.39
C ALA B 2688 9.16 37.57 47.92
N ASN B 2689 9.63 38.44 47.04
CA ASN B 2689 10.17 39.73 47.44
C ASN B 2689 9.12 40.83 47.41
N ARG B 2690 7.86 40.49 47.16
CA ARG B 2690 6.79 41.47 47.11
C ARG B 2690 6.31 41.67 48.54
N ILE B 2691 6.34 42.91 49.00
CA ILE B 2691 5.83 43.20 50.35
C ILE B 2691 4.33 43.39 50.30
N PRO B 2692 3.56 42.64 51.08
CA PRO B 2692 2.11 42.81 51.10
C PRO B 2692 1.72 44.15 51.73
N VAL B 2693 0.70 44.79 51.16
CA VAL B 2693 0.23 46.05 51.71
C VAL B 2693 -0.50 45.87 53.05
N ILE B 2694 -1.24 44.78 53.21
CA ILE B 2694 -2.02 44.56 54.43
C ILE B 2694 -1.18 43.92 55.53
N SER B 2695 -1.11 44.60 56.67
CA SER B 2695 -0.36 44.16 57.85
C SER B 2695 -1.30 43.50 58.85
N LEU B 2696 -1.01 42.24 59.19
CA LEU B 2696 -1.83 41.39 60.04
C LEU B 2696 -1.52 41.50 61.54
N ASN B 2697 -2.20 40.67 62.33
CA ASN B 2697 -2.13 40.67 63.78
C ASN B 2697 -1.73 39.28 64.30
N GLN B 2698 -1.15 39.28 65.51
CA GLN B 2698 -0.81 38.02 66.19
C GLN B 2698 -2.05 37.16 66.45
N ALA B 2699 -3.13 37.79 66.89
CA ALA B 2699 -4.38 37.06 67.09
C ALA B 2699 -4.86 36.43 65.80
N SER B 2700 -4.66 37.13 64.68
CA SER B 2700 -5.02 36.61 63.37
C SER B 2700 -4.32 35.31 63.06
N ILE B 2701 -2.99 35.28 63.24
CA ILE B 2701 -2.25 34.07 62.91
C ILE B 2701 -2.60 32.94 63.86
N THR B 2702 -2.77 33.24 65.15
CA THR B 2702 -3.12 32.18 66.10
C THR B 2702 -4.46 31.55 65.77
N SER B 2703 -5.45 32.39 65.44
CA SER B 2703 -6.75 31.89 65.03
C SER B 2703 -6.65 31.07 63.75
N PHE B 2704 -5.87 31.58 62.80
CA PHE B 2704 -5.68 30.92 61.51
C PHE B 2704 -5.07 29.53 61.68
N LEU B 2705 -4.01 29.44 62.47
CA LEU B 2705 -3.35 28.15 62.67
C LEU B 2705 -4.24 27.18 63.42
N THR B 2706 -4.95 27.65 64.45
CA THR B 2706 -5.77 26.70 65.21
C THR B 2706 -6.96 26.21 64.40
N VAL B 2707 -7.57 27.07 63.58
CA VAL B 2707 -8.69 26.59 62.78
C VAL B 2707 -8.23 25.66 61.67
N LEU B 2708 -7.04 25.89 61.10
CA LEU B 2708 -6.54 24.95 60.11
C LEU B 2708 -6.12 23.63 60.75
N ALA B 2709 -5.46 23.69 61.91
CA ALA B 2709 -5.04 22.46 62.57
C ALA B 2709 -6.25 21.63 62.98
N TRP B 2710 -7.31 22.27 63.47
CA TRP B 2710 -8.50 21.52 63.83
C TRP B 2710 -9.19 20.93 62.60
N TYR B 2711 -9.31 21.71 61.53
CA TYR B 2711 -10.08 21.27 60.36
C TYR B 2711 -9.22 20.38 59.47
N PRO B 2712 -9.57 19.11 59.27
CA PRO B 2712 -8.81 18.27 58.35
C PRO B 2712 -9.33 18.21 56.92
N ASN B 2713 -8.58 17.53 56.05
CA ASN B 2713 -8.91 17.30 54.64
C ASN B 2713 -9.12 18.60 53.86
N THR B 2714 -8.06 19.38 53.77
CA THR B 2714 -8.03 20.58 52.94
C THR B 2714 -7.40 20.22 51.60
N LEU B 2715 -8.06 20.60 50.52
CA LEU B 2715 -7.64 20.23 49.17
C LEU B 2715 -6.26 20.82 48.85
N LEU B 2716 -5.65 20.30 47.78
CA LEU B 2716 -4.35 20.78 47.35
C LEU B 2716 -4.40 22.22 46.86
N ARG B 2717 -5.54 22.61 46.27
CA ARG B 2717 -5.73 24.00 45.85
C ARG B 2717 -5.59 24.93 47.05
N THR B 2718 -6.33 24.65 48.12
CA THR B 2718 -6.18 25.49 49.30
C THR B 2718 -4.87 25.25 50.02
N TRP B 2719 -4.20 24.09 49.87
CA TRP B 2719 -2.88 23.98 50.48
C TRP B 2719 -1.88 24.92 49.80
N CYS B 2720 -1.89 24.97 48.47
CA CYS B 2720 -0.99 25.88 47.76
C CYS B 2720 -1.33 27.33 48.06
N LEU B 2721 -2.62 27.65 48.14
CA LEU B 2721 -3.01 29.00 48.53
C LEU B 2721 -2.53 29.34 49.93
N VAL B 2722 -2.67 28.41 50.88
CA VAL B 2722 -2.19 28.63 52.24
C VAL B 2722 -0.69 28.85 52.25
N LEU B 2723 0.04 28.03 51.49
CA LEU B 2723 1.49 28.15 51.44
C LEU B 2723 1.90 29.50 50.88
N HIS B 2724 1.18 29.97 49.85
CA HIS B 2724 1.45 31.28 49.29
C HIS B 2724 1.23 32.37 50.33
N SER B 2725 0.13 32.25 51.10
CA SER B 2725 -0.17 33.24 52.13
C SER B 2725 0.88 33.23 53.24
N LEU B 2726 1.41 32.06 53.56
CA LEU B 2726 2.46 31.97 54.59
C LEU B 2726 3.76 32.58 54.11
N THR B 2727 4.11 32.39 52.82
CA THR B 2727 5.24 33.11 52.25
C THR B 2727 5.06 34.62 52.43
N LEU B 2728 3.85 35.10 52.12
CA LEU B 2728 3.59 36.54 52.24
C LEU B 2728 3.70 37.03 53.70
N MET B 2729 3.16 36.29 54.67
CA MET B 2729 3.31 36.73 56.06
C MET B 2729 4.77 36.66 56.51
N THR B 2730 5.53 35.66 56.07
CA THR B 2730 6.96 35.65 56.35
C THR B 2730 7.64 36.89 55.81
N ASN B 2731 7.20 37.38 54.66
CA ASN B 2731 7.80 38.62 54.16
C ASN B 2731 7.42 39.77 55.10
N MET B 2732 6.23 39.71 55.71
CA MET B 2732 5.86 40.70 56.72
C MET B 2732 6.67 40.67 58.00
N GLN B 2733 6.84 41.86 58.55
CA GLN B 2733 7.38 42.18 59.85
C GLN B 2733 6.18 42.55 60.72
N LEU B 2734 6.34 42.50 62.03
CA LEU B 2734 5.22 42.84 62.90
C LEU B 2734 5.60 43.93 63.90
N ASN B 2735 4.62 44.75 64.23
CA ASN B 2735 4.78 45.85 65.17
C ASN B 2735 3.75 45.77 66.29
N GLN B 2745 9.96 43.00 70.95
CA GLN B 2745 9.99 43.06 69.49
C GLN B 2745 10.47 41.75 68.89
N GLU B 2746 10.00 40.64 69.47
CA GLU B 2746 10.39 39.32 69.00
C GLU B 2746 9.82 39.10 67.60
N SER B 2747 10.55 38.35 66.79
CA SER B 2747 10.16 38.20 65.40
C SER B 2747 8.88 37.37 65.29
N THR B 2748 8.17 37.61 64.19
CA THR B 2748 6.91 36.90 63.98
C THR B 2748 7.14 35.46 63.55
N ALA B 2749 8.22 35.19 62.81
CA ALA B 2749 8.47 33.84 62.35
C ALA B 2749 8.78 32.91 63.51
N HIS B 2750 9.55 33.39 64.50
CA HIS B 2750 9.86 32.59 65.68
C HIS B 2750 8.61 32.27 66.48
N LEU B 2751 7.72 33.25 66.65
CA LEU B 2751 6.47 33.02 67.37
C LEU B 2751 5.57 32.04 66.63
N LEU B 2752 5.43 32.20 65.31
CA LEU B 2752 4.57 31.31 64.56
C LEU B 2752 5.12 29.89 64.52
N VAL B 2753 6.44 29.74 64.53
CA VAL B 2753 7.03 28.41 64.49
C VAL B 2753 6.92 27.73 65.86
N SER B 2754 6.96 28.53 66.94
CA SER B 2754 7.09 27.97 68.29
C SER B 2754 5.95 27.02 68.67
N ASP B 2755 4.71 27.38 68.36
CA ASP B 2755 3.59 26.54 68.78
C ASP B 2755 3.52 25.28 67.90
N PRO B 2756 3.05 24.16 68.45
CA PRO B 2756 3.03 22.90 67.69
C PRO B 2756 1.95 22.78 66.64
N ASN B 2757 0.97 23.68 66.59
CA ASN B 2757 -0.02 23.57 65.53
C ASN B 2757 0.61 23.79 64.15
N LEU B 2758 1.70 24.55 64.09
CA LEU B 2758 2.48 24.62 62.85
C LEU B 2758 3.12 23.30 62.52
N ILE B 2759 3.64 22.61 63.54
CA ILE B 2759 4.19 21.27 63.36
C ILE B 2759 3.14 20.37 62.74
N HIS B 2760 1.92 20.43 63.29
CA HIS B 2760 0.85 19.54 62.87
C HIS B 2760 0.39 19.83 61.46
N VAL B 2761 0.26 21.11 61.10
CA VAL B 2761 -0.18 21.45 59.75
C VAL B 2761 0.87 21.05 58.72
N LEU B 2762 2.16 21.28 59.02
CA LEU B 2762 3.19 20.89 58.06
C LEU B 2762 3.21 19.38 57.90
N VAL B 2763 2.98 18.65 59.00
CA VAL B 2763 2.91 17.20 58.93
C VAL B 2763 1.74 16.75 58.06
N LYS B 2764 0.59 17.41 58.22
CA LYS B 2764 -0.57 17.08 57.40
C LYS B 2764 -0.27 17.35 55.92
N PHE B 2765 0.40 18.46 55.63
CA PHE B 2765 0.75 18.78 54.25
C PHE B 2765 1.69 17.75 53.65
N LEU B 2766 2.72 17.37 54.39
CA LEU B 2766 3.74 16.51 53.82
C LEU B 2766 3.35 15.04 53.87
N SER B 2767 2.30 14.68 54.61
CA SER B 2767 1.89 13.30 54.66
C SER B 2767 1.04 12.87 53.48
N GLY B 2768 0.34 13.80 52.84
CA GLY B 2768 -0.37 13.55 51.59
C GLY B 2768 -1.35 12.41 51.68
N THR B 2769 -2.12 12.33 52.76
CA THR B 2769 -3.06 11.22 52.96
C THR B 2769 -4.14 11.19 51.89
N SER B 2770 -4.75 12.35 51.61
CA SER B 2770 -5.84 12.54 50.65
C SER B 2770 -6.98 11.54 50.85
N PRO B 2771 -7.78 11.65 51.92
CA PRO B 2771 -8.81 10.62 52.19
C PRO B 2771 -9.94 10.61 51.18
N HIS B 2772 -10.00 11.59 50.28
CA HIS B 2772 -11.03 11.66 49.26
C HIS B 2772 -10.48 11.27 47.89
N GLY B 2773 -9.28 10.71 47.86
CA GLY B 2773 -8.61 10.47 46.61
C GLY B 2773 -8.98 9.15 45.97
N THR B 2774 -9.90 9.18 45.02
CA THR B 2774 -10.17 8.01 44.19
C THR B 2774 -9.04 7.71 43.22
N ASN B 2775 -8.10 8.62 43.07
CA ASN B 2775 -7.00 8.55 42.11
C ASN B 2775 -5.68 8.77 42.81
N GLN B 2776 -5.44 8.03 43.89
CA GLN B 2776 -4.18 8.13 44.62
C GLN B 2776 -3.03 7.47 43.88
N HIS B 2777 -2.74 7.96 42.67
CA HIS B 2777 -1.67 7.43 41.85
C HIS B 2777 -0.33 8.09 42.20
N SER B 2778 -0.26 9.40 42.07
CA SER B 2778 0.95 10.15 42.39
C SER B 2778 0.63 11.24 43.40
N PRO B 2779 1.05 11.10 44.66
CA PRO B 2779 0.70 12.09 45.69
C PRO B 2779 1.48 13.38 45.60
N GLN B 2780 2.31 13.55 44.57
CA GLN B 2780 3.09 14.78 44.39
C GLN B 2780 2.19 15.99 44.25
N VAL B 2781 2.61 17.09 44.91
CA VAL B 2781 1.86 18.35 44.89
C VAL B 2781 2.24 19.22 43.70
N GLY B 2782 3.24 18.82 42.91
CA GLY B 2782 3.64 19.55 41.75
C GLY B 2782 4.77 20.51 42.03
N PRO B 2783 5.62 20.74 41.01
CA PRO B 2783 6.83 21.56 41.20
C PRO B 2783 6.58 22.99 41.64
N THR B 2784 5.48 23.61 41.22
CA THR B 2784 5.19 24.98 41.62
C THR B 2784 5.03 25.08 43.14
N ALA B 2785 4.29 24.15 43.73
CA ALA B 2785 4.07 24.18 45.17
C ALA B 2785 5.36 23.87 45.92
N THR B 2786 6.14 22.91 45.43
CA THR B 2786 7.42 22.59 46.06
C THR B 2786 8.37 23.77 45.98
N GLN B 2787 8.38 24.48 44.86
CA GLN B 2787 9.25 25.63 44.70
C GLN B 2787 8.81 26.77 45.61
N ALA B 2788 7.49 26.93 45.79
CA ALA B 2788 6.99 27.92 46.73
C ALA B 2788 7.40 27.55 48.15
N MET B 2789 7.35 26.26 48.48
CA MET B 2789 7.79 25.78 49.77
C MET B 2789 9.28 26.03 49.98
N GLN B 2790 10.09 25.83 48.93
CA GLN B 2790 11.52 26.11 49.02
C GLN B 2790 11.77 27.59 49.30
N GLU B 2791 11.02 28.46 48.61
CA GLU B 2791 11.12 29.89 48.88
C GLU B 2791 10.69 30.20 50.31
N PHE B 2792 9.65 29.52 50.79
CA PHE B 2792 9.16 29.70 52.15
C PHE B 2792 10.23 29.39 53.18
N LEU B 2793 10.85 28.22 53.05
CA LEU B 2793 11.88 27.82 54.00
C LEU B 2793 13.10 28.72 53.87
N THR B 2794 13.42 29.14 52.65
CA THR B 2794 14.55 30.03 52.45
C THR B 2794 14.29 31.39 53.11
N ARG B 2795 13.05 31.87 53.03
CA ARG B 2795 12.67 33.12 53.68
C ARG B 2795 12.78 33.01 55.19
N LEU B 2796 12.33 31.88 55.74
CA LEU B 2796 12.43 31.66 57.19
C LEU B 2796 13.87 31.62 57.64
N GLN B 2797 14.70 30.89 56.89
CA GLN B 2797 16.11 30.76 57.24
C GLN B 2797 16.84 32.09 57.12
N VAL B 2798 16.60 32.83 56.04
CA VAL B 2798 17.32 34.08 55.85
C VAL B 2798 16.79 35.15 56.78
N HIS B 2799 15.60 34.97 57.35
CA HIS B 2799 15.15 36.00 58.26
C HIS B 2799 15.58 35.76 59.70
N LEU B 2800 15.56 34.51 60.17
CA LEU B 2800 15.99 34.27 61.55
C LEU B 2800 17.40 33.69 61.73
N SER B 2801 18.17 33.48 60.65
CA SER B 2801 19.52 32.97 60.81
C SER B 2801 20.38 33.93 61.62
N SER B 2802 20.10 35.23 61.50
CA SER B 2802 20.85 36.24 62.24
C SER B 2802 20.65 36.07 63.74
N THR B 2803 19.43 35.73 64.16
CA THR B 2803 19.12 35.65 65.59
C THR B 2803 19.37 34.26 66.16
N CYS B 2804 18.63 33.25 65.68
CA CYS B 2804 18.78 31.91 66.25
C CYS B 2804 18.36 30.82 65.27
N PRO B 2805 19.27 30.33 64.44
CA PRO B 2805 18.97 29.16 63.62
C PRO B 2805 18.86 27.85 64.39
N GLN B 2806 19.43 27.78 65.60
CA GLN B 2806 19.50 26.52 66.35
C GLN B 2806 18.11 25.99 66.73
N ILE B 2807 17.23 26.88 67.18
CA ILE B 2807 15.89 26.48 67.60
C ILE B 2807 15.11 25.95 66.40
N PHE B 2808 15.25 26.62 65.24
CA PHE B 2808 14.62 26.16 64.01
C PHE B 2808 15.18 24.81 63.58
N SER B 2809 16.48 24.61 63.77
CA SER B 2809 17.08 23.32 63.46
C SER B 2809 16.44 22.23 64.32
N GLU B 2810 16.20 22.55 65.60
CA GLU B 2810 15.55 21.60 66.49
C GLU B 2810 14.12 21.32 66.06
N PHE B 2811 13.39 22.35 65.62
CA PHE B 2811 12.06 22.13 65.06
C PHE B 2811 12.08 21.24 63.82
N LEU B 2812 13.00 21.51 62.88
CA LEU B 2812 13.03 20.72 61.65
C LEU B 2812 13.35 19.27 61.95
N LEU B 2813 14.26 19.04 62.90
CA LEU B 2813 14.55 17.66 63.29
C LEU B 2813 13.35 17.01 63.96
N LYS B 2814 12.56 17.79 64.71
CA LYS B 2814 11.33 17.26 65.27
C LYS B 2814 10.37 16.84 64.16
N LEU B 2815 10.27 17.65 63.10
CA LEU B 2815 9.45 17.28 61.95
C LEU B 2815 9.95 15.99 61.31
N ILE B 2816 11.27 15.86 61.17
CA ILE B 2816 11.86 14.65 60.59
C ILE B 2816 11.52 13.45 61.43
N HIS B 2817 11.59 13.59 62.75
CA HIS B 2817 11.32 12.47 63.64
C HIS B 2817 9.86 12.05 63.53
N ILE B 2818 8.94 13.01 63.59
CA ILE B 2818 7.52 12.68 63.49
C ILE B 2818 7.16 12.14 62.10
N LEU B 2819 7.88 12.52 61.06
CA LEU B 2819 7.49 11.99 59.75
C LEU B 2819 8.06 10.61 59.50
N SER B 2820 8.94 10.16 60.38
CA SER B 2820 9.57 8.85 60.25
C SER B 2820 9.31 7.98 61.47
N THR B 2821 8.40 8.39 62.34
CA THR B 2821 8.14 7.62 63.55
C THR B 2821 7.22 6.44 63.21
N GLU B 2822 6.72 5.77 64.25
CA GLU B 2822 5.81 4.65 64.07
C GLU B 2822 4.53 5.08 63.37
N ARG B 2823 4.14 4.31 62.34
CA ARG B 2823 3.01 4.64 61.45
C ARG B 2823 3.18 6.01 60.79
N GLY B 2824 4.42 6.40 60.45
CA GLY B 2824 4.59 7.65 59.76
C GLY B 2824 4.35 7.57 58.26
N ALA B 2825 4.34 8.75 57.65
CA ALA B 2825 4.08 8.87 56.22
C ALA B 2825 5.22 8.32 55.37
N PHE B 2826 6.46 8.60 55.78
CA PHE B 2826 7.63 8.21 54.98
C PHE B 2826 7.74 6.72 54.81
N GLN B 2827 7.52 5.95 55.87
CA GLN B 2827 7.64 4.50 55.79
C GLN B 2827 6.60 3.93 54.82
N THR B 2828 5.33 4.29 55.00
CA THR B 2828 4.26 3.78 54.14
C THR B 2828 4.38 4.26 52.70
N GLY B 2829 5.21 5.26 52.43
CA GLY B 2829 5.43 5.75 51.08
C GLY B 2829 4.44 6.78 50.56
N GLN B 2830 3.44 7.18 51.33
CA GLN B 2830 2.54 8.21 50.81
C GLN B 2830 3.15 9.59 51.00
N GLY B 2831 2.49 10.59 50.41
CA GLY B 2831 2.91 11.95 50.53
C GLY B 2831 3.76 12.39 49.34
N PRO B 2832 3.88 13.70 49.16
CA PRO B 2832 4.65 14.23 48.01
C PRO B 2832 6.14 13.90 48.05
N LEU B 2833 6.57 13.08 47.10
CA LEU B 2833 7.98 12.66 47.04
C LEU B 2833 8.88 13.84 46.70
N ASP B 2834 8.45 14.65 45.73
CA ASP B 2834 9.24 15.80 45.29
C ASP B 2834 9.42 16.81 46.41
N ALA B 2835 8.35 17.06 47.17
CA ALA B 2835 8.44 17.96 48.31
C ALA B 2835 9.42 17.42 49.34
N GLN B 2836 9.38 16.11 49.58
CA GLN B 2836 10.26 15.50 50.56
C GLN B 2836 11.72 15.62 50.15
N VAL B 2837 12.02 15.35 48.87
CA VAL B 2837 13.41 15.44 48.44
C VAL B 2837 13.87 16.90 48.46
N LYS B 2838 12.98 17.85 48.15
CA LYS B 2838 13.36 19.25 48.17
C LYS B 2838 13.62 19.76 49.59
N LEU B 2839 12.76 19.38 50.53
CA LEU B 2839 12.97 19.76 51.92
C LEU B 2839 14.24 19.15 52.48
N LEU B 2840 14.48 17.86 52.21
CA LEU B 2840 15.67 17.22 52.74
C LEU B 2840 16.95 17.82 52.16
N GLU B 2841 16.98 18.06 50.84
CA GLU B 2841 18.16 18.67 50.25
C GLU B 2841 18.39 20.08 50.78
N PHE B 2842 17.31 20.85 50.98
CA PHE B 2842 17.45 22.16 51.60
C PHE B 2842 17.97 22.04 53.02
N THR B 2843 17.53 21.00 53.73
CA THR B 2843 17.97 20.76 55.10
C THR B 2843 19.47 20.50 55.15
N LEU B 2844 19.99 19.82 54.11
CA LEU B 2844 21.41 19.47 54.05
C LEU B 2844 22.31 20.69 54.18
N GLU B 2845 21.88 21.83 53.68
CA GLU B 2845 22.68 23.03 53.63
C GLU B 2845 22.68 23.81 54.93
N GLN B 2846 21.82 23.43 55.88
CA GLN B 2846 21.77 24.13 57.15
C GLN B 2846 22.98 23.78 58.01
N ASN B 2847 23.28 24.66 58.96
CA ASN B 2847 24.32 24.42 59.95
C ASN B 2847 23.70 24.02 61.27
N PHE B 2848 24.26 22.99 61.89
CA PHE B 2848 23.67 22.37 63.07
C PHE B 2848 24.58 22.44 64.29
N GLU B 2849 25.17 23.61 64.54
CA GLU B 2849 26.26 23.72 65.52
C GLU B 2849 25.83 23.41 66.95
N VAL B 2850 24.72 23.99 67.42
CA VAL B 2850 24.43 23.97 68.85
C VAL B 2850 23.09 23.24 69.05
N VAL B 2851 22.83 22.24 68.22
CA VAL B 2851 21.61 21.45 68.38
C VAL B 2851 21.76 20.51 69.56
N SER B 2852 20.66 20.32 70.29
CA SER B 2852 20.66 19.44 71.46
C SER B 2852 20.93 18.00 71.06
N VAL B 2853 21.68 17.30 71.92
CA VAL B 2853 22.11 15.93 71.65
C VAL B 2853 20.92 14.97 71.64
N SER B 2854 19.93 15.22 72.49
CA SER B 2854 18.80 14.30 72.62
C SER B 2854 18.00 14.17 71.32
N THR B 2855 17.69 15.30 70.68
CA THR B 2855 16.89 15.23 69.47
C THR B 2855 17.66 14.65 68.29
N ILE B 2856 18.96 14.93 68.17
CA ILE B 2856 19.74 14.32 67.10
C ILE B 2856 19.84 12.82 67.31
N SER B 2857 20.04 12.39 68.55
CA SER B 2857 20.08 10.96 68.85
C SER B 2857 18.75 10.29 68.52
N ALA B 2858 17.64 10.94 68.87
CA ALA B 2858 16.32 10.39 68.59
C ALA B 2858 16.09 10.24 67.09
N VAL B 2859 16.44 11.28 66.32
CA VAL B 2859 16.18 11.22 64.90
C VAL B 2859 17.08 10.19 64.22
N ILE B 2860 18.35 10.08 64.63
CA ILE B 2860 19.24 9.12 63.99
C ILE B 2860 18.80 7.69 64.30
N GLU B 2861 18.42 7.40 65.56
CA GLU B 2861 17.94 6.06 65.86
C GLU B 2861 16.68 5.73 65.06
N SER B 2862 15.74 6.67 64.98
CA SER B 2862 14.49 6.42 64.27
C SER B 2862 14.74 6.15 62.80
N VAL B 2863 15.59 6.97 62.15
CA VAL B 2863 15.80 6.80 60.72
C VAL B 2863 16.56 5.51 60.45
N THR B 2864 17.52 5.17 61.30
CA THR B 2864 18.27 3.93 61.12
C THR B 2864 17.38 2.71 61.25
N PHE B 2865 16.49 2.70 62.26
CA PHE B 2865 15.56 1.59 62.40
C PHE B 2865 14.65 1.47 61.19
N LEU B 2866 14.12 2.60 60.72
CA LEU B 2866 13.20 2.56 59.59
C LEU B 2866 13.90 2.06 58.33
N VAL B 2867 15.10 2.58 58.05
CA VAL B 2867 15.76 2.22 56.80
C VAL B 2867 16.26 0.79 56.86
N HIS B 2868 16.70 0.32 58.03
CA HIS B 2868 17.11 -1.07 58.17
C HIS B 2868 15.95 -2.02 57.93
N HIS B 2869 14.79 -1.70 58.52
CA HIS B 2869 13.63 -2.55 58.30
C HIS B 2869 13.17 -2.46 56.85
N TYR B 2870 13.44 -1.34 56.18
CA TYR B 2870 13.09 -1.24 54.78
C TYR B 2870 14.03 -2.06 53.89
N ILE B 2871 15.34 -2.01 54.14
CA ILE B 2871 16.28 -2.70 53.27
C ILE B 2871 16.18 -4.21 53.47
N THR B 2872 16.12 -4.65 54.73
CA THR B 2872 16.09 -6.09 55.00
C THR B 2872 14.83 -6.71 54.43
N CYS B 2873 13.71 -6.00 54.53
CA CYS B 2873 12.42 -6.51 54.08
C CYS B 2873 12.05 -5.91 52.73
N SER B 2874 13.03 -5.76 51.85
CA SER B 2874 12.86 -5.16 50.53
C SER B 2874 11.95 -6.04 49.65
N ASP B 2875 11.52 -5.47 48.52
CA ASP B 2875 10.57 -6.16 47.66
C ASP B 2875 11.21 -7.35 46.95
N LYS B 2876 10.34 -8.29 46.54
CA LYS B 2876 10.72 -9.52 45.87
C LYS B 2876 10.78 -9.41 44.35
N VAL B 2877 10.30 -8.32 43.76
CA VAL B 2877 10.36 -8.15 42.31
C VAL B 2877 10.89 -6.73 42.07
N MET B 2878 11.27 -6.44 40.83
CA MET B 2878 11.71 -5.12 40.40
C MET B 2878 11.49 -5.03 38.89
N SER B 2879 10.79 -3.99 38.45
CA SER B 2879 10.44 -3.80 37.05
C SER B 2879 11.21 -2.64 36.44
N ARG B 2880 11.73 -2.82 35.23
CA ARG B 2880 12.44 -1.75 34.55
C ARG B 2880 11.56 -1.33 33.36
N SER B 2881 11.87 -0.17 32.78
CA SER B 2881 11.11 0.35 31.64
C SER B 2881 11.48 -0.37 30.35
N GLU B 2912 15.38 9.67 36.24
CA GLU B 2912 14.12 9.97 36.91
C GLU B 2912 14.29 9.79 38.42
N MET B 2913 13.73 10.72 39.19
CA MET B 2913 13.81 10.68 40.64
C MET B 2913 12.81 9.72 41.28
N THR B 2914 13.29 8.98 42.27
CA THR B 2914 12.47 8.04 43.03
C THR B 2914 12.92 8.09 44.49
N ARG B 2915 12.26 7.32 45.34
CA ARG B 2915 12.55 7.35 46.77
C ARG B 2915 13.92 6.78 47.12
N ASP B 2916 14.56 6.06 46.18
CA ASP B 2916 15.95 5.63 46.38
C ASP B 2916 16.88 6.81 46.57
N GLN B 2917 16.70 7.86 45.77
CA GLN B 2917 17.45 9.10 45.99
C GLN B 2917 17.11 9.70 47.34
N LEU B 2918 15.88 9.56 47.80
CA LEU B 2918 15.50 10.06 49.12
C LEU B 2918 16.28 9.35 50.22
N MET B 2919 16.36 8.01 50.16
CA MET B 2919 17.18 7.32 51.16
C MET B 2919 18.65 7.71 51.03
N PHE B 2920 19.12 7.90 49.79
CA PHE B 2920 20.50 8.34 49.58
C PHE B 2920 20.74 9.71 50.23
N ASP B 2921 19.78 10.61 50.06
CA ASP B 2921 19.88 11.94 50.65
C ASP B 2921 19.80 11.90 52.18
N LEU B 2922 18.95 11.04 52.75
CA LEU B 2922 18.92 10.92 54.21
C LEU B 2922 20.23 10.40 54.76
N LEU B 2923 20.82 9.39 54.11
CA LEU B 2923 22.09 8.88 54.61
C LEU B 2923 23.18 9.93 54.45
N LYS B 2924 23.11 10.73 53.39
CA LYS B 2924 24.04 11.83 53.25
C LYS B 2924 23.88 12.84 54.39
N LEU B 2925 22.63 13.11 54.78
CA LEU B 2925 22.38 14.00 55.91
C LEU B 2925 22.92 13.44 57.22
N VAL B 2926 22.73 12.14 57.45
CA VAL B 2926 23.23 11.57 58.70
C VAL B 2926 24.76 11.56 58.69
N ASN B 2927 25.36 11.41 57.50
CA ASN B 2927 26.81 11.53 57.36
C ASN B 2927 27.25 12.94 57.75
N ILE B 2928 26.50 13.95 57.32
CA ILE B 2928 26.77 15.32 57.70
C ILE B 2928 26.67 15.46 59.22
N LEU B 2929 25.65 14.82 59.80
CA LEU B 2929 25.41 14.88 61.24
C LEU B 2929 26.54 14.28 62.06
N VAL B 2930 27.05 13.12 61.64
CA VAL B 2930 28.07 12.45 62.44
C VAL B 2930 29.42 13.17 62.37
N GLN B 2931 29.64 14.01 61.37
CA GLN B 2931 30.88 14.75 61.25
C GLN B 2931 30.96 15.97 62.17
N LEU B 2932 30.03 16.15 63.09
CA LEU B 2932 30.01 17.35 63.92
C LEU B 2932 30.75 17.10 65.23
N PRO B 2933 31.62 18.00 65.66
CA PRO B 2933 32.23 17.88 66.99
C PRO B 2933 31.16 18.00 68.08
N LEU B 2934 31.37 17.26 69.16
CA LEU B 2934 30.41 17.23 70.25
C LEU B 2934 30.57 18.43 71.17
N SER B 2935 29.46 19.13 71.42
CA SER B 2935 29.47 20.26 72.33
C SER B 2935 29.69 19.79 73.76
N GLY B 2936 30.48 20.55 74.51
CA GLY B 2936 30.80 20.21 75.88
C GLY B 2936 29.60 20.20 76.82
N PRO B 2977 38.64 17.67 71.26
CA PRO B 2977 37.51 17.84 70.33
C PRO B 2977 36.68 16.58 70.19
N ALA B 2978 35.81 16.33 71.15
CA ALA B 2978 34.96 15.15 71.09
C ALA B 2978 33.91 15.30 70.00
N TYR B 2979 33.47 14.17 69.45
CA TYR B 2979 32.48 14.14 68.40
C TYR B 2979 31.29 13.29 68.82
N VAL B 2980 30.17 13.51 68.12
CA VAL B 2980 28.94 12.75 68.34
C VAL B 2980 29.06 11.29 67.92
N ALA B 2981 30.13 10.93 67.20
CA ALA B 2981 30.39 9.54 66.86
C ALA B 2981 30.49 8.66 68.10
N ASP B 2982 31.07 9.19 69.19
CA ASP B 2982 31.08 8.46 70.45
C ASP B 2982 29.68 8.23 71.00
N LEU B 2983 28.80 9.23 70.89
CA LEU B 2983 27.44 9.09 71.38
C LEU B 2983 26.67 8.03 70.59
N VAL B 2984 26.82 8.04 69.25
CA VAL B 2984 26.11 7.03 68.46
C VAL B 2984 26.74 5.66 68.69
N LEU B 2985 28.03 5.63 69.05
CA LEU B 2985 28.67 4.37 69.42
C LEU B 2985 28.08 3.79 70.70
N ALA B 2986 27.81 4.64 71.69
CA ALA B 2986 27.37 4.15 73.00
C ALA B 2986 26.04 3.39 72.92
N ASN B 2987 25.06 3.90 72.19
CA ASN B 2987 23.80 3.19 72.04
C ASN B 2987 24.01 2.07 71.01
N GLN B 2988 24.18 0.85 71.54
CA GLN B 2988 24.57 -0.32 70.76
C GLN B 2988 23.53 -0.74 69.72
N GLN B 2989 22.25 -0.45 69.97
CA GLN B 2989 21.18 -0.92 69.09
C GLN B 2989 21.36 -0.44 67.67
N ILE B 2990 21.70 0.84 67.51
CA ILE B 2990 21.90 1.43 66.19
C ILE B 2990 23.09 0.78 65.50
N MET B 2991 24.16 0.52 66.25
CA MET B 2991 25.32 -0.15 65.69
C MET B 2991 24.94 -1.53 65.19
N SER B 2992 24.12 -2.25 65.97
CA SER B 2992 23.61 -3.55 65.54
C SER B 2992 22.82 -3.42 64.25
N GLN B 2993 21.97 -2.39 64.17
CA GLN B 2993 21.15 -2.16 62.99
C GLN B 2993 22.01 -1.93 61.75
N ILE B 2994 23.02 -1.07 61.85
CA ILE B 2994 23.79 -0.71 60.67
C ILE B 2994 24.64 -1.90 60.21
N LEU B 2995 25.26 -2.62 61.15
CA LEU B 2995 26.02 -3.80 60.76
C LEU B 2995 25.12 -4.89 60.17
N SER B 2996 23.94 -5.10 60.74
CA SER B 2996 23.00 -6.07 60.19
C SER B 2996 22.57 -5.68 58.79
N ALA B 2997 22.30 -4.38 58.58
CA ALA B 2997 21.92 -3.89 57.27
C ALA B 2997 23.03 -4.09 56.26
N LEU B 2998 24.28 -3.86 56.67
CA LEU B 2998 25.42 -4.08 55.79
C LEU B 2998 25.58 -5.55 55.44
N GLY B 2999 25.29 -6.44 56.38
CA GLY B 2999 25.42 -7.87 56.10
C GLY B 2999 24.39 -8.39 55.11
N LEU B 3000 23.25 -7.73 54.99
CA LEU B 3000 22.20 -8.14 54.06
C LEU B 3000 22.20 -7.35 52.77
N CYS B 3001 23.21 -6.53 52.51
CA CYS B 3001 23.26 -5.75 51.28
C CYS B 3001 24.09 -6.45 50.21
N ASN B 3002 23.90 -6.01 48.98
CA ASN B 3002 24.54 -6.63 47.82
C ASN B 3002 25.80 -5.87 47.44
N SER B 3003 26.56 -6.46 46.53
CA SER B 3003 27.80 -5.86 46.05
C SER B 3003 27.54 -5.08 44.76
N SER B 3004 28.61 -4.57 44.17
CA SER B 3004 28.53 -3.81 42.92
C SER B 3004 28.41 -4.75 41.71
N ILE B 3030 26.04 5.23 44.62
CA ILE B 3030 25.00 4.89 43.66
C ILE B 3030 24.09 3.83 44.29
N SER B 3031 24.66 3.03 45.17
CA SER B 3031 23.94 1.98 45.88
C SER B 3031 23.88 2.30 47.37
N VAL B 3032 22.94 1.63 48.04
CA VAL B 3032 22.78 1.81 49.48
C VAL B 3032 23.99 1.27 50.24
N GLY B 3033 24.59 0.18 49.75
CA GLY B 3033 25.82 -0.31 50.33
C GLY B 3033 26.96 0.69 50.25
N ASP B 3034 27.04 1.40 49.11
CA ASP B 3034 28.03 2.47 48.96
C ASP B 3034 27.83 3.56 49.99
N GLY B 3035 26.58 3.97 50.21
CA GLY B 3035 26.29 4.98 51.21
C GLY B 3035 26.66 4.53 52.61
N LEU B 3036 26.28 3.29 52.96
CA LEU B 3036 26.63 2.73 54.25
C LEU B 3036 28.14 2.64 54.42
N PHE B 3037 28.83 2.27 53.34
CA PHE B 3037 30.29 2.22 53.34
C PHE B 3037 30.90 3.59 53.63
N THR B 3038 30.37 4.63 52.99
CA THR B 3038 30.92 5.97 53.19
C THR B 3038 30.67 6.48 54.61
N ILE B 3039 29.45 6.29 55.12
CA ILE B 3039 29.13 6.79 56.45
C ILE B 3039 29.92 6.04 57.52
N LEU B 3040 30.11 4.73 57.33
CA LEU B 3040 30.91 3.97 58.28
C LEU B 3040 32.37 4.34 58.17
N THR B 3041 32.83 4.69 56.96
CA THR B 3041 34.19 5.18 56.77
C THR B 3041 34.40 6.49 57.53
N THR B 3042 33.42 7.39 57.47
CA THR B 3042 33.52 8.63 58.24
C THR B 3042 33.47 8.35 59.74
N LEU B 3043 32.74 7.31 60.13
CA LEU B 3043 32.74 6.90 61.54
C LEU B 3043 34.12 6.45 61.97
N SER B 3044 34.78 5.66 61.12
CA SER B 3044 36.14 5.20 61.42
C SER B 3044 37.12 6.37 61.45
N LYS B 3045 36.95 7.32 60.54
CA LYS B 3045 37.82 8.50 60.49
C LYS B 3045 37.67 9.33 61.75
N LYS B 3046 36.45 9.56 62.19
CA LYS B 3046 36.17 10.45 63.31
C LYS B 3046 36.11 9.71 64.65
N ALA B 3047 36.38 8.41 64.67
CA ALA B 3047 36.36 7.67 65.94
C ALA B 3047 37.54 8.05 66.83
N SER B 3048 37.31 7.89 68.14
CA SER B 3048 38.31 8.22 69.15
C SER B 3048 39.31 7.08 69.35
N THR B 3049 38.82 5.91 69.77
CA THR B 3049 39.66 4.75 70.05
C THR B 3049 39.23 3.55 69.22
N VAL B 3050 40.21 2.68 68.94
CA VAL B 3050 40.00 1.48 68.16
C VAL B 3050 39.14 0.45 68.91
N HIS B 3051 39.10 0.52 70.24
CA HIS B 3051 38.32 -0.42 71.03
C HIS B 3051 36.85 -0.29 70.72
N MET B 3052 36.39 0.95 70.60
CA MET B 3052 35.01 1.28 70.31
C MET B 3052 34.61 0.93 68.88
N MET B 3053 35.58 0.56 68.03
CA MET B 3053 35.30 0.06 66.69
C MET B 3053 35.22 -1.46 66.63
N LEU B 3054 36.07 -2.16 67.36
CA LEU B 3054 35.96 -3.62 67.39
C LEU B 3054 34.83 -4.10 68.27
N GLN B 3055 34.43 -3.33 69.28
CA GLN B 3055 33.35 -3.75 70.16
C GLN B 3055 32.01 -3.97 69.46
N PRO B 3056 31.45 -3.02 68.67
CA PRO B 3056 30.20 -3.33 67.97
C PRO B 3056 30.33 -4.48 66.99
N ILE B 3057 31.51 -4.60 66.36
CA ILE B 3057 31.75 -5.65 65.38
C ILE B 3057 31.64 -7.03 66.05
N LEU B 3058 32.30 -7.19 67.18
CA LEU B 3058 32.30 -8.51 67.81
C LEU B 3058 30.97 -8.80 68.50
N THR B 3059 30.26 -7.77 68.97
CA THR B 3059 28.90 -7.99 69.42
C THR B 3059 28.01 -8.46 68.27
N TYR B 3060 28.23 -7.92 67.07
CA TYR B 3060 27.47 -8.36 65.91
C TYR B 3060 27.75 -9.82 65.57
N MET B 3061 29.03 -10.24 65.59
CA MET B 3061 29.29 -11.67 65.33
C MET B 3061 28.67 -12.55 66.41
N ALA B 3062 28.77 -12.13 67.68
CA ALA B 3062 28.28 -12.98 68.76
C ALA B 3062 26.76 -13.08 68.74
N CYS B 3063 26.07 -11.95 68.53
CA CYS B 3063 24.61 -11.94 68.57
C CYS B 3063 24.03 -12.74 67.41
N GLY B 3064 24.63 -12.64 66.23
CA GLY B 3064 24.17 -13.32 65.04
C GLY B 3064 24.21 -14.83 65.13
N THR B 3074 23.98 -17.90 59.85
CA THR B 3074 24.61 -17.26 60.99
C THR B 3074 24.99 -15.82 60.67
N CYS B 3075 26.27 -15.49 60.83
CA CYS B 3075 26.73 -14.13 60.55
C CYS B 3075 26.66 -13.82 59.06
N GLN B 3076 26.16 -12.62 58.76
CA GLN B 3076 25.97 -12.16 57.40
C GLN B 3076 27.24 -11.45 56.94
N LEU B 3077 27.88 -11.97 55.90
CA LEU B 3077 29.12 -11.38 55.37
C LEU B 3077 28.99 -11.18 53.87
N SER B 3078 29.02 -9.93 53.43
CA SER B 3078 28.91 -9.61 52.02
C SER B 3078 30.22 -9.02 51.52
N GLU B 3079 30.30 -8.86 50.19
CA GLU B 3079 31.49 -8.28 49.58
C GLU B 3079 31.75 -6.83 50.01
N PRO B 3080 30.76 -5.91 50.03
CA PRO B 3080 31.06 -4.57 50.59
C PRO B 3080 31.50 -4.62 52.04
N LEU B 3081 30.90 -5.51 52.83
CA LEU B 3081 31.32 -5.67 54.21
C LEU B 3081 32.75 -6.20 54.30
N LEU B 3082 33.10 -7.14 53.43
CA LEU B 3082 34.48 -7.62 53.35
C LEU B 3082 35.43 -6.48 53.01
N TRP B 3083 35.04 -5.66 52.03
CA TRP B 3083 35.85 -4.52 51.60
C TRP B 3083 36.05 -3.53 52.74
N PHE B 3084 34.99 -3.24 53.50
CA PHE B 3084 35.13 -2.33 54.63
C PHE B 3084 36.02 -2.92 55.71
N ILE B 3085 35.90 -4.22 55.99
CA ILE B 3085 36.74 -4.82 57.01
C ILE B 3085 38.20 -4.75 56.58
N LEU B 3086 38.47 -4.92 55.29
CA LEU B 3086 39.84 -4.73 54.80
C LEU B 3086 40.32 -3.30 55.00
N ARG B 3087 39.47 -2.31 54.71
CA ARG B 3087 39.85 -0.91 54.88
C ARG B 3087 40.04 -0.51 56.34
N VAL B 3088 39.16 -0.97 57.23
CA VAL B 3088 39.27 -0.62 58.64
C VAL B 3088 40.44 -1.32 59.32
N LEU B 3089 40.99 -2.35 58.68
CA LEU B 3089 42.17 -3.02 59.17
C LEU B 3089 43.42 -2.57 58.43
N ASP B 3090 43.46 -1.31 58.02
CA ASP B 3090 44.60 -0.80 57.27
C ASP B 3090 45.79 -0.53 58.20
N THR B 3091 45.55 -0.04 59.40
CA THR B 3091 46.63 0.37 60.28
C THR B 3091 47.14 -0.81 61.11
N SER B 3092 48.37 -0.66 61.61
CA SER B 3092 48.97 -1.68 62.46
C SER B 3092 48.24 -1.77 63.80
N ASP B 3093 47.85 -0.62 64.35
CA ASP B 3093 47.10 -0.61 65.61
C ASP B 3093 45.78 -1.34 65.48
N ALA B 3094 45.17 -1.29 64.29
CA ALA B 3094 43.95 -2.05 64.04
C ALA B 3094 44.21 -3.55 64.23
N LEU B 3095 45.30 -4.04 63.66
CA LEU B 3095 45.68 -5.45 63.81
C LEU B 3095 45.98 -5.78 65.26
N LYS B 3096 46.67 -4.87 65.95
CA LYS B 3096 47.05 -5.10 67.34
C LYS B 3096 45.82 -5.21 68.24
N ALA B 3097 44.86 -4.30 68.06
CA ALA B 3097 43.63 -4.35 68.84
C ALA B 3097 42.79 -5.57 68.45
N PHE B 3098 42.82 -5.94 67.18
CA PHE B 3098 42.09 -7.12 66.72
C PHE B 3098 42.61 -8.37 67.40
N HIS B 3099 43.93 -8.49 67.54
CA HIS B 3099 44.48 -9.61 68.27
C HIS B 3099 44.14 -9.52 69.74
N ASP B 3100 44.18 -8.30 70.31
CA ASP B 3100 44.00 -8.12 71.75
C ASP B 3100 42.66 -8.64 72.25
N MET B 3101 41.61 -8.53 71.43
CA MET B 3101 40.30 -9.04 71.83
C MET B 3101 39.93 -10.34 71.12
N GLY B 3102 40.91 -11.15 70.72
CA GLY B 3102 40.65 -12.51 70.27
C GLY B 3102 39.83 -12.66 68.99
N GLY B 3103 40.16 -11.90 67.96
CA GLY B 3103 39.42 -12.01 66.71
C GLY B 3103 39.76 -13.22 65.87
N VAL B 3104 41.01 -13.67 65.92
CA VAL B 3104 41.46 -14.75 65.04
C VAL B 3104 40.78 -16.07 65.41
N GLN B 3105 40.57 -16.31 66.70
CA GLN B 3105 39.84 -17.50 67.14
C GLN B 3105 38.43 -17.48 66.59
N LEU B 3106 37.79 -16.31 66.59
CA LEU B 3106 36.47 -16.17 65.99
C LEU B 3106 36.50 -16.45 64.49
N ILE B 3107 37.57 -16.01 63.81
CA ILE B 3107 37.72 -16.32 62.39
C ILE B 3107 37.80 -17.82 62.19
N CYS B 3108 38.55 -18.50 63.05
CA CYS B 3108 38.66 -19.96 62.98
C CYS B 3108 37.30 -20.60 63.21
N ASN B 3109 36.52 -20.05 64.14
CA ASN B 3109 35.16 -20.54 64.37
C ASN B 3109 34.33 -20.38 63.10
N ASN B 3110 34.51 -19.24 62.41
CA ASN B 3110 33.85 -19.00 61.13
C ASN B 3110 34.28 -20.04 60.11
N MET B 3111 35.58 -20.42 60.12
CA MET B 3111 36.06 -21.51 59.28
C MET B 3111 35.29 -22.78 59.53
N VAL B 3112 35.16 -23.17 60.80
CA VAL B 3112 34.49 -24.44 61.12
C VAL B 3112 33.03 -24.40 60.66
N THR B 3113 32.32 -23.32 61.00
CA THR B 3113 30.91 -23.22 60.66
C THR B 3113 30.68 -23.15 59.14
N SER B 3114 31.45 -22.30 58.45
CA SER B 3114 31.29 -22.14 57.01
C SER B 3114 31.70 -23.38 56.24
N THR B 3115 32.80 -24.03 56.64
CA THR B 3115 33.23 -25.27 56.00
C THR B 3115 32.19 -26.37 56.20
N ARG B 3116 31.63 -26.46 57.41
CA ARG B 3116 30.58 -27.44 57.66
C ARG B 3116 29.27 -27.06 56.97
N ALA B 3117 29.11 -25.79 56.59
CA ALA B 3117 27.84 -25.28 56.09
C ALA B 3117 27.66 -25.40 54.58
N ILE B 3118 28.54 -24.77 53.80
CA ILE B 3118 28.24 -24.55 52.39
C ILE B 3118 28.55 -25.79 51.55
N VAL B 3119 27.60 -26.14 50.68
CA VAL B 3119 27.71 -27.25 49.74
C VAL B 3119 28.22 -26.69 48.42
N ASN B 3120 29.21 -27.37 47.83
CA ASN B 3120 29.69 -26.98 46.50
C ASN B 3120 28.52 -27.11 45.51
N THR B 3121 28.33 -26.06 44.70
CA THR B 3121 27.28 -26.04 43.69
C THR B 3121 27.81 -25.99 42.27
N ALA B 3122 29.13 -26.07 42.08
CA ALA B 3122 29.71 -26.03 40.75
C ALA B 3122 29.33 -27.26 39.93
N ARG B 3123 29.17 -27.06 38.63
CA ARG B 3123 28.83 -28.13 37.71
C ARG B 3123 29.95 -29.17 37.67
N SER B 3124 29.68 -30.36 38.20
CA SER B 3124 30.72 -31.37 38.39
C SER B 3124 30.82 -32.29 37.18
N MET B 3125 31.62 -33.35 37.32
CA MET B 3125 31.81 -34.30 36.24
C MET B 3125 30.56 -35.13 35.97
N VAL B 3126 29.77 -35.42 37.01
CA VAL B 3126 28.52 -36.15 36.83
C VAL B 3126 27.57 -35.33 35.96
N SER B 3127 27.46 -34.02 36.24
CA SER B 3127 26.65 -33.14 35.39
C SER B 3127 27.22 -33.03 33.99
N THR B 3128 28.55 -33.12 33.84
CA THR B 3128 29.16 -33.15 32.52
C THR B 3128 28.68 -34.36 31.73
N ILE B 3129 28.59 -35.53 32.38
CA ILE B 3129 28.07 -36.71 31.68
C ILE B 3129 26.59 -36.56 31.39
N MET B 3130 25.83 -36.01 32.35
CA MET B 3130 24.40 -35.88 32.17
C MET B 3130 24.01 -34.82 31.14
N LYS B 3131 24.91 -33.88 30.82
CA LYS B 3131 24.57 -32.81 29.90
C LYS B 3131 24.47 -33.28 28.46
N PHE B 3132 25.39 -34.17 28.03
CA PHE B 3132 25.37 -34.58 26.63
C PHE B 3132 24.34 -35.68 26.36
N LEU B 3133 23.85 -36.34 27.41
CA LEU B 3133 22.88 -37.42 27.23
C LEU B 3133 21.51 -36.90 26.84
N ASP B 3134 21.28 -35.59 26.88
CA ASP B 3134 20.01 -35.00 26.48
C ASP B 3134 20.22 -33.94 25.40
N GLY B 3159 23.25 -16.59 28.06
CA GLY B 3159 22.89 -17.96 27.75
C GLY B 3159 21.59 -18.38 28.42
N ILE B 3160 20.55 -17.58 28.23
CA ILE B 3160 19.23 -17.83 28.80
C ILE B 3160 18.33 -18.27 27.65
N HIS B 3161 17.79 -19.48 27.75
CA HIS B 3161 17.06 -20.08 26.64
C HIS B 3161 15.56 -19.87 26.82
N ASN B 3162 14.90 -19.38 25.77
CA ASN B 3162 13.46 -19.23 25.79
C ASN B 3162 12.83 -20.62 25.80
N PHE B 3163 11.75 -20.75 26.57
CA PHE B 3163 11.05 -22.03 26.69
C PHE B 3163 9.57 -21.94 26.34
N ALA B 3164 9.13 -20.85 25.72
CA ALA B 3164 7.72 -20.69 25.38
C ALA B 3164 7.15 -21.75 24.45
N PRO B 3165 7.76 -22.12 23.30
CA PRO B 3165 7.10 -23.10 22.41
C PRO B 3165 6.81 -24.46 23.03
N LEU B 3166 7.63 -24.88 23.99
CA LEU B 3166 7.50 -26.22 24.58
C LEU B 3166 6.19 -26.41 25.35
N GLY B 3167 5.60 -25.34 25.88
CA GLY B 3167 4.43 -25.48 26.73
C GLY B 3167 3.10 -25.49 25.97
N THR B 3168 2.04 -25.80 26.69
CA THR B 3168 0.68 -25.78 26.16
C THR B 3168 -0.17 -24.78 26.92
N ILE B 3169 -1.03 -24.05 26.21
CA ILE B 3169 -1.77 -22.95 26.81
C ILE B 3169 -3.25 -23.34 26.92
N THR B 3170 -3.93 -22.70 27.87
CA THR B 3170 -5.35 -22.91 28.10
C THR B 3170 -5.88 -21.72 28.87
N SER B 3171 -7.20 -21.71 29.05
CA SER B 3171 -7.86 -20.65 29.79
C SER B 3171 -9.14 -21.21 30.40
N SER B 3172 -9.64 -20.51 31.42
CA SER B 3172 -10.85 -20.93 32.09
C SER B 3172 -12.11 -20.59 31.31
N SER B 3173 -11.99 -19.78 30.27
CA SER B 3173 -13.10 -19.40 29.42
C SER B 3173 -12.79 -19.77 27.97
N PRO B 3174 -13.78 -20.24 27.22
CA PRO B 3174 -13.55 -20.59 25.81
C PRO B 3174 -13.26 -19.34 25.00
N THR B 3175 -12.11 -19.33 24.33
CA THR B 3175 -11.74 -18.21 23.49
C THR B 3175 -11.93 -18.59 22.03
N ALA B 3176 -12.15 -17.56 21.20
CA ALA B 3176 -12.40 -17.78 19.78
C ALA B 3176 -11.18 -18.35 19.07
N GLN B 3177 -9.98 -18.09 19.60
CA GLN B 3177 -8.77 -18.61 18.98
C GLN B 3177 -7.83 -19.11 20.07
N PRO B 3178 -7.04 -20.15 19.79
CA PRO B 3178 -6.03 -20.57 20.75
C PRO B 3178 -4.80 -19.70 20.68
N ALA B 3179 -4.14 -19.56 21.82
CA ALA B 3179 -3.03 -18.62 21.96
C ALA B 3179 -1.68 -19.23 21.63
N GLU B 3180 -1.64 -20.41 21.02
CA GLU B 3180 -0.37 -21.03 20.64
C GLU B 3180 0.41 -20.21 19.62
N VAL B 3181 -0.27 -19.35 18.87
CA VAL B 3181 0.42 -18.49 17.91
C VAL B 3181 1.33 -17.51 18.64
N LEU B 3182 1.00 -17.19 19.90
CA LEU B 3182 1.86 -16.33 20.68
C LEU B 3182 3.09 -17.09 21.15
N LEU B 3183 2.99 -18.42 21.27
CA LEU B 3183 4.04 -19.21 21.87
C LEU B 3183 5.18 -19.51 20.89
N GLN B 3184 5.00 -19.18 19.61
CA GLN B 3184 6.03 -19.40 18.61
C GLN B 3184 7.28 -18.60 18.93
N ALA B 3185 8.43 -19.16 18.51
CA ALA B 3185 9.72 -18.57 18.83
C ALA B 3185 9.83 -17.12 18.34
N THR B 3186 9.36 -16.85 17.13
CA THR B 3186 9.28 -15.47 16.63
C THR B 3186 8.19 -15.39 15.58
N PRO B 3187 6.95 -15.11 16.00
CA PRO B 3187 5.90 -14.82 15.02
C PRO B 3187 6.19 -13.51 14.32
N PRO B 3188 5.72 -13.34 13.08
CA PRO B 3188 6.00 -12.09 12.35
C PRO B 3188 5.40 -10.84 13.00
N HIS B 3189 6.25 -9.97 13.51
CA HIS B 3189 5.86 -8.65 14.01
C HIS B 3189 6.67 -7.63 13.24
N ARG B 3190 6.23 -7.32 12.02
CA ARG B 3190 6.91 -6.32 11.21
C ARG B 3190 5.91 -5.30 10.69
N ARG B 3191 4.69 -5.77 10.41
CA ARG B 3191 3.61 -4.93 9.89
C ARG B 3191 2.50 -4.70 10.91
N ALA B 3192 2.11 -5.73 11.65
CA ALA B 3192 1.07 -5.67 12.70
C ALA B 3192 -0.25 -5.16 12.14
N ARG B 3193 -0.83 -6.00 11.27
CA ARG B 3193 -2.06 -5.68 10.54
C ARG B 3193 -3.21 -5.38 11.50
N SER B 3194 -3.67 -6.38 12.26
CA SER B 3194 -4.69 -6.14 13.26
C SER B 3194 -4.18 -6.41 14.66
N ALA B 3195 -3.71 -7.63 14.93
CA ALA B 3195 -3.12 -8.07 16.19
C ALA B 3195 -2.66 -9.51 16.02
N ALA B 3196 -1.68 -9.93 16.81
CA ALA B 3196 -1.34 -11.35 16.81
C ALA B 3196 -2.38 -12.15 17.58
N TRP B 3197 -2.80 -11.64 18.73
CA TRP B 3197 -3.88 -12.26 19.48
C TRP B 3197 -4.79 -11.17 20.02
N SER B 3198 -6.06 -11.51 20.23
CA SER B 3198 -7.02 -10.52 20.70
C SER B 3198 -8.01 -11.17 21.67
N TYR B 3199 -8.55 -10.33 22.55
CA TYR B 3199 -9.54 -10.75 23.54
C TYR B 3199 -10.63 -9.72 23.69
N ILE B 3200 -11.86 -10.20 23.86
CA ILE B 3200 -13.03 -9.34 24.05
C ILE B 3200 -13.54 -9.53 25.47
N PHE B 3201 -13.70 -8.42 26.19
CA PHE B 3201 -14.11 -8.47 27.59
C PHE B 3201 -15.62 -8.36 27.71
N LEU B 3202 -16.21 -9.29 28.45
CA LEU B 3202 -17.59 -9.15 28.82
C LEU B 3202 -17.75 -8.01 29.83
N PRO B 3203 -18.90 -7.35 29.85
CA PRO B 3203 -19.08 -6.21 30.79
C PRO B 3203 -18.92 -6.60 32.25
N GLU B 3204 -19.24 -7.85 32.59
CA GLU B 3204 -19.20 -8.32 33.96
C GLU B 3204 -17.79 -8.70 34.39
N GLU B 3205 -16.86 -8.81 33.43
CA GLU B 3205 -15.51 -9.28 33.70
C GLU B 3205 -14.50 -8.18 33.46
N ALA B 3206 -13.41 -8.23 34.22
CA ALA B 3206 -12.36 -7.23 34.13
C ALA B 3206 -10.99 -7.83 33.88
N TRP B 3207 -10.83 -9.15 33.96
CA TRP B 3207 -9.55 -9.79 33.74
C TRP B 3207 -9.78 -11.15 33.09
N CYS B 3208 -8.75 -11.65 32.42
CA CYS B 3208 -8.76 -13.00 31.87
C CYS B 3208 -7.51 -13.76 32.29
N ASP B 3209 -7.69 -15.05 32.59
CA ASP B 3209 -6.60 -15.91 33.07
C ASP B 3209 -6.10 -16.82 31.96
N LEU B 3210 -4.80 -16.76 31.68
CA LEU B 3210 -4.11 -17.56 30.68
C LEU B 3210 -3.14 -18.53 31.35
N THR B 3211 -3.58 -19.76 31.57
CA THR B 3211 -2.76 -20.77 32.24
C THR B 3211 -1.88 -21.51 31.22
N ILE B 3212 -0.56 -21.48 31.44
CA ILE B 3212 0.40 -22.16 30.59
C ILE B 3212 0.94 -23.35 31.38
N HIS B 3213 1.00 -24.51 30.72
CA HIS B 3213 1.47 -25.76 31.30
C HIS B 3213 2.70 -26.20 30.54
N LEU B 3214 3.84 -25.91 31.06
CA LEU B 3214 5.08 -26.36 30.45
C LEU B 3214 5.23 -27.86 30.76
N PRO B 3215 5.78 -28.67 29.84
CA PRO B 3215 6.01 -30.09 30.15
C PRO B 3215 6.78 -30.36 31.43
N ALA B 3216 7.72 -29.49 31.82
CA ALA B 3216 8.44 -29.70 33.06
C ALA B 3216 8.86 -28.34 33.61
N ALA B 3217 9.05 -28.30 34.93
CA ALA B 3217 9.46 -27.07 35.61
C ALA B 3217 10.89 -26.66 35.26
N VAL B 3218 11.07 -25.37 34.97
CA VAL B 3218 12.39 -24.80 34.69
C VAL B 3218 12.54 -23.53 35.54
N LEU B 3219 13.80 -23.10 35.72
CA LEU B 3219 14.13 -21.92 36.52
C LEU B 3219 13.90 -20.62 35.73
N LEU B 3220 12.64 -20.16 35.75
CA LEU B 3220 12.29 -18.91 35.08
C LEU B 3220 13.00 -17.73 35.74
N LYS B 3221 13.61 -16.87 34.93
CA LYS B 3221 14.35 -15.72 35.45
C LYS B 3221 13.74 -14.38 35.10
N GLU B 3222 13.15 -14.23 33.92
CA GLU B 3222 12.50 -12.99 33.54
C GLU B 3222 11.46 -13.31 32.48
N ILE B 3223 10.39 -12.51 32.43
CA ILE B 3223 9.34 -12.74 31.45
C ILE B 3223 9.08 -11.44 30.69
N HIS B 3224 9.14 -11.54 29.36
CA HIS B 3224 8.83 -10.42 28.48
C HIS B 3224 7.47 -10.64 27.85
N ILE B 3225 6.70 -9.57 27.77
CA ILE B 3225 5.37 -9.60 27.17
C ILE B 3225 5.31 -8.45 26.19
N GLN B 3226 4.78 -8.73 24.99
CA GLN B 3226 4.73 -7.73 23.94
C GLN B 3226 3.30 -7.29 23.72
N PRO B 3227 2.92 -6.08 24.12
CA PRO B 3227 1.60 -5.57 23.76
C PRO B 3227 1.53 -5.24 22.28
N HIS B 3228 0.30 -5.15 21.78
CA HIS B 3228 0.11 -4.84 20.37
C HIS B 3228 0.65 -3.44 20.08
N LEU B 3229 1.76 -3.39 19.32
CA LEU B 3229 2.49 -2.14 19.14
C LEU B 3229 1.69 -1.11 18.35
N ALA B 3230 1.00 -1.54 17.29
CA ALA B 3230 0.27 -0.61 16.43
C ALA B 3230 -0.87 0.07 17.19
N SER B 3231 -1.61 -0.69 17.98
CA SER B 3231 -2.70 -0.15 18.79
C SER B 3231 -2.54 -0.71 20.19
N LEU B 3232 -1.79 0.02 21.01
CA LEU B 3232 -1.56 -0.38 22.39
C LEU B 3232 -2.59 0.24 23.33
N ALA B 3233 -3.60 0.90 22.78
CA ALA B 3233 -4.77 1.27 23.59
C ALA B 3233 -5.48 0.04 24.15
N THR B 3234 -5.26 -1.12 23.53
CA THR B 3234 -5.83 -2.38 23.97
C THR B 3234 -4.90 -3.12 24.92
N CYS B 3235 -3.73 -2.56 25.23
CA CYS B 3235 -2.83 -3.20 26.17
C CYS B 3235 -3.48 -3.27 27.55
N PRO B 3236 -3.36 -4.39 28.25
CA PRO B 3236 -4.00 -4.52 29.57
C PRO B 3236 -3.44 -3.53 30.57
N SER B 3237 -4.33 -3.03 31.43
CA SER B 3237 -3.91 -2.06 32.44
C SER B 3237 -2.92 -2.68 33.41
N SER B 3238 -3.23 -3.86 33.94
CA SER B 3238 -2.33 -4.53 34.86
C SER B 3238 -2.42 -6.04 34.72
N VAL B 3239 -1.28 -6.71 34.87
CA VAL B 3239 -1.19 -8.16 34.75
C VAL B 3239 -0.74 -8.74 36.09
N SER B 3240 -1.42 -9.79 36.54
CA SER B 3240 -1.07 -10.49 37.78
C SER B 3240 -0.62 -11.91 37.44
N VAL B 3241 0.63 -12.21 37.78
CA VAL B 3241 1.25 -13.50 37.46
C VAL B 3241 1.17 -14.42 38.68
N GLU B 3242 0.74 -15.66 38.47
CA GLU B 3242 0.69 -16.67 39.51
C GLU B 3242 1.48 -17.87 39.01
N VAL B 3243 2.30 -18.47 39.88
CA VAL B 3243 3.16 -19.56 39.45
C VAL B 3243 2.74 -20.84 40.16
N SER B 3244 3.26 -21.98 39.69
CA SER B 3244 3.00 -23.30 40.25
C SER B 3244 4.21 -24.17 39.93
N ALA B 3245 4.95 -24.53 40.98
CA ALA B 3245 6.05 -25.46 40.83
C ALA B 3245 5.52 -26.85 40.53
N ASP B 3246 4.51 -27.29 41.25
CA ASP B 3246 3.92 -28.61 41.04
C ASP B 3246 2.82 -28.60 40.00
N GLY B 3247 2.43 -27.43 39.50
CA GLY B 3247 1.48 -27.33 38.43
C GLY B 3247 0.03 -27.29 38.87
N VAL B 3248 -0.26 -27.46 40.17
CA VAL B 3248 -1.62 -27.45 40.68
C VAL B 3248 -1.85 -26.35 41.71
N ASN B 3249 -0.93 -26.19 42.66
CA ASN B 3249 -1.06 -25.13 43.66
C ASN B 3249 -0.63 -23.82 43.01
N MET B 3250 -1.60 -22.96 42.71
CA MET B 3250 -1.33 -21.74 41.95
C MET B 3250 -1.25 -20.60 42.96
N LEU B 3251 -0.06 -20.00 43.10
CA LEU B 3251 0.09 -18.93 44.07
C LEU B 3251 0.51 -17.61 43.42
N PRO B 3252 -0.05 -16.49 43.87
CA PRO B 3252 0.33 -15.19 43.31
C PRO B 3252 1.74 -14.77 43.69
N LEU B 3253 2.33 -13.94 42.84
CA LEU B 3253 3.68 -13.44 43.08
C LEU B 3253 3.71 -12.04 43.69
N SER B 3254 2.81 -11.15 43.27
CA SER B 3254 2.74 -9.79 43.77
C SER B 3254 1.44 -9.17 43.27
N THR B 3255 1.21 -7.92 43.67
CA THR B 3255 0.06 -7.16 43.18
C THR B 3255 0.23 -6.96 41.67
N PRO B 3256 -0.89 -6.90 40.91
CA PRO B 3256 -0.81 -6.77 39.44
C PRO B 3256 0.02 -5.57 39.01
N VAL B 3257 1.08 -5.81 38.24
CA VAL B 3257 1.94 -4.73 37.79
C VAL B 3257 1.26 -3.97 36.67
N VAL B 3258 1.22 -2.65 36.80
CA VAL B 3258 0.59 -1.80 35.81
C VAL B 3258 1.34 -1.89 34.49
N THR B 3259 0.60 -1.89 33.38
CA THR B 3259 1.19 -2.06 32.06
C THR B 3259 0.66 -1.08 31.02
N SER B 3260 -0.26 -0.19 31.39
CA SER B 3260 -0.77 0.80 30.46
C SER B 3260 0.32 1.76 30.01
N GLY B 3261 0.39 2.01 28.71
CA GLY B 3261 1.39 2.91 28.16
C GLY B 3261 2.80 2.40 28.13
N LEU B 3262 3.00 1.09 28.15
CA LEU B 3262 4.32 0.48 28.11
C LEU B 3262 4.47 -0.28 26.79
N THR B 3263 5.50 0.04 26.01
CA THR B 3263 5.76 -0.65 24.75
C THR B 3263 6.48 -1.98 24.93
N TYR B 3264 7.07 -2.23 26.08
CA TYR B 3264 7.91 -3.42 26.27
C TYR B 3264 7.70 -3.88 27.71
N ILE B 3265 7.07 -5.03 27.89
CA ILE B 3265 6.72 -5.49 29.23
C ILE B 3265 7.84 -6.38 29.76
N LYS B 3266 8.61 -5.87 30.71
CA LYS B 3266 9.65 -6.65 31.36
C LYS B 3266 9.25 -6.90 32.80
N ILE B 3267 9.18 -8.16 33.20
CA ILE B 3267 8.99 -8.51 34.60
C ILE B 3267 10.20 -9.35 35.01
N GLN B 3268 11.18 -8.67 35.60
CA GLN B 3268 12.35 -9.33 36.16
C GLN B 3268 12.00 -10.14 37.39
N LEU B 3269 12.65 -11.28 37.55
CA LEU B 3269 12.57 -12.10 38.75
C LEU B 3269 13.96 -12.13 39.35
N VAL B 3270 14.14 -11.52 40.53
CA VAL B 3270 15.43 -11.53 41.19
C VAL B 3270 15.83 -12.96 41.57
N LYS B 3271 14.87 -13.76 42.03
CA LYS B 3271 15.09 -15.15 42.36
C LYS B 3271 14.46 -16.03 41.29
N ALA B 3272 15.29 -16.81 40.60
CA ALA B 3272 14.81 -17.73 39.57
C ALA B 3272 13.89 -18.78 40.20
N GLU B 3273 12.73 -18.97 39.58
CA GLU B 3273 11.68 -19.78 40.17
C GLU B 3273 11.44 -21.07 39.38
N VAL B 3274 11.43 -22.20 40.09
CA VAL B 3274 11.14 -23.51 39.52
C VAL B 3274 9.64 -23.52 39.17
N ALA B 3275 9.32 -23.47 37.88
CA ALA B 3275 7.93 -23.33 37.46
C ALA B 3275 7.50 -24.41 36.48
N SER B 3276 6.38 -25.08 36.77
CA SER B 3276 5.72 -25.94 35.79
C SER B 3276 4.44 -25.37 35.20
N ALA B 3277 3.79 -24.40 35.86
CA ALA B 3277 2.57 -23.80 35.32
C ALA B 3277 2.45 -22.35 35.76
N VAL B 3278 2.11 -21.47 34.82
CA VAL B 3278 1.95 -20.05 35.13
C VAL B 3278 0.59 -19.52 34.65
N CYS B 3279 -0.14 -18.82 35.52
CA CYS B 3279 -1.41 -18.22 35.16
C CYS B 3279 -1.22 -16.71 35.04
N LEU B 3280 -1.63 -16.15 33.91
CA LEU B 3280 -1.52 -14.72 33.64
C LEU B 3280 -2.92 -14.12 33.67
N ARG B 3281 -3.21 -13.36 34.71
CA ARG B 3281 -4.50 -12.69 34.84
C ARG B 3281 -4.35 -11.24 34.36
N LEU B 3282 -4.75 -11.00 33.12
CA LEU B 3282 -4.61 -9.69 32.50
C LEU B 3282 -5.87 -8.88 32.73
N HIS B 3283 -5.72 -7.69 33.32
CA HIS B 3283 -6.87 -6.88 33.64
C HIS B 3283 -7.27 -5.99 32.47
N ARG B 3284 -8.50 -5.50 32.55
CA ARG B 3284 -9.10 -4.76 31.45
C ARG B 3284 -8.33 -3.45 31.22
N PRO B 3285 -8.12 -3.05 29.96
CA PRO B 3285 -7.43 -1.78 29.70
C PRO B 3285 -8.22 -0.58 30.18
N ARG B 3286 -7.49 0.51 30.40
CA ARG B 3286 -8.07 1.72 30.98
C ARG B 3286 -9.14 2.30 30.07
N ASP B 3287 -8.88 2.34 28.76
CA ASP B 3287 -9.78 2.99 27.83
C ASP B 3287 -10.10 2.05 26.67
N ALA B 3288 -10.25 0.76 26.97
CA ALA B 3288 -10.63 -0.23 25.97
C ALA B 3288 -11.22 -1.45 26.64
N SER B 3289 -12.03 -2.18 25.88
CA SER B 3289 -12.60 -3.46 26.30
C SER B 3289 -11.96 -4.65 25.63
N THR B 3290 -10.93 -4.45 24.82
CA THR B 3290 -10.28 -5.54 24.11
C THR B 3290 -8.80 -5.57 24.44
N LEU B 3291 -8.22 -6.76 24.29
CA LEU B 3291 -6.81 -6.99 24.51
C LEU B 3291 -6.14 -7.29 23.19
N GLY B 3292 -5.04 -6.58 22.92
CA GLY B 3292 -4.23 -6.78 21.72
C GLY B 3292 -2.86 -7.23 22.16
N LEU B 3293 -2.46 -8.45 21.81
CA LEU B 3293 -1.20 -9.01 22.28
C LEU B 3293 -0.38 -9.46 21.08
N SER B 3294 0.93 -9.36 21.20
CA SER B 3294 1.81 -9.69 20.09
C SER B 3294 2.70 -10.91 20.34
N GLN B 3295 3.32 -11.04 21.50
CA GLN B 3295 4.23 -12.15 21.71
C GLN B 3295 4.51 -12.34 23.20
N ILE B 3296 4.54 -13.60 23.63
CA ILE B 3296 4.91 -13.98 24.98
C ILE B 3296 6.22 -14.74 24.94
N LYS B 3297 7.19 -14.28 25.72
CA LYS B 3297 8.49 -14.93 25.87
C LYS B 3297 8.65 -15.45 27.29
N LEU B 3298 9.27 -16.62 27.42
CA LEU B 3298 9.47 -17.27 28.71
C LEU B 3298 10.96 -17.53 28.90
N LEU B 3299 11.67 -16.55 29.44
CA LEU B 3299 13.12 -16.64 29.60
C LEU B 3299 13.47 -17.33 30.91
N GLY B 3300 14.26 -18.39 30.82
CA GLY B 3300 14.69 -19.10 31.99
C GLY B 3300 15.81 -20.06 31.66
N LEU B 3301 16.20 -20.85 32.66
CA LEU B 3301 17.24 -21.85 32.50
C LEU B 3301 16.70 -23.23 32.81
N THR B 3302 17.31 -24.24 32.18
CA THR B 3302 17.01 -25.62 32.48
C THR B 3302 17.87 -26.08 33.66
N ALA B 3303 17.74 -27.35 34.02
CA ALA B 3303 18.51 -27.90 35.12
C ALA B 3303 20.00 -27.97 34.78
N PHE B 3304 20.35 -28.16 33.51
CA PHE B 3304 21.73 -28.28 33.06
C PHE B 3304 21.96 -27.45 31.81
N GLY B 3305 21.47 -26.22 31.80
CA GLY B 3305 21.64 -25.35 30.66
C GLY B 3305 22.16 -23.97 31.02
N GLU B 3320 32.48 -13.96 41.89
CA GLU B 3320 32.91 -12.89 42.80
C GLU B 3320 32.09 -12.90 44.10
N ASP B 3321 30.83 -12.48 44.01
CA ASP B 3321 29.96 -12.51 45.19
C ASP B 3321 29.53 -13.94 45.54
N GLN B 3322 29.47 -14.83 44.54
CA GLN B 3322 29.07 -16.21 44.77
C GLN B 3322 30.12 -17.03 45.53
N VAL B 3323 31.32 -16.49 45.72
CA VAL B 3323 32.36 -17.18 46.49
C VAL B 3323 32.70 -16.46 47.79
N SER B 3324 32.42 -15.15 47.90
CA SER B 3324 32.83 -14.36 49.06
C SER B 3324 32.17 -14.84 50.35
N LYS B 3325 30.89 -15.26 50.27
CA LYS B 3325 30.16 -15.70 51.45
C LYS B 3325 30.80 -16.93 52.10
N THR B 3326 31.57 -17.70 51.34
CA THR B 3326 32.18 -18.93 51.84
C THR B 3326 33.39 -18.59 52.71
N SER B 3327 34.15 -19.63 53.08
CA SER B 3327 35.30 -19.46 53.96
C SER B 3327 36.40 -18.58 53.38
N ILE B 3328 36.46 -18.44 52.05
CA ILE B 3328 37.59 -17.75 51.44
C ILE B 3328 37.58 -16.25 51.73
N GLY B 3329 36.43 -15.69 52.15
CA GLY B 3329 36.45 -14.31 52.61
C GLY B 3329 37.26 -14.09 53.88
N TRP B 3330 36.99 -14.87 54.93
CA TRP B 3330 37.82 -14.77 56.12
C TRP B 3330 39.23 -15.29 55.86
N LEU B 3331 39.38 -16.24 54.93
CA LEU B 3331 40.71 -16.68 54.53
C LEU B 3331 41.52 -15.51 53.95
N ARG B 3332 40.87 -14.68 53.12
CA ARG B 3332 41.53 -13.50 52.58
C ARG B 3332 41.85 -12.49 53.68
N LEU B 3333 40.95 -12.38 54.66
CA LEU B 3333 41.26 -11.57 55.86
C LEU B 3333 42.49 -12.10 56.58
N LEU B 3334 42.58 -13.42 56.75
CA LEU B 3334 43.74 -14.01 57.40
C LEU B 3334 45.00 -13.75 56.58
N HIS B 3335 44.89 -13.81 55.26
CA HIS B 3335 46.04 -13.51 54.40
C HIS B 3335 46.48 -12.07 54.56
N HIS B 3336 45.52 -11.14 54.61
CA HIS B 3336 45.86 -9.74 54.85
C HIS B 3336 46.50 -9.55 56.21
N CYS B 3337 45.98 -10.23 57.24
CA CYS B 3337 46.55 -10.16 58.57
C CYS B 3337 47.98 -10.67 58.59
N LEU B 3338 48.22 -11.82 57.97
CA LEU B 3338 49.53 -12.47 58.02
C LEU B 3338 50.53 -11.87 57.04
N THR B 3339 50.09 -11.06 56.08
CA THR B 3339 50.99 -10.60 55.03
C THR B 3339 51.08 -9.09 54.89
N HIS B 3340 50.11 -8.32 55.40
CA HIS B 3340 50.16 -6.87 55.25
C HIS B 3340 51.36 -6.29 56.00
N ILE B 3341 51.59 -6.79 57.21
CA ILE B 3341 52.75 -6.41 58.02
C ILE B 3341 53.38 -7.70 58.52
N SER B 3342 54.65 -7.91 58.21
CA SER B 3342 55.37 -9.13 58.56
C SER B 3342 56.04 -9.06 59.93
N ASP B 3343 55.65 -8.11 60.78
CA ASP B 3343 56.26 -7.98 62.10
C ASP B 3343 55.42 -8.54 63.23
N LEU B 3344 54.11 -8.31 63.22
CA LEU B 3344 53.24 -8.89 64.24
C LEU B 3344 52.64 -10.23 63.83
N GLU B 3345 53.00 -10.75 62.65
CA GLU B 3345 52.34 -11.92 62.09
C GLU B 3345 52.62 -13.19 62.89
N GLY B 3346 53.83 -13.31 63.44
CA GLY B 3346 54.21 -14.53 64.14
C GLY B 3346 53.43 -14.75 65.41
N MET B 3347 53.36 -13.72 66.27
CA MET B 3347 52.68 -13.83 67.56
C MET B 3347 51.18 -14.08 67.40
N MET B 3348 50.55 -13.41 66.44
CA MET B 3348 49.12 -13.62 66.24
C MET B 3348 48.85 -14.93 65.49
N ALA B 3349 49.81 -15.40 64.69
CA ALA B 3349 49.72 -16.76 64.16
C ALA B 3349 49.77 -17.78 65.29
N SER B 3350 50.64 -17.54 66.28
CA SER B 3350 50.69 -18.39 67.46
C SER B 3350 49.36 -18.36 68.22
N ALA B 3351 48.75 -17.18 68.33
CA ALA B 3351 47.44 -17.08 68.97
C ALA B 3351 46.39 -17.88 68.20
N ALA B 3352 46.42 -17.82 66.88
CA ALA B 3352 45.46 -18.52 66.03
C ALA B 3352 45.84 -19.97 65.79
N ALA B 3353 46.96 -20.42 66.34
CA ALA B 3353 47.42 -21.79 66.09
C ALA B 3353 46.63 -22.87 66.84
N PRO B 3354 46.41 -22.82 68.16
CA PRO B 3354 45.91 -24.02 68.85
C PRO B 3354 44.46 -24.38 68.60
N THR B 3355 43.73 -23.60 67.79
CA THR B 3355 42.34 -23.90 67.50
C THR B 3355 42.19 -25.24 66.76
N ALA B 3356 41.16 -25.98 67.15
CA ALA B 3356 40.95 -27.33 66.64
C ALA B 3356 40.55 -27.33 65.17
N ASN B 3357 41.13 -28.28 64.41
CA ASN B 3357 40.75 -28.63 63.05
C ASN B 3357 40.95 -27.51 62.03
N LEU B 3358 41.74 -26.50 62.36
CA LEU B 3358 41.96 -25.39 61.43
C LEU B 3358 42.66 -25.87 60.14
N LEU B 3359 43.68 -26.69 60.30
CA LEU B 3359 44.47 -27.17 59.16
C LEU B 3359 43.65 -28.02 58.21
N GLN B 3360 42.80 -28.89 58.77
CA GLN B 3360 41.98 -29.78 57.96
C GLN B 3360 41.03 -29.00 57.06
N THR B 3361 40.33 -28.03 57.65
CA THR B 3361 39.42 -27.19 56.88
C THR B 3361 40.18 -26.34 55.87
N CYS B 3362 41.35 -25.83 56.25
CA CYS B 3362 42.16 -25.04 55.33
C CYS B 3362 42.58 -25.88 54.12
N ALA B 3363 42.99 -27.13 54.36
CA ALA B 3363 43.36 -28.03 53.28
C ALA B 3363 42.15 -28.36 52.41
N ALA B 3364 40.98 -28.55 53.04
CA ALA B 3364 39.76 -28.84 52.29
C ALA B 3364 39.37 -27.69 51.37
N LEU B 3365 39.49 -26.46 51.85
CA LEU B 3365 39.26 -25.32 50.95
C LEU B 3365 40.35 -25.21 49.89
N LEU B 3366 41.58 -25.57 50.23
CA LEU B 3366 42.67 -25.52 49.25
C LEU B 3366 42.47 -26.50 48.10
N MET B 3367 42.01 -27.72 48.37
CA MET B 3367 41.77 -28.66 47.28
C MET B 3367 40.59 -28.25 46.39
N SER B 3368 39.72 -27.39 46.89
CA SER B 3368 38.52 -27.02 46.15
C SER B 3368 38.87 -26.15 44.93
N PRO B 3369 38.09 -26.25 43.85
CA PRO B 3369 38.37 -25.45 42.65
C PRO B 3369 38.09 -23.97 42.82
N TYR B 3370 37.34 -23.58 43.86
CA TYR B 3370 37.01 -22.17 44.09
C TYR B 3370 38.22 -21.33 44.50
N CYS B 3371 39.36 -21.95 44.81
CA CYS B 3371 40.57 -21.26 45.22
C CYS B 3371 41.48 -20.89 44.06
N GLY B 3372 41.03 -21.11 42.82
CA GLY B 3372 41.89 -20.92 41.65
C GLY B 3372 42.44 -19.51 41.51
N MET B 3373 41.63 -18.52 41.88
CA MET B 3373 42.00 -17.12 41.76
C MET B 3373 42.52 -16.51 43.06
N HIS B 3374 42.45 -17.23 44.18
CA HIS B 3374 43.09 -16.81 45.44
C HIS B 3374 43.95 -17.89 46.06
N SER B 3375 44.52 -18.78 45.24
CA SER B 3375 45.42 -19.83 45.76
C SER B 3375 46.67 -19.32 46.48
N PRO B 3376 47.45 -18.33 45.97
CA PRO B 3376 48.69 -17.93 46.68
C PRO B 3376 48.50 -17.49 48.12
N ASN B 3377 47.36 -16.87 48.44
CA ASN B 3377 47.06 -16.51 49.82
C ASN B 3377 46.99 -17.75 50.70
N ILE B 3378 46.33 -18.80 50.21
CA ILE B 3378 46.26 -20.07 50.94
C ILE B 3378 47.66 -20.66 51.12
N GLU B 3379 48.47 -20.62 50.05
CA GLU B 3379 49.83 -21.14 50.13
C GLU B 3379 50.63 -20.41 51.20
N VAL B 3380 50.54 -19.07 51.24
CA VAL B 3380 51.35 -18.30 52.17
C VAL B 3380 50.89 -18.51 53.60
N VAL B 3381 49.57 -18.55 53.84
CA VAL B 3381 49.10 -18.75 55.22
C VAL B 3381 49.46 -20.15 55.71
N LEU B 3382 49.34 -21.17 54.84
CA LEU B 3382 49.74 -22.53 55.22
C LEU B 3382 51.23 -22.58 55.54
N VAL B 3383 52.05 -21.92 54.71
CA VAL B 3383 53.50 -21.90 54.93
C VAL B 3383 53.82 -21.25 56.27
N LYS B 3384 53.21 -20.10 56.54
CA LYS B 3384 53.48 -19.38 57.79
C LYS B 3384 53.06 -20.18 59.02
N ILE B 3385 51.86 -20.79 58.98
CA ILE B 3385 51.41 -21.58 60.12
C ILE B 3385 52.30 -22.81 60.32
N GLY B 3386 52.73 -23.45 59.23
CA GLY B 3386 53.61 -24.60 59.37
C GLY B 3386 54.97 -24.23 59.91
N LEU B 3387 55.53 -23.09 59.46
CA LEU B 3387 56.85 -22.68 59.93
C LEU B 3387 56.81 -22.19 61.37
N GLN B 3388 55.69 -21.60 61.80
CA GLN B 3388 55.62 -21.00 63.14
C GLN B 3388 55.78 -22.04 64.24
N SER B 3389 55.12 -23.19 64.11
CA SER B 3389 55.17 -24.21 65.15
C SER B 3389 55.55 -25.55 64.54
N THR B 3390 56.36 -26.31 65.29
CA THR B 3390 56.87 -27.59 64.79
C THR B 3390 55.79 -28.65 64.75
N ARG B 3391 55.04 -28.80 65.85
CA ARG B 3391 54.03 -29.86 65.94
C ARG B 3391 52.93 -29.66 64.91
N ILE B 3392 52.51 -28.41 64.71
CA ILE B 3392 51.51 -28.09 63.70
C ILE B 3392 52.02 -28.44 62.31
N GLY B 3393 53.30 -28.13 62.05
CA GLY B 3393 53.89 -28.49 60.77
C GLY B 3393 53.92 -29.99 60.52
N LEU B 3394 54.33 -30.76 61.53
CA LEU B 3394 54.35 -32.22 61.39
C LEU B 3394 52.96 -32.78 61.18
N LYS B 3395 51.98 -32.29 61.96
CA LYS B 3395 50.61 -32.78 61.82
C LYS B 3395 50.04 -32.45 60.44
N LEU B 3396 50.32 -31.26 59.92
CA LEU B 3396 49.79 -30.90 58.61
C LEU B 3396 50.50 -31.67 57.50
N ILE B 3397 51.79 -31.98 57.68
CA ILE B 3397 52.48 -32.89 56.77
C ILE B 3397 51.78 -34.25 56.74
N ASP B 3398 51.43 -34.76 57.92
CA ASP B 3398 50.71 -36.03 58.00
C ASP B 3398 49.38 -35.95 57.26
N ILE B 3399 48.62 -34.88 57.46
CA ILE B 3399 47.29 -34.79 56.85
C ILE B 3399 47.41 -34.60 55.33
N LEU B 3400 48.51 -34.02 54.85
CA LEU B 3400 48.67 -33.96 53.40
C LEU B 3400 49.25 -35.25 52.83
N LEU B 3401 49.77 -36.14 53.67
CA LEU B 3401 50.31 -37.41 53.20
C LEU B 3401 49.47 -38.63 53.55
N ARG B 3402 48.71 -38.62 54.64
CA ARG B 3402 47.97 -39.81 55.02
C ARG B 3402 46.50 -39.75 54.61
N ASN B 3403 45.78 -38.66 54.91
CA ASN B 3403 44.37 -38.57 54.58
C ASN B 3403 44.16 -37.60 53.41
N SER B 3428 48.00 -33.17 42.61
CA SER B 3428 47.74 -31.95 41.87
C SER B 3428 48.94 -31.01 41.93
N ASP B 3429 48.94 -30.01 41.03
CA ASP B 3429 50.03 -29.05 40.93
C ASP B 3429 50.19 -28.26 42.23
N SER B 3430 49.07 -27.92 42.86
CA SER B 3430 49.09 -27.13 44.09
C SER B 3430 49.82 -27.85 45.21
N THR B 3431 49.64 -29.18 45.31
CA THR B 3431 50.37 -29.95 46.32
C THR B 3431 51.87 -29.91 46.06
N ILE B 3432 52.27 -30.00 44.78
CA ILE B 3432 53.68 -29.88 44.40
C ILE B 3432 54.23 -28.54 44.86
N ASP B 3433 53.49 -27.46 44.61
CA ASP B 3433 53.96 -26.13 44.98
C ASP B 3433 54.05 -25.98 46.50
N ILE B 3434 53.07 -26.50 47.25
CA ILE B 3434 53.10 -26.42 48.71
C ILE B 3434 54.31 -27.17 49.28
N LEU B 3435 54.53 -28.39 48.81
CA LEU B 3435 55.66 -29.18 49.30
C LEU B 3435 57.00 -28.55 48.94
N TYR B 3436 57.13 -28.04 47.71
CA TYR B 3436 58.38 -27.39 47.30
C TYR B 3436 58.62 -26.14 48.16
N GLN B 3437 57.57 -25.35 48.40
CA GLN B 3437 57.74 -24.17 49.25
C GLN B 3437 58.12 -24.54 50.68
N LEU B 3438 57.53 -25.61 51.22
CA LEU B 3438 57.87 -26.06 52.57
C LEU B 3438 59.33 -26.47 52.63
N GLY B 3439 59.77 -27.25 51.64
CA GLY B 3439 61.14 -27.73 51.63
C GLY B 3439 62.16 -26.62 51.45
N THR B 3440 61.84 -25.66 50.56
CA THR B 3440 62.83 -24.65 50.20
C THR B 3440 63.03 -23.61 51.30
N THR B 3441 61.98 -23.31 52.08
CA THR B 3441 62.11 -22.35 53.17
C THR B 3441 63.03 -22.88 54.27
N GLN B 3442 63.88 -21.99 54.78
CA GLN B 3442 64.89 -22.34 55.77
C GLN B 3442 64.39 -21.95 57.15
N ASP B 3443 64.30 -22.92 58.05
CA ASP B 3443 63.84 -22.71 59.41
C ASP B 3443 64.25 -23.91 60.25
N PRO B 3444 64.18 -23.81 61.58
CA PRO B 3444 64.50 -24.99 62.42
C PRO B 3444 63.64 -26.21 62.14
N GLY B 3445 62.42 -26.03 61.64
CA GLY B 3445 61.57 -27.14 61.31
C GLY B 3445 61.81 -27.77 59.96
N THR B 3446 62.76 -27.24 59.17
CA THR B 3446 63.06 -27.79 57.85
C THR B 3446 63.62 -29.20 57.97
N LYS B 3447 64.48 -29.44 58.97
CA LYS B 3447 65.02 -30.77 59.22
C LYS B 3447 63.90 -31.74 59.54
N ASP B 3448 62.94 -31.32 60.37
CA ASP B 3448 61.81 -32.17 60.70
C ASP B 3448 60.95 -32.46 59.47
N ARG B 3449 60.77 -31.44 58.61
CA ARG B 3449 59.98 -31.63 57.40
C ARG B 3449 60.64 -32.62 56.44
N ILE B 3450 61.95 -32.49 56.24
CA ILE B 3450 62.64 -33.42 55.34
C ILE B 3450 62.71 -34.80 55.97
N GLN B 3451 62.79 -34.88 57.31
CA GLN B 3451 62.72 -36.16 58.00
C GLN B 3451 61.37 -36.84 57.75
N ALA B 3452 60.29 -36.06 57.79
CA ALA B 3452 58.96 -36.60 57.50
C ALA B 3452 58.87 -37.07 56.06
N LEU B 3453 59.44 -36.29 55.13
CA LEU B 3453 59.46 -36.69 53.72
C LEU B 3453 60.23 -38.00 53.52
N LEU B 3454 61.38 -38.13 54.19
CA LEU B 3454 62.16 -39.35 54.08
C LEU B 3454 61.44 -40.54 54.70
N LYS B 3455 60.72 -40.30 55.80
CA LYS B 3455 59.90 -41.35 56.39
C LYS B 3455 58.80 -41.78 55.41
N TRP B 3456 58.19 -40.82 54.72
CA TRP B 3456 57.16 -41.14 53.74
C TRP B 3456 57.72 -41.97 52.59
N VAL B 3457 58.87 -41.56 52.05
CA VAL B 3457 59.42 -42.27 50.91
C VAL B 3457 59.90 -43.65 51.32
N SER B 3458 60.43 -43.79 52.54
CA SER B 3458 60.81 -45.10 53.04
C SER B 3458 59.60 -46.01 53.20
N ASP B 3459 58.48 -45.47 53.73
CA ASP B 3459 57.27 -46.28 53.87
C ASP B 3459 56.71 -46.71 52.52
N SER B 3460 56.66 -45.78 51.56
CA SER B 3460 56.16 -46.12 50.22
C SER B 3460 57.06 -47.13 49.51
N ALA B 3461 58.38 -46.95 49.63
CA ALA B 3461 59.31 -47.89 49.02
C ALA B 3461 59.22 -49.26 49.66
N ARG B 3462 59.03 -49.33 50.98
CA ARG B 3462 58.87 -50.62 51.64
C ARG B 3462 57.58 -51.32 51.21
N VAL B 3463 56.46 -50.60 51.21
CA VAL B 3463 55.19 -51.22 50.85
C VAL B 3463 55.16 -51.58 49.36
N ALA B 3464 56.00 -50.93 48.55
CA ALA B 3464 56.12 -51.35 47.16
C ALA B 3464 57.07 -52.54 47.04
N ALA B 3465 58.08 -52.63 47.90
CA ALA B 3465 59.04 -53.72 47.82
C ALA B 3465 58.44 -55.04 48.29
N MET B 3466 57.59 -55.02 49.34
CA MET B 3466 56.98 -56.28 49.76
C MET B 3466 55.98 -56.81 48.72
N LYS B 3467 55.34 -55.92 47.97
CA LYS B 3467 54.41 -56.36 46.94
C LYS B 3467 54.44 -55.39 45.76
N THR B 3481 43.69 -48.53 55.11
CA THR B 3481 43.05 -47.28 55.52
C THR B 3481 44.00 -46.10 55.35
N VAL B 3482 44.87 -45.90 56.35
CA VAL B 3482 45.83 -44.81 56.30
C VAL B 3482 46.89 -45.05 55.22
N GLU B 3483 47.27 -46.31 55.00
CA GLU B 3483 48.35 -46.62 54.07
C GLU B 3483 47.96 -46.55 52.59
N TYR B 3484 46.69 -46.27 52.27
CA TYR B 3484 46.27 -46.22 50.86
C TYR B 3484 47.03 -45.15 50.09
N GLY B 3485 47.13 -43.95 50.67
CA GLY B 3485 47.88 -42.88 50.06
C GLY B 3485 49.35 -43.24 49.87
N LEU B 3486 49.88 -44.09 50.76
CA LEU B 3486 51.26 -44.52 50.60
C LEU B 3486 51.41 -45.54 49.48
N LEU B 3487 50.36 -46.33 49.22
CA LEU B 3487 50.52 -47.47 48.31
C LEU B 3487 50.54 -47.03 46.84
N MET B 3488 49.94 -45.89 46.48
CA MET B 3488 50.05 -45.36 45.12
C MET B 3488 50.54 -43.90 45.17
N PRO B 3489 51.83 -43.70 45.48
CA PRO B 3489 52.37 -42.33 45.51
C PRO B 3489 52.38 -41.70 44.12
N SER B 3490 51.93 -40.44 44.05
CA SER B 3490 51.86 -39.74 42.77
C SER B 3490 53.27 -39.46 42.26
N PRO B 3491 53.60 -39.81 41.01
CA PRO B 3491 54.96 -39.56 40.50
C PRO B 3491 55.38 -38.10 40.48
N SER B 3492 54.43 -37.19 40.26
CA SER B 3492 54.74 -35.77 40.30
C SER B 3492 55.22 -35.35 41.67
N HIS B 3493 54.60 -35.89 42.72
CA HIS B 3493 55.05 -35.61 44.08
C HIS B 3493 56.45 -36.16 44.32
N LEU B 3494 56.76 -37.33 43.75
CA LEU B 3494 58.12 -37.86 43.85
C LEU B 3494 59.11 -36.93 43.18
N HIS B 3495 58.77 -36.41 42.00
CA HIS B 3495 59.65 -35.44 41.34
C HIS B 3495 59.80 -34.18 42.18
N CYS B 3496 58.74 -33.79 42.89
CA CYS B 3496 58.83 -32.67 43.82
C CYS B 3496 59.82 -32.95 44.94
N VAL B 3497 59.76 -34.15 45.51
CA VAL B 3497 60.71 -34.52 46.57
C VAL B 3497 62.14 -34.54 46.04
N ALA B 3498 62.32 -35.03 44.81
CA ALA B 3498 63.64 -35.01 44.18
C ALA B 3498 64.15 -33.59 44.00
N ALA B 3499 63.28 -32.68 43.56
CA ALA B 3499 63.66 -31.28 43.39
C ALA B 3499 64.00 -30.63 44.72
N ILE B 3500 63.22 -30.90 45.77
CA ILE B 3500 63.51 -30.36 47.10
C ILE B 3500 64.86 -30.87 47.61
N LEU B 3501 65.12 -32.18 47.45
CA LEU B 3501 66.39 -32.74 47.88
C LEU B 3501 67.56 -32.11 47.12
N TRP B 3502 67.40 -31.96 45.80
CA TRP B 3502 68.44 -31.35 44.97
C TRP B 3502 68.72 -29.93 45.43
N HIS B 3503 67.66 -29.12 45.56
CA HIS B 3503 67.86 -27.71 45.91
C HIS B 3503 68.35 -27.53 47.33
N SER B 3504 67.96 -28.41 48.25
CA SER B 3504 68.53 -28.38 49.60
C SER B 3504 70.01 -28.70 49.57
N TYR B 3505 70.42 -29.63 48.70
CA TYR B 3505 71.84 -29.89 48.53
C TYR B 3505 72.56 -28.67 47.96
N GLU B 3506 71.94 -27.99 47.00
CA GLU B 3506 72.55 -26.80 46.41
C GLU B 3506 72.67 -25.68 47.44
N LEU B 3507 71.59 -25.40 48.18
CA LEU B 3507 71.64 -24.33 49.16
C LEU B 3507 72.51 -24.75 50.35
N LEU B 3508 73.08 -23.76 51.02
CA LEU B 3508 73.91 -23.97 52.19
C LEU B 3508 72.99 -24.15 53.39
N VAL B 3509 72.76 -25.40 53.77
CA VAL B 3509 71.84 -25.72 54.84
C VAL B 3509 72.60 -25.80 56.15
N GLU B 3510 71.87 -25.58 57.26
CA GLU B 3510 72.48 -25.65 58.58
C GLU B 3510 72.76 -27.09 58.98
N TYR B 3511 71.88 -28.01 58.61
CA TYR B 3511 72.03 -29.40 59.01
C TYR B 3511 73.05 -30.11 58.14
N ASP B 3512 73.32 -31.36 58.47
CA ASP B 3512 74.16 -32.23 57.64
C ASP B 3512 73.21 -33.14 56.88
N LEU B 3513 72.77 -32.67 55.70
CA LEU B 3513 71.88 -33.46 54.86
C LEU B 3513 72.42 -34.84 54.47
N PRO B 3514 73.71 -35.03 54.08
CA PRO B 3514 74.17 -36.39 53.74
C PRO B 3514 73.99 -37.42 54.85
N ALA B 3515 74.00 -37.00 56.12
CA ALA B 3515 73.83 -37.93 57.23
C ALA B 3515 72.46 -38.62 57.18
N LEU B 3516 71.46 -37.95 56.61
CA LEU B 3516 70.12 -38.55 56.52
C LEU B 3516 69.99 -39.57 55.40
N LEU B 3517 71.00 -39.74 54.56
CA LEU B 3517 70.92 -40.62 53.39
C LEU B 3517 71.74 -41.88 53.64
N ASP B 3518 71.08 -42.91 54.17
CA ASP B 3518 71.72 -44.19 54.41
C ASP B 3518 71.59 -45.11 53.20
N GLN B 3519 72.39 -46.19 53.19
CA GLN B 3519 72.39 -47.14 52.09
C GLN B 3519 71.09 -47.95 52.01
N GLU B 3520 70.38 -48.10 53.13
CA GLU B 3520 69.10 -48.83 53.11
C GLU B 3520 68.07 -48.15 52.21
N LEU B 3521 68.01 -46.82 52.26
CA LEU B 3521 67.14 -46.09 51.35
C LEU B 3521 67.57 -46.30 49.90
N PHE B 3522 68.88 -46.30 49.65
CA PHE B 3522 69.40 -46.53 48.30
C PHE B 3522 68.96 -47.88 47.75
N GLU B 3523 69.17 -48.94 48.52
CA GLU B 3523 68.79 -50.27 48.07
C GLU B 3523 67.28 -50.41 47.94
N LEU B 3524 66.51 -49.82 48.86
CA LEU B 3524 65.05 -49.90 48.80
C LEU B 3524 64.52 -49.23 47.54
N LEU B 3525 64.99 -48.02 47.26
CA LEU B 3525 64.59 -47.30 46.04
C LEU B 3525 65.03 -48.05 44.80
N PHE B 3526 66.22 -48.65 44.83
CA PHE B 3526 66.71 -49.46 43.70
C PHE B 3526 65.80 -50.65 43.44
N ASN B 3527 65.49 -51.43 44.49
CA ASN B 3527 64.60 -52.58 44.37
C ASN B 3527 63.22 -52.18 43.89
N TRP B 3528 62.75 -51.00 44.31
CA TRP B 3528 61.52 -50.46 43.76
C TRP B 3528 61.68 -50.16 42.28
N SER B 3529 62.82 -49.59 41.88
CA SER B 3529 63.03 -49.19 40.49
C SER B 3529 63.02 -50.39 39.54
N MET B 3530 63.72 -51.48 39.87
CA MET B 3530 63.60 -52.59 38.93
C MET B 3530 62.33 -53.43 39.19
N SER B 3531 61.59 -53.13 40.26
CA SER B 3531 60.35 -53.86 40.52
C SER B 3531 59.22 -53.57 39.54
N LEU B 3532 59.27 -52.46 38.80
CA LEU B 3532 58.18 -52.16 37.88
C LEU B 3532 58.78 -51.81 36.53
N PRO B 3533 58.03 -52.00 35.41
CA PRO B 3533 58.62 -51.72 34.09
C PRO B 3533 58.85 -50.24 33.77
N CYS B 3534 59.43 -49.99 32.59
CA CYS B 3534 59.92 -48.67 32.20
C CYS B 3534 58.93 -47.85 31.37
N ASN B 3535 57.66 -48.28 31.25
CA ASN B 3535 56.76 -47.54 30.38
C ASN B 3535 56.07 -46.38 31.10
N MET B 3536 55.64 -46.56 32.36
CA MET B 3536 54.96 -45.43 32.98
C MET B 3536 55.99 -44.44 33.54
N VAL B 3537 55.49 -43.26 33.94
CA VAL B 3537 56.37 -42.19 34.43
C VAL B 3537 56.76 -42.35 35.89
N LEU B 3538 56.11 -43.27 36.62
CA LEU B 3538 56.46 -43.49 38.01
C LEU B 3538 57.90 -43.99 38.16
N LYS B 3539 58.33 -44.90 37.27
CA LYS B 3539 59.72 -45.33 37.26
C LYS B 3539 60.67 -44.15 37.01
N LYS B 3540 60.28 -43.24 36.11
CA LYS B 3540 61.07 -42.04 35.86
C LYS B 3540 61.20 -41.21 37.14
N ALA B 3541 60.10 -41.11 37.91
CA ALA B 3541 60.15 -40.39 39.17
C ALA B 3541 61.10 -41.05 40.16
N VAL B 3542 61.03 -42.38 40.27
CA VAL B 3542 61.94 -43.11 41.18
C VAL B 3542 63.39 -42.88 40.78
N ASP B 3543 63.68 -42.96 39.48
CA ASP B 3543 65.05 -42.76 39.03
C ASP B 3543 65.48 -41.30 39.17
N SER B 3544 64.54 -40.37 39.17
CA SER B 3544 64.88 -38.98 39.48
C SER B 3544 65.31 -38.85 40.94
N LEU B 3545 64.60 -39.53 41.85
CA LEU B 3545 65.06 -39.58 43.25
C LEU B 3545 66.46 -40.18 43.36
N LEU B 3546 66.71 -41.24 42.59
CA LEU B 3546 68.05 -41.84 42.58
C LEU B 3546 69.09 -40.84 42.12
N CYS B 3547 68.79 -40.10 41.04
CA CYS B 3547 69.72 -39.10 40.52
C CYS B 3547 69.99 -38.01 41.55
N SER B 3548 68.95 -37.54 42.24
CA SER B 3548 69.11 -36.50 43.25
C SER B 3548 69.99 -36.97 44.40
N MET B 3549 69.72 -38.17 44.93
CA MET B 3549 70.51 -38.67 46.05
C MET B 3549 71.95 -38.98 45.64
N CYS B 3550 72.16 -39.52 44.43
CA CYS B 3550 73.54 -39.71 43.95
C CYS B 3550 74.26 -38.38 43.77
N HIS B 3551 73.54 -37.33 43.38
CA HIS B 3551 74.17 -36.01 43.34
C HIS B 3551 74.56 -35.57 44.75
N VAL B 3552 73.70 -35.86 45.74
CA VAL B 3552 74.04 -35.60 47.13
C VAL B 3552 75.20 -36.50 47.57
N HIS B 3553 75.21 -37.75 47.09
CA HIS B 3553 76.17 -38.77 47.52
C HIS B 3553 76.85 -39.40 46.31
N PRO B 3554 77.97 -38.83 45.84
CA PRO B 3554 78.73 -39.46 44.75
C PRO B 3554 79.23 -40.86 45.09
N ASN B 3555 79.62 -41.08 46.34
CA ASN B 3555 80.03 -42.41 46.78
C ASN B 3555 78.90 -43.42 46.68
N TYR B 3556 77.66 -42.99 46.87
CA TYR B 3556 76.52 -43.89 46.70
C TYR B 3556 76.34 -44.28 45.24
N PHE B 3557 76.59 -43.34 44.32
CA PHE B 3557 76.60 -43.68 42.90
C PHE B 3557 77.72 -44.66 42.57
N SER B 3558 78.90 -44.46 43.19
CA SER B 3558 79.99 -45.40 43.00
C SER B 3558 79.63 -46.79 43.50
N LEU B 3559 78.95 -46.85 44.65
CA LEU B 3559 78.45 -48.13 45.18
C LEU B 3559 77.40 -48.75 44.26
N LEU B 3560 76.53 -47.92 43.68
CA LEU B 3560 75.56 -48.37 42.70
C LEU B 3560 76.25 -48.97 41.48
N MET B 3561 77.37 -48.35 41.07
CA MET B 3561 78.18 -48.91 40.00
C MET B 3561 78.79 -50.24 40.40
N GLY B 3562 79.02 -50.43 41.70
CA GLY B 3562 79.57 -51.63 42.31
C GLY B 3562 78.63 -52.79 42.48
N TRP B 3563 77.37 -52.67 42.04
CA TRP B 3563 76.41 -53.75 42.20
C TRP B 3563 76.33 -54.67 40.97
N MET B 3564 76.26 -54.10 39.78
CA MET B 3564 76.04 -54.91 38.57
C MET B 3564 77.37 -55.33 37.95
N GLY B 3565 78.25 -55.91 38.77
CA GLY B 3565 79.47 -56.53 38.30
C GLY B 3565 80.45 -55.62 37.60
N ILE B 3566 80.46 -54.33 37.96
CA ILE B 3566 81.38 -53.35 37.37
C ILE B 3566 82.31 -52.87 38.45
N THR B 3567 83.61 -52.95 38.19
CA THR B 3567 84.61 -52.51 39.15
C THR B 3567 85.62 -51.56 38.51
N PRO B 3602 80.29 -61.89 31.42
CA PRO B 3602 80.27 -60.57 30.79
C PRO B 3602 79.43 -59.57 31.56
N LEU B 3603 78.76 -58.68 30.83
CA LEU B 3603 77.90 -57.67 31.43
C LEU B 3603 76.53 -57.76 30.77
N ALA B 3604 75.48 -57.80 31.59
CA ALA B 3604 74.12 -57.85 31.07
C ALA B 3604 73.26 -56.87 31.84
N LEU B 3605 72.72 -55.87 31.13
CA LEU B 3605 71.87 -54.85 31.73
C LEU B 3605 70.57 -54.79 30.94
N THR B 3606 69.45 -54.90 31.63
CA THR B 3606 68.16 -54.83 30.97
C THR B 3606 67.77 -53.38 30.77
N GLU B 3607 66.59 -53.18 30.18
CA GLU B 3607 66.13 -51.82 29.87
C GLU B 3607 65.90 -51.03 31.15
N SER B 3608 65.34 -51.68 32.18
CA SER B 3608 65.11 -51.01 33.45
C SER B 3608 66.42 -50.60 34.11
N HIS B 3609 67.42 -51.48 34.12
CA HIS B 3609 68.73 -51.16 34.69
C HIS B 3609 69.41 -50.01 33.95
N LEU B 3610 69.44 -50.09 32.61
CA LEU B 3610 70.11 -49.06 31.83
C LEU B 3610 69.37 -47.73 31.95
N ALA B 3611 68.03 -47.77 32.03
CA ALA B 3611 67.24 -46.58 32.30
C ALA B 3611 67.57 -45.99 33.67
N THR B 3612 67.76 -46.85 34.67
CA THR B 3612 68.12 -46.39 36.02
C THR B 3612 69.45 -45.65 36.01
N LEU B 3613 70.45 -46.25 35.37
CA LEU B 3613 71.76 -45.60 35.28
C LEU B 3613 71.67 -44.34 34.41
N ALA B 3614 70.84 -44.40 33.37
CA ALA B 3614 70.64 -43.29 32.45
C ALA B 3614 70.08 -42.06 33.16
N SER B 3615 69.07 -42.24 34.00
CA SER B 3615 68.50 -41.12 34.72
C SER B 3615 69.41 -40.66 35.84
N SER B 3616 70.14 -41.58 36.48
CA SER B 3616 70.91 -41.21 37.66
C SER B 3616 72.25 -40.58 37.31
N SER B 3617 72.72 -40.66 36.06
CA SER B 3617 74.04 -40.14 35.71
C SER B 3617 74.05 -38.68 35.27
N GLN B 3618 72.88 -38.03 35.12
CA GLN B 3618 72.84 -36.66 34.62
C GLN B 3618 73.45 -35.64 35.59
N SER B 3619 73.54 -35.97 36.86
CA SER B 3619 74.16 -35.05 37.81
C SER B 3619 75.65 -34.97 37.53
N PRO B 3620 76.31 -33.85 37.90
CA PRO B 3620 77.74 -33.68 37.53
C PRO B 3620 78.67 -34.75 38.10
N GLU B 3621 78.57 -35.05 39.39
CA GLU B 3621 79.47 -36.03 40.00
C GLU B 3621 79.27 -37.40 39.39
N ALA B 3622 78.00 -37.77 39.16
CA ALA B 3622 77.69 -39.06 38.57
C ALA B 3622 78.21 -39.16 37.14
N ILE B 3623 78.08 -38.09 36.35
CA ILE B 3623 78.60 -38.13 34.99
C ILE B 3623 80.13 -38.21 34.99
N LYS B 3624 80.79 -37.54 35.96
CA LYS B 3624 82.25 -37.65 36.04
C LYS B 3624 82.70 -39.06 36.37
N GLN B 3625 82.06 -39.71 37.34
CA GLN B 3625 82.49 -41.06 37.69
C GLN B 3625 82.02 -42.09 36.67
N LEU B 3626 80.95 -41.80 35.92
CA LEU B 3626 80.58 -42.63 34.78
C LEU B 3626 81.63 -42.55 33.68
N LEU B 3627 82.12 -41.35 33.40
CA LEU B 3627 83.18 -41.19 32.41
C LEU B 3627 84.47 -41.87 32.87
N ASP B 3628 84.79 -41.76 34.16
CA ASP B 3628 85.97 -42.41 34.72
C ASP B 3628 85.88 -43.93 34.61
N SER B 3629 84.69 -44.50 34.87
CA SER B 3629 84.49 -45.94 34.70
C SER B 3629 84.56 -46.32 33.23
N GLY B 3630 85.03 -47.54 32.98
CA GLY B 3630 85.17 -48.05 31.63
C GLY B 3630 83.93 -48.63 30.99
N LEU B 3631 82.76 -48.50 31.63
CA LEU B 3631 81.52 -49.02 31.05
C LEU B 3631 81.17 -48.39 29.70
N PRO B 3632 81.16 -47.05 29.52
CA PRO B 3632 80.87 -46.51 28.18
C PRO B 3632 81.84 -46.98 27.10
N SER B 3633 83.13 -47.07 27.41
CA SER B 3633 84.10 -47.53 26.41
C SER B 3633 83.81 -48.96 25.97
N LEU B 3634 83.52 -49.85 26.93
CA LEU B 3634 83.28 -51.25 26.58
C LEU B 3634 82.00 -51.40 25.79
N LEU B 3635 80.95 -50.64 26.15
CA LEU B 3635 79.70 -50.79 25.39
C LEU B 3635 79.81 -50.16 24.01
N VAL B 3636 80.62 -49.12 23.85
CA VAL B 3636 80.91 -48.58 22.51
C VAL B 3636 81.63 -49.61 21.67
N ARG B 3637 82.64 -50.27 22.25
CA ARG B 3637 83.36 -51.31 21.50
C ARG B 3637 82.45 -52.48 21.13
N SER B 3638 81.58 -52.90 22.05
CA SER B 3638 80.65 -53.99 21.77
C SER B 3638 79.65 -53.61 20.66
N LEU B 3639 79.13 -52.38 20.72
CA LEU B 3639 78.19 -51.91 19.70
C LEU B 3639 78.87 -51.82 18.35
N ALA B 3640 80.12 -51.34 18.32
CA ALA B 3640 80.88 -51.25 17.07
C ALA B 3640 81.12 -52.65 16.50
N SER B 3641 81.44 -53.62 17.38
CA SER B 3641 81.65 -54.99 16.91
C SER B 3641 80.38 -55.58 16.32
N PHE B 3642 79.23 -55.33 16.97
CA PHE B 3642 77.96 -55.81 16.43
C PHE B 3642 77.64 -55.17 15.09
N CYS B 3643 77.85 -53.84 14.97
CA CYS B 3643 77.60 -53.15 13.71
C CYS B 3643 78.50 -53.68 12.60
N PHE B 3644 79.79 -53.90 12.91
CA PHE B 3644 80.71 -54.43 11.91
C PHE B 3644 80.30 -55.83 11.47
N SER B 3645 79.89 -56.68 12.42
CA SER B 3645 79.47 -58.03 12.08
C SER B 3645 78.21 -58.01 11.20
N HIS B 3646 77.25 -57.13 11.53
CA HIS B 3646 76.04 -57.05 10.73
C HIS B 3646 76.32 -56.52 9.32
N ILE B 3647 77.20 -55.52 9.20
CA ILE B 3647 77.59 -55.00 7.89
C ILE B 3647 78.30 -56.07 7.06
N SER B 3648 79.22 -56.81 7.70
CA SER B 3648 79.95 -57.87 7.01
C SER B 3648 79.00 -58.97 6.53
N SER B 3649 78.04 -59.37 7.38
CA SER B 3649 77.07 -60.39 6.99
C SER B 3649 76.17 -59.91 5.86
N SER B 3650 75.71 -58.66 5.93
CA SER B 3650 74.86 -58.10 4.88
C SER B 3650 75.60 -57.96 3.55
N GLU B 3651 76.86 -57.52 3.59
CA GLU B 3651 77.63 -57.26 2.38
C GLU B 3651 78.22 -58.51 1.75
N SER B 3652 78.23 -59.63 2.45
CA SER B 3652 78.84 -60.85 1.91
C SER B 3652 77.77 -61.75 1.30
N ASN B 3674 89.10 -59.82 25.78
CA ASN B 3674 87.78 -59.89 26.38
C ASN B 3674 86.77 -59.08 25.56
N LYS B 3675 86.01 -59.77 24.73
CA LYS B 3675 84.98 -59.17 23.90
C LYS B 3675 83.63 -59.74 24.27
N MET B 3676 82.64 -58.86 24.40
CA MET B 3676 81.27 -59.25 24.70
C MET B 3676 80.32 -58.62 23.69
N PRO B 3677 79.25 -59.31 23.35
CA PRO B 3677 78.35 -58.82 22.30
C PRO B 3677 77.16 -58.02 22.84
N ILE B 3678 76.62 -57.19 21.96
CA ILE B 3678 75.37 -56.46 22.20
C ILE B 3678 74.48 -56.75 21.01
N THR B 3679 73.34 -57.39 21.27
CA THR B 3679 72.43 -57.78 20.21
C THR B 3679 71.60 -56.60 19.73
N ALA B 3680 70.83 -56.84 18.66
CA ALA B 3680 70.05 -55.80 18.00
C ALA B 3680 68.89 -55.29 18.86
N ASP B 3681 68.59 -55.97 19.96
CA ASP B 3681 67.49 -55.53 20.80
C ASP B 3681 67.92 -54.33 21.64
N LEU B 3682 69.09 -54.43 22.28
CA LEU B 3682 69.56 -53.43 23.22
C LEU B 3682 70.28 -52.26 22.56
N VAL B 3683 70.51 -52.31 21.23
CA VAL B 3683 71.27 -51.26 20.58
C VAL B 3683 70.52 -49.92 20.63
N ALA B 3684 69.20 -49.95 20.38
CA ALA B 3684 68.39 -48.74 20.51
C ALA B 3684 68.36 -48.22 21.94
N PRO B 3685 68.12 -49.02 23.01
CA PRO B 3685 68.25 -48.47 24.38
C PRO B 3685 69.64 -47.91 24.71
N ILE B 3686 70.72 -48.53 24.26
CA ILE B 3686 72.04 -47.97 24.57
C ILE B 3686 72.24 -46.65 23.83
N LEU B 3687 71.75 -46.54 22.59
CA LEU B 3687 71.81 -45.26 21.90
C LEU B 3687 70.90 -44.24 22.57
N ARG B 3688 69.79 -44.69 23.17
CA ARG B 3688 68.96 -43.82 24.01
C ARG B 3688 69.75 -43.30 25.19
N PHE B 3689 70.58 -44.17 25.79
CA PHE B 3689 71.45 -43.76 26.90
C PHE B 3689 72.42 -42.68 26.45
N LEU B 3690 73.03 -42.87 25.27
CA LEU B 3690 73.93 -41.84 24.73
C LEU B 3690 73.19 -40.53 24.50
N THR B 3691 71.98 -40.61 23.93
CA THR B 3691 71.20 -39.40 23.66
C THR B 3691 70.84 -38.65 24.94
N GLU B 3692 70.37 -39.36 25.97
CA GLU B 3692 69.99 -38.68 27.21
C GLU B 3692 71.22 -38.10 27.92
N VAL B 3693 72.33 -38.85 27.97
CA VAL B 3693 73.54 -38.32 28.60
C VAL B 3693 74.17 -37.22 27.76
N GLY B 3694 73.72 -37.02 26.52
CA GLY B 3694 74.23 -35.91 25.75
C GLY B 3694 73.86 -34.52 26.19
N ASN B 3695 73.20 -34.37 27.35
CA ASN B 3695 72.88 -33.05 27.87
C ASN B 3695 74.14 -32.34 28.37
N SER B 3696 75.08 -33.09 28.94
CA SER B 3696 76.33 -32.49 29.43
C SER B 3696 77.21 -32.00 28.30
N HIS B 3697 77.79 -30.81 28.51
CA HIS B 3697 78.70 -30.21 27.54
C HIS B 3697 79.99 -31.01 27.38
N ILE B 3698 80.51 -31.52 28.50
CA ILE B 3698 81.79 -32.24 28.50
C ILE B 3698 81.74 -33.53 27.69
N MET B 3699 80.60 -34.24 27.72
CA MET B 3699 80.59 -35.44 26.90
C MET B 3699 80.42 -35.07 25.45
N LYS B 3700 79.76 -33.94 25.16
CA LYS B 3700 79.71 -33.44 23.78
C LYS B 3700 81.11 -33.16 23.26
N ASP B 3701 81.96 -32.57 24.11
CA ASP B 3701 83.36 -32.38 23.73
C ASP B 3701 84.04 -33.73 23.50
N TRP B 3702 83.73 -34.69 24.37
CA TRP B 3702 84.26 -36.06 24.23
C TRP B 3702 83.74 -36.73 22.96
N LEU B 3703 82.54 -36.37 22.51
CA LEU B 3703 81.94 -36.98 21.32
C LEU B 3703 82.62 -36.48 20.05
N GLY B 3704 83.20 -35.28 20.09
CA GLY B 3704 83.89 -34.77 18.93
C GLY B 3704 85.30 -35.29 18.77
N GLY B 3705 85.75 -36.14 19.69
CA GLY B 3705 87.08 -36.70 19.62
C GLY B 3705 87.16 -37.89 18.70
N SER B 3706 88.39 -38.41 18.56
CA SER B 3706 88.64 -39.57 17.71
C SER B 3706 88.13 -40.89 18.28
N GLU B 3707 87.66 -40.91 19.53
CA GLU B 3707 87.21 -42.14 20.16
C GLU B 3707 85.76 -42.46 19.86
N VAL B 3708 85.04 -41.57 19.18
CA VAL B 3708 83.61 -41.76 18.93
C VAL B 3708 83.27 -41.71 17.45
N ASN B 3709 84.06 -41.03 16.62
CA ASN B 3709 83.88 -41.03 15.17
C ASN B 3709 83.81 -42.42 14.51
N PRO B 3710 84.62 -43.43 14.89
CA PRO B 3710 84.39 -44.78 14.32
C PRO B 3710 83.00 -45.32 14.57
N LEU B 3711 82.39 -45.01 15.72
CA LEU B 3711 81.00 -45.40 15.96
C LEU B 3711 80.06 -44.71 14.96
N TRP B 3712 80.29 -43.42 14.71
CA TRP B 3712 79.54 -42.66 13.71
C TRP B 3712 79.65 -43.31 12.33
N THR B 3713 80.88 -43.61 11.91
CA THR B 3713 81.10 -44.21 10.60
C THR B 3713 80.46 -45.59 10.50
N ALA B 3714 80.57 -46.38 11.57
CA ALA B 3714 79.99 -47.73 11.57
C ALA B 3714 78.47 -47.69 11.48
N LEU B 3715 77.83 -46.80 12.26
CA LEU B 3715 76.38 -46.71 12.18
C LEU B 3715 75.92 -46.21 10.82
N LEU B 3716 76.64 -45.24 10.23
CA LEU B 3716 76.30 -44.75 8.91
C LEU B 3716 76.43 -45.84 7.85
N PHE B 3717 77.50 -46.64 7.93
CA PHE B 3717 77.67 -47.77 7.02
C PHE B 3717 76.55 -48.78 7.20
N LEU B 3718 76.16 -49.04 8.46
CA LEU B 3718 75.07 -49.97 8.74
C LEU B 3718 73.76 -49.49 8.15
N LEU B 3719 73.46 -48.20 8.27
CA LEU B 3719 72.18 -47.72 7.78
C LEU B 3719 72.16 -47.62 6.25
N CYS B 3720 73.30 -47.35 5.62
CA CYS B 3720 73.29 -47.19 4.16
C CYS B 3720 73.60 -48.50 3.44
N HIS B 3721 74.79 -49.05 3.68
CA HIS B 3721 75.25 -50.21 2.91
C HIS B 3721 74.49 -51.48 3.26
N SER B 3722 74.15 -51.67 4.53
CA SER B 3722 73.46 -52.89 4.94
C SER B 3722 71.99 -52.75 4.57
N GLY B 3723 71.68 -53.12 3.33
CA GLY B 3723 70.31 -53.11 2.85
C GLY B 3723 69.54 -54.36 3.24
N SER B 3724 68.23 -54.28 3.07
CA SER B 3724 67.36 -55.42 3.39
C SER B 3724 67.01 -56.19 2.13
N THR B 3749 71.25 -62.40 11.08
CA THR B 3749 71.75 -61.05 11.28
C THR B 3749 71.15 -60.09 10.26
N GLY B 3750 69.83 -60.03 10.22
CA GLY B 3750 69.12 -59.13 9.33
C GLY B 3750 68.24 -58.18 10.13
N LEU B 3751 68.28 -56.90 9.76
CA LEU B 3751 67.54 -55.87 10.48
C LEU B 3751 66.05 -55.93 10.11
N THR B 3752 65.21 -56.25 11.09
CA THR B 3752 63.77 -56.21 10.89
C THR B 3752 63.32 -54.76 10.76
N THR B 3753 62.16 -54.58 10.11
CA THR B 3753 61.66 -53.23 9.82
C THR B 3753 61.39 -52.43 11.09
N GLN B 3754 60.75 -53.04 12.09
CA GLN B 3754 60.49 -52.35 13.34
C GLN B 3754 61.78 -52.00 14.07
N GLN B 3755 62.71 -52.96 14.19
CA GLN B 3755 63.97 -52.70 14.87
C GLN B 3755 64.83 -51.69 14.11
N ARG B 3756 64.85 -51.79 12.77
CA ARG B 3756 65.64 -50.82 12.00
C ARG B 3756 65.04 -49.42 12.14
N THR B 3757 63.71 -49.32 12.20
CA THR B 3757 63.07 -48.03 12.45
C THR B 3757 63.44 -47.50 13.84
N ALA B 3758 63.44 -48.38 14.85
CA ALA B 3758 63.81 -47.96 16.20
C ALA B 3758 65.25 -47.46 16.28
N ILE B 3759 66.18 -48.20 15.67
CA ILE B 3759 67.58 -47.80 15.75
C ILE B 3759 67.83 -46.56 14.88
N GLU B 3760 67.11 -46.40 13.76
CA GLU B 3760 67.26 -45.20 12.95
C GLU B 3760 66.71 -43.98 13.68
N ASN B 3761 65.63 -44.16 14.44
CA ASN B 3761 65.12 -43.10 15.31
C ASN B 3761 66.14 -42.77 16.39
N ALA B 3762 66.82 -43.79 16.90
CA ALA B 3762 67.86 -43.59 17.90
C ALA B 3762 69.02 -42.77 17.36
N THR B 3763 69.47 -43.08 16.13
CA THR B 3763 70.52 -42.28 15.50
C THR B 3763 70.06 -40.85 15.23
N VAL B 3764 68.80 -40.68 14.77
CA VAL B 3764 68.26 -39.36 14.51
C VAL B 3764 68.29 -38.49 15.76
N ALA B 3765 67.76 -39.02 16.87
CA ALA B 3765 67.76 -38.25 18.12
C ALA B 3765 69.17 -38.03 18.64
N PHE B 3766 70.05 -39.02 18.50
CA PHE B 3766 71.43 -38.87 18.97
C PHE B 3766 72.13 -37.73 18.24
N PHE B 3767 71.97 -37.67 16.92
CA PHE B 3767 72.61 -36.60 16.16
C PHE B 3767 71.91 -35.27 16.39
N LEU B 3768 70.60 -35.28 16.67
CA LEU B 3768 69.91 -34.06 17.06
C LEU B 3768 70.50 -33.50 18.35
N GLN B 3769 70.79 -34.37 19.31
CA GLN B 3769 71.36 -33.91 20.57
C GLN B 3769 72.79 -33.43 20.36
N CYS B 3770 73.53 -34.12 19.48
CA CYS B 3770 74.92 -33.77 19.21
C CYS B 3770 75.06 -32.38 18.57
N ILE B 3771 74.16 -32.03 17.65
CA ILE B 3771 74.28 -30.75 16.92
C ILE B 3771 73.77 -29.55 17.69
N SER B 3772 73.36 -29.72 18.94
CA SER B 3772 72.75 -28.63 19.68
C SER B 3772 73.84 -27.68 20.19
N CYS B 3773 73.95 -26.52 19.53
CA CYS B 3773 74.78 -25.39 19.97
C CYS B 3773 76.25 -25.75 20.15
N HIS B 3774 76.78 -26.66 19.34
CA HIS B 3774 78.19 -27.04 19.41
C HIS B 3774 78.82 -26.85 18.03
N PRO B 3775 79.39 -25.67 17.76
CA PRO B 3775 79.98 -25.40 16.44
C PRO B 3775 81.09 -26.35 16.02
N ASN B 3776 81.94 -26.76 16.96
CA ASN B 3776 82.99 -27.74 16.65
C ASN B 3776 82.38 -29.06 16.22
N ASN B 3777 81.36 -29.52 16.96
CA ASN B 3777 80.66 -30.72 16.54
C ASN B 3777 79.91 -30.49 15.23
N GLN B 3778 79.41 -29.27 15.01
CA GLN B 3778 78.73 -28.94 13.74
C GLN B 3778 79.66 -29.13 12.56
N LYS B 3779 80.86 -28.53 12.61
CA LYS B 3779 81.81 -28.68 11.50
C LYS B 3779 82.34 -30.10 11.39
N LEU B 3780 82.51 -30.82 12.51
CA LEU B 3780 82.93 -32.21 12.45
C LEU B 3780 81.91 -33.08 11.71
N MET B 3781 80.63 -32.93 12.08
CA MET B 3781 79.57 -33.66 11.39
C MET B 3781 79.42 -33.21 9.96
N ALA B 3782 79.71 -31.93 9.68
CA ALA B 3782 79.72 -31.48 8.30
C ALA B 3782 80.77 -32.24 7.48
N GLN B 3783 81.96 -32.41 8.05
CA GLN B 3783 82.98 -33.22 7.39
C GLN B 3783 82.53 -34.66 7.21
N VAL B 3784 81.86 -35.21 8.24
CA VAL B 3784 81.39 -36.59 8.19
C VAL B 3784 80.35 -36.76 7.09
N LEU B 3785 79.36 -35.87 7.03
CA LEU B 3785 78.31 -35.99 6.01
C LEU B 3785 78.85 -35.74 4.62
N CYS B 3786 79.83 -34.84 4.45
CA CYS B 3786 80.50 -34.72 3.16
C CYS B 3786 81.23 -36.00 2.80
N GLU B 3787 81.84 -36.67 3.79
CA GLU B 3787 82.55 -37.92 3.53
C GLU B 3787 81.60 -39.01 3.06
N LEU B 3788 80.47 -39.16 3.76
CA LEU B 3788 79.45 -40.12 3.34
C LEU B 3788 78.85 -39.77 1.98
N PHE B 3789 78.52 -38.49 1.75
CA PHE B 3789 77.89 -38.09 0.51
C PHE B 3789 78.85 -38.15 -0.66
N GLN B 3790 80.16 -38.13 -0.40
CA GLN B 3790 81.13 -38.33 -1.47
C GLN B 3790 81.23 -39.79 -1.85
N THR B 3791 80.99 -40.68 -0.89
CA THR B 3791 81.13 -42.12 -1.11
C THR B 3791 79.78 -42.80 -1.36
N SER B 3792 78.75 -42.02 -1.71
CA SER B 3792 77.45 -42.58 -2.01
C SER B 3792 77.52 -43.45 -3.26
N PRO B 3793 76.88 -44.62 -3.27
CA PRO B 3793 76.94 -45.51 -4.43
C PRO B 3793 76.33 -44.89 -5.67
N GLN B 3794 76.91 -45.19 -6.82
CA GLN B 3794 76.42 -44.66 -8.09
C GLN B 3794 75.67 -45.75 -8.86
N GLY B 3802 72.93 -44.84 -7.48
CA GLY B 3802 72.52 -43.46 -7.52
C GLY B 3802 71.18 -43.24 -6.85
N ASN B 3803 70.51 -44.33 -6.50
CA ASN B 3803 69.22 -44.26 -5.83
C ASN B 3803 69.41 -43.89 -4.37
N ILE B 3804 68.62 -42.94 -3.90
CA ILE B 3804 68.74 -42.49 -2.52
C ILE B 3804 68.06 -43.50 -1.60
N SER B 3805 68.79 -43.96 -0.59
CA SER B 3805 68.22 -44.86 0.40
C SER B 3805 67.19 -44.10 1.23
N GLY B 3806 66.25 -44.85 1.82
CA GLY B 3806 65.14 -44.22 2.53
C GLY B 3806 65.59 -43.44 3.75
N PHE B 3807 66.49 -44.03 4.55
CA PHE B 3807 66.90 -43.34 5.78
C PHE B 3807 67.74 -42.10 5.50
N ILE B 3808 68.58 -42.12 4.47
CA ILE B 3808 69.33 -40.91 4.11
C ILE B 3808 68.38 -39.81 3.67
N ARG B 3809 67.38 -40.16 2.86
CA ARG B 3809 66.37 -39.20 2.42
C ARG B 3809 65.64 -38.58 3.62
N ARG B 3810 65.13 -39.41 4.53
CA ARG B 3810 64.38 -38.88 5.67
C ARG B 3810 65.28 -38.12 6.64
N LEU B 3811 66.53 -38.57 6.81
CA LEU B 3811 67.49 -37.89 7.66
C LEU B 3811 67.77 -36.50 7.13
N PHE B 3812 67.89 -36.36 5.81
CA PHE B 3812 67.99 -35.04 5.21
C PHE B 3812 66.72 -34.24 5.45
N LEU B 3813 65.55 -34.90 5.35
CA LEU B 3813 64.28 -34.19 5.51
C LEU B 3813 64.07 -33.64 6.91
N GLN B 3814 64.66 -34.26 7.94
CA GLN B 3814 64.31 -33.87 9.30
C GLN B 3814 65.48 -33.27 10.09
N LEU B 3815 66.68 -33.80 9.92
CA LEU B 3815 67.82 -33.39 10.73
C LEU B 3815 68.41 -32.08 10.22
N MET B 3816 68.78 -32.06 8.94
CA MET B 3816 69.43 -30.92 8.30
C MET B 3816 68.46 -29.81 7.94
N LEU B 3817 67.16 -30.04 8.10
CA LEU B 3817 66.15 -29.01 7.89
C LEU B 3817 65.60 -28.37 9.17
N GLU B 3818 65.71 -29.02 10.33
CA GLU B 3818 65.12 -28.46 11.54
C GLU B 3818 65.92 -27.28 12.09
N ASP B 3819 65.19 -26.28 12.57
CA ASP B 3819 65.78 -25.12 13.25
C ASP B 3819 66.28 -25.54 14.62
N GLU B 3820 67.44 -25.02 15.01
CA GLU B 3820 68.08 -25.36 16.29
C GLU B 3820 67.19 -25.05 17.49
N LYS B 3821 66.93 -26.07 18.29
CA LYS B 3821 66.10 -25.96 19.48
C LYS B 3821 66.99 -26.14 20.71
N VAL B 3822 66.81 -25.25 21.70
CA VAL B 3822 67.62 -25.28 22.90
C VAL B 3822 66.70 -25.19 24.12
N THR B 3823 67.22 -25.63 25.27
CA THR B 3823 66.47 -25.60 26.53
C THR B 3823 66.60 -24.22 27.19
N MET B 3824 65.46 -23.58 27.41
CA MET B 3824 65.35 -22.28 28.05
C MET B 3824 64.90 -22.49 29.49
N PHE B 3825 65.67 -21.97 30.44
CA PHE B 3825 65.40 -22.13 31.86
C PHE B 3825 65.10 -20.76 32.47
N LEU B 3826 64.04 -20.68 33.27
CA LEU B 3826 63.63 -19.42 33.87
C LEU B 3826 63.53 -19.59 35.37
N GLN B 3827 64.00 -18.57 36.09
CA GLN B 3827 63.92 -18.49 37.54
C GLN B 3827 63.42 -17.11 37.93
N SER B 3828 62.60 -17.05 38.99
CA SER B 3828 62.06 -15.80 39.51
C SER B 3828 61.35 -16.02 40.84
N PRO B 3829 61.44 -15.04 41.75
CA PRO B 3829 60.65 -15.13 43.00
C PRO B 3829 59.14 -15.11 42.78
N CYS B 3830 58.65 -14.52 41.62
CA CYS B 3830 57.24 -14.36 41.28
C CYS B 3830 56.74 -15.56 40.49
N PRO B 3831 55.45 -15.89 40.63
CA PRO B 3831 54.89 -17.00 39.86
C PRO B 3831 54.85 -16.73 38.36
N LEU B 3832 54.95 -17.80 37.58
CA LEU B 3832 55.00 -17.75 36.13
C LEU B 3832 53.98 -18.73 35.58
N TYR B 3833 52.87 -18.22 35.04
CA TYR B 3833 51.90 -19.01 34.32
C TYR B 3833 51.05 -18.10 33.42
N VAL B 3843 54.56 -32.01 33.43
CA VAL B 3843 55.84 -32.25 32.78
C VAL B 3843 56.88 -32.64 33.85
N ILE B 3844 57.75 -33.58 33.49
CA ILE B 3844 58.79 -34.07 34.39
C ILE B 3844 60.14 -33.69 33.79
N GLN B 3845 60.96 -32.98 34.58
CA GLN B 3845 62.29 -32.59 34.13
C GLN B 3845 63.32 -32.96 35.18
N HIS B 3846 64.57 -32.53 34.98
CA HIS B 3846 65.62 -32.87 35.92
C HIS B 3846 65.43 -32.06 37.21
N PRO B 3847 65.81 -32.63 38.37
CA PRO B 3847 65.63 -31.89 39.63
C PRO B 3847 66.41 -30.59 39.75
N MET B 3848 67.44 -30.36 38.91
CA MET B 3848 68.09 -29.04 38.91
C MET B 3848 67.12 -27.91 38.58
N TYR B 3849 66.11 -28.18 37.76
CA TYR B 3849 65.15 -27.16 37.36
C TYR B 3849 64.00 -27.02 38.36
N GLY B 3850 64.01 -27.79 39.44
CA GLY B 3850 63.03 -27.60 40.49
C GLY B 3850 61.63 -28.02 40.10
N ALA B 3851 60.67 -27.48 40.84
CA ALA B 3851 59.26 -27.76 40.65
C ALA B 3851 58.45 -26.54 41.08
N GLY B 3852 57.20 -26.51 40.65
CA GLY B 3852 56.34 -25.37 40.92
C GLY B 3852 56.42 -24.32 39.81
N HIS B 3853 55.43 -23.43 39.81
CA HIS B 3853 55.34 -22.41 38.77
C HIS B 3853 56.36 -21.29 38.93
N LYS B 3854 57.08 -21.22 40.06
CA LYS B 3854 58.12 -20.21 40.19
C LYS B 3854 59.35 -20.53 39.36
N PHE B 3855 59.54 -21.79 38.98
CA PHE B 3855 60.65 -22.20 38.11
C PHE B 3855 60.07 -22.74 36.82
N ARG B 3856 60.57 -22.26 35.68
CA ARG B 3856 60.03 -22.67 34.38
C ARG B 3856 61.12 -23.30 33.53
N THR B 3857 60.73 -24.23 32.67
CA THR B 3857 61.68 -24.89 31.77
C THR B 3857 60.95 -25.26 30.50
N LEU B 3858 61.46 -24.78 29.36
CA LEU B 3858 60.82 -24.98 28.07
C LEU B 3858 61.88 -25.37 27.05
N HIS B 3859 61.45 -26.05 25.99
CA HIS B 3859 62.31 -26.40 24.87
C HIS B 3859 61.88 -25.58 23.67
N LEU B 3860 62.72 -24.65 23.22
CA LEU B 3860 62.28 -23.64 22.26
C LEU B 3860 63.26 -23.49 21.11
N PRO B 3861 62.76 -23.19 19.91
CA PRO B 3861 63.66 -22.84 18.79
C PRO B 3861 64.38 -21.52 19.03
N VAL B 3862 65.60 -21.43 18.49
CA VAL B 3862 66.42 -20.23 18.67
C VAL B 3862 65.88 -19.03 17.90
N SER B 3863 65.00 -19.26 16.91
CA SER B 3863 64.46 -18.16 16.12
C SER B 3863 63.55 -17.25 16.96
N THR B 3864 62.94 -17.78 18.01
CA THR B 3864 62.08 -16.98 18.87
C THR B 3864 62.91 -15.96 19.66
N THR B 3865 62.28 -14.85 20.00
CA THR B 3865 62.92 -13.77 20.73
C THR B 3865 62.41 -13.72 22.17
N LEU B 3866 63.09 -12.90 22.98
CA LEU B 3866 62.75 -12.79 24.40
C LEU B 3866 61.37 -12.20 24.61
N SER B 3867 60.92 -11.32 23.71
CA SER B 3867 59.58 -10.75 23.84
C SER B 3867 58.51 -11.84 23.76
N ASP B 3868 58.70 -12.81 22.86
CA ASP B 3868 57.76 -13.91 22.74
C ASP B 3868 57.71 -14.76 24.01
N VAL B 3869 58.88 -15.13 24.53
CA VAL B 3869 58.91 -16.00 25.71
C VAL B 3869 58.43 -15.27 26.96
N LEU B 3870 58.59 -13.95 27.03
CA LEU B 3870 58.03 -13.20 28.15
C LEU B 3870 56.52 -13.00 28.01
N ASP B 3871 56.04 -12.83 26.78
CA ASP B 3871 54.60 -12.73 26.56
C ASP B 3871 53.90 -14.05 26.89
N ARG B 3872 54.49 -15.18 26.48
CA ARG B 3872 53.92 -16.49 26.76
C ARG B 3872 53.91 -16.78 28.27
N VAL B 3873 54.87 -16.23 29.01
CA VAL B 3873 54.95 -16.45 30.44
C VAL B 3873 54.04 -15.46 31.18
N ILE B 3960 54.50 7.84 34.04
CA ILE B 3960 53.78 6.79 34.72
C ILE B 3960 54.73 5.63 35.04
N THR B 3961 54.88 5.32 36.33
CA THR B 3961 55.77 4.25 36.75
C THR B 3961 55.05 2.91 36.58
N VAL B 3962 55.60 2.05 35.74
CA VAL B 3962 55.00 0.74 35.45
C VAL B 3962 56.05 -0.34 35.63
N PRO B 3963 55.76 -1.39 36.40
CA PRO B 3963 56.67 -2.54 36.46
C PRO B 3963 56.80 -3.22 35.10
N VAL B 3964 58.01 -3.65 34.80
CA VAL B 3964 58.33 -4.28 33.51
C VAL B 3964 59.12 -5.54 33.80
N PHE B 3965 58.77 -6.63 33.12
CA PHE B 3965 59.54 -7.86 33.25
C PHE B 3965 60.90 -7.66 32.59
N HIS B 3966 61.97 -7.92 33.34
CA HIS B 3966 63.33 -7.76 32.84
C HIS B 3966 64.10 -9.05 33.06
N LEU B 3967 64.78 -9.51 32.02
CA LEU B 3967 65.60 -10.70 32.11
C LEU B 3967 67.02 -10.35 32.55
N PHE B 3968 67.62 -11.25 33.32
CA PHE B 3968 68.96 -11.11 33.87
C PHE B 3968 69.67 -12.45 33.74
N HIS B 3969 70.99 -12.39 33.80
CA HIS B 3969 71.84 -13.58 33.82
C HIS B 3969 72.88 -13.43 34.92
N LYS B 3970 73.30 -14.57 35.48
CA LYS B 3970 74.25 -14.56 36.59
C LYS B 3970 75.61 -14.02 36.18
N LEU B 3971 75.94 -14.06 34.89
CA LEU B 3971 77.21 -13.51 34.42
C LEU B 3971 77.15 -12.00 34.24
N LEU B 3972 75.97 -11.45 33.99
CA LEU B 3972 75.84 -10.02 33.72
C LEU B 3972 75.73 -9.25 35.04
N ALA B 3973 76.37 -8.09 35.09
CA ALA B 3973 76.38 -7.26 36.30
C ALA B 3973 75.34 -6.14 36.20
N GLY B 3974 74.06 -6.52 36.10
CA GLY B 3974 73.00 -5.53 36.15
C GLY B 3974 72.65 -4.86 34.84
N GLN B 3975 72.42 -5.64 33.79
CA GLN B 3975 72.05 -5.11 32.47
C GLN B 3975 70.78 -5.81 32.00
N PRO B 3976 69.65 -5.10 31.94
CA PRO B 3976 68.41 -5.67 31.42
C PRO B 3976 68.56 -6.21 30.00
N LEU B 3977 67.79 -7.26 29.70
CA LEU B 3977 67.89 -7.79 28.35
C LEU B 3977 66.79 -7.23 27.45
N PRO B 3978 67.16 -6.83 26.23
CA PRO B 3978 66.17 -6.27 25.30
C PRO B 3978 65.14 -7.31 24.88
N ALA B 3979 63.94 -6.82 24.57
CA ALA B 3979 62.83 -7.70 24.19
C ALA B 3979 63.05 -8.37 22.83
N GLU B 3980 63.69 -7.68 21.88
CA GLU B 3980 63.88 -8.18 20.53
C GLU B 3980 65.12 -9.04 20.36
N MET B 3981 65.59 -9.68 21.42
CA MET B 3981 66.78 -10.51 21.37
C MET B 3981 66.42 -11.96 21.09
N THR B 3982 66.91 -12.49 19.96
CA THR B 3982 66.64 -13.88 19.67
C THR B 3982 67.63 -14.74 20.45
N LEU B 3983 67.35 -16.04 20.51
CA LEU B 3983 68.14 -16.92 21.36
C LEU B 3983 69.53 -17.18 20.77
N ALA B 3984 69.64 -17.10 19.44
CA ALA B 3984 70.93 -17.33 18.79
C ALA B 3984 71.95 -16.25 19.16
N GLN B 3985 71.53 -14.98 19.17
CA GLN B 3985 72.41 -13.89 19.58
C GLN B 3985 72.83 -14.06 21.03
N LEU B 3986 71.88 -14.45 21.90
CA LEU B 3986 72.17 -14.73 23.30
C LEU B 3986 73.23 -15.82 23.43
N LEU B 3987 73.07 -16.91 22.65
CA LEU B 3987 74.03 -18.01 22.68
C LEU B 3987 75.41 -17.56 22.24
N THR B 3988 75.49 -16.74 21.19
CA THR B 3988 76.78 -16.18 20.77
C THR B 3988 77.41 -15.33 21.86
N LEU B 3989 76.59 -14.53 22.55
CA LEU B 3989 77.12 -13.71 23.64
C LEU B 3989 77.70 -14.59 24.75
N LEU B 3990 76.99 -15.66 25.11
CA LEU B 3990 77.50 -16.59 26.12
C LEU B 3990 78.76 -17.30 25.66
N TYR B 3991 78.81 -17.73 24.39
CA TYR B 3991 80.02 -18.36 23.88
C TYR B 3991 81.19 -17.39 23.84
N ASP B 3992 80.91 -16.10 23.69
CA ASP B 3992 81.96 -15.10 23.75
C ASP B 3992 82.35 -14.74 25.18
N ARG B 3993 81.56 -15.12 26.20
CA ARG B 3993 81.88 -14.77 27.57
C ARG B 3993 82.16 -16.01 28.44
N LYS B 3994 82.87 -16.99 27.86
CA LYS B 3994 83.33 -18.20 28.53
C LYS B 3994 82.16 -19.03 29.07
N LEU B 3995 81.40 -19.58 28.12
CA LEU B 3995 80.44 -20.63 28.42
C LEU B 3995 80.81 -21.88 27.67
N PRO B 3996 80.80 -23.06 28.31
CA PRO B 3996 81.19 -24.30 27.61
C PRO B 3996 80.28 -24.60 26.43
N GLN B 3997 80.87 -25.15 25.38
CA GLN B 3997 80.14 -25.47 24.16
C GLN B 3997 79.17 -26.62 24.40
N GLY B 3998 77.95 -26.46 23.90
CA GLY B 3998 76.93 -27.48 24.03
C GLY B 3998 76.10 -27.45 25.30
N TYR B 3999 76.15 -26.36 26.07
CA TYR B 3999 75.32 -26.23 27.27
C TYR B 3999 73.86 -26.06 26.86
N ARG B 4000 73.02 -27.04 27.21
CA ARG B 4000 71.65 -27.05 26.71
C ARG B 4000 70.75 -26.05 27.43
N SER B 4001 70.99 -25.74 28.70
CA SER B 4001 70.08 -24.91 29.49
C SER B 4001 70.62 -23.49 29.61
N ILE B 4002 69.81 -22.51 29.20
CA ILE B 4002 70.15 -21.11 29.37
C ILE B 4002 69.28 -20.57 30.51
N ASP B 4003 69.88 -20.44 31.69
CA ASP B 4003 69.17 -19.95 32.86
C ASP B 4003 69.06 -18.42 32.83
N LEU B 4004 67.85 -17.91 33.03
CA LEU B 4004 67.58 -16.47 33.03
C LEU B 4004 66.62 -16.15 34.17
N THR B 4005 66.95 -15.11 34.94
CA THR B 4005 66.17 -14.70 36.09
C THR B 4005 65.33 -13.48 35.75
N VAL B 4006 64.03 -13.58 36.00
CA VAL B 4006 63.08 -12.52 35.69
C VAL B 4006 62.87 -11.66 36.93
N LYS B 4007 63.03 -10.34 36.76
CA LYS B 4007 62.79 -9.39 37.83
C LYS B 4007 61.81 -8.33 37.35
N LEU B 4008 61.42 -7.45 38.26
CA LEU B 4008 60.46 -6.39 37.99
C LEU B 4008 61.16 -5.04 38.08
N GLY B 4009 61.47 -4.46 36.91
CA GLY B 4009 62.05 -3.13 36.85
C GLY B 4009 60.98 -2.07 36.77
N SER B 4010 61.42 -0.82 36.81
CA SER B 4010 60.53 0.34 36.77
C SER B 4010 60.76 1.11 35.47
N ARG B 4011 59.66 1.39 34.76
CA ARG B 4011 59.75 2.17 33.52
C ARG B 4011 58.76 3.33 33.60
N VAL B 4012 59.22 4.51 33.19
CA VAL B 4012 58.43 5.73 33.25
C VAL B 4012 57.87 6.01 31.86
N ILE B 4013 56.54 6.05 31.76
CA ILE B 4013 55.87 6.33 30.50
C ILE B 4013 55.39 7.78 30.46
N SER B 4060 75.59 -2.19 20.98
CA SER B 4060 76.56 -3.22 21.38
C SER B 4060 75.92 -4.60 21.39
N LEU B 4061 74.87 -4.74 22.21
CA LEU B 4061 74.22 -6.04 22.36
C LEU B 4061 73.40 -6.40 21.11
N LEU B 4062 72.70 -5.43 20.53
CA LEU B 4062 71.87 -5.69 19.36
C LEU B 4062 72.70 -5.95 18.11
N GLU B 4063 73.96 -5.54 18.09
CA GLU B 4063 74.79 -5.59 16.90
C GLU B 4063 75.63 -6.86 16.82
N THR B 4064 75.47 -7.78 17.76
CA THR B 4064 76.23 -9.02 17.72
C THR B 4064 75.72 -9.92 16.60
N CYS B 4065 76.55 -10.89 16.24
CA CYS B 4065 76.24 -11.85 15.19
C CYS B 4065 75.44 -13.02 15.76
N PRO B 4066 74.42 -13.49 15.03
CA PRO B 4066 73.67 -14.67 15.49
C PRO B 4066 74.48 -15.95 15.28
N ILE B 4067 73.96 -17.05 15.82
CA ILE B 4067 74.63 -18.34 15.68
C ILE B 4067 74.60 -18.78 14.21
N GLN B 4068 75.65 -19.48 13.79
CA GLN B 4068 75.75 -19.87 12.40
C GLN B 4068 74.84 -21.02 12.03
N SER B 4069 74.39 -21.83 13.00
CA SER B 4069 73.49 -22.99 12.87
C SER B 4069 74.14 -24.14 12.08
N PRO B 4070 73.77 -25.40 12.39
CA PRO B 4070 74.35 -26.54 11.66
C PRO B 4070 74.07 -26.51 10.16
N LEU B 4071 72.91 -25.96 9.76
CA LEU B 4071 72.53 -25.93 8.35
C LEU B 4071 73.53 -25.11 7.53
N GLN B 4072 73.79 -23.88 7.98
CA GLN B 4072 74.74 -23.02 7.29
C GLN B 4072 76.17 -23.52 7.48
N VAL B 4073 76.48 -24.11 8.65
CA VAL B 4073 77.82 -24.64 8.88
C VAL B 4073 78.15 -25.74 7.87
N PHE B 4074 77.20 -26.64 7.62
CA PHE B 4074 77.44 -27.69 6.62
C PHE B 4074 77.46 -27.10 5.22
N ALA B 4075 76.52 -26.18 4.92
CA ALA B 4075 76.45 -25.58 3.60
C ALA B 4075 77.61 -24.65 3.26
N GLY B 4076 78.40 -24.22 4.25
CA GLY B 4076 79.55 -23.36 3.97
C GLY B 4076 80.56 -23.96 3.01
N MET B 4077 80.85 -25.25 3.15
CA MET B 4077 81.79 -25.93 2.27
C MET B 4077 81.10 -26.68 1.13
N GLY B 4078 79.89 -26.25 0.76
CA GLY B 4078 79.19 -26.74 -0.42
C GLY B 4078 78.70 -28.17 -0.48
N GLY B 4079 78.11 -28.67 0.62
CA GLY B 4079 77.44 -29.96 0.57
C GLY B 4079 76.18 -29.96 -0.26
N LEU B 4080 75.56 -28.78 -0.45
CA LEU B 4080 74.37 -28.66 -1.29
C LEU B 4080 74.66 -29.07 -2.72
N ALA B 4081 75.84 -28.70 -3.24
CA ALA B 4081 76.22 -29.15 -4.57
C ALA B 4081 76.32 -30.67 -4.64
N LEU B 4082 76.87 -31.29 -3.59
CA LEU B 4082 76.99 -32.74 -3.56
C LEU B 4082 75.63 -33.44 -3.56
N ILE B 4083 74.70 -32.96 -2.73
CA ILE B 4083 73.39 -33.60 -2.68
C ILE B 4083 72.63 -33.34 -3.98
N ALA B 4084 72.80 -32.15 -4.58
CA ALA B 4084 72.20 -31.87 -5.87
C ALA B 4084 72.74 -32.78 -6.97
N GLU B 4085 74.05 -33.07 -6.93
CA GLU B 4085 74.63 -34.06 -7.84
C GLU B 4085 74.02 -35.43 -7.61
N ARG B 4086 73.77 -35.78 -6.35
CA ARG B 4086 73.15 -37.06 -6.04
C ARG B 4086 71.64 -37.06 -6.27
N LEU B 4087 71.04 -35.90 -6.56
CA LEU B 4087 69.60 -35.82 -6.81
C LEU B 4087 69.29 -36.11 -8.28
N ILE B 4153 52.23 -21.61 -7.74
CA ILE B 4153 53.67 -21.82 -7.82
C ILE B 4153 54.02 -22.69 -9.02
N PRO B 4154 54.51 -22.05 -10.09
CA PRO B 4154 54.95 -22.79 -11.27
C PRO B 4154 56.08 -23.76 -10.96
N ALA B 4155 56.05 -24.92 -11.61
CA ALA B 4155 56.99 -25.97 -11.30
C ALA B 4155 58.36 -25.78 -11.96
N HIS B 4156 58.43 -24.97 -13.02
CA HIS B 4156 59.70 -24.81 -13.73
C HIS B 4156 60.74 -24.09 -12.87
N SER B 4157 60.31 -23.09 -12.09
CA SER B 4157 61.22 -22.40 -11.19
C SER B 4157 61.74 -23.34 -10.11
N LEU B 4158 60.86 -24.19 -9.57
CA LEU B 4158 61.26 -25.18 -8.58
C LEU B 4158 62.26 -26.19 -9.17
N ALA B 4159 62.01 -26.63 -10.41
CA ALA B 4159 62.93 -27.56 -11.06
C ALA B 4159 64.29 -26.93 -11.32
N ALA B 4160 64.30 -25.66 -11.77
CA ALA B 4160 65.54 -24.98 -12.06
C ALA B 4160 66.27 -24.55 -10.78
N PHE B 4161 65.58 -24.56 -9.64
CA PHE B 4161 66.24 -24.28 -8.36
C PHE B 4161 67.36 -25.26 -8.05
N GLY B 4162 67.22 -26.53 -8.47
CA GLY B 4162 68.33 -27.47 -8.29
C GLY B 4162 69.58 -27.03 -9.01
N LEU B 4163 69.42 -26.51 -10.23
CA LEU B 4163 70.55 -25.99 -10.98
C LEU B 4163 71.12 -24.75 -10.31
N PHE B 4164 70.26 -23.86 -9.83
CA PHE B 4164 70.77 -22.65 -9.18
C PHE B 4164 71.52 -23.00 -7.90
N LEU B 4165 71.01 -23.96 -7.12
CA LEU B 4165 71.68 -24.34 -5.88
C LEU B 4165 72.90 -25.22 -6.14
N ARG B 4166 73.08 -25.70 -7.37
CA ARG B 4166 74.32 -26.42 -7.69
C ARG B 4166 75.51 -25.47 -7.68
N LEU B 4167 75.26 -24.19 -7.93
CA LEU B 4167 76.31 -23.19 -7.98
C LEU B 4167 76.91 -23.00 -6.59
N PRO B 4168 78.24 -23.12 -6.42
CA PRO B 4168 78.84 -22.81 -5.12
C PRO B 4168 78.62 -21.35 -4.75
N GLY B 4169 78.37 -21.11 -3.47
CA GLY B 4169 78.03 -19.78 -3.01
C GLY B 4169 76.57 -19.42 -3.12
N TYR B 4170 75.75 -20.28 -3.72
CA TYR B 4170 74.31 -20.01 -3.80
C TYR B 4170 73.67 -20.20 -2.43
N ALA B 4171 74.10 -21.23 -1.69
CA ALA B 4171 73.54 -21.48 -0.38
C ALA B 4171 73.90 -20.35 0.58
N GLU B 4172 75.09 -19.77 0.42
CA GLU B 4172 75.58 -18.72 1.32
C GLU B 4172 74.69 -17.49 1.26
N VAL B 4173 74.28 -17.10 0.05
CA VAL B 4173 73.36 -15.95 -0.07
C VAL B 4173 71.93 -16.39 0.21
N LEU B 4174 71.61 -17.68 -0.04
CA LEU B 4174 70.27 -18.19 0.23
C LEU B 4174 69.93 -18.17 1.71
N LEU B 4175 70.90 -18.50 2.57
CA LEU B 4175 70.66 -18.60 4.01
C LEU B 4175 70.49 -17.24 4.71
N LYS B 4176 70.46 -16.10 4.01
CA LYS B 4176 70.27 -14.82 4.68
C LYS B 4176 68.90 -14.71 5.33
N GLU B 4177 67.86 -15.17 4.65
CA GLU B 4177 66.50 -15.23 5.18
C GLU B 4177 66.19 -16.69 5.46
N ARG B 4178 66.17 -17.06 6.75
CA ARG B 4178 66.10 -18.47 7.11
C ARG B 4178 64.71 -19.05 6.87
N LYS B 4179 63.66 -18.30 7.23
CA LYS B 4179 62.28 -18.81 7.18
C LYS B 4179 61.84 -19.09 5.75
N HIS B 4180 62.02 -18.12 4.84
CA HIS B 4180 61.55 -18.30 3.47
C HIS B 4180 62.38 -19.35 2.73
N ALA B 4181 63.69 -19.40 3.01
CA ALA B 4181 64.53 -20.44 2.41
C ALA B 4181 64.10 -21.82 2.88
N GLN B 4182 63.80 -21.96 4.18
CA GLN B 4182 63.30 -23.22 4.72
C GLN B 4182 61.99 -23.61 4.06
N CYS B 4183 61.07 -22.64 3.89
CA CYS B 4183 59.77 -22.92 3.28
C CYS B 4183 59.92 -23.36 1.83
N LEU B 4184 60.79 -22.69 1.06
CA LEU B 4184 60.94 -23.07 -0.35
C LEU B 4184 61.67 -24.41 -0.50
N LEU B 4185 62.62 -24.72 0.40
CA LEU B 4185 63.24 -26.04 0.36
C LEU B 4185 62.22 -27.11 0.71
N ARG B 4186 61.33 -26.81 1.67
CA ARG B 4186 60.24 -27.74 2.00
C ARG B 4186 59.34 -27.96 0.80
N LEU B 4187 59.05 -26.90 0.05
CA LEU B 4187 58.25 -27.05 -1.16
C LEU B 4187 58.99 -27.84 -2.24
N VAL B 4188 60.32 -27.72 -2.28
CA VAL B 4188 61.12 -28.47 -3.24
C VAL B 4188 61.09 -29.97 -2.93
N LEU B 4189 61.30 -30.34 -1.65
CA LEU B 4189 61.32 -31.74 -1.28
C LEU B 4189 59.95 -32.40 -1.42
N GLY B 4190 58.87 -31.65 -1.19
CA GLY B 4190 57.54 -32.19 -1.33
C GLY B 4190 56.71 -32.12 -0.06
N VAL B 4208 54.94 -14.84 -3.89
CA VAL B 4208 56.27 -14.38 -3.52
C VAL B 4208 57.25 -15.52 -3.62
N LEU B 4209 56.79 -16.73 -3.28
CA LEU B 4209 57.64 -17.92 -3.31
C LEU B 4209 58.23 -18.24 -4.69
N PRO B 4210 57.49 -18.21 -5.82
CA PRO B 4210 58.16 -18.46 -7.12
C PRO B 4210 59.20 -17.41 -7.50
N THR B 4211 59.15 -16.21 -6.90
CA THR B 4211 60.13 -15.18 -7.22
C THR B 4211 61.50 -15.49 -6.61
N LEU B 4212 61.51 -16.12 -5.43
CA LEU B 4212 62.77 -16.41 -4.72
C LEU B 4212 63.81 -17.22 -5.51
N PRO B 4213 63.49 -18.30 -6.26
CA PRO B 4213 64.56 -19.03 -6.98
C PRO B 4213 65.39 -18.17 -7.92
N PHE B 4214 64.80 -17.14 -8.51
CA PHE B 4214 65.56 -16.21 -9.32
C PHE B 4214 66.04 -15.00 -8.52
N HIS B 4215 65.32 -14.62 -7.45
CA HIS B 4215 65.75 -13.49 -6.63
C HIS B 4215 67.07 -13.78 -5.92
N VAL B 4216 67.23 -15.00 -5.42
CA VAL B 4216 68.48 -15.40 -4.78
C VAL B 4216 69.62 -15.39 -5.80
N LEU B 4217 69.33 -15.84 -7.02
CA LEU B 4217 70.32 -15.82 -8.09
C LEU B 4217 70.74 -14.39 -8.45
N ARG B 4218 69.76 -13.48 -8.51
CA ARG B 4218 70.06 -12.07 -8.77
C ARG B 4218 70.91 -11.46 -7.66
N SER B 4219 70.59 -11.78 -6.41
CA SER B 4219 71.39 -11.29 -5.28
C SER B 4219 72.81 -11.83 -5.33
N LEU B 4220 72.97 -13.12 -5.67
CA LEU B 4220 74.29 -13.72 -5.80
C LEU B 4220 75.08 -13.06 -6.93
N PHE B 4221 74.43 -12.78 -8.06
CA PHE B 4221 75.08 -12.08 -9.16
C PHE B 4221 75.51 -10.68 -8.74
N SER B 4222 74.65 -9.98 -7.99
CA SER B 4222 75.00 -8.63 -7.55
C SER B 4222 76.17 -8.64 -6.58
N THR B 4223 76.20 -9.61 -5.66
CA THR B 4223 77.28 -9.65 -4.66
C THR B 4223 78.61 -10.08 -5.27
N THR B 4224 78.58 -10.85 -6.37
CA THR B 4224 79.80 -11.34 -7.00
C THR B 4224 80.06 -10.58 -8.30
N PRO B 4225 81.05 -9.70 -8.37
CA PRO B 4225 81.28 -8.93 -9.59
C PRO B 4225 82.09 -9.70 -10.63
N LEU B 4226 82.11 -9.16 -11.84
CA LEU B 4226 82.90 -9.70 -12.94
C LEU B 4226 84.36 -9.27 -12.88
N THR B 4227 84.71 -8.37 -11.97
CA THR B 4227 86.09 -7.88 -11.84
C THR B 4227 86.99 -8.87 -11.10
N THR B 4228 86.42 -9.93 -10.54
CA THR B 4228 87.17 -10.94 -9.80
C THR B 4228 86.94 -12.30 -10.45
N ASP B 4229 87.87 -13.23 -10.17
CA ASP B 4229 87.82 -14.54 -10.81
C ASP B 4229 86.60 -15.34 -10.36
N ASP B 4230 86.08 -15.07 -9.16
CA ASP B 4230 84.94 -15.81 -8.66
C ASP B 4230 83.69 -15.57 -9.49
N GLY B 4231 83.42 -14.31 -9.85
CA GLY B 4231 82.22 -13.99 -10.61
C GLY B 4231 82.26 -14.57 -12.02
N VAL B 4232 83.39 -14.40 -12.71
CA VAL B 4232 83.51 -14.89 -14.07
C VAL B 4232 83.52 -16.42 -14.10
N LEU B 4233 84.17 -17.04 -13.10
CA LEU B 4233 84.16 -18.50 -13.01
C LEU B 4233 82.75 -19.03 -12.76
N LEU B 4234 81.99 -18.37 -11.86
CA LEU B 4234 80.61 -18.77 -11.59
C LEU B 4234 79.76 -18.63 -12.83
N ARG B 4235 79.91 -17.52 -13.57
CA ARG B 4235 79.11 -17.29 -14.76
C ARG B 4235 79.44 -18.28 -15.87
N ARG B 4236 80.73 -18.58 -16.07
CA ARG B 4236 81.14 -19.52 -17.11
C ARG B 4236 80.70 -20.94 -16.78
N MET B 4237 80.82 -21.35 -15.51
CA MET B 4237 80.33 -22.68 -15.13
C MET B 4237 78.81 -22.76 -15.26
N ALA B 4238 78.10 -21.69 -14.89
CA ALA B 4238 76.65 -21.66 -15.05
C ALA B 4238 76.26 -21.77 -16.52
N LEU B 4239 77.02 -21.12 -17.41
CA LEU B 4239 76.85 -21.31 -18.85
C LEU B 4239 77.06 -22.76 -19.24
N GLU B 4240 78.05 -23.41 -18.60
CA GLU B 4240 78.33 -24.82 -18.88
C GLU B 4240 77.15 -25.71 -18.51
N ILE B 4241 76.53 -25.45 -17.35
CA ILE B 4241 75.36 -26.24 -16.95
C ILE B 4241 74.18 -26.02 -17.90
N GLY B 4242 74.11 -24.84 -18.53
CA GLY B 4242 73.01 -24.54 -19.41
C GLY B 4242 71.85 -23.83 -18.76
N ALA B 4243 72.05 -23.26 -17.57
CA ALA B 4243 71.00 -22.50 -16.89
C ALA B 4243 70.55 -21.29 -17.71
N LEU B 4244 71.45 -20.73 -18.53
CA LEU B 4244 71.07 -19.62 -19.40
C LEU B 4244 70.01 -20.04 -20.41
N HIS B 4245 70.17 -21.22 -21.02
CA HIS B 4245 69.14 -21.74 -21.92
C HIS B 4245 67.83 -21.98 -21.18
N LEU B 4246 67.92 -22.46 -19.93
CA LEU B 4246 66.71 -22.71 -19.14
C LEU B 4246 65.96 -21.43 -18.82
N ILE B 4247 66.67 -20.38 -18.41
CA ILE B 4247 65.98 -19.12 -18.12
C ILE B 4247 65.46 -18.48 -19.41
N LEU B 4248 66.18 -18.63 -20.53
CA LEU B 4248 65.68 -18.11 -21.80
C LEU B 4248 64.40 -18.81 -22.24
N VAL B 4249 64.34 -20.15 -22.13
CA VAL B 4249 63.11 -20.84 -22.51
C VAL B 4249 61.99 -20.55 -21.51
N CYS B 4250 62.32 -20.32 -20.23
CA CYS B 4250 61.32 -19.88 -19.27
C CYS B 4250 60.72 -18.53 -19.66
N LEU B 4251 61.58 -17.60 -20.07
CA LEU B 4251 61.13 -16.31 -20.57
C LEU B 4251 60.28 -16.47 -21.82
N SER B 4252 60.67 -17.40 -22.70
CA SER B 4252 59.91 -17.68 -23.91
C SER B 4252 58.51 -18.19 -23.58
N ALA B 4253 58.42 -19.09 -22.60
CA ALA B 4253 57.12 -19.63 -22.20
C ALA B 4253 56.26 -18.57 -21.51
N LEU B 4254 56.89 -17.69 -20.73
CA LEU B 4254 56.13 -16.67 -20.01
C LEU B 4254 55.65 -15.56 -20.94
N SER B 4255 56.47 -15.16 -21.90
CA SER B 4255 56.14 -14.06 -22.79
C SER B 4255 55.51 -14.50 -24.11
N HIS B 4256 55.33 -15.82 -24.32
CA HIS B 4256 54.75 -16.40 -25.54
C HIS B 4256 55.50 -15.98 -26.80
N HIS B 4257 56.83 -15.86 -26.70
CA HIS B 4257 57.67 -15.44 -27.81
C HIS B 4257 58.70 -16.52 -28.11
N SER B 4258 58.79 -16.92 -29.41
CA SER B 4258 59.71 -17.96 -29.83
C SER B 4258 61.09 -17.37 -30.14
N PRO B 4259 62.16 -18.15 -29.96
CA PRO B 4259 63.51 -17.65 -30.27
C PRO B 4259 63.74 -17.52 -31.76
N ARG B 4260 64.77 -16.74 -32.09
CA ARG B 4260 65.15 -16.51 -33.49
C ARG B 4260 65.87 -17.77 -33.97
N VAL B 4261 65.10 -18.71 -34.51
CA VAL B 4261 65.66 -19.96 -35.00
C VAL B 4261 66.46 -19.69 -36.27
N PRO B 4262 67.77 -20.03 -36.30
CA PRO B 4262 68.67 -19.82 -37.44
C PRO B 4262 68.20 -20.52 -38.72
N ARG B 4314 48.74 -12.39 -13.91
CA ARG B 4314 49.53 -11.30 -13.35
C ARG B 4314 50.89 -11.81 -12.89
N LEU B 4315 50.93 -13.10 -12.50
CA LEU B 4315 52.17 -13.72 -12.05
C LEU B 4315 53.23 -13.74 -13.14
N GLU B 4316 52.81 -13.80 -14.41
CA GLU B 4316 53.74 -13.81 -15.53
C GLU B 4316 54.54 -12.52 -15.59
N GLU B 4317 53.90 -11.38 -15.28
CA GLU B 4317 54.59 -10.09 -15.29
C GLU B 4317 55.70 -10.05 -14.24
N GLU B 4318 55.41 -10.52 -13.03
CA GLU B 4318 56.42 -10.53 -11.98
C GLU B 4318 57.54 -11.52 -12.29
N HIS B 4319 57.18 -12.68 -12.87
CA HIS B 4319 58.19 -13.65 -13.29
C HIS B 4319 59.11 -13.07 -14.35
N VAL B 4320 58.55 -12.38 -15.35
CA VAL B 4320 59.34 -11.77 -16.41
C VAL B 4320 60.23 -10.67 -15.82
N THR B 4321 59.69 -9.87 -14.89
CA THR B 4321 60.48 -8.83 -14.23
C THR B 4321 61.67 -9.42 -13.48
N CYS B 4322 61.44 -10.51 -12.73
CA CYS B 4322 62.51 -11.16 -11.99
C CYS B 4322 63.55 -11.75 -12.93
N LEU B 4323 63.12 -12.36 -14.03
CA LEU B 4323 64.04 -12.92 -15.02
C LEU B 4323 64.88 -11.82 -15.66
N LEU B 4324 64.25 -10.69 -15.99
CA LEU B 4324 64.98 -9.56 -16.58
C LEU B 4324 66.01 -9.02 -15.60
N GLN B 4325 65.64 -8.95 -14.31
CA GLN B 4325 66.59 -8.52 -13.29
C GLN B 4325 67.76 -9.50 -13.17
N VAL B 4326 67.48 -10.80 -13.29
CA VAL B 4326 68.55 -11.81 -13.25
C VAL B 4326 69.51 -11.62 -14.42
N LEU B 4327 68.96 -11.40 -15.62
CA LEU B 4327 69.80 -11.16 -16.80
C LEU B 4327 70.63 -9.89 -16.64
N ALA B 4328 70.00 -8.82 -16.14
CA ALA B 4328 70.69 -7.55 -15.94
C ALA B 4328 71.83 -7.69 -14.93
N SER B 4329 71.59 -8.41 -13.84
CA SER B 4329 72.64 -8.65 -12.86
C SER B 4329 73.73 -9.56 -13.42
N TYR B 4330 73.37 -10.50 -14.29
CA TYR B 4330 74.37 -11.34 -14.93
C TYR B 4330 75.30 -10.52 -15.82
N ILE B 4331 74.74 -9.61 -16.61
CA ILE B 4331 75.56 -8.84 -17.54
C ILE B 4331 76.45 -7.86 -16.79
N ASN B 4332 75.85 -6.93 -16.05
CA ASN B 4332 76.61 -5.93 -15.30
C ASN B 4332 76.30 -6.12 -13.83
N PRO B 4333 77.14 -6.84 -13.08
CA PRO B 4333 76.91 -7.01 -11.64
C PRO B 4333 76.96 -5.72 -10.84
N VAL B 4334 77.79 -4.75 -11.25
CA VAL B 4334 77.95 -3.52 -10.47
C VAL B 4334 76.75 -2.60 -10.59
N SER B 4335 75.85 -2.86 -11.54
CA SER B 4335 74.66 -2.03 -11.71
C SER B 4335 73.71 -2.15 -10.53
N SER B 4336 73.60 -3.33 -9.94
CA SER B 4336 72.71 -3.53 -8.80
C SER B 4336 73.28 -2.93 -7.52
N GLN B 4351 88.89 -4.13 -17.78
CA GLN B 4351 89.02 -5.35 -18.56
C GLN B 4351 87.70 -6.12 -18.50
N ASN B 4352 86.59 -5.40 -18.67
CA ASN B 4352 85.26 -5.99 -18.67
C ASN B 4352 84.79 -6.43 -20.04
N SER B 4353 85.53 -6.13 -21.11
CA SER B 4353 85.11 -6.53 -22.45
C SER B 4353 85.22 -8.04 -22.65
N ASN B 4354 86.35 -8.63 -22.24
CA ASN B 4354 86.57 -10.07 -22.38
C ASN B 4354 86.16 -10.84 -21.14
N ALA B 4355 85.61 -10.17 -20.11
CA ALA B 4355 85.13 -10.86 -18.93
C ALA B 4355 83.98 -11.81 -19.23
N LEU B 4356 83.21 -11.54 -20.29
CA LEU B 4356 82.15 -12.45 -20.70
C LEU B 4356 82.58 -13.17 -21.97
N PRO B 4357 82.65 -14.51 -21.96
CA PRO B 4357 83.07 -15.25 -23.14
C PRO B 4357 82.12 -15.06 -24.31
N SER B 4358 82.66 -15.17 -25.52
CA SER B 4358 81.86 -15.01 -26.72
C SER B 4358 80.90 -16.17 -26.98
N VAL B 4359 80.99 -17.26 -26.20
CA VAL B 4359 79.97 -18.31 -26.28
C VAL B 4359 78.59 -17.73 -25.98
N LEU B 4360 78.48 -16.91 -24.93
CA LEU B 4360 77.23 -16.21 -24.65
C LEU B 4360 76.88 -15.23 -25.78
N LEU B 4361 77.90 -14.61 -26.38
CA LEU B 4361 77.67 -13.66 -27.48
C LEU B 4361 76.99 -14.34 -28.66
N GLU B 4362 77.41 -15.56 -28.98
CA GLU B 4362 76.81 -16.26 -30.11
C GLU B 4362 75.55 -17.05 -29.75
N LEU B 4363 75.39 -17.44 -28.47
CA LEU B 4363 74.15 -18.10 -28.06
C LEU B 4363 73.00 -17.11 -27.86
N LEU B 4364 73.28 -15.90 -27.37
CA LEU B 4364 72.25 -14.88 -27.21
C LEU B 4364 71.75 -14.34 -28.55
N SER B 4365 72.42 -14.66 -29.66
CA SER B 4365 71.96 -14.30 -30.99
C SER B 4365 70.96 -15.29 -31.56
N GLN B 4366 70.65 -16.36 -30.82
CA GLN B 4366 69.67 -17.35 -31.25
C GLN B 4366 68.50 -17.45 -30.27
N SER B 4367 68.52 -16.70 -29.17
CA SER B 4367 67.51 -16.79 -28.12
C SER B 4367 66.26 -15.99 -28.46
N CYS B 4368 65.41 -15.75 -27.45
CA CYS B 4368 64.16 -15.04 -27.64
C CYS B 4368 64.18 -13.62 -27.06
N LEU B 4369 65.35 -13.14 -26.62
CA LEU B 4369 65.41 -11.85 -25.94
C LEU B 4369 65.03 -10.70 -26.87
N ILE B 4370 65.55 -10.69 -28.10
CA ILE B 4370 65.31 -9.57 -29.02
C ILE B 4370 63.84 -9.43 -29.44
N PRO B 4371 63.11 -10.48 -29.88
CA PRO B 4371 61.68 -10.28 -30.17
C PRO B 4371 60.87 -9.87 -28.96
N ALA B 4372 61.23 -10.37 -27.76
CA ALA B 4372 60.55 -9.95 -26.54
C ALA B 4372 60.79 -8.48 -26.28
N MET B 4373 62.02 -8.02 -26.48
CA MET B 4373 62.35 -6.60 -26.32
C MET B 4373 61.62 -5.74 -27.34
N SER B 4374 61.53 -6.22 -28.59
CA SER B 4374 60.81 -5.48 -29.62
C SER B 4374 59.33 -5.36 -29.29
N SER B 4375 58.72 -6.45 -28.84
CA SER B 4375 57.31 -6.42 -28.47
C SER B 4375 57.08 -5.53 -27.24
N TYR B 4376 57.98 -5.59 -26.26
CA TYR B 4376 57.85 -4.76 -25.06
C TYR B 4376 58.02 -3.28 -25.39
N LEU B 4377 58.95 -2.96 -26.29
CA LEU B 4377 59.09 -1.58 -26.75
C LEU B 4377 57.86 -1.11 -27.51
N ARG B 4378 57.34 -1.97 -28.40
CA ARG B 4378 56.13 -1.63 -29.17
C ARG B 4378 54.88 -1.54 -28.30
N ASN B 4379 54.93 -2.07 -27.08
CA ASN B 4379 53.80 -2.02 -26.15
C ASN B 4379 53.53 -0.58 -25.70
N PRO B 4390 58.81 -0.52 -12.03
CA PRO B 4390 59.33 -1.85 -11.71
C PRO B 4390 59.82 -2.61 -12.94
N LEU B 4391 58.90 -3.11 -13.77
CA LEU B 4391 59.29 -3.79 -15.00
C LEU B 4391 60.01 -2.85 -15.97
N TYR B 4392 59.52 -1.62 -16.11
CA TYR B 4392 60.17 -0.65 -16.98
C TYR B 4392 61.56 -0.30 -16.46
N ARG B 4393 61.68 -0.08 -15.15
CA ARG B 4393 62.98 0.22 -14.55
C ARG B 4393 63.95 -0.94 -14.70
N ALA B 4394 63.47 -2.17 -14.51
CA ALA B 4394 64.30 -3.35 -14.70
C ALA B 4394 64.75 -3.48 -16.15
N LEU B 4395 63.85 -3.18 -17.09
CA LEU B 4395 64.19 -3.25 -18.51
C LEU B 4395 65.24 -2.21 -18.88
N LEU B 4396 65.12 -0.99 -18.35
CA LEU B 4396 66.12 0.04 -18.58
C LEU B 4396 67.47 -0.35 -17.97
N GLU B 4397 67.44 -0.95 -16.77
CA GLU B 4397 68.67 -1.42 -16.15
C GLU B 4397 69.33 -2.51 -16.98
N LEU B 4398 68.52 -3.42 -17.55
CA LEU B 4398 69.06 -4.45 -18.43
C LEU B 4398 69.68 -3.84 -19.68
N LEU B 4399 69.03 -2.82 -20.23
CA LEU B 4399 69.57 -2.14 -21.42
C LEU B 4399 70.91 -1.48 -21.12
N ARG B 4400 70.99 -0.70 -20.04
CA ARG B 4400 72.26 -0.04 -19.73
C ARG B 4400 73.32 -1.06 -19.30
N ALA B 4401 72.90 -2.20 -18.74
CA ALA B 4401 73.84 -3.25 -18.40
C ALA B 4401 74.43 -3.90 -19.65
N ILE B 4402 73.58 -4.27 -20.60
CA ILE B 4402 74.07 -4.89 -21.85
C ILE B 4402 74.87 -3.87 -22.66
N ALA B 4403 74.58 -2.58 -22.51
CA ALA B 4403 75.39 -1.56 -23.18
C ALA B 4403 76.67 -1.23 -22.44
N SER B 4404 76.77 -1.59 -21.15
CA SER B 4404 77.97 -1.27 -20.37
C SER B 4404 79.19 -2.02 -20.88
N CYS B 4405 79.04 -3.31 -21.19
CA CYS B 4405 80.14 -4.12 -21.69
C CYS B 4405 80.26 -3.97 -23.20
N ALA B 4406 81.49 -3.80 -23.68
CA ALA B 4406 81.72 -3.57 -25.11
C ALA B 4406 81.38 -4.80 -25.94
N ALA B 4407 81.58 -5.99 -25.38
CA ALA B 4407 81.32 -7.22 -26.12
C ALA B 4407 79.84 -7.45 -26.33
N MET B 4408 78.99 -6.96 -25.41
CA MET B 4408 77.56 -7.22 -25.49
C MET B 4408 76.80 -6.12 -26.23
N VAL B 4409 77.49 -5.07 -26.69
CA VAL B 4409 76.82 -4.05 -27.51
C VAL B 4409 76.30 -4.58 -28.84
N PRO B 4410 77.05 -5.39 -29.63
CA PRO B 4410 76.52 -5.79 -30.96
C PRO B 4410 75.22 -6.57 -30.94
N LEU B 4411 74.85 -7.18 -29.81
CA LEU B 4411 73.60 -7.90 -29.75
C LEU B 4411 72.39 -6.96 -29.71
N LEU B 4412 72.60 -5.66 -29.57
CA LEU B 4412 71.52 -4.68 -29.62
C LEU B 4412 71.10 -4.30 -31.03
N LEU B 4413 71.86 -4.71 -32.05
CA LEU B 4413 71.54 -4.31 -33.42
C LEU B 4413 70.46 -5.21 -34.00
N PRO B 4414 69.38 -4.65 -34.54
CA PRO B 4414 68.35 -5.48 -35.18
C PRO B 4414 68.86 -6.18 -36.43
N LEU B 4415 68.29 -7.35 -36.70
CA LEU B 4415 68.68 -8.15 -37.85
C LEU B 4415 68.15 -7.55 -39.15
N GLN B 4430 64.81 -1.27 -40.54
CA GLN B 4430 66.08 -1.04 -39.87
C GLN B 4430 65.96 0.06 -38.83
N THR B 4431 65.23 -0.21 -37.76
CA THR B 4431 65.01 0.75 -36.68
C THR B 4431 65.89 0.37 -35.49
N SER B 4432 66.73 1.31 -35.05
CA SER B 4432 67.62 1.09 -33.92
C SER B 4432 66.82 1.03 -32.62
N VAL B 4433 67.35 0.26 -31.66
CA VAL B 4433 66.68 0.11 -30.36
C VAL B 4433 66.66 1.43 -29.60
N GLY B 4434 67.70 2.25 -29.74
CA GLY B 4434 67.73 3.53 -29.04
C GLY B 4434 66.63 4.47 -29.48
N THR B 4435 66.39 4.55 -30.80
CA THR B 4435 65.31 5.40 -31.31
C THR B 4435 63.95 4.89 -30.86
N LEU B 4436 63.75 3.57 -30.85
CA LEU B 4436 62.50 2.99 -30.36
C LEU B 4436 62.29 3.32 -28.89
N LEU B 4437 63.35 3.22 -28.09
CA LEU B 4437 63.28 3.58 -26.68
C LEU B 4437 62.95 5.06 -26.53
N ALA B 4438 63.51 5.91 -27.40
CA ALA B 4438 63.20 7.34 -27.35
C ALA B 4438 61.73 7.62 -27.63
N LYS B 4439 61.17 6.96 -28.65
CA LYS B 4439 59.75 7.15 -28.95
C LYS B 4439 58.87 6.61 -27.82
N MET B 4440 59.26 5.48 -27.23
CA MET B 4440 58.50 4.90 -26.12
C MET B 4440 58.54 5.85 -24.92
N LYS B 4441 59.70 6.46 -24.67
CA LYS B 4441 59.85 7.46 -23.62
C LYS B 4441 58.97 8.68 -23.87
N THR B 4442 58.92 9.16 -25.13
CA THR B 4442 58.05 10.29 -25.46
C THR B 4442 56.59 9.93 -25.23
N CYS B 4443 56.23 8.68 -25.54
CA CYS B 4443 54.88 8.20 -25.25
C CYS B 4443 54.59 8.26 -23.75
N VAL B 4444 55.58 7.88 -22.93
CA VAL B 4444 55.41 8.01 -21.48
C VAL B 4444 55.30 9.47 -21.08
N ASP B 4445 56.18 10.31 -21.63
CA ASP B 4445 56.19 11.75 -21.34
C ASP B 4445 54.93 12.43 -21.88
N LEU B 4477 61.30 9.28 -11.89
CA LEU B 4477 61.01 8.30 -12.91
C LEU B 4477 61.41 8.81 -14.29
N VAL B 4478 60.91 10.01 -14.64
CA VAL B 4478 61.21 10.60 -15.95
C VAL B 4478 62.70 10.86 -16.16
N PRO B 4479 63.45 11.49 -15.21
CA PRO B 4479 64.91 11.66 -15.45
C PRO B 4479 65.65 10.35 -15.64
N ASP B 4480 65.29 9.31 -14.89
CA ASP B 4480 65.93 8.01 -15.05
C ASP B 4480 65.66 7.43 -16.43
N ILE B 4481 64.40 7.51 -16.90
CA ILE B 4481 64.04 7.01 -18.22
C ILE B 4481 64.81 7.76 -19.30
N GLN B 4482 64.89 9.10 -19.15
CA GLN B 4482 65.61 9.93 -20.12
C GLN B 4482 67.10 9.58 -20.14
N LYS B 4483 67.70 9.38 -18.97
CA LYS B 4483 69.12 9.05 -18.89
C LYS B 4483 69.41 7.69 -19.52
N THR B 4484 68.56 6.69 -19.25
CA THR B 4484 68.77 5.37 -19.83
C THR B 4484 68.57 5.39 -21.35
N ALA B 4485 67.59 6.16 -21.83
CA ALA B 4485 67.40 6.31 -23.27
C ALA B 4485 68.62 6.95 -23.91
N GLU B 4486 69.17 7.99 -23.27
CA GLU B 4486 70.37 8.65 -23.79
C GLU B 4486 71.57 7.69 -23.79
N ILE B 4487 71.72 6.88 -22.74
CA ILE B 4487 72.82 5.92 -22.67
C ILE B 4487 72.70 4.87 -23.77
N VAL B 4488 71.49 4.34 -23.98
CA VAL B 4488 71.27 3.34 -25.02
C VAL B 4488 71.53 3.93 -26.40
N TYR B 4489 71.06 5.16 -26.63
CA TYR B 4489 71.31 5.85 -27.89
C TYR B 4489 72.80 6.07 -28.12
N ALA B 4490 73.52 6.48 -27.06
CA ALA B 4490 74.96 6.69 -27.16
C ALA B 4490 75.69 5.39 -27.49
N ALA B 4491 75.30 4.28 -26.84
CA ALA B 4491 75.93 3.00 -27.12
C ALA B 4491 75.68 2.55 -28.55
N THR B 4492 74.45 2.71 -29.03
CA THR B 4492 74.13 2.31 -30.40
C THR B 4492 74.88 3.15 -31.42
N THR B 4493 75.00 4.46 -31.17
CA THR B 4493 75.75 5.33 -32.08
C THR B 4493 77.24 4.98 -32.06
N SER B 4494 77.78 4.68 -30.87
CA SER B 4494 79.19 4.31 -30.75
C SER B 4494 79.48 3.01 -31.50
N LEU B 4495 78.56 2.05 -31.41
CA LEU B 4495 78.74 0.79 -32.13
C LEU B 4495 78.72 0.99 -33.64
N ARG B 4496 77.81 1.81 -34.14
CA ARG B 4496 77.69 2.05 -35.57
C ARG B 4496 78.81 2.97 -36.08
N ALA C 1 -9.50 32.02 -30.50
CA ALA C 1 -8.43 31.04 -30.39
C ALA C 1 -8.12 30.72 -28.95
N VAL C 2 -7.38 29.63 -28.72
CA VAL C 2 -7.00 29.24 -27.36
C VAL C 2 -5.55 28.78 -27.36
N PRO C 3 -4.88 28.91 -26.21
CA PRO C 3 -3.51 28.38 -26.09
C PRO C 3 -3.47 26.87 -26.26
N ILE C 4 -2.35 26.38 -26.79
CA ILE C 4 -2.19 24.97 -27.05
C ILE C 4 -2.13 24.17 -25.75
N HIS C 11 10.99 22.88 -18.11
CA HIS C 11 9.86 22.32 -17.36
C HIS C 11 10.36 21.44 -16.22
N SER C 12 11.00 22.06 -15.22
CA SER C 12 11.48 21.34 -14.04
C SER C 12 10.29 21.02 -13.14
N LEU C 13 9.73 19.82 -13.31
CA LEU C 13 8.59 19.39 -12.52
C LEU C 13 8.92 19.35 -11.04
N SER C 14 7.99 19.84 -10.21
CA SER C 14 8.21 19.74 -8.77
C SER C 14 8.08 18.29 -8.31
N SER C 15 8.50 18.05 -7.06
CA SER C 15 8.51 16.70 -6.50
C SER C 15 7.10 16.17 -6.21
N GLU C 16 6.12 17.07 -6.01
CA GLU C 16 4.77 16.64 -5.67
C GLU C 16 4.04 16.04 -6.87
N ALA C 17 4.30 16.58 -8.07
CA ALA C 17 3.75 15.96 -9.27
C ALA C 17 4.34 14.58 -9.46
N LEU C 18 5.63 14.43 -9.12
CA LEU C 18 6.27 13.13 -9.16
C LEU C 18 5.61 12.17 -8.18
N MET C 19 5.27 12.63 -6.97
CA MET C 19 4.45 11.81 -6.07
C MET C 19 3.12 11.40 -6.70
N ARG C 20 2.34 12.36 -7.22
CA ARG C 20 1.02 12.04 -7.77
C ARG C 20 1.10 11.05 -8.93
N ARG C 21 2.18 11.13 -9.67
CA ARG C 21 2.48 10.23 -10.78
C ARG C 21 2.93 8.87 -10.28
N ALA C 22 3.88 8.85 -9.35
CA ALA C 22 4.45 7.60 -8.87
C ALA C 22 3.42 6.78 -8.12
N VAL C 23 2.59 7.44 -7.29
CA VAL C 23 1.55 6.75 -6.54
C VAL C 23 0.43 6.31 -7.48
N SER C 24 0.18 7.05 -8.57
CA SER C 24 -0.85 6.58 -9.51
C SER C 24 -0.40 5.34 -10.27
N LEU C 25 0.90 5.02 -10.23
CA LEU C 25 1.43 3.80 -10.81
C LEU C 25 1.10 2.55 -9.99
N VAL C 26 0.74 2.73 -8.72
CA VAL C 26 0.76 1.65 -7.74
C VAL C 26 -0.61 1.37 -7.16
N THR C 27 -1.38 2.43 -6.85
CA THR C 27 -2.77 2.28 -6.42
C THR C 27 -3.63 1.53 -7.44
N ASP C 28 -3.21 1.45 -8.69
CA ASP C 28 -3.89 0.70 -9.73
C ASP C 28 -3.34 -0.72 -9.85
N SER C 29 -2.02 -0.89 -9.73
CA SER C 29 -1.41 -2.19 -9.93
C SER C 29 -1.50 -3.05 -8.68
N THR C 30 -1.51 -2.43 -7.50
CA THR C 30 -1.90 -3.17 -6.31
C THR C 30 -3.38 -3.52 -6.36
N SER C 31 -4.21 -2.63 -6.91
CA SER C 31 -5.59 -2.97 -7.20
C SER C 31 -5.70 -4.10 -8.23
N THR C 32 -4.78 -4.12 -9.20
CA THR C 32 -4.71 -5.20 -10.18
C THR C 32 -4.44 -6.54 -9.48
N PHE C 33 -3.33 -6.62 -8.75
CA PHE C 33 -2.98 -7.84 -8.04
C PHE C 33 -3.97 -8.14 -6.92
N LEU C 34 -4.72 -7.14 -6.47
CA LEU C 34 -5.80 -7.33 -5.50
C LEU C 34 -6.88 -8.20 -6.10
N SER C 35 -7.43 -7.77 -7.24
CA SER C 35 -8.48 -8.59 -7.85
C SER C 35 -7.90 -9.88 -8.42
N GLN C 36 -6.62 -9.92 -8.79
CA GLN C 36 -6.04 -11.19 -9.23
C GLN C 36 -5.97 -12.19 -8.08
N THR C 37 -5.67 -11.71 -6.88
CA THR C 37 -5.81 -12.55 -5.68
C THR C 37 -7.27 -12.93 -5.46
N THR C 38 -8.18 -11.98 -5.65
CA THR C 38 -9.60 -12.27 -5.49
C THR C 38 -10.05 -13.39 -6.42
N TYR C 39 -9.62 -13.34 -7.69
CA TYR C 39 -9.85 -14.43 -8.64
C TYR C 39 -9.28 -15.74 -8.13
N ALA C 40 -7.95 -15.83 -8.00
CA ALA C 40 -7.29 -17.09 -7.66
C ALA C 40 -7.90 -17.70 -6.41
N LEU C 41 -8.18 -16.86 -5.40
CA LEU C 41 -8.81 -17.34 -4.19
C LEU C 41 -10.21 -17.87 -4.50
N ILE C 42 -10.96 -17.20 -5.38
CA ILE C 42 -12.31 -17.67 -5.72
C ILE C 42 -12.21 -19.00 -6.46
N GLU C 43 -11.16 -19.14 -7.27
CA GLU C 43 -10.95 -20.34 -8.08
C GLU C 43 -10.75 -21.55 -7.19
N ALA C 44 -9.92 -21.39 -6.15
CA ALA C 44 -9.76 -22.46 -5.18
C ALA C 44 -11.04 -22.72 -4.39
N ILE C 45 -11.69 -21.66 -3.91
CA ILE C 45 -12.99 -21.80 -3.23
C ILE C 45 -14.07 -22.44 -4.11
N THR C 46 -13.93 -22.38 -5.42
CA THR C 46 -14.89 -23.05 -6.30
C THR C 46 -14.52 -24.51 -6.52
N GLU C 47 -13.25 -24.79 -6.79
CA GLU C 47 -12.87 -26.17 -7.10
C GLU C 47 -12.91 -27.02 -5.84
N TYR C 48 -12.46 -26.47 -4.71
CA TYR C 48 -12.57 -27.16 -3.44
C TYR C 48 -14.02 -27.39 -3.05
N THR C 49 -14.92 -26.44 -3.37
CA THR C 49 -16.35 -26.67 -3.17
C THR C 49 -16.89 -27.77 -4.08
N LYS C 50 -16.37 -27.83 -5.30
CA LYS C 50 -16.74 -28.91 -6.21
C LYS C 50 -16.32 -30.26 -5.63
N ALA C 51 -15.13 -30.33 -5.04
CA ALA C 51 -14.68 -31.58 -4.44
C ALA C 51 -15.48 -31.91 -3.18
N VAL C 52 -15.85 -30.89 -2.41
CA VAL C 52 -16.65 -31.09 -1.20
C VAL C 52 -18.04 -31.60 -1.55
N TYR C 53 -18.68 -30.97 -2.53
CA TYR C 53 -19.99 -31.43 -2.98
C TYR C 53 -19.91 -32.82 -3.61
N THR C 54 -18.81 -33.12 -4.30
CA THR C 54 -18.58 -34.47 -4.81
C THR C 54 -18.53 -35.48 -3.66
N LEU C 55 -17.80 -35.14 -2.58
CA LEU C 55 -17.73 -36.04 -1.43
C LEU C 55 -19.06 -36.14 -0.71
N THR C 56 -19.82 -35.04 -0.67
CA THR C 56 -21.14 -35.04 -0.08
C THR C 56 -22.08 -35.98 -0.83
N SER C 57 -22.02 -35.93 -2.17
CA SER C 57 -22.84 -36.82 -2.99
C SER C 57 -22.39 -38.27 -2.83
N LEU C 58 -21.07 -38.50 -2.75
CA LEU C 58 -20.56 -39.85 -2.52
C LEU C 58 -21.06 -40.41 -1.20
N TYR C 59 -21.07 -39.57 -0.15
CA TYR C 59 -21.59 -40.03 1.13
C TYR C 59 -23.09 -40.25 1.07
N ARG C 60 -23.81 -39.49 0.24
CA ARG C 60 -25.26 -39.69 0.14
C ARG C 60 -25.58 -41.01 -0.53
N GLN C 61 -24.90 -41.34 -1.64
CA GLN C 61 -25.17 -42.61 -2.30
C GLN C 61 -24.67 -43.79 -1.47
N TYR C 62 -23.51 -43.66 -0.83
CA TYR C 62 -23.01 -44.74 0.02
C TYR C 62 -23.93 -44.98 1.21
N THR C 63 -24.41 -43.90 1.84
CA THR C 63 -25.33 -44.03 2.97
C THR C 63 -26.67 -44.61 2.56
N SER C 64 -27.23 -44.16 1.42
CA SER C 64 -28.50 -44.70 0.94
C SER C 64 -28.39 -46.17 0.52
N LEU C 65 -27.23 -46.58 0.03
CA LEU C 65 -27.00 -47.96 -0.39
C LEU C 65 -26.47 -48.86 0.72
N LEU C 66 -26.33 -48.35 1.95
CA LEU C 66 -25.82 -49.13 3.07
C LEU C 66 -26.65 -50.39 3.31
N GLY C 67 -25.94 -51.48 3.61
CA GLY C 67 -26.54 -52.79 3.77
C GLY C 67 -26.92 -53.48 2.47
N LYS C 68 -26.75 -52.81 1.33
CA LYS C 68 -27.06 -53.40 0.03
C LYS C 68 -25.82 -53.74 -0.77
N MET C 69 -24.62 -53.53 -0.21
CA MET C 69 -23.40 -53.86 -0.94
C MET C 69 -22.65 -54.98 -0.23
N ASN C 70 -21.75 -55.61 -0.97
CA ASN C 70 -20.82 -56.57 -0.43
C ASN C 70 -19.56 -55.86 0.08
N SER C 71 -18.62 -56.64 0.62
CA SER C 71 -17.41 -56.07 1.20
C SER C 71 -16.55 -55.37 0.14
N GLU C 72 -16.43 -55.96 -1.05
CA GLU C 72 -15.62 -55.38 -2.11
C GLU C 72 -16.19 -54.05 -2.59
N GLU C 73 -17.52 -53.98 -2.75
CA GLU C 73 -18.17 -52.74 -3.16
C GLU C 73 -18.02 -51.66 -2.09
N GLU C 74 -18.15 -52.05 -0.81
CA GLU C 74 -17.96 -51.10 0.27
C GLU C 74 -16.53 -50.58 0.30
N ASP C 75 -15.56 -51.46 0.04
CA ASP C 75 -14.16 -51.06 -0.02
C ASP C 75 -13.87 -50.10 -1.17
N GLU C 76 -14.42 -50.37 -2.37
CA GLU C 76 -14.18 -49.45 -3.48
C GLU C 76 -14.82 -48.08 -3.23
N VAL C 77 -16.05 -48.06 -2.67
CA VAL C 77 -16.70 -46.78 -2.38
C VAL C 77 -15.91 -46.04 -1.31
N TRP C 78 -15.43 -46.75 -0.28
CA TRP C 78 -14.66 -46.11 0.77
C TRP C 78 -13.34 -45.57 0.25
N GLN C 79 -12.72 -46.24 -0.72
CA GLN C 79 -11.49 -45.70 -1.31
C GLN C 79 -11.78 -44.43 -2.12
N VAL C 80 -12.91 -44.40 -2.82
CA VAL C 80 -13.28 -43.19 -3.56
C VAL C 80 -13.52 -42.04 -2.58
N ILE C 81 -14.19 -42.33 -1.46
CA ILE C 81 -14.43 -41.34 -0.43
C ILE C 81 -13.12 -40.83 0.18
N ILE C 82 -12.16 -41.74 0.43
CA ILE C 82 -10.84 -41.35 0.95
C ILE C 82 -10.11 -40.45 -0.04
N GLY C 83 -10.14 -40.81 -1.33
CA GLY C 83 -9.50 -39.97 -2.34
C GLY C 83 -10.10 -38.59 -2.44
N ALA C 84 -11.43 -38.51 -2.36
CA ALA C 84 -12.09 -37.20 -2.35
C ALA C 84 -11.74 -36.42 -1.09
N ARG C 85 -11.60 -37.11 0.05
CA ARG C 85 -11.20 -36.44 1.28
C ARG C 85 -9.80 -35.85 1.15
N ALA C 86 -8.87 -36.61 0.57
CA ALA C 86 -7.51 -36.11 0.35
C ALA C 86 -7.49 -34.95 -0.64
N GLU C 87 -8.29 -35.03 -1.71
CA GLU C 87 -8.34 -33.92 -2.67
C GLU C 87 -8.86 -32.64 -2.02
N MET C 88 -9.99 -32.72 -1.29
CA MET C 88 -10.53 -31.52 -0.66
C MET C 88 -9.58 -30.98 0.41
N THR C 89 -8.94 -31.87 1.17
CA THR C 89 -7.98 -31.46 2.20
C THR C 89 -6.80 -30.71 1.59
N SER C 90 -6.18 -31.28 0.56
CA SER C 90 -5.03 -30.63 -0.08
C SER C 90 -5.41 -29.32 -0.75
N LYS C 91 -6.56 -29.29 -1.44
CA LYS C 91 -7.02 -28.05 -2.05
C LYS C 91 -7.31 -26.99 -1.00
N HIS C 92 -7.88 -27.40 0.15
CA HIS C 92 -8.11 -26.49 1.25
C HIS C 92 -6.81 -25.95 1.83
N GLN C 93 -5.78 -26.80 1.90
CA GLN C 93 -4.46 -26.35 2.33
C GLN C 93 -3.88 -25.30 1.39
N GLU C 94 -4.07 -25.48 0.08
CA GLU C 94 -3.74 -24.41 -0.88
C GLU C 94 -4.59 -23.17 -0.65
N TYR C 95 -5.88 -23.38 -0.36
CA TYR C 95 -6.84 -22.28 -0.16
C TYR C 95 -6.40 -21.40 1.00
N LEU C 96 -5.90 -22.02 2.07
CA LEU C 96 -5.48 -21.28 3.25
C LEU C 96 -4.35 -20.32 2.90
N LYS C 97 -3.39 -20.78 2.08
CA LYS C 97 -2.29 -19.92 1.65
C LYS C 97 -2.74 -18.87 0.65
N LEU C 98 -3.79 -19.16 -0.11
CA LEU C 98 -4.38 -18.16 -1.00
C LEU C 98 -5.06 -17.04 -0.21
N GLU C 99 -5.81 -17.40 0.82
CA GLU C 99 -6.46 -16.38 1.65
C GLU C 99 -5.41 -15.63 2.46
N THR C 100 -4.33 -16.33 2.85
CA THR C 100 -3.20 -15.71 3.54
C THR C 100 -2.55 -14.66 2.65
N THR C 101 -2.62 -14.86 1.35
CA THR C 101 -2.03 -13.90 0.42
C THR C 101 -2.99 -12.76 0.12
N TRP C 102 -4.29 -13.07 0.04
CA TRP C 102 -5.26 -12.01 -0.19
C TRP C 102 -5.38 -11.07 1.02
N MET C 103 -5.05 -11.55 2.23
CA MET C 103 -4.92 -10.64 3.38
C MET C 103 -3.86 -9.58 3.10
N THR C 104 -2.71 -10.00 2.61
CA THR C 104 -1.61 -9.10 2.35
C THR C 104 -1.94 -8.16 1.20
N ALA C 105 -2.64 -8.68 0.18
CA ALA C 105 -3.08 -7.85 -0.93
C ALA C 105 -4.05 -6.76 -0.46
N VAL C 106 -4.95 -7.11 0.47
CA VAL C 106 -5.85 -6.11 1.06
C VAL C 106 -5.06 -5.04 1.79
N GLY C 107 -4.11 -5.46 2.63
CA GLY C 107 -3.28 -4.48 3.34
C GLY C 107 -2.44 -3.65 2.40
N LEU C 108 -1.99 -4.26 1.29
CA LEU C 108 -1.22 -3.55 0.28
C LEU C 108 -2.03 -2.45 -0.37
N SER C 109 -3.28 -2.74 -0.70
CA SER C 109 -4.11 -1.73 -1.34
C SER C 109 -4.58 -0.67 -0.35
N GLU C 110 -4.84 -1.07 0.91
CA GLU C 110 -5.24 -0.12 1.94
C GLU C 110 -4.15 0.90 2.20
N MET C 111 -2.93 0.43 2.47
CA MET C 111 -1.86 1.36 2.79
C MET C 111 -1.23 1.98 1.54
N ALA C 112 -1.50 1.43 0.35
CA ALA C 112 -1.28 2.19 -0.88
C ALA C 112 -2.25 3.36 -1.01
N ALA C 113 -3.53 3.14 -0.70
CA ALA C 113 -4.47 4.26 -0.66
C ALA C 113 -4.12 5.27 0.42
N GLU C 114 -3.51 4.81 1.51
CA GLU C 114 -2.95 5.74 2.50
C GLU C 114 -1.84 6.57 1.87
N ALA C 115 -0.98 5.94 1.06
CA ALA C 115 0.08 6.68 0.37
C ALA C 115 -0.51 7.69 -0.60
N ALA C 116 -1.57 7.29 -1.32
CA ALA C 116 -2.21 8.17 -2.28
C ALA C 116 -2.83 9.37 -1.60
N TYR C 117 -3.43 9.15 -0.43
CA TYR C 117 -3.92 10.27 0.36
C TYR C 117 -2.78 11.15 0.86
N GLN C 118 -1.59 10.55 1.10
CA GLN C 118 -0.44 11.33 1.54
C GLN C 118 0.14 12.19 0.43
N THR C 119 -0.14 11.87 -0.83
CA THR C 119 0.44 12.56 -1.97
C THR C 119 -0.51 13.55 -2.63
N GLY C 120 -1.74 13.70 -2.13
CA GLY C 120 -2.70 14.54 -2.78
C GLY C 120 -3.49 13.88 -3.88
N ALA C 121 -3.17 12.64 -4.24
CA ALA C 121 -3.93 11.89 -5.25
C ALA C 121 -5.06 11.15 -4.57
N ASP C 122 -6.05 11.94 -4.13
CA ASP C 122 -7.19 11.42 -3.38
C ASP C 122 -8.02 10.45 -4.24
N GLN C 123 -8.13 10.73 -5.53
CA GLN C 123 -8.97 9.92 -6.41
C GLN C 123 -8.46 8.49 -6.51
N ALA C 124 -7.14 8.31 -6.62
CA ALA C 124 -6.56 6.97 -6.64
C ALA C 124 -6.79 6.27 -5.30
N SER C 125 -6.74 7.02 -4.20
CA SER C 125 -6.98 6.46 -2.87
C SER C 125 -8.42 5.96 -2.73
N ILE C 126 -9.39 6.78 -3.13
CA ILE C 126 -10.79 6.40 -3.01
C ILE C 126 -11.11 5.23 -3.95
N THR C 127 -10.56 5.24 -5.18
CA THR C 127 -10.79 4.14 -6.11
C THR C 127 -10.22 2.84 -5.54
N ALA C 128 -9.01 2.90 -4.98
CA ALA C 128 -8.39 1.72 -4.37
C ALA C 128 -9.22 1.20 -3.21
N ARG C 129 -9.67 2.11 -2.32
CA ARG C 129 -10.44 1.69 -1.15
C ARG C 129 -11.78 1.09 -1.54
N ASN C 130 -12.50 1.73 -2.47
CA ASN C 130 -13.77 1.17 -2.93
C ASN C 130 -13.56 -0.18 -3.59
N HIS C 131 -12.42 -0.36 -4.26
CA HIS C 131 -12.12 -1.67 -4.83
C HIS C 131 -11.82 -2.69 -3.74
N ILE C 132 -11.20 -2.26 -2.63
CA ILE C 132 -10.94 -3.17 -1.51
C ILE C 132 -12.25 -3.65 -0.92
N GLN C 133 -13.20 -2.73 -0.73
CA GLN C 133 -14.49 -3.16 -0.20
C GLN C 133 -15.23 -4.08 -1.18
N LEU C 134 -15.14 -3.80 -2.48
CA LEU C 134 -15.79 -4.67 -3.47
C LEU C 134 -15.21 -6.08 -3.46
N VAL C 135 -13.88 -6.19 -3.46
CA VAL C 135 -13.26 -7.51 -3.45
C VAL C 135 -13.49 -8.19 -2.12
N LYS C 136 -13.57 -7.42 -1.02
CA LYS C 136 -13.90 -7.98 0.28
C LYS C 136 -15.29 -8.61 0.26
N LEU C 137 -16.26 -7.93 -0.34
CA LEU C 137 -17.60 -8.49 -0.46
C LEU C 137 -17.60 -9.77 -1.29
N GLN C 138 -16.88 -9.77 -2.42
CA GLN C 138 -16.85 -10.95 -3.28
C GLN C 138 -16.18 -12.13 -2.59
N VAL C 139 -15.07 -11.87 -1.90
CA VAL C 139 -14.32 -12.89 -1.18
C VAL C 139 -15.14 -13.45 -0.02
N GLU C 140 -15.82 -12.57 0.73
CA GLU C 140 -16.65 -13.05 1.83
C GLU C 140 -17.84 -13.85 1.32
N GLU C 141 -18.36 -13.49 0.14
CA GLU C 141 -19.45 -14.25 -0.46
C GLU C 141 -19.02 -15.68 -0.80
N VAL C 142 -17.89 -15.80 -1.50
CA VAL C 142 -17.43 -17.15 -1.83
C VAL C 142 -16.98 -17.90 -0.57
N HIS C 143 -16.47 -17.19 0.45
CA HIS C 143 -16.21 -17.82 1.75
C HIS C 143 -17.46 -18.46 2.31
N GLN C 144 -18.56 -17.69 2.38
CA GLN C 144 -19.78 -18.23 2.95
C GLN C 144 -20.31 -19.40 2.13
N LEU C 145 -20.05 -19.38 0.81
CA LEU C 145 -20.37 -20.55 -0.01
C LEU C 145 -19.52 -21.76 0.40
N SER C 146 -18.23 -21.52 0.69
CA SER C 146 -17.34 -22.61 1.10
C SER C 146 -17.77 -23.20 2.43
N ARG C 147 -18.17 -22.34 3.38
CA ARG C 147 -18.58 -22.84 4.69
C ARG C 147 -19.92 -23.55 4.58
N LYS C 148 -20.78 -23.11 3.66
CA LYS C 148 -22.05 -23.80 3.44
C LYS C 148 -21.80 -25.21 2.95
N ALA C 149 -20.90 -25.37 1.96
CA ALA C 149 -20.60 -26.70 1.46
C ALA C 149 -19.89 -27.56 2.51
N GLU C 150 -19.03 -26.95 3.34
CA GLU C 150 -18.39 -27.70 4.43
C GLU C 150 -19.42 -28.19 5.44
N THR C 151 -20.41 -27.34 5.77
CA THR C 151 -21.49 -27.75 6.66
C THR C 151 -22.31 -28.89 6.06
N LYS C 152 -22.58 -28.82 4.75
CA LYS C 152 -23.30 -29.89 4.07
C LYS C 152 -22.50 -31.20 4.11
N LEU C 153 -21.19 -31.11 3.89
CA LEU C 153 -20.32 -32.28 3.99
C LEU C 153 -20.29 -32.85 5.41
N ALA C 154 -20.26 -31.98 6.42
CA ALA C 154 -20.30 -32.43 7.80
C ALA C 154 -21.59 -33.17 8.11
N GLU C 155 -22.72 -32.64 7.62
CA GLU C 155 -24.00 -33.32 7.83
C GLU C 155 -24.02 -34.67 7.13
N ALA C 156 -23.44 -34.75 5.94
CA ALA C 156 -23.40 -36.02 5.22
C ALA C 156 -22.50 -37.03 5.93
N GLN C 157 -21.41 -36.55 6.55
CA GLN C 157 -20.53 -37.46 7.27
C GLN C 157 -21.19 -37.97 8.53
N ILE C 158 -21.91 -37.10 9.25
CA ILE C 158 -22.56 -37.53 10.48
C ILE C 158 -23.70 -38.49 10.17
N GLU C 159 -24.46 -38.25 9.09
CA GLU C 159 -25.51 -39.20 8.75
C GLU C 159 -24.94 -40.52 8.22
N GLU C 160 -23.78 -40.49 7.55
CA GLU C 160 -23.11 -41.73 7.17
C GLU C 160 -22.68 -42.52 8.40
N LEU C 161 -22.11 -41.83 9.40
CA LEU C 161 -21.69 -42.50 10.62
C LEU C 161 -22.89 -43.07 11.37
N ARG C 162 -24.01 -42.33 11.35
CA ARG C 162 -25.21 -42.76 12.06
C ARG C 162 -25.79 -44.03 11.44
N GLN C 163 -25.97 -44.04 10.12
CA GLN C 163 -26.47 -45.25 9.46
C GLN C 163 -25.48 -46.41 9.55
N LYS C 164 -24.18 -46.14 9.43
CA LYS C 164 -23.16 -47.18 9.61
C LYS C 164 -23.24 -47.80 11.00
N THR C 165 -23.44 -46.96 12.02
CA THR C 165 -23.65 -47.47 13.37
C THR C 165 -24.93 -48.30 13.44
N GLN C 166 -25.98 -47.85 12.75
CA GLN C 166 -27.26 -48.57 12.77
C GLN C 166 -27.15 -49.96 12.15
N GLU C 167 -26.44 -50.09 11.03
CA GLU C 167 -26.32 -51.39 10.37
C GLU C 167 -25.44 -52.35 11.17
N HIS D 11 -4.56 -25.12 -21.73
CA HIS D 11 -3.64 -24.63 -20.71
C HIS D 11 -4.42 -24.06 -19.53
N SER D 12 -5.13 -24.93 -18.81
CA SER D 12 -5.89 -24.55 -17.62
C SER D 12 -4.93 -24.30 -16.46
N LEU D 13 -4.54 -23.04 -16.30
CA LEU D 13 -3.62 -22.63 -15.25
C LEU D 13 -4.18 -22.92 -13.86
N SER D 14 -3.31 -23.44 -12.99
CA SER D 14 -3.66 -23.66 -11.59
C SER D 14 -3.71 -22.31 -10.87
N SER D 15 -3.86 -22.34 -9.56
CA SER D 15 -4.01 -21.11 -8.79
C SER D 15 -2.67 -20.58 -8.31
N GLU D 16 -1.71 -21.49 -8.08
CA GLU D 16 -0.36 -21.12 -7.64
C GLU D 16 0.39 -20.33 -8.72
N ALA D 17 0.26 -20.72 -10.00
CA ALA D 17 0.95 -19.96 -11.03
C ALA D 17 0.35 -18.58 -11.23
N LEU D 18 -0.92 -18.40 -10.85
CA LEU D 18 -1.53 -17.08 -10.96
C LEU D 18 -0.93 -16.13 -9.93
N MET D 19 -0.72 -16.60 -8.71
CA MET D 19 -0.02 -15.80 -7.71
C MET D 19 1.44 -15.58 -8.08
N ARG D 20 2.13 -16.65 -8.51
CA ARG D 20 3.55 -16.54 -8.84
C ARG D 20 3.79 -15.53 -9.96
N ARG D 21 2.83 -15.38 -10.88
CA ARG D 21 2.90 -14.35 -11.91
C ARG D 21 2.31 -13.01 -11.48
N ALA D 22 1.28 -13.04 -10.63
CA ALA D 22 0.56 -11.85 -10.18
C ALA D 22 1.35 -10.98 -9.22
N VAL D 23 2.02 -11.60 -8.24
CA VAL D 23 2.76 -10.85 -7.23
C VAL D 23 3.94 -10.10 -7.84
N SER D 24 4.45 -10.57 -8.99
CA SER D 24 5.53 -9.86 -9.67
C SER D 24 5.11 -8.47 -10.12
N LEU D 25 3.81 -8.24 -10.29
CA LEU D 25 3.33 -6.91 -10.68
C LEU D 25 3.58 -5.91 -9.56
N VAL D 26 3.11 -6.22 -8.36
CA VAL D 26 3.31 -5.31 -7.23
C VAL D 26 4.79 -5.25 -6.82
N THR D 27 5.51 -6.38 -6.84
CA THR D 27 6.94 -6.30 -6.54
C THR D 27 7.72 -5.45 -7.55
N ASP D 28 7.20 -5.25 -8.76
CA ASP D 28 7.84 -4.27 -9.63
C ASP D 28 7.24 -2.87 -9.47
N SER D 29 5.99 -2.78 -9.04
CA SER D 29 5.31 -1.49 -9.02
C SER D 29 5.60 -0.73 -7.73
N THR D 30 5.55 -1.39 -6.58
CA THR D 30 6.00 -0.77 -5.36
C THR D 30 7.50 -0.56 -5.38
N SER D 31 8.27 -1.36 -6.11
CA SER D 31 9.67 -1.01 -6.34
C SER D 31 9.79 0.24 -7.21
N THR D 32 8.85 0.46 -8.12
CA THR D 32 8.86 1.68 -8.90
C THR D 32 8.52 2.89 -8.03
N PHE D 33 7.55 2.71 -7.14
CA PHE D 33 7.18 3.77 -6.22
C PHE D 33 8.33 4.05 -5.28
N LEU D 34 8.99 2.99 -4.81
CA LEU D 34 10.13 3.12 -3.93
C LEU D 34 11.29 3.82 -4.63
N SER D 35 11.45 3.58 -5.93
CA SER D 35 12.50 4.25 -6.68
C SER D 35 12.18 5.73 -6.87
N GLN D 36 10.92 6.05 -7.19
CA GLN D 36 10.59 7.44 -7.45
C GLN D 36 10.55 8.27 -6.16
N THR D 37 10.02 7.68 -5.08
CA THR D 37 10.10 8.33 -3.78
C THR D 37 11.54 8.49 -3.31
N THR D 38 12.37 7.46 -3.50
CA THR D 38 13.76 7.54 -3.08
C THR D 38 14.52 8.58 -3.87
N TYR D 39 14.34 8.61 -5.19
CA TYR D 39 14.99 9.64 -5.99
C TYR D 39 14.53 11.02 -5.58
N ALA D 40 13.21 11.24 -5.54
CA ALA D 40 12.67 12.56 -5.25
C ALA D 40 13.07 13.01 -3.84
N LEU D 41 13.11 12.08 -2.89
CA LEU D 41 13.57 12.42 -1.55
C LEU D 41 15.04 12.78 -1.56
N ILE D 42 15.86 12.06 -2.32
CA ILE D 42 17.27 12.40 -2.48
C ILE D 42 17.41 13.78 -3.11
N GLU D 43 16.60 14.04 -4.14
CA GLU D 43 16.61 15.33 -4.83
C GLU D 43 16.22 16.48 -3.90
N ALA D 44 15.15 16.29 -3.12
CA ALA D 44 14.71 17.32 -2.19
C ALA D 44 15.73 17.53 -1.08
N ILE D 45 16.33 16.45 -0.58
CA ILE D 45 17.40 16.55 0.41
C ILE D 45 18.58 17.33 -0.17
N THR D 46 19.00 17.00 -1.38
CA THR D 46 20.11 17.70 -2.02
C THR D 46 19.80 19.18 -2.25
N GLU D 47 18.56 19.48 -2.69
CA GLU D 47 18.15 20.87 -2.84
C GLU D 47 18.15 21.61 -1.51
N TYR D 48 17.64 20.97 -0.46
CA TYR D 48 17.60 21.58 0.86
C TYR D 48 19.00 21.73 1.43
N THR D 49 19.87 20.76 1.16
CA THR D 49 21.27 20.81 1.55
C THR D 49 21.98 21.97 0.87
N LYS D 50 21.73 22.16 -0.43
CA LYS D 50 22.30 23.29 -1.15
C LYS D 50 21.79 24.61 -0.59
N ALA D 51 20.49 24.68 -0.28
CA ALA D 51 19.94 25.90 0.29
C ALA D 51 20.54 26.20 1.66
N VAL D 52 20.72 25.16 2.48
CA VAL D 52 21.33 25.32 3.80
C VAL D 52 22.79 25.77 3.66
N TYR D 53 23.52 25.22 2.69
CA TYR D 53 24.88 25.68 2.44
C TYR D 53 24.90 27.13 1.99
N THR D 54 23.92 27.52 1.17
CA THR D 54 23.82 28.91 0.71
C THR D 54 23.54 29.85 1.89
N LEU D 55 22.62 29.47 2.77
CA LEU D 55 22.33 30.26 3.96
C LEU D 55 23.53 30.31 4.90
N THR D 56 24.28 29.19 4.98
CA THR D 56 25.50 29.15 5.78
C THR D 56 26.52 30.13 5.24
N SER D 57 26.65 30.20 3.91
CA SER D 57 27.54 31.17 3.28
C SER D 57 27.07 32.58 3.54
N LEU D 58 25.75 32.81 3.48
CA LEU D 58 25.19 34.12 3.76
C LEU D 58 25.44 34.55 5.20
N TYR D 59 25.27 33.62 6.14
CA TYR D 59 25.54 33.92 7.55
C TYR D 59 27.01 34.22 7.79
N ARG D 60 27.92 33.44 7.17
CA ARG D 60 29.34 33.74 7.30
C ARG D 60 29.70 35.10 6.69
N GLN D 61 29.14 35.41 5.51
CA GLN D 61 29.39 36.70 4.89
C GLN D 61 28.84 37.85 5.73
N TYR D 62 27.65 37.66 6.30
CA TYR D 62 27.05 38.66 7.19
C TYR D 62 27.90 38.85 8.44
N THR D 63 28.46 37.75 8.96
CA THR D 63 29.36 37.82 10.10
C THR D 63 30.63 38.59 9.74
N SER D 64 31.21 38.28 8.58
CA SER D 64 32.45 38.92 8.14
C SER D 64 32.24 40.38 7.77
N LEU D 65 31.01 40.80 7.47
CA LEU D 65 30.72 42.18 7.12
C LEU D 65 30.18 43.00 8.30
N LEU D 66 29.98 42.37 9.47
CA LEU D 66 29.42 43.05 10.63
C LEU D 66 30.27 44.26 11.02
N GLY D 67 29.61 45.39 11.25
CA GLY D 67 30.27 46.62 11.61
C GLY D 67 30.84 47.41 10.45
N LYS D 68 30.89 46.83 9.25
CA LYS D 68 31.41 47.51 8.07
C LYS D 68 30.29 48.11 7.22
N MET D 69 29.04 47.86 7.57
CA MET D 69 27.87 48.36 6.85
C MET D 69 27.04 49.27 7.73
N ASN D 70 26.21 50.09 7.08
CA ASN D 70 25.27 50.94 7.79
C ASN D 70 24.02 50.17 8.21
N SER D 71 23.04 50.90 8.75
CA SER D 71 21.77 50.31 9.18
C SER D 71 20.99 49.75 8.00
N GLU D 72 20.99 50.46 6.87
CA GLU D 72 20.20 50.03 5.72
C GLU D 72 20.72 48.73 5.14
N GLU D 73 22.05 48.58 5.07
CA GLU D 73 22.60 47.36 4.48
C GLU D 73 22.43 46.18 5.43
N GLU D 74 22.49 46.44 6.74
CA GLU D 74 22.23 45.40 7.72
C GLU D 74 20.77 44.95 7.64
N ASP D 75 19.86 45.92 7.45
CA ASP D 75 18.45 45.60 7.31
C ASP D 75 18.20 44.79 6.05
N GLU D 76 18.85 45.16 4.94
CA GLU D 76 18.68 44.46 3.67
C GLU D 76 19.17 43.01 3.77
N VAL D 77 20.36 42.81 4.34
CA VAL D 77 20.90 41.46 4.47
C VAL D 77 20.05 40.63 5.44
N TRP D 78 19.55 41.27 6.51
CA TRP D 78 18.68 40.57 7.45
C TRP D 78 17.37 40.15 6.78
N GLN D 79 16.80 41.02 5.93
CA GLN D 79 15.58 40.67 5.21
C GLN D 79 15.83 39.51 4.25
N VAL D 80 17.00 39.51 3.59
CA VAL D 80 17.36 38.39 2.72
C VAL D 80 17.45 37.09 3.52
N ILE D 81 18.05 37.16 4.72
CA ILE D 81 18.13 36.00 5.60
C ILE D 81 16.73 35.54 6.02
N ILE D 82 15.83 36.47 6.30
CA ILE D 82 14.45 36.14 6.68
C ILE D 82 13.74 35.42 5.53
N GLY D 83 13.89 35.93 4.30
CA GLY D 83 13.30 35.27 3.14
C GLY D 83 13.88 33.90 2.90
N ALA D 84 15.18 33.74 3.14
CA ALA D 84 15.81 32.43 3.02
C ALA D 84 15.30 31.48 4.09
N ARG D 85 15.03 32.00 5.29
CA ARG D 85 14.43 31.21 6.37
C ARG D 85 13.06 30.70 5.96
N ALA D 86 12.26 31.57 5.34
CA ALA D 86 10.95 31.16 4.84
C ALA D 86 11.10 30.07 3.77
N GLU D 87 12.12 30.21 2.92
CA GLU D 87 12.42 29.18 1.93
C GLU D 87 12.77 27.85 2.60
N MET D 88 13.53 27.90 3.71
CA MET D 88 13.82 26.69 4.48
C MET D 88 12.56 26.08 5.05
N THR D 89 11.64 26.92 5.53
CA THR D 89 10.39 26.41 6.08
C THR D 89 9.61 25.65 5.03
N SER D 90 9.51 26.21 3.82
CA SER D 90 8.78 25.52 2.75
C SER D 90 9.50 24.25 2.32
N LYS D 91 10.84 24.30 2.26
CA LYS D 91 11.64 23.12 1.94
C LYS D 91 11.49 22.05 3.00
N HIS D 92 11.42 22.45 4.28
CA HIS D 92 11.25 21.49 5.36
C HIS D 92 9.86 20.86 5.30
N GLN D 93 8.84 21.63 4.92
CA GLN D 93 7.49 21.08 4.82
C GLN D 93 7.41 20.03 3.71
N GLU D 94 7.93 20.38 2.52
CA GLU D 94 7.97 19.39 1.45
C GLU D 94 8.92 18.23 1.80
N TYR D 95 9.95 18.51 2.61
CA TYR D 95 10.85 17.46 3.10
C TYR D 95 10.10 16.46 3.94
N LEU D 96 9.29 16.94 4.89
CA LEU D 96 8.60 16.04 5.79
C LEU D 96 7.54 15.24 5.06
N LYS D 97 6.85 15.87 4.10
CA LYS D 97 5.87 15.13 3.31
C LYS D 97 6.53 14.08 2.41
N LEU D 98 7.66 14.42 1.79
CA LEU D 98 8.39 13.46 0.99
C LEU D 98 8.94 12.30 1.81
N GLU D 99 9.50 12.59 2.99
CA GLU D 99 10.00 11.52 3.85
C GLU D 99 8.85 10.65 4.36
N THR D 100 7.66 11.24 4.54
CA THR D 100 6.48 10.48 4.92
C THR D 100 6.09 9.50 3.82
N THR D 101 6.12 9.98 2.58
CA THR D 101 5.71 9.13 1.48
C THR D 101 6.77 8.07 1.19
N TRP D 102 8.05 8.40 1.41
CA TRP D 102 9.09 7.40 1.26
C TRP D 102 8.99 6.31 2.34
N MET D 103 8.65 6.69 3.59
CA MET D 103 8.38 5.69 4.61
C MET D 103 7.23 4.78 4.21
N THR D 104 6.17 5.38 3.67
CA THR D 104 5.04 4.60 3.19
C THR D 104 5.42 3.66 2.05
N ALA D 105 6.30 4.11 1.16
CA ALA D 105 6.77 3.28 0.07
C ALA D 105 7.69 2.16 0.58
N VAL D 106 8.50 2.45 1.59
CA VAL D 106 9.36 1.44 2.19
C VAL D 106 8.52 0.33 2.76
N GLY D 107 7.47 0.68 3.51
CA GLY D 107 6.57 -0.32 4.03
C GLY D 107 5.82 -1.05 2.94
N LEU D 108 5.50 -0.35 1.85
CA LEU D 108 4.80 -0.95 0.72
C LEU D 108 5.64 -2.04 0.08
N SER D 109 6.89 -1.71 -0.28
CA SER D 109 7.76 -2.70 -0.91
C SER D 109 8.16 -3.82 0.04
N GLU D 110 8.31 -3.53 1.34
CA GLU D 110 8.64 -4.59 2.29
C GLU D 110 7.53 -5.63 2.39
N MET D 111 6.29 -5.19 2.60
CA MET D 111 5.23 -6.17 2.77
C MET D 111 4.80 -6.75 1.42
N ALA D 112 5.02 -6.03 0.32
CA ALA D 112 4.84 -6.62 -1.01
C ALA D 112 5.82 -7.76 -1.26
N ALA D 113 7.10 -7.57 -0.91
CA ALA D 113 8.06 -8.67 -1.04
C ALA D 113 7.74 -9.80 -0.07
N GLU D 114 7.18 -9.49 1.11
CA GLU D 114 6.69 -10.53 1.98
C GLU D 114 5.56 -11.32 1.31
N ALA D 115 4.69 -10.63 0.57
CA ALA D 115 3.65 -11.31 -0.20
C ALA D 115 4.26 -12.20 -1.27
N ALA D 116 5.35 -11.73 -1.89
CA ALA D 116 6.01 -12.54 -2.90
C ALA D 116 6.66 -13.76 -2.29
N TYR D 117 7.17 -13.64 -1.06
CA TYR D 117 7.71 -14.79 -0.34
C TYR D 117 6.61 -15.83 -0.10
N GLN D 118 5.46 -15.37 0.40
CA GLN D 118 4.40 -16.34 0.72
C GLN D 118 3.75 -16.95 -0.53
N THR D 119 3.98 -16.41 -1.73
CA THR D 119 3.48 -17.02 -2.95
C THR D 119 4.46 -18.01 -3.59
N GLY D 120 5.66 -18.15 -3.04
CA GLY D 120 6.69 -18.93 -3.67
C GLY D 120 7.43 -18.25 -4.81
N ALA D 121 7.03 -17.03 -5.20
CA ALA D 121 7.76 -16.24 -6.19
C ALA D 121 8.85 -15.43 -5.49
N ASP D 122 9.80 -16.19 -4.92
CA ASP D 122 10.86 -15.64 -4.09
C ASP D 122 11.81 -14.73 -4.85
N GLN D 123 11.98 -14.93 -6.16
CA GLN D 123 12.92 -14.11 -6.93
C GLN D 123 12.48 -12.66 -6.99
N ALA D 124 11.19 -12.41 -7.20
CA ALA D 124 10.68 -11.04 -7.18
C ALA D 124 10.77 -10.47 -5.78
N SER D 125 10.60 -11.32 -4.76
CA SER D 125 10.70 -10.87 -3.39
C SER D 125 12.10 -10.40 -3.06
N ILE D 126 13.10 -11.23 -3.39
CA ILE D 126 14.49 -10.89 -3.06
C ILE D 126 14.93 -9.66 -3.86
N THR D 127 14.48 -9.54 -5.11
CA THR D 127 14.80 -8.34 -5.88
C THR D 127 14.22 -7.09 -5.22
N ALA D 128 12.97 -7.18 -4.75
CA ALA D 128 12.38 -6.07 -4.02
C ALA D 128 13.15 -5.79 -2.72
N ARG D 129 13.54 -6.86 -2.00
CA ARG D 129 14.34 -6.74 -0.78
C ARG D 129 15.65 -5.99 -1.01
N ASN D 130 16.42 -6.41 -2.03
CA ASN D 130 17.68 -5.75 -2.33
C ASN D 130 17.44 -4.29 -2.71
N HIS D 131 16.30 -4.02 -3.35
CA HIS D 131 15.97 -2.65 -3.67
C HIS D 131 15.68 -1.85 -2.40
N ILE D 132 15.01 -2.46 -1.41
CA ILE D 132 14.73 -1.76 -0.16
C ILE D 132 16.02 -1.42 0.56
N GLN D 133 16.97 -2.36 0.61
CA GLN D 133 18.23 -2.03 1.27
C GLN D 133 18.99 -0.96 0.50
N LEU D 134 18.93 -0.99 -0.83
CA LEU D 134 19.62 0.03 -1.64
C LEU D 134 19.02 1.42 -1.39
N VAL D 135 17.70 1.51 -1.33
CA VAL D 135 17.08 2.82 -1.13
C VAL D 135 17.31 3.29 0.30
N LYS D 136 17.32 2.36 1.27
CA LYS D 136 17.55 2.74 2.65
C LYS D 136 18.95 3.32 2.83
N LEU D 137 19.96 2.67 2.22
CA LEU D 137 21.32 3.19 2.35
C LEU D 137 21.47 4.53 1.62
N GLN D 138 20.88 4.69 0.43
CA GLN D 138 20.98 5.96 -0.29
C GLN D 138 20.30 7.10 0.46
N VAL D 139 19.08 6.85 0.97
CA VAL D 139 18.34 7.85 1.74
C VAL D 139 19.07 8.21 3.02
N GLU D 140 19.60 7.21 3.74
CA GLU D 140 20.32 7.52 4.97
C GLU D 140 21.62 8.28 4.69
N GLU D 141 22.29 7.97 3.57
CA GLU D 141 23.47 8.71 3.15
C GLU D 141 23.17 10.18 2.94
N VAL D 142 22.12 10.48 2.16
CA VAL D 142 21.84 11.89 1.91
C VAL D 142 21.19 12.56 3.12
N HIS D 143 20.54 11.79 4.02
CA HIS D 143 20.19 12.29 5.34
C HIS D 143 21.42 12.77 6.10
N GLN D 144 22.50 11.99 6.07
CA GLN D 144 23.72 12.39 6.76
C GLN D 144 24.32 13.65 6.15
N LEU D 145 24.27 13.74 4.81
CA LEU D 145 24.75 14.96 4.15
C LEU D 145 23.92 16.19 4.54
N SER D 146 22.59 16.04 4.58
CA SER D 146 21.70 17.12 5.01
C SER D 146 21.99 17.52 6.46
N ARG D 147 22.22 16.53 7.33
CA ARG D 147 22.47 16.80 8.73
C ARG D 147 23.81 17.51 8.91
N LYS D 148 24.80 17.15 8.09
CA LYS D 148 26.09 17.84 8.12
C LYS D 148 25.92 19.29 7.70
N ALA D 149 25.11 19.54 6.66
CA ALA D 149 24.85 20.92 6.23
C ALA D 149 24.15 21.70 7.33
N GLU D 150 23.18 21.07 8.00
CA GLU D 150 22.45 21.72 9.10
C GLU D 150 23.39 22.07 10.25
N THR D 151 24.31 21.16 10.57
CA THR D 151 25.28 21.42 11.64
C THR D 151 26.20 22.57 11.26
N LYS D 152 26.63 22.62 10.00
CA LYS D 152 27.46 23.74 9.54
C LYS D 152 26.69 25.06 9.61
N LEU D 153 25.41 25.04 9.25
CA LEU D 153 24.57 26.24 9.35
C LEU D 153 24.44 26.69 10.80
N ALA D 154 24.26 25.73 11.72
CA ALA D 154 24.18 26.05 13.14
C ALA D 154 25.48 26.68 13.64
N GLU D 155 26.62 26.14 13.19
CA GLU D 155 27.91 26.71 13.58
C GLU D 155 28.08 28.13 13.05
N ALA D 156 27.66 28.37 11.80
CA ALA D 156 27.72 29.70 11.22
C ALA D 156 26.81 30.67 11.97
N GLN D 157 25.62 30.23 12.35
CA GLN D 157 24.70 31.06 13.12
C GLN D 157 25.29 31.41 14.48
N ILE D 158 25.93 30.42 15.13
CA ILE D 158 26.55 30.67 16.44
C ILE D 158 27.68 31.68 16.31
N GLU D 159 28.50 31.55 15.26
CA GLU D 159 29.55 32.53 15.01
C GLU D 159 28.98 33.91 14.71
N GLU D 160 27.87 33.96 13.97
CA GLU D 160 27.21 35.23 13.67
C GLU D 160 26.71 35.90 14.93
N LEU D 161 26.08 35.13 15.82
CA LEU D 161 25.59 35.68 17.08
C LEU D 161 26.74 36.13 17.97
N ARG D 162 27.83 35.36 17.99
CA ARG D 162 28.98 35.72 18.83
C ARG D 162 29.61 37.02 18.36
N GLN D 163 29.78 37.19 17.04
CA GLN D 163 30.38 38.44 16.56
C GLN D 163 29.41 39.61 16.70
N LYS D 164 28.10 39.36 16.51
CA LYS D 164 27.12 40.43 16.69
C LYS D 164 27.08 40.92 18.13
N THR D 165 27.08 40.00 19.09
CA THR D 165 27.11 40.36 20.49
C THR D 165 28.43 41.04 20.86
N GLN D 166 29.55 40.53 20.31
CA GLN D 166 30.86 41.12 20.55
C GLN D 166 30.94 42.56 20.06
N GLU D 167 30.32 42.86 18.92
CA GLU D 167 30.40 44.21 18.37
C GLU D 167 29.43 45.16 19.07
ZN ZN E . -2.96 -46.21 -29.39
ZN ZN F . 3.26 38.84 -29.99
#